data_8C0V
#
_entry.id   8C0V
#
_cell.length_a   1.00
_cell.length_b   1.00
_cell.length_c   1.00
_cell.angle_alpha   90.00
_cell.angle_beta   90.00
_cell.angle_gamma   90.00
#
_symmetry.space_group_name_H-M   'P 1'
#
loop_
_entity.id
_entity.type
_entity.pdbx_description
1 polymer 'Peroxisomal ATPase PEX1'
2 polymer 'Peroxisomal ATPase PEX6'
3 polymer 'unknown peptide'
4 non-polymer "ADENOSINE-5'-TRIPHOSPHATE"
5 non-polymer 'MAGNESIUM ION'
6 non-polymer "ADENOSINE-5'-DIPHOSPHATE"
#
loop_
_entity_poly.entity_id
_entity_poly.type
_entity_poly.pdbx_seq_one_letter_code
_entity_poly.pdbx_strand_id
1 'polypeptide(L)'
;TILKNGAIQLLKKVILRSTVCKMDFPKDNLFVVYISDGAQLPSQKGYASIVKCSLRQSKKSDSDNKSVGIPSKKIGVFIK
CDSQIPENHIALSSHLWDAFFTHPMNGAKIKLEFLQMNQANIISGRNATVNIKYFGKDVPTKSGDQYSKLLGGSLLTNNL
ILPTEQIIIEIKKGESEQQLCNLNEISNESVQWKVTQMGKEEVKDIIERHLPKHYHVKETGEVSRTSKDEDDFITVNSIK
KEMVNYLTSPIIATPAIILDGKQGIGKTRLLKELINEVEKDHHIFVKYADCETLHETSNLDKTQKLIMEWCSFCYWYGPS
LIVLDNVEALFGKPQANDGDPSNNGQWDNASKLLNFFINQVTKIFNKDNKRIRVLFSGKQKTQINPLLFDKHFVSETWSL
RAPDKHARAKLLEYFFSKNQIMKLNRDLQFSDLSLETEGFSPLDLEIFTEKIFYDLQLERDCDNVVTRELFSKSLSAFTP
SALRGVKLTKETNIKWGDIGALANAKDVLLETLEWPTKYEPIFVNCPLRLRSGILLYGYPGCGKTLLASAVAQQCGLNFI
SVKGPEILNKFIGASEQNIRELFERAQSVKPCILFFDEFDSIAPKRGHDSTGVTDRVVNQLLTQMDGAEGLDGVYILAAT
SRPDLIDSALLRPGRLDKSVICNIPTESERLDILQAIVNSKDKDTGQKKFALEKNADLKLIAEKTAGFSGADLQGLCYNA
YLKSVHRWLSAADQSEVVPGNDNIEYFSINEHGRREENRLRLKTLLQQDVVHETKTSTSAASELTAVVTINDLLEACQET
KPSISTSELVKLRGIYDRFQKDR
;
A,C,E
2 'polypeptide(L)'
;MKASLTFSLSGIYAPCSISRDIYLEYGDKKAECLYGTIRLPQYGPGCTPGKIVHCVLDDSLPFCSIVVPSKLFGFMPTQP
TMDFCYFEPILDNVVPVLDSVTFLINEQLYSKLMDLPQEMQQIQFLHYKYNINSMETVVHSRDILTSGLCQILNCSPFPQ
GLVDFTETQLILVNDTEQKLSALKYANEDEEYALPKIGTNSALSIDLESLPCTISRDLLRPAPHINDDNSIYAFTDAETL
LRLDVTSGSFITVSNMGCVRLVKLFVLLLPNGFKKRTIYAPPKIIASFPDCSVVTISKSNIGHTDIPIANQVFISRVGGW
LQSQKCFQNIILTTLKKFFSESKRILCQNDLIPIAFDSSMADLNIAEENDESDDEDELGQYYKNDSLVWFFVTSAELDCF
SKDNSHFIIDPNRTKLITTNITNRRPLPLSRSNLQRYYGFAETFYYDLHIFPYVRQLVNILETSFNCSQRGITLNASVLL
HSTTNNVGKATMVRFASKYLGIHLLEIDCLSLTSNSRQLDSTSKIIGYIRAKCENVLPYASPAVIFLAHLDSILLDVNAN
QDPEAIKLQKSINFEMSKLLDDFTFKFPGTTFVGSVNNIDNVPSSFRSHMRFEILVPVPSEAQRLRIFQWYLSSHELNRD
VQQKVPVSYMDNISFSSLSSYSAGLTPLDIKSIVETARMTATARFYQESKKCGWLPQSILITQEDLSKATSKARNEFSVS
IGAPQIPNVTWDDIGGIDFVKGEILDTIDMPLKHPELFTSGMKKRSGILFYGPPGTGKTLMAKAIATNFSLNFFSVKGPE
LLNMYIGESEANVRRVFQKAREAKPCVIFFDQIDSVAPKRGNQGDSGGVMDRIVSQLLAELDGMSTDADGVFVIGATNRP
DLLDEALLRPGRFDKLLYLGIPDTDTKQLNILEALTRKFVLDNDVKLIELAKLCPFNYTGADFYALCSDAMLNAMSRIAR
MVEKKVSQHNELTGENISTRRWFDKIATKEDTKVVVKMEDFLKAQEQLTPSVSRAELNHYEAVRANFEGA
;
B,D,F
3 'polypeptide(L)' (UNK)(UNK)(UNK)(UNK)(UNK)(UNK)(UNK)(UNK)(UNK) R
#
# COMPACT_ATOMS: atom_id res chain seq x y z
N THR A 1 65.90 26.37 28.94
CA THR A 1 65.52 27.70 28.49
C THR A 1 64.95 28.50 29.66
N ILE A 2 65.38 29.77 29.76
CA ILE A 2 64.93 30.67 30.82
C ILE A 2 64.34 31.91 30.15
N LEU A 3 63.36 32.51 30.82
CA LEU A 3 62.69 33.70 30.29
C LEU A 3 63.69 34.80 30.01
N LYS A 4 63.60 35.40 28.83
CA LYS A 4 64.50 36.49 28.47
C LYS A 4 64.21 37.76 29.27
N ASN A 5 62.99 37.90 29.81
CA ASN A 5 62.67 39.03 30.67
C ASN A 5 63.49 38.94 31.95
N GLY A 6 64.40 39.89 32.14
CA GLY A 6 65.29 39.85 33.29
C GLY A 6 64.60 40.06 34.62
N ALA A 7 63.37 40.57 34.61
CA ALA A 7 62.64 40.87 35.84
C ALA A 7 61.77 39.71 36.32
N ILE A 8 61.58 38.67 35.50
CA ILE A 8 60.70 37.56 35.84
C ILE A 8 61.42 36.26 35.53
N GLN A 9 61.14 35.24 36.34
CA GLN A 9 61.68 33.90 36.13
C GLN A 9 60.55 32.89 36.24
N LEU A 10 60.65 31.80 35.48
CA LEU A 10 59.63 30.77 35.45
C LEU A 10 60.05 29.60 36.35
N LEU A 11 59.07 29.00 37.03
CA LEU A 11 59.32 27.94 37.99
C LEU A 11 58.74 26.60 37.57
N LYS A 12 57.43 26.54 37.29
CA LYS A 12 56.78 25.27 37.01
C LYS A 12 55.65 25.48 36.02
N LYS A 13 55.28 24.40 35.33
CA LYS A 13 54.24 24.40 34.32
C LYS A 13 53.28 23.25 34.61
N VAL A 14 51.97 23.54 34.61
CA VAL A 14 50.95 22.56 34.96
C VAL A 14 49.71 22.89 34.14
N ILE A 15 48.82 21.90 34.01
CA ILE A 15 47.47 22.06 33.50
C ILE A 15 46.47 21.78 34.60
N LEU A 16 45.36 22.51 34.59
CA LEU A 16 44.35 22.41 35.63
C LEU A 16 42.97 22.57 35.00
N ARG A 17 41.95 22.24 35.77
CA ARG A 17 40.56 22.26 35.31
C ARG A 17 39.80 23.40 35.97
N SER A 18 39.13 24.20 35.15
CA SER A 18 38.40 25.36 35.66
C SER A 18 37.04 24.93 36.20
N THR A 19 36.57 25.66 37.22
CA THR A 19 35.26 25.42 37.79
C THR A 19 34.65 26.73 38.25
N VAL A 20 33.32 26.74 38.38
CA VAL A 20 32.53 27.90 38.75
C VAL A 20 32.04 27.80 40.19
N CYS A 21 32.42 26.75 40.92
CA CYS A 21 31.84 26.45 42.22
C CYS A 21 31.97 27.62 43.19
N LYS A 22 33.20 28.06 43.45
CA LYS A 22 33.43 29.07 44.48
C LYS A 22 33.37 30.47 43.87
N MET A 23 32.90 31.43 44.68
CA MET A 23 32.69 32.78 44.21
C MET A 23 33.07 33.83 45.25
N ASP A 24 33.96 33.52 46.18
CA ASP A 24 34.31 34.42 47.27
C ASP A 24 35.49 35.33 46.93
N PHE A 25 35.67 35.63 45.65
CA PHE A 25 36.80 36.45 45.23
C PHE A 25 36.68 37.86 45.81
N PRO A 26 37.77 38.46 46.28
CA PRO A 26 37.70 39.84 46.77
C PRO A 26 37.22 40.79 45.69
N LYS A 27 36.47 41.81 46.11
CA LYS A 27 35.84 42.74 45.18
C LYS A 27 36.85 43.60 44.43
N ASP A 28 38.05 43.79 44.98
CA ASP A 28 38.99 44.73 44.38
C ASP A 28 39.75 44.12 43.20
N ASN A 29 40.49 43.04 43.46
CA ASN A 29 41.38 42.47 42.45
C ASN A 29 40.57 41.90 41.29
N LEU A 30 41.07 42.09 40.08
CA LEU A 30 40.39 41.60 38.89
C LEU A 30 40.74 40.15 38.54
N PHE A 31 41.99 39.75 38.72
CA PHE A 31 42.49 38.48 38.22
C PHE A 31 43.04 37.65 39.38
N VAL A 32 42.17 36.88 40.03
CA VAL A 32 42.55 36.00 41.13
C VAL A 32 41.86 34.65 40.95
N VAL A 33 42.58 33.57 41.28
CA VAL A 33 42.08 32.21 41.09
C VAL A 33 42.32 31.44 42.38
N TYR A 34 41.33 30.65 42.78
CA TYR A 34 41.41 29.77 43.95
C TYR A 34 41.78 28.37 43.49
N ILE A 35 42.90 27.85 43.98
CA ILE A 35 43.39 26.55 43.58
C ILE A 35 43.56 25.68 44.81
N SER A 36 43.85 24.40 44.57
CA SER A 36 43.96 23.43 45.65
C SER A 36 45.05 23.80 46.63
N ASP A 37 44.80 23.56 47.90
CA ASP A 37 45.78 23.75 48.96
C ASP A 37 46.53 22.48 49.30
N GLY A 38 46.29 21.39 48.58
CA GLY A 38 46.92 20.11 48.85
C GLY A 38 48.42 20.09 48.66
N ALA A 39 48.98 21.11 48.00
CA ALA A 39 50.42 21.20 47.78
C ALA A 39 50.85 22.65 47.89
N GLN A 40 52.12 22.85 48.24
CA GLN A 40 52.64 24.19 48.41
C GLN A 40 52.85 24.87 47.06
N LEU A 41 52.54 26.16 47.00
CA LEU A 41 52.66 26.90 45.76
C LEU A 41 54.12 27.16 45.43
N PRO A 42 54.56 26.92 44.19
CA PRO A 42 55.89 27.42 43.80
C PRO A 42 56.02 28.92 43.90
N SER A 43 54.94 29.66 43.63
CA SER A 43 54.92 31.11 43.76
C SER A 43 53.49 31.58 43.85
N GLN A 44 53.31 32.81 44.31
CA GLN A 44 51.98 33.40 44.42
C GLN A 44 51.52 34.09 43.14
N LYS A 45 52.38 34.21 42.14
CA LYS A 45 52.05 34.87 40.88
C LYS A 45 52.35 33.93 39.73
N GLY A 46 51.53 34.03 38.68
CA GLY A 46 51.76 33.19 37.52
C GLY A 46 51.04 33.70 36.29
N TYR A 47 51.25 32.99 35.18
CA TYR A 47 50.52 33.17 33.93
C TYR A 47 49.54 32.02 33.72
N ALA A 48 48.54 32.28 32.87
CA ALA A 48 47.57 31.27 32.51
C ALA A 48 47.05 31.52 31.10
N SER A 49 46.49 30.49 30.50
CA SER A 49 46.00 30.57 29.13
C SER A 49 45.00 29.44 28.91
N ILE A 50 44.29 29.51 27.79
CA ILE A 50 43.32 28.51 27.39
C ILE A 50 43.88 27.64 26.27
N VAL A 51 43.45 26.38 26.25
CA VAL A 51 43.71 25.47 25.14
C VAL A 51 42.44 25.41 24.29
N LYS A 52 42.53 25.96 23.08
CA LYS A 52 41.35 26.13 22.24
C LYS A 52 40.66 24.81 21.94
N CYS A 53 39.33 24.82 21.99
CA CYS A 53 38.53 23.79 21.37
C CYS A 53 38.59 23.94 19.85
N SER A 54 38.00 22.97 19.15
CA SER A 54 38.06 22.95 17.70
C SER A 54 36.95 22.11 17.13
N LEU A 55 36.33 22.61 16.06
CA LEU A 55 35.47 21.81 15.20
C LEU A 55 36.34 20.93 14.31
N ARG A 56 35.73 20.28 13.31
CA ARG A 56 36.45 19.49 12.33
C ARG A 56 37.64 20.23 11.74
N GLN A 57 37.36 21.28 10.96
CA GLN A 57 38.42 21.94 10.19
C GLN A 57 38.08 23.41 10.01
N SER A 58 39.13 24.23 9.92
CA SER A 58 39.06 25.66 9.61
C SER A 58 40.49 26.18 9.51
N LYS A 59 40.65 27.31 8.83
CA LYS A 59 41.97 27.88 8.60
C LYS A 59 41.85 29.39 8.46
N LYS A 60 42.97 30.07 8.72
CA LYS A 60 43.11 31.51 8.50
C LYS A 60 44.57 31.81 8.23
N SER A 61 44.81 32.94 7.57
CA SER A 61 46.17 33.30 7.19
C SER A 61 46.25 34.81 7.00
N ASP A 62 47.48 35.32 6.99
CA ASP A 62 47.74 36.74 6.78
C ASP A 62 49.14 36.90 6.21
N SER A 63 49.38 38.06 5.60
CA SER A 63 50.67 38.34 4.99
C SER A 63 51.71 38.67 6.05
N ASP A 64 52.98 38.68 5.64
CA ASP A 64 54.09 38.95 6.54
C ASP A 64 54.18 40.45 6.77
N ASN A 65 53.85 40.89 7.99
CA ASN A 65 53.89 42.30 8.37
C ASN A 65 54.09 42.40 9.87
N LYS A 66 54.46 43.59 10.32
CA LYS A 66 54.64 43.83 11.75
C LYS A 66 53.34 43.59 12.49
N SER A 67 53.45 42.94 13.66
CA SER A 67 52.26 42.57 14.42
C SER A 67 51.64 43.80 15.06
N VAL A 68 50.37 44.04 14.75
CA VAL A 68 49.62 45.16 15.32
C VAL A 68 48.23 44.65 15.69
N GLY A 69 47.83 44.87 16.94
CA GLY A 69 46.50 44.52 17.39
C GLY A 69 46.21 43.04 17.52
N ILE A 70 47.22 42.18 17.42
CA ILE A 70 46.98 40.74 17.54
C ILE A 70 46.73 40.40 19.00
N PRO A 71 45.83 39.47 19.31
CA PRO A 71 45.55 39.15 20.71
C PRO A 71 46.74 38.49 21.39
N SER A 72 46.74 38.58 22.72
CA SER A 72 47.72 37.92 23.57
C SER A 72 47.00 37.01 24.55
N LYS A 73 47.52 35.80 24.73
CA LYS A 73 46.85 34.80 25.56
C LYS A 73 47.40 34.74 26.98
N LYS A 74 48.72 34.67 27.15
CA LYS A 74 49.29 34.52 28.48
C LYS A 74 48.98 35.76 29.31
N ILE A 75 48.18 35.59 30.36
CA ILE A 75 47.76 36.68 31.23
C ILE A 75 47.98 36.31 32.69
N GLY A 76 48.42 37.28 33.49
CA GLY A 76 48.81 36.98 34.85
C GLY A 76 47.63 36.97 35.81
N VAL A 77 47.83 36.28 36.93
CA VAL A 77 46.79 36.12 37.97
C VAL A 77 47.49 35.87 39.29
N PHE A 78 46.87 36.35 40.37
CA PHE A 78 47.24 35.92 41.71
C PHE A 78 46.79 34.48 41.94
N ILE A 79 47.35 33.85 42.98
CA ILE A 79 47.00 32.49 43.36
C ILE A 79 46.74 32.43 44.86
N LYS A 80 45.52 32.05 45.23
CA LYS A 80 45.09 31.94 46.62
C LYS A 80 44.69 30.50 46.90
N CYS A 81 45.28 29.92 47.95
CA CYS A 81 44.97 28.53 48.31
C CYS A 81 43.56 28.44 48.90
N ASP A 82 42.96 27.26 48.73
CA ASP A 82 41.63 27.01 49.25
C ASP A 82 41.47 25.53 49.51
N SER A 83 40.49 25.19 50.37
CA SER A 83 40.18 23.80 50.68
C SER A 83 38.96 23.27 49.95
N GLN A 84 38.02 24.13 49.56
CA GLN A 84 36.83 23.65 48.88
C GLN A 84 37.14 23.18 47.46
N ILE A 85 38.10 23.81 46.80
CA ILE A 85 38.49 23.43 45.45
C ILE A 85 39.23 22.09 45.49
N PRO A 86 38.75 21.08 44.76
CA PRO A 86 39.42 19.77 44.77
C PRO A 86 40.76 19.78 44.05
N GLU A 87 41.41 18.61 43.98
CA GLU A 87 42.72 18.52 43.36
C GLU A 87 42.60 18.78 41.85
N ASN A 88 43.63 19.43 41.30
CA ASN A 88 43.73 19.76 39.88
C ASN A 88 42.56 20.60 39.37
N HIS A 89 42.02 21.47 40.23
CA HIS A 89 40.93 22.37 39.86
C HIS A 89 41.30 23.80 40.23
N ILE A 90 40.74 24.75 39.48
CA ILE A 90 40.82 26.17 39.82
C ILE A 90 39.45 26.81 39.59
N ALA A 91 39.23 27.94 40.24
CA ALA A 91 38.01 28.72 40.08
C ALA A 91 38.37 30.15 39.70
N LEU A 92 37.66 30.69 38.72
CA LEU A 92 38.06 31.91 38.04
C LEU A 92 37.13 33.06 38.41
N SER A 93 37.61 34.27 38.16
CA SER A 93 36.80 35.47 38.32
C SER A 93 36.05 35.78 37.03
N SER A 94 34.94 36.50 37.17
CA SER A 94 34.14 36.87 36.01
C SER A 94 34.96 37.68 35.01
N HIS A 95 35.75 38.64 35.52
CA HIS A 95 36.61 39.42 34.64
C HIS A 95 37.59 38.53 33.90
N LEU A 96 38.06 37.45 34.51
CA LEU A 96 38.99 36.54 33.83
C LEU A 96 38.27 35.80 32.71
N TRP A 97 37.07 35.29 32.98
CA TRP A 97 36.25 34.70 31.93
C TRP A 97 36.08 35.66 30.75
N ASP A 98 35.77 36.92 31.04
CA ASP A 98 35.63 37.90 29.98
C ASP A 98 36.95 38.07 29.23
N ALA A 99 38.06 38.12 29.97
CA ALA A 99 39.38 38.25 29.36
C ALA A 99 39.71 37.09 28.44
N PHE A 100 39.09 35.92 28.67
CA PHE A 100 39.35 34.76 27.85
C PHE A 100 38.41 34.65 26.66
N PHE A 101 37.52 35.64 26.48
CA PHE A 101 36.62 35.74 25.33
C PHE A 101 35.74 34.50 25.21
N THR A 102 35.30 33.95 26.33
CA THR A 102 34.42 32.79 26.33
C THR A 102 33.42 32.91 27.47
N HIS A 103 32.23 32.37 27.25
CA HIS A 103 31.24 32.31 28.32
C HIS A 103 31.79 31.45 29.46
N PRO A 104 31.59 31.85 30.72
CA PRO A 104 32.08 31.03 31.84
C PRO A 104 31.56 29.61 31.76
N MET A 105 32.47 28.64 31.68
CA MET A 105 32.10 27.25 31.42
C MET A 105 32.93 26.35 32.31
N ASN A 106 32.27 25.70 33.28
CA ASN A 106 32.90 24.71 34.12
C ASN A 106 33.53 23.60 33.27
N GLY A 107 34.74 23.19 33.66
CA GLY A 107 35.41 22.08 33.05
C GLY A 107 36.35 22.43 31.92
N ALA A 108 36.27 23.63 31.38
CA ALA A 108 37.25 24.09 30.41
C ALA A 108 38.65 24.05 31.00
N LYS A 109 39.60 23.61 30.19
CA LYS A 109 40.96 23.40 30.66
C LYS A 109 41.73 24.71 30.71
N ILE A 110 42.78 24.75 31.52
CA ILE A 110 43.58 25.95 31.71
C ILE A 110 45.05 25.57 31.83
N LYS A 111 45.88 26.15 30.97
CA LYS A 111 47.32 26.08 31.11
C LYS A 111 47.78 27.11 32.14
N LEU A 112 48.65 26.69 33.07
CA LEU A 112 49.11 27.58 34.12
C LEU A 112 50.61 27.40 34.30
N GLU A 113 51.31 28.50 34.54
CA GLU A 113 52.74 28.51 34.82
C GLU A 113 53.01 29.43 36.02
N PHE A 114 53.91 29.00 36.89
CA PHE A 114 54.28 29.79 38.06
C PHE A 114 55.51 30.63 37.77
N LEU A 115 55.50 31.87 38.23
CA LEU A 115 56.55 32.83 37.96
C LEU A 115 57.04 33.46 39.25
N GLN A 116 58.33 33.79 39.28
CA GLN A 116 58.95 34.49 40.41
C GLN A 116 59.38 35.87 39.95
N MET A 117 58.91 36.90 40.65
CA MET A 117 59.25 38.28 40.32
C MET A 117 60.50 38.71 41.08
N ASN A 118 61.48 39.24 40.34
CA ASN A 118 62.72 39.70 40.95
C ASN A 118 62.44 40.85 41.90
N GLN A 119 62.90 40.70 43.16
CA GLN A 119 62.58 41.69 44.19
C GLN A 119 63.19 43.05 43.86
N ALA A 120 64.41 43.06 43.33
CA ALA A 120 65.10 44.32 43.06
C ALA A 120 64.27 45.24 42.18
N ASN A 121 63.47 44.68 41.28
CA ASN A 121 62.60 45.50 40.44
C ASN A 121 61.48 46.14 41.26
N ILE A 122 61.11 45.53 42.38
CA ILE A 122 60.03 46.05 43.22
C ILE A 122 60.55 47.07 44.24
N ILE A 123 61.59 46.71 45.00
CA ILE A 123 62.10 47.62 46.03
C ILE A 123 62.64 48.90 45.40
N SER A 124 63.29 48.79 44.23
CA SER A 124 63.82 49.98 43.58
C SER A 124 62.74 50.98 43.22
N GLY A 125 61.50 50.52 43.01
CA GLY A 125 60.40 51.43 42.74
C GLY A 125 60.31 51.87 41.29
N ARG A 126 59.09 51.96 40.76
CA ARG A 126 58.88 52.39 39.39
C ARG A 126 57.54 53.12 39.30
N ASN A 127 57.41 53.93 38.26
CA ASN A 127 56.19 54.64 37.94
C ASN A 127 55.65 54.13 36.62
N ALA A 128 54.35 53.84 36.57
CA ALA A 128 53.73 53.21 35.42
C ALA A 128 52.58 54.08 34.92
N THR A 129 52.24 53.89 33.64
CA THR A 129 51.13 54.59 33.02
C THR A 129 50.32 53.61 32.18
N VAL A 130 49.01 53.79 32.17
CA VAL A 130 48.08 52.90 31.48
C VAL A 130 47.36 53.71 30.40
N ASN A 131 47.44 53.22 29.16
CA ASN A 131 46.82 53.90 28.02
C ASN A 131 45.47 53.22 27.76
N ILE A 132 44.48 53.60 28.56
CA ILE A 132 43.15 53.02 28.45
C ILE A 132 42.52 53.42 27.12
N LYS A 133 42.05 52.43 26.37
CA LYS A 133 41.49 52.62 25.04
C LYS A 133 40.08 52.04 25.00
N TYR A 134 39.10 52.86 25.39
CA TYR A 134 37.70 52.44 25.39
C TYR A 134 37.22 52.33 23.94
N PHE A 135 37.02 51.11 23.46
CA PHE A 135 36.67 50.88 22.06
C PHE A 135 35.16 50.71 21.85
N GLY A 136 34.35 51.24 22.77
CA GLY A 136 32.92 51.33 22.51
C GLY A 136 32.57 52.49 21.60
N LYS A 137 31.44 52.36 20.91
CA LYS A 137 31.06 53.37 19.92
C LYS A 137 30.61 54.66 20.58
N ASP A 138 30.13 54.59 21.82
CA ASP A 138 29.72 55.78 22.56
C ASP A 138 30.87 56.29 23.42
N VAL A 139 30.89 57.61 23.64
CA VAL A 139 31.91 58.23 24.45
C VAL A 139 31.73 57.80 25.90
N PRO A 140 32.73 57.19 26.53
CA PRO A 140 32.54 56.70 27.91
C PRO A 140 32.40 57.86 28.90
N THR A 141 31.55 57.64 29.90
CA THR A 141 31.37 58.59 30.99
C THR A 141 32.28 58.30 32.17
N LYS A 142 33.04 57.22 32.13
CA LYS A 142 33.91 56.85 33.24
C LYS A 142 35.04 57.87 33.41
N SER A 143 35.32 58.23 34.65
CA SER A 143 36.35 59.21 34.96
C SER A 143 37.68 58.51 35.24
N GLY A 144 38.75 59.32 35.28
CA GLY A 144 40.06 58.76 35.56
C GLY A 144 40.14 58.10 36.92
N ASP A 145 39.51 58.71 37.93
CA ASP A 145 39.53 58.12 39.27
C ASP A 145 38.76 56.80 39.29
N GLN A 146 37.64 56.72 38.58
CA GLN A 146 36.89 55.48 38.51
C GLN A 146 37.71 54.37 37.86
N TYR A 147 38.41 54.68 36.78
CA TYR A 147 39.29 53.69 36.16
C TYR A 147 40.40 53.29 37.13
N SER A 148 40.97 54.26 37.85
CA SER A 148 42.05 53.98 38.78
C SER A 148 41.59 53.01 39.87
N LYS A 149 40.42 53.26 40.45
CA LYS A 149 39.92 52.37 41.49
C LYS A 149 39.46 51.04 40.92
N LEU A 150 39.03 51.01 39.66
CA LEU A 150 38.72 49.75 39.01
C LEU A 150 39.95 48.89 38.86
N LEU A 151 41.08 49.49 38.46
CA LEU A 151 42.29 48.73 38.19
C LEU A 151 43.18 48.58 39.42
N GLY A 152 42.97 49.38 40.46
CA GLY A 152 43.84 49.39 41.61
C GLY A 152 44.01 48.06 42.29
N GLY A 153 45.26 47.67 42.57
CA GLY A 153 45.56 46.47 43.30
C GLY A 153 45.69 45.22 42.45
N SER A 154 45.16 45.23 41.23
CA SER A 154 45.18 44.05 40.39
C SER A 154 46.51 43.92 39.66
N LEU A 155 46.78 42.69 39.20
CA LEU A 155 47.99 42.38 38.43
C LEU A 155 47.62 42.51 36.95
N LEU A 156 47.98 43.64 36.36
CA LEU A 156 47.57 43.96 34.99
C LEU A 156 48.61 43.47 33.98
N THR A 157 48.13 43.09 32.81
CA THR A 157 48.97 42.63 31.71
C THR A 157 48.64 43.42 30.46
N ASN A 158 49.65 43.65 29.63
CA ASN A 158 49.50 44.46 28.43
C ASN A 158 48.61 43.75 27.40
N ASN A 159 48.07 44.55 26.48
CA ASN A 159 47.26 44.09 25.37
C ASN A 159 46.03 43.30 25.83
N LEU A 160 45.58 43.55 27.06
CA LEU A 160 44.44 42.83 27.61
C LEU A 160 43.13 43.45 27.15
N ILE A 161 42.07 42.64 27.16
CA ILE A 161 40.73 43.08 26.80
C ILE A 161 39.76 42.58 27.87
N LEU A 162 38.86 43.46 28.31
CA LEU A 162 37.83 43.13 29.29
C LEU A 162 36.51 43.60 28.71
N PRO A 163 35.89 42.80 27.84
CA PRO A 163 34.72 43.27 27.09
C PRO A 163 33.56 43.75 27.96
N THR A 164 33.44 43.27 29.20
CA THR A 164 32.35 43.70 30.06
C THR A 164 32.35 45.21 30.24
N GLU A 165 33.53 45.82 30.43
CA GLU A 165 33.65 47.26 30.46
C GLU A 165 33.87 47.88 29.09
N GLN A 166 34.05 47.05 28.05
CA GLN A 166 34.27 47.52 26.69
C GLN A 166 35.56 48.32 26.59
N ILE A 167 36.63 47.82 27.21
CA ILE A 167 37.89 48.54 27.32
C ILE A 167 39.05 47.62 26.93
N ILE A 168 40.08 48.23 26.36
CA ILE A 168 41.37 47.58 26.15
C ILE A 168 42.36 48.23 27.10
N ILE A 169 43.36 47.46 27.53
CA ILE A 169 44.35 47.94 28.49
C ILE A 169 45.75 47.68 27.94
N GLU A 170 46.58 48.72 27.95
CA GLU A 170 47.99 48.63 27.60
C GLU A 170 48.80 49.36 28.66
N ILE A 171 50.00 48.86 28.94
CA ILE A 171 50.77 49.29 30.09
C ILE A 171 52.13 49.79 29.63
N LYS A 172 52.62 50.84 30.29
CA LYS A 172 53.98 51.33 30.10
C LYS A 172 54.58 51.64 31.46
N LYS A 173 55.91 51.52 31.56
CA LYS A 173 56.65 52.00 32.71
C LYS A 173 57.63 53.05 32.22
N GLY A 174 57.51 54.27 32.76
CA GLY A 174 58.14 55.40 32.10
C GLY A 174 57.51 55.61 30.74
N GLU A 175 58.34 55.98 29.77
CA GLU A 175 57.89 56.06 28.39
C GLU A 175 57.99 54.74 27.66
N SER A 176 58.65 53.74 28.26
CA SER A 176 58.82 52.43 27.64
C SER A 176 57.64 51.53 27.99
N GLU A 177 57.30 50.66 27.04
CA GLU A 177 56.20 49.73 27.26
C GLU A 177 56.61 48.66 28.27
N GLN A 178 55.65 48.23 29.10
CA GLN A 178 55.88 47.18 30.07
C GLN A 178 54.76 46.15 29.96
N GLN A 179 55.13 44.87 29.91
CA GLN A 179 54.14 43.82 29.69
C GLN A 179 53.31 43.51 30.94
N LEU A 180 53.89 43.65 32.14
CA LEU A 180 53.22 43.23 33.36
C LEU A 180 53.49 44.24 34.47
N CYS A 181 52.49 44.44 35.33
CA CYS A 181 52.63 45.33 36.46
C CYS A 181 51.74 44.86 37.60
N ASN A 182 52.26 44.94 38.82
CA ASN A 182 51.54 44.56 40.03
C ASN A 182 51.26 45.81 40.84
N LEU A 183 49.99 46.03 41.17
CA LEU A 183 49.57 47.21 41.90
C LEU A 183 49.38 46.96 43.40
N ASN A 184 49.57 45.72 43.86
CA ASN A 184 49.59 45.43 45.29
C ASN A 184 50.99 45.50 45.88
N GLU A 185 52.00 45.05 45.13
CA GLU A 185 53.38 45.20 45.56
C GLU A 185 53.87 46.64 45.40
N ILE A 186 53.34 47.36 44.42
CA ILE A 186 53.68 48.77 44.17
C ILE A 186 52.46 49.61 44.47
N SER A 187 52.66 50.70 45.20
CA SER A 187 51.55 51.55 45.61
C SER A 187 50.82 52.12 44.40
N ASN A 188 49.50 52.22 44.52
CA ASN A 188 48.68 52.73 43.42
C ASN A 188 48.99 54.19 43.10
N GLU A 189 49.49 54.94 44.08
CA GLU A 189 49.79 56.35 43.85
C GLU A 189 50.89 56.56 42.82
N SER A 190 51.68 55.53 42.53
CA SER A 190 52.74 55.64 41.54
C SER A 190 52.25 55.43 40.12
N VAL A 191 50.96 55.17 39.92
CA VAL A 191 50.41 54.84 38.62
C VAL A 191 49.69 56.07 38.06
N GLN A 192 49.66 56.16 36.73
CA GLN A 192 48.95 57.22 36.02
C GLN A 192 48.14 56.58 34.90
N TRP A 193 47.12 57.30 34.44
CA TRP A 193 46.20 56.76 33.45
C TRP A 193 45.86 57.83 32.42
N LYS A 194 45.87 57.43 31.15
CA LYS A 194 45.32 58.21 30.06
C LYS A 194 44.10 57.50 29.49
N VAL A 195 43.10 58.29 29.09
CA VAL A 195 41.82 57.75 28.61
C VAL A 195 41.56 58.32 27.22
N THR A 196 41.24 57.43 26.28
CA THR A 196 40.90 57.84 24.93
C THR A 196 39.78 56.95 24.40
N GLN A 197 39.04 57.47 23.41
CA GLN A 197 38.05 56.70 22.68
C GLN A 197 38.34 56.82 21.19
N MET A 198 38.45 55.68 20.52
CA MET A 198 38.87 55.64 19.13
C MET A 198 37.68 55.75 18.19
N GLY A 199 37.99 55.91 16.90
CA GLY A 199 36.97 56.06 15.89
C GLY A 199 36.25 54.75 15.59
N LYS A 200 35.13 54.90 14.88
CA LYS A 200 34.29 53.74 14.55
C LYS A 200 35.04 52.74 13.68
N GLU A 201 35.82 53.22 12.71
CA GLU A 201 36.61 52.32 11.88
C GLU A 201 37.65 51.59 12.72
N GLU A 202 38.26 52.28 13.68
CA GLU A 202 39.18 51.62 14.59
C GLU A 202 38.48 50.53 15.41
N VAL A 203 37.25 50.80 15.84
CA VAL A 203 36.47 49.80 16.56
C VAL A 203 36.19 48.60 15.67
N LYS A 204 35.86 48.85 14.40
CA LYS A 204 35.64 47.76 13.47
C LYS A 204 36.90 46.92 13.29
N ASP A 205 38.04 47.57 13.14
CA ASP A 205 39.31 46.85 13.00
C ASP A 205 39.60 46.01 14.23
N ILE A 206 39.39 46.58 15.42
CA ILE A 206 39.65 45.85 16.66
C ILE A 206 38.73 44.63 16.76
N ILE A 207 37.44 44.81 16.43
CA ILE A 207 36.50 43.70 16.46
C ILE A 207 36.92 42.61 15.48
N GLU A 208 37.37 43.01 14.30
CA GLU A 208 37.84 42.04 13.31
C GLU A 208 39.07 41.28 13.83
N ARG A 209 39.96 41.97 14.52
CA ARG A 209 41.24 41.38 14.91
C ARG A 209 41.14 40.51 16.15
N HIS A 210 40.01 40.50 16.85
CA HIS A 210 39.85 39.73 18.08
C HIS A 210 38.59 38.88 18.00
N LEU A 211 38.65 37.72 18.66
CA LEU A 211 37.60 36.72 18.52
C LEU A 211 36.31 37.19 19.19
N PRO A 212 35.20 37.30 18.48
CA PRO A 212 33.92 37.59 19.11
C PRO A 212 33.19 36.32 19.51
N LYS A 213 32.05 36.51 20.19
CA LYS A 213 31.17 35.42 20.55
C LYS A 213 29.73 35.87 20.42
N HIS A 214 28.84 34.90 20.22
CA HIS A 214 27.42 35.15 19.97
C HIS A 214 26.69 35.37 21.28
N TYR A 215 26.35 36.62 21.58
CA TYR A 215 25.59 36.93 22.79
C TYR A 215 24.96 38.30 22.63
N HIS A 216 23.72 38.43 23.12
CA HIS A 216 23.02 39.71 23.11
C HIS A 216 22.25 39.95 24.40
N VAL A 217 22.48 39.15 25.43
CA VAL A 217 21.69 39.23 26.66
C VAL A 217 22.06 40.45 27.50
N LYS A 218 23.34 40.86 27.47
CA LYS A 218 23.84 41.89 28.35
C LYS A 218 24.63 42.93 27.57
N GLU A 219 24.70 44.13 28.13
CA GLU A 219 25.39 45.26 27.52
C GLU A 219 26.22 45.95 28.60
N THR A 220 27.28 46.63 28.17
CA THR A 220 28.16 47.32 29.11
C THR A 220 27.38 48.34 29.92
N GLY A 221 27.63 48.36 31.23
CA GLY A 221 26.95 49.27 32.11
C GLY A 221 27.14 48.86 33.55
N GLU A 222 26.26 49.36 34.42
CA GLU A 222 26.33 49.04 35.83
C GLU A 222 26.02 47.56 36.06
N VAL A 223 26.56 47.02 37.14
CA VAL A 223 26.42 45.60 37.44
C VAL A 223 24.95 45.29 37.73
N SER A 224 24.42 44.27 37.06
CA SER A 224 23.03 43.87 37.23
C SER A 224 22.84 42.47 36.68
N ARG A 225 22.00 41.69 37.36
CA ARG A 225 21.69 40.34 36.89
C ARG A 225 20.93 40.37 35.57
N THR A 226 21.27 39.43 34.69
CA THR A 226 20.67 39.29 33.37
C THR A 226 20.32 37.84 33.10
N SER A 227 19.82 37.16 34.13
CA SER A 227 19.55 35.73 34.09
C SER A 227 18.24 35.44 34.81
N LYS A 228 17.54 34.40 34.36
CA LYS A 228 16.35 33.90 35.04
C LYS A 228 16.78 33.12 36.28
N ASP A 229 17.05 33.89 37.34
CA ASP A 229 17.41 33.37 38.66
C ASP A 229 16.29 33.59 39.68
N GLU A 230 15.06 33.73 39.20
CA GLU A 230 13.93 34.03 40.07
C GLU A 230 13.77 32.99 41.18
N ASP A 231 13.80 31.71 40.81
CA ASP A 231 13.48 30.66 41.78
C ASP A 231 14.30 29.40 41.51
N ASP A 232 14.31 28.54 42.51
CA ASP A 232 14.83 27.18 42.43
C ASP A 232 13.69 26.19 42.53
N PHE A 233 13.99 24.93 42.26
CA PHE A 233 13.02 23.85 42.42
C PHE A 233 12.55 23.77 43.87
N ILE A 234 11.27 24.04 44.10
CA ILE A 234 10.68 23.90 45.43
C ILE A 234 10.67 22.42 45.80
N THR A 235 11.39 22.08 46.88
CA THR A 235 11.57 20.69 47.28
C THR A 235 10.24 19.95 47.38
N VAL A 236 10.03 19.01 46.46
CA VAL A 236 8.87 18.12 46.47
C VAL A 236 9.21 16.77 47.06
N ASN A 237 10.28 16.15 46.59
CA ASN A 237 10.65 14.80 46.98
C ASN A 237 12.17 14.67 47.01
N SER A 238 12.63 13.49 47.43
CA SER A 238 14.05 13.16 47.51
C SER A 238 14.69 12.93 46.14
N ILE A 239 13.91 12.94 45.06
CA ILE A 239 14.45 12.58 43.76
C ILE A 239 15.59 13.52 43.39
N LYS A 240 15.43 14.83 43.62
CA LYS A 240 16.53 15.75 43.34
C LYS A 240 17.77 15.43 44.18
N LYS A 241 17.59 14.77 45.33
CA LYS A 241 18.72 14.28 46.11
C LYS A 241 19.40 13.13 45.37
N GLU A 242 18.61 12.10 45.04
CA GLU A 242 19.17 10.89 44.45
C GLU A 242 19.86 11.21 43.13
N MET A 243 19.25 12.06 42.30
CA MET A 243 19.90 12.43 41.05
C MET A 243 21.23 13.14 41.28
N VAL A 244 21.43 13.72 42.46
CA VAL A 244 22.73 14.24 42.85
C VAL A 244 23.67 13.08 43.14
N ASN A 245 23.33 12.34 44.20
CA ASN A 245 24.16 11.21 44.65
C ASN A 245 24.56 10.28 43.50
N TYR A 246 23.59 9.68 42.81
CA TYR A 246 23.87 8.68 41.78
C TYR A 246 24.56 9.25 40.55
N LEU A 247 24.84 10.55 40.51
CA LEU A 247 25.60 11.16 39.43
C LEU A 247 26.91 11.79 39.91
N THR A 248 27.13 11.89 41.21
CA THR A 248 28.39 12.34 41.76
C THR A 248 29.18 11.20 42.41
N SER A 249 28.54 10.05 42.62
CA SER A 249 29.20 8.91 43.22
C SER A 249 30.41 8.53 42.36
N PRO A 250 31.46 7.97 42.96
CA PRO A 250 32.63 7.57 42.15
C PRO A 250 32.30 6.66 40.98
N ILE A 251 31.37 5.72 41.12
CA ILE A 251 31.05 4.78 40.06
C ILE A 251 29.54 4.78 39.84
N ILE A 252 29.13 4.62 38.58
CA ILE A 252 27.77 4.21 38.25
C ILE A 252 27.86 2.95 37.40
N ALA A 253 26.85 2.09 37.52
CA ALA A 253 27.00 0.71 37.06
C ALA A 253 26.85 0.56 35.55
N THR A 254 26.29 1.55 34.88
CA THR A 254 26.20 1.64 33.43
C THR A 254 25.63 3.03 33.14
N PRO A 255 26.10 3.70 32.09
CA PRO A 255 26.09 5.18 32.09
C PRO A 255 24.71 5.84 32.07
N ALA A 256 23.61 5.11 31.85
CA ALA A 256 22.32 5.76 31.73
C ALA A 256 21.48 5.64 33.00
N ILE A 257 20.83 6.75 33.34
CA ILE A 257 19.72 6.84 34.28
C ILE A 257 18.52 7.39 33.50
N ILE A 258 17.32 6.98 33.88
CA ILE A 258 16.09 7.47 33.25
C ILE A 258 15.18 8.09 34.29
N LEU A 259 14.56 9.20 33.91
CA LEU A 259 13.41 9.76 34.62
C LEU A 259 12.12 9.36 33.91
N ASP A 260 11.20 8.78 34.65
CA ASP A 260 9.91 8.35 34.11
C ASP A 260 8.86 9.45 34.32
N GLY A 261 7.59 9.11 34.20
CA GLY A 261 6.49 9.94 34.65
C GLY A 261 5.68 10.54 33.50
N LYS A 262 4.37 10.58 33.68
CA LYS A 262 3.47 11.09 32.67
C LYS A 262 3.73 12.58 32.40
N GLN A 263 3.04 13.09 31.38
CA GLN A 263 3.32 14.38 30.77
C GLN A 263 3.27 15.51 31.81
N GLY A 264 4.25 16.41 31.72
CA GLY A 264 4.44 17.41 32.76
C GLY A 264 5.22 16.89 33.94
N ILE A 265 4.73 17.18 35.15
CA ILE A 265 5.37 16.79 36.40
C ILE A 265 6.80 17.32 36.45
N GLY A 266 7.02 18.50 35.88
CA GLY A 266 8.21 19.26 36.22
C GLY A 266 9.52 18.75 35.68
N LYS A 267 9.50 17.79 34.74
CA LYS A 267 10.73 17.16 34.28
C LYS A 267 11.75 18.17 33.78
N THR A 268 11.30 19.16 33.01
CA THR A 268 12.23 20.17 32.51
C THR A 268 12.75 21.05 33.65
N ARG A 269 11.86 21.51 34.53
CA ARG A 269 12.28 22.24 35.72
C ARG A 269 13.25 21.42 36.57
N LEU A 270 12.90 20.16 36.81
CA LEU A 270 13.74 19.28 37.62
C LEU A 270 15.12 19.11 37.01
N LEU A 271 15.19 18.86 35.70
CA LEU A 271 16.47 18.78 35.01
C LEU A 271 17.26 20.08 35.09
N LYS A 272 16.59 21.22 34.90
CA LYS A 272 17.29 22.51 34.97
C LYS A 272 17.83 22.80 36.36
N GLU A 273 17.10 22.42 37.40
CA GLU A 273 17.66 22.54 38.75
C GLU A 273 18.79 21.56 38.99
N LEU A 274 18.63 20.31 38.56
CA LEU A 274 19.70 19.33 38.71
C LEU A 274 20.99 19.81 38.04
N ILE A 275 20.87 20.33 36.82
CA ILE A 275 21.97 20.97 36.12
C ILE A 275 22.59 22.09 36.94
N ASN A 276 21.78 23.07 37.38
CA ASN A 276 22.34 24.19 38.11
C ASN A 276 23.03 23.75 39.40
N GLU A 277 22.46 22.77 40.09
CA GLU A 277 23.02 22.31 41.36
C GLU A 277 24.32 21.55 41.14
N VAL A 278 24.31 20.59 40.22
CA VAL A 278 25.52 19.82 39.92
C VAL A 278 26.64 20.74 39.45
N GLU A 279 26.35 21.67 38.52
CA GLU A 279 27.33 22.68 38.15
C GLU A 279 27.88 23.41 39.36
N LYS A 280 26.97 23.91 40.22
CA LYS A 280 27.38 24.72 41.37
C LYS A 280 28.32 23.95 42.30
N ASP A 281 27.98 22.70 42.63
CA ASP A 281 28.60 22.06 43.79
C ASP A 281 29.21 20.69 43.52
N HIS A 282 29.37 20.27 42.26
CA HIS A 282 29.97 18.96 41.99
C HIS A 282 30.93 18.95 40.81
N HIS A 283 31.16 20.09 40.15
CA HIS A 283 32.18 20.27 39.11
C HIS A 283 31.84 19.60 37.80
N ILE A 284 30.60 19.22 37.57
CA ILE A 284 30.22 18.50 36.36
C ILE A 284 29.97 19.49 35.23
N PHE A 285 30.41 19.12 34.03
CA PHE A 285 30.04 19.81 32.80
C PHE A 285 28.90 19.05 32.13
N VAL A 286 27.88 19.80 31.70
CA VAL A 286 26.66 19.22 31.18
C VAL A 286 26.39 19.84 29.80
N LYS A 287 25.86 19.02 28.89
CA LYS A 287 25.49 19.46 27.54
C LYS A 287 24.01 19.82 27.44
N TYR A 288 23.12 18.89 27.79
CA TYR A 288 21.68 19.08 27.67
C TYR A 288 21.28 19.40 26.22
N ALA A 289 22.03 18.88 25.26
CA ALA A 289 21.73 19.08 23.85
C ALA A 289 20.61 18.11 23.47
N ASP A 290 19.37 18.58 23.58
CA ASP A 290 18.23 17.76 23.21
C ASP A 290 17.05 18.66 22.91
N CYS A 291 16.39 18.42 21.77
CA CYS A 291 15.19 19.13 21.37
C CYS A 291 14.38 18.22 20.47
N GLU A 292 13.06 18.34 20.56
CA GLU A 292 12.21 17.87 19.49
C GLU A 292 12.59 18.50 18.15
N THR A 293 13.06 19.75 18.18
CA THR A 293 13.49 20.46 16.97
C THR A 293 15.00 20.27 16.76
N LEU A 294 15.37 19.02 16.47
CA LEU A 294 16.71 18.69 16.00
C LEU A 294 16.64 18.32 14.53
N HIS A 295 17.30 19.12 13.70
CA HIS A 295 17.15 19.05 12.25
C HIS A 295 17.55 17.69 11.70
N GLU A 296 16.75 17.20 10.75
CA GLU A 296 17.04 16.01 9.94
C GLU A 296 17.30 14.78 10.82
N THR A 297 16.23 14.36 11.50
CA THR A 297 16.28 13.19 12.36
C THR A 297 16.50 11.91 11.55
N SER A 298 16.05 11.88 10.30
CA SER A 298 16.24 10.72 9.43
C SER A 298 17.67 10.62 8.90
N ASN A 299 18.29 11.77 8.58
CA ASN A 299 19.61 11.80 7.93
C ASN A 299 20.67 11.15 8.81
N LEU A 300 21.05 9.92 8.48
CA LEU A 300 21.96 9.15 9.32
C LEU A 300 23.32 9.83 9.43
N ASP A 301 23.84 10.32 8.30
CA ASP A 301 25.14 10.99 8.29
C ASP A 301 25.18 12.18 9.25
N LYS A 302 24.27 13.14 9.05
CA LYS A 302 24.23 14.34 9.87
C LYS A 302 24.06 14.01 11.36
N THR A 303 23.08 13.17 11.68
CA THR A 303 22.85 12.80 13.08
C THR A 303 24.05 12.09 13.69
N GLN A 304 24.67 11.18 12.94
CA GLN A 304 25.90 10.52 13.39
C GLN A 304 26.99 11.54 13.70
N LYS A 305 27.22 12.50 12.80
CA LYS A 305 28.16 13.58 13.08
C LYS A 305 27.79 14.31 14.37
N LEU A 306 26.52 14.65 14.55
CA LEU A 306 26.07 15.33 15.76
C LEU A 306 26.40 14.53 17.01
N ILE A 307 26.05 13.24 17.02
CA ILE A 307 26.34 12.38 18.17
C ILE A 307 27.83 12.31 18.44
N MET A 308 28.65 12.11 17.39
CA MET A 308 30.09 12.10 17.61
C MET A 308 30.60 13.43 18.12
N GLU A 309 29.96 14.53 17.73
CA GLU A 309 30.29 15.84 18.29
C GLU A 309 30.04 15.87 19.79
N TRP A 310 28.83 15.47 20.19
CA TRP A 310 28.48 15.34 21.60
C TRP A 310 29.53 14.53 22.35
N CYS A 311 29.81 13.32 21.86
CA CYS A 311 30.80 12.45 22.50
C CYS A 311 32.15 13.14 22.62
N SER A 312 32.64 13.74 21.54
CA SER A 312 33.98 14.32 21.57
C SER A 312 34.08 15.46 22.57
N PHE A 313 33.09 16.36 22.57
CA PHE A 313 33.07 17.44 23.55
C PHE A 313 32.97 16.90 24.98
N CYS A 314 31.95 16.08 25.23
CA CYS A 314 31.75 15.51 26.57
C CYS A 314 33.01 14.81 27.08
N TYR A 315 33.74 14.16 26.19
CA TYR A 315 34.99 13.52 26.58
C TYR A 315 36.06 14.56 26.91
N TRP A 316 36.19 15.59 26.08
CA TRP A 316 37.25 16.57 26.30
C TRP A 316 37.10 17.36 27.58
N TYR A 317 35.87 17.54 28.07
CA TYR A 317 35.61 18.41 29.21
C TYR A 317 35.63 17.68 30.55
N GLY A 318 36.38 16.59 30.68
CA GLY A 318 36.48 15.88 31.93
C GLY A 318 35.16 15.33 32.40
N PRO A 319 35.07 14.95 33.69
CA PRO A 319 33.81 14.43 34.24
C PRO A 319 32.59 15.24 33.81
N SER A 320 31.66 14.60 33.11
CA SER A 320 30.62 15.31 32.39
C SER A 320 29.34 14.48 32.42
N LEU A 321 28.27 15.04 31.84
CA LEU A 321 26.95 14.44 31.94
C LEU A 321 26.13 14.85 30.73
N ILE A 322 25.44 13.89 30.12
CA ILE A 322 24.57 14.09 28.97
C ILE A 322 23.12 13.96 29.39
N VAL A 323 22.29 14.93 28.99
CA VAL A 323 20.86 14.94 29.29
C VAL A 323 20.09 14.90 27.98
N LEU A 324 19.16 13.96 27.87
CA LEU A 324 18.17 13.90 26.79
C LEU A 324 16.82 14.21 27.41
N ASP A 325 16.49 15.51 27.45
CA ASP A 325 15.23 16.01 27.99
C ASP A 325 14.02 15.21 27.52
N ASN A 326 13.86 15.05 26.20
CA ASN A 326 12.89 14.10 25.64
C ASN A 326 13.51 13.16 24.61
N VAL A 327 14.18 12.12 25.09
CA VAL A 327 14.98 11.24 24.23
C VAL A 327 14.10 10.57 23.17
N GLU A 328 12.82 10.37 23.47
CA GLU A 328 11.90 9.66 22.57
C GLU A 328 11.92 10.26 21.16
N ALA A 329 12.14 11.57 21.05
CA ALA A 329 12.15 12.23 19.75
C ALA A 329 13.23 11.67 18.83
N LEU A 330 14.36 11.24 19.38
CA LEU A 330 15.54 10.88 18.61
C LEU A 330 15.89 9.40 18.71
N PHE A 331 15.36 8.68 19.70
CA PHE A 331 15.71 7.28 19.91
C PHE A 331 14.52 6.37 20.18
N GLY A 332 13.30 6.90 20.21
CA GLY A 332 12.12 6.09 20.52
C GLY A 332 11.62 5.26 19.36
N LYS A 333 11.87 3.95 19.43
CA LYS A 333 11.39 3.03 18.41
C LYS A 333 9.87 3.07 18.32
N PRO A 334 9.30 3.11 17.11
CA PRO A 334 7.85 2.99 16.96
C PRO A 334 7.31 1.71 17.59
N GLN A 335 6.21 1.85 18.32
CA GLN A 335 5.63 0.81 19.14
C GLN A 335 4.36 0.26 18.47
N ALA A 336 4.08 -1.02 18.75
CA ALA A 336 2.87 -1.69 18.26
C ALA A 336 2.80 -1.72 16.73
N ASN A 337 3.89 -2.14 16.11
CA ASN A 337 3.92 -2.31 14.67
C ASN A 337 3.09 -3.52 14.26
N ASP A 338 2.67 -3.52 12.98
CA ASP A 338 1.84 -4.58 12.44
C ASP A 338 2.66 -5.85 12.20
N GLY A 339 2.11 -6.98 12.64
CA GLY A 339 2.72 -8.29 12.44
C GLY A 339 4.11 -8.38 13.04
N ASP A 340 5.00 -9.09 12.34
CA ASP A 340 6.41 -9.11 12.70
C ASP A 340 7.21 -8.27 11.72
N PRO A 341 8.04 -7.36 12.22
CA PRO A 341 8.88 -6.57 11.32
C PRO A 341 9.89 -7.43 10.58
N SER A 342 10.12 -7.09 9.32
CA SER A 342 11.33 -7.49 8.62
C SER A 342 12.55 -6.92 9.34
N ASN A 343 13.66 -7.65 9.30
CA ASN A 343 14.78 -7.37 10.19
C ASN A 343 15.35 -5.98 9.93
N ASN A 344 15.25 -5.49 8.69
CA ASN A 344 15.63 -4.11 8.41
C ASN A 344 14.73 -3.14 9.18
N GLY A 345 13.43 -3.42 9.22
CA GLY A 345 12.52 -2.67 10.07
C GLY A 345 12.67 -2.96 11.55
N GLN A 346 13.11 -4.18 11.89
CA GLN A 346 13.46 -4.48 13.28
C GLN A 346 14.59 -3.58 13.76
N TRP A 347 15.55 -3.28 12.90
CA TRP A 347 16.49 -2.18 13.10
C TRP A 347 16.05 -0.92 12.37
N ASP A 348 14.81 -0.50 12.62
CA ASP A 348 14.32 0.80 12.20
C ASP A 348 15.31 1.92 12.55
N ASN A 349 15.34 2.92 11.68
CA ASN A 349 16.39 3.94 11.63
C ASN A 349 16.82 4.41 13.02
N ALA A 350 15.83 4.75 13.85
CA ALA A 350 16.11 5.20 15.21
C ALA A 350 16.87 4.14 16.01
N SER A 351 16.52 2.87 15.84
CA SER A 351 17.25 1.82 16.55
C SER A 351 18.69 1.69 16.08
N LYS A 352 18.96 1.90 14.79
CA LYS A 352 20.35 1.94 14.33
C LYS A 352 21.11 3.10 14.95
N LEU A 353 20.46 4.26 15.02
CA LEU A 353 21.09 5.43 15.64
C LEU A 353 21.38 5.18 17.12
N LEU A 354 20.39 4.63 17.84
CA LEU A 354 20.57 4.27 19.24
C LEU A 354 21.71 3.28 19.40
N ASN A 355 21.75 2.23 18.57
CA ASN A 355 22.82 1.23 18.70
C ASN A 355 24.19 1.87 18.51
N PHE A 356 24.31 2.78 17.54
CA PHE A 356 25.56 3.53 17.36
C PHE A 356 25.92 4.28 18.62
N PHE A 357 24.95 5.01 19.18
CA PHE A 357 25.20 5.82 20.37
C PHE A 357 25.63 4.96 21.55
N ILE A 358 24.94 3.83 21.76
CA ILE A 358 25.31 2.89 22.80
C ILE A 358 26.73 2.37 22.60
N ASN A 359 27.07 1.95 21.39
CA ASN A 359 28.42 1.41 21.15
C ASN A 359 29.50 2.46 21.42
N GLN A 360 29.22 3.72 21.10
CA GLN A 360 30.17 4.79 21.42
C GLN A 360 30.28 5.04 22.92
N VAL A 361 29.14 5.21 23.59
CA VAL A 361 29.17 5.50 25.02
C VAL A 361 29.79 4.34 25.79
N THR A 362 29.42 3.10 25.47
CA THR A 362 30.09 1.97 26.11
C THR A 362 31.58 1.92 25.79
N LYS A 363 31.97 2.34 24.58
CA LYS A 363 33.39 2.36 24.22
C LYS A 363 34.20 3.32 25.10
N ILE A 364 33.61 4.46 25.46
CA ILE A 364 34.31 5.35 26.39
C ILE A 364 34.09 4.96 27.86
N PHE A 365 32.86 4.59 28.21
CA PHE A 365 32.51 4.22 29.58
C PHE A 365 33.27 2.99 30.07
N ASN A 366 33.60 2.06 29.17
CA ASN A 366 34.47 0.95 29.55
C ASN A 366 35.90 1.39 29.80
N LYS A 367 36.21 2.67 29.60
CA LYS A 367 37.58 3.16 29.52
C LYS A 367 37.87 4.34 30.44
N ASP A 368 36.86 5.09 30.89
CA ASP A 368 36.97 5.89 32.10
C ASP A 368 35.55 6.05 32.65
N ASN A 369 35.20 5.22 33.63
CA ASN A 369 33.86 5.19 34.19
C ASN A 369 33.40 6.54 34.77
N LYS A 370 34.34 7.42 35.13
CA LYS A 370 33.95 8.74 35.63
C LYS A 370 33.67 9.76 34.52
N ARG A 371 34.06 9.49 33.27
CA ARG A 371 34.23 10.58 32.31
C ARG A 371 33.04 10.82 31.39
N ILE A 372 32.16 9.84 31.16
CA ILE A 372 30.87 10.14 30.54
C ILE A 372 29.77 9.37 31.24
N ARG A 373 28.68 10.07 31.56
CA ARG A 373 27.45 9.49 32.10
C ARG A 373 26.29 10.18 31.42
N VAL A 374 25.27 9.42 31.05
CA VAL A 374 24.13 9.97 30.31
C VAL A 374 22.87 9.87 31.17
N LEU A 375 21.98 10.83 30.98
CA LEU A 375 20.76 10.99 31.77
C LEU A 375 19.56 11.09 30.83
N PHE A 376 19.01 9.92 30.45
CA PHE A 376 17.82 9.89 29.63
C PHE A 376 16.60 10.35 30.42
N SER A 377 15.64 10.94 29.70
CA SER A 377 14.36 11.34 30.26
C SER A 377 13.27 11.13 29.23
N GLY A 378 12.15 10.55 29.65
CA GLY A 378 11.15 10.09 28.71
C GLY A 378 9.88 9.70 29.42
N LYS A 379 8.78 9.73 28.65
CA LYS A 379 7.44 9.79 29.24
C LYS A 379 7.03 8.49 29.92
N GLN A 380 7.72 7.38 29.66
CA GLN A 380 7.28 6.09 30.20
C GLN A 380 8.48 5.19 30.41
N LYS A 381 8.27 4.14 31.20
CA LYS A 381 9.34 3.21 31.55
C LYS A 381 9.89 2.49 30.32
N THR A 382 9.00 1.92 29.50
CA THR A 382 9.41 1.06 28.41
C THR A 382 9.04 1.58 27.02
N GLN A 383 8.34 2.72 26.94
CA GLN A 383 8.10 3.33 25.63
C GLN A 383 9.40 3.58 24.87
N ILE A 384 10.50 3.83 25.59
CA ILE A 384 11.82 3.86 24.98
C ILE A 384 12.16 2.50 24.36
N ASN A 385 13.14 2.51 23.46
CA ASN A 385 13.65 1.31 22.81
C ASN A 385 14.02 0.26 23.86
N PRO A 386 13.41 -0.93 23.81
CA PRO A 386 13.86 -2.03 24.68
C PRO A 386 15.34 -2.38 24.54
N LEU A 387 15.95 -2.11 23.38
CA LEU A 387 17.36 -2.42 23.21
C LEU A 387 18.22 -1.67 24.22
N LEU A 388 17.73 -0.55 24.74
CA LEU A 388 18.45 0.17 25.78
C LEU A 388 18.62 -0.68 27.04
N PHE A 389 17.65 -1.55 27.32
CA PHE A 389 17.72 -2.51 28.41
C PHE A 389 18.39 -3.80 28.00
N ASP A 390 18.25 -4.18 26.73
CA ASP A 390 18.86 -5.41 26.22
C ASP A 390 20.36 -5.44 26.48
N LYS A 391 21.05 -4.34 26.21
CA LYS A 391 22.48 -4.24 26.46
C LYS A 391 22.80 -3.72 27.87
N HIS A 392 21.81 -3.72 28.77
CA HIS A 392 21.98 -3.25 30.15
C HIS A 392 22.72 -1.92 30.20
N PHE A 393 22.26 -0.98 29.38
CA PHE A 393 22.82 0.36 29.33
C PHE A 393 22.30 1.27 30.44
N VAL A 394 21.17 0.91 31.05
CA VAL A 394 20.50 1.74 32.06
C VAL A 394 20.61 1.08 33.43
N SER A 395 21.09 1.84 34.41
CA SER A 395 21.37 1.27 35.74
C SER A 395 20.12 1.21 36.58
N GLU A 396 19.42 2.34 36.73
CA GLU A 396 18.32 2.48 37.67
C GLU A 396 17.42 3.60 37.16
N THR A 397 16.16 3.59 37.62
CA THR A 397 15.17 4.52 37.15
C THR A 397 14.29 4.95 38.30
N TRP A 398 13.77 6.18 38.20
CA TRP A 398 12.96 6.79 39.25
C TRP A 398 11.67 7.31 38.65
N SER A 399 10.55 6.92 39.24
CA SER A 399 9.25 7.44 38.85
C SER A 399 9.00 8.78 39.53
N LEU A 400 8.79 9.82 38.72
CA LEU A 400 8.09 11.01 39.22
C LEU A 400 6.60 10.70 39.39
N ARG A 401 6.00 11.34 40.39
CA ARG A 401 4.63 11.04 40.77
C ARG A 401 3.89 12.35 41.06
N ALA A 402 2.57 12.27 40.98
CA ALA A 402 1.73 13.37 41.45
C ALA A 402 2.02 13.64 42.93
N PRO A 403 2.24 14.89 43.32
CA PRO A 403 2.66 15.18 44.69
C PRO A 403 1.62 14.74 45.72
N ASP A 404 2.11 14.39 46.91
CA ASP A 404 1.25 14.05 48.03
C ASP A 404 0.44 15.27 48.48
N LYS A 405 -0.65 14.99 49.20
CA LYS A 405 -1.50 16.06 49.74
C LYS A 405 -0.68 17.14 50.44
N HIS A 406 0.29 16.73 51.26
CA HIS A 406 1.14 17.70 51.94
C HIS A 406 1.92 18.55 50.93
N ALA A 407 2.53 17.89 49.94
CA ALA A 407 3.43 18.57 49.01
C ALA A 407 2.75 19.75 48.32
N ARG A 408 1.54 19.52 47.78
CA ARG A 408 0.86 20.54 46.97
C ARG A 408 0.91 21.93 47.61
N ALA A 409 0.64 22.01 48.92
CA ALA A 409 0.66 23.28 49.64
C ALA A 409 1.90 24.11 49.32
N LYS A 410 3.08 23.52 49.51
CA LYS A 410 4.35 24.19 49.20
C LYS A 410 4.31 24.84 47.81
N LEU A 411 3.91 24.06 46.81
CA LEU A 411 3.75 24.56 45.45
C LEU A 411 2.82 25.76 45.41
N LEU A 412 1.60 25.58 45.90
CA LEU A 412 0.59 26.65 45.84
C LEU A 412 1.13 27.93 46.46
N GLU A 413 1.61 27.83 47.70
CA GLU A 413 2.17 28.99 48.39
C GLU A 413 3.25 29.67 47.55
N TYR A 414 4.06 28.87 46.85
CA TYR A 414 5.02 29.43 45.91
C TYR A 414 4.32 30.20 44.80
N PHE A 415 3.42 29.52 44.10
CA PHE A 415 2.79 30.02 42.89
C PHE A 415 2.10 31.35 43.15
N PHE A 416 1.20 31.39 44.14
CA PHE A 416 0.48 32.63 44.42
C PHE A 416 1.43 33.79 44.68
N SER A 417 2.61 33.53 45.24
CA SER A 417 3.58 34.58 45.49
C SER A 417 4.31 34.99 44.21
N LYS A 418 4.62 34.02 43.35
CA LYS A 418 5.46 34.25 42.17
C LYS A 418 4.70 34.94 41.05
N ASN A 419 3.51 34.44 40.72
CA ASN A 419 2.73 34.98 39.60
C ASN A 419 2.50 36.48 39.75
N GLN A 420 1.76 36.88 40.78
CA GLN A 420 1.47 38.29 41.00
C GLN A 420 1.44 38.54 42.51
N ILE A 421 1.72 39.77 42.90
CA ILE A 421 1.62 40.15 44.30
C ILE A 421 0.16 40.05 44.72
N MET A 422 -0.16 39.04 45.52
CA MET A 422 -1.51 38.77 45.98
C MET A 422 -1.41 37.67 47.03
N LYS A 423 -2.51 37.48 47.76
CA LYS A 423 -2.48 36.54 48.87
C LYS A 423 -3.87 35.97 49.10
N LEU A 424 -3.91 34.82 49.74
CA LEU A 424 -5.16 34.28 50.27
C LEU A 424 -5.51 35.02 51.55
N ASN A 425 -6.79 35.35 51.69
CA ASN A 425 -7.25 36.08 52.86
C ASN A 425 -6.93 35.32 54.14
N ARG A 426 -7.06 36.01 55.28
CA ARG A 426 -6.84 35.34 56.56
C ARG A 426 -7.90 34.30 56.87
N ASP A 427 -8.99 34.25 56.11
CA ASP A 427 -10.09 33.33 56.40
C ASP A 427 -9.65 31.87 56.33
N LEU A 428 -8.61 31.57 55.56
CA LEU A 428 -8.23 30.18 55.32
C LEU A 428 -6.71 30.05 55.28
N GLN A 429 -6.24 28.83 55.49
CA GLN A 429 -4.83 28.49 55.46
C GLN A 429 -4.55 27.53 54.31
N PHE A 430 -3.32 27.55 53.82
CA PHE A 430 -2.99 26.83 52.59
C PHE A 430 -3.15 25.31 52.73
N SER A 431 -3.11 24.77 53.94
CA SER A 431 -3.26 23.33 54.11
C SER A 431 -4.62 22.86 53.62
N ASP A 432 -5.67 23.61 53.98
CA ASP A 432 -7.02 23.34 53.47
C ASP A 432 -7.03 23.28 51.95
N LEU A 433 -6.46 24.30 51.31
CA LEU A 433 -6.44 24.35 49.85
C LEU A 433 -5.69 23.16 49.27
N SER A 434 -4.52 22.84 49.83
CA SER A 434 -3.81 21.61 49.45
C SER A 434 -4.72 20.39 49.50
N LEU A 435 -5.51 20.28 50.57
CA LEU A 435 -6.53 19.24 50.65
C LEU A 435 -7.55 19.34 49.53
N GLU A 436 -7.86 20.56 49.08
CA GLU A 436 -8.92 20.77 48.09
C GLU A 436 -8.51 20.36 46.67
N THR A 437 -7.22 20.20 46.39
CA THR A 437 -6.71 20.06 45.03
C THR A 437 -6.20 18.64 44.74
N GLU A 438 -6.91 17.63 45.25
CA GLU A 438 -6.47 16.24 45.12
C GLU A 438 -6.17 15.88 43.67
N GLY A 439 -4.96 15.39 43.42
CA GLY A 439 -4.55 14.89 42.12
C GLY A 439 -4.16 15.93 41.09
N PHE A 440 -4.01 17.19 41.49
CA PHE A 440 -3.68 18.26 40.56
C PHE A 440 -2.17 18.31 40.36
N SER A 441 -1.71 18.09 39.13
CA SER A 441 -0.29 18.06 38.85
C SER A 441 0.26 19.47 38.68
N PRO A 442 1.58 19.64 38.79
CA PRO A 442 2.12 21.01 38.90
C PRO A 442 1.77 21.93 37.73
N LEU A 443 1.79 21.43 36.49
CA LEU A 443 1.34 22.29 35.39
C LEU A 443 -0.14 22.61 35.56
N ASP A 444 -0.93 21.62 35.96
CA ASP A 444 -2.34 21.84 36.22
C ASP A 444 -2.51 22.97 37.23
N LEU A 445 -1.66 23.00 38.26
CA LEU A 445 -1.66 24.07 39.25
C LEU A 445 -1.30 25.41 38.63
N GLU A 446 -0.27 25.45 37.78
CA GLU A 446 0.05 26.69 37.07
C GLU A 446 -1.14 27.22 36.29
N ILE A 447 -1.89 26.34 35.65
CA ILE A 447 -3.13 26.73 34.98
C ILE A 447 -4.17 27.23 35.98
N PHE A 448 -4.38 26.46 37.04
CA PHE A 448 -5.43 26.73 38.01
C PHE A 448 -5.25 28.08 38.70
N THR A 449 -4.03 28.39 39.13
CA THR A 449 -3.75 29.70 39.74
C THR A 449 -4.10 30.84 38.79
N GLU A 450 -3.67 30.73 37.53
CA GLU A 450 -4.03 31.74 36.54
C GLU A 450 -5.54 31.87 36.39
N LYS A 451 -6.24 30.72 36.33
CA LYS A 451 -7.71 30.72 36.29
C LYS A 451 -8.30 31.50 37.46
N ILE A 452 -7.84 31.20 38.67
CA ILE A 452 -8.37 31.90 39.86
C ILE A 452 -8.07 33.39 39.77
N PHE A 453 -6.85 33.75 39.36
CA PHE A 453 -6.49 35.16 39.26
C PHE A 453 -7.39 35.88 38.27
N TYR A 454 -7.67 35.24 37.13
CA TYR A 454 -8.58 35.84 36.16
C TYR A 454 -9.97 36.00 36.74
N ASP A 455 -10.47 34.96 37.42
CA ASP A 455 -11.81 35.01 37.98
C ASP A 455 -11.93 36.14 38.99
N LEU A 456 -10.92 36.30 39.83
CA LEU A 456 -10.88 37.40 40.79
C LEU A 456 -10.82 38.76 40.10
N GLN A 457 -10.02 38.87 39.03
CA GLN A 457 -9.66 40.18 38.50
C GLN A 457 -10.89 40.93 37.96
N LEU A 458 -11.60 40.32 37.01
CA LEU A 458 -12.63 41.08 36.30
C LEU A 458 -13.99 40.39 36.30
N GLU A 459 -13.99 39.06 36.32
CA GLU A 459 -15.26 38.34 36.52
C GLU A 459 -15.95 38.81 37.79
N ARG A 460 -15.18 39.18 38.80
CA ARG A 460 -15.63 40.04 39.89
C ARG A 460 -14.81 41.32 39.80
N ASP A 461 -15.48 42.46 39.73
CA ASP A 461 -14.81 43.74 39.54
C ASP A 461 -14.37 44.38 40.87
N CYS A 462 -14.22 43.59 41.92
CA CYS A 462 -13.78 44.12 43.20
C CYS A 462 -12.32 44.56 43.12
N ASP A 463 -12.00 45.64 43.83
CA ASP A 463 -10.64 46.16 43.91
C ASP A 463 -9.90 45.50 45.08
N ASN A 464 -9.69 44.20 44.94
CA ASN A 464 -9.05 43.42 45.99
C ASN A 464 -8.38 42.20 45.38
N VAL A 465 -7.48 41.59 46.15
CA VAL A 465 -6.67 40.49 45.66
C VAL A 465 -6.76 39.29 46.59
N VAL A 466 -7.90 39.12 47.27
CA VAL A 466 -8.10 38.03 48.21
C VAL A 466 -9.35 37.26 47.81
N THR A 467 -9.38 35.97 48.16
CA THR A 467 -10.44 35.07 47.73
C THR A 467 -10.73 34.08 48.85
N ARG A 468 -12.00 33.75 49.02
CA ARG A 468 -12.36 32.57 49.81
C ARG A 468 -13.36 31.69 49.07
N GLU A 469 -14.31 32.28 48.34
CA GLU A 469 -15.41 31.53 47.75
C GLU A 469 -15.19 31.21 46.29
N LEU A 470 -14.34 31.99 45.62
CA LEU A 470 -14.11 31.82 44.19
C LEU A 470 -13.64 30.41 43.86
N PHE A 471 -12.86 29.79 44.76
CA PHE A 471 -12.39 28.44 44.51
C PHE A 471 -13.56 27.47 44.41
N SER A 472 -14.43 27.48 45.42
CA SER A 472 -15.61 26.63 45.38
C SER A 472 -16.48 26.97 44.18
N LYS A 473 -16.46 28.22 43.74
CA LYS A 473 -17.29 28.65 42.62
C LYS A 473 -16.69 28.29 41.26
N SER A 474 -15.42 27.94 41.20
CA SER A 474 -14.73 27.70 39.93
C SER A 474 -13.92 26.41 39.87
N LEU A 475 -13.52 25.83 41.00
CA LEU A 475 -12.75 24.59 40.98
C LEU A 475 -13.53 23.48 40.30
N SER A 476 -14.80 23.32 40.67
CA SER A 476 -15.65 22.32 40.02
C SER A 476 -15.74 22.57 38.52
N ALA A 477 -15.94 23.82 38.11
CA ALA A 477 -15.97 24.17 36.70
C ALA A 477 -14.57 24.23 36.09
N PHE A 478 -13.74 23.23 36.37
CA PHE A 478 -12.39 23.16 35.88
C PHE A 478 -12.08 21.72 35.49
N THR A 479 -11.28 21.55 34.43
CA THR A 479 -10.81 20.23 34.03
C THR A 479 -9.32 20.12 34.26
N PRO A 480 -8.87 19.19 35.11
CA PRO A 480 -7.42 18.99 35.31
C PRO A 480 -6.72 18.71 33.99
N SER A 481 -5.59 19.38 33.78
CA SER A 481 -4.99 19.46 32.45
C SER A 481 -4.73 18.09 31.85
N ALA A 482 -4.28 17.13 32.66
CA ALA A 482 -4.10 15.77 32.17
C ALA A 482 -5.39 14.97 32.16
N LEU A 483 -6.43 15.43 32.88
CA LEU A 483 -7.66 14.67 33.03
C LEU A 483 -8.63 15.10 31.93
N ARG A 484 -8.43 14.54 30.75
CA ARG A 484 -9.53 14.39 29.80
C ARG A 484 -9.31 13.14 28.98
N GLY A 485 -10.41 12.59 28.48
CA GLY A 485 -10.41 11.31 27.79
C GLY A 485 -11.83 10.92 27.45
N VAL A 486 -12.18 9.66 27.70
CA VAL A 486 -13.59 9.27 27.69
C VAL A 486 -14.29 10.06 28.79
N LYS A 487 -15.25 10.89 28.40
CA LYS A 487 -15.80 11.86 29.33
C LYS A 487 -16.66 11.19 30.38
N LEU A 488 -16.38 11.50 31.64
CA LEU A 488 -17.12 10.91 32.75
C LEU A 488 -18.60 11.30 32.67
N THR A 489 -19.47 10.34 33.00
CA THR A 489 -20.91 10.55 32.93
C THR A 489 -21.42 11.20 34.22
N LYS A 490 -20.88 12.38 34.51
CA LYS A 490 -21.28 13.13 35.70
C LYS A 490 -22.62 13.82 35.53
N GLU A 491 -23.23 13.73 34.35
CA GLU A 491 -24.46 14.43 34.04
C GLU A 491 -25.71 13.64 34.40
N THR A 492 -25.59 12.32 34.63
CA THR A 492 -26.74 11.49 34.94
C THR A 492 -27.43 11.93 36.24
N ASN A 493 -26.68 12.54 37.16
CA ASN A 493 -27.18 13.20 38.38
C ASN A 493 -28.14 12.33 39.21
N ILE A 494 -27.98 11.01 39.14
CA ILE A 494 -28.83 10.10 39.92
C ILE A 494 -28.34 10.08 41.37
N LYS A 495 -29.22 10.41 42.30
CA LYS A 495 -28.94 10.28 43.73
C LYS A 495 -29.33 8.88 44.22
N TRP A 496 -28.51 8.32 45.10
CA TRP A 496 -28.81 7.01 45.68
C TRP A 496 -30.16 6.97 46.38
N GLY A 497 -30.66 8.12 46.84
CA GLY A 497 -32.04 8.19 47.29
C GLY A 497 -33.08 7.97 46.20
N ASP A 498 -32.68 8.06 44.93
CA ASP A 498 -33.58 7.68 43.85
C ASP A 498 -33.67 6.18 43.65
N ILE A 499 -32.67 5.41 44.11
CA ILE A 499 -32.65 3.99 43.82
C ILE A 499 -33.54 3.23 44.80
N GLY A 500 -33.57 3.65 46.06
CA GLY A 500 -34.46 3.06 47.05
C GLY A 500 -34.09 1.66 47.51
N ALA A 501 -34.45 0.66 46.71
CA ALA A 501 -34.23 -0.74 47.05
C ALA A 501 -32.81 -1.21 46.78
N LEU A 502 -32.63 -2.54 46.72
CA LEU A 502 -31.34 -3.17 46.45
C LEU A 502 -30.31 -2.85 47.52
N ALA A 503 -30.74 -2.91 48.78
CA ALA A 503 -29.83 -2.75 49.91
C ALA A 503 -28.68 -3.74 49.84
N ASN A 504 -28.99 -5.03 49.68
CA ASN A 504 -27.96 -6.07 49.59
C ASN A 504 -26.88 -5.73 48.57
N ALA A 505 -27.27 -5.09 47.46
CA ALA A 505 -26.29 -4.67 46.47
C ALA A 505 -25.78 -3.26 46.71
N LYS A 506 -26.63 -2.38 47.24
CA LYS A 506 -26.20 -1.00 47.50
C LYS A 506 -25.02 -1.00 48.47
N ASP A 507 -25.13 -1.73 49.57
CA ASP A 507 -24.09 -1.66 50.60
C ASP A 507 -22.75 -2.18 50.10
N VAL A 508 -22.75 -3.28 49.34
CA VAL A 508 -21.51 -3.82 48.79
C VAL A 508 -20.91 -2.87 47.76
N LEU A 509 -21.75 -2.21 46.95
CA LEU A 509 -21.23 -1.19 46.05
C LEU A 509 -20.61 -0.03 46.81
N LEU A 510 -21.32 0.49 47.82
CA LEU A 510 -20.83 1.64 48.56
C LEU A 510 -19.51 1.32 49.27
N GLU A 511 -19.43 0.18 49.93
CA GLU A 511 -18.20 -0.19 50.61
C GLU A 511 -17.05 -0.47 49.65
N THR A 512 -17.29 -1.16 48.53
CA THR A 512 -16.19 -1.47 47.62
C THR A 512 -15.74 -0.26 46.82
N LEU A 513 -16.67 0.40 46.12
CA LEU A 513 -16.31 1.51 45.24
C LEU A 513 -16.18 2.85 45.97
N GLU A 514 -17.19 3.22 46.76
CA GLU A 514 -17.24 4.56 47.35
C GLU A 514 -16.26 4.73 48.50
N TRP A 515 -16.25 3.82 49.46
CA TRP A 515 -15.55 4.06 50.72
C TRP A 515 -14.02 4.11 50.66
N PRO A 516 -13.33 3.32 49.83
CA PRO A 516 -11.86 3.34 49.87
C PRO A 516 -11.23 4.66 49.47
N THR A 517 -11.96 5.56 48.81
CA THR A 517 -11.52 6.94 48.67
C THR A 517 -12.08 7.83 49.77
N LYS A 518 -13.30 7.57 50.23
CA LYS A 518 -13.94 8.40 51.25
C LYS A 518 -13.19 8.36 52.57
N TYR A 519 -12.68 7.19 52.95
CA TYR A 519 -12.10 6.97 54.27
C TYR A 519 -10.64 6.52 54.17
N GLU A 520 -9.89 7.19 53.30
CA GLU A 520 -8.58 6.68 52.88
C GLU A 520 -7.59 6.39 54.01
N PRO A 521 -7.54 7.13 55.13
CA PRO A 521 -6.65 6.69 56.23
C PRO A 521 -7.05 5.35 56.82
N ILE A 522 -8.34 5.07 56.92
CA ILE A 522 -8.77 3.72 57.30
C ILE A 522 -8.30 2.71 56.26
N PHE A 523 -8.42 3.05 54.97
CA PHE A 523 -8.11 2.11 53.90
C PHE A 523 -6.65 2.13 53.46
N VAL A 524 -5.89 3.17 53.81
CA VAL A 524 -4.49 3.22 53.38
C VAL A 524 -3.69 2.10 54.05
N ASN A 525 -3.90 1.87 55.33
CA ASN A 525 -3.13 0.86 56.06
C ASN A 525 -3.60 -0.54 55.66
N CYS A 526 -2.73 -1.52 55.92
CA CYS A 526 -3.02 -2.94 55.78
C CYS A 526 -3.33 -3.26 54.32
N PRO A 527 -2.33 -3.19 53.42
CA PRO A 527 -2.53 -3.59 52.03
C PRO A 527 -2.59 -5.10 51.83
N LEU A 528 -2.66 -5.85 52.94
CA LEU A 528 -2.52 -7.30 52.90
C LEU A 528 -3.52 -7.93 51.94
N ARG A 529 -4.82 -7.68 52.14
CA ARG A 529 -5.86 -8.35 51.38
C ARG A 529 -6.90 -7.32 50.93
N LEU A 530 -7.38 -7.50 49.70
CA LEU A 530 -8.31 -6.57 49.08
C LEU A 530 -8.94 -7.28 47.88
N ARG A 531 -10.02 -6.70 47.36
CA ARG A 531 -10.64 -7.16 46.13
C ARG A 531 -10.73 -6.02 45.12
N SER A 532 -10.26 -6.31 43.90
CA SER A 532 -9.97 -5.27 42.91
C SER A 532 -11.20 -4.83 42.13
N GLY A 533 -12.23 -5.67 42.03
CA GLY A 533 -13.39 -5.31 41.23
C GLY A 533 -14.60 -6.15 41.58
N ILE A 534 -15.74 -5.73 41.04
CA ILE A 534 -17.03 -6.31 41.36
C ILE A 534 -17.77 -6.64 40.07
N LEU A 535 -18.57 -7.70 40.13
CA LEU A 535 -19.38 -8.13 38.99
C LEU A 535 -20.85 -8.16 39.39
N LEU A 536 -21.68 -7.47 38.61
CA LEU A 536 -23.12 -7.43 38.81
C LEU A 536 -23.82 -8.27 37.75
N TYR A 537 -24.93 -8.90 38.13
CA TYR A 537 -25.76 -9.59 37.16
C TYR A 537 -27.11 -9.86 37.80
N GLY A 538 -28.15 -9.90 36.95
CA GLY A 538 -29.49 -10.17 37.43
C GLY A 538 -30.48 -10.09 36.29
N TYR A 539 -31.76 -10.20 36.65
CA TYR A 539 -32.81 -10.04 35.67
C TYR A 539 -32.78 -8.64 35.04
N PRO A 540 -33.21 -8.53 33.78
CA PRO A 540 -33.26 -7.20 33.14
C PRO A 540 -34.26 -6.28 33.81
N GLY A 541 -33.85 -5.03 34.01
CA GLY A 541 -34.71 -4.07 34.67
C GLY A 541 -34.56 -3.95 36.16
N CYS A 542 -33.55 -4.57 36.77
CA CYS A 542 -33.37 -4.50 38.21
C CYS A 542 -32.44 -3.37 38.66
N GLY A 543 -32.38 -2.27 37.92
CA GLY A 543 -31.75 -1.06 38.39
C GLY A 543 -30.24 -1.04 38.42
N LYS A 544 -29.58 -2.15 38.08
CA LYS A 544 -28.12 -2.22 38.23
C LYS A 544 -27.38 -1.27 37.30
N THR A 545 -27.90 -1.01 36.11
CA THR A 545 -27.40 0.12 35.33
C THR A 545 -27.58 1.44 36.08
N LEU A 546 -28.71 1.61 36.76
CA LEU A 546 -28.92 2.85 37.51
C LEU A 546 -28.02 2.91 38.74
N LEU A 547 -27.82 1.77 39.41
CA LEU A 547 -26.78 1.68 40.44
C LEU A 547 -25.44 2.20 39.92
N ALA A 548 -25.01 1.69 38.76
CA ALA A 548 -23.78 2.18 38.12
C ALA A 548 -23.81 3.69 37.90
N SER A 549 -24.91 4.18 37.32
CA SER A 549 -25.04 5.61 37.03
C SER A 549 -24.87 6.44 38.30
N ALA A 550 -25.62 6.12 39.34
CA ALA A 550 -25.51 6.83 40.62
C ALA A 550 -24.08 6.77 41.16
N VAL A 551 -23.51 5.57 41.22
CA VAL A 551 -22.13 5.41 41.66
C VAL A 551 -21.17 6.19 40.76
N ALA A 552 -21.56 6.43 39.51
CA ALA A 552 -20.68 7.16 38.59
C ALA A 552 -20.59 8.64 38.95
N GLN A 553 -21.63 9.21 39.54
CA GLN A 553 -21.79 10.66 39.60
C GLN A 553 -21.73 11.21 41.02
N GLN A 554 -22.46 10.62 41.96
CA GLN A 554 -22.42 11.08 43.34
C GLN A 554 -21.10 10.76 44.02
N CYS A 555 -20.53 9.58 43.74
CA CYS A 555 -19.30 9.17 44.41
C CYS A 555 -18.16 10.18 44.22
N GLY A 556 -18.15 10.91 43.10
CA GLY A 556 -17.06 11.80 42.79
C GLY A 556 -15.85 11.13 42.20
N LEU A 557 -15.76 9.80 42.31
CA LEU A 557 -14.68 9.05 41.68
C LEU A 557 -14.87 9.08 40.17
N ASN A 558 -13.75 9.23 39.44
CA ASN A 558 -13.83 9.29 37.99
C ASN A 558 -14.41 8.00 37.43
N PHE A 559 -15.03 8.09 36.26
CA PHE A 559 -15.81 7.00 35.71
C PHE A 559 -15.65 6.95 34.19
N ILE A 560 -15.15 5.83 33.68
CA ILE A 560 -14.87 5.65 32.26
C ILE A 560 -15.91 4.68 31.71
N SER A 561 -16.66 5.13 30.71
CA SER A 561 -17.86 4.44 30.24
C SER A 561 -17.60 3.79 28.88
N VAL A 562 -16.92 2.63 28.91
CA VAL A 562 -16.78 1.83 27.70
C VAL A 562 -18.01 0.95 27.54
N LYS A 563 -19.15 1.61 27.26
CA LYS A 563 -20.41 0.92 27.06
C LYS A 563 -20.50 0.28 25.67
N GLY A 564 -20.85 -1.00 25.63
CA GLY A 564 -20.87 -1.76 24.40
C GLY A 564 -19.52 -2.16 23.87
N PRO A 565 -19.50 -3.24 23.06
CA PRO A 565 -18.24 -3.75 22.53
C PRO A 565 -17.57 -2.85 21.50
N GLU A 566 -17.26 -1.61 21.91
CA GLU A 566 -16.50 -0.71 21.06
C GLU A 566 -15.01 -1.01 21.09
N ILE A 567 -14.58 -1.93 21.97
CA ILE A 567 -13.17 -2.25 22.12
C ILE A 567 -12.58 -2.75 20.80
N LEU A 568 -13.26 -3.69 20.14
CA LEU A 568 -12.72 -4.27 18.92
C LEU A 568 -12.50 -3.19 17.85
N ASN A 569 -11.63 -3.52 16.89
CA ASN A 569 -11.31 -2.64 15.78
C ASN A 569 -10.97 -3.47 14.55
N LYS A 570 -11.15 -2.87 13.38
CA LYS A 570 -11.00 -3.58 12.11
C LYS A 570 -9.61 -4.22 12.00
N PHE A 571 -8.56 -3.44 12.23
CA PHE A 571 -7.21 -3.82 11.84
C PHE A 571 -6.68 -4.96 12.73
N ILE A 572 -5.63 -5.60 12.22
CA ILE A 572 -4.98 -6.75 12.85
C ILE A 572 -4.56 -6.48 14.29
N GLY A 573 -5.16 -7.23 15.21
CA GLY A 573 -4.83 -7.17 16.63
C GLY A 573 -4.98 -5.81 17.26
N ALA A 574 -5.85 -4.96 16.70
CA ALA A 574 -6.05 -3.62 17.23
C ALA A 574 -6.66 -3.65 18.62
N SER A 575 -7.42 -4.71 18.94
CA SER A 575 -8.04 -4.85 20.25
C SER A 575 -7.03 -4.79 21.38
N GLU A 576 -5.92 -5.53 21.25
CA GLU A 576 -4.87 -5.50 22.27
C GLU A 576 -4.38 -4.09 22.54
N GLN A 577 -3.96 -3.37 21.50
CA GLN A 577 -3.53 -1.99 21.64
C GLN A 577 -4.62 -1.11 22.25
N ASN A 578 -5.87 -1.31 21.82
CA ASN A 578 -7.00 -0.57 22.38
C ASN A 578 -7.11 -0.76 23.89
N ILE A 579 -7.08 -2.01 24.36
CA ILE A 579 -7.13 -2.26 25.80
C ILE A 579 -5.93 -1.66 26.52
N ARG A 580 -4.74 -1.78 25.93
CA ARG A 580 -3.57 -1.11 26.47
C ARG A 580 -3.82 0.38 26.68
N GLU A 581 -4.30 1.06 25.64
CA GLU A 581 -4.63 2.49 25.74
C GLU A 581 -5.69 2.74 26.82
N LEU A 582 -6.74 1.93 26.85
CA LEU A 582 -7.80 2.11 27.83
C LEU A 582 -7.28 2.04 29.26
N PHE A 583 -6.59 0.95 29.60
CA PHE A 583 -6.00 0.82 30.94
C PHE A 583 -4.95 1.90 31.22
N GLU A 584 -4.19 2.29 30.19
CA GLU A 584 -3.24 3.40 30.36
C GLU A 584 -3.96 4.69 30.76
N ARG A 585 -5.04 5.03 30.08
CA ARG A 585 -5.83 6.20 30.46
C ARG A 585 -6.43 6.05 31.85
N ALA A 586 -6.91 4.84 32.16
CA ALA A 586 -7.45 4.57 33.50
C ALA A 586 -6.42 4.85 34.59
N GLN A 587 -5.22 4.28 34.44
CA GLN A 587 -4.13 4.53 35.38
C GLN A 587 -3.74 6.01 35.41
N SER A 588 -3.65 6.65 34.24
CA SER A 588 -3.15 8.02 34.18
C SER A 588 -4.19 9.03 34.61
N VAL A 589 -5.47 8.77 34.35
CA VAL A 589 -6.51 9.45 35.10
C VAL A 589 -6.40 8.99 36.55
N LYS A 590 -6.70 9.91 37.47
CA LYS A 590 -6.75 9.59 38.90
C LYS A 590 -7.79 8.48 39.13
N PRO A 591 -7.83 7.85 40.32
CA PRO A 591 -8.60 6.60 40.48
C PRO A 591 -10.00 6.66 39.89
N CYS A 592 -10.31 5.67 39.06
CA CYS A 592 -11.51 5.66 38.24
C CYS A 592 -12.09 4.25 38.24
N ILE A 593 -13.30 4.12 37.69
CA ILE A 593 -13.95 2.84 37.49
C ILE A 593 -14.05 2.56 35.99
N LEU A 594 -13.49 1.43 35.57
CA LEU A 594 -13.68 0.90 34.22
C LEU A 594 -15.02 0.17 34.16
N PHE A 595 -16.00 0.80 33.52
CA PHE A 595 -17.36 0.27 33.42
C PHE A 595 -17.52 -0.55 32.16
N PHE A 596 -17.64 -1.86 32.32
CA PHE A 596 -18.01 -2.77 31.23
C PHE A 596 -19.45 -3.22 31.43
N ASP A 597 -20.23 -3.18 30.36
CA ASP A 597 -21.61 -3.64 30.34
C ASP A 597 -21.80 -4.54 29.13
N GLU A 598 -22.76 -5.45 29.23
CA GLU A 598 -22.92 -6.54 28.27
C GLU A 598 -21.59 -7.26 28.08
N PHE A 599 -20.99 -7.61 29.22
CA PHE A 599 -19.64 -8.17 29.29
C PHE A 599 -19.47 -9.33 28.31
N ASP A 600 -20.50 -10.17 28.16
CA ASP A 600 -20.46 -11.28 27.22
C ASP A 600 -19.99 -10.84 25.84
N SER A 601 -20.36 -9.62 25.43
CA SER A 601 -20.00 -9.12 24.12
C SER A 601 -18.50 -8.94 23.94
N ILE A 602 -17.75 -8.89 25.04
CA ILE A 602 -16.32 -8.60 24.99
C ILE A 602 -15.46 -9.75 25.52
N ALA A 603 -16.05 -10.75 26.17
CA ALA A 603 -15.30 -11.84 26.78
C ALA A 603 -16.14 -13.11 26.77
N PRO A 604 -16.35 -13.69 25.58
CA PRO A 604 -16.99 -15.02 25.50
C PRO A 604 -16.09 -16.14 25.99
N LYS A 605 -16.59 -17.37 25.97
CA LYS A 605 -15.82 -18.53 26.40
C LYS A 605 -14.55 -18.68 25.56
N ARG A 606 -13.64 -19.53 26.08
CA ARG A 606 -12.32 -19.66 25.47
C ARG A 606 -12.39 -20.19 24.05
N GLY A 607 -13.24 -21.19 23.81
CA GLY A 607 -13.33 -21.85 22.53
C GLY A 607 -13.82 -20.95 21.41
N HIS A 608 -13.15 -21.00 20.26
CA HIS A 608 -13.58 -20.22 19.11
C HIS A 608 -13.08 -20.89 17.83
N ASP A 609 -13.97 -21.02 16.85
CA ASP A 609 -13.58 -21.47 15.51
C ASP A 609 -13.04 -20.33 14.66
N SER A 610 -13.38 -19.09 15.01
CA SER A 610 -12.98 -17.91 14.25
C SER A 610 -11.53 -17.57 14.54
N THR A 611 -11.09 -16.41 14.04
CA THR A 611 -9.76 -15.90 14.33
C THR A 611 -9.56 -15.67 15.82
N GLY A 612 -8.29 -15.57 16.21
CA GLY A 612 -7.89 -15.25 17.56
C GLY A 612 -8.05 -13.80 17.96
N VAL A 613 -8.45 -12.95 17.01
CA VAL A 613 -8.67 -11.53 17.30
C VAL A 613 -9.85 -11.32 18.24
N THR A 614 -10.67 -12.35 18.47
CA THR A 614 -11.80 -12.26 19.38
C THR A 614 -11.56 -12.95 20.71
N ASP A 615 -10.43 -13.65 20.87
CA ASP A 615 -10.10 -14.30 22.13
C ASP A 615 -8.76 -13.86 22.69
N ARG A 616 -7.82 -13.44 21.83
CA ARG A 616 -6.63 -12.73 22.28
C ARG A 616 -6.98 -11.57 23.20
N VAL A 617 -8.12 -10.93 22.93
CA VAL A 617 -8.62 -9.84 23.77
C VAL A 617 -8.83 -10.32 25.20
N VAL A 618 -9.43 -11.49 25.38
CA VAL A 618 -9.62 -12.03 26.73
C VAL A 618 -8.27 -12.27 27.40
N ASN A 619 -7.29 -12.74 26.63
CA ASN A 619 -5.97 -12.99 27.20
C ASN A 619 -5.31 -11.69 27.65
N GLN A 620 -5.41 -10.62 26.84
CA GLN A 620 -4.86 -9.34 27.25
C GLN A 620 -5.55 -8.81 28.50
N LEU A 621 -6.89 -8.96 28.55
CA LEU A 621 -7.64 -8.56 29.74
C LEU A 621 -7.13 -9.28 30.97
N LEU A 622 -7.01 -10.61 30.88
CA LEU A 622 -6.55 -11.40 32.03
C LEU A 622 -5.14 -11.03 32.45
N THR A 623 -4.24 -10.83 31.48
CA THR A 623 -2.87 -10.43 31.84
C THR A 623 -2.85 -9.08 32.54
N GLN A 624 -3.57 -8.10 32.00
CA GLN A 624 -3.62 -6.77 32.59
C GLN A 624 -4.18 -6.81 34.01
N MET A 625 -5.23 -7.60 34.23
CA MET A 625 -5.80 -7.72 35.57
C MET A 625 -4.87 -8.45 36.53
N ASP A 626 -4.29 -9.57 36.09
CA ASP A 626 -3.34 -10.32 36.92
C ASP A 626 -2.18 -9.44 37.36
N GLY A 627 -1.56 -8.71 36.43
CA GLY A 627 -0.47 -7.84 36.79
C GLY A 627 -0.90 -6.74 37.74
N ALA A 628 -1.72 -5.80 37.27
CA ALA A 628 -2.33 -4.76 38.11
C ALA A 628 -1.31 -3.94 38.89
N GLU A 629 -0.04 -3.91 38.43
CA GLU A 629 0.98 -3.15 39.12
C GLU A 629 0.62 -1.67 39.21
N GLY A 630 0.31 -1.05 38.07
CA GLY A 630 -0.17 0.31 38.03
C GLY A 630 -1.66 0.50 38.19
N LEU A 631 -2.39 -0.59 38.40
CA LEU A 631 -3.85 -0.55 38.55
C LEU A 631 -4.28 -0.38 40.00
N ASP A 632 -3.38 0.03 40.89
CA ASP A 632 -3.70 0.32 42.29
C ASP A 632 -4.49 1.63 42.39
N GLY A 633 -5.80 1.52 42.20
CA GLY A 633 -6.67 2.69 42.14
C GLY A 633 -7.79 2.59 41.14
N VAL A 634 -7.70 1.65 40.20
CA VAL A 634 -8.73 1.43 39.19
C VAL A 634 -9.54 0.20 39.60
N TYR A 635 -10.86 0.34 39.66
CA TYR A 635 -11.74 -0.75 40.01
C TYR A 635 -12.61 -1.14 38.81
N ILE A 636 -12.67 -2.44 38.56
CA ILE A 636 -13.53 -3.00 37.50
C ILE A 636 -14.96 -3.09 38.01
N LEU A 637 -15.90 -2.71 37.15
CA LEU A 637 -17.33 -2.91 37.39
C LEU A 637 -17.92 -3.66 36.21
N ALA A 638 -18.20 -4.95 36.41
CA ALA A 638 -18.89 -5.78 35.44
C ALA A 638 -20.39 -5.64 35.65
N ALA A 639 -21.08 -5.02 34.69
CA ALA A 639 -22.45 -4.54 34.90
C ALA A 639 -23.49 -5.62 34.67
N THR A 640 -23.65 -6.06 33.41
CA THR A 640 -24.77 -6.92 33.09
C THR A 640 -24.39 -7.94 32.04
N SER A 641 -24.92 -9.15 32.17
CA SER A 641 -24.66 -10.23 31.24
C SER A 641 -25.71 -11.31 31.44
N ARG A 642 -25.92 -12.13 30.40
CA ARG A 642 -26.51 -13.45 30.57
C ARG A 642 -25.50 -14.38 31.20
N PRO A 643 -25.61 -14.67 32.50
CA PRO A 643 -24.52 -15.34 33.21
C PRO A 643 -24.20 -16.71 32.61
N ASP A 644 -23.00 -17.18 32.92
CA ASP A 644 -22.39 -18.45 32.52
C ASP A 644 -21.89 -18.41 31.08
N LEU A 645 -22.14 -17.32 30.35
CA LEU A 645 -21.49 -17.07 29.07
C LEU A 645 -20.14 -16.38 29.23
N ILE A 646 -19.82 -15.91 30.44
CA ILE A 646 -18.51 -15.31 30.70
C ILE A 646 -17.46 -16.42 30.76
N ASP A 647 -16.22 -16.05 30.44
CA ASP A 647 -15.12 -16.99 30.46
C ASP A 647 -14.74 -17.32 31.91
N SER A 648 -14.93 -18.59 32.28
CA SER A 648 -14.78 -19.01 33.67
C SER A 648 -13.42 -18.65 34.24
N ALA A 649 -12.38 -18.59 33.40
CA ALA A 649 -11.05 -18.26 33.89
C ALA A 649 -10.94 -16.81 34.34
N LEU A 650 -11.96 -15.99 34.09
CA LEU A 650 -11.97 -14.58 34.44
C LEU A 650 -12.68 -14.33 35.77
N LEU A 651 -13.07 -15.39 36.48
CA LEU A 651 -13.86 -15.26 37.69
C LEU A 651 -13.18 -15.81 38.94
N ARG A 652 -11.98 -16.37 38.82
CA ARG A 652 -11.31 -16.92 39.99
C ARG A 652 -10.99 -15.80 40.98
N PRO A 653 -10.88 -16.13 42.27
CA PRO A 653 -10.49 -15.11 43.26
C PRO A 653 -9.21 -14.37 42.92
N GLY A 654 -9.25 -13.05 43.15
CA GLY A 654 -8.17 -12.11 42.88
C GLY A 654 -8.42 -11.18 41.72
N ARG A 655 -9.45 -11.43 40.90
CA ARG A 655 -9.80 -10.52 39.80
C ARG A 655 -11.17 -9.90 39.98
N LEU A 656 -12.23 -10.70 40.13
CA LEU A 656 -13.60 -10.20 40.18
C LEU A 656 -14.33 -10.84 41.34
N ASP A 657 -14.87 -10.00 42.23
CA ASP A 657 -15.88 -10.44 43.18
C ASP A 657 -17.21 -10.64 42.47
N LYS A 658 -17.94 -11.68 42.88
CA LYS A 658 -19.22 -12.05 42.28
C LYS A 658 -20.34 -12.14 43.31
N SER A 659 -20.32 -11.28 44.33
CA SER A 659 -21.26 -11.37 45.44
C SER A 659 -22.58 -10.67 45.17
N VAL A 660 -22.66 -9.85 44.11
CA VAL A 660 -23.82 -9.02 43.83
C VAL A 660 -24.91 -9.89 43.19
N ILE A 661 -25.76 -10.49 44.02
CA ILE A 661 -26.93 -11.22 43.55
C ILE A 661 -28.14 -10.31 43.61
N CYS A 662 -28.79 -10.15 42.46
CA CYS A 662 -30.01 -9.38 42.31
C CYS A 662 -31.15 -10.28 41.86
N ASN A 663 -32.38 -9.92 42.22
CA ASN A 663 -33.54 -10.76 41.99
C ASN A 663 -34.75 -9.87 41.72
N ILE A 664 -35.87 -10.51 41.41
CA ILE A 664 -37.15 -9.82 41.30
C ILE A 664 -37.48 -9.14 42.63
N PRO A 665 -37.72 -7.83 42.63
CA PRO A 665 -38.18 -7.17 43.87
C PRO A 665 -39.52 -7.72 44.30
N THR A 666 -39.54 -8.31 45.49
CA THR A 666 -40.77 -8.83 46.06
C THR A 666 -41.72 -7.68 46.40
N GLU A 667 -42.93 -8.06 46.80
CA GLU A 667 -43.96 -7.08 47.15
C GLU A 667 -43.48 -6.03 48.14
N SER A 668 -42.70 -6.43 49.15
CA SER A 668 -42.28 -5.51 50.21
C SER A 668 -41.43 -4.36 49.68
N GLU A 669 -40.60 -4.60 48.67
CA GLU A 669 -39.66 -3.57 48.21
C GLU A 669 -40.28 -2.61 47.20
N ARG A 670 -41.19 -3.10 46.35
CA ARG A 670 -41.86 -2.23 45.38
C ARG A 670 -42.58 -1.06 46.06
N LEU A 671 -43.01 -1.21 47.32
CA LEU A 671 -43.48 -0.04 48.06
C LEU A 671 -42.45 1.09 48.03
N ASP A 672 -41.24 0.80 48.49
CA ASP A 672 -40.15 1.77 48.45
C ASP A 672 -39.85 2.22 47.02
N ILE A 673 -39.85 1.27 46.08
CA ILE A 673 -39.63 1.62 44.67
C ILE A 673 -40.58 2.74 44.24
N LEU A 674 -41.88 2.53 44.46
CA LEU A 674 -42.89 3.53 44.10
C LEU A 674 -42.68 4.83 44.86
N GLN A 675 -42.45 4.73 46.18
CA GLN A 675 -42.22 5.91 47.01
C GLN A 675 -41.10 6.76 46.45
N ALA A 676 -39.97 6.15 46.11
CA ALA A 676 -38.89 6.88 45.47
C ALA A 676 -39.36 7.46 44.13
N ILE A 677 -39.75 6.59 43.19
CA ILE A 677 -40.03 7.00 41.81
C ILE A 677 -41.03 8.15 41.73
N VAL A 678 -41.95 8.26 42.68
CA VAL A 678 -42.96 9.31 42.59
C VAL A 678 -42.33 10.69 42.77
N ASN A 679 -41.29 10.79 43.62
CA ASN A 679 -40.74 12.09 44.02
C ASN A 679 -39.22 12.17 43.95
N SER A 680 -38.56 11.20 43.32
CA SER A 680 -37.09 11.10 43.34
C SER A 680 -36.51 11.88 42.16
N LYS A 681 -36.46 13.20 42.31
CA LYS A 681 -35.87 14.07 41.29
C LYS A 681 -35.55 15.42 41.92
N ASP A 682 -34.38 15.95 41.57
CA ASP A 682 -33.90 17.25 42.04
C ASP A 682 -33.40 18.16 40.94
N LYS A 683 -33.24 17.65 39.71
CA LYS A 683 -32.81 18.48 38.58
C LYS A 683 -33.72 19.70 38.42
N ASP A 684 -35.03 19.47 38.40
CA ASP A 684 -35.98 20.56 38.37
C ASP A 684 -36.34 20.98 39.80
N THR A 685 -36.82 22.22 39.93
CA THR A 685 -37.18 22.74 41.24
C THR A 685 -38.31 21.94 41.88
N GLY A 686 -39.32 21.56 41.11
CA GLY A 686 -40.42 20.81 41.66
C GLY A 686 -39.98 19.44 42.16
N GLN A 687 -40.23 19.17 43.45
CA GLN A 687 -39.83 17.89 44.03
C GLN A 687 -40.65 16.75 43.46
N LYS A 688 -41.96 16.93 43.35
CA LYS A 688 -42.84 15.85 42.90
C LYS A 688 -42.60 15.58 41.42
N LYS A 689 -41.95 14.45 41.13
CA LYS A 689 -41.87 13.95 39.76
C LYS A 689 -43.26 13.74 39.18
N PHE A 690 -44.12 13.04 39.92
CA PHE A 690 -45.51 12.80 39.57
C PHE A 690 -46.36 13.40 40.67
N ALA A 691 -47.29 14.28 40.28
CA ALA A 691 -48.15 14.95 41.26
C ALA A 691 -49.21 13.95 41.75
N LEU A 692 -48.71 12.94 42.45
CA LEU A 692 -49.52 11.92 43.10
C LEU A 692 -50.27 12.54 44.27
N GLU A 693 -51.60 12.59 44.18
CA GLU A 693 -52.40 13.23 45.22
C GLU A 693 -52.29 12.45 46.52
N LYS A 694 -52.42 13.17 47.64
CA LYS A 694 -52.27 12.56 48.96
C LYS A 694 -53.29 11.44 49.18
N ASN A 695 -54.48 11.58 48.64
CA ASN A 695 -55.51 10.56 48.80
C ASN A 695 -55.16 9.37 47.91
N ALA A 696 -54.40 8.42 48.48
CA ALA A 696 -53.96 7.26 47.72
C ALA A 696 -53.64 6.12 48.69
N ASP A 697 -53.58 4.91 48.15
CA ASP A 697 -53.18 3.72 48.89
C ASP A 697 -52.18 2.93 48.05
N LEU A 698 -50.89 3.24 48.24
CA LEU A 698 -49.82 2.57 47.51
C LEU A 698 -49.80 1.07 47.73
N LYS A 699 -50.35 0.59 48.85
CA LYS A 699 -50.31 -0.84 49.15
C LYS A 699 -51.08 -1.66 48.12
N LEU A 700 -52.25 -1.17 47.70
CA LEU A 700 -53.01 -1.90 46.68
C LEU A 700 -52.23 -1.99 45.37
N ILE A 701 -51.55 -0.91 45.00
CA ILE A 701 -50.66 -0.93 43.84
C ILE A 701 -49.59 -2.01 44.00
N ALA A 702 -48.86 -1.94 45.12
CA ALA A 702 -47.83 -2.92 45.43
C ALA A 702 -48.35 -4.36 45.35
N GLU A 703 -49.61 -4.56 45.71
CA GLU A 703 -50.16 -5.92 45.65
C GLU A 703 -50.53 -6.32 44.22
N LYS A 704 -51.17 -5.42 43.47
CA LYS A 704 -51.76 -5.83 42.20
C LYS A 704 -50.72 -6.00 41.10
N THR A 705 -49.68 -5.16 41.08
CA THR A 705 -48.64 -5.26 40.06
C THR A 705 -48.02 -6.65 39.99
N ALA A 706 -47.96 -7.36 41.12
CA ALA A 706 -47.78 -8.82 41.17
C ALA A 706 -46.57 -9.28 40.35
N GLY A 707 -45.40 -8.87 40.82
CA GLY A 707 -44.13 -9.26 40.22
C GLY A 707 -43.58 -8.39 39.12
N PHE A 708 -44.16 -7.22 38.87
CA PHE A 708 -43.55 -6.27 37.94
C PHE A 708 -42.14 -5.88 38.36
N SER A 709 -41.22 -5.89 37.40
CA SER A 709 -39.86 -5.42 37.65
C SER A 709 -39.84 -3.90 37.73
N GLY A 710 -38.73 -3.36 38.25
CA GLY A 710 -38.58 -1.92 38.37
C GLY A 710 -38.88 -1.14 37.11
N ALA A 711 -38.34 -1.58 35.97
CA ALA A 711 -38.75 -0.99 34.70
C ALA A 711 -40.25 -1.10 34.47
N ASP A 712 -40.85 -2.23 34.84
CA ASP A 712 -42.29 -2.37 34.70
C ASP A 712 -43.03 -1.37 35.58
N LEU A 713 -42.59 -1.20 36.83
CA LEU A 713 -43.18 -0.17 37.69
C LEU A 713 -43.09 1.22 37.07
N GLN A 714 -41.90 1.61 36.61
CA GLN A 714 -41.75 2.93 35.99
C GLN A 714 -42.66 3.09 34.77
N GLY A 715 -42.75 2.05 33.94
CA GLY A 715 -43.68 2.09 32.82
C GLY A 715 -45.14 2.22 33.24
N LEU A 716 -45.53 1.46 34.26
CA LEU A 716 -46.87 1.58 34.83
C LEU A 716 -47.17 3.00 35.29
N CYS A 717 -46.25 3.58 36.07
CA CYS A 717 -46.42 4.96 36.53
C CYS A 717 -46.57 5.92 35.35
N TYR A 718 -45.69 5.82 34.37
CA TYR A 718 -45.81 6.67 33.18
C TYR A 718 -47.16 6.48 32.49
N ASN A 719 -47.59 5.22 32.33
CA ASN A 719 -48.90 4.94 31.72
C ASN A 719 -50.04 5.61 32.49
N ALA A 720 -50.04 5.46 33.81
CA ALA A 720 -51.03 6.16 34.64
C ALA A 720 -50.99 7.67 34.41
N TYR A 721 -49.79 8.25 34.44
CA TYR A 721 -49.63 9.67 34.14
C TYR A 721 -50.24 10.03 32.78
N LEU A 722 -49.94 9.23 31.76
CA LEU A 722 -50.40 9.53 30.41
C LEU A 722 -51.93 9.46 30.32
N LYS A 723 -52.54 8.45 30.92
CA LYS A 723 -54.00 8.38 30.90
C LYS A 723 -54.61 9.54 31.66
N SER A 724 -54.03 9.90 32.81
CA SER A 724 -54.57 11.01 33.59
C SER A 724 -54.46 12.32 32.83
N VAL A 725 -53.31 12.57 32.19
CA VAL A 725 -53.14 13.81 31.44
C VAL A 725 -54.05 13.82 30.22
N HIS A 726 -54.26 12.66 29.59
CA HIS A 726 -55.22 12.57 28.49
C HIS A 726 -56.61 12.97 28.94
N ARG A 727 -57.05 12.42 30.08
CA ARG A 727 -58.37 12.77 30.61
C ARG A 727 -58.46 14.24 30.95
N TRP A 728 -57.41 14.79 31.57
CA TRP A 728 -57.42 16.22 31.92
C TRP A 728 -57.51 17.08 30.67
N LEU A 729 -56.72 16.76 29.64
CA LEU A 729 -56.77 17.53 28.40
C LEU A 729 -58.14 17.43 27.75
N SER A 730 -58.75 16.24 27.76
CA SER A 730 -60.08 16.09 27.21
C SER A 730 -61.09 16.97 27.96
N ALA A 731 -60.97 17.03 29.29
CA ALA A 731 -61.90 17.81 30.09
C ALA A 731 -61.65 19.30 30.00
N ALA A 732 -60.42 19.71 29.69
CA ALA A 732 -60.02 21.11 29.73
C ALA A 732 -60.13 21.82 28.38
N ASP A 733 -60.72 21.17 27.37
CA ASP A 733 -60.73 21.75 26.03
C ASP A 733 -61.47 23.08 26.01
N GLN A 734 -62.62 23.15 26.68
CA GLN A 734 -63.48 24.33 26.62
C GLN A 734 -63.15 25.36 27.68
N SER A 735 -62.18 25.09 28.56
CA SER A 735 -61.86 26.01 29.65
C SER A 735 -61.37 27.35 29.14
N GLU A 736 -60.52 27.35 28.11
CA GLU A 736 -59.95 28.57 27.58
C GLU A 736 -60.74 29.18 26.44
N VAL A 737 -61.85 28.57 26.02
CA VAL A 737 -62.64 29.05 24.91
C VAL A 737 -63.83 29.87 25.37
N VAL A 738 -64.56 29.38 26.38
CA VAL A 738 -65.78 30.06 26.83
C VAL A 738 -65.52 31.45 27.41
N PRO A 739 -64.54 31.69 28.29
CA PRO A 739 -64.49 32.98 28.98
C PRO A 739 -64.16 34.13 28.04
N GLY A 740 -64.68 35.30 28.39
CA GLY A 740 -64.41 36.49 27.62
C GLY A 740 -63.01 37.02 27.86
N ASN A 741 -62.55 37.87 26.94
CA ASN A 741 -61.23 38.47 27.02
C ASN A 741 -61.36 39.98 27.22
N ASP A 742 -60.71 40.49 28.25
CA ASP A 742 -60.71 41.92 28.56
C ASP A 742 -59.34 42.56 28.38
N ASN A 743 -58.38 41.85 27.77
CA ASN A 743 -57.05 42.41 27.56
C ASN A 743 -57.07 43.59 26.59
N ILE A 744 -58.14 43.77 25.83
CA ILE A 744 -58.25 44.89 24.91
C ILE A 744 -59.73 45.15 24.68
N GLU A 745 -60.05 46.40 24.36
CA GLU A 745 -61.43 46.83 24.18
C GLU A 745 -61.66 47.26 22.73
N TYR A 746 -62.84 46.93 22.20
CA TYR A 746 -63.13 47.04 20.78
C TYR A 746 -64.50 47.70 20.60
N PHE A 747 -64.61 48.55 19.58
CA PHE A 747 -65.81 49.35 19.36
C PHE A 747 -66.73 48.81 18.28
N SER A 748 -66.16 48.22 17.22
CA SER A 748 -66.93 47.54 16.17
C SER A 748 -67.90 48.49 15.46
N ILE A 749 -67.33 49.46 14.76
CA ILE A 749 -68.10 50.32 13.88
C ILE A 749 -67.83 49.90 12.44
N ASN A 750 -68.81 50.16 11.56
CA ASN A 750 -68.72 49.77 10.15
C ASN A 750 -68.48 48.27 9.99
N GLU A 751 -69.18 47.47 10.79
CA GLU A 751 -69.03 46.02 10.71
C GLU A 751 -70.02 45.37 9.76
N HIS A 752 -70.90 46.15 9.14
CA HIS A 752 -71.89 45.58 8.24
C HIS A 752 -71.22 45.01 6.99
N GLY A 753 -71.88 44.03 6.39
CA GLY A 753 -71.36 43.38 5.20
C GLY A 753 -70.33 42.30 5.46
N ARG A 754 -70.04 41.99 6.72
CA ARG A 754 -69.07 40.95 7.07
C ARG A 754 -69.80 39.79 7.72
N ARG A 755 -69.68 38.60 7.13
CA ARG A 755 -70.30 37.42 7.72
C ARG A 755 -69.55 36.91 8.94
N GLU A 756 -68.22 36.98 8.91
CA GLU A 756 -67.43 36.52 10.04
C GLU A 756 -67.50 37.50 11.20
N GLU A 757 -67.76 36.98 12.40
CA GLU A 757 -67.86 37.80 13.61
C GLU A 757 -66.81 37.42 14.64
N ASN A 758 -66.74 36.15 15.02
CA ASN A 758 -65.82 35.74 16.09
C ASN A 758 -64.38 35.72 15.60
N ARG A 759 -64.16 35.19 14.38
CA ARG A 759 -62.83 35.16 13.82
C ARG A 759 -62.29 36.57 13.60
N LEU A 760 -63.14 37.50 13.16
CA LEU A 760 -62.70 38.87 12.97
C LEU A 760 -62.32 39.51 14.31
N ARG A 761 -63.09 39.24 15.36
CA ARG A 761 -62.72 39.73 16.68
C ARG A 761 -61.38 39.17 17.12
N LEU A 762 -61.17 37.86 16.92
CA LEU A 762 -59.91 37.24 17.28
C LEU A 762 -58.75 37.85 16.50
N LYS A 763 -58.96 38.13 15.21
CA LYS A 763 -57.91 38.71 14.39
C LYS A 763 -57.60 40.15 14.83
N THR A 764 -58.62 40.89 15.24
CA THR A 764 -58.38 42.23 15.78
C THR A 764 -57.57 42.16 17.06
N LEU A 765 -57.95 41.25 17.97
CA LEU A 765 -57.20 41.08 19.20
C LEU A 765 -55.76 40.66 18.92
N LEU A 766 -55.56 39.79 17.92
CA LEU A 766 -54.20 39.37 17.59
C LEU A 766 -53.40 40.52 16.96
N GLN A 767 -54.05 41.37 16.19
CA GLN A 767 -53.39 42.56 15.67
C GLN A 767 -52.91 43.46 16.80
N GLN A 768 -53.81 43.74 17.75
CA GLN A 768 -53.42 44.58 18.88
C GLN A 768 -52.29 43.93 19.68
N ASP A 769 -52.38 42.61 19.90
CA ASP A 769 -51.34 41.91 20.65
C ASP A 769 -50.01 41.97 19.91
N VAL A 770 -50.04 41.88 18.58
CA VAL A 770 -48.81 42.04 17.79
C VAL A 770 -48.23 43.43 18.01
N VAL A 771 -49.09 44.46 18.00
CA VAL A 771 -48.61 45.81 18.29
C VAL A 771 -48.07 45.91 19.72
N HIS A 772 -48.57 45.08 20.64
CA HIS A 772 -48.16 45.11 22.04
C HIS A 772 -47.67 43.75 22.51
N GLU A 773 -46.83 43.09 21.71
CA GLU A 773 -46.37 41.75 22.03
C GLU A 773 -45.31 41.76 23.12
N THR A 774 -45.41 40.79 24.02
CA THR A 774 -44.44 40.59 25.10
C THR A 774 -44.20 39.09 25.25
N LYS A 775 -43.00 38.74 25.71
CA LYS A 775 -42.58 37.35 25.78
C LYS A 775 -42.79 36.72 27.15
N THR A 776 -42.84 37.52 28.22
CA THR A 776 -42.95 36.99 29.57
C THR A 776 -44.28 36.26 29.76
N SER A 777 -44.24 35.18 30.54
CA SER A 777 -45.42 34.39 30.86
C SER A 777 -45.40 34.05 32.34
N THR A 778 -46.59 33.82 32.90
CA THR A 778 -46.73 33.53 34.32
C THR A 778 -46.83 32.02 34.54
N SER A 779 -46.44 31.59 35.74
CA SER A 779 -46.49 30.19 36.10
C SER A 779 -47.91 29.78 36.51
N ALA A 780 -48.09 28.48 36.69
CA ALA A 780 -49.39 27.93 37.05
C ALA A 780 -49.19 26.78 38.04
N ALA A 781 -50.23 26.50 38.81
CA ALA A 781 -50.18 25.41 39.77
C ALA A 781 -50.01 24.07 39.07
N SER A 782 -49.17 23.21 39.64
CA SER A 782 -48.85 21.94 39.00
C SER A 782 -50.08 21.05 38.90
N GLU A 783 -50.90 21.02 39.94
CA GLU A 783 -52.04 20.09 39.97
C GLU A 783 -53.02 20.35 38.84
N LEU A 784 -53.19 21.61 38.45
CA LEU A 784 -54.12 21.96 37.37
C LEU A 784 -53.47 21.90 36.00
N THR A 785 -52.18 21.55 35.91
CA THR A 785 -51.57 21.19 34.65
C THR A 785 -51.63 19.67 34.41
N ALA A 786 -51.20 18.89 35.40
CA ALA A 786 -51.27 17.44 35.33
C ALA A 786 -51.27 16.90 36.75
N VAL A 787 -52.01 15.82 36.96
CA VAL A 787 -52.16 15.22 38.29
C VAL A 787 -52.34 13.72 38.14
N VAL A 788 -51.85 12.99 39.14
CA VAL A 788 -51.88 11.53 39.16
C VAL A 788 -52.98 11.08 40.11
N THR A 789 -53.78 10.11 39.68
CA THR A 789 -54.85 9.57 40.50
C THR A 789 -54.83 8.04 40.42
N ILE A 790 -55.25 7.41 41.52
CA ILE A 790 -55.22 5.95 41.61
C ILE A 790 -56.26 5.29 40.72
N ASN A 791 -57.39 5.94 40.46
CA ASN A 791 -58.42 5.31 39.62
C ASN A 791 -57.85 4.91 38.26
N ASP A 792 -57.09 5.80 37.63
CA ASP A 792 -56.47 5.47 36.34
C ASP A 792 -55.25 4.59 36.53
N LEU A 793 -54.55 4.73 37.66
CA LEU A 793 -53.37 3.91 37.95
C LEU A 793 -53.73 2.43 37.97
N LEU A 794 -54.80 2.08 38.67
CA LEU A 794 -55.22 0.68 38.76
C LEU A 794 -55.61 0.12 37.39
N GLU A 795 -56.33 0.92 36.58
CA GLU A 795 -56.66 0.47 35.24
C GLU A 795 -55.40 0.25 34.41
N ALA A 796 -54.44 1.17 34.52
CA ALA A 796 -53.16 0.99 33.83
C ALA A 796 -52.47 -0.30 34.27
N CYS A 797 -52.50 -0.59 35.57
CA CYS A 797 -52.01 -1.88 36.05
C CYS A 797 -52.78 -3.04 35.46
N GLN A 798 -54.07 -2.86 35.17
CA GLN A 798 -54.85 -3.94 34.58
C GLN A 798 -54.29 -4.39 33.24
N GLU A 799 -53.89 -3.44 32.38
CA GLU A 799 -53.26 -3.75 31.10
C GLU A 799 -51.80 -4.11 31.36
N THR A 800 -51.61 -5.32 31.87
CA THR A 800 -50.28 -5.78 32.28
C THR A 800 -49.34 -5.93 31.08
N LYS A 801 -48.05 -5.82 31.36
CA LYS A 801 -47.00 -5.96 30.36
C LYS A 801 -45.70 -6.50 30.97
N PRO A 802 -45.75 -7.64 31.66
CA PRO A 802 -44.55 -8.12 32.37
C PRO A 802 -43.39 -8.35 31.43
N SER A 803 -42.29 -7.62 31.67
CA SER A 803 -41.11 -7.70 30.82
C SER A 803 -40.57 -9.13 30.74
N ILE A 804 -40.25 -9.71 31.89
CA ILE A 804 -39.74 -11.08 31.94
C ILE A 804 -40.71 -12.04 31.26
N SER A 805 -40.18 -12.80 30.31
CA SER A 805 -40.93 -13.87 29.67
C SER A 805 -41.26 -14.95 30.70
N THR A 806 -42.56 -15.25 30.86
CA THR A 806 -42.97 -16.20 31.90
C THR A 806 -42.38 -17.58 31.64
N SER A 807 -42.29 -18.00 30.38
CA SER A 807 -41.68 -19.28 30.08
C SER A 807 -40.16 -19.25 30.28
N GLU A 808 -39.56 -18.06 30.28
CA GLU A 808 -38.12 -17.90 30.38
C GLU A 808 -37.63 -17.60 31.79
N LEU A 809 -38.53 -17.19 32.69
CA LEU A 809 -38.14 -16.94 34.08
C LEU A 809 -37.52 -18.16 34.73
N VAL A 810 -38.10 -19.34 34.51
CA VAL A 810 -37.55 -20.58 35.06
C VAL A 810 -36.11 -20.80 34.58
N LYS A 811 -35.90 -20.73 33.27
CA LYS A 811 -34.56 -20.88 32.69
C LYS A 811 -33.58 -19.87 33.28
N LEU A 812 -33.98 -18.59 33.32
CA LEU A 812 -33.13 -17.56 33.89
C LEU A 812 -32.80 -17.84 35.35
N ARG A 813 -33.79 -18.22 36.14
CA ARG A 813 -33.54 -18.59 37.54
C ARG A 813 -32.52 -19.71 37.64
N GLY A 814 -32.72 -20.77 36.86
CA GLY A 814 -31.76 -21.88 36.85
C GLY A 814 -30.34 -21.47 36.51
N ILE A 815 -30.17 -20.73 35.41
CA ILE A 815 -28.83 -20.28 35.02
C ILE A 815 -28.22 -19.35 36.07
N TYR A 816 -29.01 -18.42 36.62
CA TYR A 816 -28.53 -17.56 37.70
C TYR A 816 -28.04 -18.36 38.90
N ASP A 817 -28.84 -19.32 39.36
CA ASP A 817 -28.42 -20.20 40.45
C ASP A 817 -27.13 -20.95 40.11
N ARG A 818 -27.04 -21.53 38.91
CA ARG A 818 -25.83 -22.25 38.54
C ARG A 818 -24.61 -21.34 38.53
N PHE A 819 -24.75 -20.12 38.02
CA PHE A 819 -23.67 -19.14 38.13
C PHE A 819 -23.31 -18.85 39.58
N GLN A 820 -24.32 -18.64 40.42
CA GLN A 820 -24.07 -18.24 41.81
C GLN A 820 -23.34 -19.32 42.59
N LYS A 821 -23.80 -20.58 42.47
CA LYS A 821 -23.20 -21.64 43.26
C LYS A 821 -21.83 -22.03 42.72
N ASP A 822 -21.69 -22.14 41.40
CA ASP A 822 -20.42 -22.51 40.78
C ASP A 822 -19.93 -21.35 39.94
N ARG A 823 -18.69 -20.91 40.18
CA ARG A 823 -18.09 -19.78 39.47
C ARG A 823 -18.92 -18.52 39.66
N MET B 1 -39.20 62.82 -10.58
CA MET B 1 -39.09 64.26 -10.84
C MET B 1 -38.79 64.99 -9.53
N LYS B 2 -37.98 66.03 -9.61
CA LYS B 2 -37.56 66.79 -8.44
C LYS B 2 -38.35 68.08 -8.32
N ALA B 3 -38.96 68.30 -7.16
CA ALA B 3 -39.84 69.44 -6.92
C ALA B 3 -39.40 70.19 -5.67
N SER B 4 -39.40 71.52 -5.76
CA SER B 4 -39.10 72.36 -4.61
C SER B 4 -40.15 72.16 -3.51
N LEU B 5 -39.71 72.28 -2.26
CA LEU B 5 -40.51 71.89 -1.11
C LEU B 5 -40.65 73.04 -0.12
N THR B 6 -41.82 73.12 0.49
CA THR B 6 -42.07 73.98 1.64
C THR B 6 -43.25 73.39 2.40
N PHE B 7 -43.41 73.81 3.65
CA PHE B 7 -44.37 73.19 4.56
C PHE B 7 -45.38 74.22 5.06
N SER B 8 -46.52 73.70 5.50
CA SER B 8 -47.59 74.52 6.08
C SER B 8 -48.21 73.77 7.24
N LEU B 9 -48.98 74.50 8.05
CA LEU B 9 -49.65 73.94 9.21
C LEU B 9 -51.06 73.45 8.90
N SER B 10 -51.36 73.13 7.64
CA SER B 10 -52.69 72.69 7.26
C SER B 10 -52.99 71.30 7.81
N GLY B 11 -54.21 70.83 7.57
CA GLY B 11 -54.60 69.52 8.04
C GLY B 11 -53.90 68.40 7.29
N ILE B 12 -53.95 67.21 7.89
CA ILE B 12 -53.26 66.07 7.29
C ILE B 12 -53.85 65.74 5.92
N TYR B 13 -55.17 65.86 5.78
CA TYR B 13 -55.84 65.52 4.53
C TYR B 13 -56.10 66.72 3.64
N ALA B 14 -55.55 67.89 4.00
CA ALA B 14 -55.71 69.07 3.17
C ALA B 14 -55.04 68.85 1.81
N PRO B 15 -55.67 69.28 0.71
CA PRO B 15 -55.06 69.08 -0.61
C PRO B 15 -53.72 69.78 -0.72
N CYS B 16 -52.78 69.13 -1.40
CA CYS B 16 -51.42 69.63 -1.52
C CYS B 16 -51.30 70.47 -2.78
N SER B 17 -51.01 71.76 -2.61
CA SER B 17 -50.86 72.65 -3.75
C SER B 17 -49.68 72.22 -4.61
N ILE B 18 -49.90 72.20 -5.94
CA ILE B 18 -48.85 71.84 -6.89
C ILE B 18 -48.79 72.92 -7.95
N SER B 19 -47.59 73.17 -8.45
CA SER B 19 -47.36 74.22 -9.43
C SER B 19 -48.11 73.94 -10.73
N ARG B 20 -48.42 75.01 -11.47
CA ARG B 20 -49.20 74.90 -12.70
C ARG B 20 -48.48 74.05 -13.75
N ASP B 21 -47.16 74.23 -13.90
CA ASP B 21 -46.43 73.51 -14.94
C ASP B 21 -46.59 72.00 -14.80
N ILE B 22 -46.35 71.47 -13.60
CA ILE B 22 -46.47 70.04 -13.39
C ILE B 22 -47.92 69.59 -13.50
N TYR B 23 -48.84 70.38 -12.92
CA TYR B 23 -50.25 70.02 -12.96
C TYR B 23 -50.77 69.91 -14.39
N LEU B 24 -50.21 70.70 -15.31
CA LEU B 24 -50.68 70.72 -16.69
C LEU B 24 -49.94 69.70 -17.56
N GLU B 25 -48.60 69.78 -17.59
CA GLU B 25 -47.85 68.95 -18.53
C GLU B 25 -47.79 67.49 -18.11
N TYR B 26 -47.97 67.19 -16.82
CA TYR B 26 -47.93 65.84 -16.31
C TYR B 26 -49.20 65.42 -15.58
N GLY B 27 -49.85 66.34 -14.88
CA GLY B 27 -51.10 66.00 -14.21
C GLY B 27 -52.17 65.62 -15.21
N ASP B 28 -53.01 64.66 -14.82
CA ASP B 28 -54.07 64.18 -15.70
C ASP B 28 -55.23 65.16 -15.67
N LYS B 29 -55.58 65.69 -16.85
CA LYS B 29 -56.66 66.67 -16.94
C LYS B 29 -58.03 66.04 -16.75
N LYS B 30 -58.17 64.74 -17.01
CA LYS B 30 -59.46 64.09 -16.88
C LYS B 30 -59.79 63.72 -15.44
N ALA B 31 -58.80 63.72 -14.56
CA ALA B 31 -59.01 63.28 -13.18
C ALA B 31 -59.80 64.33 -12.41
N GLU B 32 -60.84 63.89 -11.71
CA GLU B 32 -61.58 64.80 -10.83
C GLU B 32 -60.73 65.19 -9.63
N CYS B 33 -60.00 64.23 -9.06
CA CYS B 33 -59.09 64.47 -7.94
C CYS B 33 -57.75 63.85 -8.27
N LEU B 34 -56.73 64.67 -8.42
CA LEU B 34 -55.42 64.18 -8.84
C LEU B 34 -54.63 63.69 -7.62
N TYR B 35 -53.99 62.55 -7.77
CA TYR B 35 -53.19 61.94 -6.71
C TYR B 35 -51.76 61.74 -7.17
N GLY B 36 -50.80 62.07 -6.30
CA GLY B 36 -49.39 61.85 -6.57
C GLY B 36 -48.72 61.18 -5.39
N THR B 37 -47.42 60.96 -5.53
CA THR B 37 -46.62 60.32 -4.49
C THR B 37 -45.32 61.10 -4.30
N ILE B 38 -44.90 61.21 -3.05
CA ILE B 38 -43.74 62.00 -2.67
C ILE B 38 -42.77 61.11 -1.90
N ARG B 39 -41.47 61.30 -2.13
CA ARG B 39 -40.42 60.64 -1.38
C ARG B 39 -39.57 61.70 -0.69
N LEU B 40 -39.40 61.56 0.62
CA LEU B 40 -38.55 62.46 1.38
C LEU B 40 -37.13 61.89 1.43
N PRO B 41 -36.14 62.58 0.86
CA PRO B 41 -34.74 62.13 0.97
C PRO B 41 -34.12 62.54 2.30
N GLN B 42 -33.60 61.55 3.03
CA GLN B 42 -33.14 61.74 4.40
C GLN B 42 -31.79 61.08 4.58
N TYR B 43 -31.08 61.50 5.62
CA TYR B 43 -29.72 61.04 5.87
C TYR B 43 -29.77 59.57 6.29
N GLY B 44 -29.59 58.68 5.32
CA GLY B 44 -29.60 57.26 5.57
C GLY B 44 -29.08 56.48 4.38
N PRO B 45 -29.04 55.15 4.51
CA PRO B 45 -28.51 54.31 3.42
C PRO B 45 -29.46 54.16 2.24
N GLY B 46 -30.65 54.75 2.29
CA GLY B 46 -31.56 54.64 1.18
C GLY B 46 -32.71 55.62 1.32
N CYS B 47 -33.37 55.87 0.19
CA CYS B 47 -34.53 56.76 0.18
C CYS B 47 -35.72 56.12 0.89
N THR B 48 -36.59 56.97 1.44
CA THR B 48 -37.73 56.49 2.18
C THR B 48 -38.77 55.91 1.22
N PRO B 49 -39.59 54.97 1.66
CA PRO B 49 -40.70 54.51 0.83
C PRO B 49 -41.66 55.67 0.52
N GLY B 50 -42.19 55.67 -0.69
CA GLY B 50 -43.04 56.77 -1.12
C GLY B 50 -44.33 56.84 -0.34
N LYS B 51 -44.79 58.07 -0.13
CA LYS B 51 -46.08 58.35 0.48
C LYS B 51 -46.98 59.06 -0.54
N ILE B 52 -48.23 58.61 -0.63
CA ILE B 52 -49.18 59.13 -1.60
C ILE B 52 -49.89 60.33 -1.00
N VAL B 53 -50.34 61.24 -1.87
CA VAL B 53 -51.01 62.47 -1.46
C VAL B 53 -51.96 62.89 -2.58
N HIS B 54 -52.95 63.70 -2.22
CA HIS B 54 -53.86 64.31 -3.17
C HIS B 54 -53.46 65.75 -3.40
N CYS B 55 -53.44 66.17 -4.67
CA CYS B 55 -52.95 67.49 -5.04
C CYS B 55 -53.97 68.20 -5.92
N VAL B 56 -53.87 69.54 -5.94
CA VAL B 56 -54.75 70.39 -6.73
C VAL B 56 -53.94 71.54 -7.30
N LEU B 57 -54.47 72.13 -8.37
CA LEU B 57 -53.79 73.24 -9.03
C LEU B 57 -53.66 74.45 -8.11
N ASP B 58 -52.53 75.15 -8.23
CA ASP B 58 -52.29 76.37 -7.47
C ASP B 58 -51.34 77.24 -8.29
N ASP B 59 -51.83 78.39 -8.76
CA ASP B 59 -51.03 79.27 -9.59
C ASP B 59 -49.97 80.03 -8.79
N SER B 60 -50.15 80.17 -7.48
CA SER B 60 -49.20 80.93 -6.67
C SER B 60 -47.86 80.24 -6.49
N LEU B 61 -47.74 78.97 -6.85
CA LEU B 61 -46.49 78.26 -6.61
C LEU B 61 -45.50 78.53 -7.74
N PRO B 62 -44.23 78.78 -7.41
CA PRO B 62 -43.21 78.98 -8.45
C PRO B 62 -42.91 77.72 -9.24
N PHE B 63 -41.93 77.82 -10.14
CA PHE B 63 -41.57 76.71 -11.02
C PHE B 63 -41.23 75.46 -10.22
N CYS B 64 -41.89 74.35 -10.55
CA CYS B 64 -41.63 73.03 -9.97
C CYS B 64 -41.49 73.08 -8.45
N SER B 65 -42.57 73.50 -7.80
CA SER B 65 -42.59 73.58 -6.34
C SER B 65 -43.92 73.01 -5.82
N ILE B 66 -43.87 72.53 -4.58
CA ILE B 66 -45.03 71.92 -3.94
C ILE B 66 -45.12 72.43 -2.50
N VAL B 67 -46.32 72.37 -1.94
CA VAL B 67 -46.58 72.72 -0.55
C VAL B 67 -47.36 71.58 0.09
N VAL B 68 -46.93 71.14 1.27
CA VAL B 68 -47.55 70.01 1.94
C VAL B 68 -47.67 70.32 3.43
N PRO B 69 -48.61 69.66 4.12
CA PRO B 69 -48.73 69.85 5.57
C PRO B 69 -47.61 69.14 6.31
N SER B 70 -46.89 69.89 7.15
CA SER B 70 -45.85 69.30 7.97
C SER B 70 -46.39 68.25 8.94
N LYS B 71 -47.67 68.33 9.30
CA LYS B 71 -48.26 67.37 10.21
C LYS B 71 -48.36 65.97 9.61
N LEU B 72 -48.22 65.84 8.29
CA LEU B 72 -48.12 64.53 7.66
C LEU B 72 -46.86 63.77 8.07
N PHE B 73 -45.89 64.44 8.68
CA PHE B 73 -44.67 63.79 9.13
C PHE B 73 -44.37 64.11 10.60
N GLY B 74 -45.36 64.60 11.35
CA GLY B 74 -45.21 64.77 12.78
C GLY B 74 -44.23 65.83 13.23
N PHE B 75 -44.32 67.02 12.64
CA PHE B 75 -43.51 68.15 13.08
C PHE B 75 -44.14 69.45 12.59
N MET B 76 -43.49 70.55 12.92
CA MET B 76 -43.86 71.90 12.51
C MET B 76 -42.66 72.59 11.90
N PRO B 77 -42.88 73.56 10.98
CA PRO B 77 -41.78 74.21 10.27
C PRO B 77 -41.14 75.38 11.02
N THR B 78 -40.89 75.20 12.32
CA THR B 78 -40.19 76.23 13.08
C THR B 78 -38.71 76.27 12.77
N GLN B 79 -38.07 75.10 12.67
CA GLN B 79 -36.66 75.02 12.31
C GLN B 79 -36.52 74.99 10.80
N PRO B 80 -35.31 75.20 10.27
CA PRO B 80 -35.13 75.17 8.81
C PRO B 80 -35.64 73.89 8.18
N THR B 81 -36.50 74.03 7.18
CA THR B 81 -37.15 72.92 6.52
C THR B 81 -36.38 72.52 5.27
N MET B 82 -36.66 71.31 4.77
CA MET B 82 -36.03 70.85 3.55
C MET B 82 -36.63 71.58 2.35
N ASP B 83 -35.84 71.66 1.28
CA ASP B 83 -36.17 72.51 0.13
C ASP B 83 -36.57 71.73 -1.12
N PHE B 84 -36.51 70.40 -1.13
CA PHE B 84 -36.93 69.67 -2.31
C PHE B 84 -37.29 68.24 -1.94
N CYS B 85 -38.05 67.60 -2.83
CA CYS B 85 -38.42 66.20 -2.72
C CYS B 85 -38.43 65.59 -4.12
N TYR B 86 -38.63 64.28 -4.17
CA TYR B 86 -38.89 63.59 -5.44
C TYR B 86 -40.37 63.28 -5.53
N PHE B 87 -40.96 63.62 -6.68
CA PHE B 87 -42.41 63.53 -6.86
C PHE B 87 -42.71 62.92 -8.21
N GLU B 88 -43.85 62.23 -8.30
CA GLU B 88 -44.32 61.70 -9.55
C GLU B 88 -45.84 61.66 -9.50
N PRO B 89 -46.53 62.25 -10.48
CA PRO B 89 -47.99 62.08 -10.55
C PRO B 89 -48.35 60.72 -11.12
N ILE B 90 -49.22 60.00 -10.40
CA ILE B 90 -49.56 58.64 -10.79
C ILE B 90 -50.19 58.62 -12.17
N LEU B 91 -49.66 57.79 -13.06
CA LEU B 91 -50.27 57.62 -14.37
C LEU B 91 -51.58 56.86 -14.23
N ASP B 92 -52.62 57.36 -14.89
CA ASP B 92 -53.98 56.83 -14.87
C ASP B 92 -54.65 57.02 -13.51
N ASN B 93 -53.98 57.69 -12.56
CA ASN B 93 -54.52 57.98 -11.23
C ASN B 93 -55.04 56.72 -10.53
N VAL B 94 -54.27 55.64 -10.67
CA VAL B 94 -54.64 54.37 -10.04
C VAL B 94 -54.30 54.43 -8.55
N VAL B 95 -55.26 54.06 -7.72
CA VAL B 95 -55.08 53.95 -6.27
C VAL B 95 -55.94 52.79 -5.76
N PRO B 96 -55.51 52.07 -4.73
CA PRO B 96 -56.35 50.99 -4.17
C PRO B 96 -57.25 51.48 -3.05
N VAL B 97 -58.29 50.69 -2.79
CA VAL B 97 -59.25 50.97 -1.73
C VAL B 97 -59.12 49.89 -0.67
N LEU B 98 -58.86 50.31 0.58
CA LEU B 98 -58.67 49.38 1.67
C LEU B 98 -60.01 48.86 2.18
N ASP B 99 -60.08 47.54 2.41
CA ASP B 99 -61.31 46.95 2.93
C ASP B 99 -61.49 47.23 4.42
N SER B 100 -60.39 47.28 5.17
CA SER B 100 -60.46 47.50 6.61
C SER B 100 -59.24 48.29 7.07
N VAL B 101 -59.46 49.17 8.05
CA VAL B 101 -58.40 49.98 8.65
C VAL B 101 -58.60 49.95 10.16
N THR B 102 -57.50 49.74 10.90
CA THR B 102 -57.54 49.62 12.34
C THR B 102 -57.02 50.91 12.98
N PHE B 103 -57.85 51.53 13.82
CA PHE B 103 -57.53 52.79 14.47
C PHE B 103 -57.44 52.59 15.98
N LEU B 104 -56.55 53.35 16.61
CA LEU B 104 -56.44 53.39 18.07
C LEU B 104 -56.87 54.76 18.55
N ILE B 105 -57.78 54.78 19.52
CA ILE B 105 -58.44 56.01 19.95
C ILE B 105 -58.27 56.17 21.45
N ASN B 106 -58.32 57.42 21.91
CA ASN B 106 -58.23 57.72 23.33
C ASN B 106 -59.56 57.41 24.02
N GLU B 107 -59.50 57.32 25.35
CA GLU B 107 -60.67 56.94 26.14
C GLU B 107 -61.78 57.98 26.03
N GLN B 108 -61.43 59.27 26.06
CA GLN B 108 -62.45 60.32 26.06
C GLN B 108 -63.23 60.31 24.75
N LEU B 109 -62.53 60.22 23.62
CA LEU B 109 -63.22 60.21 22.33
C LEU B 109 -64.05 58.94 22.16
N TYR B 110 -63.59 57.83 22.72
CA TYR B 110 -64.35 56.58 22.64
C TYR B 110 -65.64 56.67 23.46
N SER B 111 -65.56 57.29 24.65
CA SER B 111 -66.76 57.58 25.44
C SER B 111 -67.70 58.51 24.66
N LYS B 112 -67.15 59.52 24.00
CA LYS B 112 -67.98 60.40 23.18
C LYS B 112 -68.67 59.60 22.08
N LEU B 113 -67.94 58.66 21.48
CA LEU B 113 -68.48 57.86 20.39
C LEU B 113 -69.63 56.97 20.85
N MET B 114 -69.53 56.35 22.03
CA MET B 114 -70.72 55.67 22.54
C MET B 114 -71.84 56.66 22.81
N ASP B 115 -71.52 57.83 23.37
CA ASP B 115 -72.56 58.81 23.66
C ASP B 115 -73.28 59.24 22.38
N LEU B 116 -72.56 59.34 21.28
CA LEU B 116 -73.18 59.64 20.00
C LEU B 116 -74.19 58.55 19.64
N PRO B 117 -75.41 58.91 19.25
CA PRO B 117 -76.51 57.92 19.27
C PRO B 117 -76.42 56.81 18.23
N GLN B 118 -76.14 57.13 16.97
CA GLN B 118 -76.36 56.19 15.88
C GLN B 118 -75.09 55.98 15.06
N GLU B 119 -75.04 54.83 14.38
CA GLU B 119 -73.86 54.47 13.60
C GLU B 119 -73.58 55.50 12.52
N MET B 120 -74.59 55.86 11.73
CA MET B 120 -74.41 56.84 10.67
C MET B 120 -74.06 58.21 11.24
N GLN B 121 -74.69 58.58 12.37
CA GLN B 121 -74.36 59.84 13.01
C GLN B 121 -72.91 59.85 13.49
N GLN B 122 -72.44 58.73 14.06
CA GLN B 122 -71.03 58.62 14.44
C GLN B 122 -70.13 58.73 13.21
N ILE B 123 -70.55 58.12 12.10
CA ILE B 123 -69.75 58.18 10.87
C ILE B 123 -69.62 59.61 10.39
N GLN B 124 -70.71 60.37 10.41
CA GLN B 124 -70.66 61.78 10.02
C GLN B 124 -69.82 62.58 11.00
N PHE B 125 -69.91 62.28 12.30
CA PHE B 125 -69.09 62.96 13.30
C PHE B 125 -67.61 62.74 13.02
N LEU B 126 -67.23 61.50 12.69
CA LEU B 126 -65.84 61.21 12.34
C LEU B 126 -65.45 61.93 11.06
N HIS B 127 -66.35 61.96 10.08
CA HIS B 127 -66.13 62.73 8.85
C HIS B 127 -65.73 64.17 9.18
N TYR B 128 -66.50 64.83 10.04
CA TYR B 128 -66.17 66.19 10.40
C TYR B 128 -64.91 66.27 11.26
N LYS B 129 -64.68 65.28 12.11
CA LYS B 129 -63.57 65.32 13.06
C LYS B 129 -62.23 65.23 12.36
N TYR B 130 -62.07 64.25 11.45
CA TYR B 130 -60.75 63.97 10.88
C TYR B 130 -60.76 63.99 9.36
N ASN B 131 -61.72 64.70 8.74
CA ASN B 131 -61.73 64.95 7.30
C ASN B 131 -61.53 63.67 6.49
N ILE B 132 -62.27 62.63 6.86
CA ILE B 132 -62.21 61.34 6.18
C ILE B 132 -63.45 61.20 5.32
N ASN B 133 -63.24 60.96 4.02
CA ASN B 133 -64.32 60.90 3.05
C ASN B 133 -64.28 59.57 2.29
N SER B 134 -65.46 59.15 1.81
CA SER B 134 -65.58 57.90 1.08
C SER B 134 -65.07 58.09 -0.34
N MET B 135 -64.13 57.24 -0.75
CA MET B 135 -63.57 57.19 -2.10
C MET B 135 -62.85 58.48 -2.48
N GLU B 136 -62.64 59.39 -1.53
CA GLU B 136 -61.97 60.65 -1.77
C GLU B 136 -60.72 60.82 -0.93
N THR B 137 -60.80 60.55 0.37
CA THR B 137 -59.65 60.69 1.25
C THR B 137 -58.80 59.42 1.23
N VAL B 138 -57.49 59.61 1.24
CA VAL B 138 -56.52 58.52 1.23
C VAL B 138 -55.85 58.43 2.59
N VAL B 139 -55.72 57.22 3.12
CA VAL B 139 -55.19 56.99 4.45
C VAL B 139 -53.80 56.38 4.30
N HIS B 140 -53.01 56.47 5.37
CA HIS B 140 -51.68 55.86 5.41
C HIS B 140 -51.57 55.02 6.67
N SER B 141 -50.37 54.56 7.00
CA SER B 141 -50.15 53.76 8.19
C SER B 141 -49.04 54.38 9.02
N ARG B 142 -49.04 54.06 10.31
CA ARG B 142 -48.08 54.55 11.29
C ARG B 142 -48.14 56.07 11.43
N ASP B 143 -49.23 56.68 10.97
CA ASP B 143 -49.46 58.11 11.06
C ASP B 143 -50.41 58.43 12.21
N ILE B 144 -50.40 59.69 12.62
CA ILE B 144 -51.21 60.16 13.73
C ILE B 144 -52.21 61.19 13.20
N LEU B 145 -53.50 60.96 13.47
CA LEU B 145 -54.52 61.92 13.07
C LEU B 145 -54.41 63.21 13.88
N THR B 146 -54.20 63.10 15.19
CA THR B 146 -54.01 64.27 16.03
C THR B 146 -53.18 63.86 17.25
N SER B 147 -52.37 64.80 17.75
CA SER B 147 -51.45 64.54 18.85
C SER B 147 -52.16 63.98 20.08
N GLY B 148 -51.84 62.73 20.43
CA GLY B 148 -52.32 62.10 21.64
C GLY B 148 -53.77 61.70 21.64
N LEU B 149 -54.44 61.73 20.49
CA LEU B 149 -55.86 61.40 20.40
C LEU B 149 -56.14 60.13 19.62
N CYS B 150 -55.65 60.03 18.39
CA CYS B 150 -55.89 58.85 17.56
C CYS B 150 -54.65 58.56 16.72
N GLN B 151 -54.48 57.28 16.38
CA GLN B 151 -53.35 56.83 15.58
C GLN B 151 -53.80 55.67 14.72
N ILE B 152 -53.25 55.58 13.51
CA ILE B 152 -53.56 54.50 12.58
C ILE B 152 -52.79 53.26 13.04
N LEU B 153 -53.49 52.31 13.67
CA LEU B 153 -52.83 51.13 14.19
C LEU B 153 -52.31 50.23 13.08
N ASN B 154 -53.14 49.93 12.08
CA ASN B 154 -52.80 48.97 11.05
C ASN B 154 -53.59 49.26 9.78
N CYS B 155 -53.07 48.79 8.65
CA CYS B 155 -53.76 48.84 7.38
C CYS B 155 -53.44 47.55 6.63
N SER B 156 -54.45 46.68 6.47
CA SER B 156 -54.19 45.33 5.98
C SER B 156 -53.83 45.28 4.50
N PRO B 157 -54.67 45.75 3.57
CA PRO B 157 -54.40 45.49 2.15
C PRO B 157 -53.12 46.13 1.65
N PHE B 158 -52.89 47.39 1.99
CA PHE B 158 -51.75 48.16 1.50
C PHE B 158 -51.41 49.20 2.55
N PRO B 159 -50.15 49.66 2.58
CA PRO B 159 -49.80 50.72 3.54
C PRO B 159 -50.58 52.00 3.33
N GLN B 160 -50.98 52.31 2.10
CA GLN B 160 -51.77 53.50 1.83
C GLN B 160 -52.76 53.23 0.70
N GLY B 161 -53.90 53.91 0.77
CA GLY B 161 -54.93 53.77 -0.24
C GLY B 161 -56.19 54.50 0.17
N LEU B 162 -57.16 54.48 -0.75
CA LEU B 162 -58.45 55.10 -0.50
C LEU B 162 -59.26 54.30 0.52
N VAL B 163 -60.21 54.98 1.15
CA VAL B 163 -61.09 54.36 2.13
C VAL B 163 -62.52 54.47 1.63
N ASP B 164 -63.23 53.34 1.59
CA ASP B 164 -64.65 53.34 1.27
C ASP B 164 -65.41 53.63 2.57
N PHE B 165 -65.28 54.89 3.02
CA PHE B 165 -65.86 55.33 4.29
C PHE B 165 -67.34 54.96 4.41
N THR B 166 -68.02 54.69 3.30
CA THR B 166 -69.38 54.17 3.36
C THR B 166 -69.41 52.70 3.74
N GLU B 167 -68.41 51.91 3.33
CA GLU B 167 -68.41 50.47 3.58
C GLU B 167 -67.12 49.93 4.20
N THR B 168 -65.97 50.58 4.00
CA THR B 168 -64.73 50.11 4.61
C THR B 168 -64.87 49.97 6.12
N GLN B 169 -64.54 48.78 6.62
CA GLN B 169 -64.64 48.54 8.05
C GLN B 169 -63.60 49.37 8.80
N LEU B 170 -64.02 49.94 9.92
CA LEU B 170 -63.16 50.77 10.75
C LEU B 170 -63.04 50.07 12.10
N ILE B 171 -61.91 49.40 12.31
CA ILE B 171 -61.63 48.70 13.57
C ILE B 171 -61.17 49.69 14.62
N LEU B 172 -62.10 50.22 15.39
CA LEU B 172 -61.80 51.19 16.43
C LEU B 172 -61.43 50.46 17.71
N VAL B 173 -60.27 50.77 18.26
CA VAL B 173 -59.74 50.10 19.45
C VAL B 173 -59.51 51.14 20.54
N ASN B 174 -60.10 50.92 21.71
CA ASN B 174 -59.90 51.83 22.83
C ASN B 174 -58.50 51.65 23.41
N ASP B 175 -57.83 52.78 23.68
CA ASP B 175 -56.48 52.76 24.25
C ASP B 175 -56.62 52.57 25.76
N THR B 176 -56.85 51.32 26.16
CA THR B 176 -57.02 50.98 27.57
C THR B 176 -55.74 51.18 28.38
N GLU B 177 -54.58 51.20 27.73
CA GLU B 177 -53.30 51.35 28.41
C GLU B 177 -52.70 52.74 28.28
N GLN B 178 -53.42 53.68 27.67
CA GLN B 178 -52.97 55.07 27.53
C GLN B 178 -51.63 55.18 26.82
N LYS B 179 -51.38 54.29 25.85
CA LYS B 179 -50.16 54.35 25.06
C LYS B 179 -50.10 55.63 24.22
N LEU B 180 -51.26 56.17 23.84
CA LEU B 180 -51.29 57.35 22.98
C LEU B 180 -50.62 58.56 23.61
N SER B 181 -50.41 58.56 24.93
CA SER B 181 -49.71 59.68 25.58
C SER B 181 -48.27 59.80 25.10
N ALA B 182 -47.72 58.76 24.48
CA ALA B 182 -46.34 58.79 24.00
C ALA B 182 -46.19 59.55 22.69
N LEU B 183 -47.30 59.92 22.06
CA LEU B 183 -47.26 60.59 20.78
C LEU B 183 -46.79 62.04 20.97
N LYS B 184 -46.02 62.54 20.00
CA LYS B 184 -45.34 63.81 20.17
C LYS B 184 -44.97 64.37 18.81
N TYR B 185 -45.64 65.46 18.40
CA TYR B 185 -45.47 66.04 17.07
C TYR B 185 -44.25 66.98 17.01
N ALA B 186 -43.07 66.38 17.13
CA ALA B 186 -41.81 67.13 17.03
C ALA B 186 -41.80 68.41 17.89
N ASN B 187 -42.58 68.42 18.97
CA ASN B 187 -42.72 69.62 19.77
C ASN B 187 -41.44 69.94 20.52
N GLU B 188 -41.29 71.21 20.89
CA GLU B 188 -40.12 71.65 21.64
C GLU B 188 -40.23 71.22 23.10
N ASP B 189 -39.07 70.95 23.71
CA ASP B 189 -38.97 70.76 25.15
C ASP B 189 -38.74 72.10 25.85
N GLU B 190 -39.72 72.99 25.67
CA GLU B 190 -39.63 74.39 26.07
C GLU B 190 -38.48 75.10 25.37
N GLU B 191 -38.44 76.42 25.45
CA GLU B 191 -37.42 77.19 24.75
C GLU B 191 -37.16 78.47 25.51
N TYR B 192 -35.88 78.82 25.65
CA TYR B 192 -35.45 80.02 26.36
C TYR B 192 -34.52 80.82 25.46
N ALA B 193 -34.72 82.14 25.44
CA ALA B 193 -33.87 82.99 24.61
C ALA B 193 -32.41 82.90 25.04
N LEU B 194 -32.15 82.91 26.35
CA LEU B 194 -30.79 82.81 26.89
C LEU B 194 -30.80 81.90 28.09
N PRO B 195 -30.67 80.59 27.89
CA PRO B 195 -30.51 79.68 29.04
C PRO B 195 -29.29 80.00 29.88
N LYS B 196 -28.21 80.46 29.27
CA LYS B 196 -27.07 81.03 29.97
C LYS B 196 -26.72 82.36 29.32
N ILE B 197 -26.51 83.38 30.13
CA ILE B 197 -26.36 84.75 29.63
C ILE B 197 -24.89 85.01 29.33
N GLY B 198 -24.62 85.47 28.11
CA GLY B 198 -23.28 85.86 27.72
C GLY B 198 -22.28 84.72 27.65
N THR B 199 -22.75 83.50 27.38
CA THR B 199 -21.85 82.35 27.26
C THR B 199 -21.30 82.24 25.84
N ASN B 200 -20.53 83.27 25.47
CA ASN B 200 -19.93 83.30 24.14
C ASN B 200 -18.62 82.52 24.08
N SER B 201 -17.97 82.31 25.23
CA SER B 201 -16.63 81.70 25.23
C SER B 201 -16.66 80.28 24.71
N ALA B 202 -17.53 79.44 25.28
CA ALA B 202 -17.53 78.03 24.94
C ALA B 202 -18.85 77.40 25.35
N LEU B 203 -19.11 76.20 24.81
CA LEU B 203 -20.26 75.40 25.17
C LEU B 203 -19.84 73.94 25.27
N SER B 204 -20.35 73.25 26.27
CA SER B 204 -20.06 71.83 26.49
C SER B 204 -21.26 71.01 26.02
N ILE B 205 -21.01 69.99 25.20
CA ILE B 205 -22.08 69.24 24.55
C ILE B 205 -21.56 67.85 24.19
N ASP B 206 -22.48 66.91 23.96
CA ASP B 206 -22.13 65.53 23.65
C ASP B 206 -21.60 65.38 22.23
N LEU B 207 -20.73 64.39 22.05
CA LEU B 207 -20.25 63.96 20.73
C LEU B 207 -20.60 62.50 20.51
N GLU B 208 -21.23 62.20 19.37
CA GLU B 208 -21.51 60.83 18.99
C GLU B 208 -21.41 60.68 17.48
N SER B 209 -21.08 59.47 17.05
CA SER B 209 -20.82 59.21 15.63
C SER B 209 -22.03 59.54 14.78
N LEU B 210 -21.79 60.14 13.63
CA LEU B 210 -22.85 60.37 12.64
C LEU B 210 -23.28 59.04 12.04
N PRO B 211 -24.56 58.67 12.16
CA PRO B 211 -24.95 57.28 11.86
C PRO B 211 -24.77 56.87 10.40
N CYS B 212 -24.66 57.82 9.47
CA CYS B 212 -24.57 57.49 8.05
C CYS B 212 -23.85 58.60 7.32
N THR B 213 -23.41 58.28 6.10
CA THR B 213 -22.74 59.24 5.25
C THR B 213 -23.69 60.38 4.87
N ILE B 214 -23.14 61.37 4.19
CA ILE B 214 -23.87 62.60 3.84
C ILE B 214 -23.72 62.84 2.34
N SER B 215 -24.83 63.17 1.69
CA SER B 215 -24.84 63.53 0.28
C SER B 215 -25.03 65.04 0.14
N ARG B 216 -24.22 65.66 -0.71
CA ARG B 216 -24.21 67.11 -0.83
C ARG B 216 -25.59 67.68 -1.18
N ASP B 217 -26.38 66.93 -1.95
CA ASP B 217 -27.66 67.45 -2.44
C ASP B 217 -28.61 67.81 -1.30
N LEU B 218 -28.47 67.17 -0.15
CA LEU B 218 -29.34 67.39 1.00
C LEU B 218 -28.91 68.55 1.87
N LEU B 219 -27.88 69.30 1.47
CA LEU B 219 -27.32 70.36 2.29
C LEU B 219 -28.01 71.69 2.03
N ARG B 220 -28.46 72.34 3.09
CA ARG B 220 -29.10 73.65 2.95
C ARG B 220 -28.15 74.68 2.35
N PRO B 221 -26.91 74.87 2.84
CA PRO B 221 -26.05 75.91 2.29
C PRO B 221 -25.39 75.42 0.99
N ALA B 222 -24.54 76.28 0.43
CA ALA B 222 -23.89 76.06 -0.85
C ALA B 222 -22.39 76.17 -0.69
N PRO B 223 -21.75 75.16 -0.08
CA PRO B 223 -20.30 75.19 0.09
C PRO B 223 -19.58 75.18 -1.26
N HIS B 224 -18.27 75.38 -1.20
CA HIS B 224 -17.46 75.54 -2.40
C HIS B 224 -17.17 74.19 -3.04
N ILE B 225 -16.24 74.18 -4.00
CA ILE B 225 -16.00 73.01 -4.83
C ILE B 225 -15.36 71.86 -4.04
N ASN B 226 -14.62 72.17 -2.98
CA ASN B 226 -13.73 71.17 -2.41
C ASN B 226 -13.53 71.44 -0.92
N ASP B 227 -13.04 70.40 -0.22
CA ASP B 227 -12.66 70.49 1.18
C ASP B 227 -13.86 70.81 2.06
N ASP B 228 -14.92 70.01 1.89
CA ASP B 228 -16.11 70.18 2.71
C ASP B 228 -16.37 68.96 3.59
N ASN B 229 -16.55 67.78 2.99
CA ASN B 229 -17.07 66.64 3.74
C ASN B 229 -16.12 66.11 4.81
N SER B 230 -14.87 66.55 4.82
CA SER B 230 -13.93 66.02 5.80
C SER B 230 -14.06 66.65 7.19
N ILE B 231 -14.76 67.78 7.31
CA ILE B 231 -14.81 68.50 8.59
C ILE B 231 -16.24 68.89 8.95
N TYR B 232 -17.22 68.25 8.30
CA TYR B 232 -18.62 68.52 8.60
C TYR B 232 -19.00 68.15 10.02
N ALA B 233 -19.90 68.95 10.59
CA ALA B 233 -20.60 68.61 11.82
C ALA B 233 -22.02 69.14 11.69
N PHE B 234 -22.96 68.45 12.33
CA PHE B 234 -24.36 68.82 12.21
C PHE B 234 -25.00 68.87 13.59
N THR B 235 -25.91 69.82 13.78
CA THR B 235 -26.58 70.00 15.06
C THR B 235 -27.96 70.61 14.84
N ASP B 236 -28.72 70.68 15.91
CA ASP B 236 -30.01 71.35 15.91
C ASP B 236 -29.84 72.87 15.80
N ALA B 237 -30.88 73.53 15.31
CA ALA B 237 -30.81 74.97 15.06
C ALA B 237 -30.53 75.75 16.33
N GLU B 238 -31.25 75.43 17.42
CA GLU B 238 -31.10 76.23 18.62
C GLU B 238 -29.67 76.16 19.13
N THR B 239 -29.00 75.00 18.96
CA THR B 239 -27.61 74.92 19.37
C THR B 239 -26.76 75.93 18.62
N LEU B 240 -27.11 76.18 17.36
CA LEU B 240 -26.45 77.22 16.58
C LEU B 240 -26.72 78.59 17.18
N LEU B 241 -27.96 78.83 17.62
CA LEU B 241 -28.29 80.09 18.27
C LEU B 241 -27.50 80.28 19.56
N ARG B 242 -27.33 79.23 20.36
CA ARG B 242 -26.46 79.31 21.53
C ARG B 242 -25.03 79.67 21.18
N LEU B 243 -24.58 79.30 19.98
CA LEU B 243 -23.28 79.73 19.47
C LEU B 243 -23.31 81.08 18.79
N ASP B 244 -24.48 81.71 18.70
CA ASP B 244 -24.70 83.07 18.21
C ASP B 244 -24.54 83.20 16.70
N VAL B 245 -24.28 82.10 15.98
CA VAL B 245 -24.12 82.15 14.52
C VAL B 245 -24.87 80.95 13.94
N THR B 246 -25.67 81.21 12.91
CA THR B 246 -26.42 80.17 12.22
C THR B 246 -25.54 79.52 11.15
N SER B 247 -25.20 78.24 11.35
CA SER B 247 -24.32 77.49 10.45
C SER B 247 -23.02 78.24 10.18
N GLY B 248 -22.38 78.69 11.27
CA GLY B 248 -21.16 79.49 11.19
C GLY B 248 -20.05 78.89 10.35
N SER B 249 -19.07 79.71 10.00
CA SER B 249 -17.97 79.28 9.14
C SER B 249 -17.23 78.08 9.71
N PHE B 250 -16.55 78.26 10.84
CA PHE B 250 -15.72 77.22 11.44
C PHE B 250 -15.91 77.21 12.95
N ILE B 251 -15.77 76.03 13.53
CA ILE B 251 -15.81 75.82 14.98
C ILE B 251 -14.51 75.11 15.35
N THR B 252 -14.17 75.15 16.63
CA THR B 252 -13.02 74.41 17.15
C THR B 252 -13.45 73.49 18.28
N VAL B 253 -12.83 72.31 18.33
CA VAL B 253 -13.11 71.32 19.36
C VAL B 253 -11.81 71.06 20.13
N SER B 254 -11.84 71.27 21.45
CA SER B 254 -10.63 71.23 22.25
C SER B 254 -10.90 70.45 23.54
N ASN B 255 -10.05 69.46 23.82
CA ASN B 255 -10.04 68.70 25.06
C ASN B 255 -8.75 67.90 25.15
N MET B 256 -8.26 67.73 26.37
CA MET B 256 -7.06 66.95 26.65
C MET B 256 -5.86 67.41 25.83
N GLY B 257 -5.76 68.73 25.63
CA GLY B 257 -4.67 69.30 24.87
C GLY B 257 -4.77 69.14 23.36
N CYS B 258 -5.79 68.43 22.87
CA CYS B 258 -6.00 68.26 21.44
C CYS B 258 -7.03 69.28 20.97
N VAL B 259 -6.65 70.10 20.00
CA VAL B 259 -7.52 71.12 19.43
C VAL B 259 -7.62 70.89 17.93
N ARG B 260 -8.86 70.81 17.42
CA ARG B 260 -9.13 70.59 16.01
C ARG B 260 -10.09 71.63 15.49
N LEU B 261 -9.99 71.92 14.19
CA LEU B 261 -10.87 72.86 13.52
C LEU B 261 -11.94 72.09 12.76
N VAL B 262 -13.20 72.49 12.92
CA VAL B 262 -14.34 71.77 12.38
C VAL B 262 -15.27 72.78 11.72
N LYS B 263 -16.12 72.29 10.82
CA LYS B 263 -17.17 73.08 10.20
C LYS B 263 -18.52 72.55 10.65
N LEU B 264 -19.41 73.45 11.04
CA LEU B 264 -20.71 73.08 11.60
C LEU B 264 -21.82 73.52 10.66
N PHE B 265 -22.61 72.56 10.19
CA PHE B 265 -23.84 72.82 9.45
C PHE B 265 -25.05 72.49 10.32
N VAL B 266 -26.21 72.89 9.85
CA VAL B 266 -27.46 72.63 10.54
C VAL B 266 -27.98 71.24 10.18
N LEU B 267 -28.44 70.50 11.19
CA LEU B 267 -29.13 69.24 10.96
C LEU B 267 -30.51 69.52 10.39
N LEU B 268 -30.84 68.87 9.29
CA LEU B 268 -32.10 69.14 8.64
C LEU B 268 -33.25 68.55 9.44
N LEU B 269 -34.42 69.18 9.32
CA LEU B 269 -35.48 68.98 10.33
C LEU B 269 -36.02 67.54 10.34
N PRO B 270 -36.44 66.95 9.21
CA PRO B 270 -37.22 65.70 9.30
C PRO B 270 -36.49 64.54 9.95
N ASN B 271 -35.16 64.56 9.99
CA ASN B 271 -34.42 63.45 10.59
C ASN B 271 -34.74 63.33 12.07
N GLY B 272 -34.70 62.10 12.58
CA GLY B 272 -35.06 61.84 13.95
C GLY B 272 -33.89 61.60 14.88
N PHE B 273 -32.84 62.38 14.73
CA PHE B 273 -31.68 62.25 15.61
C PHE B 273 -31.98 62.86 16.98
N LYS B 274 -31.11 62.57 17.94
CA LYS B 274 -31.32 63.04 19.30
C LYS B 274 -31.07 64.55 19.39
N LYS B 275 -31.37 65.11 20.56
CA LYS B 275 -31.33 66.54 20.78
C LYS B 275 -30.05 66.95 21.50
N ARG B 276 -29.64 68.20 21.28
CA ARG B 276 -28.53 68.83 22.01
C ARG B 276 -27.30 67.94 22.03
N THR B 277 -26.78 67.66 20.83
CA THR B 277 -25.61 66.81 20.69
C THR B 277 -24.93 67.16 19.38
N ILE B 278 -23.62 66.90 19.32
CA ILE B 278 -22.84 67.10 18.11
C ILE B 278 -22.83 65.81 17.32
N TYR B 279 -23.22 65.87 16.05
CA TYR B 279 -23.14 64.73 15.15
C TYR B 279 -22.05 65.00 14.13
N ALA B 280 -21.02 64.16 14.12
CA ALA B 280 -19.88 64.33 13.26
C ALA B 280 -19.46 62.99 12.67
N PRO B 281 -18.80 63.00 11.52
CA PRO B 281 -18.37 61.75 10.90
C PRO B 281 -17.14 61.20 11.61
N PRO B 282 -16.76 59.94 11.32
CA PRO B 282 -15.61 59.34 12.02
C PRO B 282 -14.31 60.09 11.86
N LYS B 283 -14.13 60.83 10.75
CA LYS B 283 -12.85 61.48 10.48
C LYS B 283 -12.37 62.31 11.66
N ILE B 284 -13.27 63.10 12.25
CA ILE B 284 -12.87 63.97 13.35
C ILE B 284 -12.91 63.22 14.68
N ILE B 285 -13.91 62.34 14.86
CA ILE B 285 -14.07 61.64 16.13
C ILE B 285 -12.86 60.77 16.43
N ALA B 286 -12.27 60.16 15.39
CA ALA B 286 -11.17 59.23 15.60
C ALA B 286 -9.99 59.87 16.33
N SER B 287 -9.84 61.20 16.21
CA SER B 287 -8.68 61.87 16.79
C SER B 287 -8.66 61.79 18.31
N PHE B 288 -9.79 61.49 18.94
CA PHE B 288 -9.92 61.58 20.39
C PHE B 288 -10.12 60.21 21.03
N PRO B 289 -9.59 60.00 22.23
CA PRO B 289 -10.23 59.05 23.16
C PRO B 289 -11.45 59.66 23.83
N ASP B 290 -12.43 60.03 22.99
CA ASP B 290 -13.40 61.05 23.35
C ASP B 290 -14.18 60.73 24.63
N CYS B 291 -14.36 61.75 25.46
CA CYS B 291 -15.31 61.70 26.56
C CYS B 291 -16.73 61.89 26.04
N SER B 292 -17.69 61.33 26.76
CA SER B 292 -19.09 61.44 26.34
C SER B 292 -19.52 62.89 26.16
N VAL B 293 -18.95 63.80 26.95
CA VAL B 293 -19.23 65.23 26.83
C VAL B 293 -17.95 65.91 26.34
N VAL B 294 -18.11 67.01 25.60
CA VAL B 294 -16.99 67.72 24.99
C VAL B 294 -17.37 69.18 24.81
N THR B 295 -16.37 70.06 24.90
CA THR B 295 -16.57 71.50 24.84
C THR B 295 -16.08 72.04 23.50
N ILE B 296 -16.79 73.06 22.99
CA ILE B 296 -16.50 73.64 21.68
C ILE B 296 -16.48 75.16 21.84
N SER B 297 -15.86 75.83 20.86
CA SER B 297 -15.70 77.27 20.93
C SER B 297 -15.68 77.87 19.53
N LYS B 298 -15.93 79.17 19.49
CA LYS B 298 -15.81 79.92 18.24
C LYS B 298 -14.34 80.04 17.82
N SER B 299 -14.12 80.05 16.50
CA SER B 299 -12.79 80.26 15.96
C SER B 299 -12.95 81.01 14.63
N ASN B 300 -12.85 82.34 14.70
CA ASN B 300 -12.94 83.16 13.49
C ASN B 300 -11.65 83.10 12.68
N ILE B 301 -10.50 82.97 13.34
CA ILE B 301 -9.22 82.89 12.64
C ILE B 301 -9.14 81.69 11.70
N GLY B 302 -10.04 80.71 11.86
CA GLY B 302 -10.07 79.59 10.93
C GLY B 302 -10.35 80.02 9.49
N HIS B 303 -11.13 81.09 9.32
CA HIS B 303 -11.36 81.63 7.99
C HIS B 303 -10.07 82.13 7.33
N THR B 304 -9.06 82.46 8.13
CA THR B 304 -7.78 82.94 7.62
C THR B 304 -6.70 81.88 7.67
N ASP B 305 -7.06 80.61 7.47
CA ASP B 305 -6.09 79.53 7.46
C ASP B 305 -5.01 79.79 6.42
N ILE B 306 -3.86 79.14 6.59
CA ILE B 306 -2.65 79.41 5.82
C ILE B 306 -2.26 78.15 5.07
N PRO B 307 -2.00 78.23 3.75
CA PRO B 307 -1.45 77.08 3.03
C PRO B 307 0.06 76.95 3.16
N ILE B 308 0.53 76.28 4.20
CA ILE B 308 1.96 76.11 4.45
C ILE B 308 2.39 74.73 3.96
N ALA B 309 1.66 74.19 2.98
CA ALA B 309 1.79 72.80 2.56
C ALA B 309 3.11 72.56 1.83
N ASN B 310 4.16 72.21 2.56
CA ASN B 310 5.43 71.78 1.99
C ASN B 310 5.98 70.65 2.83
N GLN B 311 6.42 69.57 2.17
CA GLN B 311 7.14 68.46 2.81
C GLN B 311 6.39 67.96 4.05
N VAL B 312 5.20 67.42 3.80
CA VAL B 312 4.40 66.84 4.86
C VAL B 312 4.87 65.42 5.13
N PHE B 313 4.74 64.99 6.38
CA PHE B 313 5.20 63.68 6.85
C PHE B 313 3.98 62.81 7.18
N ILE B 314 3.90 61.65 6.53
CA ILE B 314 2.76 60.77 6.65
C ILE B 314 3.27 59.44 7.18
N SER B 315 2.36 58.65 7.76
CA SER B 315 2.76 57.37 8.32
C SER B 315 1.59 56.39 8.23
N ARG B 316 1.91 55.15 7.87
CA ARG B 316 0.94 54.07 7.84
C ARG B 316 0.70 53.56 9.26
N VAL B 317 -0.56 53.55 9.68
CA VAL B 317 -0.88 53.09 11.03
C VAL B 317 -0.71 51.57 11.07
N GLY B 318 -0.41 51.05 12.26
CA GLY B 318 -0.38 49.60 12.42
C GLY B 318 -1.74 48.99 12.11
N GLY B 319 -1.71 47.82 11.48
CA GLY B 319 -2.94 47.14 11.13
C GLY B 319 -2.72 45.89 10.30
N TRP B 320 -3.68 44.97 10.36
CA TRP B 320 -3.59 43.71 9.62
C TRP B 320 -3.39 43.96 8.13
N LEU B 321 -4.23 44.83 7.55
CA LEU B 321 -4.19 45.02 6.09
C LEU B 321 -2.89 45.66 5.65
N GLN B 322 -2.39 46.65 6.40
CA GLN B 322 -1.24 47.43 5.94
C GLN B 322 -0.02 46.57 5.65
N SER B 323 0.08 45.39 6.29
CA SER B 323 1.24 44.54 6.15
C SER B 323 1.12 43.55 5.00
N GLN B 324 0.01 43.56 4.27
CA GLN B 324 -0.16 42.65 3.14
C GLN B 324 0.56 43.18 1.90
N LYS B 325 1.17 42.25 1.15
CA LYS B 325 1.94 42.65 -0.02
C LYS B 325 1.05 43.25 -1.11
N CYS B 326 -0.03 42.55 -1.47
CA CYS B 326 -0.80 42.93 -2.65
C CYS B 326 -1.56 44.23 -2.42
N PHE B 327 -2.19 44.39 -1.25
CA PHE B 327 -2.98 45.58 -0.98
C PHE B 327 -2.17 46.86 -1.09
N GLN B 328 -0.87 46.80 -0.76
CA GLN B 328 -0.08 48.01 -0.57
C GLN B 328 -0.16 48.94 -1.78
N ASN B 329 -0.19 48.37 -2.99
CA ASN B 329 -0.23 49.19 -4.19
C ASN B 329 -1.53 49.99 -4.29
N ILE B 330 -2.67 49.32 -4.10
CA ILE B 330 -3.93 50.05 -4.17
C ILE B 330 -4.04 51.04 -3.02
N ILE B 331 -3.48 50.70 -1.85
CA ILE B 331 -3.46 51.64 -0.74
C ILE B 331 -2.72 52.91 -1.13
N LEU B 332 -1.53 52.74 -1.73
CA LEU B 332 -0.76 53.90 -2.19
C LEU B 332 -1.55 54.73 -3.18
N THR B 333 -2.17 54.05 -4.17
CA THR B 333 -2.90 54.78 -5.20
C THR B 333 -4.07 55.56 -4.62
N THR B 334 -4.83 54.93 -3.72
CA THR B 334 -5.99 55.62 -3.14
C THR B 334 -5.56 56.75 -2.22
N LEU B 335 -4.45 56.60 -1.50
CA LEU B 335 -3.95 57.70 -0.69
C LEU B 335 -3.55 58.88 -1.57
N LYS B 336 -2.85 58.61 -2.66
CA LYS B 336 -2.49 59.69 -3.59
C LYS B 336 -3.74 60.33 -4.17
N LYS B 337 -4.77 59.52 -4.45
CA LYS B 337 -6.04 60.07 -4.93
C LYS B 337 -6.65 61.01 -3.90
N PHE B 338 -6.67 60.58 -2.63
CA PHE B 338 -7.25 61.40 -1.57
C PHE B 338 -6.51 62.72 -1.45
N PHE B 339 -5.18 62.67 -1.48
CA PHE B 339 -4.41 63.90 -1.35
C PHE B 339 -4.32 64.68 -2.66
N SER B 340 -4.85 64.13 -3.75
CA SER B 340 -4.93 64.85 -5.01
C SER B 340 -5.91 66.03 -4.95
N GLU B 341 -6.84 66.02 -3.98
CA GLU B 341 -7.79 67.11 -3.88
C GLU B 341 -7.08 68.42 -3.53
N SER B 342 -7.63 69.51 -4.06
CA SER B 342 -6.96 70.81 -4.02
C SER B 342 -6.77 71.35 -2.62
N LYS B 343 -7.78 71.21 -1.74
CA LYS B 343 -7.83 72.08 -0.58
C LYS B 343 -8.07 71.37 0.74
N ARG B 344 -7.79 70.06 0.84
CA ARG B 344 -7.98 69.37 2.11
C ARG B 344 -7.12 70.02 3.21
N ILE B 345 -7.71 70.16 4.39
CA ILE B 345 -6.99 70.69 5.54
C ILE B 345 -6.51 69.54 6.41
N LEU B 346 -5.56 69.85 7.30
CA LEU B 346 -4.92 68.83 8.11
C LEU B 346 -4.24 69.49 9.30
N CYS B 347 -4.09 68.73 10.38
CA CYS B 347 -3.32 69.17 11.53
C CYS B 347 -2.71 67.93 12.19
N GLN B 348 -1.62 68.15 12.93
CA GLN B 348 -0.89 67.07 13.56
C GLN B 348 -1.80 66.18 14.41
N ASN B 349 -1.38 64.93 14.63
CA ASN B 349 -2.10 63.92 15.42
C ASN B 349 -3.42 63.50 14.81
N ASP B 350 -3.75 63.96 13.60
CA ASP B 350 -5.00 63.60 12.95
C ASP B 350 -4.92 62.21 12.36
N LEU B 351 -6.01 61.45 12.51
CA LEU B 351 -6.19 60.20 11.79
C LEU B 351 -7.07 60.50 10.57
N ILE B 352 -6.56 60.17 9.40
CA ILE B 352 -7.26 60.35 8.13
C ILE B 352 -7.75 58.98 7.66
N PRO B 353 -9.04 58.76 7.51
CA PRO B 353 -9.53 57.46 7.04
C PRO B 353 -9.41 57.35 5.54
N ILE B 354 -9.16 56.13 5.07
CA ILE B 354 -9.01 55.83 3.66
C ILE B 354 -9.76 54.54 3.35
N ALA B 355 -10.81 54.64 2.54
CA ALA B 355 -11.56 53.47 2.11
C ALA B 355 -11.09 53.02 0.74
N PHE B 356 -11.31 51.74 0.45
CA PHE B 356 -10.93 51.17 -0.83
C PHE B 356 -11.65 49.83 -0.99
N ASP B 357 -11.57 49.30 -2.21
CA ASP B 357 -12.24 48.05 -2.53
C ASP B 357 -11.28 46.89 -2.31
N SER B 358 -11.75 45.84 -1.64
CA SER B 358 -10.89 44.72 -1.30
C SER B 358 -10.49 43.91 -2.53
N SER B 359 -11.43 43.70 -3.47
CA SER B 359 -11.21 42.79 -4.58
C SER B 359 -10.62 43.46 -5.82
N MET B 360 -10.47 44.77 -5.83
CA MET B 360 -9.76 45.44 -6.91
C MET B 360 -8.25 45.45 -6.72
N ALA B 361 -7.70 44.56 -5.89
CA ALA B 361 -6.26 44.56 -5.64
C ALA B 361 -5.45 44.32 -6.91
N ASP B 362 -6.03 43.68 -7.92
CA ASP B 362 -5.30 43.25 -9.10
C ASP B 362 -5.73 43.98 -10.37
N LEU B 363 -6.73 44.86 -10.30
CA LEU B 363 -7.31 45.47 -11.49
C LEU B 363 -6.70 46.86 -11.70
N ASN B 364 -5.50 46.87 -12.28
CA ASN B 364 -4.86 48.12 -12.69
C ASN B 364 -5.66 48.68 -13.85
N ILE B 365 -6.49 49.68 -13.57
CA ILE B 365 -7.45 50.14 -14.57
C ILE B 365 -6.74 50.79 -15.77
N ALA B 366 -5.74 51.62 -15.52
CA ALA B 366 -5.07 52.33 -16.59
C ALA B 366 -3.82 53.02 -16.05
N GLU B 367 -2.88 53.30 -16.96
CA GLU B 367 -1.69 54.06 -16.63
C GLU B 367 -2.03 55.54 -16.53
N GLU B 368 -1.12 56.31 -15.95
CA GLU B 368 -1.27 57.75 -15.92
C GLU B 368 -1.29 58.32 -17.33
N ASN B 369 -2.12 59.33 -17.54
CA ASN B 369 -2.31 59.92 -18.87
C ASN B 369 -1.95 61.40 -18.82
N ASP B 370 -1.59 61.93 -20.00
CA ASP B 370 -1.25 63.34 -20.10
C ASP B 370 -2.43 64.23 -19.76
N GLU B 371 -3.62 63.87 -20.24
CA GLU B 371 -4.82 64.69 -20.04
C GLU B 371 -6.04 63.81 -19.97
N SER B 372 -7.11 64.37 -19.38
CA SER B 372 -8.43 63.74 -19.37
C SER B 372 -8.41 62.37 -18.70
N ASP B 373 -7.68 62.26 -17.60
CA ASP B 373 -7.67 61.06 -16.77
C ASP B 373 -8.18 61.42 -15.38
N ASP B 374 -9.33 60.86 -15.01
CA ASP B 374 -9.93 61.14 -13.71
C ASP B 374 -10.70 59.92 -13.24
N GLU B 375 -10.94 59.87 -11.93
CA GLU B 375 -11.55 58.71 -11.30
C GLU B 375 -13.00 58.92 -10.89
N ASP B 376 -13.43 60.18 -10.70
CA ASP B 376 -14.67 60.51 -10.02
C ASP B 376 -15.84 59.62 -10.43
N GLU B 377 -16.23 59.68 -11.71
CA GLU B 377 -17.35 58.88 -12.19
C GLU B 377 -16.96 57.43 -12.39
N LEU B 378 -15.69 57.16 -12.74
CA LEU B 378 -15.25 55.80 -13.00
C LEU B 378 -15.43 54.91 -11.78
N GLY B 379 -15.42 55.48 -10.57
CA GLY B 379 -15.50 54.68 -9.36
C GLY B 379 -16.91 54.26 -8.99
N GLN B 380 -17.92 54.91 -9.57
CA GLN B 380 -19.30 54.71 -9.11
C GLN B 380 -19.73 53.25 -9.21
N TYR B 381 -19.11 52.49 -10.10
CA TYR B 381 -19.48 51.07 -10.25
C TYR B 381 -19.20 50.28 -8.99
N TYR B 382 -18.08 50.55 -8.33
CA TYR B 382 -17.62 49.76 -7.18
C TYR B 382 -17.71 50.58 -5.90
N LYS B 383 -18.07 49.89 -4.81
CA LYS B 383 -18.14 50.50 -3.50
C LYS B 383 -17.20 49.77 -2.55
N ASN B 384 -16.65 50.52 -1.60
CA ASN B 384 -15.51 50.05 -0.83
C ASN B 384 -15.91 48.92 0.11
N ASP B 385 -14.92 48.13 0.52
CA ASP B 385 -15.15 47.00 1.41
C ASP B 385 -14.16 46.93 2.56
N SER B 386 -13.07 47.70 2.53
CA SER B 386 -12.10 47.70 3.60
C SER B 386 -11.70 49.14 3.91
N LEU B 387 -11.18 49.35 5.12
CA LEU B 387 -10.85 50.67 5.60
C LEU B 387 -9.55 50.63 6.38
N VAL B 388 -8.70 51.64 6.17
CA VAL B 388 -7.48 51.84 6.95
C VAL B 388 -7.38 53.31 7.34
N TRP B 389 -6.38 53.62 8.14
CA TRP B 389 -6.09 54.98 8.57
C TRP B 389 -4.68 55.38 8.14
N PHE B 390 -4.36 56.66 8.28
CA PHE B 390 -3.00 57.16 8.16
C PHE B 390 -2.77 58.22 9.22
N PHE B 391 -1.61 58.16 9.87
CA PHE B 391 -1.29 59.01 11.00
C PHE B 391 -0.30 60.09 10.55
N VAL B 392 -0.66 61.35 10.79
CA VAL B 392 0.10 62.49 10.28
C VAL B 392 0.85 63.12 11.46
N THR B 393 2.10 63.50 11.21
CA THR B 393 2.99 63.92 12.29
C THR B 393 3.39 65.40 12.21
N SER B 394 3.99 65.82 11.10
CA SER B 394 4.58 67.15 11.03
C SER B 394 4.44 67.73 9.64
N ALA B 395 4.73 69.02 9.52
CA ALA B 395 4.65 69.74 8.25
C ALA B 395 5.54 70.98 8.34
N GLU B 396 5.82 71.56 7.18
CA GLU B 396 6.64 72.77 7.12
C GLU B 396 5.89 73.95 7.71
N LEU B 397 6.65 74.91 8.25
CA LEU B 397 6.10 76.12 8.83
C LEU B 397 6.38 77.36 7.99
N ASP B 398 7.58 77.47 7.42
CA ASP B 398 7.96 78.59 6.56
C ASP B 398 7.85 79.92 7.30
N CYS B 399 7.78 81.02 6.55
CA CYS B 399 7.71 82.35 7.17
C CYS B 399 6.46 82.52 8.02
N PHE B 400 5.44 81.67 7.80
CA PHE B 400 4.20 81.72 8.58
C PHE B 400 4.27 80.85 9.83
N SER B 401 5.47 80.65 10.38
CA SER B 401 5.66 79.80 11.56
C SER B 401 5.02 80.36 12.81
N LYS B 402 4.49 81.59 12.76
CA LYS B 402 3.82 82.17 13.93
C LYS B 402 2.68 81.30 14.43
N ASP B 403 2.07 80.52 13.54
CA ASP B 403 1.01 79.58 13.93
C ASP B 403 1.14 78.30 13.13
N ASN B 404 0.80 77.19 13.77
CA ASN B 404 0.85 75.89 13.12
C ASN B 404 -0.34 75.00 13.50
N SER B 405 -1.39 75.56 14.08
CA SER B 405 -2.50 74.75 14.57
C SER B 405 -3.21 74.01 13.45
N HIS B 406 -3.58 74.72 12.38
CA HIS B 406 -4.34 74.13 11.29
C HIS B 406 -3.86 74.68 9.96
N PHE B 407 -3.83 73.82 8.94
CA PHE B 407 -3.23 74.19 7.67
C PHE B 407 -3.90 73.40 6.55
N ILE B 408 -3.69 73.88 5.32
CA ILE B 408 -4.21 73.24 4.12
C ILE B 408 -3.08 72.47 3.45
N ILE B 409 -3.42 71.45 2.67
CA ILE B 409 -2.47 70.77 1.81
C ILE B 409 -2.88 71.02 0.36
N ASP B 410 -1.91 71.44 -0.45
CA ASP B 410 -2.13 71.80 -1.85
C ASP B 410 -1.37 70.81 -2.73
N PRO B 411 -2.03 70.16 -3.69
CA PRO B 411 -1.28 69.30 -4.63
C PRO B 411 -0.21 70.04 -5.40
N ASN B 412 -0.42 71.32 -5.70
CA ASN B 412 0.61 72.09 -6.38
C ASN B 412 1.85 72.30 -5.53
N ARG B 413 1.77 72.04 -4.22
CA ARG B 413 2.90 72.19 -3.31
C ARG B 413 3.17 70.98 -2.43
N THR B 414 2.19 70.09 -2.24
CA THR B 414 2.34 68.94 -1.35
C THR B 414 2.91 67.76 -2.12
N LYS B 415 3.82 67.04 -1.48
CA LYS B 415 4.42 65.84 -2.06
C LYS B 415 4.26 64.70 -1.07
N LEU B 416 4.26 63.47 -1.60
CA LEU B 416 4.03 62.28 -0.79
C LEU B 416 5.35 61.84 -0.18
N ILE B 417 5.45 61.96 1.14
CA ILE B 417 6.60 61.51 1.91
C ILE B 417 6.08 60.76 3.12
N THR B 418 6.74 59.66 3.49
CA THR B 418 6.27 58.81 4.56
C THR B 418 7.43 58.36 5.43
N THR B 419 7.11 58.05 6.68
CA THR B 419 8.05 57.52 7.66
C THR B 419 7.72 56.06 7.94
N ASN B 420 8.39 55.48 8.93
CA ASN B 420 8.16 54.10 9.29
C ASN B 420 6.78 53.92 9.89
N ILE B 421 6.46 52.69 10.26
CA ILE B 421 5.13 52.33 10.74
C ILE B 421 4.97 52.83 12.17
N THR B 422 3.91 53.59 12.43
CA THR B 422 3.59 54.02 13.78
C THR B 422 2.64 53.03 14.43
N ASN B 423 2.03 53.40 15.55
CA ASN B 423 1.02 52.57 16.19
C ASN B 423 0.05 53.47 16.94
N ARG B 424 -1.19 52.99 17.09
CA ARG B 424 -2.24 53.70 17.79
C ARG B 424 -3.42 52.74 17.96
N ARG B 425 -4.25 53.01 18.96
CA ARG B 425 -5.38 52.15 19.24
C ARG B 425 -6.52 52.36 18.25
N PRO B 426 -7.27 51.31 17.92
CA PRO B 426 -8.48 51.48 17.12
C PRO B 426 -9.59 52.21 17.86
N LEU B 427 -10.76 52.31 17.23
CA LEU B 427 -11.91 52.98 17.83
C LEU B 427 -12.86 51.94 18.38
N PRO B 428 -13.17 51.95 19.68
CA PRO B 428 -14.12 50.96 20.22
C PRO B 428 -15.48 51.08 19.54
N LEU B 429 -16.10 49.91 19.31
CA LEU B 429 -17.42 49.87 18.68
C LEU B 429 -18.45 50.68 19.46
N SER B 430 -18.33 50.69 20.79
CA SER B 430 -19.32 51.39 21.63
C SER B 430 -19.40 52.88 21.31
N ARG B 431 -18.38 53.46 20.72
CA ARG B 431 -18.33 54.90 20.50
C ARG B 431 -18.61 55.30 19.07
N SER B 432 -18.29 54.46 18.09
CA SER B 432 -18.49 54.81 16.69
C SER B 432 -18.52 53.55 15.85
N ASN B 433 -19.62 53.35 15.13
CA ASN B 433 -19.83 52.21 14.23
C ASN B 433 -19.30 52.55 12.84
N LEU B 434 -18.01 52.29 12.61
CA LEU B 434 -17.40 52.65 11.33
C LEU B 434 -18.07 51.92 10.17
N GLN B 435 -18.32 50.62 10.34
CA GLN B 435 -18.98 49.83 9.30
C GLN B 435 -20.29 50.47 8.87
N ARG B 436 -21.16 50.76 9.84
CA ARG B 436 -22.40 51.47 9.57
C ARG B 436 -22.18 52.70 8.70
N TYR B 437 -21.21 53.54 9.07
CA TYR B 437 -20.96 54.76 8.31
C TYR B 437 -20.55 54.45 6.87
N TYR B 438 -19.66 53.47 6.69
CA TYR B 438 -19.16 53.14 5.36
C TYR B 438 -19.91 51.98 4.71
N GLY B 439 -21.07 51.60 5.24
CA GLY B 439 -21.89 50.58 4.62
C GLY B 439 -21.26 49.23 4.47
N PHE B 440 -20.20 48.94 5.22
CA PHE B 440 -19.52 47.65 5.17
C PHE B 440 -20.47 46.51 5.56
N ALA B 441 -19.98 45.29 5.37
CA ALA B 441 -20.63 44.10 5.91
C ALA B 441 -20.54 44.11 7.44
N GLU B 442 -21.54 44.68 8.08
CA GLU B 442 -21.50 44.87 9.53
C GLU B 442 -21.39 43.55 10.27
N THR B 443 -20.42 43.48 11.18
CA THR B 443 -20.37 42.38 12.14
C THR B 443 -21.59 42.41 13.04
N PHE B 444 -22.18 41.23 13.27
CA PHE B 444 -23.37 41.12 14.09
C PHE B 444 -23.15 41.73 15.48
N TYR B 445 -24.08 42.60 15.88
CA TYR B 445 -24.02 43.34 17.13
C TYR B 445 -24.62 42.48 18.23
N TYR B 446 -23.79 41.64 18.84
CA TYR B 446 -24.24 40.86 19.99
C TYR B 446 -24.68 41.78 21.12
N ASP B 447 -25.52 41.25 21.99
CA ASP B 447 -26.00 41.93 23.19
C ASP B 447 -25.65 41.10 24.43
N LEU B 448 -24.59 41.51 25.14
CA LEU B 448 -24.03 40.73 26.23
C LEU B 448 -25.06 40.36 27.30
N HIS B 449 -26.12 41.17 27.45
CA HIS B 449 -27.15 40.87 28.44
C HIS B 449 -27.87 39.55 28.15
N ILE B 450 -27.83 39.06 26.92
CA ILE B 450 -28.57 37.87 26.49
C ILE B 450 -27.64 36.70 26.20
N PHE B 451 -26.67 36.88 25.30
CA PHE B 451 -25.80 35.78 24.93
C PHE B 451 -24.77 35.53 26.04
N PRO B 452 -24.81 34.36 26.69
CA PRO B 452 -23.84 34.04 27.76
C PRO B 452 -22.39 34.04 27.30
N TYR B 453 -22.07 33.21 26.30
CA TYR B 453 -20.69 32.81 26.05
C TYR B 453 -19.83 33.97 25.58
N VAL B 454 -20.40 34.89 24.80
CA VAL B 454 -19.61 36.02 24.28
C VAL B 454 -19.08 36.88 25.42
N ARG B 455 -19.85 36.99 26.51
CA ARG B 455 -19.41 37.78 27.66
C ARG B 455 -18.09 37.26 28.22
N GLN B 456 -17.93 35.94 28.32
CA GLN B 456 -16.67 35.37 28.79
C GLN B 456 -15.49 35.84 27.94
N LEU B 457 -15.61 35.70 26.62
CA LEU B 457 -14.54 36.13 25.71
C LEU B 457 -14.23 37.61 25.86
N VAL B 458 -15.26 38.46 25.79
CA VAL B 458 -15.04 39.90 25.90
C VAL B 458 -14.39 40.25 27.24
N ASN B 459 -14.85 39.62 28.33
CA ASN B 459 -14.26 39.85 29.65
C ASN B 459 -12.77 39.48 29.67
N ILE B 460 -12.42 38.31 29.15
CA ILE B 460 -11.01 37.90 29.09
C ILE B 460 -10.19 38.92 28.33
N LEU B 461 -10.62 39.27 27.11
CA LEU B 461 -9.86 40.21 26.30
C LEU B 461 -9.75 41.58 26.97
N GLU B 462 -10.82 42.07 27.58
CA GLU B 462 -10.76 43.38 28.21
C GLU B 462 -9.91 43.33 29.48
N THR B 463 -9.86 42.18 30.15
CA THR B 463 -8.95 42.00 31.28
C THR B 463 -7.51 42.12 30.81
N SER B 464 -7.17 41.41 29.73
CA SER B 464 -5.82 41.52 29.19
C SER B 464 -5.52 42.93 28.69
N PHE B 465 -6.56 43.67 28.29
CA PHE B 465 -6.36 45.07 27.90
C PHE B 465 -6.09 45.95 29.11
N ASN B 466 -6.85 45.76 30.19
CA ASN B 466 -6.71 46.60 31.38
C ASN B 466 -5.43 46.30 32.14
N CYS B 467 -4.90 45.07 32.04
CA CYS B 467 -3.67 44.75 32.76
C CYS B 467 -2.45 45.44 32.17
N SER B 468 -2.61 46.27 31.14
CA SER B 468 -1.47 46.97 30.54
C SER B 468 -0.78 47.87 31.57
N GLN B 469 -1.56 48.62 32.35
CA GLN B 469 -0.99 49.49 33.36
C GLN B 469 -0.65 48.74 34.65
N ARG B 470 -1.20 47.54 34.85
CA ARG B 470 -0.66 46.65 35.88
C ARG B 470 0.71 46.13 35.49
N GLY B 471 0.94 45.89 34.19
CA GLY B 471 2.25 45.55 33.67
C GLY B 471 2.80 44.21 34.12
N ILE B 472 2.06 43.13 33.85
CA ILE B 472 2.53 41.77 34.09
C ILE B 472 2.09 40.90 32.92
N THR B 473 2.80 39.79 32.74
CA THR B 473 2.53 38.85 31.65
C THR B 473 1.48 37.83 32.09
N LEU B 474 0.26 38.32 32.28
CA LEU B 474 -0.87 37.45 32.63
C LEU B 474 -1.65 36.97 31.42
N ASN B 475 -1.28 37.39 30.21
CA ASN B 475 -2.05 37.07 29.02
C ASN B 475 -2.20 35.57 28.86
N ALA B 476 -3.39 35.13 28.48
CA ALA B 476 -3.70 33.71 28.42
C ALA B 476 -4.34 33.36 27.09
N SER B 477 -4.04 32.15 26.63
CA SER B 477 -4.64 31.63 25.40
C SER B 477 -6.10 31.25 25.63
N VAL B 478 -6.89 31.36 24.57
CA VAL B 478 -8.32 31.05 24.60
C VAL B 478 -8.64 30.18 23.39
N LEU B 479 -9.38 29.10 23.62
CA LEU B 479 -9.73 28.14 22.57
C LEU B 479 -11.25 28.01 22.49
N LEU B 480 -11.79 28.28 21.31
CA LEU B 480 -13.21 28.13 21.02
C LEU B 480 -13.46 26.79 20.32
N HIS B 481 -14.44 26.04 20.81
CA HIS B 481 -14.84 24.79 20.18
C HIS B 481 -16.35 24.66 20.20
N SER B 482 -16.88 24.00 19.18
CA SER B 482 -18.31 23.90 18.95
C SER B 482 -18.68 22.48 18.56
N THR B 483 -19.94 22.12 18.81
CA THR B 483 -20.44 20.80 18.43
C THR B 483 -20.80 20.71 16.95
N THR B 484 -20.96 21.84 16.27
CA THR B 484 -21.34 21.85 14.87
C THR B 484 -20.70 23.06 14.20
N ASN B 485 -20.55 22.95 12.87
CA ASN B 485 -20.15 24.08 12.04
C ASN B 485 -21.16 25.23 12.07
N ASN B 486 -20.72 26.38 11.55
CA ASN B 486 -21.54 27.57 11.28
C ASN B 486 -22.25 28.07 12.54
N VAL B 487 -21.51 28.19 13.63
CA VAL B 487 -22.04 28.76 14.87
C VAL B 487 -21.36 30.10 15.19
N GLY B 488 -20.77 30.75 14.21
CA GLY B 488 -20.42 32.15 14.35
C GLY B 488 -19.22 32.45 15.19
N LYS B 489 -18.32 31.48 15.41
CA LYS B 489 -17.12 31.69 16.20
C LYS B 489 -16.33 32.90 15.71
N ALA B 490 -15.94 32.89 14.44
CA ALA B 490 -15.21 34.01 13.86
C ALA B 490 -15.99 35.31 13.96
N THR B 491 -17.32 35.25 13.82
CA THR B 491 -18.12 36.46 13.97
C THR B 491 -18.02 37.02 15.38
N MET B 492 -18.18 36.16 16.39
CA MET B 492 -18.14 36.65 17.77
C MET B 492 -16.74 37.16 18.13
N VAL B 493 -15.69 36.51 17.61
CA VAL B 493 -14.34 37.04 17.75
C VAL B 493 -14.23 38.45 17.18
N ARG B 494 -14.70 38.64 15.95
CA ARG B 494 -14.65 39.98 15.34
C ARG B 494 -15.47 40.98 16.15
N PHE B 495 -16.61 40.55 16.68
CA PHE B 495 -17.40 41.39 17.58
C PHE B 495 -16.57 41.85 18.76
N ALA B 496 -15.96 40.91 19.48
CA ALA B 496 -15.11 41.25 20.62
C ALA B 496 -14.02 42.24 20.23
N SER B 497 -13.30 41.94 19.16
CA SER B 497 -12.24 42.82 18.66
C SER B 497 -12.75 44.24 18.44
N LYS B 498 -13.81 44.40 17.64
CA LYS B 498 -14.35 45.73 17.37
C LYS B 498 -14.89 46.41 18.61
N TYR B 499 -15.47 45.65 19.54
CA TYR B 499 -16.02 46.23 20.76
C TYR B 499 -14.93 46.81 21.64
N LEU B 500 -13.89 46.03 21.92
CA LEU B 500 -12.79 46.45 22.77
C LEU B 500 -11.75 47.28 22.02
N GLY B 501 -11.89 47.43 20.71
CA GLY B 501 -10.90 48.07 19.87
C GLY B 501 -9.51 47.46 19.89
N ILE B 502 -9.46 46.21 19.43
CA ILE B 502 -8.25 45.38 19.46
C ILE B 502 -7.98 44.98 18.02
N HIS B 503 -6.81 45.36 17.51
CA HIS B 503 -6.44 44.94 16.17
C HIS B 503 -6.49 43.42 16.05
N LEU B 504 -7.06 42.95 14.95
CA LEU B 504 -7.31 41.54 14.71
C LEU B 504 -6.49 41.04 13.54
N LEU B 505 -5.71 39.99 13.77
CA LEU B 505 -5.05 39.25 12.71
C LEU B 505 -5.89 38.02 12.40
N GLU B 506 -6.24 37.86 11.13
CA GLU B 506 -7.06 36.73 10.67
C GLU B 506 -6.23 35.87 9.73
N ILE B 507 -5.31 35.09 10.31
CA ILE B 507 -4.76 33.96 9.59
C ILE B 507 -5.85 32.89 9.47
N ASP B 508 -5.75 32.08 8.43
CA ASP B 508 -6.74 31.03 8.19
C ASP B 508 -6.06 29.85 7.50
N CYS B 509 -6.87 28.88 7.11
CA CYS B 509 -6.49 27.66 6.41
C CYS B 509 -6.22 27.86 4.92
N LEU B 510 -6.04 29.08 4.44
CA LEU B 510 -5.51 29.28 3.10
C LEU B 510 -4.01 29.05 3.04
N SER B 511 -3.55 27.93 3.60
CA SER B 511 -2.13 27.65 3.77
C SER B 511 -1.53 27.29 2.42
N LEU B 512 -0.26 26.86 2.43
CA LEU B 512 0.46 26.60 1.19
C LEU B 512 0.58 25.12 0.84
N THR B 513 0.70 24.24 1.83
CA THR B 513 0.93 22.83 1.54
C THR B 513 0.38 21.97 2.67
N SER B 514 -0.43 20.98 2.30
CA SER B 514 -0.98 20.04 3.26
C SER B 514 -0.96 18.60 2.80
N ASN B 515 -0.72 18.33 1.52
CA ASN B 515 -0.62 16.97 0.99
C ASN B 515 0.83 16.64 0.68
N SER B 516 1.25 15.43 1.03
CA SER B 516 2.64 15.01 0.95
C SER B 516 3.55 16.00 1.67
N ARG B 517 3.25 16.20 2.96
CA ARG B 517 3.91 17.22 3.77
C ARG B 517 5.41 17.01 3.90
N GLN B 518 5.93 15.85 3.48
CA GLN B 518 7.38 15.64 3.52
C GLN B 518 8.15 16.69 2.74
N LEU B 519 7.53 17.34 1.75
CA LEU B 519 8.21 18.33 0.92
C LEU B 519 8.34 19.67 1.66
N ASP B 520 9.04 19.63 2.80
CA ASP B 520 9.33 20.82 3.60
C ASP B 520 8.08 21.60 3.97
N SER B 521 6.95 20.91 4.14
CA SER B 521 5.70 21.60 4.44
C SER B 521 5.77 22.33 5.78
N THR B 522 6.43 21.72 6.77
CA THR B 522 6.58 22.34 8.08
C THR B 522 7.14 23.76 7.95
N SER B 523 8.21 23.90 7.15
CA SER B 523 8.78 25.22 6.93
C SER B 523 7.76 26.13 6.24
N LYS B 524 7.17 25.66 5.13
CA LYS B 524 6.26 26.50 4.37
C LYS B 524 5.13 27.02 5.24
N ILE B 525 4.76 26.26 6.27
CA ILE B 525 3.70 26.67 7.19
C ILE B 525 4.24 27.66 8.22
N ILE B 526 5.22 27.23 9.01
CA ILE B 526 5.63 28.00 10.18
C ILE B 526 6.32 29.30 9.76
N GLY B 527 7.17 29.24 8.73
CA GLY B 527 7.76 30.47 8.22
C GLY B 527 6.73 31.46 7.74
N TYR B 528 5.69 30.97 7.06
CA TYR B 528 4.60 31.84 6.62
C TYR B 528 3.91 32.48 7.82
N ILE B 529 3.61 31.69 8.84
CA ILE B 529 2.94 32.21 10.03
C ILE B 529 3.80 33.28 10.69
N ARG B 530 5.10 32.98 10.87
CA ARG B 530 6.00 33.89 11.54
C ARG B 530 6.16 35.19 10.75
N ALA B 531 6.26 35.08 9.43
CA ALA B 531 6.40 36.28 8.59
C ALA B 531 5.15 37.13 8.66
N LYS B 532 3.98 36.50 8.57
CA LYS B 532 2.72 37.26 8.64
C LYS B 532 2.59 37.97 9.98
N CYS B 533 2.86 37.26 11.07
CA CYS B 533 2.69 37.86 12.39
C CYS B 533 3.72 38.95 12.65
N GLU B 534 4.99 38.67 12.38
CA GLU B 534 6.06 39.58 12.77
C GLU B 534 5.93 40.96 12.12
N ASN B 535 5.19 41.06 11.02
CA ASN B 535 4.98 42.35 10.37
C ASN B 535 3.81 43.13 10.96
N VAL B 536 3.12 42.60 11.97
CA VAL B 536 1.97 43.25 12.56
C VAL B 536 2.15 43.44 14.07
N LEU B 537 2.53 42.37 14.78
CA LEU B 537 2.60 42.43 16.23
C LEU B 537 3.42 43.59 16.78
N PRO B 538 4.62 43.91 16.26
CA PRO B 538 5.38 45.05 16.81
C PRO B 538 4.69 46.40 16.66
N TYR B 539 3.50 46.44 16.05
CA TYR B 539 2.83 47.71 15.83
C TYR B 539 1.36 47.66 16.21
N ALA B 540 0.93 46.65 16.95
CA ALA B 540 -0.43 46.54 17.43
C ALA B 540 -0.42 46.37 18.94
N SER B 541 -1.23 47.17 19.64
CA SER B 541 -1.20 47.18 21.10
C SER B 541 -2.61 47.46 21.63
N PRO B 542 -3.34 46.43 22.09
CA PRO B 542 -2.95 45.01 22.10
C PRO B 542 -3.00 44.39 20.69
N ALA B 543 -3.05 43.06 20.62
CA ALA B 543 -3.19 42.38 19.34
C ALA B 543 -3.87 41.04 19.57
N VAL B 544 -4.47 40.51 18.50
CA VAL B 544 -5.10 39.20 18.51
C VAL B 544 -4.71 38.44 17.25
N ILE B 545 -4.19 37.24 17.42
CA ILE B 545 -3.93 36.31 16.33
C ILE B 545 -5.04 35.27 16.33
N PHE B 546 -5.88 35.29 15.31
CA PHE B 546 -7.01 34.37 15.19
C PHE B 546 -6.70 33.35 14.11
N LEU B 547 -6.70 32.07 14.50
CA LEU B 547 -6.43 30.95 13.60
C LEU B 547 -7.74 30.21 13.38
N ALA B 548 -8.38 30.51 12.26
CA ALA B 548 -9.59 29.79 11.87
C ALA B 548 -9.27 28.35 11.50
N HIS B 549 -10.20 27.46 11.83
CA HIS B 549 -10.14 26.05 11.45
C HIS B 549 -8.80 25.41 11.82
N LEU B 550 -8.25 25.81 12.97
CA LEU B 550 -7.01 25.25 13.47
C LEU B 550 -7.09 23.73 13.58
N ASP B 551 -8.29 23.19 13.69
CA ASP B 551 -8.48 21.74 13.84
C ASP B 551 -7.81 20.97 12.70
N SER B 552 -7.98 21.44 11.47
CA SER B 552 -7.55 20.71 10.28
C SER B 552 -6.05 20.88 9.96
N ILE B 553 -5.28 21.51 10.83
CA ILE B 553 -3.85 21.70 10.63
C ILE B 553 -3.04 21.01 11.73
N LEU B 554 -3.40 21.24 12.98
CA LEU B 554 -2.77 20.58 14.13
C LEU B 554 -3.39 19.21 14.39
N LEU B 555 -3.46 18.39 13.34
CA LEU B 555 -4.00 17.04 13.45
C LEU B 555 -3.21 16.22 14.47
N ASP B 556 -3.92 15.32 15.15
CA ASP B 556 -3.33 14.45 16.14
C ASP B 556 -2.87 13.13 15.51
N VAL B 557 -2.08 12.38 16.28
CA VAL B 557 -1.59 11.07 15.86
C VAL B 557 -2.76 10.17 15.47
N ASN B 558 -2.61 9.49 14.33
CA ASN B 558 -3.60 8.53 13.87
C ASN B 558 -3.31 7.15 14.44
N ALA B 559 -4.37 6.40 14.69
CA ALA B 559 -4.24 5.01 15.15
C ALA B 559 -3.44 4.17 14.16
N ASN B 560 -3.81 4.21 12.89
CA ASN B 560 -3.11 3.53 11.81
C ASN B 560 -2.41 4.55 10.92
N GLN B 561 -1.08 4.45 10.83
CA GLN B 561 -0.30 5.48 10.16
C GLN B 561 1.02 4.86 9.70
N ASP B 562 1.64 5.52 8.74
CA ASP B 562 3.04 5.24 8.41
C ASP B 562 3.95 5.67 9.55
N PRO B 563 4.88 4.81 9.97
CA PRO B 563 5.72 5.13 11.15
C PRO B 563 6.52 6.42 11.00
N GLU B 564 6.90 6.79 9.78
CA GLU B 564 7.72 7.97 9.55
C GLU B 564 6.89 9.19 9.13
N ALA B 565 5.74 8.98 8.50
CA ALA B 565 4.86 10.09 8.14
C ALA B 565 4.48 10.90 9.37
N ILE B 566 4.09 10.22 10.44
CA ILE B 566 3.67 10.85 11.69
C ILE B 566 4.74 11.77 12.27
N LYS B 567 6.00 11.56 11.89
CA LYS B 567 7.08 12.39 12.41
C LYS B 567 6.86 13.86 12.05
N LEU B 568 6.47 14.13 10.80
CA LEU B 568 6.12 15.49 10.38
C LEU B 568 5.00 16.07 11.22
N GLN B 569 3.95 15.27 11.49
CA GLN B 569 2.89 15.70 12.39
C GLN B 569 3.43 16.11 13.75
N LYS B 570 4.25 15.25 14.35
CA LYS B 570 4.87 15.58 15.64
C LYS B 570 5.66 16.90 15.56
N SER B 571 6.51 17.02 14.54
CA SER B 571 7.31 18.23 14.36
C SER B 571 6.45 19.49 14.27
N ILE B 572 5.43 19.48 13.40
CA ILE B 572 4.56 20.65 13.27
C ILE B 572 3.86 20.95 14.60
N ASN B 573 3.31 19.91 15.26
CA ASN B 573 2.74 20.09 16.59
C ASN B 573 3.67 20.84 17.52
N PHE B 574 4.89 20.31 17.69
CA PHE B 574 5.85 20.89 18.63
C PHE B 574 6.21 22.33 18.25
N GLU B 575 6.51 22.57 16.97
CA GLU B 575 6.90 23.92 16.56
C GLU B 575 5.76 24.91 16.75
N MET B 576 4.53 24.49 16.45
CA MET B 576 3.35 25.31 16.75
C MET B 576 3.27 25.64 18.23
N SER B 577 3.46 24.62 19.08
CA SER B 577 3.51 24.81 20.52
C SER B 577 4.56 25.86 20.91
N LYS B 578 5.75 25.75 20.35
CA LYS B 578 6.82 26.72 20.64
C LYS B 578 6.39 28.13 20.25
N LEU B 579 5.94 28.33 19.02
CA LEU B 579 5.57 29.66 18.57
C LEU B 579 4.35 30.19 19.32
N LEU B 580 3.56 29.29 19.91
CA LEU B 580 2.45 29.68 20.78
C LEU B 580 2.94 30.56 21.93
N ASP B 581 3.90 30.05 22.70
CA ASP B 581 4.42 30.74 23.86
C ASP B 581 5.44 31.81 23.50
N ASP B 582 6.12 31.69 22.36
CA ASP B 582 7.12 32.70 22.01
C ASP B 582 6.51 34.10 21.95
N PHE B 583 5.39 34.26 21.24
CA PHE B 583 4.74 35.56 21.18
C PHE B 583 4.27 36.03 22.56
N THR B 584 4.00 35.08 23.47
CA THR B 584 3.48 35.44 24.79
C THR B 584 4.39 36.44 25.50
N PHE B 585 5.69 36.16 25.49
CA PHE B 585 6.66 36.99 26.19
C PHE B 585 7.54 37.83 25.26
N LYS B 586 7.46 37.64 23.95
CA LYS B 586 8.13 38.58 23.05
C LYS B 586 7.36 39.88 22.85
N PHE B 587 6.07 39.93 23.20
CA PHE B 587 5.30 41.16 23.09
C PHE B 587 4.29 41.22 24.22
N PRO B 588 3.94 42.42 24.68
CA PRO B 588 2.93 42.55 25.75
C PRO B 588 1.51 42.54 25.18
N GLY B 589 0.61 41.90 25.92
CA GLY B 589 -0.80 41.96 25.60
C GLY B 589 -1.25 41.01 24.52
N THR B 590 -0.35 40.21 23.96
CA THR B 590 -0.72 39.26 22.92
C THR B 590 -1.68 38.20 23.45
N THR B 591 -2.75 37.96 22.70
CA THR B 591 -3.75 36.95 23.04
C THR B 591 -3.91 36.00 21.87
N PHE B 592 -3.88 34.69 22.16
CA PHE B 592 -3.99 33.66 21.14
C PHE B 592 -5.42 33.13 21.11
N VAL B 593 -6.19 33.54 20.10
CA VAL B 593 -7.60 33.18 20.02
C VAL B 593 -7.78 32.17 18.89
N GLY B 594 -7.72 30.89 19.24
CA GLY B 594 -7.91 29.81 18.28
C GLY B 594 -9.33 29.27 18.24
N SER B 595 -9.66 28.63 17.13
CA SER B 595 -10.99 28.08 16.89
C SER B 595 -10.82 26.65 16.39
N VAL B 596 -11.76 25.79 16.79
CA VAL B 596 -11.73 24.37 16.46
C VAL B 596 -13.17 23.88 16.34
N ASN B 597 -13.42 22.98 15.37
CA ASN B 597 -14.73 22.38 15.21
C ASN B 597 -14.92 21.07 15.97
N ASN B 598 -13.85 20.47 16.50
CA ASN B 598 -14.01 19.34 17.43
C ASN B 598 -12.75 19.24 18.31
N ILE B 599 -12.93 19.52 19.60
CA ILE B 599 -11.80 19.61 20.51
C ILE B 599 -11.17 18.25 20.79
N ASP B 600 -11.88 17.16 20.51
CA ASP B 600 -11.37 15.82 20.79
C ASP B 600 -10.07 15.54 20.03
N ASN B 601 -9.91 16.13 18.85
CA ASN B 601 -8.79 15.83 17.96
C ASN B 601 -7.63 16.80 18.09
N VAL B 602 -7.75 17.84 18.92
CA VAL B 602 -6.63 18.74 19.16
C VAL B 602 -5.54 17.99 19.92
N PRO B 603 -4.26 18.24 19.67
CA PRO B 603 -3.22 17.48 20.35
C PRO B 603 -3.09 17.87 21.82
N SER B 604 -3.06 16.85 22.69
CA SER B 604 -2.97 17.11 24.13
C SER B 604 -1.73 17.92 24.47
N SER B 605 -0.62 17.71 23.76
CA SER B 605 0.60 18.49 23.98
C SER B 605 0.36 19.97 23.78
N PHE B 606 -0.50 20.32 22.82
CA PHE B 606 -0.87 21.69 22.49
C PHE B 606 -2.03 22.18 23.36
N ARG B 607 -3.05 21.34 23.55
CA ARG B 607 -4.23 21.75 24.31
C ARG B 607 -3.95 21.93 25.79
N SER B 608 -3.00 21.17 26.35
CA SER B 608 -2.80 21.19 27.79
C SER B 608 -2.48 22.61 28.28
N HIS B 609 -1.70 23.36 27.50
CA HIS B 609 -1.47 24.77 27.83
C HIS B 609 -2.77 25.56 27.92
N MET B 610 -3.76 25.21 27.11
CA MET B 610 -5.02 25.96 27.07
C MET B 610 -5.65 26.04 28.47
N ARG B 611 -6.17 27.22 28.80
CA ARG B 611 -6.74 27.46 30.11
C ARG B 611 -8.16 28.03 30.07
N PHE B 612 -8.71 28.28 28.89
CA PHE B 612 -10.09 28.72 28.74
C PHE B 612 -10.66 28.10 27.48
N GLU B 613 -11.71 27.29 27.64
CA GLU B 613 -12.37 26.61 26.53
C GLU B 613 -13.88 26.88 26.60
N ILE B 614 -14.37 27.70 25.67
CA ILE B 614 -15.78 28.09 25.62
C ILE B 614 -16.47 27.24 24.56
N LEU B 615 -17.42 26.42 24.98
CA LEU B 615 -18.36 25.79 24.06
C LEU B 615 -19.42 26.81 23.64
N VAL B 616 -19.68 26.87 22.34
CA VAL B 616 -20.63 27.82 21.75
C VAL B 616 -21.88 27.10 21.27
N PRO B 617 -22.89 26.94 22.12
CA PRO B 617 -24.06 26.15 21.74
C PRO B 617 -24.79 26.75 20.54
N VAL B 618 -25.47 25.90 19.79
CA VAL B 618 -26.46 26.32 18.81
C VAL B 618 -27.46 27.23 19.51
N PRO B 619 -27.85 28.34 18.90
CA PRO B 619 -28.69 29.32 19.61
C PRO B 619 -30.05 28.75 20.00
N SER B 620 -30.38 28.90 21.27
CA SER B 620 -31.67 28.50 21.82
C SER B 620 -32.74 29.52 21.42
N GLU B 621 -33.98 29.22 21.83
CA GLU B 621 -35.15 30.01 21.43
C GLU B 621 -34.95 31.51 21.64
N ALA B 622 -34.44 31.91 22.81
CA ALA B 622 -34.25 33.33 23.09
C ALA B 622 -33.38 34.02 22.04
N GLN B 623 -32.26 33.40 21.68
CA GLN B 623 -31.31 34.03 20.76
C GLN B 623 -31.90 34.20 19.36
N ARG B 624 -32.49 33.13 18.82
CA ARG B 624 -33.05 33.19 17.46
C ARG B 624 -33.97 34.39 17.27
N LEU B 625 -34.74 34.74 18.30
CA LEU B 625 -35.57 35.95 18.25
C LEU B 625 -34.74 37.17 17.88
N ARG B 626 -33.65 37.41 18.62
CA ARG B 626 -32.76 38.52 18.35
C ARG B 626 -32.13 38.40 16.96
N ILE B 627 -31.69 37.20 16.59
CA ILE B 627 -31.06 37.00 15.27
C ILE B 627 -32.02 37.39 14.16
N PHE B 628 -33.27 36.94 14.25
CA PHE B 628 -34.30 37.36 13.29
C PHE B 628 -34.48 38.86 13.29
N GLN B 629 -34.68 39.44 14.47
CA GLN B 629 -34.79 40.90 14.60
C GLN B 629 -33.65 41.63 13.90
N TRP B 630 -32.45 41.07 13.94
CA TRP B 630 -31.31 41.66 13.24
C TRP B 630 -31.42 41.49 11.74
N TYR B 631 -31.46 40.25 11.26
CA TYR B 631 -31.40 40.03 9.81
C TYR B 631 -32.59 40.65 9.08
N LEU B 632 -33.74 40.75 9.74
CA LEU B 632 -34.90 41.42 9.15
C LEU B 632 -34.80 42.94 9.21
N SER B 633 -33.83 43.49 9.95
CA SER B 633 -33.73 44.93 10.13
C SER B 633 -33.54 45.65 8.80
N SER B 634 -34.00 46.92 8.78
CA SER B 634 -33.86 47.78 7.62
C SER B 634 -32.41 47.89 7.15
N HIS B 635 -31.48 48.10 8.08
CA HIS B 635 -30.07 48.27 7.74
C HIS B 635 -29.39 46.98 7.28
N GLU B 636 -30.14 45.90 7.06
CA GLU B 636 -29.60 44.65 6.55
C GLU B 636 -30.19 44.30 5.19
N LEU B 637 -31.52 44.24 5.09
CA LEU B 637 -32.17 43.88 3.83
C LEU B 637 -31.88 44.91 2.74
N ASN B 638 -32.13 46.19 3.02
CA ASN B 638 -31.92 47.25 2.03
C ASN B 638 -30.49 47.33 1.53
N ARG B 639 -29.53 46.83 2.30
CA ARG B 639 -28.15 46.87 1.86
C ARG B 639 -27.93 45.95 0.67
N ASP B 640 -26.88 46.24 -0.09
CA ASP B 640 -26.18 45.34 -1.02
C ASP B 640 -27.01 44.89 -2.21
N VAL B 641 -28.26 45.35 -2.34
CA VAL B 641 -29.12 44.97 -3.44
C VAL B 641 -29.19 46.06 -4.51
N GLN B 642 -29.20 47.32 -4.09
CA GLN B 642 -29.31 48.48 -4.99
C GLN B 642 -30.59 48.43 -5.84
N GLN B 643 -31.60 47.70 -5.39
CA GLN B 643 -32.89 47.72 -6.07
C GLN B 643 -33.55 49.09 -5.91
N LYS B 644 -34.14 49.59 -7.00
CA LYS B 644 -34.64 50.95 -7.04
C LYS B 644 -35.82 51.19 -6.12
N VAL B 645 -36.40 50.13 -5.56
CA VAL B 645 -37.53 50.24 -4.64
C VAL B 645 -37.06 49.74 -3.28
N PRO B 646 -37.03 50.58 -2.24
CA PRO B 646 -36.63 50.11 -0.91
C PRO B 646 -37.44 48.92 -0.41
N VAL B 647 -36.91 48.26 0.62
CA VAL B 647 -37.46 47.01 1.13
C VAL B 647 -37.82 47.18 2.60
N SER B 648 -38.76 46.35 3.05
CA SER B 648 -39.14 46.35 4.46
C SER B 648 -40.07 45.17 4.71
N TYR B 649 -40.22 44.84 5.99
CA TYR B 649 -41.16 43.82 6.45
C TYR B 649 -42.50 44.43 6.86
N MET B 650 -43.56 43.65 6.69
CA MET B 650 -44.88 44.04 7.16
C MET B 650 -44.96 43.81 8.66
N ASP B 651 -45.53 44.79 9.37
CA ASP B 651 -45.56 44.77 10.83
C ASP B 651 -46.33 43.59 11.41
N ASN B 652 -47.19 42.93 10.62
CA ASN B 652 -47.96 41.81 11.15
C ASN B 652 -47.13 40.57 11.43
N ILE B 653 -45.84 40.57 11.16
CA ILE B 653 -44.98 39.43 11.47
C ILE B 653 -44.90 39.26 12.99
N SER B 654 -44.42 38.10 13.44
CA SER B 654 -44.36 37.81 14.87
C SER B 654 -43.05 37.08 15.16
N PHE B 655 -42.12 37.78 15.82
CA PHE B 655 -40.87 37.16 16.27
C PHE B 655 -41.13 35.94 17.15
N SER B 656 -42.06 36.06 18.10
CA SER B 656 -42.21 35.03 19.13
C SER B 656 -42.56 33.68 18.54
N SER B 657 -43.50 33.64 17.58
CA SER B 657 -43.86 32.36 16.98
C SER B 657 -42.78 31.89 16.01
N LEU B 658 -42.24 32.82 15.21
CA LEU B 658 -41.21 32.49 14.24
C LEU B 658 -40.02 31.79 14.90
N SER B 659 -39.50 32.40 15.97
CA SER B 659 -38.42 31.81 16.75
C SER B 659 -38.74 30.37 17.16
N SER B 660 -39.89 30.16 17.80
CA SER B 660 -40.22 28.81 18.26
C SER B 660 -40.36 27.84 17.11
N TYR B 661 -40.79 28.32 15.93
CA TYR B 661 -41.03 27.42 14.81
C TYR B 661 -39.76 27.11 14.04
N SER B 662 -38.66 27.81 14.33
CA SER B 662 -37.37 27.64 13.67
C SER B 662 -36.36 26.92 14.57
N ALA B 663 -36.84 26.02 15.43
CA ALA B 663 -35.97 25.38 16.40
C ALA B 663 -34.85 24.59 15.73
N GLY B 664 -33.70 24.54 16.40
CA GLY B 664 -32.57 23.76 15.96
C GLY B 664 -31.74 24.36 14.86
N LEU B 665 -32.29 25.28 14.07
CA LEU B 665 -31.56 25.89 12.97
C LEU B 665 -30.44 26.79 13.49
N THR B 666 -29.29 26.70 12.84
CA THR B 666 -28.15 27.56 13.12
C THR B 666 -28.34 28.93 12.47
N PRO B 667 -27.56 29.94 12.90
CA PRO B 667 -27.71 31.28 12.31
C PRO B 667 -27.59 31.31 10.79
N LEU B 668 -26.69 30.53 10.20
CA LEU B 668 -26.57 30.53 8.75
C LEU B 668 -27.88 30.09 8.10
N ASP B 669 -28.52 29.08 8.68
CA ASP B 669 -29.84 28.65 8.22
C ASP B 669 -30.83 29.81 8.29
N ILE B 670 -30.80 30.57 9.39
CA ILE B 670 -31.68 31.72 9.55
C ILE B 670 -31.48 32.71 8.42
N LYS B 671 -30.23 33.09 8.16
CA LYS B 671 -29.96 34.01 7.07
C LYS B 671 -30.44 33.44 5.73
N SER B 672 -30.25 32.14 5.52
CA SER B 672 -30.76 31.50 4.31
C SER B 672 -32.26 31.70 4.18
N ILE B 673 -33.00 31.45 5.27
CA ILE B 673 -34.44 31.68 5.31
C ILE B 673 -34.77 33.11 4.91
N VAL B 674 -34.11 34.08 5.55
CA VAL B 674 -34.36 35.49 5.26
C VAL B 674 -34.13 35.79 3.78
N GLU B 675 -33.00 35.32 3.24
CA GLU B 675 -32.69 35.54 1.82
C GLU B 675 -33.76 34.95 0.92
N THR B 676 -34.16 33.71 1.17
CA THR B 676 -35.22 33.08 0.38
C THR B 676 -36.53 33.86 0.45
N ALA B 677 -36.91 34.30 1.65
CA ALA B 677 -38.07 35.17 1.81
C ALA B 677 -37.95 36.43 0.95
N ARG B 678 -36.79 37.07 1.00
CA ARG B 678 -36.53 38.24 0.15
C ARG B 678 -36.73 37.92 -1.32
N MET B 679 -36.16 36.80 -1.78
CA MET B 679 -36.36 36.38 -3.17
C MET B 679 -37.85 36.27 -3.50
N THR B 680 -38.60 35.53 -2.68
CA THR B 680 -39.99 35.28 -3.01
C THR B 680 -40.79 36.58 -3.01
N ALA B 681 -40.49 37.47 -2.06
CA ALA B 681 -41.17 38.76 -2.02
C ALA B 681 -40.88 39.57 -3.28
N THR B 682 -39.62 39.60 -3.71
CA THR B 682 -39.27 40.34 -4.92
C THR B 682 -39.97 39.74 -6.14
N ALA B 683 -40.03 38.40 -6.20
CA ALA B 683 -40.73 37.75 -7.30
C ALA B 683 -42.21 38.13 -7.31
N ARG B 684 -42.84 38.16 -6.12
CA ARG B 684 -44.23 38.59 -6.03
C ARG B 684 -44.39 40.02 -6.52
N PHE B 685 -43.47 40.89 -6.11
CA PHE B 685 -43.57 42.29 -6.49
C PHE B 685 -43.48 42.47 -7.99
N TYR B 686 -42.49 41.83 -8.63
CA TYR B 686 -42.38 41.96 -10.07
C TYR B 686 -43.51 41.25 -10.81
N GLN B 687 -44.07 40.19 -10.22
CA GLN B 687 -45.24 39.56 -10.82
C GLN B 687 -46.43 40.51 -10.81
N GLU B 688 -46.64 41.21 -9.69
CA GLU B 688 -47.72 42.18 -9.61
C GLU B 688 -47.49 43.35 -10.55
N SER B 689 -46.24 43.83 -10.62
CA SER B 689 -45.91 44.90 -11.55
C SER B 689 -46.17 44.50 -12.99
N LYS B 690 -45.87 43.24 -13.34
CA LYS B 690 -46.20 42.73 -14.66
C LYS B 690 -47.70 42.75 -14.91
N LYS B 691 -48.48 42.46 -13.88
CA LYS B 691 -49.93 42.48 -14.00
C LYS B 691 -50.44 43.91 -14.08
N CYS B 692 -51.72 44.03 -14.42
CA CYS B 692 -52.36 45.34 -14.58
C CYS B 692 -52.85 45.93 -13.27
N GLY B 693 -52.68 45.24 -12.15
CA GLY B 693 -53.17 45.71 -10.88
C GLY B 693 -52.32 46.84 -10.31
N TRP B 694 -52.76 47.33 -9.15
CA TRP B 694 -52.04 48.41 -8.48
C TRP B 694 -50.64 47.98 -8.06
N LEU B 695 -49.68 48.89 -8.24
CA LEU B 695 -48.28 48.59 -8.02
C LEU B 695 -47.85 49.20 -6.69
N PRO B 696 -47.57 48.39 -5.66
CA PRO B 696 -47.00 48.94 -4.43
C PRO B 696 -45.65 49.60 -4.69
N GLN B 697 -45.35 50.62 -3.90
CA GLN B 697 -44.07 51.31 -3.99
C GLN B 697 -43.01 50.72 -3.08
N SER B 698 -43.33 49.63 -2.36
CA SER B 698 -42.37 48.90 -1.55
C SER B 698 -42.71 47.42 -1.61
N ILE B 699 -41.69 46.58 -1.42
CA ILE B 699 -41.86 45.14 -1.42
C ILE B 699 -41.84 44.66 0.03
N LEU B 700 -42.86 43.90 0.42
CA LEU B 700 -43.09 43.59 1.82
C LEU B 700 -42.97 42.10 2.05
N ILE B 701 -41.98 41.70 2.86
CA ILE B 701 -41.91 40.33 3.34
C ILE B 701 -43.16 40.02 4.15
N THR B 702 -43.61 38.77 4.09
CA THR B 702 -44.83 38.33 4.77
C THR B 702 -44.59 37.01 5.50
N GLN B 703 -45.08 36.94 6.74
CA GLN B 703 -45.00 35.72 7.53
C GLN B 703 -45.64 34.53 6.82
N GLU B 704 -46.67 34.79 6.01
CA GLU B 704 -47.29 33.72 5.23
C GLU B 704 -46.29 33.06 4.29
N ASP B 705 -45.20 33.75 3.96
CA ASP B 705 -44.15 33.19 3.12
C ASP B 705 -43.08 32.50 3.96
N LEU B 706 -42.66 33.13 5.06
CA LEU B 706 -41.73 32.51 5.98
C LEU B 706 -42.21 31.14 6.44
N SER B 707 -43.53 31.00 6.65
CA SER B 707 -44.07 29.73 7.13
C SER B 707 -43.70 28.57 6.23
N LYS B 708 -43.53 28.80 4.93
CA LYS B 708 -43.16 27.74 4.00
C LYS B 708 -41.67 27.79 3.63
N ALA B 709 -41.06 28.97 3.66
CA ALA B 709 -39.61 29.05 3.46
C ALA B 709 -38.87 28.28 4.55
N THR B 710 -39.36 28.36 5.79
CA THR B 710 -38.78 27.57 6.86
C THR B 710 -38.92 26.08 6.59
N SER B 711 -40.08 25.67 6.07
CA SER B 711 -40.28 24.27 5.71
C SER B 711 -39.30 23.83 4.63
N LYS B 712 -39.09 24.67 3.62
CA LYS B 712 -38.12 24.33 2.58
C LYS B 712 -36.70 24.24 3.13
N ALA B 713 -36.34 25.16 4.03
CA ALA B 713 -35.04 25.08 4.71
C ALA B 713 -34.90 23.76 5.48
N ARG B 714 -35.97 23.36 6.17
CA ARG B 714 -35.94 22.10 6.89
C ARG B 714 -35.82 20.92 5.94
N ASN B 715 -36.50 20.97 4.80
CA ASN B 715 -36.37 19.89 3.83
C ASN B 715 -34.95 19.81 3.30
N GLU B 716 -34.33 20.98 3.06
CA GLU B 716 -32.92 21.02 2.68
C GLU B 716 -32.06 20.31 3.71
N PHE B 717 -32.25 20.64 4.99
CA PHE B 717 -31.54 19.96 6.07
C PHE B 717 -31.78 18.45 6.02
N SER B 718 -33.04 18.04 5.90
CA SER B 718 -33.37 16.61 5.82
C SER B 718 -32.65 15.93 4.67
N VAL B 719 -32.49 16.63 3.54
CA VAL B 719 -31.67 16.08 2.46
C VAL B 719 -30.20 16.01 2.87
N SER B 720 -29.73 16.99 3.66
CA SER B 720 -28.35 16.98 4.13
C SER B 720 -28.00 15.68 4.86
N ILE B 721 -28.86 15.25 5.79
CA ILE B 721 -28.65 14.03 6.55
C ILE B 721 -28.89 12.78 5.69
N GLY B 722 -29.24 12.97 4.43
CA GLY B 722 -29.36 11.83 3.54
C GLY B 722 -30.55 10.93 3.72
N ALA B 723 -31.62 11.42 4.34
CA ALA B 723 -32.79 10.60 4.55
C ALA B 723 -33.43 10.23 3.21
N PRO B 724 -34.06 9.05 3.12
CA PRO B 724 -34.70 8.67 1.86
C PRO B 724 -35.95 9.49 1.56
N GLN B 725 -36.34 9.45 0.30
CA GLN B 725 -37.57 10.08 -0.20
C GLN B 725 -38.74 9.09 -0.06
N ILE B 726 -39.28 9.02 1.15
CA ILE B 726 -40.38 8.09 1.42
C ILE B 726 -41.58 8.51 0.60
N PRO B 727 -42.39 7.57 0.06
CA PRO B 727 -43.61 7.98 -0.65
C PRO B 727 -44.55 8.81 0.21
N ASN B 728 -45.47 9.49 -0.48
CA ASN B 728 -46.42 10.40 0.15
C ASN B 728 -47.73 9.69 0.51
N VAL B 729 -47.63 8.81 1.50
CA VAL B 729 -48.83 8.21 2.09
C VAL B 729 -49.46 9.25 3.01
N THR B 730 -50.78 9.20 3.13
CA THR B 730 -51.52 10.07 4.02
C THR B 730 -52.08 9.32 5.23
N TRP B 731 -52.20 10.04 6.34
CA TRP B 731 -52.70 9.53 7.61
C TRP B 731 -54.08 8.89 7.51
N ASP B 732 -54.79 9.10 6.40
CA ASP B 732 -56.16 8.60 6.24
C ASP B 732 -56.24 7.20 5.64
N ASP B 733 -55.16 6.72 5.01
CA ASP B 733 -55.21 5.42 4.35
C ASP B 733 -55.26 4.26 5.35
N ILE B 734 -54.88 4.49 6.61
CA ILE B 734 -54.55 3.41 7.52
C ILE B 734 -55.78 2.56 7.88
N GLY B 735 -56.98 3.11 7.71
CA GLY B 735 -58.19 2.31 7.87
C GLY B 735 -58.40 1.76 9.27
N GLY B 736 -58.67 0.46 9.34
CA GLY B 736 -59.16 -0.18 10.54
C GLY B 736 -58.17 -0.42 11.65
N ILE B 737 -57.33 0.56 11.95
CA ILE B 737 -56.18 0.38 12.82
C ILE B 737 -56.30 1.49 13.87
N ASP B 738 -57.54 1.88 14.16
CA ASP B 738 -57.82 2.98 15.09
C ASP B 738 -57.13 2.81 16.44
N PHE B 739 -57.21 1.63 17.05
CA PHE B 739 -56.57 1.40 18.34
C PHE B 739 -55.08 1.71 18.29
N VAL B 740 -54.35 1.04 17.39
CA VAL B 740 -52.93 1.30 17.20
C VAL B 740 -52.70 2.75 16.77
N LYS B 741 -53.57 3.29 15.92
CA LYS B 741 -53.52 4.69 15.53
C LYS B 741 -53.43 5.62 16.73
N GLY B 742 -54.40 5.52 17.63
CA GLY B 742 -54.38 6.30 18.86
C GLY B 742 -53.18 6.02 19.75
N GLU B 743 -52.79 4.75 19.88
CA GLU B 743 -51.59 4.41 20.64
C GLU B 743 -50.38 5.17 20.13
N ILE B 744 -50.15 5.14 18.81
CA ILE B 744 -49.05 5.87 18.20
C ILE B 744 -49.19 7.38 18.44
N LEU B 745 -50.39 7.91 18.22
CA LEU B 745 -50.61 9.35 18.44
C LEU B 745 -50.25 9.75 19.87
N ASP B 746 -50.55 8.90 20.85
CA ASP B 746 -50.30 9.23 22.25
C ASP B 746 -48.82 9.39 22.58
N THR B 747 -47.92 8.93 21.72
CA THR B 747 -46.49 9.00 22.02
C THR B 747 -45.71 9.83 21.01
N ILE B 748 -45.97 9.65 19.71
CA ILE B 748 -45.21 10.39 18.70
C ILE B 748 -45.56 11.87 18.73
N ASP B 749 -46.84 12.20 18.94
CA ASP B 749 -47.33 13.57 18.84
C ASP B 749 -47.80 14.18 20.16
N MET B 750 -48.43 13.40 21.04
CA MET B 750 -48.95 13.94 22.29
C MET B 750 -47.90 14.68 23.12
N PRO B 751 -46.70 14.15 23.35
CA PRO B 751 -45.68 14.96 24.03
C PRO B 751 -44.96 15.94 23.12
N LEU B 752 -45.35 16.02 21.85
CA LEU B 752 -44.83 17.00 20.91
C LEU B 752 -45.78 18.17 20.70
N LYS B 753 -47.09 17.93 20.77
CA LYS B 753 -48.06 19.01 20.75
C LYS B 753 -48.18 19.59 22.15
N HIS B 754 -48.44 20.91 22.21
CA HIS B 754 -48.43 21.70 23.44
C HIS B 754 -47.30 21.24 24.34
N PRO B 755 -46.05 21.46 23.94
CA PRO B 755 -44.91 20.91 24.69
C PRO B 755 -44.67 21.56 26.03
N GLU B 756 -45.61 21.43 26.94
CA GLU B 756 -45.44 21.95 28.30
C GLU B 756 -45.65 20.87 29.36
N LEU B 757 -46.66 20.03 29.20
CA LEU B 757 -46.96 19.03 30.22
C LEU B 757 -45.87 17.96 30.33
N PHE B 758 -45.33 17.53 29.19
CA PHE B 758 -44.22 16.59 29.12
C PHE B 758 -42.84 17.24 29.20
N THR B 759 -42.74 18.56 29.26
CA THR B 759 -41.45 19.26 29.23
C THR B 759 -40.68 18.93 30.51
N SER B 760 -39.97 17.81 30.46
CA SER B 760 -39.16 17.31 31.56
C SER B 760 -38.26 16.20 31.03
N GLY B 761 -37.25 15.85 31.83
CA GLY B 761 -36.33 14.78 31.51
C GLY B 761 -36.82 13.35 31.61
N MET B 762 -38.12 13.15 31.84
CA MET B 762 -38.65 11.82 32.09
C MET B 762 -38.32 10.84 30.96
N LYS B 763 -38.47 9.55 31.27
CA LYS B 763 -38.40 8.48 30.28
C LYS B 763 -39.70 8.51 29.49
N LYS B 764 -39.67 9.20 28.35
CA LYS B 764 -40.85 9.44 27.53
C LYS B 764 -41.18 8.29 26.60
N ARG B 765 -40.66 7.09 26.90
CA ARG B 765 -40.99 5.85 26.21
C ARG B 765 -40.94 5.99 24.69
N SER B 766 -39.74 6.31 24.21
CA SER B 766 -39.47 6.52 22.79
C SER B 766 -39.43 5.20 22.01
N GLY B 767 -39.79 4.09 22.62
CA GLY B 767 -39.75 2.78 21.98
C GLY B 767 -41.14 2.23 21.70
N ILE B 768 -41.27 1.59 20.53
CA ILE B 768 -42.53 1.02 20.07
C ILE B 768 -42.19 0.04 18.95
N LEU B 769 -42.89 -1.10 18.94
CA LEU B 769 -42.73 -2.04 17.84
C LEU B 769 -44.03 -2.73 17.50
N PHE B 770 -44.24 -2.95 16.21
CA PHE B 770 -45.39 -3.68 15.68
C PHE B 770 -45.00 -5.13 15.39
N TYR B 771 -45.91 -6.05 15.71
CA TYR B 771 -45.68 -7.47 15.51
C TYR B 771 -47.01 -8.14 15.18
N GLY B 772 -46.96 -9.11 14.26
CA GLY B 772 -48.11 -9.92 13.94
C GLY B 772 -48.06 -10.47 12.54
N PRO B 773 -49.13 -11.17 12.14
CA PRO B 773 -49.16 -11.85 10.83
C PRO B 773 -48.77 -10.95 9.68
N PRO B 774 -48.29 -11.52 8.58
CA PRO B 774 -47.81 -10.72 7.45
C PRO B 774 -48.88 -9.84 6.84
N GLY B 775 -48.51 -8.62 6.48
CA GLY B 775 -49.37 -7.77 5.69
C GLY B 775 -50.54 -7.15 6.41
N THR B 776 -50.26 -6.37 7.47
CA THR B 776 -51.31 -5.70 8.22
C THR B 776 -50.93 -4.28 8.58
N GLY B 777 -50.06 -3.64 7.79
CA GLY B 777 -49.87 -2.21 7.87
C GLY B 777 -48.57 -1.76 8.51
N LYS B 778 -47.72 -2.68 8.95
CA LYS B 778 -46.56 -2.32 9.76
C LYS B 778 -45.65 -1.33 9.03
N THR B 779 -45.36 -1.60 7.75
CA THR B 779 -44.54 -0.68 6.97
C THR B 779 -45.32 0.55 6.51
N LEU B 780 -46.61 0.41 6.21
CA LEU B 780 -47.39 1.57 5.78
C LEU B 780 -47.49 2.62 6.87
N MET B 781 -47.75 2.20 8.12
CA MET B 781 -47.81 3.15 9.22
C MET B 781 -46.52 3.96 9.32
N ALA B 782 -45.37 3.29 9.23
CA ALA B 782 -44.08 3.96 9.18
C ALA B 782 -44.00 4.94 8.02
N LYS B 783 -44.40 4.50 6.83
CA LYS B 783 -44.35 5.36 5.66
C LYS B 783 -45.19 6.61 5.87
N ALA B 784 -46.35 6.47 6.52
CA ALA B 784 -47.19 7.62 6.84
C ALA B 784 -46.48 8.57 7.79
N ILE B 785 -46.02 8.04 8.93
CA ILE B 785 -45.30 8.86 9.92
C ILE B 785 -44.12 9.59 9.28
N ALA B 786 -43.48 8.95 8.29
CA ALA B 786 -42.29 9.53 7.65
C ALA B 786 -42.55 10.90 7.05
N THR B 787 -43.80 11.22 6.69
CA THR B 787 -44.11 12.48 6.02
C THR B 787 -45.24 13.27 6.66
N ASN B 788 -46.12 12.66 7.46
CA ASN B 788 -47.26 13.35 8.03
C ASN B 788 -46.93 14.03 9.36
N PHE B 789 -45.75 13.78 9.92
CA PHE B 789 -45.40 14.27 11.25
C PHE B 789 -44.22 15.24 11.25
N SER B 790 -43.49 15.40 10.14
CA SER B 790 -42.35 16.29 10.02
C SER B 790 -41.16 15.87 10.88
N LEU B 791 -41.12 14.60 11.28
CA LEU B 791 -39.96 14.05 11.98
C LEU B 791 -39.03 13.39 10.97
N ASN B 792 -37.73 13.65 11.12
CA ASN B 792 -36.74 12.97 10.29
C ASN B 792 -36.86 11.46 10.42
N PHE B 793 -36.86 10.78 9.28
CA PHE B 793 -37.18 9.36 9.18
C PHE B 793 -35.99 8.60 8.63
N PHE B 794 -35.33 7.83 9.51
CA PHE B 794 -34.18 7.02 9.14
C PHE B 794 -34.64 5.60 8.87
N SER B 795 -34.19 5.04 7.75
CA SER B 795 -34.50 3.67 7.37
C SER B 795 -33.29 2.78 7.64
N VAL B 796 -33.53 1.70 8.39
CA VAL B 796 -32.57 0.63 8.60
C VAL B 796 -33.00 -0.53 7.72
N LYS B 797 -32.40 -0.61 6.53
CA LYS B 797 -32.80 -1.56 5.49
C LYS B 797 -32.43 -2.99 5.92
N GLY B 798 -33.31 -3.57 6.73
CA GLY B 798 -33.11 -4.91 7.26
C GLY B 798 -31.75 -5.14 7.87
N PRO B 799 -31.06 -6.21 7.44
CA PRO B 799 -29.68 -6.42 7.86
C PRO B 799 -28.67 -5.51 7.15
N GLU B 800 -29.01 -4.23 7.01
CA GLU B 800 -28.07 -3.28 6.42
C GLU B 800 -26.80 -3.20 7.25
N LEU B 801 -26.95 -3.12 8.57
CA LEU B 801 -25.83 -2.85 9.48
C LEU B 801 -24.71 -3.89 9.31
N LEU B 802 -25.05 -5.18 9.31
CA LEU B 802 -24.06 -6.24 9.25
C LEU B 802 -23.05 -5.94 8.14
N ASN B 803 -21.82 -6.41 8.34
CA ASN B 803 -20.73 -5.98 7.47
C ASN B 803 -19.69 -7.08 7.35
N MET B 804 -18.81 -6.91 6.35
CA MET B 804 -17.71 -7.83 6.09
C MET B 804 -16.91 -8.13 7.35
N TYR B 805 -16.29 -7.11 7.93
CA TYR B 805 -15.20 -7.32 8.86
C TYR B 805 -15.73 -7.54 10.29
N ILE B 806 -14.79 -7.68 11.22
CA ILE B 806 -15.13 -7.98 12.61
C ILE B 806 -15.87 -6.82 13.26
N GLY B 807 -15.34 -5.61 13.13
CA GLY B 807 -15.78 -4.48 13.92
C GLY B 807 -16.53 -3.38 13.19
N GLU B 808 -16.69 -3.48 11.88
CA GLU B 808 -17.33 -2.40 11.15
C GLU B 808 -18.85 -2.41 11.29
N SER B 809 -19.44 -3.55 11.64
CA SER B 809 -20.85 -3.53 12.03
C SER B 809 -21.04 -2.72 13.31
N GLU B 810 -20.13 -2.89 14.26
CA GLU B 810 -20.17 -2.16 15.52
C GLU B 810 -19.85 -0.68 15.31
N ALA B 811 -19.22 -0.33 14.19
CA ALA B 811 -19.03 1.06 13.83
C ALA B 811 -20.26 1.60 13.12
N ASN B 812 -20.92 0.77 12.31
CA ASN B 812 -22.10 1.21 11.56
C ASN B 812 -23.24 1.53 12.51
N VAL B 813 -23.50 0.65 13.48
CA VAL B 813 -24.55 0.90 14.45
C VAL B 813 -24.33 2.22 15.17
N ARG B 814 -23.13 2.41 15.69
CA ARG B 814 -22.81 3.63 16.42
C ARG B 814 -22.89 4.86 15.52
N ARG B 815 -22.46 4.75 14.26
CA ARG B 815 -22.58 5.88 13.34
C ARG B 815 -24.04 6.23 13.09
N VAL B 816 -24.88 5.21 12.90
CA VAL B 816 -26.30 5.45 12.67
C VAL B 816 -26.90 6.21 13.85
N PHE B 817 -26.67 5.71 15.06
CA PHE B 817 -27.23 6.36 16.25
C PHE B 817 -26.66 7.77 16.44
N GLN B 818 -25.35 7.94 16.24
CA GLN B 818 -24.74 9.26 16.33
C GLN B 818 -25.37 10.26 15.37
N LYS B 819 -25.48 9.88 14.09
CA LYS B 819 -26.07 10.78 13.11
C LYS B 819 -27.52 11.08 13.46
N ALA B 820 -28.28 10.07 13.88
CA ALA B 820 -29.66 10.36 14.26
C ALA B 820 -29.69 11.35 15.42
N ARG B 821 -28.85 11.11 16.43
CA ARG B 821 -28.75 11.98 17.60
C ARG B 821 -28.37 13.40 17.23
N GLU B 822 -27.74 13.59 16.05
CA GLU B 822 -27.41 14.93 15.61
C GLU B 822 -28.66 15.78 15.39
N ALA B 823 -29.70 15.18 14.81
CA ALA B 823 -30.98 15.85 14.59
C ALA B 823 -31.98 15.27 15.61
N LYS B 824 -32.25 16.03 16.66
CA LYS B 824 -32.95 15.48 17.82
C LYS B 824 -34.33 14.91 17.47
N PRO B 825 -35.20 15.61 16.74
CA PRO B 825 -36.50 14.99 16.41
C PRO B 825 -36.39 14.02 15.22
N CYS B 826 -35.96 12.80 15.52
CA CYS B 826 -35.67 11.81 14.49
C CYS B 826 -36.27 10.48 14.87
N VAL B 827 -36.46 9.63 13.85
CA VAL B 827 -37.06 8.31 14.01
C VAL B 827 -36.12 7.27 13.43
N ILE B 828 -36.07 6.10 14.06
CA ILE B 828 -35.31 4.95 13.58
C ILE B 828 -36.29 3.81 13.32
N PHE B 829 -36.32 3.33 12.07
CA PHE B 829 -37.26 2.30 11.64
C PHE B 829 -36.50 1.01 11.39
N PHE B 830 -36.42 0.18 12.43
CA PHE B 830 -35.82 -1.16 12.32
C PHE B 830 -36.84 -2.09 11.66
N ASP B 831 -36.75 -2.18 10.33
CA ASP B 831 -37.64 -3.02 9.54
C ASP B 831 -37.13 -4.46 9.55
N GLN B 832 -37.98 -5.40 9.95
CA GLN B 832 -37.62 -6.80 10.17
C GLN B 832 -36.45 -6.94 11.13
N ILE B 833 -36.74 -6.60 12.39
CA ILE B 833 -35.75 -6.63 13.46
C ILE B 833 -35.12 -8.02 13.59
N ASP B 834 -35.85 -9.07 13.19
CA ASP B 834 -35.36 -10.44 13.26
C ASP B 834 -33.92 -10.57 12.74
N SER B 835 -33.65 -10.00 11.56
CA SER B 835 -32.37 -10.19 10.90
C SER B 835 -31.21 -9.61 11.69
N VAL B 836 -31.47 -8.72 12.64
CA VAL B 836 -30.42 -7.96 13.31
C VAL B 836 -30.31 -8.30 14.79
N ALA B 837 -31.41 -8.68 15.44
CA ALA B 837 -31.44 -8.87 16.89
C ALA B 837 -31.97 -10.25 17.26
N PRO B 838 -31.30 -11.32 16.82
CA PRO B 838 -31.73 -12.66 17.21
C PRO B 838 -31.45 -12.93 18.68
N LYS B 839 -32.18 -13.90 19.21
CA LYS B 839 -31.99 -14.37 20.59
C LYS B 839 -30.53 -14.68 20.88
N ARG B 840 -30.03 -14.08 21.96
CA ARG B 840 -28.63 -14.14 22.34
C ARG B 840 -28.25 -15.53 22.87
N GLY B 841 -27.12 -16.05 22.38
CA GLY B 841 -26.56 -17.26 22.97
C GLY B 841 -27.33 -18.54 22.80
N ASN B 842 -27.87 -18.78 21.61
CA ASN B 842 -28.51 -20.05 21.29
C ASN B 842 -27.47 -21.03 20.74
N GLN B 843 -27.74 -22.33 20.95
CA GLN B 843 -26.82 -23.36 20.51
C GLN B 843 -26.84 -23.52 19.00
N GLY B 844 -28.01 -23.38 18.38
CA GLY B 844 -28.13 -23.54 16.95
C GLY B 844 -27.65 -22.39 16.08
N ASP B 845 -26.56 -21.74 16.47
CA ASP B 845 -26.05 -20.58 15.73
C ASP B 845 -24.53 -20.61 15.79
N SER B 846 -23.91 -19.92 14.83
CA SER B 846 -22.47 -19.92 14.67
C SER B 846 -21.97 -18.51 14.42
N GLY B 847 -20.65 -18.35 14.53
CA GLY B 847 -19.99 -17.06 14.36
C GLY B 847 -20.08 -16.11 15.53
N GLY B 848 -21.25 -15.97 16.14
CA GLY B 848 -21.37 -15.16 17.33
C GLY B 848 -21.53 -13.67 17.09
N VAL B 849 -21.29 -13.19 15.87
CA VAL B 849 -21.40 -11.76 15.59
C VAL B 849 -22.83 -11.28 15.81
N MET B 850 -23.82 -12.12 15.48
CA MET B 850 -25.20 -11.78 15.75
C MET B 850 -25.46 -11.51 17.24
N ASP B 851 -24.66 -12.10 18.13
CA ASP B 851 -24.74 -11.80 19.55
C ASP B 851 -24.06 -10.47 19.88
N ARG B 852 -22.87 -10.24 19.35
CA ARG B 852 -22.18 -8.98 19.58
C ARG B 852 -23.02 -7.79 19.13
N ILE B 853 -23.59 -7.86 17.93
CA ILE B 853 -24.38 -6.75 17.39
C ILE B 853 -25.62 -6.48 18.26
N VAL B 854 -26.36 -7.53 18.64
CA VAL B 854 -27.53 -7.33 19.50
C VAL B 854 -27.13 -6.75 20.86
N SER B 855 -26.03 -7.23 21.44
CA SER B 855 -25.49 -6.62 22.65
C SER B 855 -25.21 -5.13 22.46
N GLN B 856 -24.54 -4.77 21.38
CA GLN B 856 -24.29 -3.36 21.06
C GLN B 856 -25.59 -2.57 20.94
N LEU B 857 -26.60 -3.15 20.31
CA LEU B 857 -27.92 -2.55 20.27
C LEU B 857 -28.43 -2.29 21.69
N LEU B 858 -28.50 -3.33 22.51
CA LEU B 858 -28.95 -3.18 23.89
C LEU B 858 -28.21 -2.06 24.61
N ALA B 859 -26.91 -1.95 24.33
CA ALA B 859 -26.08 -0.89 24.92
C ALA B 859 -26.49 0.49 24.44
N GLU B 860 -26.26 0.77 23.16
CA GLU B 860 -26.38 2.14 22.65
C GLU B 860 -27.83 2.63 22.66
N LEU B 861 -28.79 1.75 22.36
CA LEU B 861 -30.19 2.17 22.31
C LEU B 861 -30.64 2.76 23.65
N ASP B 862 -30.42 2.04 24.74
CA ASP B 862 -30.81 2.53 26.05
C ASP B 862 -29.60 3.06 26.82
N GLY B 863 -28.66 2.18 27.14
CA GLY B 863 -27.49 2.51 27.93
C GLY B 863 -27.72 3.36 29.16
N MET B 864 -26.79 4.30 29.39
CA MET B 864 -26.87 5.22 30.50
C MET B 864 -26.17 6.52 30.11
N SER B 865 -26.62 7.62 30.73
CA SER B 865 -26.34 9.02 30.37
C SER B 865 -27.27 9.49 29.25
N THR B 866 -28.27 8.70 28.89
CA THR B 866 -29.18 9.07 27.80
C THR B 866 -29.94 10.35 28.15
N ASP B 867 -30.08 11.22 27.15
CA ASP B 867 -30.82 12.47 27.30
C ASP B 867 -31.28 12.94 25.92
N ALA B 868 -32.20 13.89 25.94
CA ALA B 868 -32.86 14.40 24.73
C ALA B 868 -33.56 13.25 24.00
N ASP B 869 -34.53 12.68 24.70
CA ASP B 869 -35.17 11.41 24.39
C ASP B 869 -35.99 11.44 23.11
N GLY B 870 -36.03 12.56 22.40
CA GLY B 870 -36.79 12.68 21.18
C GLY B 870 -36.50 11.65 20.10
N VAL B 871 -35.40 10.91 20.25
CA VAL B 871 -35.06 9.85 19.30
C VAL B 871 -36.01 8.66 19.44
N PHE B 872 -37.07 8.61 18.64
CA PHE B 872 -37.97 7.48 18.67
C PHE B 872 -37.33 6.26 18.00
N VAL B 873 -37.80 5.08 18.39
CA VAL B 873 -37.41 3.83 17.76
C VAL B 873 -38.66 3.02 17.44
N ILE B 874 -38.87 2.72 16.16
CA ILE B 874 -40.00 1.94 15.69
C ILE B 874 -39.47 0.68 15.02
N GLY B 875 -39.85 -0.48 15.56
CA GLY B 875 -39.45 -1.76 15.02
C GLY B 875 -40.61 -2.62 14.54
N ALA B 876 -40.34 -3.55 13.63
CA ALA B 876 -41.37 -4.43 13.11
C ALA B 876 -40.77 -5.81 12.88
N THR B 877 -41.61 -6.83 13.06
CA THR B 877 -41.26 -8.20 12.71
C THR B 877 -42.54 -8.97 12.40
N ASN B 878 -42.37 -10.06 11.64
CA ASN B 878 -43.45 -11.05 11.52
C ASN B 878 -43.62 -11.84 12.81
N ARG B 879 -42.53 -12.17 13.51
CA ARG B 879 -42.64 -12.94 14.74
C ARG B 879 -41.60 -12.50 15.74
N PRO B 880 -42.00 -12.18 16.97
CA PRO B 880 -41.08 -11.59 17.95
C PRO B 880 -40.28 -12.61 18.74
N ASP B 881 -40.75 -13.86 18.82
CA ASP B 881 -40.17 -14.83 19.73
C ASP B 881 -38.67 -15.02 19.51
N LEU B 882 -38.18 -14.75 18.30
CA LEU B 882 -36.75 -14.83 18.04
C LEU B 882 -35.98 -13.66 18.66
N LEU B 883 -36.64 -12.57 19.00
CA LEU B 883 -36.01 -11.49 19.75
C LEU B 883 -35.66 -11.95 21.16
N ASP B 884 -34.65 -11.29 21.73
CA ASP B 884 -34.28 -11.49 23.12
C ASP B 884 -35.15 -10.65 24.04
N GLU B 885 -35.47 -11.20 25.22
CA GLU B 885 -36.25 -10.49 26.22
C GLU B 885 -35.67 -9.11 26.51
N ALA B 886 -34.34 -9.01 26.63
CA ALA B 886 -33.71 -7.76 27.07
C ALA B 886 -34.11 -6.57 26.20
N LEU B 887 -34.69 -6.84 25.02
CA LEU B 887 -35.28 -5.81 24.17
C LEU B 887 -36.76 -5.61 24.47
N LEU B 888 -37.43 -6.63 25.00
CA LEU B 888 -38.88 -6.59 25.20
C LEU B 888 -39.23 -5.99 26.57
N ARG B 889 -38.59 -4.86 26.87
CA ARG B 889 -38.63 -4.19 28.15
C ARG B 889 -38.97 -2.73 27.90
N PRO B 890 -39.64 -2.06 28.84
CA PRO B 890 -39.65 -0.59 28.83
C PRO B 890 -38.28 0.05 28.66
N GLY B 891 -38.29 1.28 28.17
CA GLY B 891 -37.10 2.01 27.80
C GLY B 891 -36.59 1.67 26.41
N ARG B 892 -36.83 0.44 25.97
CA ARG B 892 -36.47 0.03 24.60
C ARG B 892 -37.70 -0.19 23.73
N PHE B 893 -38.61 -1.06 24.17
CA PHE B 893 -39.81 -1.45 23.41
C PHE B 893 -40.88 -1.83 24.45
N ASP B 894 -41.69 -0.86 24.84
CA ASP B 894 -42.57 -1.05 25.99
C ASP B 894 -43.82 -1.86 25.63
N LYS B 895 -44.60 -1.38 24.65
CA LYS B 895 -45.80 -2.09 24.20
C LYS B 895 -45.59 -2.69 22.82
N LEU B 896 -45.89 -3.98 22.72
CA LEU B 896 -45.91 -4.70 21.45
C LEU B 896 -47.33 -4.67 20.91
N LEU B 897 -47.52 -3.96 19.79
CA LEU B 897 -48.84 -3.76 19.20
C LEU B 897 -49.12 -4.84 18.17
N TYR B 898 -50.18 -5.60 18.40
CA TYR B 898 -50.58 -6.73 17.54
C TYR B 898 -51.63 -6.23 16.56
N LEU B 899 -51.17 -5.77 15.40
CA LEU B 899 -52.04 -5.30 14.33
C LEU B 899 -52.70 -6.49 13.65
N GLY B 900 -53.55 -7.20 14.39
CA GLY B 900 -54.15 -8.42 13.92
C GLY B 900 -55.15 -8.21 12.79
N ILE B 901 -55.61 -9.33 12.24
CA ILE B 901 -56.65 -9.32 11.22
C ILE B 901 -57.93 -8.77 11.82
N PRO B 902 -58.64 -7.87 11.13
CA PRO B 902 -59.70 -7.08 11.79
C PRO B 902 -60.84 -7.91 12.35
N ASP B 903 -61.14 -9.07 11.76
CA ASP B 903 -62.15 -9.99 12.29
C ASP B 903 -63.50 -9.32 12.54
N THR B 904 -63.80 -8.22 11.84
CA THR B 904 -64.93 -7.36 12.20
C THR B 904 -65.40 -6.62 10.96
N ASP B 905 -66.70 -6.75 10.66
CA ASP B 905 -67.24 -6.19 9.42
C ASP B 905 -67.17 -4.67 9.38
N THR B 906 -67.28 -4.00 10.54
CA THR B 906 -67.01 -2.56 10.60
C THR B 906 -65.61 -2.24 10.08
N LYS B 907 -64.61 -2.91 10.63
CA LYS B 907 -63.23 -2.73 10.16
C LYS B 907 -63.08 -3.14 8.70
N GLN B 908 -63.73 -4.23 8.29
CA GLN B 908 -63.62 -4.67 6.89
C GLN B 908 -64.16 -3.62 5.93
N LEU B 909 -65.33 -3.05 6.23
CA LEU B 909 -65.86 -1.97 5.38
C LEU B 909 -64.96 -0.74 5.44
N ASN B 910 -64.45 -0.40 6.63
CA ASN B 910 -63.50 0.70 6.75
C ASN B 910 -62.28 0.53 5.86
N ILE B 911 -61.66 -0.64 5.89
CA ILE B 911 -60.48 -0.85 5.04
C ILE B 911 -60.87 -0.88 3.56
N LEU B 912 -61.98 -1.53 3.21
CA LEU B 912 -62.41 -1.51 1.81
C LEU B 912 -62.64 -0.09 1.29
N GLU B 913 -63.27 0.77 2.10
CA GLU B 913 -63.47 2.16 1.70
C GLU B 913 -62.13 2.90 1.60
N ALA B 914 -61.23 2.69 2.57
CA ALA B 914 -59.96 3.40 2.54
C ALA B 914 -59.13 2.99 1.33
N LEU B 915 -59.16 1.71 0.96
CA LEU B 915 -58.50 1.26 -0.26
C LEU B 915 -59.14 1.85 -1.51
N THR B 916 -60.48 1.88 -1.56
CA THR B 916 -61.16 2.37 -2.75
C THR B 916 -61.16 3.89 -2.89
N ARG B 917 -60.84 4.61 -1.80
CA ARG B 917 -60.92 6.06 -1.70
C ARG B 917 -60.65 6.84 -2.98
N LYS B 918 -59.46 6.70 -3.53
CA LYS B 918 -58.87 7.71 -4.41
C LYS B 918 -59.12 7.41 -5.89
N PHE B 919 -59.93 6.41 -6.19
CA PHE B 919 -60.35 6.13 -7.57
C PHE B 919 -61.87 6.00 -7.55
N VAL B 920 -62.48 6.24 -8.71
CA VAL B 920 -63.93 6.36 -8.77
C VAL B 920 -64.61 5.00 -8.62
N LEU B 921 -65.67 4.97 -7.83
CA LEU B 921 -66.53 3.80 -7.63
C LEU B 921 -67.92 4.12 -8.13
N ASP B 922 -68.49 3.24 -8.95
CA ASP B 922 -69.86 3.41 -9.40
C ASP B 922 -70.80 3.00 -8.26
N ASN B 923 -71.73 3.89 -7.93
CA ASN B 923 -72.55 3.78 -6.73
C ASN B 923 -73.87 3.04 -6.94
N ASP B 924 -74.12 2.51 -8.13
CA ASP B 924 -75.36 1.77 -8.37
C ASP B 924 -75.54 0.58 -7.42
N VAL B 925 -74.45 0.05 -6.88
CA VAL B 925 -74.49 -1.11 -6.00
C VAL B 925 -73.78 -0.76 -4.69
N LYS B 926 -74.21 -1.41 -3.60
CA LYS B 926 -73.63 -1.21 -2.28
C LYS B 926 -72.54 -2.23 -2.01
N LEU B 927 -71.45 -1.76 -1.41
CA LEU B 927 -70.23 -2.54 -1.20
C LEU B 927 -70.29 -3.46 0.01
N ILE B 928 -71.28 -3.32 0.90
CA ILE B 928 -71.23 -3.96 2.21
C ILE B 928 -71.19 -5.48 2.08
N GLU B 929 -71.90 -6.04 1.08
CA GLU B 929 -71.84 -7.48 0.88
C GLU B 929 -70.41 -7.98 0.61
N LEU B 930 -69.52 -7.12 0.11
CA LEU B 930 -68.13 -7.54 -0.04
C LEU B 930 -67.51 -7.88 1.31
N ALA B 931 -67.87 -7.12 2.34
CA ALA B 931 -67.48 -7.49 3.71
C ALA B 931 -68.23 -8.74 4.15
N LYS B 932 -69.54 -8.78 3.90
CA LYS B 932 -70.36 -9.88 4.37
C LYS B 932 -69.99 -11.21 3.72
N LEU B 933 -69.58 -11.20 2.45
CA LEU B 933 -69.29 -12.44 1.74
C LEU B 933 -67.89 -12.98 2.02
N CYS B 934 -66.91 -12.12 2.29
CA CYS B 934 -65.59 -12.62 2.65
C CYS B 934 -65.61 -13.25 4.04
N PRO B 935 -65.00 -14.42 4.22
CA PRO B 935 -64.69 -14.91 5.56
C PRO B 935 -63.58 -14.10 6.22
N PHE B 936 -63.62 -14.04 7.55
CA PHE B 936 -62.72 -13.17 8.32
C PHE B 936 -61.27 -13.60 8.25
N ASN B 937 -60.95 -14.76 7.64
CA ASN B 937 -59.55 -15.11 7.45
C ASN B 937 -58.85 -14.25 6.40
N TYR B 938 -59.60 -13.46 5.65
CA TYR B 938 -59.01 -12.50 4.72
C TYR B 938 -58.44 -11.28 5.43
N THR B 939 -57.41 -10.69 4.83
CA THR B 939 -56.37 -9.92 5.51
C THR B 939 -56.22 -8.60 4.77
N GLY B 940 -55.79 -7.59 5.52
CA GLY B 940 -55.62 -6.25 4.96
C GLY B 940 -54.90 -6.21 3.62
N ALA B 941 -53.83 -6.98 3.47
CA ALA B 941 -53.13 -7.03 2.19
C ALA B 941 -53.95 -7.75 1.11
N ASP B 942 -54.67 -8.81 1.46
CA ASP B 942 -55.40 -9.48 0.39
C ASP B 942 -56.67 -8.73 -0.02
N PHE B 943 -57.26 -7.92 0.86
CA PHE B 943 -58.25 -6.96 0.38
C PHE B 943 -57.66 -5.96 -0.61
N TYR B 944 -56.39 -5.60 -0.43
CA TYR B 944 -55.69 -4.79 -1.44
C TYR B 944 -55.56 -5.55 -2.75
N ALA B 945 -55.20 -6.83 -2.69
CA ALA B 945 -55.13 -7.62 -3.92
C ALA B 945 -56.51 -7.79 -4.55
N LEU B 946 -57.55 -7.93 -3.73
CA LEU B 946 -58.92 -7.98 -4.23
C LEU B 946 -59.26 -6.73 -5.02
N CYS B 947 -59.04 -5.57 -4.40
CA CYS B 947 -59.36 -4.29 -5.04
C CYS B 947 -58.58 -4.13 -6.34
N SER B 948 -57.26 -4.38 -6.29
CA SER B 948 -56.43 -4.21 -7.49
C SER B 948 -56.83 -5.19 -8.59
N ASP B 949 -57.14 -6.44 -8.24
CA ASP B 949 -57.59 -7.42 -9.23
C ASP B 949 -58.91 -6.98 -9.89
N ALA B 950 -59.89 -6.59 -9.08
CA ALA B 950 -61.15 -6.08 -9.62
C ALA B 950 -60.92 -4.90 -10.55
N MET B 951 -60.10 -3.93 -10.11
CA MET B 951 -59.73 -2.80 -10.95
C MET B 951 -59.11 -3.27 -12.28
N LEU B 952 -58.14 -4.17 -12.20
CA LEU B 952 -57.46 -4.65 -13.40
C LEU B 952 -58.43 -5.32 -14.37
N ASN B 953 -59.36 -6.12 -13.85
CA ASN B 953 -60.40 -6.70 -14.70
C ASN B 953 -61.27 -5.63 -15.37
N ALA B 954 -61.81 -4.71 -14.56
CA ALA B 954 -62.65 -3.64 -15.12
C ALA B 954 -61.92 -2.78 -16.14
N MET B 955 -60.60 -2.62 -16.00
CA MET B 955 -59.80 -1.85 -16.94
C MET B 955 -59.35 -2.67 -18.16
N SER B 956 -59.14 -3.97 -17.98
CA SER B 956 -59.03 -4.88 -19.12
C SER B 956 -60.28 -4.81 -20.00
N ARG B 957 -61.45 -4.68 -19.39
CA ARG B 957 -62.67 -4.46 -20.17
C ARG B 957 -62.54 -3.22 -21.06
N ILE B 958 -62.05 -2.11 -20.51
CA ILE B 958 -61.88 -0.90 -21.30
C ILE B 958 -60.82 -1.12 -22.38
N ALA B 959 -59.78 -1.88 -22.05
CA ALA B 959 -58.74 -2.20 -23.03
C ALA B 959 -59.35 -2.95 -24.21
N ARG B 960 -60.20 -3.94 -23.94
CA ARG B 960 -60.85 -4.68 -25.01
C ARG B 960 -61.77 -3.76 -25.82
N MET B 961 -62.47 -2.86 -25.13
CA MET B 961 -63.36 -1.94 -25.83
C MET B 961 -62.58 -1.05 -26.80
N VAL B 962 -61.47 -0.48 -26.34
CA VAL B 962 -60.67 0.38 -27.21
C VAL B 962 -60.05 -0.44 -28.33
N GLU B 963 -59.67 -1.70 -28.05
CA GLU B 963 -59.18 -2.58 -29.10
C GLU B 963 -60.23 -2.76 -30.19
N LYS B 964 -61.48 -2.99 -29.77
CA LYS B 964 -62.57 -3.13 -30.73
C LYS B 964 -62.73 -1.85 -31.55
N LYS B 965 -62.67 -0.69 -30.88
CA LYS B 965 -62.83 0.57 -31.60
C LYS B 965 -61.74 0.77 -32.64
N VAL B 966 -60.49 0.49 -32.26
CA VAL B 966 -59.38 0.69 -33.18
C VAL B 966 -59.44 -0.31 -34.33
N SER B 967 -59.86 -1.55 -34.05
CA SER B 967 -60.06 -2.51 -35.12
C SER B 967 -61.13 -2.05 -36.09
N GLN B 968 -62.23 -1.51 -35.55
CA GLN B 968 -63.30 -0.99 -36.41
C GLN B 968 -62.79 0.15 -37.28
N HIS B 969 -62.03 1.07 -36.70
CA HIS B 969 -61.48 2.18 -37.49
C HIS B 969 -60.55 1.66 -38.57
N ASN B 970 -59.68 0.71 -38.23
CA ASN B 970 -58.77 0.12 -39.22
C ASN B 970 -59.54 -0.55 -40.35
N GLU B 971 -60.65 -1.23 -40.02
CA GLU B 971 -61.50 -1.79 -41.05
C GLU B 971 -62.11 -0.72 -41.94
N LEU B 972 -62.55 0.39 -41.34
CA LEU B 972 -63.10 1.49 -42.12
C LEU B 972 -62.06 2.09 -43.05
N THR B 973 -60.84 2.32 -42.56
CA THR B 973 -59.76 2.82 -43.39
C THR B 973 -58.97 1.65 -43.97
N GLY B 974 -57.79 1.93 -44.52
CA GLY B 974 -56.98 0.89 -45.13
C GLY B 974 -56.10 0.15 -44.15
N GLU B 975 -56.53 0.06 -42.89
CA GLU B 975 -55.79 -0.65 -41.85
C GLU B 975 -54.35 -0.14 -41.77
N ASN B 976 -54.22 1.19 -41.72
CA ASN B 976 -52.94 1.86 -41.87
C ASN B 976 -52.28 2.23 -40.54
N ILE B 977 -52.89 1.89 -39.41
CA ILE B 977 -52.37 2.31 -38.11
C ILE B 977 -52.63 1.20 -37.09
N SER B 978 -51.74 1.09 -36.12
CA SER B 978 -51.93 0.19 -35.00
C SER B 978 -52.57 0.93 -33.83
N THR B 979 -52.61 0.28 -32.66
CA THR B 979 -53.13 0.94 -31.47
C THR B 979 -52.22 2.06 -31.00
N ARG B 980 -50.91 1.83 -31.02
CA ARG B 980 -49.96 2.85 -30.59
C ARG B 980 -50.08 4.13 -31.41
N ARG B 981 -50.10 3.98 -32.74
CA ARG B 981 -50.32 5.15 -33.59
C ARG B 981 -51.70 5.75 -33.35
N TRP B 982 -52.70 4.91 -33.07
CA TRP B 982 -54.03 5.42 -32.78
C TRP B 982 -54.01 6.34 -31.56
N PHE B 983 -53.19 6.01 -30.57
CA PHE B 983 -53.22 6.77 -29.32
C PHE B 983 -52.52 8.12 -29.42
N ASP B 984 -51.70 8.36 -30.44
CA ASP B 984 -51.13 9.69 -30.66
C ASP B 984 -51.86 10.47 -31.74
N LYS B 985 -52.41 9.78 -32.74
CA LYS B 985 -53.23 10.46 -33.76
C LYS B 985 -54.60 10.83 -33.20
N ILE B 986 -55.19 9.97 -32.39
CA ILE B 986 -56.57 10.12 -31.93
C ILE B 986 -56.59 9.93 -30.41
N ALA B 987 -57.55 10.57 -29.76
CA ALA B 987 -57.68 10.47 -28.31
C ALA B 987 -59.16 10.50 -27.95
N THR B 988 -59.54 9.68 -26.98
CA THR B 988 -60.91 9.54 -26.50
C THR B 988 -60.95 9.54 -24.98
N LYS B 989 -60.29 10.54 -24.38
CA LYS B 989 -60.06 10.59 -22.93
C LYS B 989 -61.23 10.06 -22.11
N GLU B 990 -62.44 10.59 -22.34
CA GLU B 990 -63.60 10.17 -21.58
C GLU B 990 -63.87 8.67 -21.73
N ASP B 991 -63.56 8.10 -22.89
CA ASP B 991 -63.75 6.66 -23.09
C ASP B 991 -62.78 5.86 -22.24
N THR B 992 -61.56 6.36 -22.04
CA THR B 992 -60.56 5.63 -21.29
C THR B 992 -60.79 5.69 -19.79
N LYS B 993 -61.68 6.55 -19.31
CA LYS B 993 -61.90 6.67 -17.87
C LYS B 993 -62.62 5.43 -17.36
N VAL B 994 -61.85 4.45 -16.88
CA VAL B 994 -62.43 3.23 -16.34
C VAL B 994 -63.15 3.53 -15.03
N VAL B 995 -64.38 3.05 -14.91
CA VAL B 995 -65.15 3.11 -13.68
C VAL B 995 -65.56 1.69 -13.33
N VAL B 996 -65.16 1.23 -12.15
CA VAL B 996 -65.42 -0.14 -11.73
C VAL B 996 -66.86 -0.26 -11.26
N LYS B 997 -67.57 -1.28 -11.74
CA LYS B 997 -68.87 -1.66 -11.22
C LYS B 997 -68.74 -2.96 -10.44
N MET B 998 -69.34 -2.99 -9.25
CA MET B 998 -69.16 -4.06 -8.26
C MET B 998 -69.39 -5.47 -8.80
N GLU B 999 -70.00 -5.59 -9.98
CA GLU B 999 -70.02 -6.88 -10.67
C GLU B 999 -68.59 -7.40 -10.83
N ASP B 1000 -67.66 -6.51 -11.19
CA ASP B 1000 -66.24 -6.87 -11.24
C ASP B 1000 -65.74 -7.38 -9.89
N PHE B 1001 -66.10 -6.69 -8.80
CA PHE B 1001 -65.75 -7.17 -7.46
C PHE B 1001 -66.29 -8.57 -7.21
N LEU B 1002 -67.57 -8.80 -7.51
CA LEU B 1002 -68.17 -10.12 -7.29
C LEU B 1002 -67.55 -11.20 -8.17
N LYS B 1003 -66.95 -10.80 -9.30
CA LYS B 1003 -66.17 -11.73 -10.10
C LYS B 1003 -64.83 -12.03 -9.44
N ALA B 1004 -64.11 -10.98 -9.05
CA ALA B 1004 -62.76 -11.13 -8.48
C ALA B 1004 -62.77 -11.92 -7.17
N GLN B 1005 -63.73 -11.62 -6.29
CA GLN B 1005 -63.74 -12.23 -4.96
C GLN B 1005 -63.79 -13.76 -5.01
N GLU B 1006 -64.28 -14.33 -6.11
CA GLU B 1006 -64.35 -15.77 -6.27
C GLU B 1006 -62.97 -16.40 -6.51
N GLN B 1007 -61.99 -15.60 -6.91
CA GLN B 1007 -60.73 -16.10 -7.44
C GLN B 1007 -59.52 -15.94 -6.53
N LEU B 1008 -59.59 -15.13 -5.48
CA LEU B 1008 -58.40 -14.78 -4.70
C LEU B 1008 -58.35 -15.58 -3.40
N THR B 1009 -57.17 -16.13 -3.12
CA THR B 1009 -56.87 -16.92 -1.92
C THR B 1009 -56.52 -16.02 -0.73
N PRO B 1010 -56.73 -16.52 0.49
CA PRO B 1010 -56.17 -15.83 1.66
C PRO B 1010 -54.65 -15.87 1.69
N SER B 1011 -54.07 -14.81 2.25
CA SER B 1011 -52.62 -14.69 2.35
C SER B 1011 -51.98 -15.64 3.36
N VAL B 1012 -52.75 -16.23 4.27
CA VAL B 1012 -52.20 -17.19 5.23
C VAL B 1012 -53.17 -18.33 5.43
N SER B 1013 -52.62 -19.51 5.71
CA SER B 1013 -53.41 -20.66 6.12
C SER B 1013 -53.80 -20.57 7.59
N ARG B 1014 -54.78 -21.38 7.96
CA ARG B 1014 -55.16 -21.56 9.36
C ARG B 1014 -53.98 -22.04 10.20
N ALA B 1015 -53.12 -22.88 9.62
CA ALA B 1015 -51.93 -23.36 10.32
C ALA B 1015 -51.06 -22.20 10.83
N GLU B 1016 -50.73 -21.25 9.95
CA GLU B 1016 -49.91 -20.11 10.38
C GLU B 1016 -50.68 -19.20 11.31
N LEU B 1017 -51.96 -18.95 11.02
CA LEU B 1017 -52.71 -18.00 11.81
C LEU B 1017 -52.86 -18.48 13.25
N ASN B 1018 -53.12 -19.77 13.46
CA ASN B 1018 -53.19 -20.28 14.82
C ASN B 1018 -51.87 -20.06 15.55
N HIS B 1019 -50.75 -20.22 14.84
CA HIS B 1019 -49.43 -19.95 15.40
C HIS B 1019 -49.32 -18.52 15.91
N TYR B 1020 -49.66 -17.55 15.06
CA TYR B 1020 -49.58 -16.16 15.49
C TYR B 1020 -50.60 -15.84 16.59
N GLU B 1021 -51.77 -16.46 16.55
CA GLU B 1021 -52.75 -16.33 17.62
C GLU B 1021 -52.18 -16.78 18.96
N ALA B 1022 -51.57 -17.97 18.97
CA ALA B 1022 -50.88 -18.46 20.17
C ALA B 1022 -49.78 -17.51 20.62
N VAL B 1023 -48.98 -17.00 19.67
CA VAL B 1023 -47.95 -16.01 20.01
C VAL B 1023 -48.55 -14.82 20.75
N ARG B 1024 -49.61 -14.24 20.18
CA ARG B 1024 -50.33 -13.14 20.84
C ARG B 1024 -50.81 -13.55 22.23
N ALA B 1025 -51.45 -14.71 22.34
CA ALA B 1025 -51.90 -15.22 23.63
C ALA B 1025 -50.78 -15.25 24.65
N ASN B 1026 -49.61 -15.77 24.25
CA ASN B 1026 -48.45 -15.78 25.13
C ASN B 1026 -48.05 -14.37 25.54
N PHE B 1027 -47.87 -13.49 24.57
CA PHE B 1027 -47.37 -12.15 24.88
C PHE B 1027 -48.45 -11.23 25.44
N GLU B 1028 -49.68 -11.31 24.93
CA GLU B 1028 -50.73 -10.41 25.39
C GLU B 1028 -51.70 -11.03 26.38
N GLY B 1029 -52.01 -12.32 26.23
CA GLY B 1029 -52.99 -12.95 27.11
C GLY B 1029 -52.62 -12.86 28.57
N ALA B 1030 -51.35 -13.12 28.89
CA ALA B 1030 -50.83 -13.06 30.26
C ALA B 1030 -51.59 -13.98 31.23
N THR C 1 -14.44 73.55 -22.20
CA THR C 1 -13.11 73.44 -22.80
C THR C 1 -13.22 73.33 -24.33
N ILE C 2 -12.33 74.00 -25.04
CA ILE C 2 -12.30 74.01 -26.49
C ILE C 2 -11.16 73.13 -26.97
N LEU C 3 -11.46 72.24 -27.90
CA LEU C 3 -10.46 71.34 -28.46
C LEU C 3 -9.36 72.14 -29.17
N LYS C 4 -8.29 71.42 -29.55
CA LYS C 4 -7.16 72.07 -30.23
C LYS C 4 -7.63 72.85 -31.45
N ASN C 5 -8.64 72.34 -32.17
CA ASN C 5 -9.28 73.10 -33.23
C ASN C 5 -10.28 74.05 -32.59
N GLY C 6 -10.12 75.35 -32.87
CA GLY C 6 -10.95 76.36 -32.22
C GLY C 6 -12.43 76.23 -32.48
N ALA C 7 -12.81 75.49 -33.53
CA ALA C 7 -14.20 75.30 -33.88
C ALA C 7 -14.84 74.10 -33.20
N ILE C 8 -14.12 73.43 -32.30
CA ILE C 8 -14.62 72.23 -31.64
C ILE C 8 -14.50 72.41 -30.13
N GLN C 9 -15.48 71.89 -29.39
CA GLN C 9 -15.62 72.15 -27.97
C GLN C 9 -15.96 70.85 -27.26
N LEU C 10 -15.50 70.73 -26.01
CA LEU C 10 -15.73 69.55 -25.18
C LEU C 10 -16.84 69.85 -24.18
N LEU C 11 -17.64 68.84 -23.86
CA LEU C 11 -18.80 69.03 -22.99
C LEU C 11 -18.69 68.32 -21.64
N LYS C 12 -18.54 66.99 -21.63
CA LYS C 12 -18.59 66.24 -20.38
C LYS C 12 -18.17 64.80 -20.62
N LYS C 13 -17.49 64.22 -19.63
CA LYS C 13 -17.11 62.81 -19.67
C LYS C 13 -18.19 61.96 -19.01
N VAL C 14 -18.38 60.75 -19.54
CA VAL C 14 -19.30 59.78 -18.98
C VAL C 14 -18.71 58.39 -19.21
N ILE C 15 -19.12 57.42 -18.39
CA ILE C 15 -18.69 56.04 -18.51
C ILE C 15 -19.92 55.16 -18.64
N LEU C 16 -19.86 54.17 -19.54
CA LEU C 16 -20.95 53.23 -19.72
C LEU C 16 -20.37 51.84 -19.97
N ARG C 17 -21.26 50.86 -20.09
CA ARG C 17 -20.88 49.46 -20.26
C ARG C 17 -21.36 48.94 -21.61
N SER C 18 -20.56 48.07 -22.21
CA SER C 18 -20.80 47.58 -23.56
C SER C 18 -21.92 46.55 -23.60
N THR C 19 -22.50 46.37 -24.78
CA THR C 19 -23.45 45.30 -25.02
C THR C 19 -23.37 44.86 -26.47
N VAL C 20 -23.86 43.65 -26.72
CA VAL C 20 -23.79 43.01 -28.03
C VAL C 20 -25.19 42.76 -28.57
N CYS C 21 -26.15 43.59 -28.18
CA CYS C 21 -27.55 43.40 -28.55
C CYS C 21 -27.81 43.56 -30.06
N LYS C 22 -26.77 43.79 -30.86
CA LYS C 22 -26.86 43.75 -32.33
C LYS C 22 -27.81 44.82 -32.86
N MET C 23 -27.47 46.08 -32.56
CA MET C 23 -28.12 47.21 -33.21
C MET C 23 -27.50 47.39 -34.59
N ASP C 24 -28.35 47.49 -35.61
CA ASP C 24 -27.90 47.49 -37.00
C ASP C 24 -28.35 48.76 -37.70
N PHE C 25 -27.77 48.96 -38.90
CA PHE C 25 -27.96 50.15 -39.72
C PHE C 25 -27.24 49.96 -41.04
N PRO C 26 -27.54 50.77 -42.08
CA PRO C 26 -26.92 50.54 -43.40
C PRO C 26 -25.41 50.72 -43.42
N LYS C 27 -24.81 50.50 -44.59
CA LYS C 27 -23.36 50.48 -44.73
C LYS C 27 -22.75 51.87 -44.59
N ASP C 28 -23.54 52.93 -44.77
CA ASP C 28 -23.00 54.29 -44.86
C ASP C 28 -22.20 54.66 -43.62
N ASN C 29 -22.49 54.04 -42.48
CA ASN C 29 -21.88 54.41 -41.22
C ASN C 29 -21.06 53.24 -40.69
N LEU C 30 -19.99 53.57 -39.95
CA LEU C 30 -19.15 52.56 -39.33
C LEU C 30 -19.02 52.81 -37.82
N PHE C 31 -19.17 54.07 -37.41
CA PHE C 31 -18.94 54.42 -36.02
C PHE C 31 -20.22 54.91 -35.35
N VAL C 32 -21.32 54.19 -35.55
CA VAL C 32 -22.55 54.48 -34.84
C VAL C 32 -22.53 53.74 -33.51
N VAL C 33 -22.95 54.43 -32.46
CA VAL C 33 -23.02 53.88 -31.11
C VAL C 33 -24.38 54.26 -30.54
N TYR C 34 -25.03 53.33 -29.86
CA TYR C 34 -26.42 53.52 -29.45
C TYR C 34 -26.49 53.78 -27.95
N ILE C 35 -26.81 55.02 -27.59
CA ILE C 35 -27.13 55.34 -26.20
C ILE C 35 -28.59 54.99 -25.93
N SER C 36 -28.93 54.86 -24.65
CA SER C 36 -30.28 54.51 -24.27
C SER C 36 -31.16 55.75 -24.14
N ASP C 37 -32.47 55.54 -24.24
CA ASP C 37 -33.42 56.62 -24.05
C ASP C 37 -33.46 57.05 -22.59
N GLY C 38 -33.55 58.37 -22.38
CA GLY C 38 -33.46 58.93 -21.04
C GLY C 38 -33.04 60.38 -21.11
N ALA C 39 -31.98 60.72 -20.37
CA ALA C 39 -31.41 62.06 -20.44
C ALA C 39 -31.07 62.40 -21.89
N GLN C 40 -31.54 63.57 -22.34
CA GLN C 40 -31.38 63.92 -23.74
C GLN C 40 -29.91 64.07 -24.10
N LEU C 41 -29.58 63.76 -25.35
CA LEU C 41 -28.21 63.84 -25.81
C LEU C 41 -27.78 65.30 -25.88
N PRO C 42 -26.75 65.71 -25.13
CA PRO C 42 -26.26 67.09 -25.27
C PRO C 42 -25.64 67.38 -26.62
N SER C 43 -25.15 66.37 -27.33
CA SER C 43 -24.60 66.55 -28.66
C SER C 43 -24.93 65.33 -29.52
N GLN C 44 -24.90 65.55 -30.83
CA GLN C 44 -25.15 64.45 -31.77
C GLN C 44 -23.90 63.60 -31.99
N LYS C 45 -22.71 64.16 -31.82
CA LYS C 45 -21.47 63.48 -32.16
C LYS C 45 -20.64 63.31 -30.89
N GLY C 46 -19.55 62.57 -30.99
CA GLY C 46 -18.65 62.49 -29.84
C GLY C 46 -17.41 61.69 -30.11
N TYR C 47 -16.64 61.50 -29.04
CA TYR C 47 -15.45 60.66 -28.97
C TYR C 47 -15.67 59.51 -28.01
N ALA C 48 -14.90 58.44 -28.19
CA ALA C 48 -15.06 57.27 -27.35
C ALA C 48 -13.75 56.49 -27.27
N SER C 49 -13.61 55.71 -26.20
CA SER C 49 -12.48 54.80 -26.04
C SER C 49 -12.84 53.80 -24.93
N ILE C 50 -11.96 52.82 -24.72
CA ILE C 50 -12.15 51.80 -23.70
C ILE C 50 -10.96 51.79 -22.75
N VAL C 51 -11.25 51.66 -21.46
CA VAL C 51 -10.21 51.56 -20.44
C VAL C 51 -9.72 50.12 -20.44
N LYS C 52 -8.49 49.91 -20.91
CA LYS C 52 -7.97 48.56 -21.11
C LYS C 52 -7.88 47.81 -19.78
N CYS C 53 -8.23 46.52 -19.81
CA CYS C 53 -8.05 45.66 -18.66
C CYS C 53 -6.62 45.15 -18.60
N SER C 54 -6.14 44.92 -17.37
CA SER C 54 -4.78 44.45 -17.18
C SER C 54 -4.68 43.71 -15.86
N LEU C 55 -3.66 42.86 -15.76
CA LEU C 55 -3.39 42.09 -14.57
C LEU C 55 -2.67 42.98 -13.55
N ARG C 56 -2.36 42.42 -12.38
CA ARG C 56 -1.61 43.15 -11.36
C ARG C 56 -0.20 43.51 -11.87
N GLN C 57 0.27 42.86 -12.93
CA GLN C 57 1.61 43.02 -13.47
C GLN C 57 2.67 42.48 -12.50
N SER C 58 2.29 41.54 -11.65
CA SER C 58 3.19 40.99 -10.66
C SER C 58 4.32 40.20 -11.33
N LYS C 59 5.42 40.03 -10.59
CA LYS C 59 6.60 39.34 -11.10
C LYS C 59 7.13 40.03 -12.35
N LYS C 60 7.15 41.36 -12.33
CA LYS C 60 7.57 42.19 -13.45
C LYS C 60 6.73 41.87 -14.69
N SER C 61 5.41 41.98 -14.52
CA SER C 61 4.43 41.69 -15.57
C SER C 61 4.66 40.32 -16.19
N ASP C 62 4.76 39.32 -15.31
CA ASP C 62 4.91 37.91 -15.72
C ASP C 62 6.13 37.72 -16.62
N SER C 63 7.25 38.31 -16.21
CA SER C 63 8.55 38.21 -16.87
C SER C 63 8.58 38.89 -18.23
N ASP C 64 7.55 39.65 -18.59
CA ASP C 64 7.51 40.38 -19.85
C ASP C 64 7.61 41.86 -19.51
N ASN C 65 8.63 42.53 -20.07
CA ASN C 65 8.91 43.92 -19.72
C ASN C 65 7.76 44.86 -20.07
N LYS C 66 7.06 44.59 -21.17
CA LYS C 66 6.00 45.48 -21.67
C LYS C 66 6.54 46.90 -21.88
N SER C 67 7.76 46.99 -22.41
CA SER C 67 8.43 48.28 -22.55
C SER C 67 7.65 49.24 -23.44
N VAL C 68 6.91 48.73 -24.41
CA VAL C 68 6.16 49.58 -25.34
C VAL C 68 4.80 49.85 -24.70
N GLY C 69 4.76 50.87 -23.85
CA GLY C 69 3.52 51.27 -23.20
C GLY C 69 2.76 52.26 -24.06
N ILE C 70 1.49 51.96 -24.32
CA ILE C 70 0.68 52.83 -25.16
C ILE C 70 -0.64 53.14 -24.46
N PRO C 71 -1.13 54.40 -24.53
CA PRO C 71 -2.42 54.76 -23.92
C PRO C 71 -3.61 54.46 -24.84
N SER C 72 -3.63 53.25 -25.40
CA SER C 72 -4.71 52.80 -26.29
C SER C 72 -4.86 53.77 -27.45
N LYS C 73 -6.11 54.12 -27.79
CA LYS C 73 -6.35 55.04 -28.90
C LYS C 73 -7.70 55.70 -28.70
N LYS C 74 -7.82 56.92 -29.23
CA LYS C 74 -9.04 57.71 -29.14
C LYS C 74 -9.76 57.69 -30.48
N ILE C 75 -11.08 57.45 -30.44
CA ILE C 75 -11.89 57.26 -31.63
C ILE C 75 -13.02 58.28 -31.60
N GLY C 76 -13.60 58.56 -32.77
CA GLY C 76 -14.81 59.36 -32.88
C GLY C 76 -15.97 58.48 -33.30
N VAL C 77 -17.17 58.86 -32.88
CA VAL C 77 -18.34 57.99 -32.99
C VAL C 77 -19.59 58.81 -33.19
N PHE C 78 -20.49 58.30 -34.04
CA PHE C 78 -21.89 58.68 -33.99
C PHE C 78 -22.53 58.15 -32.72
N ILE C 79 -23.55 58.85 -32.23
CA ILE C 79 -24.35 58.35 -31.12
C ILE C 79 -25.83 58.55 -31.46
N LYS C 80 -26.62 57.52 -31.20
CA LYS C 80 -28.05 57.50 -31.47
C LYS C 80 -28.79 56.92 -30.28
N CYS C 81 -30.05 57.29 -30.14
CA CYS C 81 -30.85 56.90 -28.98
C CYS C 81 -31.69 55.67 -29.33
N ASP C 82 -31.79 54.75 -28.36
CA ASP C 82 -32.63 53.57 -28.52
C ASP C 82 -33.40 53.33 -27.23
N SER C 83 -34.51 52.61 -27.33
CA SER C 83 -35.35 52.30 -26.18
C SER C 83 -35.10 50.92 -25.59
N GLN C 84 -34.65 49.96 -26.39
CA GLN C 84 -34.52 48.59 -25.91
C GLN C 84 -33.41 48.46 -24.89
N ILE C 85 -32.23 48.99 -25.19
CA ILE C 85 -31.06 48.78 -24.35
C ILE C 85 -31.28 49.43 -22.99
N PRO C 86 -30.81 48.84 -21.89
CA PRO C 86 -30.99 49.46 -20.56
C PRO C 86 -30.29 50.79 -20.44
N GLU C 87 -30.48 51.47 -19.30
CA GLU C 87 -29.96 52.83 -19.13
C GLU C 87 -28.43 52.83 -19.10
N ASN C 88 -27.84 51.98 -18.26
CA ASN C 88 -26.41 52.07 -17.98
C ASN C 88 -25.55 51.44 -19.07
N HIS C 89 -26.15 50.79 -20.06
CA HIS C 89 -25.39 50.06 -21.07
C HIS C 89 -25.23 50.90 -22.34
N ILE C 90 -24.20 50.56 -23.11
CA ILE C 90 -23.92 51.21 -24.39
C ILE C 90 -23.80 50.13 -25.46
N ALA C 91 -24.41 50.36 -26.62
CA ALA C 91 -24.36 49.40 -27.72
C ALA C 91 -23.28 49.80 -28.71
N LEU C 92 -22.39 48.85 -29.02
CA LEU C 92 -21.22 49.09 -29.86
C LEU C 92 -21.36 48.17 -31.07
N SER C 93 -21.71 48.75 -32.22
CA SER C 93 -22.01 47.97 -33.41
C SER C 93 -20.79 47.19 -33.88
N SER C 94 -21.02 46.32 -34.87
CA SER C 94 -20.00 45.35 -35.29
C SER C 94 -18.68 46.01 -35.65
N HIS C 95 -18.73 47.15 -36.34
CA HIS C 95 -17.52 47.89 -36.65
C HIS C 95 -17.03 48.62 -35.41
N LEU C 96 -15.78 49.08 -35.45
CA LEU C 96 -15.09 49.78 -34.37
C LEU C 96 -14.65 48.81 -33.27
N TRP C 97 -15.06 47.55 -33.31
CA TRP C 97 -14.49 46.54 -32.42
C TRP C 97 -13.06 46.18 -32.86
N ASP C 98 -12.91 45.76 -34.12
CA ASP C 98 -11.59 45.44 -34.64
C ASP C 98 -10.63 46.62 -34.55
N ALA C 99 -11.15 47.85 -34.51
CA ALA C 99 -10.29 49.01 -34.29
C ALA C 99 -9.60 48.92 -32.94
N PHE C 100 -10.34 48.55 -31.89
CA PHE C 100 -9.77 48.38 -30.56
C PHE C 100 -8.91 47.12 -30.45
N PHE C 101 -8.92 46.26 -31.45
CA PHE C 101 -8.21 44.98 -31.41
C PHE C 101 -8.64 44.14 -30.21
N THR C 102 -9.93 44.20 -29.88
CA THR C 102 -10.50 43.41 -28.81
C THR C 102 -11.75 42.71 -29.33
N HIS C 103 -11.93 41.45 -28.93
CA HIS C 103 -13.08 40.69 -29.39
C HIS C 103 -14.36 41.32 -28.84
N PRO C 104 -15.46 41.29 -29.60
CA PRO C 104 -16.69 41.92 -29.11
C PRO C 104 -17.29 41.16 -27.94
N MET C 105 -16.60 41.20 -26.81
CA MET C 105 -17.13 40.65 -25.56
C MET C 105 -18.27 41.51 -25.03
N ASN C 106 -19.18 40.86 -24.30
CA ASN C 106 -20.40 41.52 -23.84
C ASN C 106 -20.08 42.80 -23.07
N GLY C 107 -19.29 42.69 -22.01
CA GLY C 107 -19.11 43.76 -21.05
C GLY C 107 -17.70 44.32 -21.13
N ALA C 108 -17.60 45.64 -21.19
CA ALA C 108 -16.34 46.36 -21.15
C ALA C 108 -16.63 47.85 -21.03
N LYS C 109 -15.83 48.53 -20.22
CA LYS C 109 -16.06 49.94 -19.95
C LYS C 109 -15.75 50.78 -21.18
N ILE C 110 -16.66 51.70 -21.51
CA ILE C 110 -16.48 52.69 -22.56
C ILE C 110 -16.33 54.06 -21.90
N LYS C 111 -15.26 54.77 -22.25
CA LYS C 111 -15.22 56.20 -22.02
C LYS C 111 -15.92 56.90 -23.17
N LEU C 112 -16.96 57.67 -22.87
CA LEU C 112 -17.73 58.37 -23.89
C LEU C 112 -17.65 59.86 -23.63
N GLU C 113 -17.48 60.63 -24.70
CA GLU C 113 -17.35 62.07 -24.64
C GLU C 113 -18.25 62.71 -25.68
N PHE C 114 -18.99 63.73 -25.26
CA PHE C 114 -19.91 64.41 -26.16
C PHE C 114 -19.19 65.61 -26.74
N LEU C 115 -19.27 65.77 -28.07
CA LEU C 115 -18.51 66.77 -28.78
C LEU C 115 -19.45 67.83 -29.34
N GLN C 116 -19.05 69.10 -29.21
CA GLN C 116 -19.78 70.19 -29.85
C GLN C 116 -18.83 70.94 -30.77
N MET C 117 -19.41 71.69 -31.71
CA MET C 117 -18.68 72.30 -32.81
C MET C 117 -19.61 73.13 -33.69
N ASN C 118 -19.05 74.19 -34.30
CA ASN C 118 -19.83 75.13 -35.09
C ASN C 118 -19.57 75.04 -36.60
N GLN C 119 -18.31 75.20 -37.02
CA GLN C 119 -18.03 75.57 -38.41
C GLN C 119 -18.06 74.39 -39.36
N ALA C 120 -17.42 73.27 -39.00
CA ALA C 120 -17.16 72.22 -39.98
C ALA C 120 -18.41 71.53 -40.51
N ASN C 121 -19.59 71.77 -39.91
CA ASN C 121 -20.82 71.25 -40.48
C ASN C 121 -21.09 71.76 -41.88
N ILE C 122 -20.58 72.95 -42.22
CA ILE C 122 -20.88 73.55 -43.52
C ILE C 122 -20.38 72.63 -44.63
N ILE C 123 -21.22 72.45 -45.65
CA ILE C 123 -20.91 71.50 -46.71
C ILE C 123 -19.81 72.06 -47.59
N SER C 124 -18.81 71.22 -47.88
CA SER C 124 -17.67 71.59 -48.74
C SER C 124 -16.96 72.83 -48.20
N GLY C 125 -16.79 72.90 -46.89
CA GLY C 125 -16.02 73.99 -46.31
C GLY C 125 -14.57 73.98 -46.74
N ARG C 126 -13.96 72.80 -46.83
CA ARG C 126 -12.60 72.66 -47.32
C ARG C 126 -12.43 71.27 -47.92
N ASN C 127 -11.45 71.15 -48.80
CA ASN C 127 -11.18 69.87 -49.44
C ASN C 127 -10.61 68.89 -48.43
N ALA C 128 -11.10 67.65 -48.49
CA ALA C 128 -10.67 66.60 -47.59
C ALA C 128 -9.81 65.59 -48.34
N THR C 129 -8.80 65.05 -47.65
CA THR C 129 -7.89 64.09 -48.24
C THR C 129 -7.48 63.08 -47.18
N VAL C 130 -7.17 61.86 -47.64
CA VAL C 130 -6.77 60.78 -46.74
C VAL C 130 -6.18 59.66 -47.58
N ASN C 131 -5.31 58.85 -46.97
CA ASN C 131 -4.68 57.72 -47.64
C ASN C 131 -5.08 56.43 -46.95
N ILE C 132 -5.57 55.47 -47.73
CA ILE C 132 -5.95 54.15 -47.22
C ILE C 132 -4.83 53.19 -47.63
N LYS C 133 -3.87 53.00 -46.73
CA LYS C 133 -2.65 52.28 -47.03
C LYS C 133 -2.75 50.85 -46.51
N TYR C 134 -2.37 49.89 -47.35
CA TYR C 134 -2.35 48.50 -46.95
C TYR C 134 -1.29 48.27 -45.87
N PHE C 135 -1.68 47.59 -44.79
CA PHE C 135 -0.78 47.39 -43.66
C PHE C 135 -0.05 46.04 -43.76
N GLY C 136 -0.79 44.94 -43.79
CA GLY C 136 -0.22 43.62 -43.89
C GLY C 136 -0.44 43.00 -45.26
N LYS C 137 -0.40 41.67 -45.30
CA LYS C 137 -0.72 40.94 -46.52
C LYS C 137 -2.09 41.37 -47.02
N ASP C 138 -2.13 41.85 -48.26
CA ASP C 138 -3.24 42.68 -48.71
C ASP C 138 -3.82 42.17 -50.03
N VAL C 139 -5.09 42.52 -50.22
CA VAL C 139 -5.79 42.35 -51.49
C VAL C 139 -5.11 43.29 -52.49
N PRO C 140 -5.03 42.96 -53.78
CA PRO C 140 -4.45 43.90 -54.75
C PRO C 140 -5.12 45.27 -54.73
N THR C 141 -4.50 46.24 -55.41
CA THR C 141 -4.96 47.63 -55.33
C THR C 141 -6.40 47.76 -55.83
N LYS C 142 -7.15 48.65 -55.19
CA LYS C 142 -8.53 48.93 -55.56
C LYS C 142 -8.75 50.44 -55.52
N SER C 143 -9.77 50.87 -56.27
CA SER C 143 -10.07 52.30 -56.36
C SER C 143 -10.40 52.88 -55.00
N GLY C 144 -10.00 54.14 -54.79
CA GLY C 144 -10.29 54.80 -53.53
C GLY C 144 -11.72 55.22 -53.35
N ASP C 145 -12.47 55.36 -54.45
CA ASP C 145 -13.87 55.76 -54.34
C ASP C 145 -14.72 54.67 -53.69
N GLN C 146 -14.55 53.43 -54.13
CA GLN C 146 -15.27 52.33 -53.51
C GLN C 146 -14.79 52.08 -52.08
N TYR C 147 -13.52 52.35 -51.80
CA TYR C 147 -13.05 52.29 -50.42
C TYR C 147 -13.76 53.32 -49.55
N SER C 148 -13.89 54.56 -50.05
CA SER C 148 -14.63 55.57 -49.31
C SER C 148 -16.08 55.18 -49.12
N LYS C 149 -16.70 54.61 -50.15
CA LYS C 149 -18.05 54.06 -50.00
C LYS C 149 -18.10 52.99 -48.90
N LEU C 150 -17.05 52.17 -48.80
CA LEU C 150 -17.02 51.09 -47.83
C LEU C 150 -16.45 51.51 -46.48
N LEU C 151 -15.46 52.39 -46.45
CA LEU C 151 -14.73 52.74 -45.24
C LEU C 151 -15.06 54.17 -44.85
N GLY C 152 -15.64 54.33 -43.66
CA GLY C 152 -15.87 55.65 -43.10
C GLY C 152 -16.66 56.56 -44.01
N GLY C 153 -17.75 56.06 -44.60
CA GLY C 153 -18.55 56.85 -45.52
C GLY C 153 -19.10 58.13 -44.93
N SER C 154 -19.24 58.19 -43.60
CA SER C 154 -19.85 59.34 -42.95
C SER C 154 -18.93 60.04 -41.96
N LEU C 155 -18.00 59.33 -41.34
CA LEU C 155 -17.18 59.91 -40.29
C LEU C 155 -15.96 59.02 -40.07
N LEU C 156 -14.85 59.63 -39.68
CA LEU C 156 -13.62 58.88 -39.47
C LEU C 156 -12.61 59.79 -38.76
N THR C 157 -11.56 59.16 -38.22
CA THR C 157 -10.44 59.85 -37.60
C THR C 157 -9.16 59.10 -37.88
N ASN C 158 -8.08 59.84 -38.11
CA ASN C 158 -6.80 59.27 -38.48
C ASN C 158 -6.30 58.28 -37.41
N ASN C 159 -5.25 57.54 -37.77
CA ASN C 159 -4.58 56.59 -36.88
C ASN C 159 -5.45 55.39 -36.54
N LEU C 160 -6.46 55.10 -37.36
CA LEU C 160 -7.34 53.96 -37.16
C LEU C 160 -6.80 52.77 -37.93
N ILE C 161 -6.48 51.69 -37.21
CA ILE C 161 -6.17 50.42 -37.85
C ILE C 161 -7.49 49.69 -38.15
N LEU C 162 -7.41 48.68 -39.02
CA LEU C 162 -8.52 47.78 -39.29
C LEU C 162 -7.96 46.43 -39.70
N PRO C 163 -7.88 45.47 -38.77
CA PRO C 163 -7.41 44.12 -39.15
C PRO C 163 -8.41 43.35 -39.99
N THR C 164 -9.67 43.77 -40.06
CA THR C 164 -10.66 43.07 -40.89
C THR C 164 -10.17 42.90 -42.32
N GLU C 165 -9.43 43.89 -42.84
CA GLU C 165 -8.81 43.74 -44.15
C GLU C 165 -7.37 44.24 -44.17
N GLN C 166 -6.73 44.36 -43.01
CA GLN C 166 -5.31 44.69 -42.90
C GLN C 166 -4.97 46.00 -43.64
N ILE C 167 -5.55 47.09 -43.12
CA ILE C 167 -5.34 48.42 -43.68
C ILE C 167 -5.07 49.41 -42.57
N ILE C 168 -4.53 50.57 -42.96
CA ILE C 168 -4.29 51.70 -42.07
C ILE C 168 -4.83 52.97 -42.72
N ILE C 169 -5.44 53.83 -41.91
CA ILE C 169 -5.94 55.12 -42.36
C ILE C 169 -5.01 56.19 -41.82
N GLU C 170 -4.46 57.01 -42.72
CA GLU C 170 -3.46 58.01 -42.34
C GLU C 170 -3.72 59.29 -43.12
N ILE C 171 -3.22 60.40 -42.60
CA ILE C 171 -3.15 61.65 -43.35
C ILE C 171 -2.19 62.59 -42.62
N LYS C 172 -1.37 63.29 -43.40
CA LYS C 172 -0.43 64.28 -42.87
C LYS C 172 -0.45 65.53 -43.75
N LYS C 173 -1.66 66.02 -44.06
CA LYS C 173 -1.81 67.14 -44.98
C LYS C 173 -1.02 68.37 -44.54
N GLY C 174 -0.83 68.55 -43.24
CA GLY C 174 -0.14 69.72 -42.73
C GLY C 174 -1.08 70.73 -42.13
N GLU C 175 -0.69 71.31 -41.00
CA GLU C 175 -1.51 72.28 -40.24
C GLU C 175 -2.92 71.75 -39.99
N SER C 176 -3.08 70.44 -39.99
CA SER C 176 -4.36 69.79 -39.74
C SER C 176 -4.44 69.34 -38.28
N GLU C 177 -5.64 69.43 -37.72
CA GLU C 177 -5.85 69.11 -36.31
C GLU C 177 -5.66 67.63 -36.00
N GLN C 178 -5.58 66.76 -37.00
CA GLN C 178 -5.44 65.32 -36.79
C GLN C 178 -6.52 64.81 -35.85
N GLN C 179 -7.75 65.23 -36.11
CA GLN C 179 -8.89 64.91 -35.25
C GLN C 179 -10.07 64.53 -36.12
N LEU C 180 -11.24 64.46 -35.50
CA LEU C 180 -12.45 63.97 -36.14
C LEU C 180 -12.78 64.81 -37.38
N CYS C 181 -13.23 64.13 -38.44
CA CYS C 181 -13.64 64.81 -39.66
C CYS C 181 -14.88 64.13 -40.24
N ASN C 182 -15.90 64.93 -40.55
CA ASN C 182 -17.12 64.42 -41.17
C ASN C 182 -16.96 64.29 -42.68
N LEU C 183 -17.61 63.28 -43.24
CA LEU C 183 -17.48 62.97 -44.66
C LEU C 183 -18.81 63.02 -45.42
N ASN C 184 -19.87 62.44 -44.86
CA ASN C 184 -21.14 62.36 -45.59
C ASN C 184 -21.81 63.73 -45.73
N GLU C 185 -21.43 64.71 -44.93
CA GLU C 185 -21.94 66.06 -45.08
C GLU C 185 -21.18 66.87 -46.12
N ILE C 186 -20.16 66.29 -46.74
CA ILE C 186 -19.32 66.97 -47.72
C ILE C 186 -19.57 66.36 -49.09
N SER C 187 -19.68 67.22 -50.10
CA SER C 187 -19.85 66.75 -51.47
C SER C 187 -18.60 66.03 -51.95
N ASN C 188 -18.79 65.10 -52.90
CA ASN C 188 -17.68 64.35 -53.44
C ASN C 188 -16.65 65.25 -54.10
N GLU C 189 -17.08 66.39 -54.65
CA GLU C 189 -16.16 67.32 -55.30
C GLU C 189 -15.22 68.01 -54.31
N SER C 190 -15.49 67.94 -53.01
CA SER C 190 -14.65 68.56 -52.00
C SER C 190 -13.95 67.53 -51.11
N VAL C 191 -13.59 66.38 -51.68
CA VAL C 191 -12.90 65.33 -50.94
C VAL C 191 -12.05 64.53 -51.92
N GLN C 192 -10.94 63.98 -51.43
CA GLN C 192 -9.99 63.25 -52.24
C GLN C 192 -9.54 61.99 -51.51
N TRP C 193 -9.21 60.96 -52.27
CA TRP C 193 -8.76 59.69 -51.71
C TRP C 193 -7.62 59.15 -52.55
N LYS C 194 -6.77 58.34 -51.92
CA LYS C 194 -5.68 57.67 -52.63
C LYS C 194 -5.30 56.41 -51.84
N VAL C 195 -4.57 55.53 -52.52
CA VAL C 195 -4.19 54.23 -51.97
C VAL C 195 -2.73 53.97 -52.30
N THR C 196 -1.99 53.43 -51.33
CA THR C 196 -0.60 53.02 -51.51
C THR C 196 -0.35 51.83 -50.60
N GLN C 197 0.87 51.29 -50.68
CA GLN C 197 1.30 50.19 -49.82
C GLN C 197 2.30 50.70 -48.80
N MET C 198 2.13 50.29 -47.55
CA MET C 198 2.94 50.80 -46.45
C MET C 198 4.30 50.09 -46.42
N GLY C 199 5.33 50.85 -46.05
CA GLY C 199 6.67 50.30 -46.05
C GLY C 199 6.85 49.20 -45.01
N LYS C 200 7.68 48.23 -45.35
CA LYS C 200 7.88 47.07 -44.48
C LYS C 200 8.48 47.49 -43.13
N GLU C 201 9.46 48.41 -43.16
CA GLU C 201 10.05 48.88 -41.91
C GLU C 201 9.00 49.52 -41.01
N GLU C 202 8.17 50.40 -41.59
CA GLU C 202 7.11 51.02 -40.81
C GLU C 202 6.07 50.01 -40.37
N VAL C 203 5.80 49.00 -41.22
CA VAL C 203 4.83 47.96 -40.86
C VAL C 203 5.29 47.21 -39.61
N LYS C 204 6.56 46.78 -39.60
CA LYS C 204 7.06 46.04 -38.44
C LYS C 204 7.20 46.95 -37.23
N ASP C 205 7.48 48.25 -37.45
CA ASP C 205 7.52 49.18 -36.33
C ASP C 205 6.15 49.32 -35.68
N ILE C 206 5.11 49.46 -36.50
CA ILE C 206 3.75 49.58 -35.97
C ILE C 206 3.30 48.28 -35.32
N ILE C 207 3.73 47.13 -35.86
CA ILE C 207 3.38 45.84 -35.29
C ILE C 207 3.79 45.73 -33.82
N GLU C 208 4.75 46.55 -33.38
CA GLU C 208 5.16 46.55 -31.98
C GLU C 208 4.03 46.99 -31.06
N ARG C 209 3.00 47.65 -31.58
CA ARG C 209 1.89 48.09 -30.78
C ARG C 209 1.07 46.89 -30.29
N HIS C 210 0.14 47.16 -29.37
CA HIS C 210 -0.68 46.10 -28.81
C HIS C 210 -1.73 45.66 -29.83
N LEU C 211 -1.35 44.72 -30.70
CA LEU C 211 -2.19 44.28 -31.82
C LEU C 211 -2.34 42.77 -31.75
N PRO C 212 -3.22 42.27 -30.89
CA PRO C 212 -3.44 40.82 -30.81
C PRO C 212 -4.14 40.28 -32.05
N LYS C 213 -3.41 39.53 -32.87
CA LYS C 213 -3.95 38.92 -34.07
C LYS C 213 -5.14 38.01 -33.75
N HIS C 214 -6.35 38.42 -34.17
CA HIS C 214 -7.55 37.69 -33.80
C HIS C 214 -7.70 36.38 -34.57
N TYR C 215 -7.13 36.29 -35.78
CA TYR C 215 -7.22 35.10 -36.59
C TYR C 215 -5.93 34.29 -36.59
N HIS C 216 -5.21 34.28 -35.46
CA HIS C 216 -4.05 33.40 -35.33
C HIS C 216 -4.46 31.94 -35.46
N VAL C 217 -5.63 31.59 -34.95
CA VAL C 217 -6.23 30.29 -35.23
C VAL C 217 -6.81 30.32 -36.64
N LYS C 218 -6.50 29.30 -37.44
CA LYS C 218 -6.86 29.32 -38.85
C LYS C 218 -8.36 29.46 -39.03
N GLU C 219 -8.76 30.29 -40.00
CA GLU C 219 -10.16 30.50 -40.30
C GLU C 219 -10.30 30.75 -41.80
N THR C 220 -11.47 30.41 -42.34
CA THR C 220 -11.75 30.69 -43.74
C THR C 220 -12.19 32.13 -43.98
N GLY C 221 -12.53 32.85 -42.92
CA GLY C 221 -12.95 34.23 -43.05
C GLY C 221 -13.59 34.71 -41.75
N GLU C 222 -13.90 36.00 -41.74
CA GLU C 222 -14.53 36.61 -40.57
C GLU C 222 -15.96 36.09 -40.35
N VAL C 223 -16.58 35.52 -41.37
CA VAL C 223 -17.97 35.08 -41.31
C VAL C 223 -18.10 33.56 -41.26
N SER C 224 -17.00 32.82 -41.31
CA SER C 224 -17.08 31.36 -41.43
C SER C 224 -15.89 30.73 -40.73
N ARG C 225 -16.18 29.84 -39.77
CA ARG C 225 -15.17 29.03 -39.10
C ARG C 225 -15.63 27.59 -39.03
N THR C 226 -14.68 26.67 -39.21
CA THR C 226 -14.98 25.24 -39.25
C THR C 226 -15.42 24.69 -37.91
N SER C 227 -15.15 25.42 -36.81
CA SER C 227 -15.47 24.91 -35.48
C SER C 227 -16.97 24.63 -35.31
N LYS C 228 -17.82 25.32 -36.05
CA LYS C 228 -19.26 25.15 -35.90
C LYS C 228 -19.72 23.80 -36.45
N ASP C 229 -19.29 22.72 -35.78
CA ASP C 229 -19.82 21.39 -36.08
C ASP C 229 -21.34 21.34 -35.89
N GLU C 230 -21.83 21.90 -34.79
CA GLU C 230 -23.26 22.00 -34.54
C GLU C 230 -23.63 23.45 -34.28
N ASP C 231 -24.63 23.95 -35.01
CA ASP C 231 -25.04 25.35 -34.95
C ASP C 231 -26.55 25.49 -34.70
N ASP C 232 -27.19 24.48 -34.12
CA ASP C 232 -28.58 24.60 -33.73
C ASP C 232 -28.82 23.92 -32.39
N PHE C 233 -29.96 24.27 -31.78
CA PHE C 233 -30.39 23.70 -30.51
C PHE C 233 -31.90 23.55 -30.51
N ILE C 234 -32.39 22.45 -29.95
CA ILE C 234 -33.80 22.11 -29.99
C ILE C 234 -34.39 22.30 -28.60
N THR C 235 -35.49 23.05 -28.51
CA THR C 235 -36.17 23.33 -27.25
C THR C 235 -36.99 22.13 -26.78
N VAL C 236 -36.26 21.05 -26.48
CA VAL C 236 -36.91 19.81 -26.06
C VAL C 236 -37.53 19.95 -24.68
N ASN C 237 -36.90 20.71 -23.78
CA ASN C 237 -37.32 20.75 -22.39
C ASN C 237 -37.38 22.18 -21.87
N SER C 238 -38.16 22.34 -20.79
CA SER C 238 -38.42 23.64 -20.19
C SER C 238 -37.21 24.22 -19.45
N ILE C 239 -36.21 23.40 -19.16
CA ILE C 239 -35.18 23.79 -18.20
C ILE C 239 -34.43 25.03 -18.70
N LYS C 240 -34.15 25.09 -20.00
CA LYS C 240 -33.54 26.30 -20.55
C LYS C 240 -34.39 27.52 -20.23
N LYS C 241 -35.72 27.36 -20.25
CA LYS C 241 -36.60 28.47 -19.92
C LYS C 241 -36.47 28.83 -18.44
N GLU C 242 -36.47 27.80 -17.59
CA GLU C 242 -36.38 27.98 -16.15
C GLU C 242 -35.14 28.81 -15.81
N MET C 243 -33.97 28.33 -16.23
CA MET C 243 -32.72 28.98 -15.86
C MET C 243 -32.67 30.43 -16.36
N VAL C 244 -33.16 30.67 -17.57
CA VAL C 244 -33.23 32.03 -18.10
C VAL C 244 -34.11 32.91 -17.23
N ASN C 245 -35.23 32.36 -16.73
CA ASN C 245 -36.12 33.14 -15.87
C ASN C 245 -35.53 33.38 -14.48
N TYR C 246 -34.85 32.40 -13.90
CA TYR C 246 -34.34 32.48 -12.53
C TYR C 246 -32.97 33.14 -12.42
N LEU C 247 -32.00 32.67 -13.20
CA LEU C 247 -30.63 33.18 -13.15
C LEU C 247 -30.57 34.68 -13.34
N THR C 248 -31.46 35.25 -14.16
CA THR C 248 -31.41 36.66 -14.51
C THR C 248 -32.30 37.53 -13.64
N SER C 249 -32.96 36.95 -12.63
CA SER C 249 -33.85 37.66 -11.72
C SER C 249 -33.15 38.87 -11.13
N PRO C 250 -33.88 39.96 -10.84
CA PRO C 250 -33.24 41.12 -10.20
C PRO C 250 -32.60 40.83 -8.85
N ILE C 251 -33.18 39.94 -8.04
CA ILE C 251 -32.57 39.57 -6.76
C ILE C 251 -32.58 38.06 -6.62
N ILE C 252 -31.48 37.51 -6.11
CA ILE C 252 -31.32 36.07 -5.98
C ILE C 252 -30.96 35.72 -4.54
N ALA C 253 -31.30 34.50 -4.15
CA ALA C 253 -31.11 34.03 -2.78
C ALA C 253 -29.64 33.80 -2.50
N THR C 254 -29.06 32.81 -3.17
CA THR C 254 -27.70 32.35 -2.99
C THR C 254 -26.94 32.42 -4.31
N PRO C 255 -25.62 32.64 -4.27
CA PRO C 255 -24.87 32.85 -5.52
C PRO C 255 -24.93 31.71 -6.52
N ALA C 256 -25.23 30.49 -6.09
CA ALA C 256 -24.91 29.31 -6.88
C ALA C 256 -26.16 28.59 -7.37
N ILE C 257 -26.02 27.94 -8.52
CA ILE C 257 -26.99 27.00 -9.05
C ILE C 257 -26.23 25.74 -9.45
N ILE C 258 -26.88 24.59 -9.29
CA ILE C 258 -26.29 23.30 -9.60
C ILE C 258 -27.17 22.61 -10.63
N LEU C 259 -26.53 22.06 -11.67
CA LEU C 259 -27.22 21.44 -12.79
C LEU C 259 -26.73 20.00 -12.94
N ASP C 260 -27.52 19.05 -12.43
CA ASP C 260 -27.10 17.65 -12.45
C ASP C 260 -27.54 17.03 -13.77
N GLY C 261 -27.09 15.80 -14.00
CA GLY C 261 -27.53 15.09 -15.18
C GLY C 261 -27.30 13.60 -15.19
N LYS C 262 -26.82 13.12 -16.33
CA LYS C 262 -26.55 11.71 -16.57
C LYS C 262 -25.60 11.65 -17.76
N GLN C 263 -25.04 10.46 -18.01
CA GLN C 263 -24.02 10.32 -19.04
C GLN C 263 -24.46 10.90 -20.38
N GLY C 264 -23.82 12.01 -20.77
CA GLY C 264 -24.09 12.66 -22.04
C GLY C 264 -25.51 13.15 -22.24
N ILE C 265 -26.27 13.35 -21.16
CA ILE C 265 -27.71 13.58 -21.31
C ILE C 265 -28.07 15.00 -21.72
N GLY C 266 -27.10 15.91 -21.86
CA GLY C 266 -27.44 17.23 -22.35
C GLY C 266 -26.59 18.37 -21.82
N LYS C 267 -25.96 18.14 -20.67
CA LYS C 267 -25.35 19.18 -19.86
C LYS C 267 -24.53 20.19 -20.67
N THR C 268 -23.47 19.73 -21.35
CA THR C 268 -22.57 20.66 -22.02
C THR C 268 -23.27 21.48 -23.10
N ARG C 269 -24.07 20.82 -23.96
CA ARG C 269 -24.76 21.56 -25.01
C ARG C 269 -25.80 22.51 -24.43
N LEU C 270 -26.50 22.08 -23.39
CA LEU C 270 -27.47 22.94 -22.71
C LEU C 270 -26.81 24.19 -22.15
N LEU C 271 -25.68 24.02 -21.45
CA LEU C 271 -24.94 25.18 -20.95
C LEU C 271 -24.41 26.07 -22.08
N LYS C 272 -23.95 25.46 -23.17
CA LYS C 272 -23.43 26.25 -24.29
C LYS C 272 -24.52 27.07 -24.96
N GLU C 273 -25.74 26.54 -25.04
CA GLU C 273 -26.84 27.34 -25.55
C GLU C 273 -27.34 28.35 -24.53
N LEU C 274 -27.32 28.01 -23.25
CA LEU C 274 -27.65 28.98 -22.22
C LEU C 274 -26.71 30.18 -22.27
N ILE C 275 -25.41 29.95 -22.47
CA ILE C 275 -24.47 31.02 -22.79
C ILE C 275 -24.90 31.78 -24.03
N ASN C 276 -25.12 31.07 -25.14
CA ASN C 276 -25.45 31.72 -26.41
C ASN C 276 -26.72 32.56 -26.34
N GLU C 277 -27.61 32.25 -25.40
CA GLU C 277 -28.87 32.98 -25.23
C GLU C 277 -28.67 34.12 -24.24
N VAL C 278 -28.35 33.79 -22.98
CA VAL C 278 -28.17 34.76 -21.91
C VAL C 278 -27.22 35.89 -22.29
N GLU C 279 -26.22 35.60 -23.14
CA GLU C 279 -25.28 36.65 -23.51
C GLU C 279 -25.92 37.76 -24.34
N LYS C 280 -27.06 37.48 -24.97
CA LYS C 280 -27.68 38.39 -25.95
C LYS C 280 -28.68 39.36 -25.32
N ASP C 281 -29.77 38.83 -24.79
CA ASP C 281 -30.93 39.62 -24.37
C ASP C 281 -30.91 40.04 -22.91
N HIS C 282 -29.86 39.73 -22.16
CA HIS C 282 -29.82 40.04 -20.73
C HIS C 282 -28.50 40.70 -20.31
N HIS C 283 -27.58 40.90 -21.23
CA HIS C 283 -26.33 41.63 -21.01
C HIS C 283 -25.51 41.04 -19.86
N ILE C 284 -25.38 39.71 -19.85
CA ILE C 284 -24.61 39.01 -18.84
C ILE C 284 -23.28 38.58 -19.47
N PHE C 285 -22.18 38.97 -18.84
CA PHE C 285 -20.88 38.42 -19.15
C PHE C 285 -20.75 37.00 -18.60
N VAL C 286 -20.06 36.15 -19.35
CA VAL C 286 -19.90 34.75 -18.97
C VAL C 286 -18.43 34.36 -19.18
N LYS C 287 -17.87 33.66 -18.20
CA LYS C 287 -16.56 33.05 -18.26
C LYS C 287 -16.72 31.53 -18.25
N TYR C 288 -16.28 30.88 -19.32
CA TYR C 288 -16.40 29.43 -19.43
C TYR C 288 -15.07 28.79 -19.05
N ALA C 289 -15.14 27.77 -18.19
CA ALA C 289 -13.97 27.15 -17.58
C ALA C 289 -13.65 25.79 -18.19
N ASP C 290 -14.58 24.84 -18.08
CA ASP C 290 -14.39 23.46 -18.49
C ASP C 290 -13.18 22.87 -17.77
N CYS C 291 -13.29 22.84 -16.44
CA CYS C 291 -12.22 22.56 -15.49
C CYS C 291 -11.36 21.36 -15.90
N GLU C 292 -11.92 20.44 -16.68
CA GLU C 292 -11.13 19.32 -17.19
C GLU C 292 -9.88 19.83 -17.90
N THR C 293 -10.03 20.80 -18.80
CA THR C 293 -8.88 21.35 -19.50
C THR C 293 -7.88 21.99 -18.54
N LEU C 294 -8.36 22.50 -17.40
CA LEU C 294 -7.47 23.07 -16.39
C LEU C 294 -6.48 22.03 -15.90
N HIS C 295 -5.20 22.38 -15.90
CA HIS C 295 -4.14 21.47 -15.47
C HIS C 295 -3.70 21.80 -14.05
N GLU C 296 -2.89 20.88 -13.49
CA GLU C 296 -2.25 21.03 -12.19
C GLU C 296 -3.23 21.53 -11.12
N THR C 297 -4.37 20.85 -11.04
CA THR C 297 -5.40 21.24 -10.10
C THR C 297 -4.94 21.13 -8.65
N SER C 298 -4.22 20.05 -8.32
CA SER C 298 -3.87 19.79 -6.94
C SER C 298 -2.76 20.69 -6.43
N ASN C 299 -2.08 21.42 -7.31
CA ASN C 299 -1.09 22.41 -6.88
C ASN C 299 -1.86 23.60 -6.32
N LEU C 300 -2.12 23.58 -5.01
CA LEU C 300 -3.10 24.50 -4.43
C LEU C 300 -2.71 25.96 -4.65
N ASP C 301 -1.44 26.28 -4.41
CA ASP C 301 -1.02 27.67 -4.52
C ASP C 301 -1.16 28.18 -5.95
N LYS C 302 -0.82 27.35 -6.93
CA LYS C 302 -0.91 27.76 -8.33
C LYS C 302 -2.36 27.91 -8.76
N THR C 303 -3.20 26.90 -8.46
CA THR C 303 -4.60 26.94 -8.85
C THR C 303 -5.32 28.11 -8.19
N GLN C 304 -4.92 28.45 -6.95
CA GLN C 304 -5.58 29.54 -6.23
C GLN C 304 -5.47 30.85 -6.99
N LYS C 305 -4.37 31.04 -7.73
CA LYS C 305 -4.23 32.26 -8.53
C LYS C 305 -5.31 32.34 -9.60
N LEU C 306 -5.57 31.23 -10.30
CA LEU C 306 -6.64 31.22 -11.30
C LEU C 306 -8.00 31.40 -10.65
N ILE C 307 -8.20 30.77 -9.49
CA ILE C 307 -9.45 30.94 -8.74
C ILE C 307 -9.70 32.41 -8.45
N MET C 308 -8.67 33.12 -7.97
CA MET C 308 -8.80 34.55 -7.73
C MET C 308 -9.01 35.32 -9.03
N GLU C 309 -8.31 34.94 -10.10
CA GLU C 309 -8.36 35.71 -11.34
C GLU C 309 -9.76 35.68 -11.95
N TRP C 310 -10.39 34.50 -11.97
CA TRP C 310 -11.77 34.35 -12.41
C TRP C 310 -12.66 35.42 -11.77
N CYS C 311 -12.79 35.36 -10.44
CA CYS C 311 -13.70 36.27 -9.75
C CYS C 311 -13.26 37.72 -9.89
N SER C 312 -11.95 37.99 -10.00
CA SER C 312 -11.51 39.36 -10.20
C SER C 312 -12.07 39.92 -11.50
N PHE C 313 -11.84 39.21 -12.61
CA PHE C 313 -12.44 39.63 -13.88
C PHE C 313 -13.95 39.77 -13.76
N CYS C 314 -14.62 38.71 -13.27
CA CYS C 314 -16.08 38.70 -13.20
C CYS C 314 -16.61 39.89 -12.41
N TYR C 315 -15.91 40.31 -11.36
CA TYR C 315 -16.31 41.49 -10.60
C TYR C 315 -16.03 42.78 -11.38
N TRP C 316 -14.91 42.85 -12.09
CA TRP C 316 -14.61 44.07 -12.82
C TRP C 316 -15.62 44.33 -13.93
N TYR C 317 -16.07 43.28 -14.60
CA TYR C 317 -17.10 43.43 -15.62
C TYR C 317 -18.48 43.55 -14.97
N GLY C 318 -19.50 43.72 -15.79
CA GLY C 318 -20.85 43.93 -15.30
C GLY C 318 -21.44 42.63 -14.79
N PRO C 319 -22.75 42.64 -14.49
CA PRO C 319 -23.40 41.40 -14.00
C PRO C 319 -22.99 40.19 -14.81
N SER C 320 -22.33 39.24 -14.15
CA SER C 320 -21.61 38.17 -14.80
C SER C 320 -22.09 36.81 -14.30
N LEU C 321 -21.48 35.77 -14.84
CA LEU C 321 -21.88 34.40 -14.56
C LEU C 321 -20.67 33.49 -14.75
N ILE C 322 -20.54 32.49 -13.87
CA ILE C 322 -19.47 31.51 -13.94
C ILE C 322 -20.10 30.13 -14.08
N VAL C 323 -19.58 29.34 -15.02
CA VAL C 323 -20.15 28.05 -15.37
C VAL C 323 -19.01 27.04 -15.44
N LEU C 324 -19.18 25.90 -14.77
CA LEU C 324 -18.20 24.83 -14.77
C LEU C 324 -18.85 23.55 -15.25
N ASP C 325 -18.37 23.03 -16.38
CA ASP C 325 -18.72 21.69 -16.81
C ASP C 325 -17.86 20.65 -16.09
N ASN C 326 -18.50 19.57 -15.65
CA ASN C 326 -17.82 18.44 -15.01
C ASN C 326 -17.04 18.90 -13.78
N VAL C 327 -17.74 19.62 -12.89
CA VAL C 327 -17.12 20.26 -11.73
C VAL C 327 -16.32 19.26 -10.91
N GLU C 328 -16.88 18.05 -10.68
CA GLU C 328 -16.33 17.10 -9.72
C GLU C 328 -14.83 16.83 -9.91
N ALA C 329 -14.27 17.20 -11.06
CA ALA C 329 -12.83 17.06 -11.25
C ALA C 329 -12.06 18.08 -10.41
N LEU C 330 -12.63 19.28 -10.23
CA LEU C 330 -11.93 20.38 -9.57
C LEU C 330 -12.34 20.58 -8.12
N PHE C 331 -13.58 20.25 -7.76
CA PHE C 331 -14.08 20.45 -6.39
C PHE C 331 -14.78 19.21 -5.86
N GLY C 332 -14.47 18.03 -6.40
CA GLY C 332 -15.20 16.82 -6.09
C GLY C 332 -14.57 16.06 -4.93
N LYS C 333 -15.41 15.65 -3.99
CA LYS C 333 -14.96 14.81 -2.89
C LYS C 333 -14.67 13.40 -3.39
N PRO C 334 -13.47 12.85 -3.16
CA PRO C 334 -13.17 11.50 -3.65
C PRO C 334 -14.16 10.44 -3.18
N GLN C 335 -14.63 10.53 -1.92
CA GLN C 335 -15.68 9.69 -1.39
C GLN C 335 -15.20 8.25 -1.16
N ALA C 336 -13.97 7.95 -1.57
CA ALA C 336 -13.38 6.64 -1.34
C ALA C 336 -12.63 6.65 -0.01
N ASN C 337 -12.99 5.75 0.88
CA ASN C 337 -12.48 5.75 2.25
C ASN C 337 -12.27 4.33 2.75
N ASP C 338 -11.15 4.11 3.42
CA ASP C 338 -10.86 2.89 4.16
C ASP C 338 -10.47 3.18 5.59
N GLY C 339 -9.75 4.27 5.82
CA GLY C 339 -9.39 4.71 7.16
C GLY C 339 -8.81 6.11 7.07
N ASP C 340 -9.32 7.02 7.89
CA ASP C 340 -8.93 8.42 7.79
C ASP C 340 -9.44 9.18 9.00
N PRO C 341 -8.66 10.09 9.59
CA PRO C 341 -9.22 10.98 10.61
C PRO C 341 -10.40 11.78 10.07
N SER C 342 -11.43 11.91 10.90
CA SER C 342 -12.69 12.54 10.49
C SER C 342 -12.45 13.95 9.95
N ASN C 343 -11.51 14.69 10.53
CA ASN C 343 -11.25 16.05 10.11
C ASN C 343 -10.62 16.10 8.72
N ASN C 344 -9.63 15.25 8.46
CA ASN C 344 -9.11 15.14 7.09
C ASN C 344 -10.16 14.65 6.10
N GLY C 345 -11.05 13.76 6.50
CA GLY C 345 -12.15 13.41 5.62
C GLY C 345 -13.06 14.58 5.30
N GLN C 346 -13.36 15.41 6.31
CA GLN C 346 -14.01 16.69 6.08
C GLN C 346 -13.16 17.61 5.22
N TRP C 347 -11.87 17.72 5.53
CA TRP C 347 -10.95 18.64 4.86
C TRP C 347 -9.74 17.88 4.29
N ASP C 348 -9.85 17.51 3.03
CA ASP C 348 -8.75 16.91 2.28
C ASP C 348 -8.14 17.95 1.36
N ASN C 349 -7.28 17.49 0.44
CA ASN C 349 -6.58 18.42 -0.45
C ASN C 349 -7.55 19.15 -1.37
N ALA C 350 -8.59 18.46 -1.85
CA ALA C 350 -9.49 19.06 -2.83
C ALA C 350 -10.36 20.16 -2.22
N SER C 351 -10.96 19.90 -1.06
CA SER C 351 -11.96 20.81 -0.51
C SER C 351 -11.41 22.20 -0.20
N LYS C 352 -10.13 22.31 0.13
CA LYS C 352 -9.51 23.61 0.39
C LYS C 352 -9.84 24.63 -0.70
N LEU C 353 -9.69 24.23 -1.96
CA LEU C 353 -10.10 25.07 -3.09
C LEU C 353 -11.55 25.49 -2.98
N LEU C 354 -12.44 24.53 -2.67
CA LEU C 354 -13.86 24.83 -2.54
C LEU C 354 -14.11 25.90 -1.48
N ASN C 355 -13.52 25.73 -0.30
CA ASN C 355 -13.66 26.72 0.76
C ASN C 355 -13.15 28.10 0.32
N PHE C 356 -11.97 28.14 -0.30
CA PHE C 356 -11.48 29.43 -0.80
C PHE C 356 -12.45 30.07 -1.78
N PHE C 357 -12.91 29.31 -2.77
CA PHE C 357 -13.85 29.83 -3.75
C PHE C 357 -15.13 30.35 -3.10
N ILE C 358 -15.70 29.55 -2.20
CA ILE C 358 -16.93 29.94 -1.50
C ILE C 358 -16.72 31.25 -0.74
N ASN C 359 -15.67 31.32 0.09
CA ASN C 359 -15.38 32.54 0.83
C ASN C 359 -15.21 33.74 -0.09
N GLN C 360 -14.38 33.59 -1.14
CA GLN C 360 -14.11 34.68 -2.07
C GLN C 360 -15.39 35.18 -2.74
N VAL C 361 -16.24 34.25 -3.21
CA VAL C 361 -17.50 34.63 -3.83
C VAL C 361 -18.40 35.35 -2.83
N THR C 362 -18.63 34.74 -1.67
CA THR C 362 -19.49 35.35 -0.65
C THR C 362 -19.01 36.75 -0.28
N LYS C 363 -17.70 36.98 -0.27
CA LYS C 363 -17.17 38.32 -0.03
C LYS C 363 -17.80 39.35 -0.95
N ILE C 364 -18.08 38.99 -2.20
CA ILE C 364 -18.72 39.91 -3.13
C ILE C 364 -20.25 39.84 -3.00
N PHE C 365 -20.79 38.62 -3.03
CA PHE C 365 -22.25 38.43 -3.06
C PHE C 365 -22.93 39.16 -1.89
N ASN C 366 -22.26 39.23 -0.74
CA ASN C 366 -22.83 39.84 0.46
C ASN C 366 -22.76 41.36 0.42
N LYS C 367 -22.14 41.94 -0.59
CA LYS C 367 -22.06 43.39 -0.74
C LYS C 367 -22.46 43.86 -2.14
N ASP C 368 -22.73 42.94 -3.08
CA ASP C 368 -23.31 43.31 -4.37
C ASP C 368 -24.01 42.06 -4.90
N ASN C 369 -25.34 42.02 -4.74
CA ASN C 369 -26.09 40.79 -4.97
C ASN C 369 -26.06 40.35 -6.44
N LYS C 370 -26.26 41.28 -7.37
CA LYS C 370 -26.35 40.93 -8.77
C LYS C 370 -25.02 40.89 -9.49
N ARG C 371 -23.89 41.08 -8.79
CA ARG C 371 -22.63 41.23 -9.47
C ARG C 371 -22.13 39.91 -10.06
N ILE C 372 -21.90 38.92 -9.20
CA ILE C 372 -21.26 37.67 -9.59
C ILE C 372 -22.11 36.50 -9.13
N ARG C 373 -22.28 35.51 -10.01
CA ARG C 373 -22.99 34.27 -9.70
C ARG C 373 -22.32 33.12 -10.42
N VAL C 374 -22.44 31.94 -9.84
CA VAL C 374 -21.78 30.72 -10.32
C VAL C 374 -22.84 29.68 -10.63
N LEU C 375 -22.54 28.83 -11.61
CA LEU C 375 -23.46 27.76 -12.04
C LEU C 375 -22.65 26.49 -12.30
N PHE C 376 -22.62 25.61 -11.32
CA PHE C 376 -21.93 24.34 -11.42
C PHE C 376 -22.76 23.34 -12.24
N SER C 377 -22.08 22.33 -12.77
CA SER C 377 -22.74 21.13 -13.25
C SER C 377 -21.85 19.91 -12.99
N GLY C 378 -22.49 18.76 -12.77
CA GLY C 378 -21.79 17.56 -12.39
C GLY C 378 -22.70 16.36 -12.53
N LYS C 379 -22.07 15.18 -12.50
CA LYS C 379 -22.80 13.94 -12.80
C LYS C 379 -24.01 13.77 -11.89
N GLN C 380 -23.90 14.18 -10.62
CA GLN C 380 -24.93 13.89 -9.64
C GLN C 380 -24.89 14.93 -8.53
N LYS C 381 -26.07 15.30 -8.03
CA LYS C 381 -26.21 16.30 -6.99
C LYS C 381 -25.45 15.94 -5.72
N THR C 382 -25.93 14.92 -5.01
CA THR C 382 -25.32 14.51 -3.74
C THR C 382 -23.84 14.18 -3.90
N GLN C 383 -23.46 13.58 -5.04
CA GLN C 383 -22.07 13.22 -5.28
C GLN C 383 -21.13 14.39 -5.02
N ILE C 384 -21.54 15.60 -5.40
CA ILE C 384 -20.71 16.79 -5.20
C ILE C 384 -20.39 16.95 -3.70
N ASN C 385 -19.30 17.66 -3.44
CA ASN C 385 -18.81 17.89 -2.08
C ASN C 385 -19.93 18.43 -1.20
N PRO C 386 -20.14 17.87 0.00
CA PRO C 386 -21.19 18.36 0.90
C PRO C 386 -21.07 19.83 1.31
N LEU C 387 -19.88 20.44 1.25
CA LEU C 387 -19.74 21.85 1.63
C LEU C 387 -20.77 22.74 0.96
N LEU C 388 -21.08 22.49 -0.32
CA LEU C 388 -22.04 23.31 -1.04
C LEU C 388 -23.38 23.40 -0.30
N PHE C 389 -23.93 22.24 0.07
CA PHE C 389 -25.19 22.22 0.78
C PHE C 389 -25.03 22.69 2.22
N ASP C 390 -23.90 22.37 2.85
CA ASP C 390 -23.66 22.80 4.22
C ASP C 390 -23.55 24.31 4.31
N LYS C 391 -22.60 24.90 3.57
CA LYS C 391 -22.39 26.34 3.57
C LYS C 391 -23.52 27.11 2.89
N HIS C 392 -24.55 26.40 2.42
CA HIS C 392 -25.70 26.98 1.73
C HIS C 392 -25.26 27.87 0.57
N PHE C 393 -24.61 27.24 -0.40
CA PHE C 393 -24.19 27.91 -1.62
C PHE C 393 -25.24 27.72 -2.72
N VAL C 394 -25.67 26.47 -2.93
CA VAL C 394 -26.69 26.12 -3.90
C VAL C 394 -28.05 26.10 -3.23
N SER C 395 -29.04 26.75 -3.83
CA SER C 395 -30.39 26.79 -3.27
C SER C 395 -31.38 25.98 -4.08
N GLU C 396 -31.56 26.28 -5.37
CA GLU C 396 -32.47 25.52 -6.20
C GLU C 396 -31.69 24.60 -7.14
N THR C 397 -32.35 23.51 -7.55
CA THR C 397 -31.71 22.46 -8.33
C THR C 397 -32.63 22.05 -9.46
N TRP C 398 -32.03 21.43 -10.48
CA TRP C 398 -32.78 20.85 -11.59
C TRP C 398 -32.03 19.64 -12.10
N SER C 399 -32.79 18.71 -12.68
CA SER C 399 -32.26 17.48 -13.26
C SER C 399 -32.76 17.33 -14.68
N LEU C 400 -31.85 17.01 -15.61
CA LEU C 400 -32.21 16.62 -16.97
C LEU C 400 -32.57 15.14 -16.97
N ARG C 401 -33.84 14.88 -16.72
CA ARG C 401 -34.41 13.55 -16.92
C ARG C 401 -34.42 13.20 -18.41
N ALA C 402 -34.34 11.90 -18.68
CA ALA C 402 -34.30 11.43 -20.06
C ALA C 402 -35.55 11.91 -20.82
N PRO C 403 -35.39 12.39 -22.05
CA PRO C 403 -36.51 13.03 -22.74
C PRO C 403 -37.70 12.12 -22.95
N ASP C 404 -38.89 12.70 -22.84
CA ASP C 404 -40.15 11.97 -22.93
C ASP C 404 -40.49 11.67 -24.39
N LYS C 405 -41.42 10.73 -24.56
CA LYS C 405 -41.95 10.36 -25.87
C LYS C 405 -42.12 11.58 -26.78
N HIS C 406 -42.97 12.52 -26.36
CA HIS C 406 -43.29 13.69 -27.17
C HIS C 406 -42.04 14.45 -27.61
N ALA C 407 -40.96 14.37 -26.84
CA ALA C 407 -39.76 15.15 -27.12
C ALA C 407 -38.88 14.48 -28.16
N ARG C 408 -38.66 13.16 -28.02
CA ARG C 408 -37.73 12.45 -28.90
C ARG C 408 -37.99 12.70 -30.38
N ALA C 409 -39.25 12.90 -30.77
CA ALA C 409 -39.57 13.14 -32.17
C ALA C 409 -38.74 14.29 -32.72
N LYS C 410 -38.75 15.43 -32.04
CA LYS C 410 -37.97 16.58 -32.48
C LYS C 410 -36.48 16.25 -32.60
N LEU C 411 -35.91 15.60 -31.58
CA LEU C 411 -34.49 15.26 -31.61
C LEU C 411 -34.14 14.41 -32.82
N LEU C 412 -34.88 13.32 -33.04
CA LEU C 412 -34.62 12.47 -34.20
C LEU C 412 -34.80 13.23 -35.51
N GLU C 413 -35.88 14.01 -35.63
CA GLU C 413 -36.07 14.86 -36.80
C GLU C 413 -34.83 15.70 -37.07
N TYR C 414 -34.32 16.36 -36.02
CA TYR C 414 -33.19 17.27 -36.20
C TYR C 414 -31.92 16.52 -36.59
N PHE C 415 -31.63 15.41 -35.91
CA PHE C 415 -30.43 14.65 -36.26
C PHE C 415 -30.51 14.08 -37.67
N PHE C 416 -31.68 13.58 -38.07
CA PHE C 416 -31.88 13.15 -39.45
C PHE C 416 -31.61 14.28 -40.44
N SER C 417 -32.16 15.47 -40.17
CA SER C 417 -31.92 16.61 -41.03
C SER C 417 -30.44 16.98 -41.09
N LYS C 418 -29.74 16.87 -39.96
CA LYS C 418 -28.33 17.29 -39.88
C LYS C 418 -27.49 16.66 -40.98
N ASN C 419 -27.73 15.39 -41.30
CA ASN C 419 -26.98 14.75 -42.36
C ASN C 419 -27.47 15.11 -43.76
N GLN C 420 -28.62 15.78 -43.86
CA GLN C 420 -29.15 16.43 -45.06
C GLN C 420 -29.34 15.47 -46.25
N ILE C 421 -29.15 14.17 -46.05
CA ILE C 421 -29.37 13.21 -47.14
C ILE C 421 -30.40 12.16 -46.74
N MET C 422 -30.48 11.86 -45.44
CA MET C 422 -31.45 10.88 -44.97
C MET C 422 -32.84 11.51 -44.89
N LYS C 423 -33.85 10.71 -45.25
CA LYS C 423 -35.22 11.15 -45.29
C LYS C 423 -36.10 9.91 -45.28
N LEU C 424 -37.29 10.03 -44.72
CA LEU C 424 -38.20 8.89 -44.71
C LEU C 424 -39.04 8.84 -45.98
N ASN C 425 -39.54 7.65 -46.27
CA ASN C 425 -40.50 7.42 -47.33
C ASN C 425 -41.89 7.94 -46.91
N ARG C 426 -42.73 8.17 -47.93
CA ARG C 426 -44.10 8.63 -47.72
C ARG C 426 -44.85 7.75 -46.73
N ASP C 427 -44.54 6.46 -46.68
CA ASP C 427 -45.27 5.50 -45.86
C ASP C 427 -44.83 5.49 -44.41
N LEU C 428 -43.81 6.27 -44.03
CA LEU C 428 -43.21 6.20 -42.71
C LEU C 428 -43.25 7.59 -42.08
N GLN C 429 -43.37 7.63 -40.75
CA GLN C 429 -43.56 8.86 -40.01
C GLN C 429 -42.71 8.86 -38.74
N PHE C 430 -42.27 10.06 -38.35
CA PHE C 430 -41.49 10.29 -37.14
C PHE C 430 -42.13 9.74 -35.88
N SER C 431 -43.27 10.30 -35.46
CA SER C 431 -43.78 10.04 -34.12
C SER C 431 -43.87 8.54 -33.80
N ASP C 432 -44.29 7.72 -34.76
CA ASP C 432 -44.23 6.27 -34.55
C ASP C 432 -42.79 5.77 -34.53
N LEU C 433 -41.92 6.37 -35.34
CA LEU C 433 -40.55 5.91 -35.48
C LEU C 433 -39.79 5.98 -34.15
N SER C 434 -40.18 6.90 -33.27
CA SER C 434 -39.49 7.09 -32.00
C SER C 434 -39.88 6.05 -30.96
N LEU C 435 -41.15 5.65 -30.91
CA LEU C 435 -41.68 4.94 -29.75
C LEU C 435 -40.85 3.72 -29.37
N GLU C 436 -40.30 3.00 -30.35
CA GLU C 436 -39.44 1.86 -30.05
C GLU C 436 -38.18 2.28 -29.28
N THR C 437 -37.75 3.53 -29.42
CA THR C 437 -36.50 4.01 -28.82
C THR C 437 -36.71 4.43 -27.36
N GLU C 438 -37.09 3.45 -26.55
CA GLU C 438 -37.24 3.67 -25.12
C GLU C 438 -35.89 3.58 -24.41
N GLY C 439 -35.73 4.41 -23.38
CA GLY C 439 -34.53 4.49 -22.56
C GLY C 439 -33.31 5.13 -23.21
N PHE C 440 -33.46 5.76 -24.36
CA PHE C 440 -32.36 6.40 -25.08
C PHE C 440 -32.05 7.78 -24.50
N SER C 441 -31.07 8.44 -25.11
CA SER C 441 -30.76 9.83 -24.81
C SER C 441 -29.99 10.38 -26.01
N PRO C 442 -29.74 11.70 -26.06
CA PRO C 442 -29.16 12.28 -27.28
C PRO C 442 -27.86 11.66 -27.76
N LEU C 443 -26.97 11.21 -26.88
CA LEU C 443 -25.80 10.49 -27.36
C LEU C 443 -26.22 9.21 -28.07
N ASP C 444 -27.06 8.41 -27.40
CA ASP C 444 -27.59 7.19 -27.98
C ASP C 444 -28.23 7.46 -29.32
N LEU C 445 -29.13 8.45 -29.37
CA LEU C 445 -29.83 8.78 -30.61
C LEU C 445 -28.88 9.19 -31.73
N GLU C 446 -27.90 10.05 -31.44
CA GLU C 446 -27.00 10.50 -32.50
C GLU C 446 -26.11 9.38 -33.04
N ILE C 447 -25.64 8.49 -32.16
CA ILE C 447 -24.86 7.37 -32.66
C ILE C 447 -25.76 6.37 -33.37
N PHE C 448 -27.00 6.20 -32.91
CA PHE C 448 -27.94 5.31 -33.57
C PHE C 448 -28.25 5.79 -34.98
N THR C 449 -28.49 7.10 -35.14
CA THR C 449 -28.68 7.67 -36.47
C THR C 449 -27.47 7.45 -37.37
N GLU C 450 -26.26 7.70 -36.86
CA GLU C 450 -25.08 7.36 -37.67
C GLU C 450 -25.06 5.87 -38.05
N LYS C 451 -25.43 5.00 -37.11
CA LYS C 451 -25.50 3.56 -37.39
C LYS C 451 -26.50 3.26 -38.50
N ILE C 452 -27.67 3.90 -38.45
CA ILE C 452 -28.67 3.75 -39.51
C ILE C 452 -28.12 4.23 -40.85
N PHE C 453 -27.42 5.37 -40.84
CA PHE C 453 -26.84 5.89 -42.07
C PHE C 453 -25.87 4.88 -42.69
N TYR C 454 -25.03 4.26 -41.87
CA TYR C 454 -24.13 3.24 -42.39
C TYR C 454 -24.89 2.02 -42.91
N ASP C 455 -25.83 1.51 -42.12
CA ASP C 455 -26.51 0.29 -42.52
C ASP C 455 -27.36 0.47 -43.77
N LEU C 456 -27.97 1.64 -43.95
CA LEU C 456 -28.65 1.95 -45.21
C LEU C 456 -27.68 2.19 -46.37
N GLN C 457 -26.51 2.76 -46.11
CA GLN C 457 -25.67 3.24 -47.22
C GLN C 457 -25.03 2.09 -48.00
N LEU C 458 -24.27 1.23 -47.33
CA LEU C 458 -23.77 0.03 -47.99
C LEU C 458 -24.73 -1.15 -47.91
N GLU C 459 -25.21 -1.49 -46.71
CA GLU C 459 -25.70 -2.84 -46.46
C GLU C 459 -27.02 -3.10 -47.18
N ARG C 460 -27.87 -2.10 -47.29
CA ARG C 460 -28.87 -2.09 -48.35
C ARG C 460 -28.19 -1.71 -49.67
N ASP C 461 -28.40 -2.54 -50.70
CA ASP C 461 -27.81 -2.32 -52.02
C ASP C 461 -28.65 -1.31 -52.81
N CYS C 462 -28.64 -0.07 -52.31
CA CYS C 462 -29.38 1.00 -52.95
C CYS C 462 -28.66 2.32 -52.71
N ASP C 463 -28.79 3.23 -53.68
CA ASP C 463 -28.22 4.57 -53.51
C ASP C 463 -29.11 5.45 -52.64
N ASN C 464 -30.40 5.50 -52.94
CA ASN C 464 -31.31 6.33 -52.16
C ASN C 464 -31.55 5.72 -50.78
N VAL C 465 -32.02 6.56 -49.87
CA VAL C 465 -32.07 6.22 -48.45
C VAL C 465 -33.32 5.40 -48.13
N VAL C 466 -33.35 4.15 -48.62
CA VAL C 466 -34.29 3.16 -48.12
C VAL C 466 -34.18 3.08 -46.60
N THR C 467 -35.34 3.10 -45.93
CA THR C 467 -35.36 3.51 -44.53
C THR C 467 -36.45 2.81 -43.73
N ARG C 468 -36.87 1.63 -44.16
CA ARG C 468 -37.88 0.84 -43.46
C ARG C 468 -37.47 -0.62 -43.56
N GLU C 469 -37.77 -1.38 -42.49
CA GLU C 469 -37.52 -2.79 -42.30
C GLU C 469 -36.04 -3.07 -41.99
N LEU C 470 -35.15 -2.08 -42.14
CA LEU C 470 -33.81 -2.15 -41.59
C LEU C 470 -33.69 -1.45 -40.24
N PHE C 471 -34.66 -0.58 -39.92
CA PHE C 471 -34.66 0.15 -38.65
C PHE C 471 -34.63 -0.81 -37.46
N SER C 472 -35.59 -1.73 -37.41
CA SER C 472 -35.65 -2.73 -36.34
C SER C 472 -34.38 -3.57 -36.27
N LYS C 473 -33.93 -4.07 -37.42
CA LYS C 473 -32.71 -4.88 -37.46
C LYS C 473 -31.52 -4.13 -36.86
N SER C 474 -31.31 -2.88 -37.30
CA SER C 474 -30.23 -2.06 -36.74
C SER C 474 -30.39 -1.87 -35.23
N LEU C 475 -31.61 -1.52 -34.78
CA LEU C 475 -31.87 -1.38 -33.36
C LEU C 475 -31.48 -2.63 -32.60
N SER C 476 -31.84 -3.80 -33.12
CA SER C 476 -31.50 -5.08 -32.48
C SER C 476 -30.01 -5.17 -32.18
N ALA C 477 -29.17 -4.64 -33.06
CA ALA C 477 -27.73 -4.66 -32.90
C ALA C 477 -27.22 -3.56 -31.96
N PHE C 478 -28.10 -2.66 -31.52
CA PHE C 478 -27.70 -1.51 -30.72
C PHE C 478 -27.78 -1.81 -29.24
N THR C 479 -27.06 -1.00 -28.45
CA THR C 479 -27.06 -1.06 -27.00
C THR C 479 -27.01 0.35 -26.42
N PRO C 480 -28.11 0.83 -25.83
CA PRO C 480 -28.09 2.15 -25.19
C PRO C 480 -27.01 2.26 -24.11
N SER C 481 -26.53 3.50 -23.93
CA SER C 481 -25.43 3.78 -23.00
C SER C 481 -25.66 3.12 -21.64
N ALA C 482 -26.82 3.35 -21.04
CA ALA C 482 -27.12 2.78 -19.72
C ALA C 482 -26.98 1.26 -19.73
N LEU C 483 -27.74 0.59 -20.60
CA LEU C 483 -27.62 -0.86 -20.73
C LEU C 483 -26.20 -1.29 -21.05
N ARG C 484 -25.47 -0.46 -21.80
CA ARG C 484 -24.16 -0.83 -22.32
C ARG C 484 -23.17 -1.19 -21.22
N GLY C 485 -23.38 -0.68 -20.01
CA GLY C 485 -22.40 -0.83 -18.95
C GLY C 485 -22.66 -1.93 -17.93
N VAL C 486 -23.81 -2.59 -17.98
CA VAL C 486 -24.17 -3.59 -16.99
C VAL C 486 -24.53 -4.90 -17.69
N LYS C 487 -24.80 -5.92 -16.86
CA LYS C 487 -24.95 -7.31 -17.31
C LYS C 487 -26.39 -7.65 -17.73
N LEU C 488 -26.83 -7.04 -18.83
CA LEU C 488 -28.06 -7.52 -19.45
C LEU C 488 -27.76 -8.69 -20.39
N THR C 489 -28.82 -9.37 -20.80
CA THR C 489 -28.72 -10.51 -21.71
C THR C 489 -29.91 -10.54 -22.65
N LYS C 490 -29.64 -10.90 -23.91
CA LYS C 490 -30.67 -11.14 -24.91
C LYS C 490 -30.43 -12.48 -25.61
N GLU C 491 -29.58 -13.32 -25.00
CA GLU C 491 -29.10 -14.55 -25.65
C GLU C 491 -30.24 -15.43 -26.16
N THR C 492 -31.33 -15.52 -25.42
CA THR C 492 -32.43 -16.40 -25.80
C THR C 492 -33.04 -15.94 -27.12
N ASN C 493 -32.97 -16.83 -28.11
CA ASN C 493 -33.55 -16.65 -29.44
C ASN C 493 -34.94 -17.23 -29.60
N ILE C 494 -35.43 -18.02 -28.64
CA ILE C 494 -36.73 -18.68 -28.78
C ILE C 494 -37.82 -17.64 -28.98
N LYS C 495 -38.58 -17.80 -30.05
CA LYS C 495 -39.53 -16.83 -30.54
C LYS C 495 -40.70 -16.62 -29.57
N TRP C 496 -41.45 -15.54 -29.84
CA TRP C 496 -42.66 -15.21 -29.08
C TRP C 496 -43.63 -16.38 -29.00
N GLY C 497 -43.70 -17.20 -30.05
CA GLY C 497 -44.62 -18.31 -30.08
C GLY C 497 -44.16 -19.55 -29.33
N ASP C 498 -44.26 -20.72 -29.97
CA ASP C 498 -43.83 -21.98 -29.38
C ASP C 498 -44.61 -22.30 -28.10
N ILE C 499 -45.80 -21.72 -27.98
CA ILE C 499 -46.67 -21.94 -26.83
C ILE C 499 -47.23 -23.36 -26.88
N GLY C 500 -47.59 -23.87 -25.70
CA GLY C 500 -48.37 -25.08 -25.57
C GLY C 500 -49.70 -24.89 -24.88
N ALA C 501 -49.99 -25.79 -23.93
CA ALA C 501 -51.08 -25.59 -22.98
C ALA C 501 -50.84 -24.44 -22.04
N LEU C 502 -49.67 -23.80 -22.10
CA LEU C 502 -49.27 -22.68 -21.26
C LEU C 502 -50.00 -21.39 -21.62
N ALA C 503 -51.08 -21.49 -22.42
CA ALA C 503 -51.95 -20.36 -22.69
C ALA C 503 -52.49 -19.74 -21.40
N ASN C 504 -53.04 -20.59 -20.52
CA ASN C 504 -53.56 -20.17 -19.23
C ASN C 504 -52.54 -19.40 -18.38
N ALA C 505 -51.26 -19.52 -18.69
CA ALA C 505 -50.23 -18.68 -18.07
C ALA C 505 -49.80 -17.49 -18.93
N LYS C 506 -49.68 -17.71 -20.24
CA LYS C 506 -49.28 -16.65 -21.16
C LYS C 506 -50.24 -15.47 -21.10
N ASP C 507 -51.55 -15.74 -21.04
CA ASP C 507 -52.53 -14.68 -20.75
C ASP C 507 -52.07 -13.80 -19.59
N VAL C 508 -51.87 -14.42 -18.42
CA VAL C 508 -51.45 -13.71 -17.21
C VAL C 508 -50.20 -12.87 -17.48
N LEU C 509 -49.19 -13.51 -18.08
CA LEU C 509 -47.97 -12.78 -18.43
C LEU C 509 -48.29 -11.53 -19.24
N LEU C 510 -49.09 -11.67 -20.29
CA LEU C 510 -49.53 -10.52 -21.07
C LEU C 510 -50.20 -9.46 -20.20
N GLU C 511 -51.04 -9.91 -19.26
CA GLU C 511 -51.81 -9.05 -18.35
C GLU C 511 -50.97 -8.38 -17.27
N THR C 512 -49.70 -8.75 -17.12
CA THR C 512 -48.89 -8.22 -16.03
C THR C 512 -47.53 -7.70 -16.48
N LEU C 513 -47.07 -8.04 -17.67
CA LEU C 513 -45.78 -7.67 -18.23
C LEU C 513 -45.88 -6.70 -19.38
N GLU C 514 -46.82 -6.90 -20.29
CA GLU C 514 -46.93 -6.14 -21.53
C GLU C 514 -48.05 -5.11 -21.51
N TRP C 515 -49.26 -5.51 -21.09
CA TRP C 515 -50.39 -4.59 -21.06
C TRP C 515 -50.07 -3.22 -20.46
N PRO C 516 -49.47 -3.10 -19.27
CA PRO C 516 -49.10 -1.76 -18.77
C PRO C 516 -48.19 -0.97 -19.69
N THR C 517 -47.69 -1.56 -20.77
CA THR C 517 -46.86 -0.85 -21.74
C THR C 517 -47.46 -0.82 -23.14
N LYS C 518 -48.21 -1.85 -23.53
CA LYS C 518 -48.87 -1.84 -24.84
C LYS C 518 -49.98 -0.80 -24.88
N TYR C 519 -50.85 -0.80 -23.87
CA TYR C 519 -51.94 0.18 -23.75
C TYR C 519 -51.63 1.21 -22.68
N GLU C 520 -50.39 1.68 -22.60
CA GLU C 520 -49.95 2.49 -21.47
C GLU C 520 -50.82 3.71 -21.15
N PRO C 521 -51.41 4.45 -22.11
CA PRO C 521 -52.22 5.61 -21.69
C PRO C 521 -53.39 5.24 -20.79
N ILE C 522 -53.94 4.03 -20.93
CA ILE C 522 -55.04 3.62 -20.07
C ILE C 522 -54.52 3.13 -18.74
N PHE C 523 -53.52 2.24 -18.75
CA PHE C 523 -53.01 1.66 -17.52
C PHE C 523 -52.29 2.68 -16.64
N VAL C 524 -51.84 3.80 -17.19
CA VAL C 524 -51.41 4.94 -16.37
C VAL C 524 -52.65 5.81 -16.15
N ASN C 525 -53.51 5.34 -15.27
CA ASN C 525 -54.65 6.15 -14.84
C ASN C 525 -54.80 6.11 -13.33
N CYS C 526 -54.60 4.95 -12.72
CA CYS C 526 -54.82 4.68 -11.32
C CYS C 526 -53.58 5.08 -10.52
N PRO C 527 -53.76 5.51 -9.27
CA PRO C 527 -52.60 5.63 -8.37
C PRO C 527 -52.15 4.31 -7.75
N LEU C 528 -53.08 3.38 -7.51
CA LEU C 528 -52.73 2.12 -6.87
C LEU C 528 -51.63 1.40 -7.63
N ARG C 529 -50.58 1.00 -6.90
CA ARG C 529 -49.42 0.37 -7.50
C ARG C 529 -49.82 -0.80 -8.39
N LEU C 530 -49.31 -0.78 -9.63
CA LEU C 530 -49.64 -1.79 -10.62
C LEU C 530 -49.37 -3.19 -10.09
N ARG C 531 -50.38 -4.05 -10.17
CA ARG C 531 -50.23 -5.46 -9.80
C ARG C 531 -49.04 -6.07 -10.53
N SER C 532 -48.14 -6.67 -9.77
CA SER C 532 -46.84 -7.07 -10.30
C SER C 532 -46.33 -8.29 -9.56
N GLY C 533 -45.35 -8.95 -10.17
CA GLY C 533 -44.72 -10.15 -9.63
C GLY C 533 -45.53 -11.40 -9.83
N ILE C 534 -44.85 -12.47 -10.25
CA ILE C 534 -45.45 -13.75 -10.58
C ILE C 534 -44.56 -14.84 -10.00
N LEU C 535 -45.17 -15.89 -9.47
CA LEU C 535 -44.45 -17.09 -9.04
C LEU C 535 -44.91 -18.28 -9.86
N LEU C 536 -43.99 -18.83 -10.66
CA LEU C 536 -44.27 -19.98 -11.51
C LEU C 536 -43.90 -21.25 -10.75
N TYR C 537 -44.78 -22.24 -10.80
CA TYR C 537 -44.55 -23.48 -10.08
C TYR C 537 -45.19 -24.65 -10.81
N GLY C 538 -44.73 -25.85 -10.48
CA GLY C 538 -45.22 -27.09 -11.01
C GLY C 538 -44.11 -27.97 -11.53
N TYR C 539 -44.53 -29.05 -12.18
CA TYR C 539 -43.67 -30.17 -12.55
C TYR C 539 -42.37 -29.69 -13.20
N PRO C 540 -41.25 -30.38 -12.95
CA PRO C 540 -40.00 -30.07 -13.65
C PRO C 540 -40.10 -30.42 -15.13
N GLY C 541 -39.46 -29.61 -15.96
CA GLY C 541 -39.54 -29.85 -17.40
C GLY C 541 -40.91 -29.61 -17.98
N CYS C 542 -41.48 -28.45 -17.65
CA CYS C 542 -42.81 -28.06 -18.13
C CYS C 542 -42.82 -26.61 -18.61
N GLY C 543 -41.67 -26.07 -18.97
CA GLY C 543 -41.61 -24.80 -19.67
C GLY C 543 -41.49 -23.57 -18.79
N LYS C 544 -41.12 -23.72 -17.52
CA LYS C 544 -41.09 -22.58 -16.61
C LYS C 544 -39.96 -21.61 -16.98
N THR C 545 -38.71 -22.09 -16.95
CA THR C 545 -37.59 -21.25 -17.35
C THR C 545 -37.71 -20.80 -18.79
N LEU C 546 -38.27 -21.63 -19.67
CA LEU C 546 -38.60 -21.19 -21.02
C LEU C 546 -39.55 -20.01 -20.96
N LEU C 547 -40.72 -20.21 -20.35
CA LEU C 547 -41.79 -19.22 -20.41
C LEU C 547 -41.32 -17.88 -19.86
N ALA C 548 -40.51 -17.91 -18.81
CA ALA C 548 -39.89 -16.67 -18.33
C ALA C 548 -38.91 -16.11 -19.36
N SER C 549 -37.92 -16.91 -19.77
CA SER C 549 -36.85 -16.40 -20.61
C SER C 549 -37.33 -16.02 -22.01
N ALA C 550 -38.53 -16.46 -22.40
CA ALA C 550 -39.13 -16.04 -23.67
C ALA C 550 -39.77 -14.66 -23.60
N VAL C 551 -40.04 -14.12 -22.42
CA VAL C 551 -40.74 -12.85 -22.33
C VAL C 551 -39.90 -11.71 -22.89
N ALA C 552 -38.57 -11.81 -22.79
CA ALA C 552 -37.66 -10.72 -23.08
C ALA C 552 -37.97 -10.02 -24.40
N GLN C 553 -37.81 -10.75 -25.52
CA GLN C 553 -38.05 -10.16 -26.83
C GLN C 553 -39.54 -10.00 -27.14
N GLN C 554 -40.38 -10.87 -26.58
CA GLN C 554 -41.82 -10.77 -26.81
C GLN C 554 -42.35 -9.42 -26.36
N CYS C 555 -41.95 -8.97 -25.17
CA CYS C 555 -42.36 -7.68 -24.65
C CYS C 555 -41.42 -6.56 -25.06
N GLY C 556 -40.11 -6.81 -24.98
CA GLY C 556 -39.11 -5.79 -25.19
C GLY C 556 -38.51 -5.18 -23.95
N LEU C 557 -38.82 -5.71 -22.76
CA LEU C 557 -38.21 -5.22 -21.54
C LEU C 557 -36.79 -5.77 -21.40
N ASN C 558 -36.02 -5.15 -20.53
CA ASN C 558 -34.75 -5.69 -20.10
C ASN C 558 -34.99 -6.92 -19.21
N PHE C 559 -34.00 -7.80 -19.16
CA PHE C 559 -34.15 -9.06 -18.43
C PHE C 559 -32.86 -9.40 -17.68
N ILE C 560 -32.74 -8.84 -16.46
CA ILE C 560 -31.67 -9.21 -15.55
C ILE C 560 -31.85 -10.65 -15.09
N SER C 561 -30.76 -11.41 -15.07
CA SER C 561 -30.81 -12.84 -14.79
C SER C 561 -30.07 -13.13 -13.50
N VAL C 562 -30.69 -13.92 -12.63
CA VAL C 562 -30.08 -14.43 -11.41
C VAL C 562 -30.10 -15.95 -11.51
N LYS C 563 -29.00 -16.52 -12.01
CA LYS C 563 -28.89 -17.96 -12.26
C LYS C 563 -28.73 -18.70 -10.94
N GLY C 564 -29.86 -18.94 -10.29
CA GLY C 564 -29.91 -19.59 -9.00
C GLY C 564 -29.16 -18.85 -7.90
N PRO C 565 -28.59 -19.60 -6.94
CA PRO C 565 -27.92 -18.96 -5.80
C PRO C 565 -26.54 -18.40 -6.15
N GLU C 566 -26.54 -17.36 -6.97
CA GLU C 566 -25.31 -16.61 -7.24
C GLU C 566 -25.00 -15.63 -6.12
N ILE C 567 -26.03 -15.18 -5.40
CA ILE C 567 -25.90 -14.12 -4.42
C ILE C 567 -25.03 -14.56 -3.25
N LEU C 568 -25.28 -15.76 -2.72
CA LEU C 568 -24.63 -16.21 -1.48
C LEU C 568 -23.12 -16.13 -1.59
N ASN C 569 -22.48 -15.80 -0.47
CA ASN C 569 -21.04 -15.63 -0.39
C ASN C 569 -20.54 -16.18 0.94
N LYS C 570 -19.28 -16.59 0.95
CA LYS C 570 -18.70 -17.19 2.16
C LYS C 570 -18.67 -16.18 3.31
N PHE C 571 -18.21 -14.96 3.05
CA PHE C 571 -18.17 -13.93 4.08
C PHE C 571 -19.56 -13.67 4.65
N ILE C 572 -19.58 -13.32 5.94
CA ILE C 572 -20.82 -12.93 6.61
C ILE C 572 -21.23 -11.52 6.14
N GLY C 573 -22.45 -11.40 5.63
CA GLY C 573 -22.97 -10.15 5.14
C GLY C 573 -22.57 -9.75 3.74
N ALA C 574 -21.75 -10.56 3.06
CA ALA C 574 -21.43 -10.26 1.67
C ALA C 574 -22.64 -10.50 0.77
N SER C 575 -23.37 -11.58 1.02
CA SER C 575 -24.65 -11.82 0.36
C SER C 575 -25.57 -10.60 0.45
N GLU C 576 -25.53 -9.90 1.59
CA GLU C 576 -26.35 -8.70 1.76
C GLU C 576 -25.94 -7.61 0.77
N GLN C 577 -24.64 -7.27 0.75
CA GLN C 577 -24.11 -6.31 -0.21
C GLN C 577 -24.28 -6.76 -1.64
N ASN C 578 -24.52 -8.05 -1.86
CA ASN C 578 -24.79 -8.57 -3.20
C ASN C 578 -26.23 -8.33 -3.61
N ILE C 579 -27.18 -8.74 -2.76
CA ILE C 579 -28.60 -8.55 -3.04
C ILE C 579 -28.91 -7.06 -3.19
N ARG C 580 -28.47 -6.25 -2.22
CA ARG C 580 -28.69 -4.80 -2.31
C ARG C 580 -28.15 -4.22 -3.61
N GLU C 581 -26.92 -4.59 -3.99
CA GLU C 581 -26.37 -4.11 -5.25
C GLU C 581 -27.17 -4.61 -6.45
N LEU C 582 -27.64 -5.85 -6.39
CA LEU C 582 -28.49 -6.40 -7.44
C LEU C 582 -29.71 -5.52 -7.69
N PHE C 583 -30.48 -5.27 -6.62
CA PHE C 583 -31.66 -4.43 -6.73
C PHE C 583 -31.32 -2.99 -7.11
N GLU C 584 -30.23 -2.44 -6.59
CA GLU C 584 -29.82 -1.09 -7.00
C GLU C 584 -29.52 -1.05 -8.50
N ARG C 585 -28.82 -2.06 -9.02
CA ARG C 585 -28.58 -2.15 -10.46
C ARG C 585 -29.90 -2.19 -11.22
N ALA C 586 -30.80 -3.06 -10.81
CA ALA C 586 -32.13 -3.14 -11.41
C ALA C 586 -32.85 -1.79 -11.38
N GLN C 587 -32.66 -1.01 -10.32
CA GLN C 587 -33.27 0.32 -10.26
C GLN C 587 -32.52 1.36 -11.08
N SER C 588 -31.25 1.13 -11.40
CA SER C 588 -30.50 2.09 -12.21
C SER C 588 -30.99 2.11 -13.65
N VAL C 589 -31.20 0.93 -14.24
CA VAL C 589 -31.80 0.78 -15.57
C VAL C 589 -33.17 0.17 -15.39
N LYS C 590 -34.20 0.86 -15.85
CA LYS C 590 -35.58 0.50 -15.54
C LYS C 590 -36.47 0.86 -16.72
N PRO C 591 -37.58 0.11 -16.93
CA PRO C 591 -37.99 -1.15 -16.29
C PRO C 591 -37.18 -2.39 -16.69
N CYS C 592 -37.14 -3.38 -15.79
CA CYS C 592 -36.40 -4.62 -15.99
C CYS C 592 -37.14 -5.77 -15.34
N ILE C 593 -37.32 -6.86 -16.07
CA ILE C 593 -37.70 -8.13 -15.45
C ILE C 593 -36.54 -8.63 -14.60
N LEU C 594 -36.86 -9.18 -13.44
CA LEU C 594 -35.88 -9.73 -12.51
C LEU C 594 -36.24 -11.18 -12.24
N PHE C 595 -35.50 -12.11 -12.84
CA PHE C 595 -35.87 -13.52 -12.83
C PHE C 595 -34.90 -14.34 -11.99
N PHE C 596 -35.44 -15.02 -11.00
CA PHE C 596 -34.71 -15.97 -10.17
C PHE C 596 -34.92 -17.36 -10.78
N ASP C 597 -33.86 -17.91 -11.37
CA ASP C 597 -34.01 -19.13 -12.17
C ASP C 597 -34.37 -20.33 -11.30
N GLU C 598 -34.08 -20.29 -10.01
CA GLU C 598 -34.85 -21.04 -9.04
C GLU C 598 -34.95 -20.23 -7.75
N PHE C 599 -36.03 -20.47 -7.00
CA PHE C 599 -36.33 -19.64 -5.84
C PHE C 599 -36.58 -20.49 -4.59
N ASP C 600 -36.07 -21.71 -4.55
CA ASP C 600 -36.13 -22.54 -3.36
C ASP C 600 -34.85 -22.47 -2.53
N SER C 601 -33.70 -22.57 -3.19
CA SER C 601 -32.43 -22.69 -2.48
C SER C 601 -31.99 -21.34 -1.91
N ILE C 602 -32.28 -20.26 -2.61
CA ILE C 602 -32.37 -18.94 -2.00
C ILE C 602 -33.69 -18.82 -1.28
N ALA C 603 -33.65 -18.22 -0.09
CA ALA C 603 -34.82 -17.83 0.69
C ALA C 603 -35.73 -19.01 1.02
N PRO C 604 -35.22 -20.09 1.60
CA PRO C 604 -36.10 -21.13 2.13
C PRO C 604 -36.93 -20.60 3.29
N LYS C 605 -37.99 -21.35 3.62
CA LYS C 605 -38.84 -21.03 4.76
C LYS C 605 -37.99 -20.80 6.00
N ARG C 606 -38.13 -19.62 6.61
CA ARG C 606 -37.39 -19.31 7.82
C ARG C 606 -37.78 -20.26 8.95
N GLY C 607 -36.79 -20.90 9.54
CA GLY C 607 -36.98 -21.65 10.76
C GLY C 607 -37.20 -20.78 11.99
N HIS C 608 -37.48 -21.46 13.11
CA HIS C 608 -37.71 -20.86 14.41
C HIS C 608 -36.40 -20.59 15.16
N ASP C 609 -35.29 -20.55 14.45
CA ASP C 609 -33.96 -20.39 15.03
C ASP C 609 -33.10 -19.60 14.03
N SER C 610 -31.79 -19.59 14.26
CA SER C 610 -30.86 -18.91 13.37
C SER C 610 -31.00 -19.43 11.94
N THR C 611 -30.80 -20.74 11.75
CA THR C 611 -30.89 -21.36 10.43
C THR C 611 -29.85 -20.76 9.46
N GLY C 612 -28.70 -20.36 10.01
CA GLY C 612 -27.62 -19.82 9.21
C GLY C 612 -27.91 -18.47 8.56
N VAL C 613 -27.22 -18.23 7.45
CA VAL C 613 -27.29 -16.97 6.72
C VAL C 613 -28.57 -16.78 5.91
N THR C 614 -29.32 -17.84 5.64
CA THR C 614 -30.55 -17.70 4.85
C THR C 614 -31.54 -16.71 5.46
N ASP C 615 -31.64 -16.66 6.79
CA ASP C 615 -32.53 -15.68 7.40
C ASP C 615 -32.06 -14.24 7.16
N ARG C 616 -30.78 -14.03 6.90
CA ARG C 616 -30.31 -12.72 6.44
C ARG C 616 -30.94 -12.41 5.10
N VAL C 617 -30.59 -13.20 4.08
CA VAL C 617 -30.99 -12.90 2.70
C VAL C 617 -32.50 -12.72 2.61
N VAL C 618 -33.28 -13.61 3.25
CA VAL C 618 -34.74 -13.47 3.22
C VAL C 618 -35.16 -12.07 3.64
N ASN C 619 -34.76 -11.68 4.85
CA ASN C 619 -35.17 -10.40 5.41
C ASN C 619 -34.60 -9.22 4.64
N GLN C 620 -33.55 -9.46 3.85
CA GLN C 620 -33.09 -8.43 2.92
C GLN C 620 -34.02 -8.31 1.74
N LEU C 621 -34.34 -9.43 1.11
CA LEU C 621 -35.21 -9.43 -0.07
C LEU C 621 -36.55 -8.76 0.25
N LEU C 622 -37.17 -9.13 1.38
CA LEU C 622 -38.40 -8.46 1.79
C LEU C 622 -38.24 -6.94 1.87
N THR C 623 -37.13 -6.49 2.48
CA THR C 623 -36.85 -5.07 2.61
C THR C 623 -36.75 -4.40 1.24
N GLN C 624 -36.01 -5.01 0.33
CA GLN C 624 -35.82 -4.43 -1.00
C GLN C 624 -37.10 -4.51 -1.82
N MET C 625 -38.01 -5.42 -1.47
CA MET C 625 -39.24 -5.60 -2.23
C MET C 625 -40.31 -4.58 -1.82
N ASP C 626 -40.67 -4.55 -0.53
CA ASP C 626 -41.71 -3.62 -0.10
C ASP C 626 -41.26 -2.70 1.03
N GLY C 627 -40.00 -2.32 1.04
CA GLY C 627 -39.49 -1.43 2.07
C GLY C 627 -40.20 -0.09 2.05
N ALA C 628 -39.93 0.70 3.09
CA ALA C 628 -40.48 2.06 3.17
C ALA C 628 -40.21 2.84 1.90
N GLU C 629 -38.95 2.85 1.45
CA GLU C 629 -38.57 3.43 0.17
C GLU C 629 -38.83 2.49 -1.01
N GLY C 630 -40.07 2.02 -1.13
CA GLY C 630 -40.43 0.99 -2.08
C GLY C 630 -40.07 1.31 -3.52
N LEU C 631 -39.45 0.34 -4.19
CA LEU C 631 -39.10 0.48 -5.60
C LEU C 631 -40.36 0.42 -6.48
N ASP C 632 -40.14 0.61 -7.78
CA ASP C 632 -41.22 0.55 -8.75
C ASP C 632 -40.64 0.22 -10.12
N GLY C 633 -41.52 -0.21 -11.03
CA GLY C 633 -41.14 -0.56 -12.38
C GLY C 633 -40.29 -1.80 -12.50
N VAL C 634 -40.14 -2.57 -11.43
CA VAL C 634 -39.36 -3.81 -11.43
C VAL C 634 -40.33 -4.97 -11.23
N TYR C 635 -40.23 -5.98 -12.09
CA TYR C 635 -41.12 -7.14 -12.01
C TYR C 635 -40.29 -8.36 -11.63
N ILE C 636 -40.45 -8.82 -10.40
CA ILE C 636 -39.80 -10.02 -9.89
C ILE C 636 -40.56 -11.24 -10.37
N LEU C 637 -39.89 -12.07 -11.17
CA LEU C 637 -40.46 -13.31 -11.68
C LEU C 637 -39.67 -14.48 -11.12
N ALA C 638 -40.35 -15.33 -10.35
CA ALA C 638 -39.75 -16.46 -9.67
C ALA C 638 -40.30 -17.77 -10.24
N ALA C 639 -39.47 -18.82 -10.19
CA ALA C 639 -39.89 -20.16 -10.53
C ALA C 639 -39.20 -21.16 -9.61
N THR C 640 -39.89 -22.26 -9.34
CA THR C 640 -39.28 -23.45 -8.74
C THR C 640 -40.26 -24.62 -8.86
N SER C 641 -39.74 -25.81 -8.60
CA SER C 641 -40.58 -27.01 -8.52
C SER C 641 -41.38 -27.08 -7.22
N ARG C 642 -40.72 -26.89 -6.08
CA ARG C 642 -41.35 -27.01 -4.76
C ARG C 642 -41.48 -25.65 -4.09
N PRO C 643 -42.58 -24.92 -4.33
CA PRO C 643 -42.62 -23.50 -3.95
C PRO C 643 -42.95 -23.22 -2.50
N ASP C 644 -43.80 -24.02 -1.85
CA ASP C 644 -44.20 -23.73 -0.48
C ASP C 644 -43.03 -23.63 0.50
N LEU C 645 -41.84 -24.07 0.11
CA LEU C 645 -40.65 -23.84 0.92
C LEU C 645 -40.11 -22.43 0.77
N ILE C 646 -40.72 -21.61 -0.08
CA ILE C 646 -40.60 -20.17 0.01
C ILE C 646 -41.36 -19.67 1.23
N ASP C 647 -40.77 -18.71 1.95
CA ASP C 647 -41.40 -18.17 3.14
C ASP C 647 -42.74 -17.52 2.79
N SER C 648 -43.73 -17.74 3.66
CA SER C 648 -45.07 -17.21 3.44
C SER C 648 -45.09 -15.70 3.27
N ALA C 649 -44.15 -14.99 3.91
CA ALA C 649 -44.04 -13.55 3.73
C ALA C 649 -43.55 -13.15 2.35
N LEU C 650 -43.03 -14.09 1.56
CA LEU C 650 -42.77 -13.84 0.15
C LEU C 650 -43.94 -14.22 -0.74
N LEU C 651 -44.91 -14.95 -0.22
CA LEU C 651 -46.12 -15.29 -0.96
C LEU C 651 -47.26 -14.29 -0.71
N ARG C 652 -47.10 -13.40 0.26
CA ARG C 652 -48.10 -12.40 0.55
C ARG C 652 -48.43 -11.59 -0.71
N PRO C 653 -49.71 -11.50 -1.09
CA PRO C 653 -50.06 -10.69 -2.26
C PRO C 653 -49.61 -9.25 -2.08
N GLY C 654 -49.27 -8.63 -3.21
CA GLY C 654 -48.36 -7.51 -3.24
C GLY C 654 -46.94 -7.87 -3.60
N ARG C 655 -46.48 -9.08 -3.27
CA ARG C 655 -45.24 -9.61 -3.82
C ARG C 655 -45.42 -11.07 -4.22
N LEU C 656 -44.83 -11.43 -5.37
CA LEU C 656 -44.99 -12.74 -5.99
C LEU C 656 -46.46 -13.20 -6.00
N ASP C 657 -47.36 -12.25 -6.22
CA ASP C 657 -48.72 -12.40 -5.71
C ASP C 657 -49.53 -13.43 -6.50
N LYS C 658 -49.35 -13.48 -7.82
CA LYS C 658 -50.03 -14.45 -8.66
C LYS C 658 -49.21 -15.72 -8.79
N SER C 659 -49.80 -16.84 -8.38
CA SER C 659 -49.16 -18.16 -8.47
C SER C 659 -49.78 -18.89 -9.65
N VAL C 660 -48.94 -19.38 -10.57
CA VAL C 660 -49.39 -19.94 -11.83
C VAL C 660 -48.88 -21.36 -11.97
N ILE C 661 -49.79 -22.33 -12.01
CA ILE C 661 -49.44 -23.73 -12.21
C ILE C 661 -49.15 -23.97 -13.69
N CYS C 662 -48.22 -24.89 -13.95
CA CYS C 662 -48.04 -25.52 -15.26
C CYS C 662 -48.26 -27.03 -15.14
N ASN C 663 -48.81 -27.63 -16.19
CA ASN C 663 -49.25 -29.02 -16.13
C ASN C 663 -48.71 -29.78 -17.33
N ILE C 664 -48.11 -30.94 -17.06
CA ILE C 664 -47.61 -31.88 -18.06
C ILE C 664 -48.66 -32.82 -18.68
N PRO C 665 -49.75 -33.23 -17.98
CA PRO C 665 -50.62 -34.27 -18.57
C PRO C 665 -51.33 -33.83 -19.84
N THR C 666 -52.17 -32.80 -19.74
CA THR C 666 -52.79 -32.13 -20.88
C THR C 666 -53.26 -33.12 -21.95
N GLU C 667 -53.96 -34.15 -21.50
CA GLU C 667 -54.39 -35.25 -22.36
C GLU C 667 -55.18 -34.72 -23.54
N SER C 668 -54.76 -35.06 -24.76
CA SER C 668 -55.32 -34.66 -26.05
C SER C 668 -54.91 -33.23 -26.40
N GLU C 669 -54.29 -32.49 -25.49
CA GLU C 669 -53.71 -31.18 -25.80
C GLU C 669 -52.24 -31.28 -26.19
N ARG C 670 -51.60 -32.43 -25.90
CA ARG C 670 -50.23 -32.67 -26.33
C ARG C 670 -50.07 -32.52 -27.83
N LEU C 671 -51.13 -32.75 -28.60
CA LEU C 671 -51.09 -32.44 -30.03
C LEU C 671 -50.64 -31.00 -30.28
N ASP C 672 -51.30 -30.04 -29.60
CA ASP C 672 -51.01 -28.63 -29.81
C ASP C 672 -49.52 -28.29 -29.60
N ILE C 673 -48.96 -28.72 -28.47
CA ILE C 673 -47.51 -28.61 -28.24
C ILE C 673 -46.70 -29.32 -29.32
N LEU C 674 -47.03 -30.58 -29.63
CA LEU C 674 -46.28 -31.29 -30.66
C LEU C 674 -46.23 -30.47 -31.96
N GLN C 675 -47.41 -30.13 -32.49
CA GLN C 675 -47.51 -29.29 -33.68
C GLN C 675 -46.65 -28.04 -33.56
N ALA C 676 -46.65 -27.41 -32.38
CA ALA C 676 -45.82 -26.23 -32.17
C ALA C 676 -44.34 -26.57 -32.38
N ILE C 677 -43.83 -27.51 -31.59
CA ILE C 677 -42.40 -27.82 -31.57
C ILE C 677 -41.94 -28.25 -32.96
N VAL C 678 -42.74 -29.08 -33.65
CA VAL C 678 -42.36 -29.52 -34.99
C VAL C 678 -42.40 -28.34 -35.96
N ASN C 679 -43.38 -27.44 -35.82
CA ASN C 679 -43.51 -26.34 -36.77
C ASN C 679 -42.69 -25.13 -36.35
N SER C 680 -41.96 -25.21 -35.24
CA SER C 680 -41.07 -24.16 -34.80
C SER C 680 -40.14 -23.72 -35.92
N LYS C 681 -40.05 -22.41 -36.16
CA LYS C 681 -39.33 -21.87 -37.30
C LYS C 681 -38.23 -20.89 -36.89
N ASP C 682 -37.80 -20.93 -35.63
CA ASP C 682 -36.95 -19.91 -35.00
C ASP C 682 -35.92 -19.29 -35.94
N LYS C 683 -35.18 -20.14 -36.66
CA LYS C 683 -34.21 -19.70 -37.66
C LYS C 683 -34.98 -19.40 -38.95
N ASP C 684 -35.19 -18.10 -39.22
CA ASP C 684 -35.96 -17.70 -40.39
C ASP C 684 -35.22 -17.96 -41.70
N THR C 685 -33.90 -18.18 -41.65
CA THR C 685 -33.15 -18.49 -42.87
C THR C 685 -33.80 -19.63 -43.65
N GLY C 686 -34.27 -20.66 -42.95
CA GLY C 686 -35.08 -21.71 -43.54
C GLY C 686 -36.49 -21.62 -42.98
N GLN C 687 -37.47 -22.01 -43.80
CA GLN C 687 -38.85 -22.03 -43.34
C GLN C 687 -39.16 -23.20 -42.41
N LYS C 688 -38.15 -23.91 -41.94
CA LYS C 688 -38.32 -25.04 -41.02
C LYS C 688 -36.95 -25.48 -40.54
N LYS C 689 -36.93 -26.17 -39.41
CA LYS C 689 -35.75 -26.90 -38.93
C LYS C 689 -36.00 -28.40 -38.85
N PHE C 690 -37.09 -28.82 -38.19
CA PHE C 690 -37.47 -30.22 -38.16
C PHE C 690 -37.99 -30.63 -39.54
N ALA C 691 -37.71 -31.87 -39.92
CA ALA C 691 -38.07 -32.38 -41.24
C ALA C 691 -39.44 -33.04 -41.17
N LEU C 692 -40.48 -32.24 -41.36
CA LEU C 692 -41.84 -32.75 -41.36
C LEU C 692 -42.09 -33.58 -42.61
N GLU C 693 -43.12 -34.42 -42.55
CA GLU C 693 -43.61 -35.13 -43.72
C GLU C 693 -45.00 -34.63 -44.11
N LYS C 694 -45.48 -35.11 -45.26
CA LYS C 694 -46.66 -34.52 -45.88
C LYS C 694 -47.92 -34.80 -45.07
N ASN C 695 -48.13 -36.07 -44.67
CA ASN C 695 -49.37 -36.44 -44.01
C ASN C 695 -49.59 -35.67 -42.71
N ALA C 696 -48.53 -35.57 -41.89
CA ALA C 696 -48.57 -34.82 -40.63
C ALA C 696 -49.70 -35.30 -39.72
N ASP C 697 -49.88 -36.63 -39.65
CA ASP C 697 -50.86 -37.23 -38.75
C ASP C 697 -50.30 -37.33 -37.33
N LEU C 698 -50.04 -36.17 -36.74
CA LEU C 698 -49.40 -36.10 -35.43
C LEU C 698 -50.29 -36.65 -34.32
N LYS C 699 -51.59 -36.80 -34.57
CA LYS C 699 -52.52 -37.26 -33.54
C LYS C 699 -52.14 -38.65 -33.03
N LEU C 700 -51.75 -39.55 -33.94
CA LEU C 700 -51.42 -40.93 -33.55
C LEU C 700 -50.30 -40.95 -32.54
N ILE C 701 -49.17 -40.29 -32.85
CA ILE C 701 -48.03 -40.29 -31.93
C ILE C 701 -48.39 -39.52 -30.66
N ALA C 702 -49.08 -38.39 -30.80
CA ALA C 702 -49.48 -37.60 -29.63
C ALA C 702 -50.23 -38.46 -28.63
N GLU C 703 -51.21 -39.22 -29.12
CA GLU C 703 -51.93 -40.16 -28.25
C GLU C 703 -50.97 -41.22 -27.71
N LYS C 704 -50.07 -41.73 -28.55
CA LYS C 704 -49.17 -42.80 -28.14
C LYS C 704 -48.18 -42.35 -27.07
N THR C 705 -47.99 -41.03 -26.91
CA THR C 705 -46.98 -40.51 -25.99
C THR C 705 -47.24 -40.93 -24.55
N ALA C 706 -48.50 -41.15 -24.18
CA ALA C 706 -48.94 -41.54 -22.83
C ALA C 706 -48.71 -40.46 -21.79
N GLY C 707 -48.39 -39.23 -22.21
CA GLY C 707 -48.18 -38.11 -21.31
C GLY C 707 -47.03 -38.22 -20.32
N PHE C 708 -45.81 -38.17 -20.84
CA PHE C 708 -44.61 -38.21 -19.99
C PHE C 708 -44.34 -36.86 -19.34
N SER C 709 -44.13 -35.82 -20.15
CA SER C 709 -43.69 -34.51 -19.70
C SER C 709 -43.89 -33.54 -20.86
N GLY C 710 -43.40 -32.31 -20.70
CA GLY C 710 -43.29 -31.39 -21.81
C GLY C 710 -42.01 -31.47 -22.64
N ALA C 711 -40.87 -31.70 -21.98
CA ALA C 711 -39.62 -31.92 -22.69
C ALA C 711 -39.54 -33.26 -23.40
N ASP C 712 -40.31 -34.25 -22.93
CA ASP C 712 -40.37 -35.55 -23.58
C ASP C 712 -40.60 -35.44 -25.09
N LEU C 713 -41.51 -34.56 -25.50
CA LEU C 713 -41.87 -34.47 -26.91
C LEU C 713 -40.73 -33.94 -27.77
N GLN C 714 -40.07 -32.87 -27.32
CA GLN C 714 -38.84 -32.45 -27.97
C GLN C 714 -37.81 -33.58 -28.02
N GLY C 715 -37.69 -34.35 -26.94
CA GLY C 715 -36.83 -35.53 -26.97
C GLY C 715 -37.22 -36.54 -28.03
N LEU C 716 -38.51 -36.86 -28.14
CA LEU C 716 -39.02 -37.67 -29.24
C LEU C 716 -38.64 -37.10 -30.60
N CYS C 717 -38.91 -35.81 -30.81
CA CYS C 717 -38.54 -35.14 -32.06
C CYS C 717 -37.09 -35.39 -32.42
N TYR C 718 -36.18 -35.06 -31.50
CA TYR C 718 -34.76 -35.19 -31.79
C TYR C 718 -34.36 -36.66 -31.97
N ASN C 719 -34.88 -37.55 -31.13
CA ASN C 719 -34.63 -38.99 -31.25
C ASN C 719 -35.02 -39.51 -32.62
N ALA C 720 -36.23 -39.19 -33.07
CA ALA C 720 -36.68 -39.61 -34.40
C ALA C 720 -35.82 -38.99 -35.49
N TYR C 721 -35.47 -37.71 -35.35
CA TYR C 721 -34.61 -37.09 -36.36
C TYR C 721 -33.27 -37.81 -36.44
N LEU C 722 -32.73 -38.24 -35.29
CA LEU C 722 -31.52 -39.03 -35.25
C LEU C 722 -31.70 -40.36 -35.98
N LYS C 723 -32.72 -41.12 -35.59
CA LYS C 723 -32.98 -42.41 -36.24
C LYS C 723 -33.21 -42.25 -37.73
N SER C 724 -33.66 -41.08 -38.18
CA SER C 724 -33.99 -40.86 -39.58
C SER C 724 -32.80 -40.36 -40.39
N VAL C 725 -31.94 -39.54 -39.80
CA VAL C 725 -30.88 -38.89 -40.57
C VAL C 725 -29.95 -39.91 -41.20
N HIS C 726 -29.87 -41.12 -40.61
CA HIS C 726 -29.07 -42.18 -41.20
C HIS C 726 -29.57 -42.56 -42.59
N ARG C 727 -30.85 -42.32 -42.88
CA ARG C 727 -31.36 -42.59 -44.22
C ARG C 727 -30.62 -41.76 -45.26
N TRP C 728 -30.51 -40.45 -45.04
CA TRP C 728 -29.89 -39.60 -46.04
C TRP C 728 -28.36 -39.77 -46.05
N LEU C 729 -27.75 -39.84 -44.87
CA LEU C 729 -26.29 -39.93 -44.79
C LEU C 729 -25.80 -41.36 -44.99
N SER C 730 -26.13 -42.25 -44.05
CA SER C 730 -25.66 -43.63 -44.13
C SER C 730 -26.27 -44.34 -45.34
N ALA C 731 -27.56 -44.11 -45.60
CA ALA C 731 -28.24 -44.61 -46.79
C ALA C 731 -28.18 -46.13 -46.90
N ALA C 732 -28.19 -46.83 -45.75
CA ALA C 732 -28.05 -48.28 -45.72
C ALA C 732 -26.82 -48.73 -46.52
N ASP C 733 -25.82 -47.86 -46.60
CA ASP C 733 -24.57 -48.05 -47.36
C ASP C 733 -24.83 -48.54 -48.78
N GLN C 734 -26.03 -48.27 -49.31
CA GLN C 734 -26.37 -48.65 -50.68
C GLN C 734 -27.10 -47.56 -51.46
N SER C 735 -27.76 -46.60 -50.83
CA SER C 735 -28.64 -45.66 -51.53
C SER C 735 -27.97 -44.35 -51.90
N GLU C 736 -26.89 -43.98 -51.24
CA GLU C 736 -26.15 -42.77 -51.57
C GLU C 736 -24.67 -43.02 -51.82
N VAL C 737 -24.07 -43.92 -51.05
CA VAL C 737 -22.69 -44.34 -51.28
C VAL C 737 -22.75 -45.63 -52.08
N VAL C 738 -21.70 -45.91 -52.84
CA VAL C 738 -21.61 -47.00 -53.81
C VAL C 738 -22.95 -47.19 -54.53
N PRO C 739 -23.48 -46.15 -55.21
CA PRO C 739 -24.82 -46.25 -55.78
C PRO C 739 -24.92 -47.01 -57.08
N GLY C 740 -23.81 -47.42 -57.69
CA GLY C 740 -23.88 -48.08 -58.98
C GLY C 740 -22.64 -47.94 -59.84
N ASN C 741 -22.81 -47.40 -61.05
CA ASN C 741 -21.78 -47.39 -62.09
C ASN C 741 -20.39 -47.06 -61.56
N ASP C 742 -20.30 -46.10 -60.65
CA ASP C 742 -19.01 -45.64 -60.14
C ASP C 742 -18.45 -46.51 -59.02
N ASN C 743 -19.09 -47.64 -58.71
CA ASN C 743 -18.60 -48.51 -57.65
C ASN C 743 -17.22 -49.07 -57.98
N ILE C 744 -17.01 -49.49 -59.21
CA ILE C 744 -15.76 -50.11 -59.66
C ILE C 744 -15.36 -49.42 -60.97
N GLU C 745 -14.45 -48.46 -60.87
CA GLU C 745 -13.85 -47.84 -62.05
C GLU C 745 -12.40 -48.23 -62.25
N TYR C 746 -11.71 -48.59 -61.17
CA TYR C 746 -10.44 -49.29 -61.28
C TYR C 746 -10.66 -50.66 -61.92
N PHE C 747 -9.57 -51.30 -62.32
CA PHE C 747 -9.69 -52.57 -63.02
C PHE C 747 -9.69 -53.73 -62.04
N SER C 748 -9.74 -54.95 -62.56
CA SER C 748 -9.70 -56.15 -61.72
C SER C 748 -8.34 -56.23 -61.05
N ILE C 749 -8.29 -55.94 -59.76
CA ILE C 749 -7.03 -56.01 -59.03
C ILE C 749 -6.66 -57.47 -58.81
N ASN C 750 -5.46 -57.85 -59.25
CA ASN C 750 -4.93 -59.19 -59.06
C ASN C 750 -3.49 -59.20 -58.58
N GLU C 751 -2.78 -58.07 -58.66
CA GLU C 751 -1.40 -58.01 -58.20
C GLU C 751 -1.31 -58.23 -56.71
N HIS C 752 -2.25 -57.67 -55.95
CA HIS C 752 -2.27 -57.82 -54.50
C HIS C 752 -3.72 -58.04 -54.05
N GLY C 753 -3.85 -58.57 -52.83
CA GLY C 753 -5.15 -58.87 -52.27
C GLY C 753 -5.92 -57.70 -51.70
N ARG C 754 -5.32 -56.51 -51.70
CA ARG C 754 -6.00 -55.32 -51.17
C ARG C 754 -7.20 -54.99 -52.05
N ARG C 755 -8.41 -55.19 -51.51
CA ARG C 755 -9.63 -55.10 -52.30
C ARG C 755 -10.51 -53.92 -51.85
N GLU C 756 -10.87 -53.87 -50.58
CA GLU C 756 -11.80 -52.85 -50.09
C GLU C 756 -11.08 -51.56 -49.71
N GLU C 757 -10.05 -51.65 -48.87
CA GLU C 757 -9.28 -50.47 -48.53
C GLU C 757 -8.65 -49.85 -49.77
N ASN C 758 -8.22 -50.69 -50.72
CA ASN C 758 -7.64 -50.19 -51.96
C ASN C 758 -8.65 -49.32 -52.72
N ARG C 759 -9.87 -49.83 -52.91
CA ARG C 759 -10.87 -49.08 -53.66
C ARG C 759 -11.29 -47.83 -52.89
N LEU C 760 -11.36 -47.92 -51.57
CA LEU C 760 -11.68 -46.73 -50.78
C LEU C 760 -10.62 -45.64 -50.95
N ARG C 761 -9.35 -46.04 -50.91
CA ARG C 761 -8.27 -45.07 -51.11
C ARG C 761 -8.32 -44.46 -52.50
N LEU C 762 -8.56 -45.28 -53.52
CA LEU C 762 -8.67 -44.75 -54.88
C LEU C 762 -9.85 -43.80 -55.03
N LYS C 763 -10.97 -44.12 -54.38
CA LYS C 763 -12.13 -43.22 -54.44
C LYS C 763 -11.83 -41.90 -53.76
N THR C 764 -11.20 -41.93 -52.58
CA THR C 764 -10.83 -40.69 -51.91
C THR C 764 -9.85 -39.87 -52.75
N LEU C 765 -8.89 -40.53 -53.37
CA LEU C 765 -7.91 -39.82 -54.21
C LEU C 765 -8.57 -39.20 -55.43
N LEU C 766 -9.49 -39.92 -56.07
CA LEU C 766 -10.09 -39.43 -57.30
C LEU C 766 -11.05 -38.28 -57.05
N GLN C 767 -11.57 -38.15 -55.83
CA GLN C 767 -12.51 -37.07 -55.49
C GLN C 767 -11.75 -35.77 -55.25
N GLN C 768 -10.99 -35.37 -56.27
CA GLN C 768 -10.20 -34.14 -56.21
C GLN C 768 -10.90 -32.95 -56.83
N ASP C 769 -12.15 -33.12 -57.27
CA ASP C 769 -12.90 -32.02 -57.84
C ASP C 769 -13.33 -31.05 -56.75
N VAL C 770 -13.62 -29.81 -57.15
CA VAL C 770 -14.00 -28.75 -56.23
C VAL C 770 -15.32 -28.15 -56.70
N VAL C 771 -16.24 -27.96 -55.76
CA VAL C 771 -17.55 -27.38 -56.05
C VAL C 771 -17.93 -26.45 -54.90
N HIS C 772 -18.87 -25.56 -55.17
CA HIS C 772 -19.35 -24.61 -54.18
C HIS C 772 -20.85 -24.40 -54.39
N GLU C 773 -21.55 -24.10 -53.30
CA GLU C 773 -23.00 -23.87 -53.32
C GLU C 773 -23.72 -25.04 -53.99
N THR C 774 -23.32 -26.26 -53.63
CA THR C 774 -23.91 -27.47 -54.18
C THR C 774 -25.24 -27.78 -53.46
N LYS C 775 -26.20 -26.88 -53.65
CA LYS C 775 -27.49 -27.02 -53.00
C LYS C 775 -28.37 -28.01 -53.76
N THR C 776 -29.28 -28.65 -53.02
CA THR C 776 -30.26 -29.55 -53.61
C THR C 776 -31.47 -29.61 -52.70
N SER C 777 -32.64 -29.84 -53.31
CA SER C 777 -33.91 -29.86 -52.59
C SER C 777 -34.72 -31.09 -52.99
N THR C 778 -34.05 -32.25 -53.03
CA THR C 778 -34.74 -33.50 -53.32
C THR C 778 -35.80 -33.85 -52.29
N SER C 779 -35.69 -33.31 -51.08
CA SER C 779 -36.70 -33.54 -50.04
C SER C 779 -38.05 -32.96 -50.48
N ALA C 780 -39.08 -33.31 -49.70
CA ALA C 780 -40.44 -32.89 -50.05
C ALA C 780 -40.54 -31.36 -50.07
N ALA C 781 -40.15 -30.72 -48.97
CA ALA C 781 -40.19 -29.27 -48.88
C ALA C 781 -39.00 -28.72 -48.11
N SER C 782 -37.85 -29.39 -48.17
CA SER C 782 -36.71 -29.05 -47.33
C SER C 782 -35.43 -29.18 -48.15
N GLU C 783 -34.35 -28.62 -47.61
CA GLU C 783 -33.04 -28.64 -48.24
C GLU C 783 -32.12 -29.65 -47.57
N LEU C 784 -31.58 -30.58 -48.37
CA LEU C 784 -30.60 -31.57 -47.92
C LEU C 784 -31.01 -32.28 -46.63
N THR C 785 -32.15 -32.98 -46.68
CA THR C 785 -32.58 -33.74 -45.51
C THR C 785 -33.50 -34.87 -45.94
N ALA C 786 -33.61 -35.85 -45.06
CA ALA C 786 -34.54 -36.97 -45.23
C ALA C 786 -35.66 -36.81 -44.22
N VAL C 787 -36.85 -36.47 -44.73
CA VAL C 787 -38.00 -36.22 -43.87
C VAL C 787 -38.36 -37.50 -43.11
N VAL C 788 -38.60 -37.36 -41.81
CA VAL C 788 -38.95 -38.52 -40.99
C VAL C 788 -40.38 -38.98 -41.30
N THR C 789 -40.50 -40.26 -41.64
CA THR C 789 -41.81 -40.88 -41.80
C THR C 789 -42.43 -41.07 -40.42
N ILE C 790 -43.56 -40.40 -40.17
CA ILE C 790 -44.20 -40.49 -38.85
C ILE C 790 -44.41 -41.94 -38.45
N ASN C 791 -44.64 -42.84 -39.41
CA ASN C 791 -44.72 -44.26 -39.11
C ASN C 791 -43.41 -44.75 -38.49
N ASP C 792 -42.27 -44.33 -39.04
CA ASP C 792 -41.00 -44.64 -38.41
C ASP C 792 -40.80 -43.84 -37.12
N LEU C 793 -41.33 -42.62 -37.05
CA LEU C 793 -41.28 -41.85 -35.82
C LEU C 793 -41.97 -42.57 -34.68
N LEU C 794 -42.94 -43.43 -34.98
CA LEU C 794 -43.59 -44.24 -33.95
C LEU C 794 -42.61 -45.14 -33.21
N GLU C 795 -41.46 -45.44 -33.81
CA GLU C 795 -40.47 -46.32 -33.19
C GLU C 795 -39.71 -45.67 -32.04
N ALA C 796 -39.89 -44.37 -31.83
CA ALA C 796 -39.19 -43.66 -30.76
C ALA C 796 -39.96 -43.58 -29.46
N CYS C 797 -41.26 -43.92 -29.45
CA CYS C 797 -42.06 -43.77 -28.23
C CYS C 797 -41.64 -44.75 -27.14
N GLN C 798 -41.09 -45.90 -27.51
CA GLN C 798 -40.75 -46.94 -26.55
C GLN C 798 -39.38 -46.75 -25.90
N GLU C 799 -38.63 -45.72 -26.30
CA GLU C 799 -37.30 -45.45 -25.78
C GLU C 799 -37.29 -44.33 -24.75
N THR C 800 -37.78 -43.15 -25.14
CA THR C 800 -37.83 -42.00 -24.23
C THR C 800 -38.60 -42.35 -22.96
N LYS C 801 -38.27 -41.65 -21.88
CA LYS C 801 -38.72 -41.99 -20.54
C LYS C 801 -39.35 -40.78 -19.87
N PRO C 802 -40.30 -40.99 -18.96
CA PRO C 802 -40.81 -39.89 -18.15
C PRO C 802 -40.02 -39.64 -16.88
N SER C 803 -40.44 -38.63 -16.11
CA SER C 803 -40.10 -38.46 -14.71
C SER C 803 -41.36 -38.65 -13.86
N ILE C 804 -41.35 -39.66 -12.99
CA ILE C 804 -42.55 -40.15 -12.33
C ILE C 804 -42.44 -39.85 -10.84
N SER C 805 -43.46 -39.20 -10.30
CA SER C 805 -43.56 -38.96 -8.86
C SER C 805 -44.98 -38.54 -8.52
N THR C 806 -45.62 -39.32 -7.65
CA THR C 806 -46.92 -38.93 -7.07
C THR C 806 -46.74 -37.97 -5.90
N SER C 807 -45.60 -38.05 -5.22
CA SER C 807 -45.28 -37.10 -4.15
C SER C 807 -45.46 -35.66 -4.60
N GLU C 808 -44.97 -35.32 -5.78
CA GLU C 808 -45.15 -33.96 -6.31
C GLU C 808 -46.63 -33.62 -6.51
N LEU C 809 -47.40 -34.56 -7.05
CA LEU C 809 -48.84 -34.36 -7.22
C LEU C 809 -49.53 -34.06 -5.89
N VAL C 810 -49.24 -34.87 -4.87
CA VAL C 810 -49.76 -34.60 -3.52
C VAL C 810 -49.28 -33.25 -3.01
N LYS C 811 -48.00 -32.95 -3.22
CA LYS C 811 -47.38 -31.75 -2.67
C LYS C 811 -48.01 -30.48 -3.23
N LEU C 812 -48.33 -30.47 -4.53
CA LEU C 812 -49.03 -29.33 -5.12
C LEU C 812 -50.40 -29.06 -4.52
N ARG C 813 -50.92 -29.95 -3.67
CA ARG C 813 -52.15 -29.65 -2.92
C ARG C 813 -52.02 -28.40 -2.07
N GLY C 814 -50.80 -28.09 -1.61
CA GLY C 814 -50.60 -27.10 -0.56
C GLY C 814 -50.35 -25.67 -0.97
N ILE C 815 -49.55 -25.44 -2.02
CA ILE C 815 -49.06 -24.09 -2.31
C ILE C 815 -50.22 -23.11 -2.54
N TYR C 816 -51.29 -23.56 -3.19
CA TYR C 816 -52.44 -22.70 -3.46
C TYR C 816 -53.44 -22.98 -2.35
N ASP C 817 -53.36 -22.19 -1.28
CA ASP C 817 -54.23 -22.13 -0.10
C ASP C 817 -54.63 -23.52 0.38
N ARG C 818 -53.72 -24.49 0.18
CA ARG C 818 -53.94 -25.89 0.56
C ARG C 818 -55.24 -26.46 -0.01
N PHE C 819 -55.79 -25.81 -1.04
CA PHE C 819 -57.08 -26.16 -1.64
C PHE C 819 -58.18 -26.31 -0.58
N GLN C 820 -57.98 -25.70 0.58
CA GLN C 820 -58.92 -25.75 1.71
C GLN C 820 -59.29 -24.36 2.21
N LYS C 821 -58.36 -23.42 2.22
CA LYS C 821 -58.61 -22.09 2.74
C LYS C 821 -58.80 -21.09 1.61
N MET D 1 24.83 -28.82 -61.30
CA MET D 1 25.61 -28.39 -62.46
C MET D 1 24.71 -27.71 -63.48
N LYS D 2 25.28 -26.86 -64.31
CA LYS D 2 24.55 -26.12 -65.32
C LYS D 2 24.90 -26.63 -66.72
N ALA D 3 23.90 -26.72 -67.59
CA ALA D 3 24.11 -27.20 -68.95
C ALA D 3 23.06 -26.58 -69.86
N SER D 4 23.26 -26.74 -71.16
CA SER D 4 22.31 -26.28 -72.15
C SER D 4 21.12 -27.24 -72.26
N LEU D 5 19.97 -26.69 -72.65
CA LEU D 5 18.74 -27.45 -72.74
C LEU D 5 18.18 -27.38 -74.15
N THR D 6 17.52 -28.45 -74.57
CA THR D 6 16.84 -28.50 -75.87
C THR D 6 15.63 -29.41 -75.72
N PHE D 7 14.62 -29.19 -76.57
CA PHE D 7 13.36 -29.92 -76.51
C PHE D 7 13.11 -30.64 -77.82
N SER D 8 12.40 -31.76 -77.74
CA SER D 8 12.08 -32.56 -78.92
C SER D 8 10.78 -33.30 -78.66
N LEU D 9 10.12 -33.71 -79.75
CA LEU D 9 8.90 -34.50 -79.66
C LEU D 9 9.27 -35.98 -79.59
N SER D 10 8.72 -36.67 -78.60
CA SER D 10 9.04 -38.08 -78.36
C SER D 10 7.99 -38.63 -77.40
N GLY D 11 8.09 -39.93 -77.12
CA GLY D 11 7.18 -40.60 -76.20
C GLY D 11 7.14 -40.02 -74.80
N ILE D 12 6.27 -40.56 -73.95
CA ILE D 12 6.08 -40.02 -72.61
C ILE D 12 7.37 -40.08 -71.80
N TYR D 13 8.08 -41.20 -71.85
CA TYR D 13 9.24 -41.44 -71.00
C TYR D 13 10.41 -42.00 -71.79
N ALA D 14 10.69 -41.40 -72.93
CA ALA D 14 11.88 -41.76 -73.68
C ALA D 14 13.13 -41.27 -72.94
N PRO D 15 14.22 -42.04 -72.94
CA PRO D 15 15.40 -41.62 -72.19
C PRO D 15 15.98 -40.33 -72.76
N CYS D 16 16.49 -39.49 -71.86
CA CYS D 16 17.09 -38.22 -72.26
C CYS D 16 18.48 -38.46 -72.83
N SER D 17 18.82 -37.71 -73.88
CA SER D 17 20.12 -37.80 -74.51
C SER D 17 21.01 -36.66 -74.04
N ILE D 18 22.27 -36.98 -73.75
CA ILE D 18 23.21 -36.02 -73.21
C ILE D 18 24.47 -36.00 -74.07
N SER D 19 25.19 -34.89 -74.00
CA SER D 19 26.41 -34.70 -74.78
C SER D 19 27.50 -35.68 -74.33
N ARG D 20 28.54 -35.78 -75.15
CA ARG D 20 29.63 -36.71 -74.86
C ARG D 20 30.34 -36.38 -73.55
N ASP D 21 30.59 -35.10 -73.30
CA ASP D 21 31.29 -34.72 -72.07
C ASP D 21 30.49 -35.12 -70.84
N ILE D 22 29.24 -34.63 -70.76
CA ILE D 22 28.42 -34.91 -69.57
C ILE D 22 28.40 -36.40 -69.28
N TYR D 23 28.25 -37.20 -70.33
CA TYR D 23 28.31 -38.65 -70.17
C TYR D 23 29.66 -39.09 -69.62
N LEU D 24 30.75 -38.45 -70.08
CA LEU D 24 32.08 -38.89 -69.66
C LEU D 24 32.34 -38.60 -68.19
N GLU D 25 32.17 -37.34 -67.76
CA GLU D 25 32.47 -37.04 -66.35
C GLU D 25 31.32 -37.35 -65.40
N TYR D 26 30.15 -37.76 -65.88
CA TYR D 26 29.06 -38.15 -64.98
C TYR D 26 28.57 -39.58 -65.17
N GLY D 27 28.83 -40.20 -66.31
CA GLY D 27 28.41 -41.57 -66.54
C GLY D 27 29.41 -42.57 -66.00
N ASP D 28 29.04 -43.26 -64.92
CA ASP D 28 29.90 -44.30 -64.37
C ASP D 28 29.93 -45.48 -65.33
N LYS D 29 31.15 -45.84 -65.78
CA LYS D 29 31.30 -46.88 -66.80
C LYS D 29 30.85 -48.24 -66.30
N LYS D 30 30.78 -48.45 -64.98
CA LYS D 30 30.29 -49.71 -64.44
C LYS D 30 28.77 -49.80 -64.43
N ALA D 31 28.08 -48.68 -64.60
CA ALA D 31 26.62 -48.68 -64.55
C ALA D 31 26.04 -49.31 -65.81
N GLU D 32 25.14 -50.27 -65.62
CA GLU D 32 24.46 -50.88 -66.76
C GLU D 32 23.57 -49.87 -67.47
N CYS D 33 22.87 -49.03 -66.71
CA CYS D 33 22.01 -47.98 -67.25
C CYS D 33 22.20 -46.72 -66.42
N LEU D 34 22.31 -45.58 -67.11
CA LEU D 34 22.63 -44.32 -66.46
C LEU D 34 21.36 -43.53 -66.17
N TYR D 35 21.39 -42.81 -65.05
CA TYR D 35 20.30 -41.96 -64.61
C TYR D 35 20.89 -40.65 -64.10
N GLY D 36 20.03 -39.63 -64.03
CA GLY D 36 20.49 -38.33 -63.55
C GLY D 36 19.32 -37.52 -63.01
N THR D 37 19.66 -36.32 -62.56
CA THR D 37 18.67 -35.39 -62.00
C THR D 37 18.67 -34.12 -62.85
N ILE D 38 17.47 -33.71 -63.27
CA ILE D 38 17.30 -32.57 -64.15
C ILE D 38 16.38 -31.56 -63.45
N ARG D 39 16.71 -30.28 -63.60
CA ARG D 39 15.99 -29.22 -62.90
C ARG D 39 15.74 -28.09 -63.88
N LEU D 40 14.55 -27.51 -63.78
CA LEU D 40 14.13 -26.43 -64.65
C LEU D 40 13.96 -25.14 -63.85
N PRO D 41 14.57 -24.03 -64.28
CA PRO D 41 14.28 -22.76 -63.63
C PRO D 41 12.84 -22.34 -63.92
N GLN D 42 12.28 -21.54 -63.02
CA GLN D 42 10.88 -21.15 -63.11
C GLN D 42 10.73 -19.69 -62.70
N TYR D 43 9.61 -19.11 -63.12
CA TYR D 43 9.26 -17.74 -62.71
C TYR D 43 8.70 -17.82 -61.30
N GLY D 44 9.58 -17.73 -60.31
CA GLY D 44 9.18 -17.77 -58.93
C GLY D 44 10.35 -17.75 -57.98
N PRO D 45 10.07 -17.50 -56.69
CA PRO D 45 11.16 -17.55 -55.71
C PRO D 45 11.63 -18.95 -55.39
N GLY D 46 10.72 -19.93 -55.38
CA GLY D 46 11.08 -21.30 -55.13
C GLY D 46 11.57 -22.05 -56.35
N CYS D 47 11.80 -23.34 -56.16
CA CYS D 47 12.25 -24.25 -57.21
C CYS D 47 11.52 -25.57 -57.05
N THR D 48 10.99 -26.09 -58.15
CA THR D 48 10.25 -27.35 -58.09
C THR D 48 11.21 -28.52 -57.91
N PRO D 49 10.70 -29.68 -57.46
CA PRO D 49 11.55 -30.87 -57.39
C PRO D 49 12.04 -31.31 -58.76
N GLY D 50 13.25 -31.87 -58.78
CA GLY D 50 13.84 -32.30 -60.03
C GLY D 50 13.38 -33.68 -60.46
N LYS D 51 13.28 -33.85 -61.78
CA LYS D 51 12.89 -35.13 -62.35
C LYS D 51 14.10 -36.05 -62.46
N ILE D 52 13.95 -37.29 -61.98
CA ILE D 52 14.97 -38.31 -62.13
C ILE D 52 14.68 -39.07 -63.42
N VAL D 53 15.62 -39.06 -64.34
CA VAL D 53 15.39 -39.47 -65.73
C VAL D 53 16.49 -40.42 -66.17
N HIS D 54 16.10 -41.43 -66.96
CA HIS D 54 17.06 -42.25 -67.66
C HIS D 54 17.84 -41.41 -68.67
N CYS D 55 19.09 -41.79 -68.89
CA CYS D 55 20.00 -41.02 -69.73
C CYS D 55 20.66 -41.94 -70.75
N VAL D 56 20.93 -41.38 -71.93
CA VAL D 56 21.65 -42.07 -73.00
C VAL D 56 22.65 -41.11 -73.63
N LEU D 57 23.68 -41.67 -74.24
CA LEU D 57 24.73 -40.88 -74.86
C LEU D 57 24.30 -40.41 -76.25
N ASP D 58 24.77 -39.21 -76.61
CA ASP D 58 24.53 -38.66 -77.95
C ASP D 58 25.69 -37.71 -78.23
N ASP D 59 26.65 -38.16 -79.04
CA ASP D 59 27.83 -37.37 -79.34
C ASP D 59 27.52 -36.14 -80.19
N SER D 60 26.41 -36.14 -80.92
CA SER D 60 26.07 -35.02 -81.80
C SER D 60 25.84 -33.74 -81.00
N LEU D 61 25.36 -33.84 -79.78
CA LEU D 61 25.04 -32.66 -78.99
C LEU D 61 26.32 -31.88 -78.65
N PRO D 62 26.26 -30.55 -78.67
CA PRO D 62 27.47 -29.76 -78.41
C PRO D 62 27.93 -29.80 -76.96
N PHE D 63 28.97 -29.04 -76.65
CA PHE D 63 29.55 -28.98 -75.31
C PHE D 63 28.50 -28.69 -74.24
N CYS D 64 28.39 -29.60 -73.28
CA CYS D 64 27.52 -29.46 -72.11
C CYS D 64 26.09 -29.05 -72.50
N SER D 65 25.43 -29.94 -73.23
CA SER D 65 24.05 -29.72 -73.63
C SER D 65 23.27 -31.01 -73.44
N ILE D 66 21.96 -30.88 -73.24
CA ILE D 66 21.09 -32.01 -72.99
C ILE D 66 19.79 -31.81 -73.78
N VAL D 67 19.26 -32.92 -74.32
CA VAL D 67 17.99 -32.93 -75.01
C VAL D 67 17.02 -33.77 -74.19
N VAL D 68 15.83 -33.24 -73.93
CA VAL D 68 14.84 -33.92 -73.09
C VAL D 68 13.52 -33.95 -73.85
N PRO D 69 12.64 -34.92 -73.58
CA PRO D 69 11.33 -34.91 -74.23
C PRO D 69 10.44 -33.82 -73.66
N SER D 70 9.69 -33.17 -74.56
CA SER D 70 8.80 -32.10 -74.13
C SER D 70 7.68 -32.64 -73.24
N LYS D 71 7.18 -33.83 -73.54
CA LYS D 71 6.07 -34.40 -72.78
C LYS D 71 6.41 -34.65 -71.32
N LEU D 72 7.70 -34.66 -70.96
CA LEU D 72 8.08 -34.77 -69.57
C LEU D 72 7.52 -33.63 -68.73
N PHE D 73 7.19 -32.50 -69.36
CA PHE D 73 6.58 -31.37 -68.67
C PHE D 73 5.33 -30.88 -69.38
N GLY D 74 4.80 -31.65 -70.33
CA GLY D 74 3.61 -31.25 -71.05
C GLY D 74 3.80 -30.10 -72.03
N PHE D 75 5.01 -29.91 -72.52
CA PHE D 75 5.33 -28.78 -73.39
C PHE D 75 5.29 -29.19 -74.86
N MET D 76 5.26 -28.19 -75.73
CA MET D 76 5.56 -28.33 -77.15
C MET D 76 6.74 -27.45 -77.53
N PRO D 77 7.74 -27.98 -78.22
CA PRO D 77 8.93 -27.18 -78.55
C PRO D 77 8.74 -26.21 -79.70
N THR D 78 7.50 -25.97 -80.13
CA THR D 78 7.21 -25.08 -81.26
C THR D 78 7.01 -23.64 -80.82
N GLN D 79 7.56 -23.26 -79.68
CA GLN D 79 7.41 -21.92 -79.12
C GLN D 79 8.68 -21.61 -78.32
N PRO D 80 8.92 -20.34 -77.99
CA PRO D 80 10.19 -19.98 -77.34
C PRO D 80 10.47 -20.82 -76.10
N THR D 81 11.71 -21.27 -75.99
CA THR D 81 12.17 -22.16 -74.93
C THR D 81 13.23 -21.46 -74.08
N MET D 82 13.81 -22.20 -73.14
CA MET D 82 14.97 -21.77 -72.39
C MET D 82 16.26 -22.26 -73.04
N ASP D 83 17.35 -21.58 -72.71
CA ASP D 83 18.66 -21.88 -73.27
C ASP D 83 19.51 -22.77 -72.36
N PHE D 84 19.03 -23.11 -71.17
CA PHE D 84 19.83 -23.89 -70.23
C PHE D 84 18.93 -24.63 -69.25
N CYS D 85 19.55 -25.52 -68.48
CA CYS D 85 18.88 -26.25 -67.41
C CYS D 85 19.93 -26.62 -66.37
N TYR D 86 19.49 -27.22 -65.28
CA TYR D 86 20.39 -27.69 -64.23
C TYR D 86 20.40 -29.22 -64.19
N PHE D 87 21.59 -29.78 -63.99
CA PHE D 87 21.76 -31.22 -63.90
C PHE D 87 22.52 -31.58 -62.64
N GLU D 88 22.21 -32.75 -62.08
CA GLU D 88 22.90 -33.29 -60.92
C GLU D 88 23.14 -34.77 -61.13
N PRO D 89 24.34 -35.27 -60.82
CA PRO D 89 24.61 -36.70 -60.98
C PRO D 89 23.75 -37.53 -60.04
N ILE D 90 23.38 -38.73 -60.50
CA ILE D 90 22.64 -39.66 -59.66
C ILE D 90 23.55 -40.17 -58.55
N LEU D 91 23.00 -40.26 -57.33
CA LEU D 91 23.76 -40.70 -56.17
C LEU D 91 23.95 -42.21 -56.24
N ASP D 92 25.10 -42.64 -56.76
CA ASP D 92 25.49 -44.05 -56.84
C ASP D 92 24.55 -44.86 -57.74
N ASN D 93 23.83 -44.20 -58.65
CA ASN D 93 22.95 -44.84 -59.63
C ASN D 93 21.84 -45.65 -58.98
N VAL D 94 21.54 -45.39 -57.71
CA VAL D 94 20.50 -46.11 -56.98
C VAL D 94 19.16 -45.44 -57.25
N VAL D 95 18.17 -46.24 -57.62
CA VAL D 95 16.83 -45.73 -57.93
C VAL D 95 15.80 -46.57 -57.18
N PRO D 96 14.85 -45.95 -56.47
CA PRO D 96 13.86 -46.73 -55.72
C PRO D 96 12.81 -47.37 -56.61
N VAL D 97 11.86 -48.09 -56.01
CA VAL D 97 10.78 -48.73 -56.73
C VAL D 97 9.47 -48.35 -56.05
N LEU D 98 8.39 -48.34 -56.84
CA LEU D 98 7.08 -47.91 -56.38
C LEU D 98 6.19 -49.11 -56.09
N ASP D 99 5.06 -48.84 -55.44
CA ASP D 99 4.14 -49.88 -54.98
C ASP D 99 2.75 -49.77 -55.59
N SER D 100 2.13 -48.59 -55.52
CA SER D 100 0.71 -48.42 -55.81
C SER D 100 0.49 -47.27 -56.80
N VAL D 101 1.24 -47.29 -57.90
CA VAL D 101 1.05 -46.27 -58.93
C VAL D 101 -0.35 -46.37 -59.52
N THR D 102 -0.87 -45.23 -59.99
CA THR D 102 -2.22 -45.16 -60.52
C THR D 102 -2.25 -44.35 -61.81
N PHE D 103 -2.97 -44.86 -62.80
CA PHE D 103 -3.19 -44.18 -64.08
C PHE D 103 -4.68 -44.01 -64.30
N LEU D 104 -5.10 -42.78 -64.60
CA LEU D 104 -6.43 -42.56 -65.12
C LEU D 104 -6.47 -42.95 -66.58
N ILE D 105 -7.61 -43.49 -67.02
CA ILE D 105 -7.78 -43.92 -68.40
C ILE D 105 -9.21 -43.62 -68.85
N ASN D 106 -9.35 -43.17 -70.10
CA ASN D 106 -10.65 -42.77 -70.60
C ASN D 106 -11.62 -43.96 -70.63
N GLU D 107 -12.91 -43.65 -70.74
CA GLU D 107 -13.93 -44.69 -70.68
C GLU D 107 -13.81 -45.67 -71.83
N GLN D 108 -13.58 -45.17 -73.05
CA GLN D 108 -13.60 -46.01 -74.24
C GLN D 108 -12.55 -47.13 -74.14
N LEU D 109 -11.27 -46.76 -74.07
CA LEU D 109 -10.22 -47.77 -74.04
C LEU D 109 -10.26 -48.59 -72.77
N TYR D 110 -10.71 -48.01 -71.64
CA TYR D 110 -10.86 -48.77 -70.42
C TYR D 110 -11.84 -49.92 -70.61
N SER D 111 -13.02 -49.61 -71.14
CA SER D 111 -14.02 -50.66 -71.38
C SER D 111 -13.53 -51.65 -72.41
N LYS D 112 -12.86 -51.17 -73.47
CA LYS D 112 -12.38 -52.07 -74.51
C LYS D 112 -11.38 -53.07 -73.95
N LEU D 113 -10.43 -52.60 -73.12
CA LEU D 113 -9.48 -53.49 -72.47
C LEU D 113 -10.15 -54.39 -71.44
N MET D 114 -11.23 -53.92 -70.82
CA MET D 114 -11.95 -54.73 -69.84
C MET D 114 -12.53 -55.99 -70.46
N ASP D 115 -13.06 -55.89 -71.68
CA ASP D 115 -13.64 -57.07 -72.32
C ASP D 115 -12.60 -58.12 -72.67
N LEU D 116 -11.33 -57.77 -72.67
CA LEU D 116 -10.28 -58.72 -73.03
C LEU D 116 -10.17 -59.82 -71.98
N PRO D 117 -9.89 -61.06 -72.39
CA PRO D 117 -9.82 -62.17 -71.44
C PRO D 117 -8.46 -62.38 -70.78
N GLN D 118 -7.42 -61.62 -71.16
CA GLN D 118 -6.08 -61.84 -70.67
C GLN D 118 -5.52 -60.56 -70.06
N GLU D 119 -4.61 -60.73 -69.11
CA GLU D 119 -4.07 -59.62 -68.32
C GLU D 119 -2.72 -59.13 -68.84
N MET D 120 -1.84 -60.03 -69.26
CA MET D 120 -0.54 -59.61 -69.76
C MET D 120 -0.64 -58.77 -71.03
N GLN D 121 -1.80 -58.80 -71.69
CA GLN D 121 -2.00 -57.97 -72.88
C GLN D 121 -1.83 -56.50 -72.55
N GLN D 122 -2.35 -56.05 -71.41
CA GLN D 122 -2.18 -54.66 -71.02
C GLN D 122 -0.72 -54.35 -70.72
N ILE D 123 -0.01 -55.30 -70.11
CA ILE D 123 1.41 -55.09 -69.82
C ILE D 123 2.19 -54.90 -71.11
N GLN D 124 1.90 -55.73 -72.11
CA GLN D 124 2.58 -55.56 -73.40
C GLN D 124 2.13 -54.29 -74.11
N PHE D 125 0.85 -53.91 -73.96
CA PHE D 125 0.36 -52.69 -74.57
C PHE D 125 1.05 -51.46 -73.98
N LEU D 126 1.44 -51.53 -72.71
CA LEU D 126 2.22 -50.44 -72.12
C LEU D 126 3.46 -50.16 -72.96
N HIS D 127 4.24 -51.20 -73.26
CA HIS D 127 5.41 -51.03 -74.11
C HIS D 127 5.02 -50.62 -75.54
N TYR D 128 3.98 -51.24 -76.08
CA TYR D 128 3.61 -50.99 -77.47
C TYR D 128 3.26 -49.52 -77.69
N LYS D 129 2.46 -48.94 -76.79
CA LYS D 129 1.95 -47.59 -76.95
C LYS D 129 2.89 -46.53 -76.37
N TYR D 130 3.42 -46.75 -75.17
CA TYR D 130 4.15 -45.71 -74.45
C TYR D 130 5.64 -45.99 -74.33
N ASN D 131 6.14 -47.06 -74.96
CA ASN D 131 7.55 -47.41 -74.95
C ASN D 131 8.07 -47.68 -73.54
N ILE D 132 7.19 -48.06 -72.63
CA ILE D 132 7.58 -48.31 -71.25
C ILE D 132 8.16 -49.71 -71.14
N ASN D 133 9.27 -49.82 -70.41
CA ASN D 133 9.91 -51.10 -70.13
C ASN D 133 10.03 -51.30 -68.61
N SER D 134 9.62 -52.46 -68.14
CA SER D 134 9.62 -52.71 -66.71
C SER D 134 11.04 -52.73 -66.16
N MET D 135 11.18 -52.31 -64.90
CA MET D 135 12.43 -52.27 -64.14
C MET D 135 13.41 -51.25 -64.69
N GLU D 136 13.06 -50.51 -65.73
CA GLU D 136 13.93 -49.49 -66.29
C GLU D 136 13.26 -48.13 -66.45
N THR D 137 11.97 -48.10 -66.76
CA THR D 137 11.26 -46.85 -66.99
C THR D 137 10.91 -46.21 -65.66
N VAL D 138 11.38 -44.98 -65.45
CA VAL D 138 11.01 -44.18 -64.28
C VAL D 138 9.80 -43.34 -64.62
N VAL D 139 8.78 -43.39 -63.76
CA VAL D 139 7.54 -42.66 -63.96
C VAL D 139 7.45 -41.54 -62.93
N HIS D 140 6.73 -40.48 -63.30
CA HIS D 140 6.61 -39.28 -62.49
C HIS D 140 5.14 -39.08 -62.13
N SER D 141 4.91 -38.44 -60.99
CA SER D 141 3.54 -38.24 -60.52
C SER D 141 2.85 -37.17 -61.36
N ARG D 142 1.54 -37.35 -61.55
CA ARG D 142 0.62 -36.38 -62.13
C ARG D 142 0.88 -36.17 -63.62
N ASP D 143 1.81 -36.91 -64.21
CA ASP D 143 2.11 -36.74 -65.63
C ASP D 143 0.96 -37.21 -66.49
N ILE D 144 0.67 -36.44 -67.54
CA ILE D 144 -0.30 -36.85 -68.55
C ILE D 144 0.38 -37.79 -69.53
N LEU D 145 -0.08 -39.05 -69.57
CA LEU D 145 0.54 -40.03 -70.45
C LEU D 145 0.24 -39.72 -71.91
N THR D 146 -0.98 -39.27 -72.19
CA THR D 146 -1.38 -38.87 -73.54
C THR D 146 -2.63 -38.02 -73.43
N SER D 147 -2.66 -36.90 -74.13
CA SER D 147 -3.80 -35.98 -74.07
C SER D 147 -5.08 -36.68 -74.51
N GLY D 148 -6.11 -36.59 -73.68
CA GLY D 148 -7.40 -37.15 -73.99
C GLY D 148 -7.51 -38.65 -73.88
N LEU D 149 -6.43 -39.35 -73.53
CA LEU D 149 -6.44 -40.80 -73.42
C LEU D 149 -6.22 -41.28 -71.99
N CYS D 150 -5.12 -40.88 -71.35
CA CYS D 150 -4.80 -41.40 -70.03
C CYS D 150 -3.83 -40.46 -69.34
N GLN D 151 -3.79 -40.55 -68.00
CA GLN D 151 -2.94 -39.70 -67.19
C GLN D 151 -2.58 -40.43 -65.90
N ILE D 152 -1.40 -40.13 -65.37
CA ILE D 152 -0.94 -40.71 -64.11
C ILE D 152 -1.62 -39.98 -62.96
N LEU D 153 -2.23 -40.73 -62.04
CA LEU D 153 -2.87 -40.10 -60.90
C LEU D 153 -1.94 -39.93 -59.71
N ASN D 154 -1.06 -40.90 -59.43
CA ASN D 154 -0.12 -40.76 -58.33
C ASN D 154 1.04 -41.73 -58.52
N CYS D 155 2.13 -41.44 -57.81
CA CYS D 155 3.17 -42.41 -57.56
C CYS D 155 3.32 -42.58 -56.06
N SER D 156 3.65 -43.80 -55.64
CA SER D 156 3.69 -44.11 -54.21
C SER D 156 4.63 -45.28 -53.99
N PRO D 157 5.37 -45.31 -52.86
CA PRO D 157 5.36 -44.26 -51.84
C PRO D 157 6.15 -43.02 -52.27
N PHE D 158 7.16 -43.22 -53.12
CA PHE D 158 7.93 -42.12 -53.66
C PHE D 158 7.17 -41.46 -54.81
N PRO D 159 7.29 -40.14 -54.96
CA PRO D 159 6.73 -39.50 -56.16
C PRO D 159 7.40 -39.94 -57.45
N GLN D 160 8.64 -40.44 -57.38
CA GLN D 160 9.36 -40.96 -58.54
C GLN D 160 9.92 -42.32 -58.20
N GLY D 161 9.85 -43.25 -59.14
CA GLY D 161 10.43 -44.56 -58.92
C GLY D 161 10.25 -45.47 -60.12
N LEU D 162 10.97 -46.58 -60.08
CA LEU D 162 10.98 -47.53 -61.18
C LEU D 162 9.66 -48.30 -61.24
N VAL D 163 9.31 -48.76 -62.44
CA VAL D 163 8.11 -49.56 -62.66
C VAL D 163 8.50 -51.03 -62.64
N ASP D 164 7.75 -51.83 -61.89
CA ASP D 164 7.98 -53.28 -61.80
C ASP D 164 6.63 -53.92 -61.54
N PHE D 165 6.08 -54.60 -62.57
CA PHE D 165 4.74 -55.15 -62.45
C PHE D 165 4.62 -56.09 -61.26
N THR D 166 5.69 -56.82 -60.92
CA THR D 166 5.66 -57.67 -59.73
C THR D 166 5.51 -56.85 -58.45
N GLU D 167 5.78 -55.56 -58.51
CA GLU D 167 5.69 -54.67 -57.35
C GLU D 167 4.67 -53.57 -57.51
N THR D 168 4.43 -53.08 -58.72
CA THR D 168 3.54 -51.95 -58.96
C THR D 168 2.20 -52.46 -59.48
N GLN D 169 1.12 -51.97 -58.87
CA GLN D 169 -0.21 -52.27 -59.37
C GLN D 169 -0.51 -51.58 -60.70
N LEU D 170 -0.05 -50.34 -60.87
CA LEU D 170 -0.31 -49.55 -62.07
C LEU D 170 -1.82 -49.42 -62.29
N ILE D 171 -2.51 -48.94 -61.26
CA ILE D 171 -3.97 -48.95 -61.19
C ILE D 171 -4.59 -48.10 -62.29
N LEU D 172 -5.14 -48.75 -63.31
CA LEU D 172 -5.92 -48.06 -64.32
C LEU D 172 -7.30 -47.74 -63.77
N VAL D 173 -7.69 -46.47 -63.83
CA VAL D 173 -8.95 -45.99 -63.29
C VAL D 173 -9.73 -45.30 -64.39
N ASN D 174 -11.02 -45.66 -64.51
CA ASN D 174 -11.86 -45.09 -65.57
C ASN D 174 -12.09 -43.61 -65.31
N ASP D 175 -11.92 -42.80 -66.36
CA ASP D 175 -12.25 -41.38 -66.33
C ASP D 175 -13.68 -41.20 -66.85
N THR D 176 -14.65 -41.44 -65.96
CA THR D 176 -16.05 -41.41 -66.36
C THR D 176 -16.45 -40.03 -66.88
N GLU D 177 -16.02 -38.97 -66.19
CA GLU D 177 -16.34 -37.61 -66.66
C GLU D 177 -15.63 -37.26 -67.96
N GLN D 178 -14.60 -38.02 -68.34
CA GLN D 178 -13.87 -37.79 -69.59
C GLN D 178 -13.29 -36.38 -69.66
N LYS D 179 -12.86 -35.85 -68.51
CA LYS D 179 -12.28 -34.52 -68.48
C LYS D 179 -10.84 -34.48 -69.00
N LEU D 180 -10.19 -35.63 -69.15
CA LEU D 180 -8.85 -35.67 -69.74
C LEU D 180 -8.85 -35.12 -71.16
N SER D 181 -9.96 -35.22 -71.88
CA SER D 181 -10.04 -34.62 -73.21
C SER D 181 -9.84 -33.11 -73.13
N ALA D 182 -10.45 -32.46 -72.14
CA ALA D 182 -10.24 -31.03 -71.97
C ALA D 182 -8.88 -30.73 -71.38
N LEU D 183 -8.32 -31.64 -70.58
CA LEU D 183 -7.03 -31.45 -69.91
C LEU D 183 -5.89 -31.79 -70.86
N LYS D 184 -5.72 -30.92 -71.87
CA LYS D 184 -4.55 -31.00 -72.73
C LYS D 184 -3.30 -30.62 -71.94
N TYR D 185 -2.24 -31.43 -72.09
CA TYR D 185 -1.02 -31.18 -71.35
C TYR D 185 -0.38 -29.86 -71.76
N ALA D 186 -0.64 -29.40 -72.99
CA ALA D 186 -0.08 -28.17 -73.51
C ALA D 186 -1.12 -27.06 -73.45
N ASN D 187 -0.63 -25.82 -73.56
CA ASN D 187 -1.53 -24.66 -73.51
C ASN D 187 -2.40 -24.58 -74.76
N GLU D 188 -1.79 -24.60 -75.94
CA GLU D 188 -2.53 -24.63 -77.22
C GLU D 188 -1.52 -24.96 -78.32
N ASP D 189 -2.03 -25.07 -79.54
CA ASP D 189 -1.21 -25.39 -80.70
C ASP D 189 -0.85 -24.18 -81.55
N GLU D 190 -1.81 -23.29 -81.80
CA GLU D 190 -1.60 -22.16 -82.68
C GLU D 190 -2.33 -20.95 -82.12
N GLU D 191 -1.90 -19.76 -82.56
CA GLU D 191 -2.58 -18.54 -82.20
C GLU D 191 -3.85 -18.37 -83.02
N TYR D 192 -4.62 -17.35 -82.68
CA TYR D 192 -5.91 -17.13 -83.34
C TYR D 192 -5.73 -16.88 -84.84
N ALA D 193 -4.76 -16.04 -85.20
CA ALA D 193 -4.52 -15.74 -86.61
C ALA D 193 -3.06 -15.33 -86.79
N LEU D 194 -2.45 -15.80 -87.88
CA LEU D 194 -1.06 -15.49 -88.17
C LEU D 194 -0.92 -14.10 -88.79
N PRO D 195 -1.71 -13.74 -89.81
CA PRO D 195 -1.50 -12.41 -90.43
C PRO D 195 -2.02 -11.28 -89.57
N LYS D 196 -3.18 -11.45 -88.92
CA LYS D 196 -3.82 -10.41 -88.13
C LYS D 196 -3.93 -9.11 -88.94
N ILE D 197 -3.07 -8.14 -88.66
CA ILE D 197 -3.09 -6.85 -89.33
C ILE D 197 -1.65 -6.48 -89.69
N GLY D 198 -1.48 -5.93 -90.90
CA GLY D 198 -0.14 -5.55 -91.33
C GLY D 198 0.47 -4.47 -90.46
N THR D 199 -0.31 -3.44 -90.13
CA THR D 199 0.13 -2.35 -89.26
C THR D 199 -0.94 -2.20 -88.17
N ASN D 200 -0.78 -2.96 -87.09
CA ASN D 200 -1.77 -2.97 -86.02
C ASN D 200 -1.80 -1.62 -85.30
N SER D 201 -3.00 -1.17 -84.97
CA SER D 201 -3.16 0.05 -84.19
C SER D 201 -2.94 -0.24 -82.71
N ALA D 202 -2.92 0.83 -81.91
CA ALA D 202 -2.79 0.67 -80.47
C ALA D 202 -3.92 -0.20 -79.92
N LEU D 203 -3.56 -1.09 -79.01
CA LEU D 203 -4.48 -2.10 -78.49
C LEU D 203 -4.63 -1.95 -76.98
N SER D 204 -5.84 -2.17 -76.48
CA SER D 204 -6.12 -2.12 -75.05
C SER D 204 -5.97 -3.51 -74.45
N ILE D 205 -5.10 -3.63 -73.45
CA ILE D 205 -4.80 -4.91 -72.81
C ILE D 205 -4.79 -4.70 -71.30
N ASP D 206 -4.91 -5.81 -70.56
CA ASP D 206 -4.94 -5.75 -69.11
C ASP D 206 -3.53 -5.69 -68.56
N LEU D 207 -3.24 -4.66 -67.78
CA LEU D 207 -1.96 -4.50 -67.10
C LEU D 207 -2.10 -5.03 -65.68
N GLU D 208 -1.45 -6.15 -65.39
CA GLU D 208 -1.53 -6.78 -64.07
C GLU D 208 -0.14 -7.03 -63.53
N SER D 209 -0.06 -7.22 -62.22
CA SER D 209 1.21 -7.26 -61.51
C SER D 209 1.86 -8.63 -61.61
N LEU D 210 3.18 -8.62 -61.83
CA LEU D 210 3.95 -9.86 -61.84
C LEU D 210 4.01 -10.41 -60.43
N PRO D 211 3.55 -11.65 -60.19
CA PRO D 211 3.46 -12.17 -58.82
C PRO D 211 4.79 -12.60 -58.20
N CYS D 212 5.93 -12.25 -58.80
CA CYS D 212 7.22 -12.60 -58.22
C CYS D 212 8.30 -11.72 -58.82
N THR D 213 9.43 -11.65 -58.11
CA THR D 213 10.59 -10.93 -58.63
C THR D 213 11.32 -11.78 -59.66
N ILE D 214 11.78 -11.15 -60.73
CA ILE D 214 12.46 -11.83 -61.82
C ILE D 214 13.94 -11.96 -61.51
N SER D 215 14.56 -12.98 -62.08
CA SER D 215 16.00 -13.21 -61.96
C SER D 215 16.69 -12.66 -63.19
N ARG D 216 17.75 -11.89 -63.00
CA ARG D 216 18.40 -11.20 -64.12
C ARG D 216 18.91 -12.18 -65.18
N ASP D 217 19.14 -13.44 -64.81
CA ASP D 217 19.71 -14.40 -65.75
C ASP D 217 18.73 -14.72 -66.88
N LEU D 218 17.48 -15.00 -66.54
CA LEU D 218 16.52 -15.54 -67.51
C LEU D 218 15.84 -14.41 -68.28
N LEU D 219 16.63 -13.75 -69.11
CA LEU D 219 16.12 -12.78 -70.08
C LEU D 219 16.65 -13.16 -71.45
N ARG D 220 15.74 -13.37 -72.41
CA ARG D 220 16.15 -13.90 -73.70
C ARG D 220 17.16 -12.97 -74.39
N PRO D 221 16.84 -11.72 -74.72
CA PRO D 221 17.91 -10.78 -75.09
C PRO D 221 18.84 -10.55 -73.90
N ALA D 222 20.10 -10.31 -74.21
CA ALA D 222 21.07 -10.01 -73.16
C ALA D 222 21.02 -8.53 -72.83
N PRO D 223 20.61 -8.14 -71.62
CA PRO D 223 20.53 -6.72 -71.30
C PRO D 223 21.90 -6.08 -71.23
N HIS D 224 21.97 -4.80 -71.59
CA HIS D 224 23.21 -4.05 -71.46
C HIS D 224 23.54 -3.82 -69.99
N ILE D 225 24.83 -3.61 -69.72
CA ILE D 225 25.29 -3.52 -68.34
C ILE D 225 24.72 -2.27 -67.67
N ASN D 226 24.30 -2.42 -66.42
CA ASN D 226 23.93 -1.33 -65.51
C ASN D 226 22.97 -0.32 -66.15
N ASP D 227 21.84 -0.84 -66.64
CA ASP D 227 20.79 0.02 -67.16
C ASP D 227 19.49 -0.76 -67.30
N ASP D 228 18.38 -0.02 -67.25
CA ASP D 228 17.05 -0.49 -67.64
C ASP D 228 16.49 -1.57 -66.73
N ASN D 229 17.13 -1.83 -65.58
CA ASN D 229 16.67 -2.89 -64.70
C ASN D 229 15.27 -2.62 -64.18
N SER D 230 14.95 -1.36 -63.90
CA SER D 230 13.73 -1.00 -63.18
C SER D 230 12.52 -0.88 -64.10
N ILE D 231 12.68 -1.11 -65.40
CA ILE D 231 11.58 -0.93 -66.33
C ILE D 231 11.38 -2.19 -67.18
N TYR D 232 11.69 -3.35 -66.61
CA TYR D 232 11.43 -4.59 -67.32
C TYR D 232 9.94 -4.87 -67.37
N ALA D 233 9.52 -5.52 -68.45
CA ALA D 233 8.15 -5.97 -68.60
C ALA D 233 8.14 -7.22 -69.45
N PHE D 234 7.11 -8.05 -69.26
CA PHE D 234 7.09 -9.37 -69.86
C PHE D 234 5.73 -9.64 -70.48
N THR D 235 5.73 -10.45 -71.54
CA THR D 235 4.52 -10.86 -72.23
C THR D 235 4.86 -12.10 -73.05
N ASP D 236 3.82 -12.87 -73.39
CA ASP D 236 3.99 -14.11 -74.13
C ASP D 236 3.29 -14.11 -75.49
N ALA D 237 2.23 -13.32 -75.65
CA ALA D 237 1.34 -13.44 -76.80
C ALA D 237 2.06 -13.08 -78.10
N GLU D 238 1.32 -13.20 -79.20
CA GLU D 238 1.81 -12.86 -80.52
C GLU D 238 2.06 -11.35 -80.69
N THR D 239 1.60 -10.54 -79.74
CA THR D 239 1.75 -9.09 -79.84
C THR D 239 3.18 -8.65 -80.10
N LEU D 240 4.15 -9.38 -79.53
CA LEU D 240 5.57 -9.02 -79.68
C LEU D 240 5.99 -8.90 -81.15
N LEU D 241 5.44 -9.74 -82.03
CA LEU D 241 5.64 -9.58 -83.46
C LEU D 241 4.41 -9.08 -84.21
N ARG D 242 3.30 -8.84 -83.51
CA ARG D 242 2.22 -8.06 -84.11
C ARG D 242 2.69 -6.64 -84.41
N LEU D 243 3.45 -6.05 -83.48
CA LEU D 243 4.15 -4.81 -83.73
C LEU D 243 5.56 -5.12 -84.23
N ASP D 244 6.01 -4.37 -85.24
CA ASP D 244 7.26 -4.69 -85.92
C ASP D 244 8.45 -4.68 -84.98
N VAL D 245 8.36 -4.00 -83.84
CA VAL D 245 9.49 -3.95 -82.91
C VAL D 245 9.72 -5.34 -82.32
N THR D 246 10.99 -5.76 -82.32
CA THR D 246 11.35 -7.08 -81.82
C THR D 246 11.37 -7.10 -80.30
N SER D 247 11.69 -8.27 -79.74
CA SER D 247 11.80 -8.40 -78.29
C SER D 247 12.90 -7.50 -77.75
N GLY D 248 12.66 -6.95 -76.56
CA GLY D 248 13.59 -6.01 -75.97
C GLY D 248 13.36 -4.56 -76.34
N SER D 249 12.35 -4.28 -77.15
CA SER D 249 12.03 -2.91 -77.54
C SER D 249 11.24 -2.21 -76.43
N PHE D 250 10.82 -0.98 -76.72
CA PHE D 250 10.13 -0.13 -75.76
C PHE D 250 8.69 0.11 -76.16
N ILE D 251 7.86 0.44 -75.17
CA ILE D 251 6.47 0.79 -75.36
C ILE D 251 6.12 1.82 -74.30
N THR D 252 5.24 2.77 -74.66
CA THR D 252 5.10 3.95 -73.83
C THR D 252 3.66 4.28 -73.46
N VAL D 253 2.70 4.04 -74.35
CA VAL D 253 1.37 4.66 -74.25
C VAL D 253 0.79 4.49 -72.85
N SER D 254 0.57 3.25 -72.43
CA SER D 254 0.12 2.94 -71.07
C SER D 254 -1.09 3.79 -70.67
N ASN D 255 -2.20 3.56 -71.38
CA ASN D 255 -3.53 4.15 -71.15
C ASN D 255 -3.62 5.58 -71.67
N MET D 256 -2.60 6.07 -72.38
CA MET D 256 -2.59 7.43 -72.94
C MET D 256 -2.80 8.47 -71.84
N GLY D 257 -2.20 8.22 -70.67
CA GLY D 257 -2.07 9.24 -69.65
C GLY D 257 -0.78 10.02 -69.84
N CYS D 258 0.06 10.07 -68.81
CA CYS D 258 1.45 10.49 -68.97
C CYS D 258 2.25 9.25 -69.29
N VAL D 259 2.58 9.07 -70.57
CA VAL D 259 3.20 7.84 -71.06
C VAL D 259 4.43 7.48 -70.23
N ARG D 260 4.52 6.22 -69.84
CA ARG D 260 5.62 5.72 -69.00
C ARG D 260 6.48 4.77 -69.82
N LEU D 261 7.73 5.15 -70.05
CA LEU D 261 8.64 4.32 -70.83
C LEU D 261 8.86 2.99 -70.11
N VAL D 262 8.80 1.90 -70.87
CA VAL D 262 9.02 0.57 -70.29
C VAL D 262 9.51 -0.36 -71.41
N LYS D 263 10.32 -1.33 -71.02
CA LYS D 263 10.91 -2.30 -71.95
C LYS D 263 10.21 -3.65 -71.79
N LEU D 264 9.90 -4.29 -72.92
CA LEU D 264 9.12 -5.52 -72.93
C LEU D 264 9.97 -6.71 -73.40
N PHE D 265 9.83 -7.83 -72.70
CA PHE D 265 10.51 -9.08 -73.01
C PHE D 265 9.49 -10.17 -73.33
N VAL D 266 10.00 -11.35 -73.67
CA VAL D 266 9.19 -12.52 -73.99
C VAL D 266 9.14 -13.45 -72.78
N LEU D 267 7.94 -13.97 -72.50
CA LEU D 267 7.78 -14.99 -71.47
C LEU D 267 8.05 -16.36 -72.05
N LEU D 268 8.75 -17.20 -71.29
CA LEU D 268 9.27 -18.45 -71.81
C LEU D 268 8.32 -19.61 -71.52
N LEU D 269 8.76 -20.81 -71.91
CA LEU D 269 7.88 -21.95 -72.09
C LEU D 269 7.07 -22.32 -70.84
N PRO D 270 7.67 -22.67 -69.70
CA PRO D 270 6.88 -23.24 -68.60
C PRO D 270 5.93 -22.27 -67.93
N ASN D 271 6.02 -20.98 -68.25
CA ASN D 271 5.21 -19.98 -67.57
C ASN D 271 3.74 -20.32 -67.68
N GLY D 272 3.07 -20.42 -66.53
CA GLY D 272 1.66 -20.72 -66.45
C GLY D 272 0.74 -19.52 -66.33
N PHE D 273 1.23 -18.33 -66.66
CA PHE D 273 0.43 -17.14 -66.51
C PHE D 273 -0.54 -16.98 -67.70
N LYS D 274 -1.42 -15.99 -67.58
CA LYS D 274 -2.47 -15.80 -68.57
C LYS D 274 -1.93 -15.05 -69.78
N LYS D 275 -2.43 -15.42 -70.96
CA LYS D 275 -1.99 -14.85 -72.22
C LYS D 275 -2.71 -13.53 -72.52
N ARG D 276 -2.12 -12.76 -73.42
CA ARG D 276 -2.64 -11.46 -73.85
C ARG D 276 -2.80 -10.49 -72.68
N THR D 277 -1.76 -10.41 -71.85
CA THR D 277 -1.67 -9.45 -70.77
C THR D 277 -0.22 -9.03 -70.61
N ILE D 278 -0.01 -7.85 -70.04
CA ILE D 278 1.33 -7.31 -69.80
C ILE D 278 1.63 -7.37 -68.31
N TYR D 279 2.71 -8.05 -67.96
CA TYR D 279 3.12 -8.23 -66.57
C TYR D 279 4.19 -7.19 -66.25
N ALA D 280 3.94 -6.39 -65.23
CA ALA D 280 4.75 -5.22 -64.91
C ALA D 280 5.23 -5.29 -63.47
N PRO D 281 6.33 -4.62 -63.15
CA PRO D 281 6.80 -4.57 -61.77
C PRO D 281 6.06 -3.50 -60.99
N PRO D 282 6.28 -3.43 -59.67
CA PRO D 282 5.54 -2.44 -58.86
C PRO D 282 5.68 -1.01 -59.35
N LYS D 283 6.87 -0.62 -59.80
CA LYS D 283 7.09 0.77 -60.21
C LYS D 283 6.14 1.17 -61.33
N ILE D 284 6.07 0.36 -62.39
CA ILE D 284 5.24 0.70 -63.54
C ILE D 284 3.77 0.69 -63.16
N ILE D 285 3.35 -0.30 -62.37
CA ILE D 285 1.93 -0.46 -62.07
C ILE D 285 1.43 0.54 -61.04
N ALA D 286 2.33 1.12 -60.24
CA ALA D 286 1.90 2.02 -59.16
C ALA D 286 1.28 3.30 -59.68
N SER D 287 1.61 3.71 -60.91
CA SER D 287 1.11 4.96 -61.45
C SER D 287 -0.33 4.87 -61.96
N PHE D 288 -0.91 3.68 -61.99
CA PHE D 288 -2.20 3.43 -62.64
C PHE D 288 -3.16 2.73 -61.69
N PRO D 289 -3.63 3.42 -60.65
CA PRO D 289 -4.72 2.85 -59.86
C PRO D 289 -5.99 2.75 -60.70
N ASP D 290 -6.78 1.72 -60.42
CA ASP D 290 -7.98 1.41 -61.22
C ASP D 290 -7.52 1.23 -62.67
N CYS D 291 -8.38 1.55 -63.62
CA CYS D 291 -8.12 1.42 -65.06
C CYS D 291 -7.40 0.10 -65.39
N SER D 292 -8.12 -0.99 -65.13
CA SER D 292 -7.54 -2.33 -65.24
C SER D 292 -6.96 -2.56 -66.64
N VAL D 293 -7.69 -2.17 -67.68
CA VAL D 293 -7.24 -2.36 -69.06
C VAL D 293 -6.72 -1.02 -69.58
N VAL D 294 -5.57 -1.06 -70.23
CA VAL D 294 -4.88 0.14 -70.69
C VAL D 294 -4.46 -0.04 -72.13
N THR D 295 -4.34 1.09 -72.84
CA THR D 295 -3.90 1.07 -74.23
C THR D 295 -2.38 1.05 -74.30
N ILE D 296 -1.84 0.32 -75.27
CA ILE D 296 -0.41 0.19 -75.45
C ILE D 296 -0.12 0.09 -76.96
N SER D 297 1.08 0.54 -77.35
CA SER D 297 1.52 0.45 -78.74
C SER D 297 3.03 0.52 -78.76
N LYS D 298 3.60 0.28 -79.94
CA LYS D 298 5.04 0.32 -80.10
C LYS D 298 5.58 1.75 -79.95
N SER D 299 6.87 1.85 -79.68
CA SER D 299 7.56 3.13 -79.59
C SER D 299 9.00 2.91 -80.05
N ASN D 300 9.24 3.17 -81.34
CA ASN D 300 10.58 3.04 -81.92
C ASN D 300 11.34 4.37 -81.78
N ILE D 301 11.61 4.71 -80.53
CA ILE D 301 12.30 5.97 -80.22
C ILE D 301 13.69 6.01 -80.81
N GLY D 302 14.27 4.86 -81.12
CA GLY D 302 15.66 4.80 -81.56
C GLY D 302 16.65 4.69 -80.42
N HIS D 303 16.55 5.60 -79.46
CA HIS D 303 17.37 5.55 -78.26
C HIS D 303 16.71 6.41 -77.19
N THR D 304 17.10 6.17 -75.94
CA THR D 304 16.64 6.98 -74.81
C THR D 304 17.42 8.29 -74.82
N ASP D 305 16.93 9.27 -75.57
CA ASP D 305 17.62 10.53 -75.75
C ASP D 305 17.62 11.32 -74.45
N ILE D 306 18.23 12.51 -74.51
CA ILE D 306 18.36 13.48 -73.42
C ILE D 306 18.67 12.77 -72.10
N PRO D 307 19.83 12.14 -71.96
CA PRO D 307 20.17 11.44 -70.72
C PRO D 307 20.70 12.33 -69.61
N ILE D 308 20.63 13.65 -69.75
CA ILE D 308 21.17 14.57 -68.75
C ILE D 308 20.11 15.61 -68.43
N ALA D 309 19.76 15.72 -67.16
CA ALA D 309 19.02 16.85 -66.60
C ALA D 309 19.81 17.37 -65.42
N ASN D 310 20.05 18.69 -65.40
CA ASN D 310 21.00 19.30 -64.48
C ASN D 310 20.87 18.76 -63.06
N GLN D 311 19.73 18.99 -62.43
CA GLN D 311 19.44 18.46 -61.10
C GLN D 311 18.08 17.78 -61.13
N VAL D 312 17.66 17.26 -59.98
CA VAL D 312 16.32 16.75 -59.79
C VAL D 312 15.98 16.82 -58.31
N PHE D 313 14.83 17.40 -57.99
CA PHE D 313 14.40 17.58 -56.60
C PHE D 313 13.36 16.51 -56.26
N ILE D 314 13.84 15.34 -55.83
CA ILE D 314 12.92 14.27 -55.45
C ILE D 314 12.28 14.57 -54.10
N SER D 315 11.18 13.86 -53.82
CA SER D 315 10.40 14.12 -52.62
C SER D 315 10.03 12.80 -51.95
N ARG D 316 9.44 12.92 -50.76
CA ARG D 316 9.19 11.79 -49.88
C ARG D 316 7.69 11.61 -49.69
N VAL D 317 7.19 10.40 -49.93
CA VAL D 317 5.77 10.15 -49.80
C VAL D 317 5.40 10.10 -48.32
N GLY D 318 4.17 10.49 -48.00
CA GLY D 318 3.71 10.38 -46.63
C GLY D 318 3.30 8.95 -46.30
N GLY D 319 3.71 8.50 -45.12
CA GLY D 319 3.42 7.15 -44.69
C GLY D 319 3.99 6.92 -43.30
N TRP D 320 3.52 5.83 -42.68
CA TRP D 320 3.92 5.53 -41.31
C TRP D 320 5.41 5.20 -41.23
N LEU D 321 5.89 4.33 -42.11
CA LEU D 321 7.29 3.93 -42.09
C LEU D 321 8.21 5.13 -42.32
N GLN D 322 7.85 5.99 -43.29
CA GLN D 322 8.74 7.06 -43.72
C GLN D 322 9.08 8.02 -42.58
N SER D 323 8.10 8.40 -41.77
CA SER D 323 8.27 9.53 -40.87
C SER D 323 8.97 9.18 -39.56
N GLN D 324 9.27 7.90 -39.31
CA GLN D 324 9.92 7.52 -38.06
C GLN D 324 11.29 8.18 -37.91
N LYS D 325 11.61 8.58 -36.67
CA LYS D 325 12.90 9.17 -36.37
C LYS D 325 14.05 8.24 -36.73
N CYS D 326 14.04 7.04 -36.15
CA CYS D 326 15.16 6.10 -36.27
C CYS D 326 15.48 5.80 -37.74
N PHE D 327 14.47 5.51 -38.53
CA PHE D 327 14.67 5.13 -39.93
C PHE D 327 15.21 6.25 -40.80
N GLN D 328 15.28 7.48 -40.29
CA GLN D 328 15.64 8.64 -41.12
C GLN D 328 16.99 8.44 -41.78
N ASN D 329 17.88 7.66 -41.16
CA ASN D 329 19.24 7.49 -41.65
C ASN D 329 19.29 6.55 -42.85
N ILE D 330 18.89 5.29 -42.63
CA ILE D 330 19.05 4.23 -43.63
C ILE D 330 18.43 4.62 -44.98
N ILE D 331 17.27 5.28 -44.95
CA ILE D 331 16.59 5.68 -46.18
C ILE D 331 17.50 6.52 -47.07
N LEU D 332 18.15 7.55 -46.50
CA LEU D 332 19.01 8.39 -47.33
C LEU D 332 20.20 7.61 -47.86
N THR D 333 20.76 6.70 -47.06
CA THR D 333 21.86 5.86 -47.55
C THR D 333 21.43 5.00 -48.73
N THR D 334 20.28 4.31 -48.61
CA THR D 334 19.77 3.50 -49.71
C THR D 334 19.42 4.35 -50.92
N LEU D 335 19.04 5.61 -50.72
CA LEU D 335 18.85 6.50 -51.87
C LEU D 335 20.18 6.83 -52.54
N LYS D 336 21.21 7.18 -51.76
CA LYS D 336 22.51 7.42 -52.37
C LYS D 336 23.01 6.17 -53.10
N LYS D 337 22.60 5.00 -52.62
CA LYS D 337 22.82 3.76 -53.36
C LYS D 337 22.05 3.74 -54.67
N PHE D 338 20.76 4.08 -54.60
CA PHE D 338 19.87 4.25 -55.76
C PHE D 338 20.48 5.11 -56.85
N PHE D 339 21.44 5.97 -56.53
CA PHE D 339 22.04 6.87 -57.50
C PHE D 339 23.52 6.54 -57.69
N SER D 340 24.01 6.80 -58.91
CA SER D 340 25.41 6.59 -59.29
C SER D 340 25.77 5.12 -59.41
N GLU D 341 24.84 4.26 -59.79
CA GLU D 341 25.19 2.85 -60.03
C GLU D 341 24.71 2.38 -61.40
N SER D 342 23.67 3.00 -61.93
CA SER D 342 23.15 2.62 -63.24
C SER D 342 22.36 3.78 -63.82
N LYS D 343 22.09 3.70 -65.12
CA LYS D 343 21.25 4.68 -65.81
C LYS D 343 19.79 4.30 -65.58
N ARG D 344 19.13 5.03 -64.68
CA ARG D 344 17.75 4.76 -64.33
C ARG D 344 16.85 5.79 -65.01
N ILE D 345 15.75 5.32 -65.61
CA ILE D 345 14.84 6.19 -66.35
C ILE D 345 13.78 6.71 -65.38
N LEU D 346 13.65 8.03 -65.30
CA LEU D 346 12.71 8.68 -64.38
C LEU D 346 11.79 9.57 -65.19
N CYS D 347 10.60 9.06 -65.50
CA CYS D 347 9.52 9.85 -66.08
C CYS D 347 8.84 10.64 -64.97
N GLN D 348 8.82 11.96 -65.10
CA GLN D 348 8.35 12.83 -64.03
C GLN D 348 6.92 12.47 -63.64
N ASN D 349 6.53 12.92 -62.44
CA ASN D 349 5.23 12.60 -61.85
C ASN D 349 5.03 11.08 -61.76
N ASP D 350 5.91 10.44 -61.00
CA ASP D 350 5.92 8.99 -60.89
C ASP D 350 6.47 8.61 -59.53
N LEU D 351 6.23 7.36 -59.14
CA LEU D 351 6.69 6.82 -57.87
C LEU D 351 7.98 6.04 -58.07
N ILE D 352 8.73 5.89 -56.98
CA ILE D 352 9.95 5.10 -56.96
C ILE D 352 9.96 4.24 -55.70
N PRO D 353 9.82 2.93 -55.82
CA PRO D 353 9.88 2.08 -54.62
C PRO D 353 11.32 1.77 -54.23
N ILE D 354 11.57 1.78 -52.92
CA ILE D 354 12.87 1.48 -52.35
C ILE D 354 12.66 0.50 -51.21
N ALA D 355 13.35 -0.64 -51.26
CA ALA D 355 13.24 -1.65 -50.21
C ALA D 355 14.44 -1.57 -49.28
N PHE D 356 14.18 -1.83 -48.00
CA PHE D 356 15.22 -1.86 -46.97
C PHE D 356 14.79 -2.84 -45.89
N ASP D 357 15.62 -3.00 -44.86
CA ASP D 357 15.29 -3.84 -43.72
C ASP D 357 15.32 -3.04 -42.43
N SER D 358 14.19 -3.05 -41.72
CA SER D 358 14.02 -2.31 -40.46
C SER D 358 15.10 -2.69 -39.44
N SER D 359 15.34 -3.99 -39.28
CA SER D 359 16.21 -4.46 -38.19
C SER D 359 17.65 -3.96 -38.35
N MET D 360 18.07 -3.67 -39.59
CA MET D 360 19.40 -3.12 -39.79
C MET D 360 19.51 -1.65 -39.39
N ALA D 361 18.38 -0.93 -39.37
CA ALA D 361 18.37 0.53 -39.24
C ALA D 361 19.28 1.01 -38.12
N ASP D 362 19.01 0.57 -36.89
CA ASP D 362 19.75 1.05 -35.73
C ASP D 362 21.24 0.73 -35.81
N LEU D 363 21.63 -0.23 -36.64
CA LEU D 363 23.02 -0.50 -36.94
C LEU D 363 23.43 0.17 -38.25
N ASN D 364 24.73 0.19 -38.53
CA ASN D 364 25.24 0.83 -39.72
C ASN D 364 26.58 0.20 -40.09
N ILE D 365 26.90 0.25 -41.38
CA ILE D 365 28.23 -0.07 -41.86
C ILE D 365 29.03 1.23 -41.98
N ALA D 366 30.36 1.08 -42.00
CA ALA D 366 31.26 2.21 -42.15
C ALA D 366 31.14 2.82 -43.55
N GLU D 367 31.91 3.88 -43.76
CA GLU D 367 32.06 4.52 -45.07
C GLU D 367 33.19 3.93 -45.91
N GLU D 368 33.60 2.68 -45.62
CA GLU D 368 34.78 2.09 -46.27
C GLU D 368 34.68 2.18 -47.80
N ASN D 369 33.54 1.77 -48.36
CA ASN D 369 33.39 1.77 -49.81
C ASN D 369 33.35 3.19 -50.36
N ASP D 370 32.73 4.12 -49.63
CA ASP D 370 32.80 5.53 -50.02
C ASP D 370 34.24 6.01 -50.05
N GLU D 371 35.06 5.58 -49.09
CA GLU D 371 36.47 5.96 -49.08
C GLU D 371 37.19 5.39 -50.31
N SER D 372 37.07 4.09 -50.54
CA SER D 372 37.77 3.44 -51.63
C SER D 372 37.07 2.12 -51.95
N ASP D 373 37.32 1.62 -53.15
CA ASP D 373 36.78 0.36 -53.64
C ASP D 373 35.26 0.30 -53.45
N ASP D 374 34.59 1.24 -54.12
CA ASP D 374 33.15 1.44 -53.97
C ASP D 374 32.35 0.25 -54.48
N GLU D 375 31.83 -0.55 -53.55
CA GLU D 375 30.97 -1.68 -53.91
C GLU D 375 29.94 -1.87 -52.81
N ASP D 376 28.81 -2.46 -53.17
CA ASP D 376 27.79 -2.80 -52.18
C ASP D 376 28.22 -3.98 -51.33
N GLU D 377 28.06 -3.84 -50.02
CA GLU D 377 28.20 -4.98 -49.11
C GLU D 377 27.05 -5.93 -49.39
N LEU D 378 27.37 -7.09 -49.98
CA LEU D 378 26.40 -8.00 -50.58
C LEU D 378 25.09 -8.07 -49.81
N GLY D 379 24.00 -7.77 -50.50
CA GLY D 379 22.66 -7.84 -49.94
C GLY D 379 22.20 -9.23 -49.54
N GLN D 380 22.98 -10.27 -49.86
CA GLN D 380 22.65 -11.61 -49.38
C GLN D 380 22.48 -11.66 -47.87
N TYR D 381 23.04 -10.71 -47.13
CA TYR D 381 22.76 -10.58 -45.71
C TYR D 381 21.60 -9.64 -45.42
N TYR D 382 21.29 -8.71 -46.32
CA TYR D 382 20.19 -7.76 -46.15
C TYR D 382 18.94 -8.32 -46.82
N LYS D 383 18.16 -9.08 -46.06
CA LYS D 383 16.84 -9.51 -46.52
C LYS D 383 15.86 -8.35 -46.39
N ASN D 384 15.45 -7.79 -47.52
CA ASN D 384 14.52 -6.67 -47.54
C ASN D 384 13.28 -6.97 -46.69
N ASP D 385 12.88 -5.98 -45.90
CA ASP D 385 11.77 -6.13 -44.96
C ASP D 385 10.64 -5.14 -45.18
N SER D 386 10.95 -3.88 -45.46
CA SER D 386 9.95 -2.82 -45.50
C SER D 386 10.08 -2.01 -46.78
N LEU D 387 8.97 -1.39 -47.17
CA LEU D 387 8.85 -0.63 -48.41
C LEU D 387 8.47 0.82 -48.14
N VAL D 388 9.07 1.72 -48.91
CA VAL D 388 8.70 3.14 -48.90
C VAL D 388 8.88 3.70 -50.30
N TRP D 389 7.94 4.55 -50.70
CA TRP D 389 7.93 5.17 -52.03
C TRP D 389 8.55 6.56 -51.99
N PHE D 390 8.98 7.03 -53.15
CA PHE D 390 9.47 8.39 -53.33
C PHE D 390 8.97 8.94 -54.66
N PHE D 391 8.82 10.27 -54.73
CA PHE D 391 8.15 10.94 -55.83
C PHE D 391 9.08 11.98 -56.45
N VAL D 392 9.07 12.06 -57.78
CA VAL D 392 10.11 12.79 -58.50
C VAL D 392 10.03 14.29 -58.22
N THR D 393 8.83 14.88 -58.33
CA THR D 393 8.57 16.27 -57.96
C THR D 393 9.52 17.26 -58.65
N SER D 394 9.87 17.00 -59.91
CA SER D 394 10.85 17.87 -60.56
C SER D 394 10.76 17.74 -62.08
N ALA D 395 10.27 18.79 -62.73
CA ALA D 395 10.44 19.00 -64.17
C ALA D 395 11.59 19.99 -64.33
N GLU D 396 12.82 19.47 -64.37
CA GLU D 396 13.99 20.32 -64.21
C GLU D 396 14.13 21.31 -65.35
N LEU D 397 14.72 22.47 -65.04
CA LEU D 397 14.96 23.51 -66.03
C LEU D 397 16.19 23.17 -66.85
N ASP D 398 16.04 23.15 -68.17
CA ASP D 398 17.17 22.91 -69.06
C ASP D 398 16.83 23.46 -70.44
N CYS D 399 17.86 23.60 -71.27
CA CYS D 399 17.72 24.18 -72.61
C CYS D 399 17.15 23.17 -73.60
N PHE D 400 15.99 22.62 -73.27
CA PHE D 400 15.29 21.70 -74.16
C PHE D 400 13.82 21.66 -73.77
N SER D 401 12.99 21.28 -74.73
CA SER D 401 11.55 21.18 -74.52
C SER D 401 11.17 19.77 -74.11
N LYS D 402 10.18 19.67 -73.20
CA LYS D 402 9.70 18.39 -72.69
C LYS D 402 10.82 17.55 -72.08
N ASP D 403 11.85 18.21 -71.54
CA ASP D 403 12.98 17.50 -70.96
C ASP D 403 12.60 16.70 -69.71
N ASN D 404 11.44 17.00 -69.11
CA ASN D 404 11.01 16.28 -67.91
C ASN D 404 10.66 14.82 -68.19
N SER D 405 10.52 14.43 -69.44
CA SER D 405 10.12 13.07 -69.81
C SER D 405 11.30 12.33 -70.41
N HIS D 406 11.58 11.13 -69.88
CA HIS D 406 12.55 10.20 -70.46
C HIS D 406 13.98 10.72 -70.37
N PHE D 407 14.34 11.29 -69.22
CA PHE D 407 15.72 11.69 -68.98
C PHE D 407 16.39 10.72 -68.01
N ILE D 408 17.69 10.93 -67.78
CA ILE D 408 18.47 10.07 -66.90
C ILE D 408 19.15 10.97 -65.87
N ILE D 409 19.47 10.38 -64.72
CA ILE D 409 20.22 11.05 -63.67
C ILE D 409 21.64 10.51 -63.75
N ASP D 410 22.49 11.23 -64.47
CA ASP D 410 23.86 10.75 -64.70
C ASP D 410 24.60 10.63 -63.36
N PRO D 411 25.43 9.60 -63.19
CA PRO D 411 26.15 9.45 -61.91
C PRO D 411 27.00 10.66 -61.55
N ASN D 412 27.62 11.31 -62.54
CA ASN D 412 28.55 12.41 -62.27
C ASN D 412 28.04 13.76 -62.75
N ARG D 413 27.21 13.79 -63.79
CA ARG D 413 26.74 15.04 -64.38
C ARG D 413 25.48 15.57 -63.71
N THR D 414 24.87 14.81 -62.80
CA THR D 414 23.63 15.23 -62.17
C THR D 414 23.68 14.92 -60.68
N LYS D 415 22.91 15.69 -59.90
CA LYS D 415 22.77 15.49 -58.47
C LYS D 415 21.30 15.58 -58.08
N LEU D 416 20.87 14.67 -57.22
CA LEU D 416 19.49 14.65 -56.72
C LEU D 416 19.44 15.24 -55.31
N ILE D 417 18.30 15.88 -55.01
CA ILE D 417 18.10 16.54 -53.72
C ILE D 417 16.66 16.27 -53.28
N THR D 418 16.43 16.38 -51.98
CA THR D 418 15.11 16.17 -51.39
C THR D 418 14.43 17.51 -51.16
N THR D 419 13.15 17.60 -51.56
CA THR D 419 12.39 18.85 -51.43
C THR D 419 11.57 18.89 -50.16
N ASN D 420 10.61 17.98 -50.01
CA ASN D 420 9.60 18.02 -48.96
C ASN D 420 8.83 16.70 -49.02
N ILE D 421 7.78 16.60 -48.20
CA ILE D 421 6.91 15.43 -48.17
C ILE D 421 5.65 15.74 -48.97
N THR D 422 5.14 14.72 -49.66
CA THR D 422 3.94 14.87 -50.49
C THR D 422 2.92 13.80 -50.11
N ASN D 423 1.80 13.78 -50.82
CA ASN D 423 0.68 12.93 -50.47
C ASN D 423 0.10 12.23 -51.69
N ARG D 424 -0.15 10.93 -51.55
CA ARG D 424 -0.81 10.12 -52.57
C ARG D 424 -1.35 8.86 -51.89
N ARG D 425 -2.11 8.08 -52.66
CA ARG D 425 -2.67 6.80 -52.26
C ARG D 425 -1.79 5.66 -52.76
N PRO D 426 -1.53 4.63 -51.94
CA PRO D 426 -0.81 3.45 -52.43
C PRO D 426 -1.70 2.57 -53.31
N LEU D 427 -1.19 1.40 -53.68
CA LEU D 427 -2.03 0.53 -54.48
C LEU D 427 -2.91 -0.34 -53.58
N PRO D 428 -4.15 -0.62 -54.00
CA PRO D 428 -4.97 -1.60 -53.30
C PRO D 428 -4.52 -3.02 -53.58
N LEU D 429 -4.92 -3.92 -52.68
CA LEU D 429 -4.49 -5.32 -52.75
C LEU D 429 -4.83 -5.95 -54.09
N SER D 430 -6.08 -5.84 -54.52
CA SER D 430 -6.49 -6.48 -55.76
C SER D 430 -5.77 -5.90 -56.97
N ARG D 431 -5.32 -4.65 -56.88
CA ARG D 431 -4.54 -4.07 -57.99
C ARG D 431 -3.16 -4.70 -58.06
N SER D 432 -2.48 -4.86 -56.92
CA SER D 432 -1.17 -5.47 -56.88
C SER D 432 -0.85 -5.91 -55.44
N ASN D 433 0.22 -6.70 -55.32
CA ASN D 433 0.63 -7.30 -54.05
C ASN D 433 2.12 -7.02 -53.86
N LEU D 434 2.44 -5.90 -53.22
CA LEU D 434 3.86 -5.55 -53.03
C LEU D 434 4.57 -6.56 -52.14
N GLN D 435 3.94 -6.99 -51.04
CA GLN D 435 4.56 -7.94 -50.12
C GLN D 435 4.94 -9.24 -50.83
N ARG D 436 4.02 -9.79 -51.62
CA ARG D 436 4.33 -10.99 -52.41
C ARG D 436 5.53 -10.75 -53.31
N TYR D 437 5.57 -9.62 -54.01
CA TYR D 437 6.66 -9.37 -54.94
C TYR D 437 8.00 -9.29 -54.21
N TYR D 438 8.03 -8.59 -53.08
CA TYR D 438 9.25 -8.40 -52.29
C TYR D 438 9.44 -9.50 -51.25
N GLY D 439 8.49 -10.41 -51.11
CA GLY D 439 8.61 -11.49 -50.12
C GLY D 439 8.57 -11.08 -48.67
N PHE D 440 7.92 -9.96 -48.35
CA PHE D 440 7.70 -9.57 -46.96
C PHE D 440 6.84 -10.58 -46.22
N ALA D 441 6.62 -10.33 -44.93
CA ALA D 441 5.69 -11.14 -44.14
C ALA D 441 4.26 -10.94 -44.60
N GLU D 442 3.84 -11.74 -45.59
CA GLU D 442 2.53 -11.63 -46.21
C GLU D 442 1.42 -11.67 -45.18
N THR D 443 0.65 -10.58 -45.10
CA THR D 443 -0.52 -10.53 -44.24
C THR D 443 -1.68 -11.30 -44.86
N PHE D 444 -2.36 -12.07 -44.03
CA PHE D 444 -3.30 -13.09 -44.52
C PHE D 444 -4.34 -12.49 -45.45
N TYR D 445 -4.64 -13.23 -46.52
CA TYR D 445 -5.53 -12.81 -47.59
C TYR D 445 -6.91 -13.38 -47.32
N TYR D 446 -7.68 -12.70 -46.46
CA TYR D 446 -9.03 -13.17 -46.15
C TYR D 446 -9.86 -13.29 -47.41
N ASP D 447 -10.86 -14.17 -47.34
CA ASP D 447 -11.91 -14.28 -48.34
C ASP D 447 -13.24 -13.82 -47.73
N LEU D 448 -13.69 -12.63 -48.15
CA LEU D 448 -14.76 -11.93 -47.44
C LEU D 448 -16.00 -12.81 -47.29
N HIS D 449 -16.21 -13.76 -48.20
CA HIS D 449 -17.40 -14.58 -48.25
C HIS D 449 -17.47 -15.58 -47.10
N ILE D 450 -16.38 -15.79 -46.36
CA ILE D 450 -16.32 -16.80 -45.31
C ILE D 450 -15.87 -16.21 -43.98
N PHE D 451 -15.56 -14.92 -43.91
CA PHE D 451 -15.14 -14.26 -42.68
C PHE D 451 -16.02 -13.02 -42.52
N PRO D 452 -17.16 -13.16 -41.84
CA PRO D 452 -18.08 -12.02 -41.70
C PRO D 452 -17.46 -10.75 -41.15
N TYR D 453 -16.62 -10.85 -40.11
CA TYR D 453 -16.16 -9.66 -39.41
C TYR D 453 -15.24 -8.78 -40.25
N VAL D 454 -14.36 -9.37 -41.04
CA VAL D 454 -13.51 -8.58 -41.93
C VAL D 454 -14.35 -7.85 -42.96
N ARG D 455 -15.40 -8.48 -43.48
CA ARG D 455 -16.32 -7.80 -44.38
C ARG D 455 -17.05 -6.66 -43.67
N GLN D 456 -17.53 -6.91 -42.45
CA GLN D 456 -18.21 -5.87 -41.69
C GLN D 456 -17.31 -4.66 -41.47
N LEU D 457 -16.02 -4.89 -41.26
CA LEU D 457 -15.08 -3.79 -41.03
C LEU D 457 -14.74 -3.07 -42.34
N VAL D 458 -14.46 -3.84 -43.40
CA VAL D 458 -14.09 -3.26 -44.68
C VAL D 458 -15.25 -2.45 -45.26
N ASN D 459 -16.49 -2.88 -45.02
CA ASN D 459 -17.65 -2.09 -45.42
C ASN D 459 -17.61 -0.72 -44.78
N ILE D 460 -17.35 -0.66 -43.48
CA ILE D 460 -17.27 0.61 -42.77
C ILE D 460 -16.16 1.47 -43.33
N LEU D 461 -15.01 0.86 -43.61
CA LEU D 461 -13.87 1.65 -44.10
C LEU D 461 -14.12 2.16 -45.50
N GLU D 462 -14.67 1.32 -46.38
CA GLU D 462 -14.95 1.74 -47.75
C GLU D 462 -15.99 2.85 -47.79
N THR D 463 -17.07 2.72 -46.99
CA THR D 463 -18.06 3.78 -46.93
C THR D 463 -17.47 5.08 -46.39
N SER D 464 -16.61 5.00 -45.37
CA SER D 464 -15.91 6.19 -44.89
C SER D 464 -15.07 6.84 -45.99
N PHE D 465 -14.28 6.03 -46.69
CA PHE D 465 -13.48 6.52 -47.81
C PHE D 465 -14.35 7.21 -48.85
N ASN D 466 -15.43 6.58 -49.27
CA ASN D 466 -16.31 7.19 -50.26
C ASN D 466 -16.90 8.51 -49.76
N CYS D 467 -17.33 8.55 -48.49
CA CYS D 467 -17.77 9.81 -47.90
C CYS D 467 -16.69 10.89 -48.00
N SER D 468 -15.44 10.52 -47.74
CA SER D 468 -14.32 11.45 -47.85
C SER D 468 -14.35 12.21 -49.18
N GLN D 469 -14.68 11.52 -50.27
CA GLN D 469 -14.90 12.19 -51.55
C GLN D 469 -16.10 13.12 -51.52
N ARG D 470 -17.15 12.75 -50.80
CA ARG D 470 -18.29 13.66 -50.67
C ARG D 470 -17.89 14.90 -49.86
N GLY D 471 -18.69 15.95 -50.02
CA GLY D 471 -18.57 17.12 -49.16
C GLY D 471 -18.89 16.85 -47.70
N ILE D 472 -19.91 16.04 -47.44
CA ILE D 472 -20.23 15.71 -46.05
C ILE D 472 -19.17 14.80 -45.47
N THR D 473 -19.07 14.83 -44.13
CA THR D 473 -18.14 14.00 -43.37
C THR D 473 -18.87 13.43 -42.16
N LEU D 474 -18.43 12.26 -41.72
CA LEU D 474 -18.93 11.65 -40.51
C LEU D 474 -17.79 10.93 -39.80
N ASN D 475 -17.85 10.92 -38.46
CA ASN D 475 -16.78 10.42 -37.62
C ASN D 475 -16.89 8.91 -37.46
N ALA D 476 -16.23 8.18 -38.37
CA ALA D 476 -16.13 6.74 -38.28
C ALA D 476 -15.15 6.34 -37.18
N SER D 477 -15.58 5.42 -36.32
CA SER D 477 -14.73 4.92 -35.24
C SER D 477 -15.14 3.50 -34.90
N VAL D 478 -14.15 2.60 -34.90
CA VAL D 478 -14.37 1.16 -34.71
C VAL D 478 -13.56 0.70 -33.51
N LEU D 479 -14.03 -0.37 -32.88
CA LEU D 479 -13.35 -0.94 -31.71
C LEU D 479 -13.53 -2.46 -31.76
N LEU D 480 -12.44 -3.17 -32.04
CA LEU D 480 -12.42 -4.62 -32.10
C LEU D 480 -12.15 -5.20 -30.72
N HIS D 481 -13.11 -5.99 -30.23
CA HIS D 481 -13.04 -6.62 -28.91
C HIS D 481 -13.31 -8.11 -29.07
N SER D 482 -12.47 -8.92 -28.43
CA SER D 482 -12.48 -10.37 -28.61
C SER D 482 -12.38 -11.05 -27.25
N THR D 483 -12.89 -12.28 -27.21
CA THR D 483 -12.87 -13.05 -25.96
C THR D 483 -11.46 -13.45 -25.56
N THR D 484 -10.67 -13.93 -26.51
CA THR D 484 -9.34 -14.47 -26.20
C THR D 484 -8.28 -13.86 -27.12
N ASN D 485 -7.05 -13.86 -26.62
CA ASN D 485 -5.88 -13.42 -27.36
C ASN D 485 -5.66 -14.26 -28.63
N ASN D 486 -4.86 -13.71 -29.54
CA ASN D 486 -4.36 -14.38 -30.73
C ASN D 486 -5.45 -14.72 -31.75
N VAL D 487 -6.37 -13.78 -31.99
CA VAL D 487 -7.43 -13.99 -32.96
C VAL D 487 -7.29 -13.03 -34.14
N GLY D 488 -6.11 -12.42 -34.31
CA GLY D 488 -5.78 -11.81 -35.58
C GLY D 488 -6.44 -10.48 -35.84
N LYS D 489 -6.71 -9.69 -34.80
CA LYS D 489 -7.31 -8.38 -34.99
C LYS D 489 -6.36 -7.41 -35.69
N ALA D 490 -5.07 -7.47 -35.34
CA ALA D 490 -4.10 -6.63 -36.04
C ALA D 490 -3.91 -7.08 -37.48
N THR D 491 -3.88 -8.39 -37.73
CA THR D 491 -3.92 -8.89 -39.10
C THR D 491 -5.18 -8.43 -39.80
N MET D 492 -6.32 -8.43 -39.10
CA MET D 492 -7.57 -7.94 -39.65
C MET D 492 -7.41 -6.51 -40.16
N VAL D 493 -6.94 -5.62 -39.28
CA VAL D 493 -6.77 -4.22 -39.63
C VAL D 493 -5.79 -4.06 -40.79
N ARG D 494 -4.67 -4.77 -40.74
CA ARG D 494 -3.67 -4.64 -41.82
C ARG D 494 -4.25 -5.09 -43.16
N PHE D 495 -5.02 -6.19 -43.16
CA PHE D 495 -5.69 -6.63 -44.38
C PHE D 495 -6.70 -5.60 -44.87
N ALA D 496 -7.48 -5.02 -43.96
CA ALA D 496 -8.40 -3.95 -44.31
C ALA D 496 -7.67 -2.77 -44.95
N SER D 497 -6.51 -2.41 -44.39
CA SER D 497 -5.66 -1.37 -44.99
C SER D 497 -5.30 -1.73 -46.43
N LYS D 498 -4.72 -2.93 -46.63
CA LYS D 498 -4.31 -3.34 -47.97
C LYS D 498 -5.48 -3.34 -48.95
N TYR D 499 -6.60 -3.97 -48.58
CA TYR D 499 -7.69 -4.19 -49.52
C TYR D 499 -8.26 -2.89 -50.05
N LEU D 500 -8.10 -1.78 -49.33
CA LEU D 500 -8.59 -0.48 -49.74
C LEU D 500 -7.49 0.53 -50.00
N GLY D 501 -6.22 0.21 -49.70
CA GLY D 501 -5.14 1.15 -49.79
C GLY D 501 -5.09 2.21 -48.72
N ILE D 502 -5.92 2.10 -47.67
CA ILE D 502 -5.89 3.07 -46.60
C ILE D 502 -4.55 2.98 -45.88
N HIS D 503 -3.87 4.13 -45.74
CA HIS D 503 -2.66 4.19 -44.95
C HIS D 503 -2.90 3.68 -43.54
N LEU D 504 -1.94 2.93 -43.02
CA LEU D 504 -1.99 2.37 -41.67
C LEU D 504 -0.97 3.05 -40.77
N LEU D 505 -1.45 3.74 -39.75
CA LEU D 505 -0.61 4.28 -38.69
C LEU D 505 -0.68 3.32 -37.51
N GLU D 506 0.40 2.57 -37.30
CA GLU D 506 0.44 1.47 -36.34
C GLU D 506 1.22 1.94 -35.11
N ILE D 507 0.48 2.24 -34.03
CA ILE D 507 1.08 2.51 -32.73
C ILE D 507 0.51 1.54 -31.71
N ASP D 508 1.41 0.86 -31.01
CA ASP D 508 1.08 -0.12 -29.98
C ASP D 508 1.34 0.48 -28.61
N CYS D 509 0.27 0.59 -27.82
CA CYS D 509 0.35 1.14 -26.46
C CYS D 509 1.32 0.37 -25.57
N LEU D 510 1.60 -0.89 -25.89
CA LEU D 510 2.68 -1.61 -25.23
C LEU D 510 4.01 -0.88 -25.39
N SER D 511 4.42 -0.65 -26.65
CA SER D 511 5.76 -0.15 -26.94
C SER D 511 6.03 1.21 -26.30
N LEU D 512 5.04 2.09 -26.26
CA LEU D 512 5.25 3.44 -25.71
C LEU D 512 5.89 3.36 -24.33
N THR D 513 6.95 4.14 -24.14
CA THR D 513 7.89 3.95 -23.05
C THR D 513 7.45 4.55 -21.71
N SER D 514 6.40 5.36 -21.66
CA SER D 514 5.99 5.92 -20.38
C SER D 514 5.58 4.80 -19.42
N ASN D 515 5.84 5.04 -18.13
CA ASN D 515 5.52 4.04 -17.11
C ASN D 515 4.04 3.71 -17.09
N SER D 516 3.73 2.44 -16.84
CA SER D 516 2.36 1.93 -16.85
C SER D 516 1.42 2.80 -16.02
N ARG D 517 1.78 3.09 -14.78
CA ARG D 517 0.96 3.95 -13.92
C ARG D 517 0.91 5.40 -14.37
N GLN D 518 1.68 5.77 -15.40
CA GLN D 518 1.75 7.13 -15.94
C GLN D 518 1.80 8.20 -14.86
N LEU D 519 2.51 7.92 -13.77
CA LEU D 519 2.72 8.92 -12.73
C LEU D 519 3.37 10.15 -13.36
N ASP D 520 2.77 11.33 -13.09
CA ASP D 520 3.14 12.65 -13.58
C ASP D 520 3.67 12.56 -15.01
N SER D 521 3.01 11.75 -15.83
CA SER D 521 3.47 11.36 -17.15
C SER D 521 2.42 11.59 -18.22
N THR D 522 1.35 12.33 -17.91
CA THR D 522 0.32 12.62 -18.91
C THR D 522 0.93 13.26 -20.14
N SER D 523 1.75 14.30 -19.93
CA SER D 523 2.44 14.96 -21.03
C SER D 523 3.42 14.06 -21.75
N LYS D 524 3.80 12.92 -21.18
CA LYS D 524 4.69 11.99 -21.87
C LYS D 524 3.90 11.07 -22.79
N ILE D 525 2.94 10.34 -22.24
CA ILE D 525 2.09 9.48 -23.06
C ILE D 525 1.49 10.31 -24.19
N ILE D 526 0.76 11.36 -23.82
CA ILE D 526 0.01 12.10 -24.82
C ILE D 526 0.93 12.91 -25.73
N GLY D 527 2.06 13.45 -25.24
CA GLY D 527 3.00 14.08 -26.15
C GLY D 527 3.52 13.12 -27.20
N TYR D 528 3.86 11.90 -26.77
CA TYR D 528 4.33 10.88 -27.70
C TYR D 528 3.28 10.56 -28.76
N ILE D 529 2.06 10.27 -28.31
CA ILE D 529 0.99 9.94 -29.27
C ILE D 529 0.74 11.13 -30.20
N ARG D 530 0.62 12.32 -29.62
CA ARG D 530 0.28 13.53 -30.37
C ARG D 530 1.33 13.80 -31.44
N ALA D 531 2.61 13.73 -31.06
CA ALA D 531 3.68 13.98 -32.01
C ALA D 531 3.67 12.94 -33.12
N LYS D 532 3.64 11.65 -32.75
CA LYS D 532 3.75 10.61 -33.77
C LYS D 532 2.56 10.63 -34.71
N CYS D 533 1.41 11.13 -34.26
CA CYS D 533 0.29 11.27 -35.18
C CYS D 533 0.45 12.52 -36.04
N GLU D 534 0.47 13.71 -35.41
CA GLU D 534 0.46 14.95 -36.17
C GLU D 534 1.67 15.11 -37.10
N ASN D 535 2.75 14.37 -36.87
CA ASN D 535 3.88 14.49 -37.80
C ASN D 535 3.51 13.92 -39.17
N VAL D 536 2.74 12.85 -39.21
CA VAL D 536 2.45 12.14 -40.44
C VAL D 536 1.04 12.44 -40.97
N LEU D 537 0.07 12.61 -40.06
CA LEU D 537 -1.33 12.68 -40.47
C LEU D 537 -1.67 13.82 -41.43
N PRO D 538 -1.26 15.07 -41.19
CA PRO D 538 -1.73 16.15 -42.09
C PRO D 538 -1.39 15.91 -43.54
N TYR D 539 -0.21 15.38 -43.83
CA TYR D 539 0.13 14.97 -45.19
C TYR D 539 -0.37 13.57 -45.53
N ALA D 540 -0.93 12.85 -44.56
CA ALA D 540 -1.43 11.50 -44.82
C ALA D 540 -2.73 11.55 -45.62
N SER D 541 -2.88 10.63 -46.57
CA SER D 541 -4.10 10.51 -47.34
C SER D 541 -5.11 9.85 -46.38
N PRO D 542 -6.42 9.61 -46.74
CA PRO D 542 -7.34 8.99 -45.76
C PRO D 542 -6.73 7.81 -45.00
N ALA D 543 -6.56 7.96 -43.69
CA ALA D 543 -5.73 7.07 -42.90
C ALA D 543 -6.52 6.50 -41.73
N VAL D 544 -6.29 5.21 -41.46
CA VAL D 544 -6.74 4.57 -40.23
C VAL D 544 -5.62 4.63 -39.20
N ILE D 545 -5.94 5.16 -38.03
CA ILE D 545 -5.03 5.22 -36.89
C ILE D 545 -5.39 4.08 -35.92
N PHE D 546 -4.47 3.13 -35.79
CA PHE D 546 -4.72 1.85 -35.14
C PHE D 546 -4.06 1.83 -33.77
N LEU D 547 -4.87 1.66 -32.73
CA LEU D 547 -4.44 1.65 -31.33
C LEU D 547 -4.47 0.21 -30.83
N ALA D 548 -3.35 -0.48 -30.96
CA ALA D 548 -3.24 -1.85 -30.48
C ALA D 548 -3.19 -1.88 -28.96
N HIS D 549 -3.99 -2.78 -28.38
CA HIS D 549 -4.06 -3.00 -26.93
C HIS D 549 -4.28 -1.68 -26.18
N LEU D 550 -5.24 -0.89 -26.68
CA LEU D 550 -5.62 0.38 -26.06
C LEU D 550 -5.95 0.22 -24.58
N ASP D 551 -6.44 -0.96 -24.18
CA ASP D 551 -6.80 -1.22 -22.79
C ASP D 551 -5.66 -0.88 -21.82
N SER D 552 -4.41 -1.07 -22.23
CA SER D 552 -3.29 -0.77 -21.35
C SER D 552 -3.38 0.66 -20.80
N ILE D 553 -3.56 1.63 -21.69
CA ILE D 553 -3.70 3.02 -21.30
C ILE D 553 -5.02 3.21 -20.56
N LEU D 554 -6.13 3.02 -21.26
CA LEU D 554 -7.46 3.30 -20.72
C LEU D 554 -7.87 2.34 -19.61
N LEU D 555 -7.13 2.37 -18.50
CA LEU D 555 -7.51 1.61 -17.32
C LEU D 555 -8.87 2.07 -16.79
N ASP D 556 -9.63 1.13 -16.24
CA ASP D 556 -10.89 1.47 -15.59
C ASP D 556 -10.65 2.16 -14.25
N VAL D 557 -11.69 2.84 -13.76
CA VAL D 557 -11.67 3.42 -12.43
C VAL D 557 -11.38 2.37 -11.38
N ASN D 558 -10.46 2.69 -10.47
CA ASN D 558 -10.04 1.79 -9.40
C ASN D 558 -10.71 2.22 -8.09
N ALA D 559 -11.46 1.30 -7.49
CA ALA D 559 -12.15 1.54 -6.22
C ALA D 559 -11.26 1.35 -5.01
N ASN D 560 -10.09 0.75 -5.16
CA ASN D 560 -9.21 0.37 -4.06
C ASN D 560 -7.80 0.91 -4.27
N GLN D 561 -7.70 2.16 -4.74
CA GLN D 561 -6.43 2.78 -5.07
C GLN D 561 -6.38 4.18 -4.48
N ASP D 562 -5.16 4.68 -4.28
CA ASP D 562 -4.96 6.00 -3.70
C ASP D 562 -5.61 7.08 -4.57
N PRO D 563 -6.19 8.12 -3.95
CA PRO D 563 -6.90 9.14 -4.73
C PRO D 563 -6.07 9.81 -5.81
N GLU D 564 -4.78 10.05 -5.57
CA GLU D 564 -3.95 10.72 -6.56
C GLU D 564 -3.81 9.87 -7.83
N ALA D 565 -3.61 8.55 -7.65
CA ALA D 565 -3.53 7.67 -8.80
C ALA D 565 -4.85 7.66 -9.57
N ILE D 566 -5.96 7.61 -8.86
CA ILE D 566 -7.27 7.61 -9.51
C ILE D 566 -7.47 8.90 -10.31
N LYS D 567 -7.08 10.03 -9.73
CA LYS D 567 -7.26 11.31 -10.42
C LYS D 567 -6.39 11.39 -11.67
N LEU D 568 -5.11 11.02 -11.55
CA LEU D 568 -4.25 11.09 -12.73
C LEU D 568 -4.69 10.10 -13.79
N GLN D 569 -5.34 8.99 -13.41
CA GLN D 569 -5.89 8.09 -14.41
C GLN D 569 -7.12 8.68 -15.08
N LYS D 570 -8.03 9.26 -14.31
CA LYS D 570 -9.18 9.96 -14.88
C LYS D 570 -8.74 11.03 -15.86
N SER D 571 -7.61 11.69 -15.58
CA SER D 571 -7.08 12.71 -16.48
C SER D 571 -6.88 12.17 -17.90
N ILE D 572 -6.14 11.06 -18.01
CA ILE D 572 -5.93 10.48 -19.34
C ILE D 572 -7.22 9.91 -19.89
N ASN D 573 -8.06 9.33 -19.03
CA ASN D 573 -9.34 8.78 -19.49
C ASN D 573 -10.15 9.85 -20.24
N PHE D 574 -10.23 11.04 -19.66
CA PHE D 574 -10.94 12.15 -20.32
C PHE D 574 -10.18 12.66 -21.53
N GLU D 575 -8.86 12.85 -21.40
CA GLU D 575 -8.12 13.48 -22.48
C GLU D 575 -8.09 12.59 -23.71
N MET D 576 -8.16 11.27 -23.54
CA MET D 576 -8.20 10.39 -24.71
C MET D 576 -9.47 10.64 -25.52
N SER D 577 -10.61 10.80 -24.84
CA SER D 577 -11.84 11.20 -25.51
C SER D 577 -11.66 12.52 -26.23
N LYS D 578 -11.07 13.51 -25.54
CA LYS D 578 -10.85 14.81 -26.16
C LYS D 578 -9.97 14.70 -27.40
N LEU D 579 -8.91 13.89 -27.32
CA LEU D 579 -8.01 13.68 -28.45
C LEU D 579 -8.75 13.02 -29.61
N LEU D 580 -9.57 12.02 -29.32
CA LEU D 580 -10.35 11.39 -30.38
C LEU D 580 -11.24 12.41 -31.06
N ASP D 581 -11.92 13.25 -30.28
CA ASP D 581 -12.75 14.31 -30.82
C ASP D 581 -11.96 15.23 -31.75
N ASP D 582 -10.83 15.75 -31.26
CA ASP D 582 -10.09 16.76 -32.02
C ASP D 582 -9.51 16.17 -33.29
N PHE D 583 -8.97 14.94 -33.24
CA PHE D 583 -8.49 14.32 -34.47
C PHE D 583 -9.62 14.04 -35.46
N THR D 584 -10.76 13.54 -34.97
CA THR D 584 -11.89 13.32 -35.87
C THR D 584 -12.29 14.63 -36.55
N PHE D 585 -12.24 15.74 -35.81
CA PHE D 585 -12.58 17.03 -36.38
C PHE D 585 -11.54 17.48 -37.42
N LYS D 586 -10.26 17.34 -37.10
CA LYS D 586 -9.21 18.07 -37.81
C LYS D 586 -9.18 17.71 -39.29
N PHE D 587 -9.12 16.43 -39.63
CA PHE D 587 -9.04 16.08 -41.03
C PHE D 587 -10.14 15.10 -41.40
N PRO D 588 -10.59 15.14 -42.66
CA PRO D 588 -11.49 14.10 -43.17
C PRO D 588 -10.77 12.77 -43.35
N GLY D 589 -11.56 11.69 -43.29
CA GLY D 589 -11.06 10.35 -43.47
C GLY D 589 -10.40 9.71 -42.26
N THR D 590 -9.92 10.51 -41.31
CA THR D 590 -9.30 9.97 -40.10
C THR D 590 -10.21 8.96 -39.43
N THR D 591 -9.79 7.69 -39.39
CA THR D 591 -10.60 6.60 -38.86
C THR D 591 -9.87 5.99 -37.67
N PHE D 592 -10.44 6.17 -36.48
CA PHE D 592 -9.87 5.63 -35.25
C PHE D 592 -10.30 4.18 -35.11
N VAL D 593 -9.35 3.26 -35.19
CA VAL D 593 -9.62 1.82 -35.09
C VAL D 593 -8.80 1.32 -33.89
N GLY D 594 -9.44 1.28 -32.73
CA GLY D 594 -8.82 0.70 -31.56
C GLY D 594 -9.14 -0.78 -31.39
N SER D 595 -8.31 -1.45 -30.59
CA SER D 595 -8.51 -2.86 -30.28
C SER D 595 -8.32 -3.08 -28.79
N VAL D 596 -9.09 -4.01 -28.25
CA VAL D 596 -9.02 -4.41 -26.84
C VAL D 596 -9.14 -5.93 -26.76
N ASN D 597 -8.84 -6.47 -25.58
CA ASN D 597 -8.94 -7.89 -25.33
C ASN D 597 -10.01 -8.24 -24.31
N ASN D 598 -10.71 -7.25 -23.76
CA ASN D 598 -11.84 -7.50 -22.86
C ASN D 598 -12.64 -6.21 -22.76
N ILE D 599 -13.82 -6.19 -23.41
CA ILE D 599 -14.63 -4.99 -23.52
C ILE D 599 -15.00 -4.45 -22.15
N ASP D 600 -15.28 -5.34 -21.19
CA ASP D 600 -15.77 -4.92 -19.87
C ASP D 600 -14.84 -3.94 -19.17
N ASN D 601 -13.55 -3.93 -19.52
CA ASN D 601 -12.60 -3.08 -18.83
C ASN D 601 -12.60 -1.64 -19.35
N VAL D 602 -13.02 -1.44 -20.60
CA VAL D 602 -13.03 -0.09 -21.19
C VAL D 602 -13.96 0.81 -20.37
N PRO D 603 -13.54 2.03 -20.04
CA PRO D 603 -14.41 2.94 -19.30
C PRO D 603 -15.64 3.37 -20.09
N SER D 604 -16.70 3.70 -19.34
CA SER D 604 -17.94 4.19 -19.94
C SER D 604 -17.71 5.40 -20.82
N SER D 605 -16.93 6.37 -20.32
CA SER D 605 -16.63 7.59 -21.07
C SER D 605 -16.12 7.32 -22.47
N PHE D 606 -15.63 6.11 -22.73
CA PHE D 606 -15.16 5.69 -24.04
C PHE D 606 -16.02 4.58 -24.63
N ARG D 607 -16.57 3.70 -23.78
CA ARG D 607 -17.44 2.61 -24.25
C ARG D 607 -18.66 3.14 -24.98
N SER D 608 -19.28 4.20 -24.46
CA SER D 608 -20.49 4.73 -25.09
C SER D 608 -20.16 5.54 -26.34
N HIS D 609 -19.25 6.51 -26.22
CA HIS D 609 -18.92 7.40 -27.33
C HIS D 609 -18.50 6.66 -28.59
N MET D 610 -17.84 5.51 -28.45
CA MET D 610 -17.46 4.72 -29.62
C MET D 610 -18.68 4.21 -30.38
N ARG D 611 -18.57 4.23 -31.71
CA ARG D 611 -19.67 3.86 -32.60
C ARG D 611 -19.84 2.34 -32.74
N PHE D 612 -18.90 1.69 -33.43
CA PHE D 612 -19.01 0.30 -33.85
C PHE D 612 -18.18 -0.63 -32.98
N GLU D 613 -18.81 -1.69 -32.49
CA GLU D 613 -18.15 -2.79 -31.80
C GLU D 613 -18.29 -4.06 -32.61
N ILE D 614 -17.16 -4.72 -32.89
CA ILE D 614 -17.11 -5.94 -33.68
C ILE D 614 -16.57 -7.05 -32.79
N LEU D 615 -17.35 -8.12 -32.65
CA LEU D 615 -16.92 -9.31 -31.94
C LEU D 615 -16.21 -10.26 -32.89
N VAL D 616 -14.92 -10.49 -32.63
CA VAL D 616 -14.08 -11.38 -33.44
C VAL D 616 -14.05 -12.75 -32.77
N PRO D 617 -14.67 -13.76 -33.35
CA PRO D 617 -14.76 -15.07 -32.71
C PRO D 617 -13.56 -15.97 -33.02
N VAL D 618 -13.40 -16.98 -32.18
CA VAL D 618 -12.52 -18.12 -32.50
C VAL D 618 -12.96 -18.74 -33.83
N PRO D 619 -12.06 -18.91 -34.79
CA PRO D 619 -12.48 -19.37 -36.12
C PRO D 619 -13.23 -20.68 -36.11
N SER D 620 -14.26 -20.77 -36.96
CA SER D 620 -15.10 -21.94 -37.13
C SER D 620 -14.50 -22.94 -38.13
N GLU D 621 -15.24 -24.02 -38.35
CA GLU D 621 -14.84 -25.08 -39.28
C GLU D 621 -14.52 -24.53 -40.67
N ALA D 622 -15.44 -23.75 -41.25
CA ALA D 622 -15.24 -23.25 -42.62
C ALA D 622 -13.97 -22.43 -42.76
N GLN D 623 -13.50 -21.83 -41.67
CA GLN D 623 -12.38 -20.88 -41.70
C GLN D 623 -11.03 -21.56 -41.50
N ARG D 624 -10.89 -22.34 -40.44
CA ARG D 624 -9.60 -23.00 -40.18
C ARG D 624 -9.14 -23.83 -41.37
N LEU D 625 -10.07 -24.39 -42.15
CA LEU D 625 -9.70 -25.07 -43.39
C LEU D 625 -8.93 -24.14 -44.34
N ARG D 626 -9.48 -22.95 -44.59
CA ARG D 626 -8.76 -21.94 -45.36
C ARG D 626 -7.42 -21.58 -44.73
N ILE D 627 -7.39 -21.43 -43.41
CA ILE D 627 -6.14 -21.07 -42.73
C ILE D 627 -5.08 -22.14 -42.99
N PHE D 628 -5.45 -23.41 -42.86
CA PHE D 628 -4.56 -24.52 -43.20
C PHE D 628 -4.09 -24.41 -44.65
N GLN D 629 -5.04 -24.34 -45.58
CA GLN D 629 -4.69 -24.23 -47.01
C GLN D 629 -3.71 -23.09 -47.25
N TRP D 630 -3.82 -22.00 -46.50
CA TRP D 630 -2.85 -20.92 -46.59
C TRP D 630 -1.49 -21.34 -46.08
N TYR D 631 -1.40 -21.71 -44.80
CA TYR D 631 -0.09 -21.95 -44.20
C TYR D 631 0.66 -23.15 -44.76
N LEU D 632 0.02 -24.01 -45.56
CA LEU D 632 0.74 -25.08 -46.24
C LEU D 632 1.05 -24.76 -47.69
N SER D 633 0.64 -23.58 -48.18
CA SER D 633 0.95 -23.18 -49.54
C SER D 633 2.46 -23.05 -49.75
N SER D 634 2.89 -23.31 -50.99
CA SER D 634 4.30 -23.29 -51.37
C SER D 634 4.99 -21.98 -51.03
N HIS D 635 4.42 -20.84 -51.43
CA HIS D 635 5.07 -19.54 -51.26
C HIS D 635 5.20 -19.07 -49.82
N GLU D 636 4.77 -19.87 -48.84
CA GLU D 636 4.78 -19.48 -47.44
C GLU D 636 5.62 -20.39 -46.55
N LEU D 637 5.89 -21.61 -47.00
CA LEU D 637 6.78 -22.54 -46.30
C LEU D 637 8.22 -22.39 -46.76
N ASN D 638 8.43 -22.10 -48.04
CA ASN D 638 9.77 -21.90 -48.57
C ASN D 638 10.39 -20.58 -48.11
N ARG D 639 9.55 -19.64 -47.66
CA ARG D 639 10.01 -18.28 -47.42
C ARG D 639 11.11 -18.23 -46.36
N ASP D 640 10.94 -18.97 -45.26
CA ASP D 640 11.78 -18.81 -44.09
C ASP D 640 13.13 -19.51 -44.20
N VAL D 641 13.46 -20.11 -45.35
CA VAL D 641 14.43 -21.20 -45.41
C VAL D 641 15.26 -20.99 -46.67
N GLN D 642 16.54 -20.66 -46.49
CA GLN D 642 17.49 -20.56 -47.60
C GLN D 642 18.13 -21.90 -47.95
N GLN D 643 17.79 -22.97 -47.25
CA GLN D 643 18.32 -24.29 -47.58
C GLN D 643 17.93 -24.71 -48.99
N LYS D 644 18.80 -25.50 -49.62
CA LYS D 644 18.67 -25.78 -51.05
C LYS D 644 17.37 -26.51 -51.34
N VAL D 645 17.08 -27.56 -50.57
CA VAL D 645 15.94 -28.44 -50.83
C VAL D 645 14.66 -27.70 -50.50
N PRO D 646 13.73 -27.57 -51.44
CA PRO D 646 12.41 -27.00 -51.12
C PRO D 646 11.55 -27.97 -50.31
N VAL D 647 10.50 -27.41 -49.74
CA VAL D 647 9.55 -28.12 -48.89
C VAL D 647 8.20 -28.17 -49.59
N SER D 648 7.44 -29.23 -49.32
CA SER D 648 6.11 -29.39 -49.90
C SER D 648 5.40 -30.52 -49.16
N TYR D 649 4.17 -30.82 -49.60
CA TYR D 649 3.33 -31.80 -48.95
C TYR D 649 2.67 -32.77 -49.93
N MET D 650 2.55 -34.03 -49.51
CA MET D 650 1.75 -35.00 -50.24
C MET D 650 0.30 -34.53 -50.33
N ASP D 651 -0.22 -34.46 -51.56
CA ASP D 651 -1.56 -33.94 -51.81
C ASP D 651 -2.67 -34.78 -51.23
N ASN D 652 -2.41 -36.01 -50.79
CA ASN D 652 -3.49 -36.87 -50.32
C ASN D 652 -4.04 -36.47 -48.96
N ILE D 653 -3.39 -35.53 -48.26
CA ILE D 653 -3.91 -35.09 -46.96
C ILE D 653 -5.23 -34.37 -47.19
N SER D 654 -6.21 -34.63 -46.32
CA SER D 654 -7.52 -33.99 -46.41
C SER D 654 -7.58 -32.83 -45.43
N PHE D 655 -7.56 -31.61 -45.96
CA PHE D 655 -7.72 -30.41 -45.15
C PHE D 655 -8.92 -30.51 -44.22
N SER D 656 -10.02 -31.10 -44.70
CA SER D 656 -11.23 -31.19 -43.89
C SER D 656 -10.99 -32.01 -42.63
N SER D 657 -10.26 -33.12 -42.74
CA SER D 657 -9.96 -33.93 -41.57
C SER D 657 -9.15 -33.14 -40.55
N LEU D 658 -8.15 -32.40 -41.02
CA LEU D 658 -7.37 -31.52 -40.15
C LEU D 658 -8.27 -30.53 -39.43
N SER D 659 -9.09 -29.79 -40.19
CA SER D 659 -10.05 -28.85 -39.62
C SER D 659 -10.90 -29.49 -38.54
N SER D 660 -11.40 -30.70 -38.82
CA SER D 660 -12.12 -31.46 -37.79
C SER D 660 -11.26 -31.66 -36.55
N TYR D 661 -10.01 -32.09 -36.74
CA TYR D 661 -9.12 -32.28 -35.60
C TYR D 661 -8.83 -30.97 -34.88
N SER D 662 -8.70 -29.87 -35.63
CA SER D 662 -8.18 -28.61 -35.11
C SER D 662 -9.27 -27.75 -34.47
N ALA D 663 -10.38 -28.34 -34.08
CA ALA D 663 -11.44 -27.61 -33.39
C ALA D 663 -10.92 -26.95 -32.12
N GLY D 664 -11.24 -25.67 -31.94
CA GLY D 664 -10.84 -24.93 -30.76
C GLY D 664 -9.48 -24.28 -30.83
N LEU D 665 -8.77 -24.38 -31.96
CA LEU D 665 -7.43 -23.84 -32.09
C LEU D 665 -7.47 -22.45 -32.73
N THR D 666 -6.67 -21.54 -32.19
CA THR D 666 -6.50 -20.21 -32.75
C THR D 666 -5.56 -20.25 -33.96
N PRO D 667 -5.61 -19.21 -34.80
CA PRO D 667 -4.68 -19.18 -35.96
C PRO D 667 -3.22 -19.31 -35.58
N LEU D 668 -2.80 -18.71 -34.47
CA LEU D 668 -1.41 -18.86 -34.04
C LEU D 668 -1.12 -20.32 -33.73
N ASP D 669 -2.08 -21.02 -33.12
CA ASP D 669 -1.96 -22.46 -32.90
C ASP D 669 -1.75 -23.19 -34.21
N ILE D 670 -2.51 -22.81 -35.25
CA ILE D 670 -2.36 -23.43 -36.57
C ILE D 670 -0.96 -23.21 -37.13
N LYS D 671 -0.46 -21.98 -37.06
CA LYS D 671 0.91 -21.74 -37.52
C LYS D 671 1.90 -22.58 -36.71
N SER D 672 1.68 -22.69 -35.40
CA SER D 672 2.54 -23.51 -34.55
C SER D 672 2.54 -24.96 -35.00
N ILE D 673 1.36 -25.55 -35.22
CA ILE D 673 1.26 -26.93 -35.66
C ILE D 673 1.98 -27.11 -37.00
N VAL D 674 1.73 -26.20 -37.95
CA VAL D 674 2.40 -26.28 -39.25
C VAL D 674 3.92 -26.29 -39.09
N GLU D 675 4.46 -25.34 -38.32
CA GLU D 675 5.90 -25.26 -38.14
C GLU D 675 6.46 -26.48 -37.40
N THR D 676 5.74 -27.01 -36.40
CA THR D 676 6.16 -28.27 -35.77
C THR D 676 6.19 -29.42 -36.78
N ALA D 677 5.18 -29.52 -37.63
CA ALA D 677 5.21 -30.50 -38.71
C ALA D 677 6.46 -30.32 -39.58
N ARG D 678 6.79 -29.09 -39.93
CA ARG D 678 8.00 -28.84 -40.71
C ARG D 678 9.26 -29.27 -39.96
N MET D 679 9.32 -29.02 -38.65
CA MET D 679 10.32 -29.66 -37.79
C MET D 679 10.43 -31.16 -38.06
N THR D 680 9.34 -31.87 -37.81
CA THR D 680 9.35 -33.33 -37.92
C THR D 680 9.84 -33.77 -39.29
N ALA D 681 9.28 -33.18 -40.35
CA ALA D 681 9.70 -33.52 -41.71
C ALA D 681 11.20 -33.31 -41.92
N THR D 682 11.70 -32.11 -41.61
CA THR D 682 13.12 -31.80 -41.80
C THR D 682 14.02 -32.74 -41.02
N ALA D 683 13.71 -32.95 -39.73
CA ALA D 683 14.50 -33.86 -38.90
C ALA D 683 14.51 -35.27 -39.46
N ARG D 684 13.33 -35.80 -39.81
CA ARG D 684 13.23 -37.09 -40.49
C ARG D 684 14.14 -37.16 -41.70
N PHE D 685 14.03 -36.18 -42.60
CA PHE D 685 14.85 -36.14 -43.79
C PHE D 685 16.35 -36.20 -43.47
N TYR D 686 16.82 -35.29 -42.62
CA TYR D 686 18.25 -35.21 -42.33
C TYR D 686 18.76 -36.47 -41.63
N GLN D 687 17.97 -37.03 -40.72
CA GLN D 687 18.33 -38.31 -40.10
C GLN D 687 18.43 -39.43 -41.15
N GLU D 688 17.47 -39.50 -42.06
CA GLU D 688 17.45 -40.59 -43.03
C GLU D 688 18.49 -40.43 -44.12
N SER D 689 18.89 -39.19 -44.43
CA SER D 689 19.76 -38.93 -45.58
C SER D 689 21.10 -39.65 -45.49
N LYS D 690 21.53 -40.04 -44.29
CA LYS D 690 22.83 -40.68 -44.14
C LYS D 690 22.89 -42.04 -44.84
N LYS D 691 21.74 -42.62 -45.18
CA LYS D 691 21.73 -43.89 -45.90
C LYS D 691 22.30 -43.71 -47.31
N CYS D 692 22.36 -44.81 -48.06
CA CYS D 692 22.97 -44.81 -49.39
C CYS D 692 22.44 -43.66 -50.25
N GLY D 693 21.15 -43.68 -50.56
CA GLY D 693 20.51 -42.53 -51.16
C GLY D 693 19.12 -42.78 -51.71
N TRP D 694 18.19 -41.88 -51.39
CA TRP D 694 16.83 -41.84 -51.95
C TRP D 694 16.13 -40.62 -51.34
N LEU D 695 14.96 -40.31 -51.89
CA LEU D 695 14.17 -39.14 -51.54
C LEU D 695 14.96 -37.82 -51.61
N PRO D 696 15.80 -37.59 -52.62
CA PRO D 696 16.58 -36.34 -52.62
C PRO D 696 15.80 -35.12 -53.10
N GLN D 697 14.70 -35.31 -53.81
CA GLN D 697 14.04 -34.20 -54.50
C GLN D 697 13.52 -33.15 -53.52
N SER D 698 12.90 -33.57 -52.43
CA SER D 698 12.27 -32.62 -51.52
C SER D 698 11.96 -33.28 -50.18
N ILE D 699 11.77 -32.44 -49.16
CA ILE D 699 11.39 -32.87 -47.82
C ILE D 699 9.90 -32.60 -47.61
N LEU D 700 9.13 -33.65 -47.29
CA LEU D 700 7.69 -33.66 -47.52
C LEU D 700 6.96 -33.84 -46.20
N ILE D 701 5.98 -32.95 -45.96
CA ILE D 701 5.00 -33.17 -44.91
C ILE D 701 4.17 -34.40 -45.23
N THR D 702 3.77 -35.12 -44.18
CA THR D 702 2.97 -36.33 -44.28
C THR D 702 1.88 -36.29 -43.22
N GLN D 703 0.77 -36.96 -43.53
CA GLN D 703 -0.42 -36.90 -42.67
C GLN D 703 -0.13 -37.37 -41.25
N GLU D 704 0.63 -38.45 -41.09
CA GLU D 704 0.90 -38.95 -39.75
C GLU D 704 1.64 -37.91 -38.90
N ASP D 705 2.62 -37.22 -39.49
CA ASP D 705 3.33 -36.16 -38.79
C ASP D 705 2.39 -35.05 -38.34
N LEU D 706 1.52 -34.61 -39.26
CA LEU D 706 0.52 -33.60 -38.92
C LEU D 706 -0.39 -34.04 -37.80
N SER D 707 -0.87 -35.29 -37.83
CA SER D 707 -1.72 -35.78 -36.75
C SER D 707 -0.97 -35.82 -35.42
N LYS D 708 0.29 -36.29 -35.43
CA LYS D 708 1.11 -36.26 -34.22
C LYS D 708 1.24 -34.84 -33.68
N ALA D 709 1.52 -33.89 -34.58
CA ALA D 709 1.58 -32.47 -34.22
C ALA D 709 0.29 -32.00 -33.59
N THR D 710 -0.85 -32.35 -34.19
CA THR D 710 -2.14 -32.02 -33.60
C THR D 710 -2.27 -32.57 -32.19
N SER D 711 -1.92 -33.84 -32.00
CA SER D 711 -1.95 -34.44 -30.67
C SER D 711 -1.10 -33.65 -29.68
N LYS D 712 0.11 -33.27 -30.08
CA LYS D 712 0.96 -32.42 -29.26
C LYS D 712 0.27 -31.10 -28.91
N ALA D 713 -0.12 -30.34 -29.93
CA ALA D 713 -0.65 -28.99 -29.71
C ALA D 713 -1.91 -29.03 -28.85
N ARG D 714 -2.76 -30.04 -29.07
CA ARG D 714 -3.96 -30.21 -28.26
C ARG D 714 -3.61 -30.24 -26.79
N ASN D 715 -2.75 -31.18 -26.40
CA ASN D 715 -2.39 -31.35 -24.99
C ASN D 715 -1.68 -30.12 -24.45
N GLU D 716 -0.80 -29.49 -25.25
CA GLU D 716 -0.13 -28.28 -24.78
C GLU D 716 -1.12 -27.15 -24.49
N PHE D 717 -2.10 -26.94 -25.37
CA PHE D 717 -3.18 -26.00 -25.08
C PHE D 717 -3.95 -26.43 -23.85
N SER D 718 -4.27 -27.72 -23.75
CA SER D 718 -5.07 -28.20 -22.62
C SER D 718 -4.35 -27.95 -21.30
N VAL D 719 -3.02 -28.10 -21.31
CA VAL D 719 -2.19 -27.71 -20.18
C VAL D 719 -2.31 -26.21 -19.92
N SER D 720 -2.40 -25.41 -20.98
CA SER D 720 -2.59 -23.97 -20.78
C SER D 720 -3.89 -23.63 -20.09
N ILE D 721 -4.94 -24.43 -20.27
CA ILE D 721 -6.20 -24.19 -19.59
C ILE D 721 -6.38 -25.08 -18.36
N GLY D 722 -5.30 -25.73 -17.91
CA GLY D 722 -5.27 -26.43 -16.64
C GLY D 722 -5.99 -27.75 -16.63
N ALA D 723 -6.24 -28.35 -17.79
CA ALA D 723 -6.92 -29.63 -17.87
C ALA D 723 -6.02 -30.75 -17.34
N PRO D 724 -6.60 -31.86 -16.90
CA PRO D 724 -5.81 -33.07 -16.64
C PRO D 724 -5.19 -33.63 -17.91
N GLN D 725 -4.12 -34.41 -17.71
CA GLN D 725 -3.37 -35.07 -18.77
C GLN D 725 -3.97 -36.43 -19.05
N ILE D 726 -5.04 -36.43 -19.83
CA ILE D 726 -5.77 -37.68 -20.15
C ILE D 726 -4.83 -38.63 -20.88
N PRO D 727 -4.70 -39.88 -20.41
CA PRO D 727 -3.81 -40.83 -21.09
C PRO D 727 -4.40 -41.32 -22.41
N ASN D 728 -3.50 -41.74 -23.29
CA ASN D 728 -3.91 -42.26 -24.60
C ASN D 728 -4.67 -43.57 -24.45
N VAL D 729 -5.94 -43.54 -24.88
CA VAL D 729 -6.80 -44.71 -24.95
C VAL D 729 -7.65 -44.56 -26.22
N THR D 730 -7.93 -45.68 -26.88
CA THR D 730 -8.75 -45.66 -28.08
C THR D 730 -9.72 -46.83 -28.05
N TRP D 731 -10.61 -46.87 -29.05
CA TRP D 731 -11.65 -47.89 -29.11
C TRP D 731 -11.10 -49.30 -28.98
N ASP D 732 -9.86 -49.52 -29.45
CA ASP D 732 -9.25 -50.84 -29.37
C ASP D 732 -9.10 -51.30 -27.93
N ASP D 733 -9.00 -50.36 -26.99
CA ASP D 733 -8.79 -50.68 -25.58
C ASP D 733 -10.09 -50.97 -24.83
N ILE D 734 -11.23 -50.97 -25.52
CA ILE D 734 -12.50 -51.36 -24.92
C ILE D 734 -13.09 -52.52 -25.72
N GLY D 735 -13.82 -53.38 -25.03
CA GLY D 735 -14.44 -54.53 -25.66
C GLY D 735 -15.69 -54.93 -24.91
N GLY D 736 -16.38 -55.93 -25.46
CA GLY D 736 -17.66 -56.33 -24.90
C GLY D 736 -18.79 -55.36 -25.19
N ILE D 737 -18.62 -54.51 -26.20
CA ILE D 737 -19.45 -53.33 -26.38
C ILE D 737 -19.85 -53.23 -27.84
N ASP D 738 -21.15 -53.02 -28.09
CA ASP D 738 -21.63 -52.84 -29.46
C ASP D 738 -22.59 -51.65 -29.61
N PHE D 739 -23.66 -51.61 -28.80
CA PHE D 739 -24.71 -50.61 -28.98
C PHE D 739 -24.32 -49.25 -28.41
N VAL D 740 -23.69 -49.23 -27.24
CA VAL D 740 -23.30 -47.96 -26.62
C VAL D 740 -22.30 -47.19 -27.48
N LYS D 741 -21.41 -47.88 -28.19
CA LYS D 741 -20.63 -47.20 -29.23
C LYS D 741 -21.52 -46.42 -30.19
N GLY D 742 -22.53 -47.09 -30.75
CA GLY D 742 -23.46 -46.41 -31.64
C GLY D 742 -24.14 -45.22 -30.98
N GLU D 743 -24.55 -45.38 -29.73
CA GLU D 743 -25.16 -44.29 -28.98
C GLU D 743 -24.22 -43.09 -28.87
N ILE D 744 -23.00 -43.32 -28.39
CA ILE D 744 -22.04 -42.23 -28.23
C ILE D 744 -21.72 -41.57 -29.56
N LEU D 745 -21.65 -42.35 -30.64
CA LEU D 745 -21.46 -41.75 -31.96
C LEU D 745 -22.64 -40.86 -32.34
N ASP D 746 -23.86 -41.36 -32.17
CA ASP D 746 -25.05 -40.58 -32.48
C ASP D 746 -25.14 -39.30 -31.65
N THR D 747 -24.63 -39.32 -30.42
CA THR D 747 -24.65 -38.11 -29.59
C THR D 747 -23.53 -37.15 -29.97
N ILE D 748 -22.29 -37.60 -29.94
CA ILE D 748 -21.13 -36.73 -30.14
C ILE D 748 -20.75 -36.61 -31.61
N ASP D 749 -20.54 -37.74 -32.28
CA ASP D 749 -19.97 -37.72 -33.63
C ASP D 749 -20.90 -37.02 -34.62
N MET D 750 -22.15 -37.48 -34.71
CA MET D 750 -23.07 -37.01 -35.75
C MET D 750 -23.15 -35.50 -35.89
N PRO D 751 -23.39 -34.71 -34.83
CA PRO D 751 -23.37 -33.25 -35.02
C PRO D 751 -21.99 -32.67 -35.33
N LEU D 752 -20.91 -33.34 -34.92
CA LEU D 752 -19.56 -32.86 -35.21
C LEU D 752 -19.35 -32.68 -36.72
N LYS D 753 -19.69 -33.69 -37.50
CA LYS D 753 -19.61 -33.65 -38.95
C LYS D 753 -20.98 -33.35 -39.55
N HIS D 754 -20.98 -33.00 -40.84
CA HIS D 754 -22.21 -32.71 -41.57
C HIS D 754 -22.99 -31.59 -40.88
N PRO D 755 -22.38 -30.43 -40.65
CA PRO D 755 -23.08 -29.35 -39.92
C PRO D 755 -24.30 -28.82 -40.66
N GLU D 756 -24.43 -29.07 -41.96
CA GLU D 756 -25.54 -28.48 -42.72
C GLU D 756 -26.89 -28.96 -42.21
N LEU D 757 -26.93 -30.09 -41.52
CA LEU D 757 -28.21 -30.69 -41.14
C LEU D 757 -28.74 -30.04 -39.87
N PHE D 758 -27.95 -30.05 -38.80
CA PHE D 758 -28.31 -29.43 -37.53
C PHE D 758 -28.12 -27.91 -37.60
N THR D 759 -28.86 -27.30 -38.53
CA THR D 759 -28.66 -25.88 -38.83
C THR D 759 -29.06 -25.01 -37.65
N SER D 760 -30.17 -25.34 -36.98
CA SER D 760 -30.76 -24.52 -35.94
C SER D 760 -30.33 -24.95 -34.55
N GLY D 761 -29.45 -25.93 -34.44
CA GLY D 761 -29.06 -26.51 -33.15
C GLY D 761 -30.06 -27.46 -32.55
N MET D 762 -31.31 -27.03 -32.39
CA MET D 762 -32.41 -27.87 -31.94
C MET D 762 -32.18 -28.44 -30.54
N LYS D 763 -31.27 -27.86 -29.77
CA LYS D 763 -30.81 -28.42 -28.49
C LYS D 763 -30.50 -29.91 -28.63
N LYS D 764 -29.38 -30.19 -29.32
CA LYS D 764 -28.89 -31.55 -29.48
C LYS D 764 -28.80 -32.31 -28.16
N ARG D 765 -28.76 -33.65 -28.26
CA ARG D 765 -28.51 -34.54 -27.12
C ARG D 765 -27.41 -33.97 -26.23
N SER D 766 -27.64 -34.07 -24.90
CA SER D 766 -26.90 -33.26 -23.94
C SER D 766 -26.18 -34.07 -22.87
N GLY D 767 -26.82 -35.10 -22.31
CA GLY D 767 -26.27 -35.78 -21.15
C GLY D 767 -26.12 -37.28 -21.25
N ILE D 768 -24.88 -37.77 -21.10
CA ILE D 768 -24.60 -39.19 -21.08
C ILE D 768 -24.36 -39.62 -19.64
N LEU D 769 -25.16 -40.59 -19.17
CA LEU D 769 -25.10 -41.08 -17.80
C LEU D 769 -24.84 -42.58 -17.83
N PHE D 770 -23.62 -42.98 -17.45
CA PHE D 770 -23.27 -44.40 -17.37
C PHE D 770 -23.66 -44.94 -16.00
N TYR D 771 -24.83 -45.58 -15.94
CA TYR D 771 -25.28 -46.22 -14.71
C TYR D 771 -24.88 -47.69 -14.71
N GLY D 772 -25.62 -48.54 -13.98
CA GLY D 772 -25.36 -49.95 -13.96
C GLY D 772 -24.20 -50.36 -13.06
N PRO D 773 -23.78 -51.62 -13.17
CA PRO D 773 -22.91 -52.23 -12.15
C PRO D 773 -21.56 -51.54 -12.04
N PRO D 774 -20.83 -51.80 -10.96
CA PRO D 774 -19.55 -51.13 -10.72
C PRO D 774 -18.39 -51.76 -11.48
N GLY D 775 -17.35 -50.95 -11.67
CA GLY D 775 -16.09 -51.43 -12.22
C GLY D 775 -16.16 -52.07 -13.59
N THR D 776 -16.76 -51.38 -14.55
CA THR D 776 -17.12 -51.97 -15.84
C THR D 776 -16.71 -51.07 -16.99
N GLY D 777 -15.66 -50.27 -16.81
CA GLY D 777 -15.12 -49.48 -17.90
C GLY D 777 -15.76 -48.13 -18.11
N LYS D 778 -16.41 -47.57 -17.09
CA LYS D 778 -17.00 -46.25 -17.21
C LYS D 778 -15.93 -45.17 -17.31
N THR D 779 -15.03 -45.09 -16.31
CA THR D 779 -13.92 -44.15 -16.40
C THR D 779 -13.04 -44.41 -17.62
N LEU D 780 -12.92 -45.69 -18.01
CA LEU D 780 -12.27 -46.01 -19.28
C LEU D 780 -13.02 -45.43 -20.45
N MET D 781 -14.34 -45.64 -20.51
CA MET D 781 -15.13 -45.08 -21.59
C MET D 781 -14.94 -43.56 -21.69
N ALA D 782 -14.93 -42.88 -20.54
CA ALA D 782 -14.78 -41.44 -20.51
C ALA D 782 -13.41 -41.00 -21.05
N LYS D 783 -12.33 -41.60 -20.53
CA LYS D 783 -11.00 -41.24 -21.04
C LYS D 783 -10.81 -41.63 -22.51
N ALA D 784 -11.52 -42.66 -22.97
CA ALA D 784 -11.52 -43.00 -24.39
C ALA D 784 -12.19 -41.91 -25.22
N ILE D 785 -13.41 -41.52 -24.85
CA ILE D 785 -14.09 -40.45 -25.56
C ILE D 785 -13.24 -39.19 -25.57
N ALA D 786 -12.66 -38.84 -24.42
CA ALA D 786 -11.75 -37.69 -24.34
C ALA D 786 -10.60 -37.79 -25.35
N THR D 787 -9.92 -38.93 -25.39
CA THR D 787 -8.76 -39.08 -26.27
C THR D 787 -9.14 -39.11 -27.75
N ASN D 788 -10.31 -39.68 -28.08
CA ASN D 788 -10.61 -40.02 -29.47
C ASN D 788 -11.30 -38.90 -30.24
N PHE D 789 -12.19 -38.14 -29.61
CA PHE D 789 -13.04 -37.20 -30.34
C PHE D 789 -12.44 -35.81 -30.49
N SER D 790 -11.22 -35.59 -29.97
CA SER D 790 -10.53 -34.31 -30.11
C SER D 790 -11.27 -33.18 -29.40
N LEU D 791 -11.60 -33.43 -28.14
CA LEU D 791 -12.27 -32.48 -27.27
C LEU D 791 -11.42 -32.24 -26.04
N ASN D 792 -11.30 -30.99 -25.61
CA ASN D 792 -10.74 -30.72 -24.30
C ASN D 792 -11.55 -31.43 -23.23
N PHE D 793 -10.85 -31.84 -22.17
CA PHE D 793 -11.46 -32.61 -21.10
C PHE D 793 -11.25 -31.94 -19.74
N PHE D 794 -12.35 -31.71 -19.04
CA PHE D 794 -12.36 -31.20 -17.67
C PHE D 794 -13.08 -32.22 -16.80
N SER D 795 -12.58 -32.42 -15.58
CA SER D 795 -13.18 -33.41 -14.69
C SER D 795 -13.41 -32.83 -13.30
N VAL D 796 -14.58 -33.15 -12.76
CA VAL D 796 -14.91 -32.90 -11.36
C VAL D 796 -14.76 -34.22 -10.59
N LYS D 797 -13.75 -34.28 -9.73
CA LYS D 797 -13.37 -35.52 -9.05
C LYS D 797 -14.19 -35.66 -7.77
N GLY D 798 -15.36 -36.28 -7.91
CA GLY D 798 -16.26 -36.56 -6.81
C GLY D 798 -16.72 -35.36 -6.00
N PRO D 799 -16.88 -35.54 -4.69
CA PRO D 799 -17.33 -34.43 -3.84
C PRO D 799 -16.31 -33.34 -3.58
N GLU D 800 -15.20 -33.34 -4.32
CA GLU D 800 -14.22 -32.26 -4.30
C GLU D 800 -14.89 -30.88 -4.29
N LEU D 801 -16.05 -30.77 -4.95
CA LEU D 801 -16.71 -29.48 -5.16
C LEU D 801 -17.12 -28.82 -3.84
N LEU D 802 -17.34 -29.61 -2.79
CA LEU D 802 -17.73 -29.03 -1.51
C LEU D 802 -16.59 -28.21 -0.91
N ASN D 803 -16.89 -27.50 0.16
CA ASN D 803 -15.92 -26.64 0.82
C ASN D 803 -16.31 -26.49 2.29
N MET D 804 -15.59 -25.60 2.99
CA MET D 804 -15.77 -25.36 4.41
C MET D 804 -16.62 -24.12 4.73
N TYR D 805 -17.32 -23.57 3.74
CA TYR D 805 -18.07 -22.33 3.92
C TYR D 805 -19.41 -22.44 3.20
N ILE D 806 -20.29 -21.48 3.51
CA ILE D 806 -21.40 -21.17 2.62
C ILE D 806 -20.89 -20.63 1.29
N GLY D 807 -21.60 -20.97 0.21
CA GLY D 807 -21.47 -20.24 -1.04
C GLY D 807 -20.23 -20.54 -1.86
N GLU D 808 -19.11 -20.83 -1.19
CA GLU D 808 -17.85 -21.02 -1.90
C GLU D 808 -17.86 -22.29 -2.75
N SER D 809 -18.60 -23.31 -2.33
CA SER D 809 -18.80 -24.46 -3.22
C SER D 809 -19.61 -24.08 -4.47
N GLU D 810 -20.55 -23.14 -4.34
CA GLU D 810 -21.25 -22.67 -5.54
C GLU D 810 -20.31 -21.84 -6.40
N ALA D 811 -19.38 -21.12 -5.79
CA ALA D 811 -18.29 -20.50 -6.55
C ALA D 811 -17.49 -21.54 -7.31
N ASN D 812 -17.15 -22.64 -6.64
CA ASN D 812 -16.46 -23.77 -7.28
C ASN D 812 -17.20 -24.26 -8.52
N VAL D 813 -18.49 -24.55 -8.37
CA VAL D 813 -19.28 -25.05 -9.50
C VAL D 813 -19.37 -24.02 -10.62
N ARG D 814 -19.67 -22.78 -10.28
CA ARG D 814 -19.71 -21.76 -11.33
C ARG D 814 -18.35 -21.58 -11.99
N ARG D 815 -17.26 -21.74 -11.24
CA ARG D 815 -15.93 -21.52 -11.82
C ARG D 815 -15.53 -22.67 -12.75
N VAL D 816 -15.81 -23.91 -12.35
CA VAL D 816 -15.57 -25.04 -13.25
C VAL D 816 -16.37 -24.88 -14.54
N PHE D 817 -17.67 -24.57 -14.43
CA PHE D 817 -18.45 -24.44 -15.66
C PHE D 817 -18.01 -23.23 -16.49
N GLN D 818 -17.63 -22.13 -15.83
CA GLN D 818 -17.08 -20.99 -16.55
C GLN D 818 -15.84 -21.37 -17.34
N LYS D 819 -14.91 -22.09 -16.69
CA LYS D 819 -13.70 -22.53 -17.37
C LYS D 819 -14.02 -23.47 -18.51
N ALA D 820 -15.06 -24.30 -18.35
CA ALA D 820 -15.52 -25.12 -19.47
C ALA D 820 -15.99 -24.24 -20.61
N ARG D 821 -16.85 -23.26 -20.29
CA ARG D 821 -17.47 -22.41 -21.31
C ARG D 821 -16.45 -21.55 -22.04
N GLU D 822 -15.28 -21.30 -21.45
CA GLU D 822 -14.28 -20.49 -22.14
C GLU D 822 -13.33 -21.35 -22.95
N ALA D 823 -13.61 -22.65 -23.06
CA ALA D 823 -12.97 -23.55 -24.01
C ALA D 823 -14.06 -24.41 -24.67
N LYS D 824 -15.00 -23.73 -25.33
CA LYS D 824 -16.32 -24.20 -25.73
C LYS D 824 -16.35 -25.66 -26.14
N PRO D 825 -15.58 -26.11 -27.15
CA PRO D 825 -15.56 -27.56 -27.41
C PRO D 825 -14.89 -28.32 -26.27
N CYS D 826 -15.70 -28.95 -25.43
CA CYS D 826 -15.22 -29.45 -24.13
C CYS D 826 -16.16 -30.52 -23.62
N VAL D 827 -15.68 -31.25 -22.62
CA VAL D 827 -16.44 -32.28 -21.92
C VAL D 827 -16.26 -32.09 -20.42
N ILE D 828 -17.36 -32.19 -19.67
CA ILE D 828 -17.33 -32.13 -18.21
C ILE D 828 -17.71 -33.52 -17.70
N PHE D 829 -16.76 -34.18 -17.05
CA PHE D 829 -16.94 -35.55 -16.59
C PHE D 829 -17.19 -35.58 -15.08
N PHE D 830 -18.35 -36.10 -14.69
CA PHE D 830 -18.71 -36.27 -13.29
C PHE D 830 -18.52 -37.73 -12.93
N ASP D 831 -17.63 -38.01 -11.98
CA ASP D 831 -17.39 -39.37 -11.52
C ASP D 831 -17.82 -39.50 -10.07
N GLN D 832 -18.65 -40.52 -9.79
CA GLN D 832 -19.42 -40.63 -8.56
C GLN D 832 -20.33 -39.41 -8.39
N ILE D 833 -21.19 -39.20 -9.40
CA ILE D 833 -22.06 -38.04 -9.41
C ILE D 833 -23.09 -38.10 -8.29
N ASP D 834 -23.34 -39.29 -7.74
CA ASP D 834 -24.25 -39.42 -6.60
C ASP D 834 -23.76 -38.62 -5.39
N SER D 835 -22.45 -38.38 -5.30
CA SER D 835 -21.90 -37.60 -4.19
C SER D 835 -22.27 -36.13 -4.28
N VAL D 836 -22.26 -35.56 -5.48
CA VAL D 836 -22.43 -34.12 -5.63
C VAL D 836 -23.91 -33.73 -5.75
N ALA D 837 -24.73 -34.53 -6.41
CA ALA D 837 -26.14 -34.20 -6.66
C ALA D 837 -27.09 -35.21 -6.00
N PRO D 838 -26.99 -35.42 -4.69
CA PRO D 838 -27.91 -36.34 -4.02
C PRO D 838 -29.35 -35.88 -4.09
N LYS D 839 -30.26 -36.83 -3.85
CA LYS D 839 -31.69 -36.57 -3.88
C LYS D 839 -32.06 -35.49 -2.86
N ARG D 840 -32.80 -34.48 -3.32
CA ARG D 840 -33.19 -33.37 -2.46
C ARG D 840 -34.28 -33.79 -1.49
N GLY D 841 -34.34 -33.05 -0.38
CA GLY D 841 -35.38 -33.26 0.63
C GLY D 841 -35.30 -34.59 1.34
N ASN D 842 -34.13 -35.21 1.37
CA ASN D 842 -33.95 -36.51 2.00
C ASN D 842 -32.63 -36.54 2.75
N GLN D 843 -32.53 -37.47 3.69
CA GLN D 843 -31.32 -37.67 4.50
C GLN D 843 -31.04 -36.51 5.44
N GLY D 844 -32.09 -35.77 5.81
CA GLY D 844 -31.94 -34.59 6.62
C GLY D 844 -31.47 -33.38 5.84
N ASP D 845 -31.46 -32.23 6.54
CA ASP D 845 -30.98 -30.98 5.96
C ASP D 845 -29.45 -30.88 6.02
N SER D 846 -28.90 -30.93 7.22
CA SER D 846 -27.46 -30.77 7.45
C SER D 846 -26.95 -29.42 6.96
N GLY D 847 -27.76 -28.38 7.19
CA GLY D 847 -27.50 -27.04 6.70
C GLY D 847 -27.89 -26.79 5.27
N GLY D 848 -28.38 -27.78 4.54
CA GLY D 848 -28.85 -27.55 3.19
C GLY D 848 -27.76 -27.36 2.17
N VAL D 849 -26.49 -27.59 2.54
CA VAL D 849 -25.40 -27.36 1.61
C VAL D 849 -25.60 -28.17 0.34
N MET D 850 -25.90 -29.46 0.48
CA MET D 850 -26.07 -30.34 -0.67
C MET D 850 -27.22 -29.88 -1.56
N ASP D 851 -28.29 -29.35 -0.96
CA ASP D 851 -29.38 -28.78 -1.73
C ASP D 851 -28.93 -27.56 -2.53
N ARG D 852 -28.20 -26.64 -1.90
CA ARG D 852 -27.70 -25.48 -2.63
C ARG D 852 -26.70 -25.88 -3.72
N ILE D 853 -25.92 -26.94 -3.47
CA ILE D 853 -25.06 -27.51 -4.51
C ILE D 853 -25.89 -27.94 -5.71
N VAL D 854 -26.81 -28.87 -5.49
CA VAL D 854 -27.54 -29.43 -6.63
C VAL D 854 -28.38 -28.36 -7.31
N SER D 855 -28.89 -27.38 -6.54
CA SER D 855 -29.61 -26.26 -7.14
C SER D 855 -28.73 -25.47 -8.10
N GLN D 856 -27.51 -25.12 -7.65
CA GLN D 856 -26.60 -24.38 -8.53
C GLN D 856 -26.25 -25.20 -9.75
N LEU D 857 -25.96 -26.49 -9.57
CA LEU D 857 -25.61 -27.35 -10.69
C LEU D 857 -26.77 -27.43 -11.68
N LEU D 858 -27.96 -27.75 -11.19
CA LEU D 858 -29.17 -27.81 -12.01
C LEU D 858 -29.39 -26.52 -12.80
N ALA D 859 -29.17 -25.36 -12.17
CA ALA D 859 -29.36 -24.08 -12.87
C ALA D 859 -28.27 -23.78 -13.88
N GLU D 860 -27.05 -24.27 -13.67
CA GLU D 860 -25.99 -23.99 -14.64
C GLU D 860 -25.92 -25.01 -15.78
N LEU D 861 -26.26 -26.27 -15.49
CA LEU D 861 -25.99 -27.39 -16.40
C LEU D 861 -26.60 -27.17 -17.78
N ASP D 862 -27.91 -27.00 -17.85
CA ASP D 862 -28.56 -26.38 -18.99
C ASP D 862 -29.85 -25.70 -18.53
N GLY D 863 -29.74 -24.82 -17.54
CA GLY D 863 -30.87 -23.98 -17.19
C GLY D 863 -31.14 -22.92 -18.25
N MET D 864 -30.12 -22.14 -18.60
CA MET D 864 -30.33 -20.98 -19.46
C MET D 864 -30.83 -21.38 -20.84
N SER D 865 -30.61 -22.62 -21.26
CA SER D 865 -31.33 -23.22 -22.39
C SER D 865 -31.09 -22.48 -23.69
N THR D 866 -29.92 -21.84 -23.83
CA THR D 866 -29.61 -21.07 -25.03
C THR D 866 -28.13 -21.20 -25.34
N ASP D 867 -27.82 -21.80 -26.48
CA ASP D 867 -26.47 -21.97 -26.99
C ASP D 867 -25.57 -22.75 -26.04
N ALA D 868 -26.14 -23.43 -25.05
CA ALA D 868 -25.35 -24.16 -24.08
C ALA D 868 -24.73 -25.42 -24.66
N ASP D 869 -25.18 -25.84 -25.85
CA ASP D 869 -24.57 -26.93 -26.57
C ASP D 869 -23.13 -26.58 -26.99
N GLY D 870 -22.41 -27.61 -27.42
CA GLY D 870 -20.98 -27.54 -27.61
C GLY D 870 -20.16 -27.93 -26.40
N VAL D 871 -20.76 -27.97 -25.22
CA VAL D 871 -20.16 -28.54 -24.01
C VAL D 871 -21.02 -29.71 -23.58
N PHE D 872 -20.43 -30.90 -23.51
CA PHE D 872 -21.15 -32.11 -23.16
C PHE D 872 -20.74 -32.56 -21.77
N VAL D 873 -21.73 -32.97 -20.98
CA VAL D 873 -21.53 -33.42 -19.60
C VAL D 873 -21.76 -34.91 -19.55
N ILE D 874 -20.76 -35.65 -19.10
CA ILE D 874 -20.78 -37.11 -19.01
C ILE D 874 -20.62 -37.49 -17.55
N GLY D 875 -21.51 -38.34 -17.05
CA GLY D 875 -21.44 -38.77 -15.67
C GLY D 875 -21.53 -40.27 -15.54
N ALA D 876 -21.08 -40.75 -14.37
CA ALA D 876 -21.09 -42.17 -14.04
C ALA D 876 -21.43 -42.31 -12.57
N THR D 877 -22.05 -43.44 -12.22
CA THR D 877 -22.43 -43.70 -10.84
C THR D 877 -22.44 -45.19 -10.60
N ASN D 878 -22.36 -45.56 -9.31
CA ASN D 878 -22.76 -46.90 -8.90
C ASN D 878 -24.27 -47.07 -9.04
N ARG D 879 -25.04 -46.11 -8.51
CA ARG D 879 -26.50 -46.24 -8.44
C ARG D 879 -27.13 -44.92 -8.85
N PRO D 880 -28.18 -44.97 -9.68
CA PRO D 880 -28.84 -43.74 -10.14
C PRO D 880 -29.84 -43.15 -9.15
N ASP D 881 -30.53 -43.99 -8.39
CA ASP D 881 -31.58 -43.51 -7.50
C ASP D 881 -31.09 -42.48 -6.49
N LEU D 882 -29.79 -42.49 -6.17
CA LEU D 882 -29.22 -41.40 -5.38
C LEU D 882 -29.36 -40.06 -6.08
N LEU D 883 -29.20 -40.04 -7.39
CA LEU D 883 -29.32 -38.81 -8.16
C LEU D 883 -30.73 -38.24 -8.05
N ASP D 884 -30.82 -36.92 -7.91
CA ASP D 884 -32.11 -36.25 -7.79
C ASP D 884 -32.91 -36.37 -9.08
N GLU D 885 -34.22 -36.56 -8.92
CA GLU D 885 -35.14 -36.72 -10.04
C GLU D 885 -35.04 -35.59 -11.07
N ALA D 886 -34.75 -34.37 -10.63
CA ALA D 886 -34.74 -33.25 -11.57
C ALA D 886 -33.61 -33.34 -12.58
N LEU D 887 -32.59 -34.15 -12.32
CA LEU D 887 -31.51 -34.33 -13.29
C LEU D 887 -31.83 -35.37 -14.34
N LEU D 888 -32.87 -36.19 -14.12
CA LEU D 888 -33.16 -37.33 -14.97
C LEU D 888 -33.87 -36.94 -16.26
N ARG D 889 -34.62 -35.84 -16.27
CA ARG D 889 -35.43 -35.51 -17.42
C ARG D 889 -34.56 -35.11 -18.61
N PRO D 890 -35.00 -35.43 -19.84
CA PRO D 890 -34.18 -35.15 -21.02
C PRO D 890 -33.79 -33.68 -21.15
N GLY D 891 -32.67 -33.45 -21.80
CA GLY D 891 -32.06 -32.14 -21.90
C GLY D 891 -30.98 -31.89 -20.87
N ARG D 892 -30.99 -32.62 -19.75
CA ARG D 892 -29.93 -32.55 -18.76
C ARG D 892 -29.14 -33.86 -18.73
N PHE D 893 -29.75 -34.98 -18.34
CA PHE D 893 -29.18 -36.32 -18.50
C PHE D 893 -30.18 -37.18 -19.24
N ASP D 894 -30.16 -37.07 -20.57
CA ASP D 894 -31.18 -37.59 -21.47
C ASP D 894 -30.96 -39.06 -21.86
N LYS D 895 -29.73 -39.42 -22.23
CA LYS D 895 -29.39 -40.77 -22.67
C LYS D 895 -28.77 -41.57 -21.52
N LEU D 896 -29.52 -42.54 -21.03
CA LEU D 896 -29.08 -43.46 -19.98
C LEU D 896 -28.63 -44.77 -20.60
N LEU D 897 -27.42 -45.21 -20.27
CA LEU D 897 -26.77 -46.37 -20.88
C LEU D 897 -26.58 -47.45 -19.83
N TYR D 898 -27.13 -48.63 -20.11
CA TYR D 898 -27.03 -49.82 -19.25
C TYR D 898 -25.74 -50.61 -19.48
N LEU D 899 -24.61 -49.92 -19.60
CA LEU D 899 -23.33 -50.57 -19.81
C LEU D 899 -23.01 -51.44 -18.59
N GLY D 900 -22.78 -52.72 -18.82
CA GLY D 900 -22.64 -53.66 -17.73
C GLY D 900 -21.96 -54.95 -18.14
N ILE D 901 -22.05 -55.93 -17.26
CA ILE D 901 -21.36 -57.21 -17.45
C ILE D 901 -21.78 -57.86 -18.76
N PRO D 902 -20.86 -58.46 -19.51
CA PRO D 902 -21.23 -59.05 -20.82
C PRO D 902 -22.24 -60.18 -20.73
N ASP D 903 -22.00 -61.18 -19.89
CA ASP D 903 -22.89 -62.32 -19.61
C ASP D 903 -22.93 -63.28 -20.80
N THR D 904 -22.19 -63.01 -21.86
CA THR D 904 -22.20 -63.82 -23.07
C THR D 904 -20.76 -64.17 -23.45
N ASP D 905 -20.57 -65.42 -23.89
CA ASP D 905 -19.24 -65.92 -24.23
C ASP D 905 -18.54 -65.04 -25.26
N THR D 906 -19.20 -64.79 -26.38
CA THR D 906 -18.58 -64.01 -27.46
C THR D 906 -18.12 -62.64 -26.98
N LYS D 907 -18.96 -61.94 -26.21
CA LYS D 907 -18.54 -60.65 -25.65
C LYS D 907 -17.32 -60.78 -24.75
N GLN D 908 -17.28 -61.81 -23.91
CA GLN D 908 -16.07 -62.07 -23.12
C GLN D 908 -14.83 -62.23 -24.00
N LEU D 909 -14.93 -63.07 -25.04
CA LEU D 909 -13.79 -63.24 -25.95
C LEU D 909 -13.42 -61.92 -26.60
N ASN D 910 -14.41 -61.11 -26.96
CA ASN D 910 -14.15 -59.78 -27.50
C ASN D 910 -13.33 -58.95 -26.52
N ILE D 911 -13.70 -58.97 -25.25
CA ILE D 911 -12.94 -58.25 -24.23
C ILE D 911 -11.51 -58.76 -24.16
N LEU D 912 -11.32 -60.09 -24.18
CA LEU D 912 -9.98 -60.66 -24.21
C LEU D 912 -9.18 -60.13 -25.40
N GLU D 913 -9.78 -60.18 -26.59
CA GLU D 913 -9.12 -59.65 -27.79
C GLU D 913 -8.72 -58.19 -27.62
N ALA D 914 -9.65 -57.37 -27.13
CA ALA D 914 -9.36 -55.94 -26.96
C ALA D 914 -8.22 -55.71 -25.99
N LEU D 915 -8.26 -56.36 -24.81
CA LEU D 915 -7.16 -56.25 -23.87
C LEU D 915 -5.89 -56.93 -24.36
N THR D 916 -5.95 -57.72 -25.42
CA THR D 916 -4.77 -58.35 -26.00
C THR D 916 -3.98 -57.39 -26.88
N ARG D 917 -4.56 -56.25 -27.24
CA ARG D 917 -3.84 -55.22 -27.97
C ARG D 917 -2.59 -54.79 -27.21
N LYS D 918 -1.46 -54.76 -27.91
CA LYS D 918 -0.11 -54.62 -27.37
C LYS D 918 0.33 -55.76 -26.44
N PHE D 919 -0.56 -56.68 -26.11
CA PHE D 919 -0.19 -57.80 -25.27
C PHE D 919 0.59 -58.84 -26.09
N VAL D 920 1.24 -59.76 -25.37
CA VAL D 920 2.10 -60.75 -26.01
C VAL D 920 1.52 -62.14 -25.80
N LEU D 921 0.36 -62.40 -26.39
CA LEU D 921 -0.08 -63.76 -26.71
C LEU D 921 0.57 -64.19 -28.01
N ASP D 922 1.48 -65.17 -27.94
CA ASP D 922 2.24 -65.62 -29.10
C ASP D 922 2.44 -67.13 -29.02
N ASN D 923 1.33 -67.87 -29.02
CA ASN D 923 1.31 -69.25 -28.56
C ASN D 923 0.10 -69.93 -29.19
N ASP D 924 0.05 -71.26 -29.03
CA ASP D 924 -1.07 -72.04 -29.55
C ASP D 924 -2.32 -72.00 -28.67
N VAL D 925 -2.20 -71.52 -27.43
CA VAL D 925 -3.38 -71.32 -26.60
C VAL D 925 -4.32 -70.33 -27.26
N LYS D 926 -5.61 -70.66 -27.26
CA LYS D 926 -6.61 -69.82 -27.91
C LYS D 926 -7.61 -69.27 -26.89
N LEU D 927 -8.10 -68.06 -27.18
CA LEU D 927 -9.05 -67.38 -26.31
C LEU D 927 -10.37 -68.12 -26.16
N ILE D 928 -10.70 -69.03 -27.08
CA ILE D 928 -11.93 -69.82 -26.97
C ILE D 928 -11.97 -70.58 -25.64
N GLU D 929 -11.02 -71.49 -25.44
CA GLU D 929 -10.98 -72.23 -24.17
C GLU D 929 -10.79 -71.29 -23.00
N LEU D 930 -9.90 -70.30 -23.13
CA LEU D 930 -9.67 -69.36 -22.02
C LEU D 930 -10.99 -68.75 -21.56
N ALA D 931 -11.87 -68.42 -22.50
CA ALA D 931 -13.21 -67.96 -22.17
C ALA D 931 -14.01 -69.06 -21.47
N LYS D 932 -13.99 -70.27 -22.05
CA LYS D 932 -14.71 -71.39 -21.43
C LYS D 932 -14.26 -71.64 -19.99
N LEU D 933 -12.99 -71.40 -19.67
CA LEU D 933 -12.52 -71.59 -18.29
C LEU D 933 -13.29 -70.70 -17.32
N CYS D 934 -13.46 -69.42 -17.67
CA CYS D 934 -14.04 -68.45 -16.75
C CYS D 934 -15.53 -68.25 -17.02
N PRO D 935 -16.42 -68.73 -16.15
CA PRO D 935 -17.85 -68.50 -16.34
C PRO D 935 -18.21 -67.02 -16.40
N PHE D 936 -19.39 -66.75 -16.96
CA PHE D 936 -19.89 -65.39 -17.14
C PHE D 936 -19.95 -64.59 -15.84
N ASN D 937 -20.08 -65.26 -14.69
CA ASN D 937 -20.08 -64.55 -13.41
C ASN D 937 -18.89 -63.61 -13.25
N TYR D 938 -17.73 -63.97 -13.82
CA TYR D 938 -16.58 -63.07 -13.85
C TYR D 938 -16.93 -61.78 -14.59
N THR D 939 -16.31 -60.67 -14.16
CA THR D 939 -16.70 -59.34 -14.58
C THR D 939 -15.81 -58.81 -15.71
N GLY D 940 -16.10 -57.57 -16.11
CA GLY D 940 -15.21 -56.87 -17.04
C GLY D 940 -13.83 -56.58 -16.47
N ALA D 941 -13.77 -56.12 -15.22
CA ALA D 941 -12.46 -55.96 -14.59
C ALA D 941 -11.78 -57.30 -14.37
N ASP D 942 -12.53 -58.40 -14.39
CA ASP D 942 -11.97 -59.70 -14.03
C ASP D 942 -10.90 -60.11 -15.02
N PHE D 943 -11.17 -59.94 -16.31
CA PHE D 943 -10.22 -60.41 -17.32
C PHE D 943 -9.00 -59.52 -17.38
N TYR D 944 -9.13 -58.24 -17.00
CA TYR D 944 -7.95 -57.41 -16.80
C TYR D 944 -7.13 -57.92 -15.62
N ALA D 945 -7.79 -58.28 -14.52
CA ALA D 945 -7.08 -58.87 -13.38
C ALA D 945 -6.36 -60.16 -13.78
N LEU D 946 -7.04 -61.03 -14.53
CA LEU D 946 -6.44 -62.25 -15.05
C LEU D 946 -5.21 -61.96 -15.90
N CYS D 947 -5.35 -61.05 -16.86
CA CYS D 947 -4.23 -60.65 -17.71
C CYS D 947 -3.06 -60.14 -16.89
N SER D 948 -3.35 -59.30 -15.89
CA SER D 948 -2.28 -58.78 -15.04
C SER D 948 -1.63 -59.86 -14.19
N ASP D 949 -2.40 -60.83 -13.71
CA ASP D 949 -1.80 -61.96 -12.99
C ASP D 949 -0.90 -62.77 -13.89
N ALA D 950 -1.33 -62.99 -15.14
CA ALA D 950 -0.49 -63.70 -16.11
C ALA D 950 0.80 -62.94 -16.37
N MET D 951 0.68 -61.63 -16.62
CA MET D 951 1.85 -60.77 -16.82
C MET D 951 2.80 -60.84 -15.64
N LEU D 952 2.28 -60.75 -14.41
CA LEU D 952 3.13 -60.80 -13.23
C LEU D 952 3.79 -62.18 -13.07
N ASN D 953 3.07 -63.25 -13.41
CA ASN D 953 3.67 -64.57 -13.41
C ASN D 953 4.83 -64.65 -14.40
N ALA D 954 4.62 -64.14 -15.61
CA ALA D 954 5.69 -64.05 -16.60
C ALA D 954 6.88 -63.28 -16.06
N MET D 955 6.63 -62.12 -15.45
CA MET D 955 7.71 -61.36 -14.81
C MET D 955 8.45 -62.20 -13.76
N SER D 956 7.73 -62.89 -12.89
CA SER D 956 8.38 -63.76 -11.90
C SER D 956 9.25 -64.82 -12.57
N ARG D 957 8.70 -65.53 -13.56
CA ARG D 957 9.44 -66.55 -14.30
C ARG D 957 10.71 -65.98 -14.90
N ILE D 958 10.60 -64.91 -15.70
CA ILE D 958 11.76 -64.28 -16.31
C ILE D 958 12.73 -63.78 -15.23
N ALA D 959 12.21 -63.31 -14.10
CA ALA D 959 13.06 -62.84 -13.01
C ALA D 959 13.96 -63.96 -12.49
N ARG D 960 13.37 -65.09 -12.10
CA ARG D 960 14.20 -66.23 -11.69
C ARG D 960 15.12 -66.71 -12.82
N MET D 961 14.63 -66.71 -14.07
CA MET D 961 15.47 -67.03 -15.22
C MET D 961 16.73 -66.15 -15.25
N VAL D 962 16.54 -64.83 -15.20
CA VAL D 962 17.65 -63.88 -15.22
C VAL D 962 18.56 -64.08 -14.02
N GLU D 963 17.97 -64.29 -12.84
CA GLU D 963 18.78 -64.50 -11.64
C GLU D 963 19.70 -65.72 -11.80
N LYS D 964 19.14 -66.86 -12.18
CA LYS D 964 19.98 -68.06 -12.30
C LYS D 964 20.92 -67.95 -13.50
N LYS D 965 20.58 -67.13 -14.50
CA LYS D 965 21.50 -66.91 -15.61
C LYS D 965 22.70 -66.08 -15.20
N VAL D 966 22.46 -64.98 -14.48
CA VAL D 966 23.57 -64.15 -14.00
C VAL D 966 24.32 -64.83 -12.88
N SER D 967 23.74 -65.88 -12.28
CA SER D 967 24.45 -66.65 -11.27
C SER D 967 25.59 -67.46 -11.87
N GLN D 968 25.68 -67.52 -13.20
CA GLN D 968 26.78 -68.16 -13.92
C GLN D 968 27.91 -67.19 -14.26
N HIS D 969 27.75 -65.89 -13.98
CA HIS D 969 28.75 -64.89 -14.31
C HIS D 969 29.09 -63.96 -13.15
N ASN D 970 28.15 -63.78 -12.22
CA ASN D 970 28.39 -62.91 -11.07
C ASN D 970 29.14 -63.61 -9.95
N GLU D 971 29.00 -64.93 -9.82
CA GLU D 971 29.66 -65.69 -8.77
C GLU D 971 31.18 -65.57 -8.90
N LEU D 972 31.87 -65.78 -7.77
CA LEU D 972 33.32 -65.64 -7.73
C LEU D 972 34.01 -66.62 -8.67
N THR D 973 33.49 -67.84 -8.82
CA THR D 973 34.09 -68.79 -9.74
C THR D 973 34.05 -68.31 -11.18
N GLY D 974 33.13 -67.41 -11.52
CA GLY D 974 33.12 -66.79 -12.83
C GLY D 974 33.82 -65.46 -12.83
N GLU D 975 33.49 -64.60 -11.84
CA GLU D 975 34.16 -63.31 -11.67
C GLU D 975 34.14 -62.49 -12.96
N ASN D 976 32.98 -62.46 -13.62
CA ASN D 976 32.84 -61.74 -14.88
C ASN D 976 32.30 -60.33 -14.69
N ILE D 977 31.15 -60.19 -14.02
CA ILE D 977 30.53 -58.88 -13.85
C ILE D 977 29.67 -58.90 -12.59
N SER D 978 29.78 -57.85 -11.79
CA SER D 978 29.02 -57.71 -10.55
C SER D 978 28.42 -56.31 -10.43
N THR D 979 28.19 -55.66 -11.56
CA THR D 979 27.68 -54.29 -11.55
C THR D 979 26.23 -54.18 -11.10
N ARG D 980 25.52 -55.30 -10.97
CA ARG D 980 24.08 -55.31 -10.71
C ARG D 980 23.29 -54.62 -11.82
N ARG D 981 23.90 -54.48 -12.99
CA ARG D 981 23.31 -53.87 -14.18
C ARG D 981 23.42 -54.83 -15.36
N TRP D 982 23.01 -56.08 -15.12
CA TRP D 982 23.33 -57.19 -16.01
C TRP D 982 22.69 -57.09 -17.38
N PHE D 983 21.69 -56.22 -17.59
CA PHE D 983 21.12 -56.10 -18.92
C PHE D 983 22.13 -55.63 -19.95
N ASP D 984 23.20 -54.95 -19.55
CA ASP D 984 24.33 -54.75 -20.45
C ASP D 984 24.98 -56.07 -20.83
N LYS D 985 25.15 -56.97 -19.86
CA LYS D 985 25.69 -58.30 -20.17
C LYS D 985 24.69 -59.12 -21.00
N ILE D 986 23.43 -59.09 -20.61
CA ILE D 986 22.37 -59.74 -21.42
C ILE D 986 21.90 -58.69 -22.43
N ALA D 987 22.69 -58.51 -23.48
CA ALA D 987 22.37 -57.51 -24.49
C ALA D 987 21.28 -57.99 -25.44
N THR D 988 21.02 -59.29 -25.48
CA THR D 988 19.95 -59.87 -26.28
C THR D 988 18.60 -59.58 -25.65
N LYS D 989 18.14 -58.33 -25.76
CA LYS D 989 16.86 -57.93 -25.16
C LYS D 989 15.72 -58.85 -25.56
N GLU D 990 15.73 -59.37 -26.79
CA GLU D 990 14.72 -60.33 -27.21
C GLU D 990 14.63 -61.53 -26.27
N ASP D 991 15.75 -61.93 -25.65
CA ASP D 991 15.74 -63.01 -24.67
C ASP D 991 14.82 -62.73 -23.50
N THR D 992 14.55 -61.45 -23.21
CA THR D 992 13.68 -61.06 -22.11
C THR D 992 12.20 -61.20 -22.42
N LYS D 993 11.83 -61.41 -23.69
CA LYS D 993 10.43 -61.42 -24.12
C LYS D 993 9.58 -62.34 -23.25
N VAL D 994 8.71 -61.73 -22.44
CA VAL D 994 7.66 -62.46 -21.74
C VAL D 994 6.56 -62.87 -22.71
N VAL D 995 6.14 -64.13 -22.62
CA VAL D 995 5.03 -64.65 -23.40
C VAL D 995 4.20 -65.58 -22.50
N VAL D 996 2.89 -65.43 -22.56
CA VAL D 996 1.96 -66.17 -21.70
C VAL D 996 1.79 -67.60 -22.20
N LYS D 997 1.47 -68.49 -21.26
CA LYS D 997 1.19 -69.89 -21.53
C LYS D 997 0.03 -70.32 -20.65
N MET D 998 -0.54 -71.49 -20.97
CA MET D 998 -1.71 -71.97 -20.22
C MET D 998 -1.44 -72.16 -18.74
N GLU D 999 -0.18 -72.35 -18.34
CA GLU D 999 0.19 -72.28 -16.93
C GLU D 999 -0.33 -70.99 -16.29
N ASP D 1000 0.03 -69.85 -16.89
CA ASP D 1000 -0.36 -68.54 -16.39
C ASP D 1000 -1.87 -68.41 -16.24
N PHE D 1001 -2.60 -68.57 -17.35
CA PHE D 1001 -4.05 -68.37 -17.33
C PHE D 1001 -4.74 -69.37 -16.42
N LEU D 1002 -4.28 -70.63 -16.41
CA LEU D 1002 -4.87 -71.63 -15.53
C LEU D 1002 -4.72 -71.25 -14.07
N LYS D 1003 -3.49 -70.92 -13.64
CA LYS D 1003 -3.27 -70.50 -12.26
C LYS D 1003 -4.08 -69.25 -11.92
N ALA D 1004 -4.11 -68.26 -12.82
CA ALA D 1004 -4.94 -67.08 -12.61
C ALA D 1004 -6.39 -67.44 -12.38
N GLN D 1005 -6.99 -68.23 -13.27
CA GLN D 1005 -8.36 -68.68 -13.07
C GLN D 1005 -8.52 -69.40 -11.72
N GLU D 1006 -7.49 -70.14 -11.31
CA GLU D 1006 -7.50 -70.76 -9.98
C GLU D 1006 -7.41 -69.73 -8.87
N GLN D 1007 -6.53 -68.73 -9.02
CA GLN D 1007 -6.24 -67.76 -7.97
C GLN D 1007 -6.94 -66.41 -8.17
N LEU D 1008 -8.12 -66.39 -8.78
CA LEU D 1008 -8.80 -65.11 -9.03
C LEU D 1008 -10.31 -65.35 -8.93
N THR D 1009 -10.85 -65.11 -7.75
CA THR D 1009 -12.29 -65.16 -7.52
C THR D 1009 -12.97 -63.99 -8.24
N PRO D 1010 -14.22 -64.18 -8.68
CA PRO D 1010 -15.01 -63.05 -9.17
C PRO D 1010 -15.04 -61.91 -8.15
N SER D 1011 -14.80 -60.70 -8.62
CA SER D 1011 -14.72 -59.52 -7.77
C SER D 1011 -16.09 -58.89 -7.51
N VAL D 1012 -17.18 -59.56 -7.88
CA VAL D 1012 -18.53 -59.11 -7.56
C VAL D 1012 -19.24 -60.26 -6.88
N SER D 1013 -19.77 -60.00 -5.69
CA SER D 1013 -20.52 -61.03 -4.98
C SER D 1013 -21.85 -61.29 -5.66
N ARG D 1014 -22.29 -62.55 -5.61
CA ARG D 1014 -23.67 -62.89 -5.94
C ARG D 1014 -24.64 -61.93 -5.26
N ALA D 1015 -24.39 -61.65 -3.98
CA ALA D 1015 -25.16 -60.62 -3.26
C ALA D 1015 -25.06 -59.28 -3.96
N GLU D 1016 -23.85 -58.85 -4.34
CA GLU D 1016 -23.70 -57.55 -5.01
C GLU D 1016 -24.41 -57.50 -6.35
N LEU D 1017 -24.25 -58.54 -7.19
CA LEU D 1017 -24.95 -58.56 -8.47
C LEU D 1017 -26.46 -58.54 -8.26
N ASN D 1018 -26.96 -59.31 -7.29
CA ASN D 1018 -28.38 -59.28 -6.94
C ASN D 1018 -28.82 -57.87 -6.55
N HIS D 1019 -28.06 -57.22 -5.67
CA HIS D 1019 -28.36 -55.86 -5.24
C HIS D 1019 -28.43 -54.89 -6.42
N TYR D 1020 -27.46 -54.97 -7.32
CA TYR D 1020 -27.48 -54.02 -8.45
C TYR D 1020 -28.55 -54.38 -9.47
N GLU D 1021 -28.92 -55.66 -9.59
CA GLU D 1021 -30.12 -56.03 -10.32
C GLU D 1021 -31.36 -55.37 -9.72
N ALA D 1022 -31.46 -55.41 -8.39
CA ALA D 1022 -32.54 -54.70 -7.69
C ALA D 1022 -32.51 -53.21 -8.00
N VAL D 1023 -31.33 -52.60 -7.95
CA VAL D 1023 -31.20 -51.19 -8.33
C VAL D 1023 -31.74 -50.94 -9.74
N ARG D 1024 -31.31 -51.77 -10.70
CA ARG D 1024 -31.93 -51.81 -12.02
C ARG D 1024 -33.45 -51.92 -11.97
N ALA D 1025 -33.98 -52.69 -11.00
CA ALA D 1025 -35.43 -52.76 -10.82
C ALA D 1025 -36.07 -51.40 -10.56
N ASN D 1026 -35.30 -50.42 -10.09
CA ASN D 1026 -35.76 -49.03 -10.13
C ASN D 1026 -35.67 -48.45 -11.54
N PHE D 1027 -36.12 -49.23 -12.52
CA PHE D 1027 -36.03 -48.97 -13.95
C PHE D 1027 -36.63 -47.61 -14.30
N GLU D 1028 -35.75 -46.64 -14.57
CA GLU D 1028 -36.14 -45.24 -14.70
C GLU D 1028 -37.33 -45.06 -15.63
N GLY D 1029 -38.31 -44.29 -15.14
CA GLY D 1029 -39.49 -43.96 -15.92
C GLY D 1029 -40.63 -44.95 -15.82
N ALA D 1030 -40.61 -45.85 -14.83
CA ALA D 1030 -41.66 -46.84 -14.67
C ALA D 1030 -41.87 -47.16 -13.19
N THR E 1 40.84 2.31 -58.57
CA THR E 1 42.00 2.19 -57.68
C THR E 1 43.11 1.39 -58.35
N ILE E 2 44.27 2.02 -58.51
CA ILE E 2 45.45 1.37 -59.09
C ILE E 2 46.46 1.16 -57.98
N LEU E 3 46.82 -0.10 -57.74
CA LEU E 3 47.82 -0.44 -56.74
C LEU E 3 49.17 0.18 -57.08
N LYS E 4 49.84 0.70 -56.05
CA LYS E 4 51.05 1.49 -56.26
C LYS E 4 52.19 0.66 -56.83
N ASN E 5 52.30 -0.60 -56.43
CA ASN E 5 53.36 -1.47 -56.93
C ASN E 5 52.89 -2.21 -58.17
N GLY E 6 53.74 -2.25 -59.20
CA GLY E 6 53.36 -2.88 -60.44
C GLY E 6 53.17 -4.39 -60.37
N ALA E 7 53.80 -5.04 -59.38
CA ALA E 7 53.70 -6.49 -59.29
C ALA E 7 52.36 -6.94 -58.71
N ILE E 8 51.70 -6.07 -57.95
CA ILE E 8 50.46 -6.39 -57.24
C ILE E 8 49.28 -5.88 -58.05
N GLN E 9 48.31 -6.76 -58.31
CA GLN E 9 47.15 -6.41 -59.11
C GLN E 9 45.90 -6.98 -58.46
N LEU E 10 44.77 -6.31 -58.70
CA LEU E 10 43.49 -6.66 -58.09
C LEU E 10 42.69 -7.59 -58.98
N LEU E 11 42.24 -8.71 -58.40
CA LEU E 11 41.45 -9.71 -59.11
C LEU E 11 39.96 -9.50 -58.89
N LYS E 12 39.49 -9.68 -57.66
CA LYS E 12 38.06 -9.77 -57.41
C LYS E 12 37.80 -9.57 -55.92
N LYS E 13 36.58 -9.11 -55.62
CA LYS E 13 36.11 -8.80 -54.27
C LYS E 13 35.06 -9.80 -53.83
N VAL E 14 35.16 -10.24 -52.57
CA VAL E 14 34.30 -11.27 -51.99
C VAL E 14 34.18 -10.95 -50.50
N ILE E 15 33.12 -11.48 -49.88
CA ILE E 15 32.87 -11.31 -48.45
C ILE E 15 32.56 -12.68 -47.84
N LEU E 16 33.09 -12.90 -46.62
CA LEU E 16 32.95 -14.18 -45.93
C LEU E 16 32.56 -13.93 -44.48
N ARG E 17 31.94 -14.95 -43.88
CA ARG E 17 31.87 -15.05 -42.43
C ARG E 17 33.16 -15.60 -41.83
N SER E 18 33.57 -15.03 -40.71
CA SER E 18 34.60 -15.65 -39.87
C SER E 18 34.10 -16.98 -39.30
N THR E 19 35.02 -17.91 -39.12
CA THR E 19 34.81 -19.08 -38.27
C THR E 19 36.07 -19.35 -37.47
N VAL E 20 35.89 -19.81 -36.23
CA VAL E 20 37.01 -20.16 -35.38
C VAL E 20 36.86 -21.63 -34.96
N CYS E 21 37.26 -22.54 -35.84
CA CYS E 21 36.95 -23.95 -35.67
C CYS E 21 38.18 -24.85 -35.86
N LYS E 22 39.14 -24.41 -36.66
CA LYS E 22 40.44 -25.07 -36.73
C LYS E 22 41.55 -24.14 -36.23
N MET E 23 42.30 -24.61 -35.24
CA MET E 23 43.42 -23.89 -34.66
C MET E 23 44.77 -24.33 -35.24
N ASP E 24 44.75 -25.19 -36.26
CA ASP E 24 45.97 -25.77 -36.81
C ASP E 24 46.80 -24.78 -37.63
N PHE E 25 47.18 -23.66 -37.02
CA PHE E 25 48.04 -22.68 -37.67
C PHE E 25 49.49 -23.10 -37.51
N PRO E 26 50.17 -23.48 -38.61
CA PRO E 26 51.61 -23.73 -38.54
C PRO E 26 52.40 -22.54 -38.03
N LYS E 27 53.45 -22.83 -37.25
CA LYS E 27 54.39 -21.82 -36.79
C LYS E 27 55.18 -21.20 -37.93
N ASP E 28 55.18 -21.84 -39.10
CA ASP E 28 55.99 -21.40 -40.24
C ASP E 28 55.50 -20.08 -40.83
N ASN E 29 54.27 -19.68 -40.54
CA ASN E 29 53.65 -18.55 -41.23
C ASN E 29 52.77 -17.78 -40.26
N LEU E 30 52.47 -16.54 -40.63
CA LEU E 30 51.64 -15.63 -39.86
C LEU E 30 50.23 -15.47 -40.40
N PHE E 31 50.09 -15.23 -41.71
CA PHE E 31 48.82 -14.77 -42.25
C PHE E 31 48.28 -15.66 -43.36
N VAL E 32 48.30 -16.97 -43.14
CA VAL E 32 47.47 -17.87 -43.93
C VAL E 32 46.04 -17.77 -43.44
N VAL E 33 45.10 -17.72 -44.39
CA VAL E 33 43.67 -17.77 -44.10
C VAL E 33 43.06 -18.97 -44.82
N TYR E 34 42.11 -19.62 -44.15
CA TYR E 34 41.58 -20.92 -44.56
C TYR E 34 40.18 -20.70 -45.11
N ILE E 35 40.00 -20.94 -46.41
CA ILE E 35 38.73 -20.74 -47.08
C ILE E 35 38.20 -22.08 -47.56
N SER E 36 36.89 -22.14 -47.77
CA SER E 36 36.23 -23.36 -48.16
C SER E 36 36.76 -23.88 -49.50
N ASP E 37 36.92 -25.20 -49.58
CA ASP E 37 37.42 -25.89 -50.76
C ASP E 37 36.35 -26.10 -51.83
N GLY E 38 35.11 -25.66 -51.60
CA GLY E 38 34.01 -25.90 -52.51
C GLY E 38 34.16 -25.25 -53.87
N ALA E 39 35.13 -24.35 -54.04
CA ALA E 39 35.34 -23.67 -55.30
C ALA E 39 36.84 -23.58 -55.57
N GLN E 40 37.19 -23.50 -56.85
CA GLN E 40 38.58 -23.28 -57.23
C GLN E 40 39.11 -21.98 -56.65
N LEU E 41 40.34 -22.01 -56.21
CA LEU E 41 41.03 -20.85 -55.67
C LEU E 41 41.32 -19.82 -56.75
N PRO E 42 40.68 -18.64 -56.74
CA PRO E 42 41.12 -17.58 -57.66
C PRO E 42 42.59 -17.23 -57.51
N SER E 43 43.12 -17.26 -56.29
CA SER E 43 44.50 -16.92 -56.03
C SER E 43 44.94 -17.60 -54.74
N GLN E 44 46.26 -17.71 -54.58
CA GLN E 44 46.84 -18.19 -53.33
C GLN E 44 47.09 -17.06 -52.32
N LYS E 45 46.95 -15.81 -52.74
CA LYS E 45 47.33 -14.67 -51.93
C LYS E 45 46.39 -13.50 -52.22
N GLY E 46 46.20 -12.64 -51.23
CA GLY E 46 45.37 -11.48 -51.46
C GLY E 46 45.36 -10.55 -50.26
N TYR E 47 44.40 -9.62 -50.28
CA TYR E 47 44.11 -8.71 -49.19
C TYR E 47 42.83 -9.12 -48.46
N ALA E 48 42.79 -8.80 -47.17
CA ALA E 48 41.59 -8.99 -46.37
C ALA E 48 41.53 -7.90 -45.32
N SER E 49 40.31 -7.61 -44.86
CA SER E 49 40.10 -6.72 -43.73
C SER E 49 38.80 -7.06 -43.03
N ILE E 50 38.74 -6.72 -41.75
CA ILE E 50 37.51 -6.79 -40.98
C ILE E 50 36.68 -5.54 -41.24
N VAL E 51 35.42 -5.75 -41.65
CA VAL E 51 34.46 -4.66 -41.82
C VAL E 51 33.96 -4.22 -40.44
N LYS E 52 34.63 -3.22 -39.87
CA LYS E 52 34.29 -2.75 -38.53
C LYS E 52 32.87 -2.20 -38.48
N CYS E 53 32.08 -2.72 -37.54
CA CYS E 53 30.74 -2.25 -37.27
C CYS E 53 30.78 -0.98 -36.41
N SER E 54 29.66 -0.27 -36.41
CA SER E 54 29.51 0.93 -35.59
C SER E 54 28.02 1.19 -35.38
N LEU E 55 27.67 1.60 -34.16
CA LEU E 55 26.31 1.98 -33.83
C LEU E 55 26.01 3.41 -34.30
N ARG E 56 24.71 3.69 -34.44
CA ARG E 56 24.15 5.03 -34.61
C ARG E 56 24.86 5.71 -35.79
N GLN E 57 25.34 6.95 -35.64
CA GLN E 57 26.06 7.65 -36.69
C GLN E 57 27.20 8.44 -36.05
N SER E 58 28.27 8.60 -36.82
CA SER E 58 29.47 9.27 -36.33
C SER E 58 30.19 9.92 -37.49
N LYS E 59 31.00 10.93 -37.18
CA LYS E 59 31.77 11.66 -38.18
C LYS E 59 33.08 12.11 -37.58
N LYS E 60 34.15 12.00 -38.37
CA LYS E 60 35.48 12.45 -37.95
C LYS E 60 36.29 12.74 -39.20
N SER E 61 37.31 13.58 -39.04
CA SER E 61 38.16 13.95 -40.15
C SER E 61 39.53 14.37 -39.62
N ASP E 62 40.51 14.36 -40.53
CA ASP E 62 41.87 14.75 -40.19
C ASP E 62 42.58 15.19 -41.48
N SER E 63 43.66 15.93 -41.30
CA SER E 63 44.43 16.43 -42.43
C SER E 63 45.34 15.34 -42.99
N ASP E 64 45.81 15.56 -44.22
CA ASP E 64 46.70 14.62 -44.88
C ASP E 64 48.12 14.82 -44.38
N ASN E 65 48.69 13.79 -43.77
CA ASN E 65 50.03 13.84 -43.22
C ASN E 65 50.64 12.44 -43.25
N LYS E 66 51.97 12.39 -43.20
CA LYS E 66 52.69 11.12 -43.09
C LYS E 66 52.58 10.62 -41.64
N SER E 67 51.37 10.18 -41.30
CA SER E 67 51.03 9.79 -39.95
C SER E 67 51.87 8.60 -39.48
N VAL E 68 52.16 8.57 -38.19
CA VAL E 68 52.87 7.48 -37.54
C VAL E 68 51.99 6.89 -36.44
N GLY E 69 51.81 5.57 -36.47
CA GLY E 69 50.91 4.86 -35.57
C GLY E 69 49.46 4.75 -35.97
N ILE E 70 49.05 5.35 -37.09
CA ILE E 70 47.69 5.18 -37.61
C ILE E 70 47.59 3.79 -38.21
N PRO E 71 46.81 2.88 -37.61
CA PRO E 71 46.72 1.52 -38.15
C PRO E 71 46.04 1.48 -39.51
N SER E 72 46.56 0.62 -40.37
CA SER E 72 46.00 0.36 -41.69
C SER E 72 45.17 -0.91 -41.66
N LYS E 73 43.98 -0.86 -42.24
CA LYS E 73 43.03 -1.96 -42.18
C LYS E 73 43.24 -3.00 -43.28
N LYS E 74 43.69 -2.59 -44.45
CA LYS E 74 44.03 -3.54 -45.50
C LYS E 74 45.30 -4.30 -45.12
N ILE E 75 45.20 -5.64 -45.09
CA ILE E 75 46.31 -6.50 -44.72
C ILE E 75 46.40 -7.65 -45.72
N GLY E 76 47.63 -7.99 -46.10
CA GLY E 76 47.85 -9.09 -47.02
C GLY E 76 47.76 -10.43 -46.32
N VAL E 77 47.35 -11.45 -47.09
CA VAL E 77 47.07 -12.77 -46.52
C VAL E 77 47.40 -13.84 -47.57
N PHE E 78 47.76 -15.01 -47.07
CA PHE E 78 47.94 -16.22 -47.87
C PHE E 78 46.69 -17.08 -47.81
N ILE E 79 46.20 -17.48 -48.97
CA ILE E 79 44.89 -18.11 -49.10
C ILE E 79 45.09 -19.53 -49.62
N LYS E 80 44.57 -20.50 -48.87
CA LYS E 80 44.58 -21.90 -49.29
C LYS E 80 43.30 -22.57 -48.82
N CYS E 81 42.92 -23.64 -49.52
CA CYS E 81 41.63 -24.28 -49.32
C CYS E 81 41.66 -25.25 -48.13
N ASP E 82 40.46 -25.57 -47.65
CA ASP E 82 40.27 -26.55 -46.59
C ASP E 82 38.84 -27.05 -46.65
N SER E 83 38.66 -28.37 -46.50
CA SER E 83 37.35 -28.98 -46.56
C SER E 83 36.54 -28.81 -45.27
N GLN E 84 37.20 -28.57 -44.14
CA GLN E 84 36.47 -28.40 -42.88
C GLN E 84 35.80 -27.05 -42.80
N ILE E 85 36.37 -26.02 -43.41
CA ILE E 85 35.80 -24.68 -43.43
C ILE E 85 34.56 -24.68 -44.31
N PRO E 86 33.38 -24.39 -43.76
CA PRO E 86 32.16 -24.45 -44.55
C PRO E 86 32.09 -23.37 -45.61
N GLU E 87 31.08 -23.51 -46.47
CA GLU E 87 30.85 -22.57 -47.56
C GLU E 87 30.73 -21.14 -47.08
N ASN E 88 31.47 -20.25 -47.75
CA ASN E 88 31.54 -18.82 -47.42
C ASN E 88 32.01 -18.53 -46.00
N HIS E 89 32.62 -19.50 -45.32
CA HIS E 89 33.31 -19.20 -44.07
C HIS E 89 34.80 -19.05 -44.30
N ILE E 90 35.47 -18.43 -43.33
CA ILE E 90 36.92 -18.29 -43.33
C ILE E 90 37.41 -18.36 -41.89
N ALA E 91 38.59 -18.96 -41.69
CA ALA E 91 39.29 -18.89 -40.42
C ALA E 91 40.57 -18.07 -40.55
N LEU E 92 40.87 -17.29 -39.52
CA LEU E 92 42.01 -16.39 -39.51
C LEU E 92 42.97 -16.80 -38.40
N SER E 93 44.26 -16.58 -38.64
CA SER E 93 45.25 -16.84 -37.60
C SER E 93 45.06 -15.90 -36.41
N SER E 94 45.55 -16.35 -35.25
CA SER E 94 45.63 -15.51 -34.07
C SER E 94 46.33 -14.20 -34.35
N HIS E 95 47.39 -14.24 -35.18
CA HIS E 95 48.12 -13.02 -35.51
C HIS E 95 47.26 -12.02 -36.26
N LEU E 96 46.43 -12.50 -37.20
CA LEU E 96 45.56 -11.59 -37.93
C LEU E 96 44.45 -11.04 -37.04
N TRP E 97 43.90 -11.85 -36.14
CA TRP E 97 42.91 -11.37 -35.19
C TRP E 97 43.49 -10.29 -34.29
N ASP E 98 44.70 -10.52 -33.76
CA ASP E 98 45.43 -9.51 -33.01
C ASP E 98 45.62 -8.24 -33.84
N ALA E 99 46.02 -8.39 -35.10
CA ALA E 99 46.24 -7.24 -35.97
C ALA E 99 44.96 -6.44 -36.20
N PHE E 100 43.82 -7.12 -36.28
CA PHE E 100 42.53 -6.43 -36.37
C PHE E 100 42.05 -5.86 -35.05
N PHE E 101 42.90 -5.86 -34.02
CA PHE E 101 42.56 -5.31 -32.70
C PHE E 101 41.25 -5.90 -32.17
N THR E 102 41.09 -7.21 -32.37
CA THR E 102 39.80 -7.85 -32.15
C THR E 102 40.06 -9.27 -31.66
N HIS E 103 39.14 -9.80 -30.87
CA HIS E 103 39.24 -11.18 -30.44
C HIS E 103 38.96 -12.11 -31.61
N PRO E 104 39.57 -13.29 -31.63
CA PRO E 104 39.02 -14.38 -32.45
C PRO E 104 37.59 -14.70 -32.06
N MET E 105 36.65 -14.43 -32.95
CA MET E 105 35.24 -14.69 -32.67
C MET E 105 34.53 -15.08 -33.95
N ASN E 106 33.48 -15.88 -33.80
CA ASN E 106 32.60 -16.20 -34.91
C ASN E 106 31.83 -14.98 -35.39
N GLY E 107 31.31 -15.08 -36.61
CA GLY E 107 30.33 -14.15 -37.12
C GLY E 107 30.87 -12.83 -37.63
N ALA E 108 32.10 -12.47 -37.30
CA ALA E 108 32.71 -11.27 -37.86
C ALA E 108 32.78 -11.37 -39.38
N LYS E 109 32.56 -10.24 -40.03
CA LYS E 109 32.53 -10.18 -41.49
C LYS E 109 33.92 -9.81 -42.02
N ILE E 110 34.41 -10.55 -43.00
CA ILE E 110 35.71 -10.28 -43.61
C ILE E 110 35.49 -9.90 -45.06
N LYS E 111 36.03 -8.75 -45.45
CA LYS E 111 36.18 -8.36 -46.85
C LYS E 111 37.49 -8.93 -47.40
N LEU E 112 37.41 -9.80 -48.40
CA LEU E 112 38.59 -10.44 -48.96
C LEU E 112 38.69 -10.10 -50.44
N GLU E 113 39.92 -9.90 -50.90
CA GLU E 113 40.18 -9.49 -52.28
C GLU E 113 41.37 -10.28 -52.81
N PHE E 114 41.12 -11.13 -53.81
CA PHE E 114 42.20 -11.93 -54.39
C PHE E 114 43.13 -11.06 -55.22
N LEU E 115 44.42 -11.44 -55.21
CA LEU E 115 45.46 -10.77 -55.98
C LEU E 115 46.31 -11.82 -56.69
N GLN E 116 46.60 -11.57 -57.96
CA GLN E 116 47.47 -12.43 -58.76
C GLN E 116 48.84 -11.78 -58.88
N MET E 117 49.88 -12.55 -58.53
CA MET E 117 51.25 -12.07 -58.57
C MET E 117 51.88 -12.40 -59.91
N ASN E 118 52.45 -11.39 -60.57
CA ASN E 118 53.04 -11.57 -61.89
C ASN E 118 54.31 -12.42 -61.81
N GLN E 119 54.65 -13.02 -62.95
CA GLN E 119 55.78 -13.94 -63.04
C GLN E 119 57.13 -13.25 -62.88
N ALA E 120 57.17 -11.91 -62.94
CA ALA E 120 58.40 -11.15 -62.76
C ALA E 120 58.31 -10.29 -61.49
N ASN E 121 57.81 -10.88 -60.42
CA ASN E 121 57.51 -10.13 -59.20
C ASN E 121 58.77 -9.52 -58.59
N ILE E 122 59.84 -10.30 -58.50
CA ILE E 122 61.03 -9.89 -57.78
C ILE E 122 62.27 -10.19 -58.62
N ILE E 123 63.19 -9.24 -58.67
CA ILE E 123 64.53 -9.49 -59.19
C ILE E 123 65.49 -9.85 -58.07
N SER E 124 65.17 -9.49 -56.83
CA SER E 124 66.00 -9.74 -55.65
C SER E 124 67.35 -9.04 -55.73
N GLY E 125 67.47 -8.04 -56.59
CA GLY E 125 68.71 -7.30 -56.72
C GLY E 125 68.96 -6.34 -55.57
N ARG E 126 68.12 -5.32 -55.44
CA ARG E 126 68.21 -4.39 -54.33
C ARG E 126 67.51 -4.95 -53.10
N ASN E 127 68.08 -4.68 -51.93
CA ASN E 127 67.65 -5.29 -50.68
C ASN E 127 66.53 -4.49 -50.03
N ALA E 128 65.50 -5.20 -49.57
CA ALA E 128 64.43 -4.60 -48.79
C ALA E 128 64.86 -4.34 -47.36
N THR E 129 64.14 -3.46 -46.68
CA THR E 129 64.44 -3.08 -45.30
C THR E 129 63.17 -3.18 -44.46
N VAL E 130 63.20 -4.03 -43.45
CA VAL E 130 62.07 -4.22 -42.53
C VAL E 130 62.40 -3.46 -41.25
N ASN E 131 62.03 -2.18 -41.22
CA ASN E 131 62.25 -1.36 -40.02
C ASN E 131 61.27 -1.77 -38.94
N ILE E 132 61.77 -2.47 -37.92
CA ILE E 132 60.94 -2.97 -36.82
C ILE E 132 60.95 -1.90 -35.72
N LYS E 133 59.95 -1.02 -35.76
CA LYS E 133 59.77 -0.02 -34.71
C LYS E 133 59.18 -0.70 -33.47
N TYR E 134 59.97 -0.77 -32.40
CA TYR E 134 59.59 -1.44 -31.17
C TYR E 134 59.12 -0.41 -30.14
N PHE E 135 57.89 -0.57 -29.65
CA PHE E 135 57.32 0.34 -28.67
C PHE E 135 56.91 -0.37 -27.38
N GLY E 136 57.32 -1.63 -27.21
CA GLY E 136 57.07 -2.31 -25.96
C GLY E 136 57.89 -1.76 -24.81
N LYS E 137 57.34 -1.92 -23.60
CA LYS E 137 57.99 -1.41 -22.39
C LYS E 137 59.29 -2.15 -22.10
N ASP E 138 59.31 -3.47 -22.31
CA ASP E 138 60.49 -4.25 -21.98
C ASP E 138 61.66 -3.88 -22.88
N VAL E 139 62.87 -4.17 -22.39
CA VAL E 139 64.07 -3.91 -23.18
C VAL E 139 64.05 -4.78 -24.43
N PRO E 140 64.39 -4.25 -25.61
CA PRO E 140 64.42 -5.09 -26.82
C PRO E 140 65.55 -6.11 -26.86
N THR E 141 65.55 -7.07 -25.94
CA THR E 141 66.60 -8.09 -25.93
C THR E 141 66.59 -8.86 -27.24
N LYS E 142 65.41 -9.24 -27.71
CA LYS E 142 65.27 -9.80 -29.05
C LYS E 142 65.74 -8.80 -30.08
N SER E 143 66.35 -9.31 -31.15
CA SER E 143 66.99 -8.47 -32.15
C SER E 143 66.59 -8.95 -33.54
N GLY E 144 67.27 -8.41 -34.55
CA GLY E 144 66.91 -8.72 -35.93
C GLY E 144 66.96 -10.20 -36.27
N ASP E 145 67.85 -10.96 -35.63
CA ASP E 145 67.94 -12.39 -35.95
C ASP E 145 66.68 -13.12 -35.50
N GLN E 146 66.21 -12.83 -34.29
CA GLN E 146 64.97 -13.44 -33.78
C GLN E 146 63.79 -13.14 -34.71
N TYR E 147 63.60 -11.86 -35.05
CA TYR E 147 62.52 -11.47 -35.96
C TYR E 147 62.67 -12.12 -37.32
N SER E 148 63.88 -12.17 -37.86
CA SER E 148 64.08 -12.79 -39.16
C SER E 148 63.73 -14.27 -39.15
N LYS E 149 64.15 -15.00 -38.10
CA LYS E 149 63.84 -16.43 -38.09
C LYS E 149 62.38 -16.70 -37.75
N LEU E 150 61.72 -15.79 -37.02
CA LEU E 150 60.31 -15.97 -36.70
C LEU E 150 59.40 -15.59 -37.87
N LEU E 151 59.43 -14.32 -38.25
CA LEU E 151 58.62 -13.80 -39.36
C LEU E 151 58.96 -14.47 -40.68
N GLY E 152 60.18 -14.97 -40.84
CA GLY E 152 60.66 -15.48 -42.12
C GLY E 152 59.69 -16.36 -42.88
N GLY E 153 59.58 -16.11 -44.18
CA GLY E 153 58.63 -16.78 -45.06
C GLY E 153 57.21 -16.25 -45.00
N SER E 154 56.93 -15.22 -44.22
CA SER E 154 55.59 -14.67 -44.06
C SER E 154 55.44 -13.41 -44.91
N LEU E 155 54.29 -13.29 -45.57
CA LEU E 155 53.90 -12.01 -46.14
C LEU E 155 53.73 -10.96 -45.05
N LEU E 156 54.17 -9.74 -45.33
CA LEU E 156 54.13 -8.65 -44.38
C LEU E 156 53.47 -7.43 -45.01
N THR E 157 52.64 -6.74 -44.21
CA THR E 157 51.91 -5.57 -44.63
C THR E 157 52.51 -4.31 -44.01
N ASN E 158 52.80 -3.32 -44.85
CA ASN E 158 53.26 -2.02 -44.39
C ASN E 158 52.33 -1.43 -43.34
N ASN E 159 52.91 -0.95 -42.25
CA ASN E 159 52.24 -0.36 -41.09
C ASN E 159 51.46 -1.38 -40.27
N LEU E 160 51.66 -2.67 -40.50
CA LEU E 160 51.00 -3.69 -39.68
C LEU E 160 51.47 -3.57 -38.24
N ILE E 161 50.53 -3.61 -37.31
CA ILE E 161 50.82 -3.73 -35.87
C ILE E 161 50.46 -5.14 -35.42
N LEU E 162 51.36 -5.76 -34.65
CA LEU E 162 51.06 -6.96 -33.89
C LEU E 162 51.21 -6.62 -32.41
N PRO E 163 50.14 -6.13 -31.78
CA PRO E 163 50.26 -5.59 -30.40
C PRO E 163 50.81 -6.57 -29.38
N THR E 164 50.70 -7.89 -29.62
CA THR E 164 51.29 -8.83 -28.68
C THR E 164 52.82 -8.81 -28.73
N GLU E 165 53.39 -8.43 -29.87
CA GLU E 165 54.83 -8.28 -29.98
C GLU E 165 55.26 -6.82 -30.07
N GLN E 166 54.31 -5.89 -30.14
CA GLN E 166 54.57 -4.45 -30.15
C GLN E 166 55.49 -4.04 -31.31
N ILE E 167 55.25 -4.61 -32.48
CA ILE E 167 56.10 -4.39 -33.65
C ILE E 167 55.30 -3.64 -34.70
N ILE E 168 55.85 -2.53 -35.19
CA ILE E 168 55.31 -1.83 -36.34
C ILE E 168 56.29 -2.02 -37.50
N ILE E 169 55.80 -2.60 -38.59
CA ILE E 169 56.65 -2.94 -39.72
C ILE E 169 56.59 -1.82 -40.74
N GLU E 170 57.72 -1.14 -40.97
CA GLU E 170 57.86 -0.22 -42.08
C GLU E 170 58.70 -0.87 -43.18
N ILE E 171 58.25 -0.72 -44.41
CA ILE E 171 58.87 -1.35 -45.58
C ILE E 171 59.46 -0.26 -46.46
N LYS E 172 60.76 -0.37 -46.76
CA LYS E 172 61.42 0.51 -47.70
C LYS E 172 62.44 -0.29 -48.48
N LYS E 173 62.35 -0.21 -49.81
CA LYS E 173 63.26 -0.88 -50.74
C LYS E 173 64.03 0.23 -51.45
N GLY E 174 65.16 0.62 -50.87
CA GLY E 174 65.86 1.80 -51.36
C GLY E 174 64.97 3.02 -51.22
N GLU E 175 64.90 3.83 -52.27
CA GLU E 175 63.97 4.95 -52.26
C GLU E 175 62.52 4.51 -52.40
N SER E 176 62.28 3.33 -52.99
CA SER E 176 60.92 2.86 -53.21
C SER E 176 60.33 2.30 -51.92
N GLU E 177 59.01 2.35 -51.81
CA GLU E 177 58.26 1.77 -50.70
C GLU E 177 57.37 0.65 -51.24
N GLN E 178 57.38 -0.50 -50.56
CA GLN E 178 56.58 -1.64 -50.97
C GLN E 178 55.45 -1.85 -49.97
N GLN E 179 54.22 -1.83 -50.46
CA GLN E 179 53.05 -2.11 -49.62
C GLN E 179 53.12 -3.51 -49.02
N LEU E 180 53.44 -4.50 -49.84
CA LEU E 180 53.49 -5.90 -49.44
C LEU E 180 54.90 -6.45 -49.65
N CYS E 181 55.41 -7.15 -48.64
CA CYS E 181 56.74 -7.76 -48.68
C CYS E 181 56.59 -9.27 -48.64
N ASN E 182 57.34 -9.95 -49.51
CA ASN E 182 57.32 -11.40 -49.66
C ASN E 182 58.62 -11.99 -49.14
N LEU E 183 58.61 -12.47 -47.89
CA LEU E 183 59.73 -13.20 -47.32
C LEU E 183 59.81 -14.64 -47.81
N ASN E 184 58.69 -15.18 -48.32
CA ASN E 184 58.68 -16.57 -48.79
C ASN E 184 59.53 -16.75 -50.04
N GLU E 185 59.60 -15.73 -50.90
CA GLU E 185 60.34 -15.82 -52.15
C GLU E 185 61.64 -15.04 -52.15
N ILE E 186 61.66 -13.84 -51.55
CA ILE E 186 62.89 -13.05 -51.51
C ILE E 186 63.87 -13.70 -50.55
N SER E 187 65.12 -13.83 -50.98
CA SER E 187 66.13 -14.49 -50.17
C SER E 187 66.46 -13.67 -48.92
N ASN E 188 66.99 -14.38 -47.91
CA ASN E 188 67.34 -13.74 -46.65
C ASN E 188 68.38 -12.64 -46.84
N GLU E 189 69.41 -12.90 -47.66
CA GLU E 189 70.46 -11.91 -47.87
C GLU E 189 69.92 -10.62 -48.50
N SER E 190 68.74 -10.67 -49.12
CA SER E 190 68.17 -9.52 -49.80
C SER E 190 67.26 -8.70 -48.89
N VAL E 191 67.33 -8.92 -47.58
CA VAL E 191 66.50 -8.20 -46.61
C VAL E 191 67.37 -7.83 -45.41
N GLN E 192 67.14 -6.63 -44.88
CA GLN E 192 67.83 -6.14 -43.68
C GLN E 192 66.81 -5.95 -42.58
N TRP E 193 67.09 -6.55 -41.42
CA TRP E 193 66.23 -6.41 -40.24
C TRP E 193 66.92 -5.47 -39.26
N LYS E 194 66.21 -4.41 -38.87
CA LYS E 194 66.73 -3.42 -37.93
C LYS E 194 65.70 -3.13 -36.86
N VAL E 195 66.17 -3.03 -35.61
CA VAL E 195 65.32 -2.93 -34.44
C VAL E 195 65.73 -1.68 -33.66
N THR E 196 64.73 -0.89 -33.25
CA THR E 196 64.96 0.29 -32.42
C THR E 196 63.73 0.46 -31.53
N GLN E 197 63.94 1.10 -30.38
CA GLN E 197 62.88 1.35 -29.42
C GLN E 197 62.39 2.80 -29.51
N MET E 198 61.09 2.96 -29.69
CA MET E 198 60.50 4.29 -29.80
C MET E 198 60.57 5.02 -28.45
N GLY E 199 60.42 6.35 -28.52
CA GLY E 199 60.43 7.15 -27.31
C GLY E 199 59.13 7.06 -26.56
N LYS E 200 59.18 7.52 -25.29
CA LYS E 200 58.00 7.44 -24.42
C LYS E 200 56.82 8.19 -25.01
N GLU E 201 57.04 9.43 -25.46
CA GLU E 201 55.97 10.19 -26.08
C GLU E 201 55.49 9.55 -27.38
N GLU E 202 56.41 8.93 -28.13
CA GLU E 202 56.01 8.14 -29.30
C GLU E 202 55.07 7.00 -28.91
N VAL E 203 55.42 6.26 -27.86
CA VAL E 203 54.53 5.23 -27.34
C VAL E 203 53.16 5.83 -27.00
N LYS E 204 53.16 6.93 -26.25
CA LYS E 204 51.91 7.57 -25.87
C LYS E 204 51.04 7.96 -27.07
N ASP E 205 51.61 8.64 -28.05
CA ASP E 205 50.82 9.06 -29.21
C ASP E 205 50.36 7.86 -30.05
N ILE E 206 51.20 6.84 -30.18
CA ILE E 206 50.77 5.60 -30.84
C ILE E 206 49.55 5.00 -30.14
N ILE E 207 49.62 4.86 -28.81
CA ILE E 207 48.46 4.38 -28.04
C ILE E 207 47.23 5.23 -28.29
N GLU E 208 47.38 6.56 -28.19
CA GLU E 208 46.27 7.47 -28.46
C GLU E 208 45.66 7.27 -29.84
N ARG E 209 46.50 7.07 -30.85
CA ARG E 209 46.01 6.86 -32.21
C ARG E 209 45.40 5.47 -32.40
N HIS E 210 45.83 4.49 -31.61
CA HIS E 210 45.20 3.17 -31.66
C HIS E 210 43.81 3.17 -31.03
N LEU E 211 43.62 3.91 -29.94
CA LEU E 211 42.42 3.83 -29.11
C LEU E 211 42.03 2.38 -28.79
N PRO E 212 42.95 1.58 -28.28
CA PRO E 212 42.71 0.15 -28.13
C PRO E 212 41.93 -0.14 -26.85
N LYS E 213 41.65 -1.41 -26.62
CA LYS E 213 41.49 -1.88 -25.25
C LYS E 213 42.86 -1.91 -24.59
N HIS E 214 42.94 -1.39 -23.37
CA HIS E 214 44.22 -1.25 -22.67
C HIS E 214 44.16 -1.87 -21.29
N TYR E 215 45.18 -2.65 -20.96
CA TYR E 215 45.37 -3.17 -19.61
C TYR E 215 46.84 -3.53 -19.45
N HIS E 216 47.26 -3.65 -18.18
CA HIS E 216 48.62 -4.05 -17.87
C HIS E 216 49.03 -5.34 -18.58
N VAL E 217 48.12 -6.32 -18.64
CA VAL E 217 48.41 -7.62 -19.25
C VAL E 217 47.34 -7.95 -20.27
N LYS E 218 47.78 -8.25 -21.50
CA LYS E 218 46.90 -8.70 -22.57
C LYS E 218 47.51 -9.91 -23.27
N GLU E 219 46.67 -10.89 -23.57
CA GLU E 219 47.09 -12.11 -24.23
C GLU E 219 46.00 -12.55 -25.22
N THR E 220 46.43 -13.28 -26.24
CA THR E 220 45.59 -13.81 -27.32
C THR E 220 44.90 -12.72 -28.12
N GLY E 221 45.31 -11.48 -27.97
CA GLY E 221 44.68 -10.33 -28.59
C GLY E 221 44.63 -9.17 -27.63
N GLU E 222 44.75 -7.96 -28.18
CA GLU E 222 44.82 -6.76 -27.35
C GLU E 222 43.55 -6.52 -26.53
N VAL E 223 42.44 -7.17 -26.89
CA VAL E 223 41.23 -7.06 -26.09
C VAL E 223 41.27 -7.94 -24.83
N SER E 224 41.95 -9.08 -24.88
CA SER E 224 41.75 -10.13 -23.89
C SER E 224 42.92 -10.22 -22.92
N ARG E 225 42.58 -10.42 -21.65
CA ARG E 225 43.55 -10.61 -20.57
C ARG E 225 44.11 -12.02 -20.59
N THR E 226 45.22 -12.20 -19.87
CA THR E 226 45.75 -13.54 -19.62
C THR E 226 44.73 -14.38 -18.86
N SER E 227 44.66 -15.66 -19.20
CA SER E 227 43.68 -16.56 -18.61
C SER E 227 44.32 -17.93 -18.34
N LYS E 228 43.71 -18.65 -17.39
CA LYS E 228 44.18 -19.98 -17.04
C LYS E 228 43.85 -21.03 -18.10
N ASP E 229 42.87 -20.74 -18.97
CA ASP E 229 42.40 -21.62 -20.06
C ASP E 229 41.88 -22.97 -19.55
N GLU E 230 41.60 -23.09 -18.25
CA GLU E 230 41.11 -24.34 -17.71
C GLU E 230 39.71 -24.65 -18.24
N ASP E 231 39.46 -25.94 -18.49
CA ASP E 231 38.18 -26.41 -19.00
C ASP E 231 37.90 -27.80 -18.46
N ASP E 232 36.73 -27.97 -17.84
CA ASP E 232 36.35 -29.27 -17.30
C ASP E 232 34.85 -29.31 -17.03
N PHE E 233 34.22 -30.40 -17.44
CA PHE E 233 32.78 -30.62 -17.34
C PHE E 233 32.50 -32.08 -17.63
N ILE E 234 31.74 -32.76 -16.77
CA ILE E 234 31.84 -34.21 -16.66
C ILE E 234 30.80 -34.93 -17.52
N THR E 235 30.07 -34.21 -18.37
CA THR E 235 29.19 -34.80 -19.39
C THR E 235 28.24 -35.85 -18.83
N VAL E 236 27.93 -35.77 -17.54
CA VAL E 236 27.17 -36.83 -16.88
C VAL E 236 25.71 -36.84 -17.31
N ASN E 237 25.17 -35.70 -17.74
CA ASN E 237 23.79 -35.63 -18.19
C ASN E 237 23.70 -35.54 -19.71
N SER E 238 22.77 -36.33 -20.28
CA SER E 238 22.55 -36.36 -21.72
C SER E 238 22.17 -34.99 -22.28
N ILE E 239 21.67 -34.10 -21.42
CA ILE E 239 21.12 -32.82 -21.86
C ILE E 239 22.12 -32.12 -22.78
N LYS E 240 23.38 -32.02 -22.34
CA LYS E 240 24.39 -31.35 -23.16
C LYS E 240 24.38 -31.87 -24.58
N LYS E 241 24.33 -33.20 -24.74
CA LYS E 241 24.32 -33.80 -26.07
C LYS E 241 23.04 -33.47 -26.83
N GLU E 242 21.90 -33.55 -26.15
CA GLU E 242 20.61 -33.37 -26.80
C GLU E 242 20.46 -31.92 -27.27
N MET E 243 20.48 -30.98 -26.33
CA MET E 243 20.24 -29.58 -26.67
C MET E 243 21.22 -29.09 -27.74
N VAL E 244 22.52 -29.39 -27.60
CA VAL E 244 23.47 -29.00 -28.65
C VAL E 244 23.05 -29.58 -29.99
N ASN E 245 22.62 -30.84 -30.02
CA ASN E 245 22.12 -31.43 -31.27
C ASN E 245 20.88 -30.72 -31.79
N TYR E 246 20.05 -30.18 -30.90
CA TYR E 246 18.79 -29.56 -31.28
C TYR E 246 18.98 -28.13 -31.79
N LEU E 247 19.68 -27.28 -31.03
CA LEU E 247 19.85 -25.89 -31.43
C LEU E 247 20.69 -25.73 -32.68
N THR E 248 21.43 -26.77 -33.08
CA THR E 248 22.15 -26.77 -34.34
C THR E 248 21.31 -27.24 -35.52
N SER E 249 20.08 -27.68 -35.28
CA SER E 249 19.23 -28.16 -36.36
C SER E 249 19.03 -27.08 -37.42
N PRO E 250 18.94 -27.47 -38.69
CA PRO E 250 18.74 -26.47 -39.75
C PRO E 250 17.38 -25.77 -39.70
N ILE E 251 16.39 -26.34 -39.03
CA ILE E 251 15.09 -25.68 -38.89
C ILE E 251 14.65 -25.75 -37.43
N ILE E 252 13.95 -24.71 -36.98
CA ILE E 252 13.35 -24.67 -35.66
C ILE E 252 12.02 -23.94 -35.74
N ALA E 253 11.15 -24.24 -34.76
CA ALA E 253 9.81 -23.67 -34.68
C ALA E 253 9.71 -22.56 -33.67
N THR E 254 9.81 -22.91 -32.39
CA THR E 254 9.79 -21.94 -31.30
C THR E 254 11.20 -21.43 -31.05
N PRO E 255 11.49 -20.15 -31.30
CA PRO E 255 12.87 -19.68 -31.28
C PRO E 255 13.61 -19.91 -29.96
N ALA E 256 12.90 -20.06 -28.85
CA ALA E 256 13.55 -20.28 -27.57
C ALA E 256 13.47 -21.74 -27.11
N ILE E 257 14.30 -22.05 -26.11
CA ILE E 257 14.14 -23.23 -25.26
C ILE E 257 14.35 -22.79 -23.82
N ILE E 258 13.86 -23.60 -22.89
CA ILE E 258 13.90 -23.28 -21.47
C ILE E 258 14.65 -24.38 -20.71
N LEU E 259 15.60 -23.96 -19.88
CA LEU E 259 16.23 -24.84 -18.89
C LEU E 259 15.64 -24.55 -17.52
N ASP E 260 15.27 -25.60 -16.79
CA ASP E 260 14.62 -25.46 -15.50
C ASP E 260 15.08 -26.56 -14.56
N GLY E 261 15.03 -26.25 -13.27
CA GLY E 261 15.43 -27.17 -12.24
C GLY E 261 15.75 -26.44 -10.96
N LYS E 262 15.79 -27.20 -9.87
CA LYS E 262 16.04 -26.64 -8.55
C LYS E 262 17.39 -25.90 -8.49
N GLN E 263 17.52 -25.11 -7.41
CA GLN E 263 18.72 -24.30 -7.17
C GLN E 263 19.99 -25.16 -7.07
N GLY E 264 21.01 -24.76 -7.84
CA GLY E 264 22.33 -25.35 -7.72
C GLY E 264 22.59 -26.61 -8.51
N ILE E 265 21.62 -27.10 -9.29
CA ILE E 265 21.82 -28.38 -9.99
C ILE E 265 22.77 -28.23 -11.17
N GLY E 266 23.10 -27.01 -11.57
CA GLY E 266 24.25 -26.83 -12.45
C GLY E 266 24.00 -26.02 -13.70
N LYS E 267 22.87 -25.30 -13.75
CA LYS E 267 22.45 -24.63 -14.97
C LYS E 267 23.52 -23.72 -15.55
N THR E 268 24.12 -22.88 -14.72
CA THR E 268 25.12 -21.92 -15.20
C THR E 268 26.32 -22.62 -15.83
N ARG E 269 26.85 -23.64 -15.16
CA ARG E 269 28.02 -24.34 -15.71
C ARG E 269 27.66 -25.06 -17.00
N LEU E 270 26.51 -25.73 -17.02
CA LEU E 270 26.08 -26.40 -18.24
C LEU E 270 25.98 -25.40 -19.39
N LEU E 271 25.38 -24.24 -19.14
CA LEU E 271 25.30 -23.19 -20.15
C LEU E 271 26.67 -22.77 -20.64
N LYS E 272 27.61 -22.53 -19.72
CA LYS E 272 28.96 -22.12 -20.11
C LYS E 272 29.66 -23.15 -20.99
N GLU E 273 29.60 -24.43 -20.59
CA GLU E 273 30.19 -25.48 -21.41
C GLU E 273 29.50 -25.60 -22.76
N LEU E 274 28.17 -25.49 -22.79
CA LEU E 274 27.43 -25.44 -24.06
C LEU E 274 27.93 -24.30 -24.94
N ILE E 275 28.08 -23.11 -24.38
CA ILE E 275 28.66 -21.98 -25.09
C ILE E 275 29.98 -22.38 -25.73
N ASN E 276 30.90 -22.91 -24.92
CA ASN E 276 32.20 -23.33 -25.41
C ASN E 276 32.08 -24.30 -26.59
N GLU E 277 31.37 -25.40 -26.37
CA GLU E 277 31.20 -26.43 -27.39
C GLU E 277 30.62 -25.86 -28.69
N VAL E 278 29.52 -25.12 -28.59
CA VAL E 278 28.88 -24.53 -29.77
C VAL E 278 29.83 -23.59 -30.49
N GLU E 279 30.50 -22.70 -29.74
CA GLU E 279 31.45 -21.78 -30.33
C GLU E 279 32.52 -22.52 -31.13
N LYS E 280 33.15 -23.53 -30.52
CA LYS E 280 34.24 -24.23 -31.19
C LYS E 280 33.77 -24.91 -32.48
N ASP E 281 32.64 -25.61 -32.42
CA ASP E 281 32.24 -26.51 -33.51
C ASP E 281 31.37 -25.84 -34.58
N HIS E 282 30.15 -25.45 -34.22
CA HIS E 282 29.14 -25.13 -35.21
C HIS E 282 29.13 -23.66 -35.65
N HIS E 283 30.22 -22.93 -35.41
CA HIS E 283 30.41 -21.58 -35.94
C HIS E 283 29.36 -20.57 -35.45
N ILE E 284 28.71 -20.84 -34.34
CA ILE E 284 27.61 -19.98 -33.88
C ILE E 284 28.17 -18.93 -32.92
N PHE E 285 27.73 -17.70 -33.08
CA PHE E 285 28.01 -16.62 -32.14
C PHE E 285 26.97 -16.58 -31.03
N VAL E 286 27.41 -16.15 -29.84
CA VAL E 286 26.54 -16.08 -28.68
C VAL E 286 26.88 -14.83 -27.88
N LYS E 287 25.88 -13.97 -27.67
CA LYS E 287 26.03 -12.81 -26.78
C LYS E 287 25.44 -13.20 -25.43
N TYR E 288 26.26 -13.90 -24.65
CA TYR E 288 25.91 -14.31 -23.30
C TYR E 288 25.66 -13.09 -22.42
N ALA E 289 24.41 -12.95 -21.96
CA ALA E 289 24.02 -11.84 -21.09
C ALA E 289 23.00 -12.39 -20.08
N ASP E 290 23.51 -12.86 -18.94
CA ASP E 290 22.69 -12.95 -17.75
C ASP E 290 22.15 -11.57 -17.39
N CYS E 291 21.02 -11.55 -16.67
CA CYS E 291 20.25 -10.33 -16.52
C CYS E 291 20.03 -9.90 -15.08
N GLU E 292 20.17 -10.79 -14.11
CA GLU E 292 20.31 -10.37 -12.72
C GLU E 292 21.50 -9.44 -12.54
N THR E 293 22.49 -9.54 -13.43
CA THR E 293 23.65 -8.66 -13.44
C THR E 293 23.36 -7.29 -14.06
N LEU E 294 22.26 -7.15 -14.78
CA LEU E 294 21.93 -5.88 -15.41
C LEU E 294 21.19 -4.94 -14.45
N HIS E 295 21.23 -3.66 -14.78
CA HIS E 295 20.81 -2.57 -13.92
C HIS E 295 19.69 -1.76 -14.58
N GLU E 296 18.88 -1.11 -13.73
CA GLU E 296 17.80 -0.24 -14.19
C GLU E 296 16.77 -0.99 -15.03
N THR E 297 16.51 -2.24 -14.68
CA THR E 297 15.59 -3.07 -15.46
C THR E 297 14.19 -2.48 -15.46
N SER E 298 13.83 -1.77 -14.39
CA SER E 298 12.50 -1.19 -14.28
C SER E 298 12.24 -0.16 -15.37
N ASN E 299 13.25 0.66 -15.68
CA ASN E 299 13.09 1.75 -16.64
C ASN E 299 13.03 1.17 -18.05
N LEU E 300 11.84 1.23 -18.65
CA LEU E 300 11.63 0.80 -20.03
C LEU E 300 12.58 1.48 -21.00
N ASP E 301 12.65 2.81 -20.95
CA ASP E 301 13.37 3.58 -21.97
C ASP E 301 14.80 3.07 -22.20
N LYS E 302 15.44 2.54 -21.16
CA LYS E 302 16.82 2.06 -21.26
C LYS E 302 16.89 0.60 -21.69
N THR E 303 16.21 -0.29 -20.95
CA THR E 303 16.23 -1.70 -21.27
C THR E 303 15.75 -1.98 -22.69
N GLN E 304 14.76 -1.23 -23.18
CA GLN E 304 14.34 -1.39 -24.58
C GLN E 304 15.49 -1.15 -25.54
N LYS E 305 16.30 -0.12 -25.27
CA LYS E 305 17.50 0.12 -26.05
C LYS E 305 18.48 -1.04 -25.95
N LEU E 306 18.62 -1.59 -24.75
CA LEU E 306 19.49 -2.77 -24.57
C LEU E 306 19.03 -3.93 -25.44
N ILE E 307 17.74 -4.26 -25.38
CA ILE E 307 17.21 -5.40 -26.13
C ILE E 307 17.30 -5.14 -27.63
N MET E 308 17.06 -3.89 -28.05
CA MET E 308 17.29 -3.54 -29.44
C MET E 308 18.73 -3.77 -29.85
N GLU E 309 19.68 -3.45 -28.95
CA GLU E 309 21.09 -3.61 -29.29
C GLU E 309 21.44 -5.09 -29.43
N TRP E 310 20.91 -5.92 -28.51
CA TRP E 310 21.09 -7.36 -28.64
C TRP E 310 20.58 -7.85 -29.99
N CYS E 311 19.36 -7.46 -30.35
CA CYS E 311 18.78 -7.93 -31.61
C CYS E 311 19.59 -7.44 -32.82
N SER E 312 20.10 -6.21 -32.75
CA SER E 312 20.92 -5.67 -33.83
C SER E 312 22.20 -6.48 -34.01
N PHE E 313 22.91 -6.71 -32.91
CA PHE E 313 24.18 -7.42 -32.99
C PHE E 313 23.96 -8.84 -33.48
N CYS E 314 23.04 -9.57 -32.86
CA CYS E 314 22.86 -10.96 -33.27
C CYS E 314 22.34 -11.07 -34.70
N TYR E 315 21.51 -10.11 -35.14
CA TYR E 315 21.07 -10.07 -36.52
C TYR E 315 22.23 -9.89 -37.49
N TRP E 316 23.19 -9.02 -37.14
CA TRP E 316 24.35 -8.82 -38.00
C TRP E 316 25.36 -9.97 -37.96
N TYR E 317 25.49 -10.64 -36.82
CA TYR E 317 26.52 -11.68 -36.69
C TYR E 317 26.09 -13.04 -37.21
N GLY E 318 25.01 -13.14 -37.98
CA GLY E 318 24.62 -14.39 -38.57
C GLY E 318 24.15 -15.39 -37.54
N PRO E 319 24.13 -16.69 -37.89
CA PRO E 319 23.48 -17.68 -37.02
C PRO E 319 24.01 -17.61 -35.61
N SER E 320 23.13 -17.38 -34.64
CA SER E 320 23.56 -16.98 -33.31
C SER E 320 22.49 -17.28 -32.28
N LEU E 321 22.90 -17.32 -31.02
CA LEU E 321 22.01 -17.49 -29.89
C LEU E 321 22.09 -16.24 -29.03
N ILE E 322 20.96 -15.89 -28.40
CA ILE E 322 20.94 -15.13 -27.16
C ILE E 322 20.56 -16.08 -26.03
N VAL E 323 21.41 -16.16 -25.01
CA VAL E 323 21.14 -16.99 -23.85
C VAL E 323 21.04 -16.10 -22.62
N LEU E 324 19.96 -16.27 -21.86
CA LEU E 324 19.68 -15.44 -20.69
C LEU E 324 19.62 -16.35 -19.46
N ASP E 325 20.64 -16.27 -18.61
CA ASP E 325 20.59 -16.96 -17.33
C ASP E 325 19.65 -16.24 -16.37
N ASN E 326 19.07 -17.02 -15.45
CA ASN E 326 18.22 -16.52 -14.36
C ASN E 326 17.17 -15.52 -14.87
N VAL E 327 16.51 -15.89 -15.97
CA VAL E 327 15.72 -14.94 -16.75
C VAL E 327 14.63 -14.31 -15.91
N GLU E 328 14.15 -15.02 -14.88
CA GLU E 328 13.07 -14.52 -14.01
C GLU E 328 13.43 -13.19 -13.36
N ALA E 329 14.71 -12.87 -13.21
CA ALA E 329 15.12 -11.59 -12.64
C ALA E 329 14.79 -10.39 -13.53
N LEU E 330 14.46 -10.60 -14.80
CA LEU E 330 14.22 -9.46 -15.68
C LEU E 330 12.90 -9.60 -16.42
N PHE E 331 12.61 -10.78 -16.95
CA PHE E 331 11.34 -11.06 -17.61
C PHE E 331 10.35 -11.78 -16.71
N GLY E 332 10.70 -12.04 -15.45
CA GLY E 332 9.80 -12.77 -14.58
C GLY E 332 8.57 -11.95 -14.23
N LYS E 333 7.44 -12.63 -14.12
CA LYS E 333 6.22 -12.00 -13.62
C LYS E 333 6.32 -11.75 -12.13
N PRO E 334 6.06 -10.53 -11.65
CA PRO E 334 5.77 -10.34 -10.24
C PRO E 334 4.39 -10.88 -9.88
N GLN E 335 4.37 -12.08 -9.30
CA GLN E 335 3.14 -12.85 -9.18
C GLN E 335 2.12 -12.13 -8.30
N ALA E 336 0.84 -12.42 -8.57
CA ALA E 336 -0.26 -11.58 -8.13
C ALA E 336 -0.50 -11.64 -6.62
N ASN E 337 0.09 -12.62 -5.94
CA ASN E 337 -0.08 -12.81 -4.49
C ASN E 337 -1.56 -12.89 -4.12
N ASP E 338 -2.34 -13.54 -4.98
CA ASP E 338 -3.79 -13.64 -4.84
C ASP E 338 -4.47 -12.26 -4.80
N GLY E 339 -3.84 -11.24 -5.39
CA GLY E 339 -4.44 -9.93 -5.45
C GLY E 339 -5.51 -9.82 -6.53
N ASP E 340 -5.92 -8.59 -6.78
CA ASP E 340 -6.98 -8.32 -7.73
C ASP E 340 -6.58 -8.74 -9.14
N PRO E 341 -7.38 -9.56 -9.83
CA PRO E 341 -7.13 -9.81 -11.25
C PRO E 341 -7.71 -8.74 -12.18
N SER E 342 -8.61 -7.89 -11.70
CA SER E 342 -9.43 -7.09 -12.59
C SER E 342 -8.61 -6.03 -13.31
N ASN E 343 -7.59 -5.49 -12.65
CA ASN E 343 -6.76 -4.41 -13.20
C ASN E 343 -5.79 -4.97 -14.25
N ASN E 344 -6.38 -5.56 -15.30
CA ASN E 344 -5.64 -6.21 -16.38
C ASN E 344 -4.64 -7.22 -15.85
N GLY E 345 -5.06 -8.00 -14.85
CA GLY E 345 -4.16 -8.87 -14.13
C GLY E 345 -2.93 -8.23 -13.54
N GLN E 346 -1.76 -8.58 -14.08
CA GLN E 346 -0.47 -8.03 -13.69
C GLN E 346 0.32 -7.65 -14.93
N TRP E 347 -0.31 -6.88 -15.81
CA TRP E 347 0.29 -6.42 -17.05
C TRP E 347 1.33 -5.33 -16.78
N ASP E 348 2.27 -5.64 -15.89
CA ASP E 348 3.23 -4.68 -15.36
C ASP E 348 4.24 -4.27 -16.43
N ASN E 349 5.20 -3.44 -16.01
CA ASN E 349 6.33 -3.06 -16.85
C ASN E 349 7.07 -4.25 -17.43
N ALA E 350 7.15 -5.36 -16.69
CA ALA E 350 8.05 -6.45 -17.09
C ALA E 350 7.38 -7.38 -18.08
N SER E 351 6.12 -7.74 -17.87
CA SER E 351 5.37 -8.43 -18.93
C SER E 351 5.38 -7.59 -20.21
N LYS E 352 5.33 -6.26 -20.06
CA LYS E 352 5.42 -5.36 -21.21
C LYS E 352 6.76 -5.53 -21.93
N LEU E 353 7.85 -5.48 -21.17
CA LEU E 353 9.18 -5.70 -21.74
C LEU E 353 9.27 -7.04 -22.45
N LEU E 354 8.77 -8.10 -21.81
CA LEU E 354 8.75 -9.42 -22.42
C LEU E 354 8.01 -9.40 -23.75
N ASN E 355 6.81 -8.82 -23.77
CA ASN E 355 6.04 -8.71 -25.01
C ASN E 355 6.82 -7.98 -26.10
N PHE E 356 7.45 -6.86 -25.73
CA PHE E 356 8.31 -6.13 -26.66
C PHE E 356 9.39 -7.04 -27.24
N PHE E 357 10.09 -7.76 -26.37
CA PHE E 357 11.17 -8.64 -26.83
C PHE E 357 10.63 -9.72 -27.78
N ILE E 358 9.52 -10.35 -27.39
CA ILE E 358 8.92 -11.38 -28.25
C ILE E 358 8.62 -10.83 -29.63
N ASN E 359 7.94 -9.68 -29.68
CA ASN E 359 7.69 -9.01 -30.96
C ASN E 359 8.98 -8.81 -31.76
N GLN E 360 9.97 -8.17 -31.14
CA GLN E 360 11.16 -7.75 -31.86
C GLN E 360 11.97 -8.95 -32.37
N VAL E 361 11.99 -10.05 -31.61
CA VAL E 361 12.71 -11.24 -32.07
C VAL E 361 11.88 -12.02 -33.10
N THR E 362 10.56 -12.15 -32.89
CA THR E 362 9.72 -12.78 -33.89
C THR E 362 9.84 -12.11 -35.25
N LYS E 363 10.01 -10.78 -35.26
CA LYS E 363 10.24 -10.06 -36.50
C LYS E 363 11.40 -10.68 -37.29
N ILE E 364 12.56 -10.82 -36.66
CA ILE E 364 13.73 -11.39 -37.33
C ILE E 364 13.50 -12.86 -37.65
N PHE E 365 12.97 -13.63 -36.69
CA PHE E 365 12.82 -15.07 -36.86
C PHE E 365 12.01 -15.44 -38.08
N ASN E 366 10.99 -14.64 -38.42
CA ASN E 366 10.21 -14.90 -39.62
C ASN E 366 11.02 -14.70 -40.89
N LYS E 367 12.16 -14.00 -40.83
CA LYS E 367 12.93 -13.79 -42.05
C LYS E 367 13.79 -15.01 -42.40
N ASP E 368 14.53 -15.54 -41.44
CA ASP E 368 15.29 -16.78 -41.65
C ASP E 368 15.52 -17.46 -40.31
N ASN E 369 14.97 -18.66 -40.15
CA ASN E 369 14.88 -19.28 -38.83
C ASN E 369 16.23 -19.63 -38.24
N LYS E 370 17.28 -19.72 -39.06
CA LYS E 370 18.61 -20.02 -38.53
C LYS E 370 19.35 -18.80 -38.00
N ARG E 371 18.84 -17.59 -38.25
CA ARG E 371 19.58 -16.38 -37.92
C ARG E 371 19.56 -16.06 -36.43
N ILE E 372 18.53 -16.49 -35.69
CA ILE E 372 18.53 -16.31 -34.25
C ILE E 372 17.81 -17.46 -33.56
N ARG E 373 18.24 -17.75 -32.35
CA ARG E 373 17.53 -18.58 -31.39
C ARG E 373 17.72 -17.98 -30.01
N VAL E 374 16.89 -18.41 -29.07
CA VAL E 374 16.90 -17.91 -27.70
C VAL E 374 17.00 -19.09 -26.73
N LEU E 375 17.68 -18.86 -25.60
CA LEU E 375 17.89 -19.90 -24.59
C LEU E 375 17.60 -19.33 -23.21
N PHE E 376 16.35 -19.48 -22.75
CA PHE E 376 15.98 -19.03 -21.41
C PHE E 376 16.37 -20.09 -20.37
N SER E 377 16.36 -19.67 -19.12
CA SER E 377 16.69 -20.57 -18.01
C SER E 377 16.10 -19.97 -16.75
N GLY E 378 15.27 -20.73 -16.05
CA GLY E 378 14.65 -20.28 -14.82
C GLY E 378 14.47 -21.43 -13.87
N LYS E 379 14.20 -21.10 -12.61
CA LYS E 379 14.10 -22.10 -11.56
C LYS E 379 13.15 -23.23 -11.97
N GLN E 380 11.91 -22.89 -12.33
CA GLN E 380 10.98 -23.89 -12.85
C GLN E 380 10.21 -23.33 -14.02
N LYS E 381 9.81 -24.24 -14.92
CA LYS E 381 9.15 -23.89 -16.17
C LYS E 381 7.91 -23.02 -15.95
N THR E 382 6.99 -23.47 -15.11
CA THR E 382 5.71 -22.80 -14.92
C THR E 382 5.87 -21.35 -14.47
N GLN E 383 6.75 -21.11 -13.49
CA GLN E 383 6.83 -19.78 -12.89
C GLN E 383 7.43 -18.72 -13.82
N ILE E 384 8.04 -19.10 -14.94
CA ILE E 384 8.37 -18.11 -15.94
C ILE E 384 7.08 -17.58 -16.58
N ASN E 385 7.11 -16.32 -17.01
CA ASN E 385 5.93 -15.56 -17.38
C ASN E 385 5.05 -16.33 -18.37
N PRO E 386 3.79 -16.59 -18.02
CA PRO E 386 2.88 -17.37 -18.89
C PRO E 386 2.71 -16.84 -20.30
N LEU E 387 3.03 -15.58 -20.54
CA LEU E 387 3.03 -15.05 -21.92
C LEU E 387 3.93 -15.85 -22.85
N LEU E 388 5.02 -16.43 -22.35
CA LEU E 388 5.85 -17.29 -23.19
C LEU E 388 5.02 -18.41 -23.79
N PHE E 389 4.24 -19.10 -22.97
CA PHE E 389 3.46 -20.24 -23.41
C PHE E 389 2.13 -19.83 -24.05
N ASP E 390 1.74 -18.57 -23.91
CA ASP E 390 0.53 -18.09 -24.58
C ASP E 390 0.83 -17.80 -26.04
N LYS E 391 1.77 -16.88 -26.30
CA LYS E 391 2.19 -16.53 -27.66
C LYS E 391 2.94 -17.66 -28.36
N HIS E 392 3.08 -18.82 -27.73
CA HIS E 392 3.79 -19.97 -28.28
C HIS E 392 5.19 -19.58 -28.76
N PHE E 393 5.95 -19.02 -27.83
CA PHE E 393 7.33 -18.63 -28.09
C PHE E 393 8.33 -19.73 -27.78
N VAL E 394 7.91 -20.77 -27.05
CA VAL E 394 8.84 -21.78 -26.57
C VAL E 394 8.04 -23.07 -26.31
N SER E 395 8.60 -24.20 -26.75
CA SER E 395 8.01 -25.51 -26.47
C SER E 395 9.13 -26.54 -26.32
N GLU E 396 9.64 -26.66 -25.08
CA GLU E 396 10.65 -27.65 -24.75
C GLU E 396 10.60 -27.91 -23.25
N THR E 397 10.87 -29.16 -22.87
CA THR E 397 10.70 -29.62 -21.49
C THR E 397 11.95 -30.31 -20.96
N TRP E 398 13.13 -29.79 -21.28
CA TRP E 398 14.37 -30.34 -20.75
C TRP E 398 14.60 -29.82 -19.34
N SER E 399 14.61 -30.73 -18.36
CA SER E 399 14.72 -30.39 -16.95
C SER E 399 15.91 -31.12 -16.34
N LEU E 400 16.77 -30.36 -15.66
CA LEU E 400 17.93 -30.89 -14.94
C LEU E 400 17.53 -31.63 -13.67
N ARG E 401 17.19 -32.91 -13.80
CA ARG E 401 16.85 -33.71 -12.64
C ARG E 401 18.03 -33.86 -11.69
N ALA E 402 17.71 -34.19 -10.44
CA ALA E 402 18.71 -34.47 -9.43
C ALA E 402 19.53 -35.71 -9.81
N PRO E 403 20.84 -35.58 -10.02
CA PRO E 403 21.65 -36.75 -10.36
C PRO E 403 21.61 -37.82 -9.28
N ASP E 404 21.61 -39.08 -9.72
CA ASP E 404 21.42 -40.24 -8.85
C ASP E 404 22.40 -41.34 -9.21
N LYS E 405 22.69 -42.18 -8.21
CA LYS E 405 23.51 -43.38 -8.31
C LYS E 405 24.80 -43.09 -9.06
N HIS E 406 24.96 -43.59 -10.28
CA HIS E 406 26.24 -43.50 -11.00
C HIS E 406 26.77 -42.08 -11.09
N ALA E 407 25.90 -41.13 -11.48
CA ALA E 407 26.27 -39.71 -11.56
C ALA E 407 27.06 -39.22 -10.35
N ARG E 408 26.50 -39.41 -9.15
CA ARG E 408 27.18 -39.06 -7.91
C ARG E 408 28.64 -39.48 -7.94
N ALA E 409 28.90 -40.79 -8.07
CA ALA E 409 30.28 -41.24 -8.11
C ALA E 409 31.03 -40.52 -9.23
N LYS E 410 30.42 -40.51 -10.42
CA LYS E 410 31.09 -40.08 -11.64
C LYS E 410 31.79 -38.76 -11.40
N LEU E 411 31.13 -37.84 -10.70
CA LEU E 411 31.73 -36.52 -10.48
C LEU E 411 32.36 -36.34 -9.11
N LEU E 412 32.05 -37.18 -8.11
CA LEU E 412 32.75 -37.07 -6.82
C LEU E 412 34.26 -37.11 -7.02
N GLU E 413 34.74 -38.14 -7.72
CA GLU E 413 36.16 -38.27 -8.06
C GLU E 413 36.72 -36.95 -8.59
N TYR E 414 36.07 -36.39 -9.61
CA TYR E 414 36.53 -35.12 -10.18
C TYR E 414 36.67 -34.05 -9.11
N PHE E 415 35.66 -33.89 -8.24
CA PHE E 415 35.83 -32.95 -7.15
C PHE E 415 37.05 -33.29 -6.29
N PHE E 416 37.24 -34.57 -5.99
CA PHE E 416 38.38 -35.01 -5.19
C PHE E 416 39.70 -34.64 -5.84
N SER E 417 39.72 -34.50 -7.17
CA SER E 417 40.93 -34.12 -7.88
C SER E 417 40.82 -32.77 -8.58
N LYS E 418 39.82 -31.96 -8.21
CA LYS E 418 39.53 -30.74 -8.96
C LYS E 418 40.65 -29.73 -8.81
N ASN E 419 40.93 -29.31 -7.58
CA ASN E 419 42.02 -28.36 -7.31
C ASN E 419 42.95 -28.93 -6.25
N GLN E 420 42.38 -29.42 -5.16
CA GLN E 420 43.10 -30.27 -4.23
C GLN E 420 43.29 -31.67 -4.81
N ILE E 421 44.28 -32.38 -4.29
CA ILE E 421 44.57 -33.75 -4.71
C ILE E 421 44.40 -34.65 -3.50
N MET E 422 43.18 -35.14 -3.32
CA MET E 422 42.80 -36.05 -2.25
C MET E 422 42.85 -37.50 -2.75
N LYS E 423 43.17 -38.41 -1.83
CA LYS E 423 43.23 -39.83 -2.14
C LYS E 423 42.08 -40.52 -1.41
N LEU E 424 41.37 -41.39 -2.13
CA LEU E 424 40.28 -42.15 -1.55
C LEU E 424 40.81 -43.19 -0.56
N ASN E 425 39.93 -43.64 0.34
CA ASN E 425 40.29 -44.67 1.30
C ASN E 425 40.71 -45.95 0.59
N ARG E 426 41.52 -46.75 1.28
CA ARG E 426 42.10 -47.95 0.71
C ARG E 426 41.02 -48.92 0.26
N ASP E 427 41.24 -49.52 -0.92
CA ASP E 427 40.41 -50.58 -1.47
C ASP E 427 38.95 -50.14 -1.60
N LEU E 428 38.74 -49.09 -2.39
CA LEU E 428 37.41 -48.61 -2.72
C LEU E 428 37.48 -47.82 -4.02
N GLN E 429 36.34 -47.72 -4.68
CA GLN E 429 36.21 -46.95 -5.91
C GLN E 429 34.94 -46.12 -5.89
N PHE E 430 34.65 -45.51 -4.74
CA PHE E 430 33.47 -44.66 -4.51
C PHE E 430 32.17 -45.45 -4.55
N SER E 431 32.24 -46.78 -4.52
CA SER E 431 31.06 -47.60 -4.78
C SER E 431 29.91 -47.24 -3.85
N ASP E 432 30.16 -47.21 -2.54
CA ASP E 432 29.12 -46.88 -1.57
C ASP E 432 29.17 -45.43 -1.12
N LEU E 433 30.23 -44.69 -1.48
CA LEU E 433 30.24 -43.25 -1.24
C LEU E 433 29.05 -42.56 -1.91
N SER E 434 28.63 -43.09 -3.06
CA SER E 434 27.40 -42.63 -3.72
C SER E 434 26.15 -43.15 -3.04
N LEU E 435 26.20 -44.34 -2.43
CA LEU E 435 25.01 -44.89 -1.79
C LEU E 435 24.51 -43.96 -0.70
N GLU E 436 25.41 -43.42 0.12
CA GLU E 436 25.02 -42.38 1.05
C GLU E 436 25.04 -41.03 0.35
N THR E 437 24.38 -40.05 0.97
CA THR E 437 24.25 -38.69 0.43
C THR E 437 23.50 -38.72 -0.91
N GLU E 438 22.51 -39.62 -1.02
CA GLU E 438 21.80 -39.84 -2.27
C GLU E 438 21.08 -38.57 -2.76
N GLY E 439 20.59 -37.75 -1.85
CA GLY E 439 19.89 -36.54 -2.26
C GLY E 439 20.74 -35.32 -2.52
N PHE E 440 22.06 -35.45 -2.44
CA PHE E 440 22.95 -34.30 -2.63
C PHE E 440 22.93 -33.83 -4.08
N SER E 441 22.94 -32.51 -4.25
CA SER E 441 23.06 -31.85 -5.55
C SER E 441 24.51 -31.55 -5.88
N PRO E 442 24.84 -31.39 -7.16
CA PRO E 442 26.19 -30.98 -7.54
C PRO E 442 26.67 -29.67 -6.92
N LEU E 443 25.81 -28.91 -6.25
CA LEU E 443 26.32 -27.90 -5.33
C LEU E 443 26.75 -28.53 -4.00
N ASP E 444 25.90 -29.40 -3.45
CA ASP E 444 26.17 -30.01 -2.15
C ASP E 444 27.47 -30.82 -2.16
N LEU E 445 27.82 -31.41 -3.31
CA LEU E 445 28.98 -32.30 -3.37
C LEU E 445 30.29 -31.54 -3.19
N GLU E 446 30.44 -30.39 -3.86
CA GLU E 446 31.64 -29.58 -3.67
C GLU E 446 31.82 -29.20 -2.20
N ILE E 447 30.75 -28.69 -1.59
CA ILE E 447 30.77 -28.33 -0.17
C ILE E 447 31.17 -29.52 0.68
N PHE E 448 30.58 -30.69 0.42
CA PHE E 448 30.92 -31.92 1.14
C PHE E 448 32.40 -32.26 1.00
N THR E 449 32.92 -32.18 -0.22
CA THR E 449 34.35 -32.39 -0.45
C THR E 449 35.21 -31.45 0.41
N GLU E 450 34.91 -30.16 0.37
CA GLU E 450 35.65 -29.21 1.22
C GLU E 450 35.50 -29.55 2.69
N LYS E 451 34.31 -29.99 3.11
CA LYS E 451 34.06 -30.46 4.47
C LYS E 451 35.03 -31.56 4.86
N ILE E 452 35.08 -32.62 4.05
CA ILE E 452 36.01 -33.72 4.28
C ILE E 452 37.44 -33.21 4.38
N PHE E 453 37.84 -32.36 3.42
CA PHE E 453 39.18 -31.77 3.44
C PHE E 453 39.48 -31.13 4.79
N TYR E 454 38.63 -30.20 5.23
CA TYR E 454 38.84 -29.54 6.52
C TYR E 454 38.90 -30.53 7.67
N ASP E 455 37.94 -31.45 7.73
CA ASP E 455 37.88 -32.41 8.82
C ASP E 455 39.15 -33.23 8.93
N LEU E 456 39.65 -33.75 7.80
CA LEU E 456 40.89 -34.52 7.87
C LEU E 456 42.09 -33.64 8.14
N GLN E 457 42.11 -32.43 7.59
CA GLN E 457 43.27 -31.56 7.74
C GLN E 457 43.47 -31.12 9.18
N LEU E 458 42.37 -30.82 9.89
CA LEU E 458 42.45 -30.37 11.27
C LEU E 458 42.91 -31.46 12.22
N GLU E 459 42.93 -32.71 11.78
CA GLU E 459 43.37 -33.82 12.63
C GLU E 459 44.86 -33.75 12.92
N ARG E 460 45.68 -33.26 11.98
CA ARG E 460 47.11 -33.00 12.11
C ARG E 460 47.97 -34.26 12.05
N ASP E 461 47.36 -35.44 11.95
CA ASP E 461 48.12 -36.70 11.87
C ASP E 461 47.97 -37.40 10.53
N CYS E 462 46.92 -37.09 9.77
CA CYS E 462 46.69 -37.67 8.46
C CYS E 462 46.23 -36.57 7.51
N ASP E 463 46.93 -36.43 6.38
CA ASP E 463 46.62 -35.40 5.40
C ASP E 463 46.74 -35.93 3.99
N ASN E 464 46.57 -37.23 3.80
CA ASN E 464 46.71 -37.80 2.47
C ASN E 464 45.54 -38.67 2.05
N VAL E 465 44.95 -39.41 2.98
CA VAL E 465 43.92 -40.40 2.64
C VAL E 465 42.74 -40.22 3.58
N VAL E 466 41.52 -40.39 3.07
CA VAL E 466 40.30 -40.29 3.86
C VAL E 466 40.08 -41.63 4.56
N THR E 467 39.15 -41.66 5.52
CA THR E 467 38.84 -42.87 6.28
C THR E 467 37.34 -42.97 6.46
N ARG E 468 36.88 -44.20 6.69
CA ARG E 468 35.45 -44.46 6.84
C ARG E 468 34.87 -43.73 8.04
N GLU E 469 35.58 -43.78 9.18
CA GLU E 469 35.09 -43.09 10.37
C GLU E 469 35.08 -41.58 10.18
N LEU E 470 36.08 -41.06 9.45
CA LEU E 470 36.08 -39.65 9.09
C LEU E 470 34.83 -39.28 8.31
N PHE E 471 34.47 -40.10 7.32
CA PHE E 471 33.27 -39.83 6.53
C PHE E 471 32.01 -39.92 7.39
N SER E 472 31.96 -40.89 8.30
CA SER E 472 30.82 -41.00 9.19
C SER E 472 30.67 -39.76 10.06
N LYS E 473 31.79 -39.27 10.61
CA LYS E 473 31.76 -38.06 11.43
C LYS E 473 31.31 -36.85 10.61
N SER E 474 31.88 -36.67 9.43
CA SER E 474 31.56 -35.50 8.61
C SER E 474 30.15 -35.55 8.05
N LEU E 475 29.60 -36.75 7.86
CA LEU E 475 28.25 -36.88 7.33
C LEU E 475 27.22 -36.21 8.23
N SER E 476 27.36 -36.38 9.55
CA SER E 476 26.56 -35.59 10.47
C SER E 476 26.99 -34.13 10.43
N ALA E 477 26.12 -33.27 10.99
CA ALA E 477 26.34 -31.83 11.07
C ALA E 477 26.38 -31.17 9.69
N PHE E 478 25.84 -31.85 8.68
CA PHE E 478 25.68 -31.28 7.35
C PHE E 478 24.39 -31.82 6.73
N THR E 479 23.72 -30.98 5.95
CA THR E 479 22.45 -31.31 5.33
C THR E 479 22.45 -30.83 3.90
N PRO E 480 21.69 -31.49 3.01
CA PRO E 480 21.55 -30.98 1.64
C PRO E 480 20.92 -29.61 1.61
N SER E 481 21.31 -28.82 0.59
CA SER E 481 20.70 -27.52 0.36
C SER E 481 19.18 -27.63 0.34
N ALA E 482 18.65 -28.49 -0.52
CA ALA E 482 17.23 -28.84 -0.43
C ALA E 482 16.91 -29.38 0.95
N LEU E 483 15.89 -28.81 1.58
CA LEU E 483 15.49 -29.12 2.95
C LEU E 483 16.54 -28.72 4.00
N ARG E 484 17.44 -27.79 3.66
CA ARG E 484 18.41 -27.30 4.63
C ARG E 484 17.73 -26.50 5.75
N GLY E 485 16.89 -25.53 5.38
CA GLY E 485 16.20 -24.67 6.33
C GLY E 485 14.96 -25.23 6.97
N VAL E 486 14.41 -26.34 6.44
CA VAL E 486 13.18 -26.89 7.02
C VAL E 486 13.42 -27.36 8.45
N LYS E 487 14.61 -27.93 8.71
CA LYS E 487 15.00 -28.39 10.05
C LYS E 487 14.05 -29.48 10.55
N LEU E 488 13.79 -30.46 9.68
CA LEU E 488 12.86 -31.54 9.95
C LEU E 488 13.63 -32.84 10.19
N THR E 489 13.33 -33.51 11.29
CA THR E 489 13.91 -34.80 11.62
C THR E 489 12.79 -35.83 11.70
N LYS E 490 12.92 -36.90 10.92
CA LYS E 490 11.88 -37.92 10.83
C LYS E 490 12.49 -39.22 10.32
N GLU E 491 11.74 -40.31 10.50
CA GLU E 491 12.11 -41.63 9.97
C GLU E 491 13.45 -42.12 10.51
N THR E 492 13.72 -41.82 11.78
CA THR E 492 14.86 -42.38 12.48
C THR E 492 14.65 -43.82 12.91
N ASN E 493 13.49 -44.41 12.58
CA ASN E 493 13.09 -45.73 13.06
C ASN E 493 13.46 -46.84 12.09
N ILE E 494 14.51 -46.65 11.28
CA ILE E 494 14.97 -47.66 10.33
C ILE E 494 15.30 -48.97 11.02
N LYS E 495 14.49 -50.01 10.76
CA LYS E 495 14.63 -51.29 11.42
C LYS E 495 14.45 -52.43 10.43
N TRP E 496 14.98 -52.25 9.20
CA TRP E 496 14.90 -53.28 8.18
C TRP E 496 15.41 -54.63 8.69
N GLY E 497 16.41 -54.61 9.56
CA GLY E 497 16.98 -55.83 10.10
C GLY E 497 15.96 -56.75 10.76
N ASP E 498 14.88 -56.20 11.30
CA ASP E 498 13.83 -57.04 11.87
C ASP E 498 13.21 -57.90 10.78
N ILE E 499 13.56 -59.20 10.78
CA ILE E 499 13.01 -60.14 9.82
C ILE E 499 11.50 -60.29 9.97
N GLY E 500 11.00 -60.19 11.20
CA GLY E 500 9.62 -60.51 11.51
C GLY E 500 9.25 -61.96 11.25
N ALA E 501 8.01 -62.32 11.59
CA ALA E 501 7.50 -63.66 11.34
C ALA E 501 6.96 -63.84 9.93
N LEU E 502 6.44 -62.77 9.33
CA LEU E 502 5.81 -62.85 8.02
C LEU E 502 6.81 -62.84 6.86
N ALA E 503 8.10 -63.03 7.14
CA ALA E 503 9.11 -63.09 6.08
C ALA E 503 8.76 -64.15 5.03
N ASN E 504 8.01 -65.18 5.44
CA ASN E 504 7.52 -66.19 4.52
C ASN E 504 6.87 -65.58 3.28
N ALA E 505 6.11 -64.50 3.45
CA ALA E 505 5.43 -63.85 2.35
C ALA E 505 5.77 -62.37 2.21
N LYS E 506 6.57 -61.81 3.13
CA LYS E 506 7.11 -60.46 2.96
C LYS E 506 7.76 -60.28 1.60
N ASP E 507 8.38 -61.33 1.07
CA ASP E 507 8.98 -61.29 -0.26
C ASP E 507 7.99 -60.82 -1.32
N VAL E 508 6.71 -61.17 -1.20
CA VAL E 508 5.71 -60.71 -2.17
C VAL E 508 5.62 -59.18 -2.16
N LEU E 509 5.56 -58.60 -0.95
CA LEU E 509 5.57 -57.15 -0.81
C LEU E 509 6.84 -56.54 -1.37
N LEU E 510 8.00 -57.09 -0.99
CA LEU E 510 9.28 -56.62 -1.51
C LEU E 510 9.30 -56.62 -3.03
N GLU E 511 8.87 -57.74 -3.63
CA GLU E 511 8.71 -57.84 -5.07
C GLU E 511 7.88 -56.70 -5.62
N THR E 512 6.61 -56.62 -5.21
CA THR E 512 5.67 -55.68 -5.81
C THR E 512 6.11 -54.23 -5.64
N LEU E 513 6.94 -53.93 -4.65
CA LEU E 513 7.43 -52.56 -4.50
C LEU E 513 8.71 -52.31 -5.28
N GLU E 514 9.68 -53.23 -5.23
CA GLU E 514 11.02 -52.97 -5.76
C GLU E 514 11.20 -53.50 -7.18
N TRP E 515 10.96 -54.80 -7.40
CA TRP E 515 11.35 -55.42 -8.66
C TRP E 515 10.91 -54.67 -9.92
N PRO E 516 9.67 -54.15 -10.03
CA PRO E 516 9.34 -53.34 -11.22
C PRO E 516 10.32 -52.22 -11.48
N THR E 517 10.96 -51.68 -10.43
CA THR E 517 11.96 -50.63 -10.59
C THR E 517 13.35 -51.20 -10.86
N LYS E 518 13.77 -52.21 -10.09
CA LYS E 518 15.11 -52.76 -10.25
C LYS E 518 15.33 -53.32 -11.65
N TYR E 519 14.42 -54.17 -12.13
CA TYR E 519 14.48 -54.70 -13.49
C TYR E 519 13.88 -53.70 -14.49
N GLU E 520 14.46 -52.51 -14.49
CA GLU E 520 13.92 -51.39 -15.27
C GLU E 520 13.71 -51.70 -16.75
N PRO E 521 14.66 -52.27 -17.50
CA PRO E 521 14.46 -52.33 -18.97
C PRO E 521 13.25 -53.13 -19.39
N ILE E 522 13.05 -54.33 -18.82
CA ILE E 522 11.92 -55.17 -19.21
C ILE E 522 10.60 -54.44 -18.96
N PHE E 523 10.44 -53.84 -17.78
CA PHE E 523 9.19 -53.19 -17.43
C PHE E 523 8.86 -52.01 -18.32
N VAL E 524 9.83 -51.46 -19.05
CA VAL E 524 9.54 -50.46 -20.06
C VAL E 524 8.60 -51.03 -21.12
N ASN E 525 8.65 -52.33 -21.36
CA ASN E 525 7.82 -52.98 -22.37
C ASN E 525 6.43 -53.34 -21.85
N CYS E 526 6.13 -53.08 -20.58
CA CYS E 526 4.86 -53.44 -19.98
C CYS E 526 3.71 -52.69 -20.65
N PRO E 527 2.74 -53.40 -21.23
CA PRO E 527 1.58 -52.75 -21.85
C PRO E 527 0.37 -52.61 -20.93
N LEU E 528 0.51 -52.95 -19.65
CA LEU E 528 -0.59 -53.07 -18.71
C LEU E 528 -0.17 -52.46 -17.39
N ARG E 529 -1.11 -51.76 -16.75
CA ARG E 529 -0.82 -51.02 -15.53
C ARG E 529 -0.28 -51.92 -14.42
N LEU E 530 0.83 -51.49 -13.83
CA LEU E 530 1.55 -52.29 -12.85
C LEU E 530 0.71 -52.45 -11.59
N ARG E 531 0.68 -53.67 -11.07
CA ARG E 531 0.18 -53.90 -9.70
C ARG E 531 0.94 -53.03 -8.72
N SER E 532 0.19 -52.32 -7.87
CA SER E 532 0.73 -51.22 -7.09
C SER E 532 0.17 -51.10 -5.68
N GLY E 533 -0.99 -51.66 -5.39
CA GLY E 533 -1.63 -51.52 -4.09
C GLY E 533 -1.64 -52.84 -3.32
N ILE E 534 -1.32 -52.76 -2.03
CA ILE E 534 -1.32 -53.91 -1.14
C ILE E 534 -2.00 -53.50 0.15
N LEU E 535 -2.81 -54.41 0.70
CA LEU E 535 -3.51 -54.20 1.96
C LEU E 535 -3.12 -55.30 2.94
N LEU E 536 -3.11 -54.97 4.22
CA LEU E 536 -2.64 -55.88 5.27
C LEU E 536 -3.57 -55.83 6.46
N TYR E 537 -4.31 -56.91 6.69
CA TYR E 537 -4.97 -57.13 7.97
C TYR E 537 -3.95 -57.43 9.06
N GLY E 538 -4.45 -57.69 10.26
CA GLY E 538 -3.61 -58.17 11.34
C GLY E 538 -4.24 -58.02 12.70
N TYR E 539 -4.03 -59.01 13.55
CA TYR E 539 -4.49 -58.92 14.93
C TYR E 539 -3.86 -57.70 15.60
N PRO E 540 -4.59 -56.96 16.43
CA PRO E 540 -4.30 -55.54 16.63
C PRO E 540 -2.86 -55.21 16.99
N GLY E 541 -2.23 -54.45 16.10
CA GLY E 541 -0.90 -53.90 16.36
C GLY E 541 0.24 -54.89 16.39
N CYS E 542 0.12 -56.02 15.70
CA CYS E 542 1.21 -57.00 15.65
C CYS E 542 2.30 -56.59 14.66
N GLY E 543 2.86 -55.41 14.88
CA GLY E 543 4.04 -54.97 14.17
C GLY E 543 3.81 -54.14 12.92
N LYS E 544 2.62 -53.55 12.77
CA LYS E 544 2.19 -53.10 11.45
C LYS E 544 2.87 -51.81 11.02
N THR E 545 2.82 -50.77 11.85
CA THR E 545 3.51 -49.52 11.53
C THR E 545 5.01 -49.73 11.45
N LEU E 546 5.59 -50.60 12.28
CA LEU E 546 7.02 -50.83 12.20
C LEU E 546 7.42 -51.45 10.87
N LEU E 547 6.63 -52.43 10.41
CA LEU E 547 6.82 -53.00 9.09
C LEU E 547 6.73 -51.93 8.00
N ALA E 548 5.66 -51.14 8.01
CA ALA E 548 5.53 -50.02 7.09
C ALA E 548 6.75 -49.11 7.12
N SER E 549 7.21 -48.75 8.32
CA SER E 549 8.40 -47.92 8.49
C SER E 549 9.63 -48.53 7.81
N ALA E 550 9.88 -49.82 8.05
CA ALA E 550 11.00 -50.50 7.42
C ALA E 550 10.88 -50.49 5.89
N VAL E 551 9.72 -50.91 5.37
CA VAL E 551 9.49 -50.90 3.92
C VAL E 551 9.63 -49.50 3.34
N ALA E 552 9.34 -48.47 4.13
CA ALA E 552 9.69 -47.11 3.74
C ALA E 552 11.19 -46.90 3.68
N GLN E 553 11.88 -47.25 4.76
CA GLN E 553 13.31 -47.03 4.90
C GLN E 553 14.18 -47.82 3.93
N GLN E 554 13.63 -48.85 3.26
CA GLN E 554 14.37 -49.42 2.13
C GLN E 554 14.75 -48.34 1.11
N CYS E 555 13.97 -47.26 1.04
CA CYS E 555 14.31 -45.97 0.44
C CYS E 555 14.19 -45.96 -1.08
N GLY E 556 13.92 -47.09 -1.73
CA GLY E 556 13.56 -47.05 -3.14
C GLY E 556 12.40 -46.12 -3.43
N LEU E 557 11.52 -45.91 -2.45
CA LEU E 557 10.43 -44.95 -2.55
C LEU E 557 10.40 -44.07 -1.31
N ASN E 558 9.93 -42.84 -1.49
CA ASN E 558 9.67 -41.94 -0.38
C ASN E 558 8.47 -42.42 0.43
N PHE E 559 8.30 -41.85 1.61
CA PHE E 559 7.18 -42.24 2.46
C PHE E 559 6.51 -41.01 3.08
N ILE E 560 5.18 -41.04 3.08
CA ILE E 560 4.35 -40.15 3.89
C ILE E 560 3.11 -40.95 4.27
N SER E 561 2.51 -40.62 5.41
CA SER E 561 1.43 -41.46 5.92
C SER E 561 0.39 -40.61 6.63
N VAL E 562 -0.84 -41.12 6.63
CA VAL E 562 -1.96 -40.55 7.37
C VAL E 562 -2.48 -41.60 8.35
N LYS E 563 -2.94 -41.14 9.50
CA LYS E 563 -3.54 -41.99 10.52
C LYS E 563 -5.03 -41.65 10.62
N GLY E 564 -5.87 -42.65 10.34
CA GLY E 564 -7.26 -42.45 9.97
C GLY E 564 -8.09 -41.49 10.82
N PRO E 565 -8.04 -41.64 12.15
CA PRO E 565 -8.82 -40.73 13.01
C PRO E 565 -8.35 -39.28 12.97
N GLU E 566 -7.19 -38.98 12.41
CA GLU E 566 -6.70 -37.61 12.37
C GLU E 566 -7.59 -36.73 11.50
N ILE E 567 -8.01 -37.24 10.34
CA ILE E 567 -8.60 -36.40 9.30
C ILE E 567 -10.12 -36.33 9.35
N LEU E 568 -10.78 -37.17 10.14
CA LEU E 568 -12.24 -37.22 10.15
C LEU E 568 -12.83 -36.06 10.94
N ASN E 569 -12.53 -34.84 10.46
CA ASN E 569 -13.12 -33.64 11.01
C ASN E 569 -14.64 -33.70 10.92
N LYS E 570 -15.30 -32.99 11.84
CA LYS E 570 -16.74 -32.79 11.73
C LYS E 570 -17.10 -31.86 10.57
N PHE E 571 -16.24 -30.89 10.29
CA PHE E 571 -16.46 -29.98 9.15
C PHE E 571 -16.54 -30.75 7.84
N ILE E 572 -17.59 -30.44 7.06
CA ILE E 572 -17.91 -31.20 5.85
C ILE E 572 -16.75 -31.15 4.85
N GLY E 573 -16.25 -29.95 4.55
CA GLY E 573 -15.26 -29.79 3.51
C GLY E 573 -13.89 -30.39 3.81
N ALA E 574 -13.28 -29.97 4.91
CA ALA E 574 -11.97 -30.49 5.32
C ALA E 574 -11.96 -32.01 5.35
N SER E 575 -13.05 -32.63 5.79
CA SER E 575 -13.12 -34.09 5.93
C SER E 575 -12.66 -34.81 4.66
N GLU E 576 -13.08 -34.30 3.50
CA GLU E 576 -12.65 -34.85 2.21
C GLU E 576 -11.40 -34.15 1.67
N GLN E 577 -11.28 -32.84 1.90
CA GLN E 577 -10.15 -32.07 1.39
C GLN E 577 -8.81 -32.59 1.93
N ASN E 578 -8.80 -33.13 3.15
CA ASN E 578 -7.55 -33.63 3.73
C ASN E 578 -7.01 -34.85 2.98
N ILE E 579 -7.86 -35.67 2.39
CA ILE E 579 -7.35 -36.76 1.55
C ILE E 579 -6.62 -36.18 0.34
N ARG E 580 -7.26 -35.24 -0.35
CA ARG E 580 -6.64 -34.60 -1.52
C ARG E 580 -5.34 -33.90 -1.14
N GLU E 581 -5.28 -33.37 0.09
CA GLU E 581 -4.05 -32.77 0.61
C GLU E 581 -2.86 -33.73 0.49
N LEU E 582 -3.09 -35.02 0.69
CA LEU E 582 -2.00 -35.99 0.58
C LEU E 582 -1.57 -36.17 -0.87
N PHE E 583 -2.51 -36.52 -1.74
CA PHE E 583 -2.21 -36.79 -3.15
C PHE E 583 -1.56 -35.59 -3.83
N GLU E 584 -2.12 -34.40 -3.63
CA GLU E 584 -1.57 -33.19 -4.25
C GLU E 584 -0.09 -33.00 -3.95
N ARG E 585 0.36 -33.42 -2.76
CA ARG E 585 1.78 -33.35 -2.43
C ARG E 585 2.54 -34.54 -2.99
N ALA E 586 2.01 -35.75 -2.81
CA ALA E 586 2.69 -36.95 -3.28
C ALA E 586 2.99 -36.88 -4.77
N GLN E 587 1.97 -36.59 -5.59
CA GLN E 587 2.15 -36.48 -7.03
C GLN E 587 3.14 -35.39 -7.41
N SER E 588 3.41 -34.44 -6.51
CA SER E 588 4.25 -33.29 -6.80
C SER E 588 5.73 -33.56 -6.62
N VAL E 589 6.09 -34.68 -6.00
CA VAL E 589 7.49 -34.95 -5.66
C VAL E 589 8.01 -36.17 -6.42
N LYS E 590 7.54 -37.38 -6.09
CA LYS E 590 8.16 -38.63 -6.50
C LYS E 590 7.25 -39.81 -6.18
N PRO E 591 7.57 -41.01 -6.65
CA PRO E 591 6.87 -42.21 -6.14
C PRO E 591 6.94 -42.30 -4.62
N CYS E 592 5.81 -42.67 -4.02
CA CYS E 592 5.64 -42.65 -2.58
C CYS E 592 4.77 -43.82 -2.15
N ILE E 593 4.86 -44.13 -0.85
CA ILE E 593 4.08 -45.23 -0.28
C ILE E 593 2.64 -44.79 0.00
N LEU E 594 2.47 -43.61 0.60
CA LEU E 594 1.16 -43.11 1.00
C LEU E 594 0.42 -44.13 1.86
N PHE E 595 1.06 -44.47 2.98
CA PHE E 595 0.55 -45.50 3.87
C PHE E 595 -0.66 -44.98 4.64
N PHE E 596 -1.73 -45.77 4.65
CA PHE E 596 -2.87 -45.53 5.53
C PHE E 596 -2.73 -46.45 6.75
N ASP E 597 -2.50 -45.84 7.92
CA ASP E 597 -2.74 -46.49 9.19
C ASP E 597 -4.19 -46.35 9.62
N GLU E 598 -4.63 -47.28 10.45
CA GLU E 598 -5.98 -47.26 11.03
C GLU E 598 -7.06 -47.13 9.96
N PHE E 599 -6.81 -47.75 8.81
CA PHE E 599 -7.66 -47.58 7.63
C PHE E 599 -9.11 -48.02 7.89
N ASP E 600 -9.33 -48.88 8.89
CA ASP E 600 -10.68 -49.26 9.27
C ASP E 600 -11.57 -48.04 9.55
N SER E 601 -11.01 -47.03 10.22
CA SER E 601 -11.81 -45.87 10.60
C SER E 601 -12.24 -45.01 9.42
N ILE E 602 -11.51 -45.06 8.30
CA ILE E 602 -11.95 -44.36 7.10
C ILE E 602 -12.99 -45.19 6.34
N ALA E 603 -12.85 -46.51 6.35
CA ALA E 603 -13.70 -47.37 5.55
C ALA E 603 -15.17 -47.21 5.94
N PRO E 604 -16.09 -47.27 4.97
CA PRO E 604 -17.48 -46.84 5.21
C PRO E 604 -18.42 -47.96 5.64
N LYS E 605 -17.88 -49.14 5.96
CA LYS E 605 -18.64 -50.37 6.24
C LYS E 605 -19.80 -50.56 5.26
N ARG E 606 -19.48 -50.41 3.97
CA ARG E 606 -20.43 -50.55 2.85
C ARG E 606 -21.76 -49.89 3.15
N GLY E 607 -21.72 -48.68 3.72
CA GLY E 607 -22.93 -47.95 4.03
C GLY E 607 -23.45 -47.14 2.86
N HIS E 608 -24.76 -47.22 2.63
CA HIS E 608 -25.42 -46.58 1.50
C HIS E 608 -26.67 -45.82 1.89
N ASP E 609 -27.28 -46.13 3.03
CA ASP E 609 -28.55 -45.58 3.48
C ASP E 609 -28.38 -44.26 4.23
N SER E 610 -27.47 -44.23 5.21
CA SER E 610 -27.23 -43.02 5.99
C SER E 610 -26.58 -41.92 5.15
N THR E 611 -25.73 -42.29 4.19
CA THR E 611 -25.05 -41.32 3.33
C THR E 611 -24.29 -40.28 4.16
N GLY E 612 -23.69 -40.75 5.24
CA GLY E 612 -22.88 -39.89 6.09
C GLY E 612 -21.65 -39.38 5.39
N VAL E 613 -20.94 -38.49 6.11
CA VAL E 613 -19.69 -37.93 5.59
C VAL E 613 -18.70 -39.01 5.21
N THR E 614 -18.71 -40.13 5.93
CA THR E 614 -17.86 -41.27 5.57
C THR E 614 -18.00 -41.65 4.10
N ASP E 615 -19.23 -41.72 3.61
CA ASP E 615 -19.47 -41.96 2.19
C ASP E 615 -18.78 -40.92 1.31
N ARG E 616 -18.89 -39.64 1.67
CA ARG E 616 -18.18 -38.58 0.96
C ARG E 616 -16.68 -38.85 0.92
N VAL E 617 -16.09 -39.16 2.07
CA VAL E 617 -14.65 -39.41 2.16
C VAL E 617 -14.24 -40.58 1.29
N VAL E 618 -14.98 -41.68 1.37
CA VAL E 618 -14.60 -42.87 0.61
C VAL E 618 -14.80 -42.64 -0.88
N ASN E 619 -15.85 -41.92 -1.27
CA ASN E 619 -16.02 -41.55 -2.68
C ASN E 619 -14.87 -40.69 -3.18
N GLN E 620 -14.49 -39.67 -2.40
CA GLN E 620 -13.31 -38.87 -2.70
C GLN E 620 -12.06 -39.71 -2.92
N LEU E 621 -11.80 -40.65 -2.02
CA LEU E 621 -10.65 -41.54 -2.20
C LEU E 621 -10.78 -42.41 -3.44
N LEU E 622 -11.93 -43.07 -3.63
CA LEU E 622 -12.08 -43.96 -4.78
C LEU E 622 -12.18 -43.20 -6.09
N THR E 623 -12.30 -41.88 -6.07
CA THR E 623 -12.17 -41.08 -7.29
C THR E 623 -10.73 -40.62 -7.51
N GLN E 624 -10.08 -40.11 -6.47
CA GLN E 624 -8.71 -39.61 -6.61
C GLN E 624 -7.73 -40.73 -6.91
N MET E 625 -7.98 -41.91 -6.37
CA MET E 625 -7.37 -43.15 -6.82
C MET E 625 -8.30 -43.87 -7.80
N ASP E 626 -7.70 -44.52 -8.80
CA ASP E 626 -8.37 -44.81 -10.07
C ASP E 626 -8.87 -43.53 -10.74
N GLY E 627 -8.09 -42.45 -10.57
CA GLY E 627 -8.33 -41.23 -11.30
C GLY E 627 -8.08 -41.38 -12.79
N ALA E 628 -8.18 -40.24 -13.48
CA ALA E 628 -7.74 -40.19 -14.87
C ALA E 628 -6.29 -40.62 -15.01
N GLU E 629 -5.44 -40.24 -14.04
CA GLU E 629 -4.01 -40.52 -14.12
C GLU E 629 -3.42 -40.76 -12.75
N GLY E 630 -4.24 -41.22 -11.80
CA GLY E 630 -3.83 -41.32 -10.41
C GLY E 630 -2.87 -42.46 -10.11
N LEU E 631 -2.61 -43.33 -11.08
CA LEU E 631 -1.71 -44.47 -10.90
C LEU E 631 -0.24 -44.08 -10.96
N ASP E 632 0.10 -42.79 -10.87
CA ASP E 632 1.46 -42.32 -11.06
C ASP E 632 2.30 -42.67 -9.84
N GLY E 633 2.80 -43.91 -9.82
CA GLY E 633 3.76 -44.35 -8.82
C GLY E 633 3.32 -44.28 -7.38
N VAL E 634 2.01 -44.19 -7.13
CA VAL E 634 1.51 -44.10 -5.74
C VAL E 634 1.18 -45.54 -5.31
N TYR E 635 2.20 -46.24 -4.85
CA TYR E 635 2.07 -47.63 -4.39
C TYR E 635 1.46 -47.62 -2.99
N ILE E 636 0.13 -47.49 -2.97
CA ILE E 636 -0.63 -47.41 -1.73
C ILE E 636 -0.47 -48.68 -0.90
N LEU E 637 -0.12 -48.51 0.37
CA LEU E 637 -0.12 -49.58 1.36
C LEU E 637 -1.18 -49.25 2.41
N ALA E 638 -2.05 -50.21 2.70
CA ALA E 638 -3.11 -50.05 3.70
C ALA E 638 -2.99 -51.11 4.78
N ALA E 639 -2.98 -50.67 6.04
CA ALA E 639 -3.04 -51.56 7.19
C ALA E 639 -4.41 -51.46 7.84
N THR E 640 -5.01 -52.61 8.15
CA THR E 640 -6.37 -52.66 8.65
C THR E 640 -6.48 -53.74 9.72
N SER E 641 -7.51 -53.61 10.55
CA SER E 641 -7.83 -54.58 11.59
C SER E 641 -9.00 -55.47 11.25
N ARG E 642 -10.06 -54.91 10.66
CA ARG E 642 -11.29 -55.63 10.34
C ARG E 642 -11.65 -55.46 8.87
N PRO E 643 -10.91 -56.12 7.98
CA PRO E 643 -11.12 -55.95 6.53
C PRO E 643 -12.57 -56.10 6.08
N ASP E 644 -13.34 -56.98 6.73
CA ASP E 644 -14.77 -57.11 6.39
C ASP E 644 -15.49 -55.77 6.46
N LEU E 645 -15.01 -54.85 7.28
CA LEU E 645 -15.60 -53.52 7.37
C LEU E 645 -15.25 -52.64 6.16
N ILE E 646 -14.35 -53.10 5.29
CA ILE E 646 -14.01 -52.38 4.07
C ILE E 646 -14.77 -53.02 2.93
N ASP E 647 -15.39 -52.20 2.10
CA ASP E 647 -16.26 -52.67 1.02
C ASP E 647 -15.48 -52.93 -0.27
N SER E 648 -16.18 -53.61 -1.20
CA SER E 648 -15.60 -54.05 -2.46
C SER E 648 -15.12 -52.91 -3.35
N ALA E 649 -15.64 -51.69 -3.20
CA ALA E 649 -15.25 -50.62 -4.11
C ALA E 649 -13.78 -50.26 -3.98
N LEU E 650 -13.17 -50.52 -2.83
CA LEU E 650 -11.73 -50.36 -2.68
C LEU E 650 -10.97 -51.62 -3.07
N LEU E 651 -11.55 -52.80 -2.87
CA LEU E 651 -10.85 -54.06 -3.02
C LEU E 651 -11.08 -54.72 -4.37
N ARG E 652 -11.91 -54.13 -5.24
CA ARG E 652 -11.97 -54.56 -6.63
C ARG E 652 -10.61 -54.37 -7.33
N PRO E 653 -10.39 -55.05 -8.45
CA PRO E 653 -9.11 -54.94 -9.16
C PRO E 653 -8.74 -53.50 -9.49
N GLY E 654 -7.43 -53.27 -9.61
CA GLY E 654 -6.89 -51.94 -9.85
C GLY E 654 -6.83 -51.05 -8.63
N ARG E 655 -7.44 -51.45 -7.52
CA ARG E 655 -7.33 -50.76 -6.24
C ARG E 655 -7.00 -51.78 -5.17
N LEU E 656 -6.15 -51.38 -4.22
CA LEU E 656 -5.77 -52.21 -3.07
C LEU E 656 -5.47 -53.65 -3.49
N ASP E 657 -4.63 -53.78 -4.52
CA ASP E 657 -4.65 -54.94 -5.42
C ASP E 657 -4.38 -56.25 -4.68
N LYS E 658 -3.22 -56.37 -4.06
CA LYS E 658 -2.78 -57.64 -3.50
C LYS E 658 -3.44 -57.94 -2.16
N SER E 659 -3.86 -59.20 -2.00
CA SER E 659 -4.38 -59.72 -0.73
C SER E 659 -3.34 -59.62 0.38
N VAL E 660 -3.84 -59.73 1.61
CA VAL E 660 -2.98 -59.70 2.79
C VAL E 660 -2.09 -60.94 2.86
N ILE E 661 -0.99 -60.79 3.58
CA ILE E 661 -0.12 -61.89 3.97
C ILE E 661 -0.22 -62.06 5.50
N CYS E 662 -0.60 -63.25 5.93
CA CYS E 662 -0.71 -63.57 7.35
C CYS E 662 0.65 -63.49 8.06
N ASN E 663 0.63 -62.98 9.30
CA ASN E 663 1.85 -62.74 10.05
C ASN E 663 1.85 -63.28 11.47
N ILE E 664 0.81 -64.00 11.90
CA ILE E 664 0.74 -64.58 13.24
C ILE E 664 1.90 -65.56 13.43
N PRO E 665 2.85 -65.28 14.31
CA PRO E 665 4.01 -66.16 14.46
C PRO E 665 3.68 -67.46 15.18
N THR E 666 4.51 -68.46 14.91
CA THR E 666 4.65 -69.66 15.71
C THR E 666 5.92 -69.59 16.55
N GLU E 667 6.17 -70.64 17.33
CA GLU E 667 7.33 -70.72 18.21
C GLU E 667 8.65 -70.45 17.48
N SER E 668 8.88 -71.14 16.37
CA SER E 668 10.09 -70.91 15.57
C SER E 668 10.22 -69.45 15.15
N GLU E 669 9.14 -68.86 14.62
CA GLU E 669 9.16 -67.44 14.25
C GLU E 669 9.48 -66.54 15.44
N ARG E 670 8.86 -66.80 16.59
CA ARG E 670 9.18 -66.05 17.80
C ARG E 670 10.66 -66.15 18.14
N LEU E 671 11.23 -67.37 18.07
CA LEU E 671 12.67 -67.55 18.26
C LEU E 671 13.48 -66.69 17.29
N ASP E 672 13.12 -66.71 16.00
CA ASP E 672 13.78 -65.87 15.01
C ASP E 672 13.72 -64.39 15.37
N ILE E 673 12.53 -63.92 15.76
CA ILE E 673 12.39 -62.51 16.15
C ILE E 673 13.25 -62.19 17.36
N LEU E 674 13.29 -63.10 18.34
CA LEU E 674 14.19 -62.93 19.48
C LEU E 674 15.63 -62.76 19.02
N GLN E 675 16.09 -63.67 18.15
CA GLN E 675 17.44 -63.60 17.58
C GLN E 675 17.68 -62.25 16.92
N ALA E 676 16.76 -61.81 16.07
CA ALA E 676 16.92 -60.53 15.37
C ALA E 676 17.00 -59.36 16.35
N ILE E 677 16.05 -59.25 17.27
CA ILE E 677 16.03 -58.11 18.18
C ILE E 677 17.27 -58.08 19.08
N VAL E 678 17.76 -59.25 19.51
CA VAL E 678 18.99 -59.25 20.30
C VAL E 678 20.20 -58.90 19.43
N ASN E 679 20.29 -59.48 18.24
CA ASN E 679 21.45 -59.27 17.38
C ASN E 679 21.50 -57.83 16.85
N SER E 680 20.34 -57.24 16.55
CA SER E 680 20.31 -55.92 15.94
C SER E 680 20.93 -54.89 16.87
N LYS E 681 21.54 -53.87 16.27
CA LYS E 681 22.03 -52.72 17.01
C LYS E 681 20.87 -51.82 17.44
N ASP E 682 21.16 -51.00 18.45
CA ASP E 682 20.23 -49.94 18.85
C ASP E 682 20.30 -48.74 17.89
N LYS E 683 21.40 -47.99 17.93
CA LYS E 683 21.67 -46.96 16.94
C LYS E 683 23.11 -46.96 16.41
N ASP E 684 24.09 -47.41 17.19
CA ASP E 684 25.49 -47.23 16.84
C ASP E 684 26.07 -48.52 16.29
N THR E 685 27.12 -48.39 15.48
CA THR E 685 27.75 -49.54 14.85
C THR E 685 28.35 -50.47 15.90
N GLY E 686 27.90 -51.72 15.90
CA GLY E 686 28.45 -52.73 16.78
C GLY E 686 27.94 -52.71 18.20
N GLN E 687 27.08 -51.76 18.56
CA GLN E 687 26.53 -51.68 19.92
C GLN E 687 25.23 -52.49 19.93
N LYS E 688 25.32 -53.74 20.37
CA LYS E 688 24.15 -54.61 20.47
C LYS E 688 23.04 -53.96 21.29
N LYS E 689 21.81 -54.07 20.77
CA LYS E 689 20.68 -53.38 21.37
C LYS E 689 20.49 -53.78 22.83
N PHE E 690 20.53 -55.07 23.11
CA PHE E 690 20.17 -55.61 24.42
C PHE E 690 21.40 -56.24 25.06
N ALA E 691 21.52 -56.05 26.38
CA ALA E 691 22.65 -56.57 27.14
C ALA E 691 22.48 -58.04 27.50
N LEU E 692 22.26 -58.88 26.48
CA LEU E 692 22.09 -60.31 26.70
C LEU E 692 23.39 -60.93 27.20
N GLU E 693 23.27 -62.09 27.83
CA GLU E 693 24.45 -62.90 28.14
C GLU E 693 24.91 -63.65 26.90
N LYS E 694 26.23 -63.66 26.70
CA LYS E 694 26.80 -64.12 25.44
C LYS E 694 26.49 -65.60 25.18
N ASN E 695 26.66 -66.44 26.20
CA ASN E 695 26.50 -67.88 26.01
C ASN E 695 25.54 -68.55 26.98
N ALA E 696 25.29 -67.99 28.16
CA ALA E 696 24.38 -68.62 29.11
C ALA E 696 22.92 -68.39 28.80
N ASP E 697 22.61 -67.87 27.61
CA ASP E 697 21.23 -67.64 27.20
C ASP E 697 20.61 -68.91 26.62
N LEU E 698 19.29 -68.98 26.64
CA LEU E 698 18.57 -70.09 26.02
C LEU E 698 17.39 -69.52 25.23
N LYS E 699 17.45 -69.66 23.90
CA LYS E 699 16.39 -69.16 23.05
C LYS E 699 15.08 -69.89 23.27
N LEU E 700 15.13 -71.16 23.67
CA LEU E 700 13.92 -71.95 23.81
C LEU E 700 13.09 -71.60 25.03
N ILE E 701 13.58 -70.73 25.92
CA ILE E 701 12.81 -70.34 27.10
C ILE E 701 11.45 -69.77 26.69
N ALA E 702 11.36 -69.23 25.47
CA ALA E 702 10.08 -68.96 24.82
C ALA E 702 9.39 -70.27 24.43
N GLU E 703 9.00 -71.06 25.44
CA GLU E 703 8.63 -72.46 25.21
C GLU E 703 7.49 -72.57 24.21
N LYS E 704 6.43 -71.79 24.38
CA LYS E 704 5.30 -71.87 23.45
C LYS E 704 4.53 -70.56 23.47
N THR E 705 3.93 -70.24 22.32
CA THR E 705 3.08 -69.06 22.20
C THR E 705 1.93 -69.12 23.19
N ALA E 706 1.26 -70.27 23.28
CA ALA E 706 0.12 -70.42 24.18
C ALA E 706 0.51 -70.41 25.65
N GLY E 707 1.80 -70.50 25.98
CA GLY E 707 2.23 -70.44 27.37
C GLY E 707 1.65 -69.25 28.10
N PHE E 708 2.05 -68.05 27.68
CA PHE E 708 1.45 -66.80 28.13
C PHE E 708 0.74 -66.08 26.99
N SER E 709 1.46 -65.75 25.92
CA SER E 709 0.91 -65.08 24.74
C SER E 709 2.05 -64.91 23.73
N GLY E 710 1.68 -64.55 22.50
CA GLY E 710 2.65 -64.01 21.57
C GLY E 710 3.36 -62.78 22.08
N ALA E 711 2.59 -61.82 22.61
CA ALA E 711 3.10 -60.68 23.35
C ALA E 711 3.99 -59.76 22.51
N ASP E 712 4.19 -58.52 22.97
CA ASP E 712 5.21 -57.67 22.40
C ASP E 712 6.57 -58.22 22.84
N LEU E 713 7.18 -59.06 22.00
CA LEU E 713 8.48 -59.65 22.33
C LEU E 713 9.54 -58.58 22.58
N GLN E 714 9.53 -57.51 21.79
CA GLN E 714 10.46 -56.40 22.02
C GLN E 714 10.14 -55.68 23.34
N GLY E 715 8.85 -55.49 23.63
CA GLY E 715 8.47 -54.97 24.93
C GLY E 715 8.85 -55.87 26.08
N LEU E 716 8.71 -57.19 25.91
CA LEU E 716 9.21 -58.14 26.90
C LEU E 716 10.71 -58.00 27.10
N CYS E 717 11.46 -57.90 26.01
CA CYS E 717 12.90 -57.69 26.08
C CYS E 717 13.26 -56.42 26.86
N TYR E 718 12.57 -55.32 26.57
CA TYR E 718 12.81 -54.09 27.32
C TYR E 718 12.37 -54.18 28.78
N ASN E 719 11.31 -54.93 29.07
CA ASN E 719 10.97 -55.26 30.46
C ASN E 719 12.13 -55.98 31.16
N ALA E 720 12.69 -56.98 30.50
CA ALA E 720 13.88 -57.66 31.01
C ALA E 720 15.03 -56.67 31.24
N TYR E 721 15.26 -55.78 30.29
CA TYR E 721 16.27 -54.72 30.45
C TYR E 721 16.01 -53.89 31.71
N LEU E 722 14.77 -53.46 31.91
CA LEU E 722 14.38 -52.70 33.10
C LEU E 722 14.69 -53.49 34.37
N LYS E 723 14.28 -54.76 34.41
CA LYS E 723 14.55 -55.58 35.59
C LYS E 723 16.05 -55.75 35.81
N SER E 724 16.82 -55.93 34.73
CA SER E 724 18.26 -56.10 34.86
C SER E 724 18.92 -54.84 35.41
N VAL E 725 18.53 -53.67 34.92
CA VAL E 725 19.12 -52.44 35.44
C VAL E 725 18.72 -52.23 36.89
N HIS E 726 17.48 -52.59 37.25
CA HIS E 726 17.07 -52.51 38.65
C HIS E 726 17.94 -53.43 39.52
N ARG E 727 18.18 -54.66 39.06
CA ARG E 727 19.01 -55.59 39.81
C ARG E 727 20.43 -55.05 39.95
N TRP E 728 20.97 -54.47 38.88
CA TRP E 728 22.31 -53.92 38.92
C TRP E 728 22.39 -52.76 39.91
N LEU E 729 21.36 -51.90 39.91
CA LEU E 729 21.30 -50.80 40.87
C LEU E 729 21.27 -51.33 42.31
N SER E 730 20.45 -52.35 42.55
CA SER E 730 20.37 -52.93 43.89
C SER E 730 21.70 -53.53 44.31
N ALA E 731 22.37 -54.23 43.40
CA ALA E 731 23.66 -54.85 43.71
C ALA E 731 24.72 -53.79 44.02
N ALA E 732 24.84 -52.77 43.16
CA ALA E 732 25.80 -51.70 43.40
C ALA E 732 25.44 -50.93 44.67
N ASP E 733 24.16 -50.62 44.85
CA ASP E 733 23.62 -49.98 46.06
C ASP E 733 24.00 -48.50 46.14
N GLN E 734 24.86 -48.05 45.22
CA GLN E 734 25.29 -46.65 45.10
C GLN E 734 25.53 -46.02 46.47
N SER E 735 26.41 -46.67 47.23
CA SER E 735 26.69 -46.27 48.59
C SER E 735 28.20 -46.30 48.83
N GLU E 736 28.60 -45.80 49.99
CA GLU E 736 29.99 -45.79 50.43
C GLU E 736 30.89 -45.01 49.45
N VAL E 737 30.59 -43.72 49.32
CA VAL E 737 31.34 -42.82 48.46
C VAL E 737 31.99 -41.76 49.35
N VAL E 738 33.29 -41.60 49.21
CA VAL E 738 34.13 -40.63 49.95
C VAL E 738 33.73 -40.56 51.43
N PRO E 739 33.67 -41.67 52.15
CA PRO E 739 33.34 -41.59 53.58
C PRO E 739 34.43 -40.92 54.38
N GLY E 740 34.01 -40.20 55.42
CA GLY E 740 34.95 -39.55 56.32
C GLY E 740 35.89 -38.58 55.66
N ASN E 741 35.38 -37.77 54.72
CA ASN E 741 36.25 -36.82 54.02
C ASN E 741 36.79 -35.77 54.97
N ASP E 742 35.95 -35.24 55.85
CA ASP E 742 36.38 -34.16 56.73
C ASP E 742 37.27 -34.72 57.83
N ASN E 743 38.39 -34.04 58.08
CA ASN E 743 39.32 -34.46 59.11
C ASN E 743 38.92 -33.85 60.45
N ILE E 744 39.36 -34.51 61.53
CA ILE E 744 39.11 -34.01 62.88
C ILE E 744 40.18 -32.97 63.20
N GLU E 745 39.74 -31.72 63.44
CA GLU E 745 40.69 -30.63 63.64
C GLU E 745 40.26 -29.69 64.75
N TYR E 746 39.35 -30.10 65.63
CA TYR E 746 38.86 -29.24 66.70
C TYR E 746 40.02 -28.79 67.60
N PHE E 747 39.81 -27.66 68.26
CA PHE E 747 40.81 -27.09 69.15
C PHE E 747 40.12 -26.52 70.39
N SER E 748 40.87 -26.43 71.48
CA SER E 748 40.30 -26.05 72.77
C SER E 748 39.70 -24.65 72.75
N ILE E 749 40.36 -23.70 72.10
CA ILE E 749 39.92 -22.31 72.12
C ILE E 749 38.70 -22.08 71.22
N ASN E 750 38.17 -23.16 70.64
CA ASN E 750 37.00 -23.01 69.76
C ASN E 750 35.75 -22.76 70.59
N GLU E 751 35.75 -21.67 71.34
CA GLU E 751 34.62 -21.26 72.17
C GLU E 751 34.61 -19.74 72.23
N HIS E 752 33.88 -19.18 73.19
CA HIS E 752 33.80 -17.73 73.42
C HIS E 752 33.49 -16.96 72.13
N GLY E 753 32.62 -17.55 71.30
CA GLY E 753 32.27 -16.93 70.04
C GLY E 753 31.23 -17.73 69.27
N ARG E 754 31.45 -17.88 67.96
CA ARG E 754 30.51 -18.62 67.13
C ARG E 754 30.37 -20.06 67.61
N ARG E 755 29.14 -20.53 67.71
CA ARG E 755 28.85 -21.91 68.08
C ARG E 755 28.62 -22.80 66.87
N GLU E 756 28.73 -22.26 65.66
CA GLU E 756 28.67 -23.03 64.41
C GLU E 756 30.06 -23.34 63.87
N GLU E 757 31.04 -23.54 64.76
CA GLU E 757 32.43 -23.71 64.31
C GLU E 757 32.59 -24.88 63.35
N ASN E 758 31.71 -25.88 63.42
CA ASN E 758 31.75 -26.97 62.45
C ASN E 758 31.48 -26.46 61.04
N ARG E 759 30.48 -25.59 60.89
CA ARG E 759 30.17 -25.04 59.57
C ARG E 759 31.32 -24.20 59.05
N LEU E 760 31.93 -23.37 59.91
CA LEU E 760 33.05 -22.56 59.48
C LEU E 760 34.25 -23.43 59.09
N ARG E 761 34.49 -24.49 59.86
CA ARG E 761 35.59 -25.39 59.53
C ARG E 761 35.36 -26.07 58.19
N LEU E 762 34.14 -26.51 57.93
CA LEU E 762 33.82 -27.09 56.62
C LEU E 762 34.00 -26.07 55.51
N LYS E 763 33.56 -24.84 55.76
CA LYS E 763 33.75 -23.75 54.80
C LYS E 763 35.23 -23.57 54.46
N THR E 764 36.09 -23.51 55.48
CA THR E 764 37.52 -23.35 55.23
C THR E 764 38.10 -24.55 54.49
N LEU E 765 37.70 -25.77 54.88
CA LEU E 765 38.21 -26.96 54.21
C LEU E 765 37.83 -26.95 52.73
N LEU E 766 36.63 -26.48 52.41
CA LEU E 766 36.27 -26.28 51.01
C LEU E 766 37.12 -25.18 50.37
N GLN E 767 37.38 -24.10 51.12
CA GLN E 767 38.07 -22.94 50.57
C GLN E 767 39.55 -23.21 50.30
N GLN E 768 40.20 -24.01 51.15
CA GLN E 768 41.62 -24.32 50.94
C GLN E 768 41.87 -25.00 49.60
N ASP E 769 40.86 -25.61 49.01
CA ASP E 769 41.01 -26.22 47.68
C ASP E 769 41.38 -25.15 46.66
N VAL E 770 42.21 -25.54 45.69
CA VAL E 770 42.63 -24.61 44.64
C VAL E 770 41.44 -24.16 43.81
N VAL E 771 40.80 -25.09 43.10
CA VAL E 771 39.64 -24.76 42.29
C VAL E 771 38.81 -26.03 42.14
N HIS E 772 37.53 -25.86 41.77
CA HIS E 772 36.63 -26.97 41.47
C HIS E 772 37.04 -27.61 40.15
N GLU E 773 38.11 -28.41 40.22
CA GLU E 773 38.59 -29.17 39.08
C GLU E 773 37.55 -30.18 38.61
N THR E 774 37.30 -31.19 39.45
CA THR E 774 36.31 -32.24 39.17
C THR E 774 36.60 -32.95 37.85
N LYS E 775 37.88 -33.19 37.58
CA LYS E 775 38.33 -33.90 36.39
C LYS E 775 38.33 -35.41 36.60
N THR E 776 37.24 -35.93 37.16
CA THR E 776 37.17 -37.35 37.48
C THR E 776 36.84 -38.16 36.24
N SER E 777 37.32 -39.41 36.22
CA SER E 777 37.04 -40.33 35.12
C SER E 777 35.60 -40.80 35.16
N THR E 778 34.84 -40.48 34.11
CA THR E 778 33.42 -40.83 34.07
C THR E 778 33.19 -42.32 33.81
N SER E 779 34.21 -43.05 33.38
CA SER E 779 34.07 -44.48 33.05
C SER E 779 34.11 -45.38 34.28
N ALA E 780 34.35 -44.82 35.47
CA ALA E 780 34.44 -45.63 36.68
C ALA E 780 33.15 -46.38 36.98
N ALA E 781 32.01 -45.89 36.49
CA ALA E 781 30.73 -46.53 36.80
C ALA E 781 30.67 -47.95 36.25
N SER E 782 31.16 -48.16 35.03
CA SER E 782 31.10 -49.46 34.35
C SER E 782 29.66 -49.95 34.23
N GLU E 783 28.80 -49.09 33.66
CA GLU E 783 27.39 -49.40 33.52
C GLU E 783 27.14 -50.60 32.60
N LEU E 784 28.11 -50.98 31.77
CA LEU E 784 27.92 -52.11 30.86
C LEU E 784 27.70 -53.43 31.59
N THR E 785 28.07 -53.51 32.87
CA THR E 785 27.96 -54.76 33.62
C THR E 785 26.52 -55.11 33.98
N ALA E 786 25.55 -54.25 33.68
CA ALA E 786 24.14 -54.53 33.97
C ALA E 786 23.56 -55.50 32.94
N VAL E 787 24.03 -56.74 33.02
CA VAL E 787 23.61 -57.77 32.07
C VAL E 787 22.43 -58.54 32.65
N VAL E 788 21.65 -59.14 31.76
CA VAL E 788 20.46 -59.91 32.12
C VAL E 788 20.85 -61.36 32.38
N THR E 789 19.97 -62.13 33.02
CA THR E 789 20.13 -63.56 33.19
C THR E 789 18.81 -64.25 32.87
N ILE E 790 18.88 -65.56 32.67
CA ILE E 790 17.67 -66.34 32.38
C ILE E 790 16.68 -66.23 33.54
N ASN E 791 17.18 -66.27 34.77
CA ASN E 791 16.29 -66.07 35.91
C ASN E 791 15.64 -64.70 35.87
N ASP E 792 16.42 -63.66 35.53
CA ASP E 792 15.86 -62.34 35.31
C ASP E 792 14.90 -62.34 34.12
N LEU E 793 15.25 -63.06 33.06
CA LEU E 793 14.35 -63.19 31.91
C LEU E 793 12.97 -63.66 32.34
N LEU E 794 12.93 -64.67 33.22
CA LEU E 794 11.67 -65.24 33.69
C LEU E 794 10.85 -64.28 34.56
N GLU E 795 11.34 -63.07 34.84
CA GLU E 795 10.55 -62.07 35.57
C GLU E 795 9.34 -61.62 34.78
N ALA E 796 9.19 -62.11 33.53
CA ALA E 796 7.98 -61.87 32.75
C ALA E 796 6.73 -62.28 33.52
N CYS E 797 6.83 -63.37 34.30
CA CYS E 797 5.73 -63.85 35.14
C CYS E 797 4.46 -64.13 34.33
N GLN E 798 4.62 -64.58 33.09
CA GLN E 798 3.50 -64.92 32.21
C GLN E 798 2.48 -63.77 32.13
N GLU E 799 2.97 -62.61 31.68
CA GLU E 799 2.17 -61.39 31.57
C GLU E 799 0.89 -61.63 30.79
N THR E 800 -0.13 -60.80 31.03
CA THR E 800 -1.41 -60.93 30.34
C THR E 800 -1.24 -60.84 28.83
N LYS E 801 -2.11 -61.57 28.13
CA LYS E 801 -2.10 -61.57 26.67
C LYS E 801 -2.50 -60.20 26.12
N PRO E 802 -1.92 -59.79 24.99
CA PRO E 802 -2.40 -58.58 24.31
C PRO E 802 -3.71 -58.79 23.57
N SER E 803 -3.88 -59.94 22.91
CA SER E 803 -5.11 -60.27 22.20
C SER E 803 -6.00 -61.13 23.11
N ILE E 804 -7.20 -60.64 23.38
CA ILE E 804 -8.11 -61.29 24.33
C ILE E 804 -8.39 -62.73 23.88
N SER E 805 -8.81 -62.91 22.64
CA SER E 805 -9.21 -64.25 22.19
C SER E 805 -9.36 -64.26 20.67
N THR E 806 -8.91 -65.36 20.06
CA THR E 806 -9.10 -65.59 18.64
C THR E 806 -10.58 -65.59 18.26
N SER E 807 -11.46 -66.02 19.15
CA SER E 807 -12.89 -66.03 18.88
C SER E 807 -13.38 -64.67 18.40
N GLU E 808 -12.81 -63.60 18.95
CA GLU E 808 -13.18 -62.25 18.53
C GLU E 808 -12.72 -61.93 17.12
N LEU E 809 -11.77 -62.70 16.58
CA LEU E 809 -11.17 -62.41 15.28
C LEU E 809 -11.40 -63.51 14.25
N VAL E 810 -12.25 -64.50 14.54
CA VAL E 810 -12.40 -65.68 13.67
C VAL E 810 -12.73 -65.25 12.24
N LYS E 811 -13.82 -64.49 12.07
CA LYS E 811 -14.27 -64.02 10.77
C LYS E 811 -13.14 -63.51 9.89
N LEU E 812 -12.12 -62.90 10.50
CA LEU E 812 -10.96 -62.38 9.76
C LEU E 812 -10.51 -63.36 8.67
N ARG E 813 -10.10 -64.56 9.08
CA ARG E 813 -9.73 -65.55 8.07
C ARG E 813 -10.95 -66.31 7.56
N GLY E 814 -12.02 -66.39 8.36
CA GLY E 814 -13.19 -67.13 7.95
C GLY E 814 -13.71 -66.68 6.59
N ILE E 815 -13.79 -65.36 6.39
CA ILE E 815 -14.19 -64.79 5.11
C ILE E 815 -13.14 -64.99 4.03
N TYR E 816 -11.86 -65.17 4.41
CA TYR E 816 -10.77 -65.28 3.46
C TYR E 816 -10.20 -66.69 3.40
N ASP E 817 -11.01 -67.70 3.74
CA ASP E 817 -10.73 -69.06 3.32
C ASP E 817 -10.68 -69.15 1.81
N ARG E 818 -11.67 -68.56 1.14
CA ARG E 818 -11.58 -68.29 -0.29
C ARG E 818 -10.54 -67.19 -0.55
N PHE E 819 -10.21 -67.01 -1.83
CA PHE E 819 -9.37 -65.90 -2.23
C PHE E 819 -10.04 -64.56 -1.91
N GLN E 820 -9.19 -63.54 -1.75
CA GLN E 820 -9.65 -62.18 -1.50
C GLN E 820 -10.40 -61.61 -2.69
N LYS E 821 -11.28 -60.65 -2.41
CA LYS E 821 -12.17 -60.04 -3.40
C LYS E 821 -11.38 -59.51 -4.60
N MET F 1 53.97 9.27 52.71
CA MET F 1 55.02 10.06 52.09
C MET F 1 56.14 9.17 51.56
N LYS F 2 56.98 9.72 50.68
CA LYS F 2 58.12 8.98 50.16
C LYS F 2 59.02 8.54 51.30
N ALA F 3 59.43 7.28 51.29
CA ALA F 3 60.26 6.74 52.36
C ALA F 3 61.18 5.65 51.81
N SER F 4 62.46 5.72 52.19
CA SER F 4 63.40 4.66 51.88
C SER F 4 63.20 3.47 52.81
N LEU F 5 63.31 2.26 52.27
CA LEU F 5 62.99 1.05 53.00
C LEU F 5 64.19 0.11 52.98
N THR F 6 64.39 -0.61 54.09
CA THR F 6 65.46 -1.59 54.23
C THR F 6 64.90 -2.82 54.93
N PHE F 7 65.64 -3.93 54.80
CA PHE F 7 65.17 -5.24 55.26
C PHE F 7 66.14 -5.80 56.29
N SER F 8 65.61 -6.24 57.43
CA SER F 8 66.39 -6.84 58.50
C SER F 8 65.98 -8.31 58.67
N LEU F 9 66.64 -8.98 59.61
CA LEU F 9 66.40 -10.39 59.90
C LEU F 9 66.00 -10.59 61.36
N SER F 10 65.14 -9.71 61.89
CA SER F 10 64.80 -9.74 63.31
C SER F 10 63.51 -10.53 63.50
N GLY F 11 63.65 -11.86 63.61
CA GLY F 11 62.55 -12.74 63.92
C GLY F 11 61.41 -12.72 62.92
N ILE F 12 60.41 -13.60 63.11
CA ILE F 12 59.30 -13.63 62.18
C ILE F 12 58.43 -12.40 62.35
N TYR F 13 58.31 -11.91 63.59
CA TYR F 13 57.57 -10.68 63.88
C TYR F 13 58.39 -9.86 64.86
N ALA F 14 58.45 -8.55 64.60
CA ALA F 14 59.20 -7.62 65.45
C ALA F 14 58.75 -6.21 65.13
N PRO F 15 58.51 -5.36 66.12
CA PRO F 15 58.17 -3.97 65.82
C PRO F 15 59.36 -3.20 65.25
N CYS F 16 59.65 -3.42 63.97
CA CYS F 16 60.80 -2.80 63.33
C CYS F 16 60.68 -1.29 63.34
N SER F 17 61.82 -0.62 63.48
CA SER F 17 61.86 0.81 63.73
C SER F 17 61.87 1.62 62.43
N ILE F 18 61.82 2.94 62.59
CA ILE F 18 61.92 3.92 61.51
C ILE F 18 62.77 5.08 62.00
N SER F 19 63.06 6.01 61.10
CA SER F 19 63.85 7.19 61.46
C SER F 19 63.10 8.05 62.48
N ARG F 20 63.87 8.71 63.35
CA ARG F 20 63.27 9.50 64.43
C ARG F 20 62.39 10.64 63.92
N ASP F 21 62.70 11.21 62.76
CA ASP F 21 61.91 12.32 62.24
C ASP F 21 60.45 11.92 62.05
N ILE F 22 60.22 10.74 61.48
CA ILE F 22 58.85 10.25 61.30
C ILE F 22 58.26 9.85 62.65
N TYR F 23 59.04 9.13 63.46
CA TYR F 23 58.49 8.55 64.69
C TYR F 23 58.01 9.63 65.65
N LEU F 24 58.89 10.60 65.96
CA LEU F 24 58.55 11.61 66.95
C LEU F 24 57.36 12.46 66.53
N GLU F 25 57.08 12.55 65.24
CA GLU F 25 55.93 13.31 64.77
C GLU F 25 54.60 12.67 65.17
N TYR F 26 54.59 11.36 65.43
CA TYR F 26 53.36 10.66 65.76
C TYR F 26 53.48 9.73 66.97
N GLY F 27 54.69 9.31 67.35
CA GLY F 27 54.86 8.46 68.51
C GLY F 27 54.90 9.22 69.81
N ASP F 28 54.00 10.19 69.97
CA ASP F 28 53.98 11.02 71.16
C ASP F 28 53.24 10.30 72.30
N LYS F 29 52.98 11.02 73.38
CA LYS F 29 52.38 10.43 74.58
C LYS F 29 50.95 9.95 74.37
N LYS F 30 50.29 10.36 73.29
CA LYS F 30 48.89 9.98 73.10
C LYS F 30 48.71 8.48 72.92
N ALA F 31 49.78 7.74 72.63
CA ALA F 31 49.71 6.29 72.49
C ALA F 31 51.00 5.67 73.03
N GLU F 32 50.86 4.47 73.58
CA GLU F 32 52.02 3.73 74.07
C GLU F 32 52.75 2.97 72.97
N CYS F 33 52.17 2.90 71.78
CA CYS F 33 52.78 2.20 70.66
C CYS F 33 52.42 2.92 69.37
N LEU F 34 53.27 2.78 68.37
CA LEU F 34 53.09 3.43 67.07
C LEU F 34 52.73 2.37 66.02
N TYR F 35 51.63 2.61 65.32
CA TYR F 35 51.17 1.72 64.27
C TYR F 35 50.95 2.51 62.99
N GLY F 36 51.27 1.88 61.86
CA GLY F 36 51.10 2.50 60.56
C GLY F 36 50.86 1.49 59.45
N THR F 37 50.98 1.93 58.21
CA THR F 37 50.82 1.06 57.05
C THR F 37 51.95 1.32 56.06
N ILE F 38 52.39 0.26 55.39
CA ILE F 38 53.53 0.31 54.49
C ILE F 38 53.04 -0.06 53.09
N ARG F 39 53.74 0.45 52.08
CA ARG F 39 53.26 0.39 50.71
C ARG F 39 54.47 0.23 49.79
N LEU F 40 54.48 -0.84 49.00
CA LEU F 40 55.58 -1.14 48.11
C LEU F 40 55.17 -0.86 46.66
N PRO F 41 55.98 -0.13 45.90
CA PRO F 41 55.64 0.11 44.49
C PRO F 41 55.97 -1.10 43.62
N GLN F 42 55.20 -2.16 43.81
CA GLN F 42 55.43 -3.41 43.09
C GLN F 42 55.02 -3.27 41.63
N TYR F 43 55.53 -4.18 40.81
CA TYR F 43 55.16 -4.23 39.40
C TYR F 43 53.67 -4.52 39.25
N GLY F 44 53.17 -4.31 38.03
CA GLY F 44 51.78 -4.53 37.72
C GLY F 44 51.06 -3.24 37.39
N PRO F 45 49.90 -3.35 36.74
CA PRO F 45 49.19 -2.13 36.32
C PRO F 45 48.78 -1.24 37.48
N GLY F 46 48.06 -1.82 38.45
CA GLY F 46 47.69 -1.10 39.66
C GLY F 46 48.69 -1.23 40.79
N CYS F 47 48.20 -1.67 41.94
CA CYS F 47 49.06 -1.92 43.10
C CYS F 47 48.37 -2.90 44.03
N THR F 48 49.15 -3.51 44.91
CA THR F 48 48.66 -4.51 45.82
C THR F 48 48.03 -3.84 47.04
N PRO F 49 47.26 -4.60 47.84
CA PRO F 49 46.81 -4.05 49.13
C PRO F 49 47.97 -3.86 50.09
N GLY F 50 47.84 -2.82 50.93
CA GLY F 50 48.89 -2.46 51.86
C GLY F 50 48.91 -3.34 53.09
N LYS F 51 49.94 -3.14 53.91
CA LYS F 51 50.17 -4.00 55.07
C LYS F 51 50.47 -3.18 56.32
N ILE F 52 49.85 -3.57 57.43
CA ILE F 52 50.06 -2.88 58.71
C ILE F 52 51.49 -3.15 59.20
N VAL F 53 51.96 -2.28 60.10
CA VAL F 53 53.31 -2.37 60.65
C VAL F 53 53.31 -1.75 62.04
N HIS F 54 54.13 -2.32 62.92
CA HIS F 54 54.35 -1.82 64.27
C HIS F 54 55.78 -1.31 64.38
N CYS F 55 55.95 -0.17 65.03
CA CYS F 55 57.25 0.52 65.04
C CYS F 55 57.62 0.96 66.45
N VAL F 56 58.93 1.13 66.65
CA VAL F 56 59.50 1.74 67.85
C VAL F 56 60.60 2.69 67.41
N LEU F 57 61.01 3.57 68.32
CA LEU F 57 62.01 4.57 67.98
C LEU F 57 63.40 3.94 67.82
N ASP F 58 64.24 4.59 67.01
CA ASP F 58 65.61 4.16 66.80
C ASP F 58 66.39 5.34 66.22
N ASP F 59 67.53 5.65 66.84
CA ASP F 59 68.36 6.77 66.40
C ASP F 59 69.38 6.40 65.33
N SER F 60 69.64 5.12 65.10
CA SER F 60 70.65 4.71 64.14
C SER F 60 70.19 4.81 62.68
N LEU F 61 68.91 5.09 62.44
CA LEU F 61 68.37 5.09 61.09
C LEU F 61 68.46 6.49 60.49
N PRO F 62 69.12 6.66 59.33
CA PRO F 62 69.26 8.01 58.76
C PRO F 62 67.95 8.65 58.35
N PHE F 63 68.02 9.86 57.81
CA PHE F 63 66.84 10.64 57.44
C PHE F 63 65.86 9.83 56.60
N CYS F 64 64.64 9.71 57.11
CA CYS F 64 63.51 9.10 56.41
C CYS F 64 63.87 7.71 55.85
N SER F 65 64.24 6.82 56.77
CA SER F 65 64.56 5.45 56.42
C SER F 65 63.76 4.50 57.32
N ILE F 66 63.34 3.38 56.75
CA ILE F 66 62.43 2.46 57.43
C ILE F 66 63.05 1.06 57.36
N VAL F 67 62.71 0.21 58.33
CA VAL F 67 63.19 -1.15 58.40
C VAL F 67 62.00 -2.09 58.55
N VAL F 68 62.03 -3.20 57.83
CA VAL F 68 61.00 -4.24 57.93
C VAL F 68 61.67 -5.60 57.87
N PRO F 69 61.03 -6.64 58.44
CA PRO F 69 61.65 -7.97 58.41
C PRO F 69 61.61 -8.55 57.01
N SER F 70 62.78 -8.73 56.38
CA SER F 70 62.90 -9.15 54.98
C SER F 70 61.92 -10.26 54.59
N LYS F 71 61.57 -11.11 55.55
CA LYS F 71 60.67 -12.22 55.30
C LYS F 71 59.25 -11.77 54.92
N LEU F 72 58.81 -10.58 55.38
CA LEU F 72 57.39 -10.24 55.29
C LEU F 72 56.84 -10.40 53.88
N PHE F 73 57.72 -10.44 52.87
CA PHE F 73 57.38 -10.88 51.52
C PHE F 73 58.17 -12.11 51.09
N GLY F 74 59.20 -12.50 51.83
CA GLY F 74 59.79 -13.82 51.69
C GLY F 74 60.84 -13.95 50.62
N PHE F 75 61.86 -13.08 50.64
CA PHE F 75 62.97 -13.14 49.71
C PHE F 75 64.28 -12.84 50.44
N MET F 76 65.38 -13.17 49.76
CA MET F 76 66.71 -12.98 50.32
C MET F 76 67.03 -11.50 50.52
N PRO F 77 67.78 -11.17 51.57
CA PRO F 77 68.21 -9.76 51.75
C PRO F 77 69.20 -9.30 50.69
N THR F 78 69.99 -10.22 50.12
CA THR F 78 71.02 -9.84 49.15
C THR F 78 70.41 -9.26 47.88
N GLN F 79 69.14 -9.55 47.62
CA GLN F 79 68.49 -9.10 46.40
C GLN F 79 68.34 -7.57 46.43
N PRO F 80 68.38 -6.92 45.27
CA PRO F 80 68.20 -5.45 45.23
C PRO F 80 66.89 -5.05 45.90
N THR F 81 66.94 -3.96 46.65
CA THR F 81 65.86 -3.56 47.54
C THR F 81 65.13 -2.34 46.99
N MET F 82 64.22 -1.80 47.80
CA MET F 82 63.45 -0.63 47.40
C MET F 82 64.33 0.61 47.30
N ASP F 83 64.08 1.40 46.25
CA ASP F 83 64.56 2.77 46.22
C ASP F 83 63.72 3.68 47.10
N PHE F 84 62.42 3.41 47.20
CA PHE F 84 61.51 4.21 48.01
C PHE F 84 60.23 3.43 48.25
N CYS F 85 59.45 3.90 49.22
CA CYS F 85 58.16 3.30 49.54
C CYS F 85 57.24 4.39 50.09
N TYR F 86 55.96 4.04 50.21
CA TYR F 86 54.97 4.91 50.84
C TYR F 86 54.69 4.42 52.25
N PHE F 87 54.63 5.35 53.19
CA PHE F 87 54.24 5.04 54.55
C PHE F 87 53.27 6.10 55.05
N GLU F 88 52.32 5.69 55.89
CA GLU F 88 51.41 6.62 56.52
C GLU F 88 50.98 6.09 57.88
N PRO F 89 50.99 6.92 58.91
CA PRO F 89 50.62 6.45 60.26
C PRO F 89 49.13 6.30 60.44
N ILE F 90 48.76 5.42 61.36
CA ILE F 90 47.37 5.23 61.74
C ILE F 90 47.03 6.23 62.84
N LEU F 91 46.11 7.15 62.55
CA LEU F 91 45.80 8.24 63.46
C LEU F 91 44.72 7.84 64.46
N ASP F 92 44.77 8.47 65.62
CA ASP F 92 43.78 8.32 66.69
C ASP F 92 43.73 6.88 67.22
N ASN F 93 44.84 6.14 67.06
CA ASN F 93 44.95 4.78 67.59
C ASN F 93 43.79 3.89 67.13
N VAL F 94 43.35 4.08 65.90
CA VAL F 94 42.23 3.30 65.35
C VAL F 94 42.84 2.07 64.70
N VAL F 95 43.08 1.05 65.53
CA VAL F 95 43.67 -0.20 65.09
C VAL F 95 42.63 -1.31 65.27
N PRO F 96 42.21 -1.99 64.20
CA PRO F 96 41.20 -3.03 64.34
C PRO F 96 41.76 -4.30 64.98
N VAL F 97 40.84 -5.08 65.54
CA VAL F 97 41.16 -6.37 66.16
C VAL F 97 40.36 -7.45 65.45
N LEU F 98 41.07 -8.49 64.98
CA LEU F 98 40.43 -9.56 64.24
C LEU F 98 39.50 -10.37 65.14
N ASP F 99 38.45 -10.92 64.54
CA ASP F 99 37.50 -11.74 65.28
C ASP F 99 37.87 -13.22 65.25
N SER F 100 38.44 -13.70 64.14
CA SER F 100 38.82 -15.09 64.02
C SER F 100 40.03 -15.22 63.11
N VAL F 101 40.82 -16.27 63.33
CA VAL F 101 42.01 -16.56 62.53
C VAL F 101 42.11 -18.06 62.37
N THR F 102 42.61 -18.49 61.22
CA THR F 102 42.76 -19.90 60.87
C THR F 102 44.24 -20.22 60.71
N PHE F 103 44.63 -21.41 61.15
CA PHE F 103 46.03 -21.83 61.13
C PHE F 103 46.14 -23.21 60.50
N LEU F 104 47.20 -23.42 59.72
CA LEU F 104 47.53 -24.72 59.15
C LEU F 104 48.88 -25.15 59.67
N ILE F 105 48.96 -26.35 60.23
CA ILE F 105 50.15 -26.83 60.91
C ILE F 105 50.49 -28.23 60.38
N ASN F 106 51.76 -28.59 60.44
CA ASN F 106 52.22 -29.88 59.97
C ASN F 106 51.95 -30.95 61.04
N GLU F 107 52.13 -32.21 60.65
CA GLU F 107 51.76 -33.33 61.52
C GLU F 107 52.52 -33.27 62.84
N GLN F 108 53.85 -33.17 62.79
CA GLN F 108 54.65 -33.21 64.01
C GLN F 108 54.33 -32.05 64.93
N LEU F 109 54.35 -30.83 64.40
CA LEU F 109 54.10 -29.66 65.22
C LEU F 109 52.66 -29.62 65.74
N TYR F 110 51.69 -30.00 64.90
CA TYR F 110 50.30 -30.02 65.35
C TYR F 110 50.10 -31.02 66.48
N SER F 111 50.68 -32.22 66.33
CA SER F 111 50.60 -33.21 67.41
C SER F 111 51.26 -32.68 68.68
N LYS F 112 52.47 -32.14 68.55
CA LYS F 112 53.14 -31.55 69.72
C LYS F 112 52.27 -30.49 70.37
N LEU F 113 51.51 -29.76 69.56
CA LEU F 113 50.62 -28.72 70.07
C LEU F 113 49.49 -29.33 70.89
N MET F 114 48.70 -30.22 70.29
CA MET F 114 47.55 -30.76 71.01
C MET F 114 47.94 -31.67 72.16
N ASP F 115 49.17 -32.21 72.16
CA ASP F 115 49.59 -33.06 73.27
C ASP F 115 49.77 -32.30 74.57
N LEU F 116 49.78 -30.96 74.53
CA LEU F 116 49.91 -30.19 75.75
C LEU F 116 48.68 -30.38 76.64
N PRO F 117 48.86 -30.30 77.97
CA PRO F 117 47.79 -30.73 78.87
C PRO F 117 46.60 -29.80 78.92
N GLN F 118 46.79 -28.50 78.73
CA GLN F 118 45.72 -27.54 78.96
C GLN F 118 45.75 -26.44 77.91
N GLU F 119 44.65 -25.69 77.84
CA GLU F 119 44.48 -24.63 76.84
C GLU F 119 45.52 -23.54 77.02
N MET F 120 45.77 -23.14 78.27
CA MET F 120 46.72 -22.05 78.53
C MET F 120 48.11 -22.42 78.05
N GLN F 121 48.52 -23.67 78.27
CA GLN F 121 49.84 -24.10 77.81
C GLN F 121 49.92 -24.06 76.29
N GLN F 122 48.86 -24.45 75.60
CA GLN F 122 48.84 -24.39 74.15
C GLN F 122 48.93 -22.95 73.66
N ILE F 123 48.20 -22.03 74.31
CA ILE F 123 48.28 -20.62 73.94
C ILE F 123 49.68 -20.08 74.16
N GLN F 124 50.31 -20.46 75.28
CA GLN F 124 51.68 -20.02 75.54
C GLN F 124 52.65 -20.58 74.50
N PHE F 125 52.46 -21.84 74.11
CA PHE F 125 53.30 -22.43 73.06
C PHE F 125 53.15 -21.69 71.75
N LEU F 126 51.92 -21.32 71.39
CA LEU F 126 51.71 -20.49 70.21
C LEU F 126 52.42 -19.15 70.36
N HIS F 127 52.34 -18.55 71.56
CA HIS F 127 52.93 -17.24 71.79
C HIS F 127 54.45 -17.27 71.61
N TYR F 128 55.12 -18.21 72.27
CA TYR F 128 56.57 -18.15 72.43
C TYR F 128 57.30 -18.21 71.09
N LYS F 129 57.19 -19.34 70.38
CA LYS F 129 58.03 -19.57 69.21
C LYS F 129 57.71 -18.57 68.10
N TYR F 130 56.47 -18.13 67.98
CA TYR F 130 56.08 -17.20 66.93
C TYR F 130 56.24 -15.74 67.34
N ASN F 131 56.58 -15.47 68.60
CA ASN F 131 56.76 -14.11 69.10
C ASN F 131 55.50 -13.26 68.93
N ILE F 132 54.34 -13.88 68.88
CA ILE F 132 53.08 -13.17 68.73
C ILE F 132 52.58 -12.74 70.10
N ASN F 133 52.44 -11.42 70.28
CA ASN F 133 52.02 -10.84 71.54
C ASN F 133 50.59 -10.32 71.42
N SER F 134 49.74 -10.71 72.36
CA SER F 134 48.33 -10.39 72.29
C SER F 134 48.12 -8.87 72.38
N MET F 135 47.14 -8.38 71.62
CA MET F 135 46.79 -6.96 71.52
C MET F 135 47.95 -6.09 71.05
N GLU F 136 49.01 -6.70 70.52
CA GLU F 136 50.15 -5.94 70.01
C GLU F 136 50.69 -6.46 68.68
N THR F 137 50.32 -7.66 68.24
CA THR F 137 50.77 -8.20 66.96
C THR F 137 49.62 -8.14 65.96
N VAL F 138 49.90 -7.59 64.79
CA VAL F 138 48.95 -7.50 63.69
C VAL F 138 49.32 -8.55 62.66
N VAL F 139 48.37 -9.43 62.35
CA VAL F 139 48.62 -10.54 61.43
C VAL F 139 47.69 -10.36 60.23
N HIS F 140 48.05 -11.03 59.13
CA HIS F 140 47.36 -10.84 57.86
C HIS F 140 46.95 -12.19 57.29
N SER F 141 46.08 -12.13 56.28
CA SER F 141 45.62 -13.32 55.59
C SER F 141 46.77 -13.99 54.85
N ARG F 142 46.69 -15.32 54.77
CA ARG F 142 47.63 -16.14 54.00
C ARG F 142 49.08 -15.93 54.39
N ASP F 143 49.33 -15.55 55.65
CA ASP F 143 50.70 -15.32 56.09
C ASP F 143 51.34 -16.65 56.47
N ILE F 144 52.51 -16.94 55.88
CA ILE F 144 53.26 -18.14 56.21
C ILE F 144 54.01 -17.89 57.51
N LEU F 145 53.71 -18.70 58.54
CA LEU F 145 54.39 -18.53 59.82
C LEU F 145 55.85 -18.98 59.76
N THR F 146 56.11 -20.14 59.15
CA THR F 146 57.47 -20.60 58.89
C THR F 146 57.49 -21.30 57.54
N SER F 147 58.65 -21.25 56.89
CA SER F 147 58.79 -21.73 55.51
C SER F 147 58.44 -23.20 55.39
N GLY F 148 57.35 -23.50 54.69
CA GLY F 148 57.03 -24.87 54.32
C GLY F 148 56.63 -25.78 55.45
N LEU F 149 56.25 -25.24 56.61
CA LEU F 149 55.91 -26.10 57.74
C LEU F 149 54.58 -25.69 58.37
N CYS F 150 54.20 -24.43 58.22
CA CYS F 150 52.97 -23.93 58.84
C CYS F 150 52.61 -22.59 58.22
N GLN F 151 51.33 -22.25 58.28
CA GLN F 151 50.83 -21.04 57.66
C GLN F 151 49.51 -20.66 58.33
N ILE F 152 49.20 -19.37 58.31
CA ILE F 152 47.88 -18.87 58.68
C ILE F 152 47.05 -18.80 57.39
N LEU F 153 46.01 -19.64 57.31
CA LEU F 153 45.26 -19.76 56.06
C LEU F 153 44.54 -18.46 55.72
N ASN F 154 43.80 -17.89 56.67
CA ASN F 154 43.02 -16.70 56.40
C ASN F 154 42.65 -16.04 57.73
N CYS F 155 42.06 -14.85 57.63
CA CYS F 155 41.61 -14.11 58.79
C CYS F 155 40.23 -13.54 58.51
N SER F 156 39.48 -13.30 59.57
CA SER F 156 38.14 -12.76 59.47
C SER F 156 37.88 -11.85 60.67
N PRO F 157 37.10 -10.77 60.50
CA PRO F 157 36.51 -10.35 59.23
C PRO F 157 37.46 -9.52 58.36
N PHE F 158 38.37 -8.79 58.98
CA PHE F 158 39.24 -7.87 58.27
C PHE F 158 40.44 -8.60 57.68
N PRO F 159 40.99 -8.10 56.58
CA PRO F 159 42.22 -8.72 56.04
C PRO F 159 43.41 -8.65 56.99
N GLN F 160 43.43 -7.69 57.91
CA GLN F 160 44.56 -7.50 58.80
C GLN F 160 44.10 -6.81 60.07
N GLY F 161 44.62 -7.28 61.20
CA GLY F 161 44.25 -6.71 62.49
C GLY F 161 44.95 -7.43 63.62
N LEU F 162 44.70 -6.93 64.82
CA LEU F 162 45.30 -7.49 66.04
C LEU F 162 44.66 -8.84 66.38
N VAL F 163 45.32 -9.57 67.27
CA VAL F 163 44.86 -10.87 67.72
C VAL F 163 44.81 -10.88 69.24
N ASP F 164 43.71 -11.37 69.80
CA ASP F 164 43.54 -11.54 71.22
C ASP F 164 43.42 -13.03 71.52
N PHE F 165 44.23 -13.53 72.46
CA PHE F 165 44.28 -14.95 72.75
C PHE F 165 43.01 -15.47 73.41
N THR F 166 42.11 -14.58 73.84
CA THR F 166 40.88 -14.99 74.50
C THR F 166 39.64 -14.37 73.89
N GLU F 167 39.78 -13.59 72.82
CA GLU F 167 38.65 -12.99 72.10
C GLU F 167 38.67 -13.32 70.62
N THR F 168 39.85 -13.40 70.01
CA THR F 168 39.98 -13.80 68.61
C THR F 168 39.95 -15.32 68.53
N GLN F 169 39.00 -15.86 67.76
CA GLN F 169 38.81 -17.30 67.68
C GLN F 169 39.87 -17.92 66.78
N LEU F 170 40.73 -18.75 67.36
CA LEU F 170 41.82 -19.40 66.64
C LEU F 170 41.37 -20.80 66.21
N ILE F 171 41.43 -21.06 64.91
CA ILE F 171 41.06 -22.35 64.35
C ILE F 171 42.29 -23.00 63.75
N LEU F 172 42.48 -24.29 64.02
CA LEU F 172 43.65 -25.03 63.59
C LEU F 172 43.23 -26.21 62.72
N VAL F 173 44.03 -26.50 61.70
CA VAL F 173 43.80 -27.63 60.81
C VAL F 173 45.16 -28.17 60.37
N ASN F 174 45.17 -29.44 59.98
CA ASN F 174 46.36 -30.08 59.46
C ASN F 174 46.12 -30.75 58.12
N ASP F 175 44.98 -31.42 57.95
CA ASP F 175 44.66 -32.22 56.77
C ASP F 175 45.73 -33.28 56.53
N THR F 176 45.75 -33.88 55.34
CA THR F 176 46.67 -35.01 55.10
C THR F 176 47.40 -34.96 53.76
N GLU F 177 47.00 -34.15 52.79
CA GLU F 177 47.59 -34.20 51.46
C GLU F 177 48.77 -33.26 51.29
N GLN F 178 49.20 -32.58 52.36
CA GLN F 178 50.48 -31.86 52.39
C GLN F 178 50.51 -30.70 51.39
N LYS F 179 49.61 -29.73 51.56
CA LYS F 179 49.80 -28.43 50.93
C LYS F 179 51.08 -27.75 51.44
N LEU F 180 51.39 -27.92 52.73
CA LEU F 180 52.44 -27.13 53.35
C LEU F 180 53.80 -27.32 52.69
N SER F 181 54.05 -28.47 52.08
CA SER F 181 55.34 -28.70 51.44
C SER F 181 55.63 -27.64 50.38
N ALA F 182 54.60 -27.23 49.63
CA ALA F 182 54.75 -26.24 48.59
C ALA F 182 54.62 -24.82 49.11
N LEU F 183 54.22 -24.64 50.36
CA LEU F 183 53.98 -23.31 50.92
C LEU F 183 55.22 -22.75 51.61
N LYS F 184 56.32 -22.72 50.87
CA LYS F 184 57.58 -22.17 51.35
C LYS F 184 57.67 -20.69 50.99
N TYR F 185 58.57 -19.98 51.67
CA TYR F 185 58.83 -18.60 51.31
C TYR F 185 59.29 -18.51 49.85
N ALA F 186 59.23 -17.29 49.31
CA ALA F 186 59.68 -17.07 47.94
C ALA F 186 61.15 -17.41 47.77
N ASN F 187 61.97 -17.13 48.79
CA ASN F 187 63.38 -17.50 48.73
C ASN F 187 63.54 -19.00 48.93
N GLU F 188 63.10 -19.79 47.94
CA GLU F 188 63.16 -21.24 48.04
C GLU F 188 64.58 -21.75 48.19
N ASP F 189 65.58 -20.97 47.78
CA ASP F 189 66.97 -21.39 47.91
C ASP F 189 67.87 -20.16 47.96
N GLU F 190 69.11 -20.38 48.39
CA GLU F 190 70.08 -19.31 48.52
C GLU F 190 70.49 -18.77 47.15
N GLU F 191 71.12 -17.58 47.17
CA GLU F 191 71.53 -16.95 45.92
C GLU F 191 72.53 -17.80 45.16
N TYR F 192 73.44 -18.48 45.87
CA TYR F 192 74.50 -19.24 45.24
C TYR F 192 74.03 -20.60 44.72
N ALA F 193 72.72 -20.84 44.64
CA ALA F 193 72.24 -22.12 44.12
C ALA F 193 72.68 -22.34 42.68
N LEU F 194 72.58 -21.31 41.85
CA LEU F 194 72.97 -21.42 40.45
C LEU F 194 74.48 -21.37 40.33
N PRO F 195 75.10 -22.35 39.68
CA PRO F 195 76.57 -22.35 39.57
C PRO F 195 77.05 -21.21 38.70
N LYS F 196 78.27 -20.75 38.98
CA LYS F 196 78.87 -19.65 38.24
C LYS F 196 79.35 -20.13 36.87
N ILE F 197 79.19 -19.28 35.87
CA ILE F 197 79.71 -19.53 34.52
C ILE F 197 80.33 -18.25 34.01
N GLY F 198 81.49 -18.38 33.36
CA GLY F 198 82.24 -17.26 32.86
C GLY F 198 81.72 -16.75 31.53
N THR F 199 82.52 -15.86 30.93
CA THR F 199 82.19 -15.27 29.64
C THR F 199 82.42 -16.26 28.50
N ASN F 200 81.80 -17.43 28.60
CA ASN F 200 81.96 -18.50 27.61
C ASN F 200 80.68 -18.66 26.82
N SER F 201 80.79 -18.52 25.49
CA SER F 201 79.69 -18.64 24.56
C SER F 201 78.61 -17.58 24.74
N ALA F 202 77.58 -17.63 23.90
CA ALA F 202 76.45 -16.72 24.05
C ALA F 202 75.67 -17.00 25.33
N LEU F 203 75.35 -18.27 25.59
CA LEU F 203 74.59 -18.67 26.77
C LEU F 203 73.24 -17.94 26.81
N SER F 204 72.65 -17.78 25.63
CA SER F 204 71.38 -17.07 25.50
C SER F 204 70.24 -17.83 26.18
N ILE F 205 69.22 -17.08 26.59
CA ILE F 205 68.09 -17.60 27.35
C ILE F 205 66.80 -17.23 26.64
N ASP F 206 65.75 -18.01 26.87
CA ASP F 206 64.42 -17.83 26.27
C ASP F 206 63.90 -16.40 26.40
N LEU F 207 62.92 -16.06 25.56
CA LEU F 207 62.36 -14.71 25.47
C LEU F 207 60.89 -14.71 25.87
N GLU F 208 60.52 -13.78 26.75
CA GLU F 208 59.15 -13.62 27.20
C GLU F 208 58.87 -12.14 27.40
N SER F 209 57.60 -11.75 27.26
CA SER F 209 57.18 -10.37 27.37
C SER F 209 56.72 -10.01 28.77
N LEU F 210 56.77 -8.71 29.07
CA LEU F 210 56.31 -8.18 30.34
C LEU F 210 54.80 -8.27 30.47
N PRO F 211 54.28 -8.24 31.70
CA PRO F 211 52.83 -8.15 31.90
C PRO F 211 52.29 -6.73 31.80
N CYS F 212 53.12 -5.71 31.97
CA CYS F 212 52.63 -4.34 32.04
C CYS F 212 53.77 -3.39 31.68
N THR F 213 53.39 -2.13 31.44
CA THR F 213 54.36 -1.05 31.38
C THR F 213 55.18 -0.94 32.66
N ILE F 214 56.46 -0.62 32.49
CA ILE F 214 57.41 -0.49 33.58
C ILE F 214 57.51 0.99 33.97
N SER F 215 57.23 1.29 35.24
CA SER F 215 57.34 2.66 35.70
C SER F 215 58.80 3.09 35.79
N ARG F 216 59.06 4.36 35.45
CA ARG F 216 60.41 4.90 35.50
C ARG F 216 60.96 4.93 36.92
N ASP F 217 60.09 5.20 37.91
CA ASP F 217 60.58 5.49 39.26
C ASP F 217 61.32 4.31 39.88
N LEU F 218 60.82 3.08 39.69
CA LEU F 218 61.39 1.96 40.40
C LEU F 218 62.79 1.58 39.91
N LEU F 219 63.23 2.15 38.79
CA LEU F 219 64.55 1.87 38.24
C LEU F 219 65.64 2.07 39.29
N ARG F 220 66.52 1.08 39.41
CA ARG F 220 67.66 1.18 40.32
C ARG F 220 68.76 2.05 39.74
N PRO F 221 69.24 1.81 38.49
CA PRO F 221 70.12 2.79 37.85
C PRO F 221 69.53 4.20 37.78
N ALA F 222 70.37 5.18 37.44
CA ALA F 222 69.92 6.55 37.29
C ALA F 222 69.45 6.78 35.86
N PRO F 223 68.15 7.02 35.63
CA PRO F 223 67.71 7.40 34.27
C PRO F 223 68.09 8.82 33.90
N HIS F 224 69.38 9.14 34.06
CA HIS F 224 69.87 10.49 33.84
C HIS F 224 69.49 11.04 32.47
N ILE F 225 69.76 10.27 31.42
CA ILE F 225 69.56 10.75 30.05
C ILE F 225 68.11 10.56 29.64
N ASN F 226 67.65 11.44 28.74
CA ASN F 226 66.32 11.39 28.14
C ASN F 226 66.21 10.32 27.06
N ASP F 227 66.67 9.11 27.37
CA ASP F 227 66.31 7.95 26.56
C ASP F 227 64.83 7.63 26.77
N ASP F 228 64.09 7.54 25.66
CA ASP F 228 62.63 7.48 25.64
C ASP F 228 62.07 6.10 25.99
N ASN F 229 62.60 5.46 27.04
CA ASN F 229 62.18 4.12 27.46
C ASN F 229 62.32 3.09 26.34
N SER F 230 63.26 3.33 25.42
CA SER F 230 63.19 2.73 24.10
C SER F 230 63.62 1.27 24.07
N ILE F 231 64.52 0.85 24.96
CA ILE F 231 65.14 -0.47 24.80
C ILE F 231 65.37 -1.18 26.13
N TYR F 232 64.89 -0.63 27.23
CA TYR F 232 65.12 -1.27 28.52
C TYR F 232 64.52 -2.68 28.57
N ALA F 233 65.31 -3.60 29.11
CA ALA F 233 64.90 -4.98 29.35
C ALA F 233 65.34 -5.38 30.76
N PHE F 234 64.72 -6.41 31.29
CA PHE F 234 64.88 -6.78 32.68
C PHE F 234 65.13 -8.27 32.86
N THR F 235 65.88 -8.60 33.91
CA THR F 235 66.20 -9.98 34.25
C THR F 235 66.24 -10.11 35.77
N ASP F 236 66.01 -11.33 36.24
CA ASP F 236 65.90 -11.63 37.68
C ASP F 236 67.26 -11.92 38.32
N ALA F 237 68.19 -10.98 38.14
CA ALA F 237 69.51 -10.96 38.78
C ALA F 237 70.42 -12.09 38.33
N GLU F 238 70.00 -12.92 37.38
CA GLU F 238 70.80 -14.04 36.91
C GLU F 238 71.04 -13.87 35.42
N THR F 239 72.15 -14.45 34.94
CA THR F 239 72.66 -14.40 33.58
C THR F 239 73.28 -13.03 33.29
N LEU F 240 73.17 -12.08 34.20
CA LEU F 240 73.77 -10.75 34.08
C LEU F 240 74.78 -10.47 35.18
N LEU F 241 74.44 -10.76 36.43
CA LEU F 241 75.40 -10.65 37.53
C LEU F 241 76.67 -11.42 37.25
N ARG F 242 76.56 -12.56 36.56
CA ARG F 242 77.76 -13.31 36.16
C ARG F 242 78.68 -12.45 35.31
N LEU F 243 78.13 -11.54 34.51
CA LEU F 243 78.95 -10.64 33.70
C LEU F 243 79.65 -9.62 34.59
N ASP F 244 80.55 -8.85 33.97
CA ASP F 244 81.31 -7.84 34.69
C ASP F 244 80.40 -6.86 35.42
N VAL F 245 79.39 -6.32 34.72
CA VAL F 245 78.53 -5.29 35.29
C VAL F 245 77.10 -5.51 34.84
N THR F 246 76.16 -5.17 35.72
CA THR F 246 74.73 -5.27 35.49
C THR F 246 74.13 -4.01 34.88
N SER F 247 74.95 -3.01 34.58
CA SER F 247 74.49 -1.72 34.08
C SER F 247 75.08 -1.42 32.71
N GLY F 248 75.21 -2.46 31.88
CA GLY F 248 75.78 -2.29 30.56
C GLY F 248 75.01 -1.27 29.74
N SER F 249 75.77 -0.43 29.02
CA SER F 249 75.17 0.62 28.19
C SER F 249 74.23 0.04 27.13
N PHE F 250 74.67 -0.98 26.41
CA PHE F 250 73.84 -1.57 25.36
C PHE F 250 74.13 -3.06 25.27
N ILE F 251 73.10 -3.82 24.93
CA ILE F 251 73.20 -5.26 24.69
C ILE F 251 72.59 -5.57 23.35
N THR F 252 73.27 -6.39 22.55
CA THR F 252 72.62 -7.04 21.41
C THR F 252 71.85 -8.25 21.89
N VAL F 253 70.66 -8.45 21.31
CA VAL F 253 69.78 -9.54 21.77
C VAL F 253 69.86 -10.74 20.84
N SER F 254 70.06 -10.51 19.55
CA SER F 254 70.10 -11.60 18.58
C SER F 254 70.58 -11.06 17.24
N ASN F 255 71.03 -11.96 16.38
CA ASN F 255 71.19 -11.67 14.96
C ASN F 255 70.76 -12.86 14.11
N MET F 256 69.68 -13.54 14.54
CA MET F 256 69.22 -14.72 13.82
C MET F 256 68.70 -14.35 12.44
N GLY F 257 67.72 -13.46 12.38
CA GLY F 257 67.27 -12.87 11.14
C GLY F 257 68.06 -11.62 10.81
N CYS F 258 67.99 -10.64 11.71
CA CYS F 258 68.84 -9.46 11.64
C CYS F 258 69.01 -8.91 13.05
N VAL F 259 70.05 -8.11 13.23
CA VAL F 259 70.50 -7.75 14.57
C VAL F 259 69.51 -6.78 15.21
N ARG F 260 69.40 -6.84 16.54
CA ARG F 260 68.63 -5.90 17.34
C ARG F 260 69.38 -5.66 18.65
N LEU F 261 69.02 -4.56 19.32
CA LEU F 261 69.71 -4.15 20.53
C LEU F 261 68.72 -3.88 21.65
N VAL F 262 69.20 -4.04 22.89
CA VAL F 262 68.40 -3.90 24.10
C VAL F 262 69.30 -3.36 25.20
N LYS F 263 68.69 -2.87 26.28
CA LYS F 263 69.40 -2.55 27.50
C LYS F 263 68.81 -3.32 28.67
N LEU F 264 69.69 -3.77 29.57
CA LEU F 264 69.33 -4.70 30.64
C LEU F 264 69.42 -4.04 32.02
N PHE F 265 68.41 -4.28 32.84
CA PHE F 265 68.38 -3.89 34.25
C PHE F 265 67.96 -5.09 35.08
N VAL F 266 68.53 -5.19 36.27
CA VAL F 266 68.17 -6.26 37.21
C VAL F 266 66.78 -6.03 37.79
N LEU F 267 65.94 -7.06 37.73
CA LEU F 267 64.65 -7.02 38.39
C LEU F 267 64.84 -6.95 39.90
N LEU F 268 63.93 -6.24 40.56
CA LEU F 268 64.07 -5.92 41.97
C LEU F 268 63.35 -6.98 42.80
N LEU F 269 63.57 -6.93 44.11
CA LEU F 269 63.25 -8.03 45.04
C LEU F 269 61.86 -8.65 44.89
N PRO F 270 60.75 -7.97 45.14
CA PRO F 270 59.49 -8.67 45.37
C PRO F 270 58.80 -9.18 44.10
N ASN F 271 59.49 -9.18 42.96
CA ASN F 271 58.83 -9.50 41.70
C ASN F 271 58.20 -10.89 41.72
N GLY F 272 57.32 -11.13 40.76
CA GLY F 272 56.82 -12.46 40.48
C GLY F 272 56.93 -12.80 39.01
N PHE F 273 57.76 -13.76 38.65
CA PHE F 273 58.04 -14.04 37.25
C PHE F 273 58.63 -15.43 37.10
N LYS F 274 58.67 -15.90 35.85
CA LYS F 274 59.35 -17.15 35.54
C LYS F 274 60.84 -16.99 35.82
N LYS F 275 61.44 -17.99 36.45
CA LYS F 275 62.83 -17.88 36.87
C LYS F 275 63.79 -17.93 35.69
N ARG F 276 64.88 -17.16 35.81
CA ARG F 276 66.00 -17.17 34.88
C ARG F 276 65.56 -16.98 33.43
N THR F 277 64.99 -15.79 33.17
CA THR F 277 64.52 -15.47 31.82
C THR F 277 64.64 -13.97 31.60
N ILE F 278 64.67 -13.60 30.32
CA ILE F 278 64.73 -12.19 29.90
C ILE F 278 63.34 -11.70 29.52
N TYR F 279 63.06 -10.45 29.88
CA TYR F 279 61.79 -9.78 29.61
C TYR F 279 62.03 -8.48 28.86
N ALA F 280 61.33 -8.33 27.73
CA ALA F 280 61.49 -7.19 26.83
C ALA F 280 60.11 -6.68 26.44
N PRO F 281 59.99 -5.41 26.08
CA PRO F 281 58.69 -4.87 25.65
C PRO F 281 58.28 -5.36 24.28
N PRO F 282 57.05 -5.05 23.85
CA PRO F 282 56.58 -5.54 22.54
C PRO F 282 57.47 -5.16 21.37
N LYS F 283 58.09 -3.97 21.40
CA LYS F 283 58.91 -3.54 20.28
C LYS F 283 60.06 -4.51 20.02
N ILE F 284 60.56 -5.15 21.07
CA ILE F 284 61.64 -6.14 20.89
C ILE F 284 61.06 -7.46 20.39
N ILE F 285 59.93 -7.88 20.98
CA ILE F 285 59.28 -9.13 20.59
C ILE F 285 58.82 -9.10 19.14
N ALA F 286 58.59 -7.91 18.59
CA ALA F 286 58.18 -7.77 17.20
C ALA F 286 59.15 -8.45 16.24
N SER F 287 60.46 -8.25 16.46
CA SER F 287 61.47 -8.76 15.55
C SER F 287 61.70 -10.27 15.69
N PHE F 288 61.12 -10.92 16.69
CA PHE F 288 61.42 -12.31 17.00
C PHE F 288 60.14 -13.12 17.18
N PRO F 289 59.26 -13.15 16.17
CA PRO F 289 58.05 -13.96 16.27
C PRO F 289 58.32 -15.42 16.60
N ASP F 290 59.44 -15.96 16.17
CA ASP F 290 59.76 -17.38 16.31
C ASP F 290 60.41 -17.71 17.65
N CYS F 291 60.56 -16.72 18.54
CA CYS F 291 61.20 -16.92 19.85
C CYS F 291 62.64 -17.40 19.72
N SER F 292 63.33 -16.98 18.67
CA SER F 292 64.77 -17.18 18.61
C SER F 292 65.49 -16.16 19.49
N VAL F 293 66.60 -16.58 20.06
CA VAL F 293 67.32 -15.81 21.07
C VAL F 293 68.82 -15.89 20.80
N VAL F 294 69.18 -16.31 19.59
CA VAL F 294 70.43 -17.01 19.28
C VAL F 294 71.65 -16.42 19.97
N THR F 295 71.88 -15.11 19.87
CA THR F 295 73.06 -14.50 20.47
C THR F 295 72.68 -13.18 21.15
N ILE F 296 72.27 -13.27 22.41
CA ILE F 296 72.42 -12.15 23.34
C ILE F 296 73.88 -12.03 23.73
N SER F 297 74.43 -10.81 23.63
CA SER F 297 75.83 -10.60 23.94
C SER F 297 76.06 -9.16 24.38
N LYS F 298 77.08 -8.97 25.21
CA LYS F 298 77.45 -7.66 25.72
C LYS F 298 78.85 -7.30 25.24
N SER F 299 79.04 -6.03 24.91
CA SER F 299 80.32 -5.52 24.44
C SER F 299 80.47 -4.06 24.86
N ASN F 300 81.72 -3.60 24.85
CA ASN F 300 82.05 -2.20 25.12
C ASN F 300 81.62 -1.30 23.96
N ILE F 301 80.32 -1.26 23.68
CA ILE F 301 79.80 -0.47 22.57
C ILE F 301 80.04 1.03 22.80
N GLY F 302 80.29 1.43 24.04
CA GLY F 302 80.38 2.83 24.39
C GLY F 302 79.05 3.52 24.53
N HIS F 303 79.13 4.85 24.65
CA HIS F 303 77.96 5.70 24.84
C HIS F 303 77.22 6.03 23.56
N THR F 304 77.86 5.90 22.39
CA THR F 304 77.24 6.37 21.15
C THR F 304 77.88 5.68 19.96
N ASP F 305 77.03 5.31 19.00
CA ASP F 305 77.49 4.79 17.71
C ASP F 305 76.50 5.22 16.64
N ILE F 306 77.01 5.89 15.60
CA ILE F 306 76.18 6.45 14.53
C ILE F 306 75.15 7.41 15.14
N PRO F 307 75.58 8.56 15.67
CA PRO F 307 74.65 9.45 16.37
C PRO F 307 73.66 10.18 15.49
N ILE F 308 73.73 10.04 14.16
CA ILE F 308 72.96 10.87 13.25
C ILE F 308 72.52 10.07 12.04
N ALA F 309 71.32 10.39 11.55
CA ALA F 309 70.79 9.88 10.30
C ALA F 309 69.91 10.96 9.68
N ASN F 310 69.74 10.89 8.36
CA ASN F 310 69.02 11.91 7.62
C ASN F 310 68.00 11.25 6.69
N GLN F 311 66.83 11.90 6.55
CA GLN F 311 65.77 11.46 5.65
C GLN F 311 65.28 10.05 5.97
N VAL F 312 65.17 9.74 7.27
CA VAL F 312 64.79 8.39 7.71
C VAL F 312 63.41 8.05 7.17
N PHE F 313 63.33 6.94 6.43
CA PHE F 313 62.06 6.46 5.90
C PHE F 313 61.19 5.85 7.00
N ILE F 314 59.88 6.01 6.85
CA ILE F 314 58.87 5.37 7.68
C ILE F 314 57.69 4.99 6.77
N SER F 315 57.00 3.91 7.13
CA SER F 315 56.00 3.36 6.22
C SER F 315 54.87 2.72 7.00
N ARG F 316 53.69 2.69 6.36
CA ARG F 316 52.49 2.11 6.95
C ARG F 316 52.58 0.58 6.95
N VAL F 317 51.85 -0.03 7.89
CA VAL F 317 51.98 -1.46 8.15
C VAL F 317 50.60 -2.11 8.07
N GLY F 318 49.72 -1.55 7.26
CA GLY F 318 48.42 -2.17 7.08
C GLY F 318 47.57 -2.25 8.35
N GLY F 319 46.45 -2.95 8.19
CA GLY F 319 45.47 -3.12 9.26
C GLY F 319 44.42 -2.01 9.29
N TRP F 320 43.33 -2.33 9.98
CA TRP F 320 42.09 -1.57 9.86
C TRP F 320 42.26 -0.12 10.32
N LEU F 321 42.73 0.06 11.56
CA LEU F 321 42.87 1.40 12.13
C LEU F 321 43.94 2.23 11.45
N GLN F 322 44.90 1.59 10.78
CA GLN F 322 45.91 2.33 10.03
C GLN F 322 45.34 2.94 8.75
N SER F 323 44.47 2.22 8.07
CA SER F 323 43.95 2.64 6.77
C SER F 323 42.74 3.57 6.86
N GLN F 324 41.95 3.47 7.92
CA GLN F 324 40.75 4.28 8.05
C GLN F 324 41.06 5.77 7.90
N LYS F 325 40.15 6.47 7.22
CA LYS F 325 40.36 7.86 6.80
C LYS F 325 40.38 8.82 7.98
N CYS F 326 39.47 8.62 8.93
CA CYS F 326 39.25 9.59 10.01
C CYS F 326 40.51 9.91 10.79
N PHE F 327 41.40 8.94 10.99
CA PHE F 327 42.42 9.10 12.02
C PHE F 327 43.72 9.71 11.51
N GLN F 328 43.88 9.86 10.20
CA GLN F 328 45.20 10.05 9.60
C GLN F 328 45.88 11.33 10.10
N ASN F 329 45.12 12.42 10.23
CA ASN F 329 45.66 13.69 10.72
C ASN F 329 46.34 13.53 12.07
N ILE F 330 45.60 13.03 13.07
CA ILE F 330 46.18 12.91 14.40
C ILE F 330 47.31 11.88 14.38
N ILE F 331 47.09 10.75 13.70
CA ILE F 331 48.02 9.64 13.86
C ILE F 331 49.39 10.05 13.30
N LEU F 332 49.40 10.73 12.15
CA LEU F 332 50.64 11.29 11.63
C LEU F 332 51.21 12.35 12.56
N THR F 333 50.36 13.21 13.12
CA THR F 333 50.85 14.18 14.11
C THR F 333 51.60 13.48 15.23
N THR F 334 50.97 12.47 15.83
CA THR F 334 51.52 11.73 16.96
C THR F 334 52.84 11.07 16.61
N LEU F 335 53.01 10.64 15.36
CA LEU F 335 54.32 10.13 14.95
C LEU F 335 55.43 11.15 15.20
N LYS F 336 55.20 12.41 14.84
CA LYS F 336 56.21 13.45 15.07
C LYS F 336 56.56 13.58 16.54
N LYS F 337 55.60 13.37 17.43
CA LYS F 337 55.90 13.32 18.86
C LYS F 337 56.78 12.12 19.18
N PHE F 338 56.34 10.92 18.78
CA PHE F 338 57.08 9.70 19.10
C PHE F 338 58.55 9.84 18.67
N PHE F 339 58.77 10.37 17.46
CA PHE F 339 60.10 10.53 16.90
C PHE F 339 60.83 11.80 17.33
N SER F 340 60.18 12.69 18.09
CA SER F 340 60.84 13.95 18.42
C SER F 340 60.85 14.30 19.91
N GLU F 341 60.01 13.69 20.73
CA GLU F 341 59.91 14.14 22.12
C GLU F 341 61.16 13.81 22.92
N SER F 342 61.88 12.74 22.56
CA SER F 342 63.04 12.31 23.32
C SER F 342 63.95 11.50 22.41
N LYS F 343 65.18 11.28 22.87
CA LYS F 343 66.12 10.44 22.12
C LYS F 343 65.61 9.00 22.08
N ARG F 344 65.88 8.33 20.96
CA ARG F 344 65.65 6.91 20.86
C ARG F 344 66.61 6.31 19.82
N ILE F 345 66.82 5.01 19.93
CA ILE F 345 67.71 4.29 19.01
C ILE F 345 66.85 3.38 18.14
N LEU F 346 67.02 3.50 16.83
CA LEU F 346 66.30 2.69 15.86
C LEU F 346 67.18 1.55 15.34
N CYS F 347 66.53 0.60 14.69
CA CYS F 347 67.21 -0.36 13.82
C CYS F 347 66.60 -0.29 12.43
N GLN F 348 67.42 -0.65 11.43
CA GLN F 348 66.91 -1.03 10.12
C GLN F 348 65.79 -2.06 10.22
N ASN F 349 64.85 -1.98 9.27
CA ASN F 349 63.71 -2.91 9.14
C ASN F 349 62.98 -3.15 10.46
N ASP F 350 62.85 -2.12 11.27
CA ASP F 350 62.31 -2.28 12.62
C ASP F 350 60.91 -1.68 12.72
N LEU F 351 60.18 -2.12 13.74
CA LEU F 351 58.82 -1.70 14.01
C LEU F 351 58.81 -0.79 15.22
N ILE F 352 58.10 0.32 15.13
CA ILE F 352 57.77 1.16 16.29
C ILE F 352 56.29 1.00 16.60
N PRO F 353 55.91 0.71 17.85
CA PRO F 353 54.51 0.82 18.27
C PRO F 353 54.20 2.24 18.73
N ILE F 354 53.04 2.74 18.30
CA ILE F 354 52.55 4.05 18.74
C ILE F 354 51.06 3.97 19.03
N ALA F 355 50.66 4.63 20.12
CA ALA F 355 49.29 4.63 20.62
C ALA F 355 48.46 5.79 20.09
N PHE F 356 47.26 5.46 19.60
CA PHE F 356 46.31 6.42 19.05
C PHE F 356 44.95 6.01 19.59
N ASP F 357 44.15 7.00 20.05
CA ASP F 357 43.23 6.64 21.11
C ASP F 357 41.83 7.21 20.94
N SER F 358 40.86 6.40 21.39
CA SER F 358 39.55 6.79 21.93
C SER F 358 38.77 7.82 21.10
N SER F 359 38.94 7.83 19.78
CA SER F 359 38.36 8.89 18.94
C SER F 359 38.75 10.29 19.38
N MET F 360 39.89 10.44 20.06
CA MET F 360 40.37 11.76 20.49
C MET F 360 40.92 12.49 19.26
N ALA F 361 40.01 12.81 18.35
CA ALA F 361 40.35 13.30 17.02
C ALA F 361 39.28 14.29 16.60
N ASP F 362 39.68 15.19 15.69
CA ASP F 362 39.05 16.49 15.48
C ASP F 362 39.16 17.39 16.70
N LEU F 363 39.78 16.90 17.77
CA LEU F 363 40.08 17.70 18.95
C LEU F 363 41.49 18.27 18.79
N ASN F 364 41.59 19.32 18.00
CA ASN F 364 42.87 19.99 17.78
C ASN F 364 43.48 20.43 19.09
N ILE F 365 44.76 20.10 19.29
CA ILE F 365 45.45 20.46 20.52
C ILE F 365 45.55 21.97 20.65
N ALA F 366 45.91 22.65 19.56
CA ALA F 366 46.10 24.09 19.61
C ALA F 366 46.21 24.63 18.19
N GLU F 367 45.88 25.92 18.05
CA GLU F 367 46.12 26.63 16.79
C GLU F 367 47.60 26.82 16.51
N GLU F 368 48.43 26.85 17.56
CA GLU F 368 49.86 27.06 17.40
C GLU F 368 50.61 26.25 18.44
N ASN F 369 51.82 25.82 18.07
CA ASN F 369 52.66 25.00 18.93
C ASN F 369 54.12 25.45 18.93
N ASP F 370 54.44 26.55 18.24
CA ASP F 370 55.82 26.98 18.06
C ASP F 370 56.41 27.49 19.38
N GLU F 371 55.58 28.05 20.25
CA GLU F 371 56.07 28.81 21.40
C GLU F 371 56.51 27.94 22.56
N SER F 372 56.01 26.71 22.68
CA SER F 372 56.28 25.93 23.88
C SER F 372 56.31 24.45 23.54
N ASP F 373 57.00 23.70 24.40
CA ASP F 373 57.06 22.23 24.38
C ASP F 373 56.34 21.70 25.61
N ASP F 374 55.05 21.39 25.44
CA ASP F 374 54.20 21.09 26.59
C ASP F 374 53.32 19.86 26.36
N GLU F 375 53.77 18.92 25.53
CA GLU F 375 52.96 17.76 25.18
C GLU F 375 52.78 16.81 26.36
N ASP F 376 53.77 16.74 27.26
CA ASP F 376 53.81 15.70 28.28
C ASP F 376 52.60 15.75 29.22
N GLU F 377 52.10 16.96 29.51
CA GLU F 377 50.93 17.11 30.36
C GLU F 377 49.72 16.34 29.82
N LEU F 378 49.46 16.46 28.51
CA LEU F 378 48.28 15.81 27.92
C LEU F 378 48.20 14.33 28.29
N GLY F 379 49.34 13.64 28.35
CA GLY F 379 49.34 12.23 28.70
C GLY F 379 48.68 11.90 30.02
N GLN F 380 48.72 12.83 30.99
CA GLN F 380 47.98 12.62 32.23
C GLN F 380 46.49 12.45 32.01
N TYR F 381 45.97 12.93 30.87
CA TYR F 381 44.56 12.88 30.53
C TYR F 381 44.24 11.90 29.41
N TYR F 382 45.18 11.63 28.51
CA TYR F 382 45.00 10.64 27.45
C TYR F 382 45.46 9.27 27.96
N LYS F 383 44.51 8.54 28.55
CA LYS F 383 44.63 7.09 28.69
C LYS F 383 44.47 6.43 27.32
N ASN F 384 45.42 5.57 26.96
CA ASN F 384 45.38 5.02 25.62
C ASN F 384 44.28 3.96 25.51
N ASP F 385 43.93 3.62 24.25
CA ASP F 385 43.10 2.44 24.04
C ASP F 385 43.26 1.77 22.68
N SER F 386 44.14 2.24 21.79
CA SER F 386 44.48 1.44 20.61
C SER F 386 45.91 1.71 20.16
N LEU F 387 46.44 0.75 19.41
CA LEU F 387 47.82 0.75 18.94
C LEU F 387 47.86 0.59 17.43
N VAL F 388 48.77 1.31 16.77
CA VAL F 388 49.17 0.98 15.40
C VAL F 388 50.68 0.82 15.35
N TRP F 389 51.14 -0.02 14.42
CA TRP F 389 52.56 -0.16 14.12
C TRP F 389 52.97 0.80 12.99
N PHE F 390 54.23 1.24 13.03
CA PHE F 390 54.86 1.87 11.88
C PHE F 390 56.19 1.19 11.61
N PHE F 391 56.51 1.02 10.32
CA PHE F 391 57.68 0.27 9.89
C PHE F 391 58.66 1.22 9.21
N VAL F 392 59.90 1.28 9.73
CA VAL F 392 60.90 2.19 9.18
C VAL F 392 61.48 1.71 7.86
N THR F 393 61.29 0.43 7.52
CA THR F 393 61.66 -0.24 6.27
C THR F 393 63.13 -0.13 5.89
N SER F 394 63.95 0.59 6.66
CA SER F 394 65.24 1.04 6.14
C SER F 394 66.09 1.58 7.28
N ALA F 395 67.33 1.90 6.96
CA ALA F 395 68.10 2.90 7.70
C ALA F 395 68.81 3.79 6.70
N GLU F 396 68.86 5.08 7.00
CA GLU F 396 69.36 6.11 6.09
C GLU F 396 70.70 6.69 6.54
N LEU F 397 71.58 5.82 7.05
CA LEU F 397 72.96 6.24 7.32
C LEU F 397 73.61 6.79 6.05
N ASP F 398 74.24 7.97 6.19
CA ASP F 398 74.89 8.66 5.09
C ASP F 398 76.41 8.51 5.05
N CYS F 399 77.06 8.28 6.18
CA CYS F 399 78.51 8.16 6.23
C CYS F 399 78.92 6.72 5.97
N PHE F 400 80.17 6.37 6.27
CA PHE F 400 80.61 4.99 6.18
C PHE F 400 80.52 4.34 7.54
N SER F 401 80.24 3.04 7.54
CA SER F 401 80.07 2.30 8.79
C SER F 401 80.33 0.83 8.55
N LYS F 402 80.59 0.12 9.64
CA LYS F 402 80.71 -1.34 9.58
C LYS F 402 79.47 -1.95 8.94
N ASP F 403 78.30 -1.58 9.43
CA ASP F 403 77.03 -2.04 8.85
C ASP F 403 75.95 -0.99 9.10
N ASN F 404 75.03 -0.88 8.15
CA ASN F 404 73.90 0.04 8.25
C ASN F 404 72.88 -0.42 9.29
N SER F 405 73.24 -0.34 10.57
CA SER F 405 72.39 -0.85 11.63
C SER F 405 72.64 -0.05 12.90
N HIS F 406 71.78 -0.28 13.89
CA HIS F 406 71.99 0.11 15.29
C HIS F 406 72.42 1.58 15.41
N PHE F 407 71.55 2.46 14.92
CA PHE F 407 71.89 3.86 14.71
C PHE F 407 70.98 4.76 15.53
N ILE F 408 71.55 5.86 16.02
CA ILE F 408 70.80 6.85 16.78
C ILE F 408 70.09 7.81 15.81
N ILE F 409 68.98 8.39 16.26
CA ILE F 409 68.34 9.50 15.56
C ILE F 409 68.38 10.74 16.44
N ASP F 410 68.52 11.89 15.79
CA ASP F 410 68.67 13.17 16.48
C ASP F 410 67.46 14.04 16.15
N PRO F 411 66.64 14.40 17.14
CA PRO F 411 65.48 15.27 16.86
C PRO F 411 65.81 16.55 16.11
N ASN F 412 67.03 17.07 16.25
CA ASN F 412 67.39 18.34 15.64
C ASN F 412 67.58 18.24 14.13
N ARG F 413 68.05 17.09 13.64
CA ARG F 413 68.46 16.96 12.24
C ARG F 413 67.79 15.79 11.53
N THR F 414 67.39 14.76 12.29
CA THR F 414 66.88 13.52 11.72
C THR F 414 65.42 13.71 11.30
N LYS F 415 65.24 14.36 10.16
CA LYS F 415 63.94 14.52 9.54
C LYS F 415 63.46 13.20 8.93
N LEU F 416 62.14 13.09 8.77
CA LEU F 416 61.49 11.85 8.37
C LEU F 416 60.72 12.02 7.06
N ILE F 417 60.68 10.95 6.28
CA ILE F 417 59.94 10.87 5.02
C ILE F 417 59.08 9.62 5.03
N THR F 418 57.79 9.79 4.81
CA THR F 418 56.84 8.69 4.70
C THR F 418 56.83 8.09 3.30
N THR F 419 56.55 6.79 3.23
CA THR F 419 56.44 6.07 1.97
C THR F 419 55.23 5.13 2.03
N ASN F 420 54.91 4.55 0.88
CA ASN F 420 53.71 3.76 0.70
C ASN F 420 53.63 2.54 1.63
N ILE F 421 52.42 1.97 1.66
CA ILE F 421 52.04 0.92 2.60
C ILE F 421 52.89 -0.34 2.45
N THR F 422 53.03 -1.06 3.58
CA THR F 422 53.75 -2.33 3.63
C THR F 422 52.92 -3.31 4.45
N ASN F 423 53.18 -4.60 4.25
CA ASN F 423 52.55 -5.66 5.03
C ASN F 423 53.52 -6.29 6.02
N ARG F 424 52.98 -6.68 7.17
CA ARG F 424 53.72 -7.44 8.17
C ARG F 424 52.73 -8.08 9.13
N ARG F 425 52.84 -9.40 9.32
CA ARG F 425 51.92 -10.12 10.18
C ARG F 425 52.12 -9.73 11.64
N PRO F 426 51.06 -9.32 12.36
CA PRO F 426 51.19 -9.05 13.80
C PRO F 426 51.65 -10.26 14.61
N LEU F 427 51.85 -10.05 15.92
CA LEU F 427 52.20 -11.09 16.87
C LEU F 427 50.96 -11.88 17.30
N PRO F 428 51.11 -13.19 17.53
CA PRO F 428 50.04 -13.96 18.16
C PRO F 428 50.03 -13.81 19.67
N LEU F 429 48.86 -14.07 20.26
CA LEU F 429 48.65 -13.84 21.68
C LEU F 429 49.57 -14.71 22.53
N SER F 430 49.64 -16.01 22.24
CA SER F 430 50.47 -16.89 23.03
C SER F 430 51.95 -16.50 22.97
N ARG F 431 52.36 -15.76 21.96
CA ARG F 431 53.73 -15.23 21.91
C ARG F 431 53.90 -14.03 22.83
N SER F 432 52.91 -13.13 22.86
CA SER F 432 52.94 -11.96 23.70
C SER F 432 51.58 -11.29 23.77
N ASN F 433 51.05 -11.13 24.98
CA ASN F 433 49.78 -10.41 25.20
C ASN F 433 50.04 -8.92 25.06
N LEU F 434 49.80 -8.42 23.85
CA LEU F 434 50.03 -7.01 23.54
C LEU F 434 49.11 -6.11 24.37
N GLN F 435 47.83 -6.45 24.44
CA GLN F 435 46.82 -5.59 25.07
C GLN F 435 47.19 -5.21 26.49
N ARG F 436 47.49 -6.20 27.34
CA ARG F 436 47.71 -5.92 28.76
C ARG F 436 48.80 -4.87 28.97
N TYR F 437 49.86 -4.91 28.15
CA TYR F 437 50.97 -3.98 28.32
C TYR F 437 50.50 -2.53 28.27
N TYR F 438 49.57 -2.21 27.39
CA TYR F 438 49.09 -0.85 27.19
C TYR F 438 47.80 -0.56 27.94
N GLY F 439 47.36 -1.46 28.82
CA GLY F 439 46.13 -1.24 29.56
C GLY F 439 44.88 -1.07 28.73
N PHE F 440 44.78 -1.76 27.61
CA PHE F 440 43.59 -1.66 26.77
C PHE F 440 42.43 -2.44 27.39
N ALA F 441 41.24 -2.25 26.83
CA ALA F 441 40.04 -2.98 27.21
C ALA F 441 40.18 -4.43 26.74
N GLU F 442 40.98 -5.19 27.49
CA GLU F 442 41.46 -6.49 27.05
C GLU F 442 40.32 -7.43 26.65
N THR F 443 40.40 -7.96 25.45
CA THR F 443 39.45 -8.96 24.98
C THR F 443 39.60 -10.25 25.78
N PHE F 444 38.51 -11.01 25.86
CA PHE F 444 38.50 -12.22 26.67
C PHE F 444 39.52 -13.22 26.14
N TYR F 445 40.02 -14.06 27.04
CA TYR F 445 40.89 -15.18 26.69
C TYR F 445 40.21 -16.48 27.09
N TYR F 446 39.97 -17.36 26.12
CA TYR F 446 39.37 -18.65 26.36
C TYR F 446 40.46 -19.69 26.67
N ASP F 447 40.07 -20.71 27.43
CA ASP F 447 40.81 -21.96 27.50
C ASP F 447 40.17 -22.98 26.57
N LEU F 448 40.96 -23.47 25.61
CA LEU F 448 40.42 -24.19 24.46
C LEU F 448 39.84 -25.55 24.82
N HIS F 449 40.02 -26.02 26.06
CA HIS F 449 39.46 -27.30 26.46
C HIS F 449 38.00 -27.21 26.86
N ILE F 450 37.49 -26.02 27.14
CA ILE F 450 36.17 -25.86 27.73
C ILE F 450 35.15 -25.26 26.76
N PHE F 451 35.59 -24.44 25.79
CA PHE F 451 34.66 -23.85 24.85
C PHE F 451 34.79 -24.55 23.50
N PRO F 452 33.74 -25.21 23.01
CA PRO F 452 33.85 -25.97 21.75
C PRO F 452 34.01 -25.07 20.54
N TYR F 453 33.16 -24.04 20.47
CA TYR F 453 33.00 -23.29 19.23
C TYR F 453 34.26 -22.50 18.88
N VAL F 454 34.88 -21.86 19.88
CA VAL F 454 36.10 -21.11 19.61
C VAL F 454 37.20 -22.04 19.14
N ARG F 455 37.34 -23.21 19.76
CA ARG F 455 38.32 -24.19 19.29
C ARG F 455 38.07 -24.57 17.83
N GLN F 456 36.80 -24.81 17.49
CA GLN F 456 36.44 -25.15 16.11
C GLN F 456 36.84 -24.04 15.15
N LEU F 457 36.33 -22.84 15.39
CA LEU F 457 36.56 -21.72 14.48
C LEU F 457 38.06 -21.43 14.36
N VAL F 458 38.76 -21.39 15.50
CA VAL F 458 40.17 -21.04 15.48
C VAL F 458 40.98 -22.09 14.71
N ASN F 459 40.71 -23.38 14.94
CA ASN F 459 41.43 -24.39 14.16
C ASN F 459 41.13 -24.31 12.67
N ILE F 460 39.86 -24.11 12.30
CA ILE F 460 39.50 -23.96 10.88
C ILE F 460 40.21 -22.78 10.24
N LEU F 461 40.33 -21.67 10.96
CA LEU F 461 41.09 -20.53 10.44
C LEU F 461 42.58 -20.81 10.43
N GLU F 462 43.08 -21.53 11.44
CA GLU F 462 44.51 -21.77 11.60
C GLU F 462 45.03 -22.62 10.47
N THR F 463 44.33 -23.71 10.15
CA THR F 463 44.70 -24.54 9.02
C THR F 463 44.75 -23.76 7.70
N SER F 464 44.06 -22.63 7.62
CA SER F 464 43.95 -21.87 6.38
C SER F 464 45.03 -20.78 6.28
N PHE F 465 45.21 -19.98 7.33
CA PHE F 465 45.96 -18.73 7.21
C PHE F 465 47.37 -18.97 6.67
N ASN F 466 48.12 -19.91 7.25
CA ASN F 466 49.44 -20.22 6.70
C ASN F 466 49.67 -21.72 6.50
N CYS F 467 49.04 -22.57 7.31
CA CYS F 467 49.30 -24.01 7.24
C CYS F 467 49.10 -24.55 5.83
N SER F 468 48.09 -24.06 5.11
CA SER F 468 47.73 -24.58 3.80
C SER F 468 48.11 -23.67 2.63
N GLN F 469 48.25 -22.36 2.85
CA GLN F 469 48.60 -21.46 1.76
C GLN F 469 49.93 -21.81 1.10
N ARG F 470 50.82 -22.50 1.81
CA ARG F 470 52.05 -22.98 1.20
C ARG F 470 51.78 -23.82 -0.05
N GLY F 471 50.65 -24.53 -0.08
CA GLY F 471 50.19 -25.14 -1.32
C GLY F 471 49.11 -24.33 -2.00
N ILE F 472 47.91 -24.91 -2.11
CA ILE F 472 46.74 -24.22 -2.63
C ILE F 472 45.60 -24.37 -1.62
N THR F 473 44.96 -23.26 -1.27
CA THR F 473 44.01 -23.22 -0.17
C THR F 473 42.59 -23.01 -0.68
N LEU F 474 41.66 -23.78 -0.12
CA LEU F 474 40.24 -23.56 -0.31
C LEU F 474 39.81 -22.28 0.39
N ASN F 475 39.20 -21.36 -0.36
CA ASN F 475 38.76 -20.09 0.21
C ASN F 475 37.86 -20.36 1.42
N ALA F 476 38.21 -19.72 2.54
CA ALA F 476 37.46 -19.89 3.78
C ALA F 476 36.20 -19.03 3.79
N SER F 477 35.13 -19.58 4.36
CA SER F 477 33.88 -18.85 4.49
C SER F 477 33.09 -19.49 5.64
N VAL F 478 32.89 -18.75 6.72
CA VAL F 478 32.25 -19.28 7.91
C VAL F 478 31.24 -18.26 8.43
N LEU F 479 30.09 -18.74 8.86
CA LEU F 479 29.00 -17.91 9.36
C LEU F 479 28.69 -18.30 10.80
N LEU F 480 28.69 -17.32 11.70
CA LEU F 480 28.34 -17.54 13.10
C LEU F 480 26.90 -17.11 13.34
N HIS F 481 26.12 -17.97 14.00
CA HIS F 481 24.74 -17.66 14.35
C HIS F 481 24.43 -18.22 15.72
N SER F 482 23.45 -17.60 16.38
CA SER F 482 23.06 -17.97 17.73
C SER F 482 21.57 -17.72 17.92
N THR F 483 20.92 -18.60 18.68
CA THR F 483 19.50 -18.43 18.95
C THR F 483 19.24 -17.23 19.85
N THR F 484 20.25 -16.79 20.60
CA THR F 484 20.15 -15.67 21.53
C THR F 484 21.29 -14.70 21.21
N ASN F 485 21.06 -13.42 21.46
CA ASN F 485 22.05 -12.40 21.18
C ASN F 485 23.00 -12.19 22.36
N ASN F 486 23.94 -11.25 22.19
CA ASN F 486 24.97 -10.92 23.16
C ASN F 486 25.86 -12.10 23.55
N VAL F 487 25.83 -13.20 22.81
CA VAL F 487 26.55 -14.40 23.23
C VAL F 487 28.04 -14.33 22.89
N GLY F 488 28.54 -13.17 22.49
CA GLY F 488 29.97 -12.98 22.46
C GLY F 488 30.70 -13.47 21.23
N LYS F 489 30.01 -13.70 20.13
CA LYS F 489 30.69 -14.11 18.91
C LYS F 489 31.59 -13.03 18.32
N ALA F 490 31.32 -11.75 18.59
CA ALA F 490 32.31 -10.72 18.30
C ALA F 490 33.58 -10.94 19.12
N THR F 491 33.42 -11.35 20.38
CA THR F 491 34.58 -11.69 21.20
C THR F 491 35.28 -12.92 20.66
N MET F 492 34.50 -13.91 20.17
CA MET F 492 35.10 -15.06 19.51
C MET F 492 36.01 -14.63 18.35
N VAL F 493 35.50 -13.77 17.47
CA VAL F 493 36.27 -13.39 16.29
C VAL F 493 37.49 -12.56 16.67
N ARG F 494 37.34 -11.63 17.62
CA ARG F 494 38.48 -10.85 18.09
C ARG F 494 39.53 -11.73 18.77
N PHE F 495 39.10 -12.70 19.58
CA PHE F 495 40.06 -13.61 20.20
C PHE F 495 40.78 -14.44 19.14
N ALA F 496 40.03 -14.96 18.15
CA ALA F 496 40.66 -15.65 17.03
C ALA F 496 41.77 -14.81 16.43
N SER F 497 41.46 -13.57 16.08
CA SER F 497 42.45 -12.63 15.57
C SER F 497 43.68 -12.55 16.49
N LYS F 498 43.45 -12.23 17.76
CA LYS F 498 44.56 -12.08 18.71
C LYS F 498 45.38 -13.35 18.85
N TYR F 499 44.75 -14.51 18.72
CA TYR F 499 45.42 -15.79 18.88
C TYR F 499 46.22 -16.20 17.64
N LEU F 500 45.82 -15.73 16.46
CA LEU F 500 46.47 -16.10 15.22
C LEU F 500 47.17 -14.93 14.54
N GLY F 501 47.09 -13.74 15.11
CA GLY F 501 47.64 -12.52 14.54
C GLY F 501 47.03 -12.07 13.23
N ILE F 502 45.93 -12.69 12.84
CA ILE F 502 45.28 -12.35 11.59
C ILE F 502 44.62 -10.99 11.71
N HIS F 503 44.90 -10.10 10.76
CA HIS F 503 44.23 -8.81 10.73
C HIS F 503 42.73 -8.98 10.60
N LEU F 504 41.99 -8.18 11.37
CA LEU F 504 40.54 -8.22 11.41
C LEU F 504 39.98 -6.90 10.90
N LEU F 505 39.12 -6.98 9.87
CA LEU F 505 38.45 -5.83 9.29
C LEU F 505 36.98 -5.93 9.70
N GLU F 506 36.65 -5.35 10.84
CA GLU F 506 35.31 -5.42 11.40
C GLU F 506 34.43 -4.35 10.76
N ILE F 507 33.62 -4.77 9.79
CA ILE F 507 32.62 -3.90 9.17
C ILE F 507 31.29 -4.23 9.83
N ASP F 508 30.95 -3.47 10.87
CA ASP F 508 29.64 -3.57 11.48
C ASP F 508 28.61 -2.80 10.64
N CYS F 509 27.60 -3.53 10.16
CA CYS F 509 26.64 -2.97 9.21
C CYS F 509 25.95 -1.73 9.78
N LEU F 510 25.53 -1.77 11.05
CA LEU F 510 24.71 -0.70 11.60
C LEU F 510 25.41 0.65 11.52
N SER F 511 26.59 0.75 12.11
CA SER F 511 27.31 2.03 12.13
C SER F 511 27.90 2.38 10.76
N LEU F 512 28.52 1.42 10.07
CA LEU F 512 29.18 1.74 8.80
C LEU F 512 28.17 2.10 7.71
N THR F 513 27.09 1.33 7.57
CA THR F 513 26.18 1.55 6.46
C THR F 513 25.31 2.79 6.68
N SER F 514 24.73 3.26 5.59
CA SER F 514 23.82 4.40 5.56
C SER F 514 22.51 4.03 4.89
N ASN F 515 22.15 2.74 4.94
CA ASN F 515 20.99 2.20 4.25
C ASN F 515 19.71 2.68 4.94
N SER F 516 18.56 2.15 4.50
CA SER F 516 17.20 2.45 4.95
C SER F 516 16.76 3.85 4.57
N ARG F 517 17.53 4.54 3.74
CA ARG F 517 16.98 5.57 2.86
C ARG F 517 15.90 4.98 1.97
N GLN F 518 16.09 3.73 1.53
CA GLN F 518 15.23 3.05 0.56
C GLN F 518 15.04 3.90 -0.69
N LEU F 519 16.08 4.65 -1.05
CA LEU F 519 16.20 5.32 -2.33
C LEU F 519 16.17 4.28 -3.47
N ASP F 520 16.14 4.77 -4.70
CA ASP F 520 16.04 3.91 -5.87
C ASP F 520 17.37 3.27 -6.27
N SER F 521 18.37 3.28 -5.39
CA SER F 521 19.71 2.80 -5.72
C SER F 521 20.29 2.13 -4.48
N THR F 522 20.88 0.94 -4.69
CA THR F 522 21.70 0.27 -3.68
C THR F 522 23.19 0.49 -3.89
N SER F 523 23.59 1.32 -4.86
CA SER F 523 25.00 1.46 -5.20
C SER F 523 25.82 2.01 -4.03
N LYS F 524 25.19 2.76 -3.13
CA LYS F 524 25.91 3.36 -2.01
C LYS F 524 26.57 2.28 -1.15
N ILE F 525 25.78 1.32 -0.68
CA ILE F 525 26.31 0.24 0.17
C ILE F 525 27.42 -0.52 -0.55
N ILE F 526 27.16 -0.93 -1.79
CA ILE F 526 28.15 -1.67 -2.58
C ILE F 526 29.47 -0.91 -2.68
N GLY F 527 29.42 0.30 -3.19
CA GLY F 527 30.63 1.10 -3.30
C GLY F 527 31.33 1.33 -1.98
N TYR F 528 30.56 1.61 -0.92
CA TYR F 528 31.15 1.81 0.41
C TYR F 528 31.95 0.58 0.85
N ILE F 529 31.29 -0.58 0.92
CA ILE F 529 31.96 -1.82 1.32
C ILE F 529 33.16 -2.11 0.42
N ARG F 530 32.93 -2.16 -0.89
CA ARG F 530 33.97 -2.56 -1.83
C ARG F 530 35.18 -1.62 -1.76
N ALA F 531 34.94 -0.31 -1.73
CA ALA F 531 36.01 0.67 -1.61
C ALA F 531 36.80 0.48 -0.32
N LYS F 532 36.11 0.38 0.82
CA LYS F 532 36.82 0.21 2.09
C LYS F 532 37.65 -1.07 2.11
N CYS F 533 37.07 -2.19 1.66
CA CYS F 533 37.86 -3.41 1.53
C CYS F 533 39.07 -3.19 0.62
N GLU F 534 38.85 -2.54 -0.53
CA GLU F 534 39.88 -2.36 -1.54
C GLU F 534 41.04 -1.53 -0.98
N ASN F 535 40.73 -0.53 -0.16
CA ASN F 535 41.76 0.32 0.42
C ASN F 535 42.71 -0.45 1.32
N VAL F 536 42.29 -1.57 1.89
CA VAL F 536 43.06 -2.18 2.96
C VAL F 536 43.46 -3.61 2.64
N LEU F 537 42.67 -4.31 1.81
CA LEU F 537 42.96 -5.72 1.54
C LEU F 537 44.33 -5.93 0.91
N PRO F 538 44.71 -5.25 -0.18
CA PRO F 538 46.10 -5.28 -0.63
C PRO F 538 47.08 -4.89 0.48
N TYR F 539 48.12 -5.72 0.65
CA TYR F 539 49.14 -5.58 1.68
C TYR F 539 48.58 -5.69 3.10
N ALA F 540 47.38 -6.24 3.27
CA ALA F 540 46.94 -6.74 4.58
C ALA F 540 46.41 -8.15 4.37
N SER F 541 47.27 -9.14 4.64
CA SER F 541 46.94 -10.54 4.47
C SER F 541 47.78 -11.34 5.46
N PRO F 542 47.23 -12.42 6.04
CA PRO F 542 45.85 -12.89 5.96
C PRO F 542 44.87 -11.96 6.67
N ALA F 543 43.65 -11.85 6.15
CA ALA F 543 42.67 -10.90 6.64
C ALA F 543 41.35 -11.60 6.92
N VAL F 544 40.60 -11.06 7.87
CA VAL F 544 39.27 -11.57 8.21
C VAL F 544 38.28 -10.44 8.01
N ILE F 545 37.56 -10.47 6.89
CA ILE F 545 36.44 -9.56 6.66
C ILE F 545 35.27 -10.01 7.52
N PHE F 546 34.95 -9.25 8.57
CA PHE F 546 33.90 -9.63 9.51
C PHE F 546 32.71 -8.67 9.38
N LEU F 547 31.61 -9.19 8.84
CA LEU F 547 30.35 -8.46 8.72
C LEU F 547 29.50 -8.74 9.95
N ALA F 548 29.29 -7.73 10.77
CA ALA F 548 28.53 -7.86 12.01
C ALA F 548 27.09 -7.37 11.80
N HIS F 549 26.14 -8.14 12.32
CA HIS F 549 24.72 -7.94 12.09
C HIS F 549 24.41 -7.89 10.60
N LEU F 550 24.91 -8.90 9.88
CA LEU F 550 24.81 -8.95 8.42
C LEU F 550 23.36 -8.93 7.96
N ASP F 551 22.45 -9.47 8.77
CA ASP F 551 21.02 -9.57 8.46
C ASP F 551 20.35 -8.21 8.21
N SER F 552 21.03 -7.10 8.49
CA SER F 552 20.44 -5.80 8.17
C SER F 552 20.47 -5.51 6.68
N ILE F 553 21.48 -5.99 5.97
CA ILE F 553 21.57 -5.76 4.53
C ILE F 553 20.95 -6.92 3.75
N LEU F 554 21.36 -8.14 4.07
CA LEU F 554 20.82 -9.34 3.46
C LEU F 554 19.69 -9.87 4.32
N LEU F 555 18.51 -10.05 3.72
CA LEU F 555 17.35 -10.55 4.45
C LEU F 555 16.43 -11.29 3.49
N ASP F 556 15.50 -12.04 4.08
CA ASP F 556 14.61 -12.91 3.32
C ASP F 556 13.74 -12.15 2.31
N VAL F 557 13.37 -12.86 1.25
CA VAL F 557 12.45 -12.39 0.22
C VAL F 557 11.02 -12.40 0.71
N ASN F 558 10.53 -11.26 1.22
CA ASN F 558 9.13 -11.13 1.61
C ASN F 558 8.32 -10.75 0.37
N ALA F 559 8.14 -11.75 -0.51
CA ALA F 559 7.57 -11.53 -1.83
C ALA F 559 6.14 -10.99 -1.78
N ASN F 560 5.47 -11.10 -0.64
CA ASN F 560 4.19 -10.43 -0.44
C ASN F 560 4.31 -8.91 -0.41
N GLN F 561 5.51 -8.36 -0.20
CA GLN F 561 5.68 -6.93 -0.29
C GLN F 561 5.49 -6.41 -1.72
N ASP F 562 5.30 -5.11 -1.82
CA ASP F 562 5.05 -4.45 -3.09
C ASP F 562 6.20 -4.63 -4.07
N PRO F 563 5.92 -4.71 -5.36
CA PRO F 563 6.98 -4.71 -6.37
C PRO F 563 7.77 -3.40 -6.34
N GLU F 564 8.95 -3.44 -6.98
CA GLU F 564 9.91 -2.34 -7.12
C GLU F 564 10.66 -2.10 -5.81
N ALA F 565 10.36 -2.86 -4.76
CA ALA F 565 11.15 -2.98 -3.54
C ALA F 565 11.92 -4.30 -3.52
N ILE F 566 11.20 -5.40 -3.71
CA ILE F 566 11.79 -6.72 -3.91
C ILE F 566 12.86 -6.70 -4.99
N LYS F 567 12.75 -5.78 -5.96
CA LYS F 567 13.80 -5.70 -6.97
C LYS F 567 15.12 -5.18 -6.38
N LEU F 568 15.06 -4.16 -5.51
CA LEU F 568 16.25 -3.81 -4.73
C LEU F 568 16.73 -4.97 -3.88
N GLN F 569 15.80 -5.70 -3.28
CA GLN F 569 16.20 -6.86 -2.47
C GLN F 569 17.01 -7.86 -3.29
N LYS F 570 16.50 -8.26 -4.45
CA LYS F 570 17.26 -9.12 -5.37
C LYS F 570 18.61 -8.51 -5.70
N SER F 571 18.61 -7.25 -6.13
CA SER F 571 19.83 -6.55 -6.47
C SER F 571 20.88 -6.67 -5.38
N ILE F 572 20.54 -6.25 -4.15
CA ILE F 572 21.48 -6.29 -3.05
C ILE F 572 21.94 -7.72 -2.75
N ASN F 573 21.00 -8.66 -2.60
CA ASN F 573 21.39 -10.05 -2.33
C ASN F 573 22.41 -10.58 -3.33
N PHE F 574 22.06 -10.53 -4.62
CA PHE F 574 22.97 -11.03 -5.64
C PHE F 574 24.29 -10.28 -5.63
N GLU F 575 24.24 -8.95 -5.59
CA GLU F 575 25.45 -8.16 -5.74
C GLU F 575 26.40 -8.42 -4.57
N MET F 576 25.84 -8.52 -3.35
CA MET F 576 26.63 -8.93 -2.18
C MET F 576 27.31 -10.27 -2.41
N SER F 577 26.56 -11.28 -2.85
CA SER F 577 27.18 -12.58 -3.15
C SER F 577 28.28 -12.44 -4.20
N LYS F 578 28.06 -11.59 -5.20
CA LYS F 578 29.10 -11.26 -6.17
C LYS F 578 30.38 -10.79 -5.48
N LEU F 579 30.26 -9.82 -4.57
CA LEU F 579 31.43 -9.40 -3.78
C LEU F 579 32.05 -10.53 -2.98
N LEU F 580 31.24 -11.36 -2.32
CA LEU F 580 31.74 -12.59 -1.72
C LEU F 580 32.69 -13.34 -2.65
N ASP F 581 32.18 -13.81 -3.78
CA ASP F 581 33.01 -14.55 -4.74
C ASP F 581 34.23 -13.73 -5.17
N ASP F 582 34.02 -12.45 -5.46
CA ASP F 582 35.10 -11.58 -5.94
C ASP F 582 36.25 -11.53 -4.95
N PHE F 583 35.95 -11.26 -3.68
CA PHE F 583 36.96 -11.30 -2.63
C PHE F 583 37.62 -12.67 -2.53
N THR F 584 36.82 -13.74 -2.43
CA THR F 584 37.38 -15.08 -2.28
C THR F 584 38.36 -15.42 -3.40
N PHE F 585 38.07 -15.01 -4.63
CA PHE F 585 38.90 -15.44 -5.76
C PHE F 585 39.97 -14.44 -6.16
N LYS F 586 39.79 -13.15 -5.89
CA LYS F 586 40.73 -12.14 -6.37
C LYS F 586 41.91 -11.94 -5.43
N PHE F 587 41.74 -12.25 -4.14
CA PHE F 587 42.74 -12.02 -3.12
C PHE F 587 43.12 -13.32 -2.43
N PRO F 588 44.39 -13.49 -2.05
CA PRO F 588 44.78 -14.65 -1.24
C PRO F 588 44.60 -14.46 0.26
N GLY F 589 43.86 -15.37 0.90
CA GLY F 589 43.68 -15.36 2.33
C GLY F 589 42.43 -14.71 2.88
N THR F 590 41.50 -14.28 2.02
CA THR F 590 40.22 -13.80 2.51
C THR F 590 39.42 -14.94 3.10
N THR F 591 38.73 -14.67 4.21
CA THR F 591 38.06 -15.74 4.95
C THR F 591 36.58 -15.42 5.20
N PHE F 592 36.24 -14.14 5.30
CA PHE F 592 34.85 -13.72 5.49
C PHE F 592 34.18 -14.45 6.64
N VAL F 593 34.50 -14.10 7.88
CA VAL F 593 33.65 -14.48 9.00
C VAL F 593 32.40 -13.62 8.98
N GLY F 594 31.24 -14.26 9.13
CA GLY F 594 29.99 -13.56 9.35
C GLY F 594 29.37 -13.85 10.70
N SER F 595 28.52 -12.94 11.17
CA SER F 595 27.69 -13.17 12.34
C SER F 595 26.27 -12.74 12.05
N VAL F 596 25.31 -13.52 12.54
CA VAL F 596 23.89 -13.29 12.26
C VAL F 596 23.11 -13.49 13.55
N ASN F 597 22.09 -12.64 13.75
CA ASN F 597 21.24 -12.71 14.93
C ASN F 597 20.23 -13.86 14.88
N ASN F 598 19.79 -14.27 13.69
CA ASN F 598 18.98 -15.48 13.56
C ASN F 598 19.11 -16.03 12.15
N ILE F 599 19.51 -17.30 12.05
CA ILE F 599 20.08 -17.84 10.82
C ILE F 599 19.06 -17.85 9.69
N ASP F 600 17.81 -18.21 10.00
CA ASP F 600 16.78 -18.37 8.97
C ASP F 600 16.66 -17.16 8.05
N ASN F 601 16.94 -15.95 8.56
CA ASN F 601 16.62 -14.74 7.80
C ASN F 601 17.59 -14.49 6.66
N VAL F 602 18.74 -15.17 6.66
CA VAL F 602 19.68 -15.13 5.54
C VAL F 602 19.04 -15.84 4.35
N PRO F 603 18.89 -15.18 3.20
CA PRO F 603 18.22 -15.83 2.06
C PRO F 603 18.96 -17.07 1.57
N SER F 604 18.17 -18.02 1.07
CA SER F 604 18.72 -19.25 0.50
C SER F 604 19.78 -18.96 -0.57
N SER F 605 19.52 -17.96 -1.42
CA SER F 605 20.48 -17.59 -2.46
C SER F 605 21.87 -17.33 -1.92
N PHE F 606 21.98 -16.94 -0.64
CA PHE F 606 23.25 -16.61 -0.02
C PHE F 606 23.66 -17.63 1.03
N ARG F 607 22.70 -18.30 1.68
CA ARG F 607 22.99 -19.25 2.75
C ARG F 607 23.89 -20.38 2.27
N SER F 608 23.61 -20.93 1.09
CA SER F 608 24.34 -22.09 0.59
C SER F 608 25.84 -21.81 0.45
N HIS F 609 26.21 -20.65 -0.07
CA HIS F 609 27.62 -20.37 -0.37
C HIS F 609 28.53 -20.71 0.81
N MET F 610 28.25 -20.16 2.00
CA MET F 610 29.10 -20.42 3.15
C MET F 610 29.08 -21.90 3.52
N ARG F 611 30.09 -22.30 4.28
CA ARG F 611 30.26 -23.68 4.71
C ARG F 611 30.41 -23.71 6.24
N PHE F 612 29.92 -24.79 6.84
CA PHE F 612 30.15 -25.13 8.25
C PHE F 612 29.85 -23.95 9.18
N GLU F 613 28.59 -23.54 9.19
CA GLU F 613 28.17 -22.51 10.13
C GLU F 613 28.22 -23.05 11.56
N ILE F 614 28.56 -22.16 12.50
CA ILE F 614 28.73 -22.52 13.90
C ILE F 614 27.53 -22.01 14.69
N LEU F 615 26.85 -22.93 15.38
CA LEU F 615 25.95 -22.56 16.46
C LEU F 615 26.77 -22.22 17.70
N VAL F 616 26.46 -21.08 18.31
CA VAL F 616 27.12 -20.64 19.54
C VAL F 616 26.13 -20.70 20.72
N PRO F 617 26.00 -21.85 21.39
CA PRO F 617 25.09 -21.93 22.53
C PRO F 617 25.55 -21.01 23.66
N VAL F 618 24.60 -20.63 24.50
CA VAL F 618 24.90 -19.90 25.74
C VAL F 618 25.80 -20.74 26.65
N PRO F 619 26.69 -20.10 27.42
CA PRO F 619 27.62 -20.86 28.26
C PRO F 619 26.92 -21.60 29.37
N SER F 620 27.34 -22.86 29.57
CA SER F 620 26.93 -23.66 30.71
C SER F 620 27.78 -23.32 31.94
N GLU F 621 27.39 -23.91 33.07
CA GLU F 621 28.02 -23.63 34.37
C GLU F 621 29.53 -23.80 34.34
N ALA F 622 30.04 -24.74 33.54
CA ALA F 622 31.49 -24.93 33.43
C ALA F 622 32.15 -23.72 32.76
N GLN F 623 31.48 -23.12 31.78
CA GLN F 623 31.99 -21.88 31.19
C GLN F 623 31.81 -20.72 32.16
N ARG F 624 30.65 -20.64 32.82
CA ARG F 624 30.38 -19.56 33.76
C ARG F 624 31.49 -19.51 34.81
N LEU F 625 31.91 -20.68 35.30
CA LEU F 625 33.01 -20.75 36.26
C LEU F 625 34.24 -19.99 35.80
N ARG F 626 34.57 -20.07 34.50
CA ARG F 626 35.73 -19.37 33.98
C ARG F 626 35.45 -17.90 33.68
N ILE F 627 34.20 -17.55 33.37
CA ILE F 627 33.98 -16.14 33.08
C ILE F 627 33.82 -15.31 34.36
N PHE F 628 33.26 -15.90 35.42
CA PHE F 628 33.29 -15.20 36.70
C PHE F 628 34.73 -14.95 37.14
N GLN F 629 35.59 -15.97 37.02
CA GLN F 629 37.00 -15.81 37.35
C GLN F 629 37.69 -14.81 36.43
N TRP F 630 37.15 -14.57 35.23
CA TRP F 630 37.71 -13.54 34.37
C TRP F 630 37.32 -12.13 34.84
N TYR F 631 36.03 -11.87 35.01
CA TYR F 631 35.61 -10.55 35.45
C TYR F 631 36.13 -10.22 36.85
N LEU F 632 36.01 -11.16 37.77
CA LEU F 632 36.58 -10.98 39.12
C LEU F 632 38.11 -11.11 39.16
N SER F 633 38.82 -11.13 38.04
CA SER F 633 40.27 -11.21 38.04
C SER F 633 40.91 -9.99 38.70
N SER F 634 42.17 -10.19 39.10
CA SER F 634 42.94 -9.24 39.89
C SER F 634 42.81 -7.78 39.48
N HIS F 635 43.11 -7.47 38.21
CA HIS F 635 43.11 -6.09 37.74
C HIS F 635 42.26 -5.92 36.49
N GLU F 636 41.08 -6.53 36.49
CA GLU F 636 40.00 -6.06 35.64
C GLU F 636 39.14 -5.03 36.36
N LEU F 637 38.81 -5.31 37.63
CA LEU F 637 38.09 -4.35 38.46
C LEU F 637 38.85 -3.04 38.57
N ASN F 638 40.16 -3.12 38.79
CA ASN F 638 41.02 -1.97 39.07
C ASN F 638 41.28 -1.13 37.83
N ARG F 639 40.96 -1.63 36.64
CA ARG F 639 41.44 -1.05 35.39
C ARG F 639 41.20 0.45 35.31
N ASP F 640 39.97 0.88 35.61
CA ASP F 640 39.60 2.28 35.45
C ASP F 640 38.94 2.89 36.67
N VAL F 641 38.66 2.11 37.70
CA VAL F 641 38.18 2.62 38.98
C VAL F 641 39.36 3.30 39.68
N GLN F 642 39.59 4.58 39.35
CA GLN F 642 40.83 5.26 39.71
C GLN F 642 40.84 5.72 41.18
N GLN F 643 39.94 5.18 41.98
CA GLN F 643 39.80 5.53 43.39
C GLN F 643 41.10 5.27 44.16
N LYS F 644 41.14 5.81 45.38
CA LYS F 644 42.36 5.82 46.20
C LYS F 644 42.99 4.44 46.31
N VAL F 645 42.18 3.40 46.49
CA VAL F 645 42.72 2.08 46.79
C VAL F 645 42.11 1.08 45.82
N PRO F 646 42.87 0.07 45.34
CA PRO F 646 42.29 -0.95 44.45
C PRO F 646 41.17 -1.76 45.08
N VAL F 647 40.62 -2.69 44.28
CA VAL F 647 39.48 -3.52 44.67
C VAL F 647 39.88 -4.98 44.52
N SER F 648 39.22 -5.85 45.30
CA SER F 648 39.44 -7.29 45.24
C SER F 648 38.43 -7.97 46.16
N TYR F 649 38.29 -9.28 45.99
CA TYR F 649 37.52 -10.14 46.88
C TYR F 649 38.39 -10.90 47.87
N MET F 650 39.44 -11.55 47.39
CA MET F 650 40.54 -12.10 48.19
C MET F 650 40.14 -13.33 48.99
N ASP F 651 38.84 -13.66 49.07
CA ASP F 651 38.41 -14.74 49.94
C ASP F 651 36.90 -14.98 49.82
N ASN F 652 36.49 -16.15 50.33
CA ASN F 652 35.16 -16.44 50.85
C ASN F 652 34.10 -16.63 49.77
N ILE F 653 34.37 -16.22 48.54
CA ILE F 653 33.40 -16.46 47.46
C ILE F 653 33.58 -17.88 46.94
N SER F 654 32.50 -18.44 46.39
CA SER F 654 32.47 -19.82 45.94
C SER F 654 31.86 -19.85 44.53
N PHE F 655 32.74 -19.90 43.52
CA PHE F 655 32.32 -19.71 42.14
C PHE F 655 31.31 -20.76 41.69
N SER F 656 31.39 -21.98 42.24
CA SER F 656 30.36 -22.98 42.00
C SER F 656 28.98 -22.52 42.47
N SER F 657 28.92 -21.86 43.63
CA SER F 657 27.65 -21.33 44.10
C SER F 657 27.12 -20.23 43.17
N LEU F 658 27.97 -19.27 42.83
CA LEU F 658 27.58 -18.23 41.88
C LEU F 658 27.15 -18.82 40.54
N SER F 659 27.93 -19.76 40.02
CA SER F 659 27.62 -20.39 38.75
C SER F 659 26.27 -21.12 38.78
N SER F 660 25.98 -21.82 39.88
CA SER F 660 24.81 -22.68 39.95
C SER F 660 23.55 -21.98 40.43
N TYR F 661 23.68 -21.04 41.38
CA TYR F 661 22.52 -20.56 42.12
C TYR F 661 21.50 -19.88 41.21
N SER F 662 21.94 -19.00 40.32
CA SER F 662 21.01 -18.37 39.39
C SER F 662 21.67 -17.85 38.12
N ALA F 663 22.95 -18.17 37.92
CA ALA F 663 23.64 -17.68 36.73
C ALA F 663 23.17 -18.36 35.45
N GLY F 664 22.44 -19.46 35.54
CA GLY F 664 21.68 -19.93 34.41
C GLY F 664 20.71 -18.88 33.89
N LEU F 665 20.58 -18.80 32.56
CA LEU F 665 19.91 -17.72 31.86
C LEU F 665 20.46 -16.34 32.20
N THR F 666 21.70 -16.26 32.67
CA THR F 666 22.42 -15.00 32.59
C THR F 666 23.52 -15.18 31.54
N PRO F 667 23.14 -15.33 30.26
CA PRO F 667 24.06 -15.97 29.31
C PRO F 667 25.37 -15.21 29.11
N LEU F 668 25.29 -13.88 29.02
CA LEU F 668 26.45 -13.00 29.13
C LEU F 668 25.96 -11.64 29.58
N ASP F 669 26.91 -10.75 29.83
CA ASP F 669 26.78 -9.66 30.78
C ASP F 669 26.59 -10.23 32.20
N ILE F 670 27.65 -10.92 32.63
CA ILE F 670 28.01 -11.01 34.03
C ILE F 670 28.69 -9.73 34.49
N LYS F 671 29.23 -8.96 33.53
CA LYS F 671 29.75 -7.62 33.83
C LYS F 671 28.75 -6.81 34.63
N SER F 672 27.45 -6.93 34.30
CA SER F 672 26.41 -6.31 35.10
C SER F 672 26.49 -6.77 36.56
N ILE F 673 26.54 -8.08 36.78
CA ILE F 673 26.61 -8.63 38.13
C ILE F 673 27.82 -8.08 38.89
N VAL F 674 29.00 -8.23 38.30
CA VAL F 674 30.23 -7.83 38.96
C VAL F 674 30.28 -6.32 39.19
N GLU F 675 29.73 -5.53 38.27
CA GLU F 675 29.70 -4.09 38.46
C GLU F 675 28.74 -3.70 39.58
N THR F 676 27.57 -4.33 39.65
CA THR F 676 26.67 -4.11 40.77
C THR F 676 27.32 -4.48 42.10
N ALA F 677 28.08 -5.58 42.12
CA ALA F 677 28.84 -5.95 43.30
C ALA F 677 29.84 -4.87 43.69
N ARG F 678 30.68 -4.46 42.73
CA ARG F 678 31.57 -3.32 42.94
C ARG F 678 30.82 -2.12 43.51
N MET F 679 29.63 -1.86 42.99
CA MET F 679 28.84 -0.71 43.43
C MET F 679 28.46 -0.82 44.90
N THR F 680 27.79 -1.91 45.26
CA THR F 680 27.44 -2.13 46.66
C THR F 680 28.65 -2.03 47.57
N ALA F 681 29.75 -2.71 47.20
CA ALA F 681 30.96 -2.68 48.02
C ALA F 681 31.50 -1.27 48.19
N THR F 682 31.70 -0.55 47.08
CA THR F 682 32.22 0.82 47.13
C THR F 682 31.31 1.75 47.91
N ALA F 683 29.99 1.64 47.73
CA ALA F 683 29.06 2.45 48.52
C ALA F 683 29.22 2.17 50.01
N ARG F 684 29.17 0.90 50.41
CA ARG F 684 29.38 0.52 51.80
C ARG F 684 30.72 1.02 52.33
N PHE F 685 31.74 1.09 51.48
CA PHE F 685 33.05 1.63 51.85
C PHE F 685 32.97 3.13 52.10
N TYR F 686 32.66 3.91 51.05
CA TYR F 686 32.73 5.36 51.14
C TYR F 686 31.80 5.94 52.21
N GLN F 687 30.69 5.26 52.50
CA GLN F 687 29.79 5.79 53.54
C GLN F 687 30.41 5.75 54.93
N GLU F 688 31.55 5.08 55.10
CA GLU F 688 32.22 5.04 56.39
C GLU F 688 32.63 6.44 56.82
N SER F 689 32.39 6.76 58.09
CA SER F 689 32.83 8.04 58.63
C SER F 689 34.35 8.04 58.82
N LYS F 690 34.90 9.24 59.00
CA LYS F 690 36.34 9.36 59.23
C LYS F 690 36.77 8.68 60.53
N LYS F 691 36.01 8.88 61.61
CA LYS F 691 36.33 8.19 62.86
C LYS F 691 35.76 6.78 62.85
N CYS F 692 34.42 6.68 62.88
CA CYS F 692 33.69 5.44 62.58
C CYS F 692 34.03 4.30 63.53
N GLY F 693 34.95 4.51 64.46
CA GLY F 693 35.47 3.44 65.29
C GLY F 693 36.41 2.49 64.56
N TRP F 694 36.35 2.48 63.23
CA TRP F 694 37.20 1.59 62.44
C TRP F 694 37.32 2.15 61.03
N LEU F 695 38.33 1.67 60.31
CA LEU F 695 38.63 2.12 58.96
C LEU F 695 38.89 0.91 58.06
N PRO F 696 38.25 0.83 56.90
CA PRO F 696 38.58 -0.25 55.95
C PRO F 696 39.70 0.15 55.01
N GLN F 697 40.70 -0.71 54.85
CA GLN F 697 41.84 -0.35 54.01
C GLN F 697 41.50 -0.41 52.53
N SER F 698 40.73 -1.42 52.11
CA SER F 698 40.45 -1.62 50.71
C SER F 698 39.03 -2.13 50.53
N ILE F 699 38.48 -1.90 49.33
CA ILE F 699 37.16 -2.40 48.97
C ILE F 699 37.21 -3.92 48.92
N LEU F 700 36.23 -4.56 49.57
CA LEU F 700 36.12 -6.02 49.59
C LEU F 700 34.70 -6.40 49.23
N ILE F 701 34.54 -7.21 48.17
CA ILE F 701 33.26 -7.79 47.81
C ILE F 701 32.99 -9.03 48.66
N THR F 702 31.73 -9.20 49.05
CA THR F 702 31.25 -10.32 49.83
C THR F 702 30.21 -11.09 49.03
N GLN F 703 30.08 -12.38 49.32
CA GLN F 703 29.16 -13.22 48.56
C GLN F 703 27.69 -12.87 48.81
N GLU F 704 27.36 -12.35 50.00
CA GLU F 704 25.97 -11.97 50.28
C GLU F 704 25.48 -10.86 49.35
N ASP F 705 26.26 -9.77 49.21
CA ASP F 705 25.89 -8.71 48.29
C ASP F 705 25.88 -9.21 46.84
N LEU F 706 26.80 -10.08 46.48
CA LEU F 706 26.76 -10.68 45.14
C LEU F 706 25.46 -11.44 44.89
N SER F 707 25.03 -12.26 45.86
CA SER F 707 23.75 -12.93 45.73
C SER F 707 22.60 -11.93 45.59
N LYS F 708 22.62 -10.89 46.43
CA LYS F 708 21.65 -9.79 46.31
C LYS F 708 21.62 -9.22 44.90
N ALA F 709 22.81 -8.92 44.36
CA ALA F 709 22.94 -8.37 43.02
C ALA F 709 22.39 -9.31 41.95
N THR F 710 22.65 -10.61 42.08
CA THR F 710 22.10 -11.56 41.12
C THR F 710 20.58 -11.64 41.20
N SER F 711 20.03 -11.59 42.41
CA SER F 711 18.57 -11.50 42.54
C SER F 711 18.03 -10.24 41.89
N LYS F 712 18.69 -9.10 42.13
CA LYS F 712 18.26 -7.83 41.54
C LYS F 712 18.29 -7.92 40.02
N ALA F 713 19.39 -8.43 39.47
CA ALA F 713 19.55 -8.56 38.04
C ALA F 713 18.45 -9.44 37.44
N ARG F 714 18.18 -10.58 38.08
CA ARG F 714 17.11 -11.45 37.58
C ARG F 714 15.76 -10.77 37.63
N ASN F 715 15.52 -9.97 38.67
CA ASN F 715 14.27 -9.22 38.77
C ASN F 715 14.16 -8.19 37.65
N GLU F 716 15.20 -7.40 37.43
CA GLU F 716 15.18 -6.36 36.41
C GLU F 716 15.18 -6.95 35.00
N PHE F 717 15.73 -8.16 34.84
CA PHE F 717 15.57 -8.91 33.59
C PHE F 717 14.17 -9.45 33.41
N SER F 718 13.45 -9.74 34.51
CA SER F 718 12.09 -10.25 34.43
C SER F 718 11.20 -9.42 33.50
N VAL F 719 11.29 -8.09 33.59
CA VAL F 719 10.51 -7.24 32.69
C VAL F 719 10.88 -7.51 31.23
N SER F 720 12.18 -7.60 30.93
CA SER F 720 12.60 -7.93 29.57
C SER F 720 12.05 -9.28 29.12
N ILE F 721 12.25 -10.32 29.92
CA ILE F 721 11.72 -11.66 29.64
C ILE F 721 11.18 -12.22 30.94
N GLY F 722 9.96 -12.76 30.90
CA GLY F 722 9.33 -13.35 32.06
C GLY F 722 10.13 -14.42 32.77
N ALA F 723 10.26 -14.26 34.09
CA ALA F 723 11.11 -15.09 34.93
C ALA F 723 10.48 -15.21 36.32
N PRO F 724 10.03 -16.40 36.70
CA PRO F 724 9.49 -16.59 38.05
C PRO F 724 10.50 -16.29 39.14
N GLN F 725 9.98 -15.95 40.31
CA GLN F 725 10.75 -15.65 41.52
C GLN F 725 10.29 -16.58 42.64
N ILE F 726 10.83 -16.35 43.84
CA ILE F 726 10.49 -17.13 45.04
C ILE F 726 9.70 -16.30 46.05
N PRO F 727 8.58 -15.64 45.67
CA PRO F 727 7.83 -14.88 46.70
C PRO F 727 6.93 -15.77 47.55
N ASN F 728 7.56 -16.65 48.34
CA ASN F 728 6.83 -17.58 49.19
C ASN F 728 7.38 -17.48 50.61
N VAL F 729 6.46 -17.48 51.58
CA VAL F 729 6.80 -17.22 52.99
C VAL F 729 6.20 -18.33 53.85
N THR F 730 7.05 -18.99 54.63
CA THR F 730 6.63 -19.93 55.68
C THR F 730 5.93 -21.16 55.11
N TRP F 731 6.31 -21.57 53.89
CA TRP F 731 5.59 -22.65 53.22
C TRP F 731 6.50 -23.31 52.20
N ASP F 732 7.52 -24.03 52.66
CA ASP F 732 8.60 -24.48 51.80
C ASP F 732 9.22 -25.75 52.37
N ASP F 733 9.64 -26.64 51.48
CA ASP F 733 10.47 -27.80 51.84
C ASP F 733 9.81 -28.66 52.92
N ILE F 734 8.51 -28.90 52.77
CA ILE F 734 7.79 -29.80 53.69
C ILE F 734 7.97 -31.20 53.14
N GLY F 735 9.14 -31.78 53.44
CA GLY F 735 9.45 -33.12 52.96
C GLY F 735 8.45 -34.17 53.38
N GLY F 736 7.96 -34.07 54.61
CA GLY F 736 6.90 -34.90 55.16
C GLY F 736 5.47 -34.49 54.87
N ILE F 737 5.24 -33.58 53.90
CA ILE F 737 3.89 -33.06 53.68
C ILE F 737 2.92 -34.19 53.35
N ASP F 738 3.32 -35.13 52.50
CA ASP F 738 2.40 -36.18 52.09
C ASP F 738 3.14 -37.39 51.53
N PHE F 739 2.37 -38.46 51.36
CA PHE F 739 2.83 -39.69 50.72
C PHE F 739 3.26 -39.48 49.27
N VAL F 740 2.74 -38.43 48.63
CA VAL F 740 3.06 -38.11 47.23
C VAL F 740 4.54 -37.75 47.06
N LYS F 741 5.11 -37.10 48.07
CA LYS F 741 6.51 -36.64 48.02
C LYS F 741 7.48 -37.76 47.63
N GLY F 742 7.35 -38.94 48.25
CA GLY F 742 8.25 -40.03 47.90
C GLY F 742 8.26 -40.41 46.42
N GLU F 743 7.08 -40.53 45.81
CA GLU F 743 7.02 -40.73 44.35
C GLU F 743 7.66 -39.58 43.59
N ILE F 744 7.34 -38.34 43.95
CA ILE F 744 7.99 -37.19 43.31
C ILE F 744 9.50 -37.35 43.34
N LEU F 745 10.05 -37.64 44.52
CA LEU F 745 11.51 -37.75 44.65
C LEU F 745 12.04 -38.93 43.85
N ASP F 746 11.32 -40.06 43.84
CA ASP F 746 11.82 -41.27 43.21
C ASP F 746 11.63 -41.25 41.69
N THR F 747 10.94 -40.24 41.16
CA THR F 747 10.81 -40.06 39.73
C THR F 747 11.64 -38.89 39.20
N ILE F 748 11.85 -37.85 40.00
CA ILE F 748 12.73 -36.74 39.66
C ILE F 748 14.22 -37.12 39.70
N ASP F 749 14.56 -38.25 40.31
CA ASP F 749 15.96 -38.59 40.61
C ASP F 749 16.68 -39.29 39.48
N MET F 750 16.04 -40.28 38.85
CA MET F 750 16.73 -41.18 37.94
C MET F 750 17.48 -40.47 36.81
N PRO F 751 16.90 -39.50 36.09
CA PRO F 751 17.66 -38.88 34.99
C PRO F 751 18.84 -38.04 35.46
N LEU F 752 18.94 -37.73 36.76
CA LEU F 752 20.03 -36.94 37.32
C LEU F 752 21.10 -37.87 37.89
N LYS F 753 22.36 -37.49 37.68
CA LYS F 753 23.50 -38.26 38.18
C LYS F 753 23.54 -38.33 39.71
N HIS F 754 23.61 -37.18 40.37
CA HIS F 754 23.84 -37.18 41.82
C HIS F 754 22.77 -37.92 42.63
N PRO F 755 21.48 -37.93 42.25
CA PRO F 755 20.54 -38.82 42.95
C PRO F 755 20.59 -40.25 42.44
N GLU F 756 20.94 -40.45 41.17
CA GLU F 756 20.94 -41.79 40.58
C GLU F 756 22.05 -41.86 39.54
N LEU F 757 23.03 -42.73 39.78
CA LEU F 757 24.21 -42.80 38.92
C LEU F 757 23.89 -43.23 37.49
N PHE F 758 22.80 -43.96 37.29
CA PHE F 758 22.51 -44.50 35.96
C PHE F 758 22.28 -43.37 34.97
N THR F 759 22.74 -43.58 33.73
CA THR F 759 22.64 -42.55 32.69
C THR F 759 21.26 -42.50 32.02
N SER F 760 20.38 -43.44 32.32
CA SER F 760 19.04 -43.49 31.72
C SER F 760 19.11 -43.48 30.20
N GLY F 761 19.98 -44.34 29.67
CA GLY F 761 20.17 -44.44 28.23
C GLY F 761 19.00 -45.07 27.51
N MET F 762 18.78 -46.36 27.75
CA MET F 762 17.61 -47.06 27.24
C MET F 762 16.37 -46.80 28.08
N LYS F 763 16.53 -46.53 29.37
CA LYS F 763 15.39 -46.26 30.23
C LYS F 763 14.63 -45.03 29.75
N LYS F 764 13.31 -45.09 29.88
CA LYS F 764 12.44 -44.01 29.44
C LYS F 764 12.36 -42.92 30.51
N ARG F 765 12.76 -41.72 30.15
CA ARG F 765 12.50 -40.55 30.98
C ARG F 765 11.05 -40.13 30.84
N SER F 766 10.49 -39.59 31.92
CA SER F 766 9.08 -39.19 31.91
C SER F 766 8.89 -37.99 32.82
N GLY F 767 7.80 -37.27 32.56
CA GLY F 767 7.36 -36.19 33.41
C GLY F 767 6.39 -36.62 34.50
N ILE F 768 5.86 -35.63 35.20
CA ILE F 768 4.95 -35.84 36.32
C ILE F 768 3.70 -35.00 36.06
N LEU F 769 2.53 -35.64 36.10
CA LEU F 769 1.26 -34.94 35.99
C LEU F 769 0.45 -35.11 37.28
N PHE F 770 0.01 -33.98 37.83
CA PHE F 770 -0.89 -33.97 38.97
C PHE F 770 -2.32 -33.71 38.51
N TYR F 771 -3.27 -34.37 39.15
CA TYR F 771 -4.66 -34.33 38.71
C TYR F 771 -5.57 -34.43 39.93
N GLY F 772 -6.67 -33.70 39.87
CA GLY F 772 -7.60 -33.60 40.98
C GLY F 772 -8.26 -32.23 41.01
N PRO F 773 -9.09 -32.00 42.02
CA PRO F 773 -9.78 -30.70 42.15
C PRO F 773 -8.80 -29.54 42.16
N PRO F 774 -9.15 -28.44 41.51
CA PRO F 774 -8.35 -27.22 41.60
C PRO F 774 -8.36 -26.63 43.00
N GLY F 775 -7.33 -25.82 43.28
CA GLY F 775 -7.26 -25.08 44.52
C GLY F 775 -6.67 -25.79 45.72
N THR F 776 -5.95 -26.89 45.52
CA THR F 776 -5.49 -27.68 46.67
C THR F 776 -4.14 -28.34 46.39
N GLY F 777 -3.23 -27.59 45.76
CA GLY F 777 -1.82 -27.91 45.89
C GLY F 777 -1.02 -27.93 44.60
N LYS F 778 -1.66 -27.64 43.48
CA LYS F 778 -1.01 -27.86 42.18
C LYS F 778 0.13 -26.89 41.90
N THR F 779 0.16 -25.71 42.52
CA THR F 779 1.22 -24.75 42.25
C THR F 779 2.36 -24.79 43.27
N LEU F 780 2.07 -24.83 44.58
CA LEU F 780 3.12 -24.72 45.58
C LEU F 780 4.06 -25.92 45.52
N MET F 781 3.51 -27.12 45.24
CA MET F 781 4.34 -28.30 45.02
C MET F 781 5.43 -28.04 44.00
N ALA F 782 5.07 -27.38 42.89
CA ALA F 782 6.01 -27.22 41.79
C ALA F 782 7.19 -26.32 42.20
N LYS F 783 6.89 -25.15 42.75
CA LYS F 783 7.93 -24.26 43.26
C LYS F 783 8.79 -24.95 44.31
N ALA F 784 8.15 -25.61 45.29
CA ALA F 784 8.90 -26.34 46.31
C ALA F 784 9.91 -27.31 45.70
N ILE F 785 9.42 -28.23 44.85
CA ILE F 785 10.27 -29.23 44.23
C ILE F 785 11.41 -28.56 43.46
N ALA F 786 11.04 -27.58 42.62
CA ALA F 786 12.03 -26.89 41.79
C ALA F 786 13.13 -26.26 42.64
N THR F 787 12.76 -25.55 43.70
CA THR F 787 13.76 -24.81 44.47
C THR F 787 14.52 -25.67 45.48
N ASN F 788 14.02 -26.86 45.83
CA ASN F 788 14.70 -27.70 46.82
C ASN F 788 15.57 -28.79 46.21
N PHE F 789 15.14 -29.44 45.13
CA PHE F 789 15.87 -30.53 44.52
C PHE F 789 16.38 -30.21 43.12
N SER F 790 15.54 -29.60 42.28
CA SER F 790 15.97 -29.07 41.01
C SER F 790 16.57 -27.69 41.20
N LEU F 791 16.97 -27.04 40.10
CA LEU F 791 17.53 -25.71 40.19
C LEU F 791 16.67 -24.62 39.55
N ASN F 792 16.12 -24.83 38.36
CA ASN F 792 15.42 -23.77 37.67
C ASN F 792 13.96 -24.13 37.42
N PHE F 793 13.11 -23.11 37.46
CA PHE F 793 11.65 -23.19 37.43
C PHE F 793 11.08 -22.28 36.36
N PHE F 794 11.72 -22.26 35.19
CA PHE F 794 11.27 -21.42 34.09
C PHE F 794 10.06 -22.07 33.43
N SER F 795 8.91 -21.93 34.09
CA SER F 795 7.64 -22.45 33.62
C SER F 795 7.23 -21.78 32.32
N VAL F 796 6.29 -22.42 31.62
CA VAL F 796 5.70 -21.84 30.41
C VAL F 796 5.07 -20.50 30.76
N LYS F 797 3.98 -20.52 31.54
CA LYS F 797 3.35 -19.31 32.07
C LYS F 797 2.62 -18.54 30.96
N GLY F 798 2.82 -18.94 29.71
CA GLY F 798 2.20 -18.30 28.58
C GLY F 798 1.62 -19.19 27.50
N PRO F 799 1.17 -20.41 27.83
CA PRO F 799 0.64 -21.27 26.75
C PRO F 799 -0.55 -20.67 26.05
N GLU F 800 -1.33 -19.84 26.75
CA GLU F 800 -2.51 -19.22 26.16
C GLU F 800 -2.16 -18.30 25.00
N LEU F 801 -0.93 -17.78 24.96
CA LEU F 801 -0.43 -17.03 23.82
C LEU F 801 -0.10 -18.00 22.69
N LEU F 802 -1.13 -18.64 22.15
CA LEU F 802 -0.93 -19.78 21.26
C LEU F 802 -0.18 -19.38 19.98
N ASN F 803 -0.71 -18.40 19.25
CA ASN F 803 -0.20 -18.13 17.91
C ASN F 803 -0.65 -16.75 17.44
N MET F 804 0.12 -16.20 16.51
CA MET F 804 -0.31 -15.07 15.69
C MET F 804 -1.21 -15.58 14.57
N TYR F 805 -1.46 -14.74 13.56
CA TYR F 805 -2.04 -15.22 12.31
C TYR F 805 -1.05 -16.02 11.49
N ILE F 806 0.24 -15.64 11.53
CA ILE F 806 1.29 -16.49 10.99
C ILE F 806 1.40 -17.77 11.82
N GLY F 807 1.66 -18.88 11.13
CA GLY F 807 1.88 -20.17 11.76
C GLY F 807 3.21 -20.31 12.47
N GLU F 808 3.52 -19.37 13.35
CA GLU F 808 4.79 -19.34 14.06
C GLU F 808 4.76 -20.12 15.37
N SER F 809 3.58 -20.63 15.76
CA SER F 809 3.42 -21.31 17.04
C SER F 809 4.43 -22.43 17.22
N GLU F 810 4.64 -23.23 16.18
CA GLU F 810 5.66 -24.28 16.24
C GLU F 810 7.04 -23.70 16.56
N ALA F 811 7.45 -22.65 15.85
CA ALA F 811 8.68 -21.95 16.19
C ALA F 811 8.67 -21.42 17.61
N ASN F 812 7.53 -20.87 18.05
CA ASN F 812 7.42 -20.37 19.42
C ASN F 812 7.67 -21.46 20.46
N VAL F 813 7.00 -22.59 20.34
CA VAL F 813 7.19 -23.71 21.27
C VAL F 813 8.61 -24.25 21.19
N ARG F 814 9.16 -24.37 19.98
CA ARG F 814 10.57 -24.73 19.82
C ARG F 814 11.49 -23.79 20.59
N ARG F 815 11.25 -22.48 20.50
CA ARG F 815 12.04 -21.53 21.28
C ARG F 815 11.80 -21.71 22.78
N VAL F 816 10.59 -22.06 23.18
CA VAL F 816 10.30 -22.34 24.60
C VAL F 816 11.20 -23.47 25.11
N PHE F 817 11.23 -24.59 24.39
CA PHE F 817 12.13 -25.68 24.77
C PHE F 817 13.61 -25.37 24.55
N GLN F 818 13.96 -24.44 23.66
CA GLN F 818 15.36 -24.04 23.59
C GLN F 818 15.77 -23.22 24.82
N LYS F 819 14.89 -22.33 25.28
CA LYS F 819 15.09 -21.68 26.58
C LYS F 819 15.15 -22.71 27.70
N ALA F 820 14.34 -23.77 27.61
CA ALA F 820 14.46 -24.92 28.50
C ALA F 820 15.86 -25.52 28.49
N ARG F 821 16.35 -25.85 27.29
CA ARG F 821 17.70 -26.41 27.17
C ARG F 821 18.77 -25.44 27.68
N GLU F 822 18.52 -24.13 27.57
CA GLU F 822 19.32 -23.17 28.31
C GLU F 822 19.02 -23.28 29.81
N ALA F 823 20.07 -23.16 30.63
CA ALA F 823 19.97 -23.43 32.06
C ALA F 823 19.48 -24.86 32.31
N LYS F 824 20.13 -25.82 31.63
CA LYS F 824 19.80 -27.24 31.47
C LYS F 824 19.02 -27.83 32.64
N PRO F 825 19.49 -27.74 33.91
CA PRO F 825 18.64 -28.17 35.02
C PRO F 825 17.44 -27.26 35.23
N CYS F 826 16.42 -27.43 34.40
CA CYS F 826 15.21 -26.62 34.42
C CYS F 826 14.00 -27.54 34.38
N VAL F 827 12.94 -27.14 35.09
CA VAL F 827 11.67 -27.86 35.09
C VAL F 827 10.59 -26.94 34.52
N ILE F 828 9.91 -27.41 33.48
CA ILE F 828 8.89 -26.63 32.77
C ILE F 828 7.53 -27.04 33.33
N PHE F 829 6.85 -26.10 33.98
CA PHE F 829 5.49 -26.32 34.46
C PHE F 829 4.48 -25.89 33.41
N PHE F 830 3.58 -26.81 33.06
CA PHE F 830 2.52 -26.57 32.09
C PHE F 830 1.24 -26.19 32.81
N ASP F 831 0.75 -24.98 32.54
CA ASP F 831 -0.53 -24.53 33.10
C ASP F 831 -1.69 -25.43 32.69
N GLN F 832 -1.62 -26.05 31.50
CA GLN F 832 -2.57 -27.10 31.10
C GLN F 832 -4.00 -26.55 31.06
N ILE F 833 -4.19 -25.56 30.18
CA ILE F 833 -5.45 -24.82 30.10
C ILE F 833 -6.10 -24.97 28.73
N ASP F 834 -5.48 -24.36 27.72
CA ASP F 834 -6.10 -24.20 26.40
C ASP F 834 -5.19 -24.69 25.27
N SER F 835 -3.88 -24.62 25.47
CA SER F 835 -2.92 -25.18 24.52
C SER F 835 -2.84 -26.70 24.60
N VAL F 836 -3.75 -27.31 25.35
CA VAL F 836 -3.82 -28.75 25.57
C VAL F 836 -5.15 -29.21 25.02
N ALA F 837 -5.66 -28.47 24.04
CA ALA F 837 -7.06 -28.53 23.59
C ALA F 837 -7.59 -29.93 23.29
N PRO F 838 -6.92 -30.79 22.47
CA PRO F 838 -7.64 -31.93 21.87
C PRO F 838 -8.26 -32.92 22.85
N LYS F 839 -9.60 -32.87 22.91
CA LYS F 839 -10.40 -33.85 23.64
C LYS F 839 -10.47 -35.16 22.89
N ARG F 840 -10.78 -35.11 21.59
CA ARG F 840 -10.87 -36.28 20.74
C ARG F 840 -9.84 -36.29 19.63
N GLY F 841 -9.15 -35.17 19.39
CA GLY F 841 -8.15 -35.06 18.35
C GLY F 841 -8.68 -34.70 16.98
N ASN F 842 -9.99 -34.57 16.82
CA ASN F 842 -10.54 -34.28 15.49
C ASN F 842 -11.83 -33.48 15.55
N GLN F 843 -12.22 -32.94 16.71
CA GLN F 843 -13.52 -32.32 16.88
C GLN F 843 -13.47 -30.92 17.49
N GLY F 844 -12.37 -30.54 18.13
CA GLY F 844 -12.29 -29.24 18.78
C GLY F 844 -11.68 -28.13 17.96
N ASP F 845 -12.49 -27.11 17.64
CA ASP F 845 -12.03 -25.91 16.94
C ASP F 845 -11.35 -26.24 15.61
N SER F 846 -11.92 -27.19 14.87
CA SER F 846 -11.47 -27.66 13.56
C SER F 846 -10.14 -28.40 13.59
N GLY F 847 -9.53 -28.62 14.75
CA GLY F 847 -8.17 -29.12 14.79
C GLY F 847 -7.19 -28.29 14.01
N GLY F 848 -7.24 -26.97 14.19
CA GLY F 848 -6.41 -26.06 13.41
C GLY F 848 -5.03 -25.82 13.97
N VAL F 849 -4.73 -24.55 14.26
CA VAL F 849 -3.44 -24.14 14.82
C VAL F 849 -3.10 -24.96 16.06
N MET F 850 -4.05 -25.04 17.00
CA MET F 850 -3.87 -25.80 18.23
C MET F 850 -3.52 -27.26 17.98
N ASP F 851 -4.07 -27.88 16.92
CA ASP F 851 -3.72 -29.27 16.65
C ASP F 851 -2.26 -29.42 16.22
N ARG F 852 -1.76 -28.48 15.42
CA ARG F 852 -0.33 -28.46 15.14
C ARG F 852 0.49 -28.23 16.41
N ILE F 853 0.06 -27.27 17.23
CA ILE F 853 0.76 -26.99 18.48
C ILE F 853 0.88 -28.25 19.33
N VAL F 854 -0.24 -28.95 19.56
CA VAL F 854 -0.23 -30.15 20.38
C VAL F 854 0.59 -31.26 19.74
N SER F 855 0.46 -31.45 18.42
CA SER F 855 1.29 -32.43 17.73
C SER F 855 2.78 -32.18 17.94
N GLN F 856 3.23 -30.95 17.70
CA GLN F 856 4.62 -30.58 17.96
C GLN F 856 5.00 -30.82 19.41
N LEU F 857 4.15 -30.37 20.33
CA LEU F 857 4.42 -30.50 21.77
C LEU F 857 4.63 -31.95 22.16
N LEU F 858 3.75 -32.85 21.73
CA LEU F 858 3.89 -34.27 22.03
C LEU F 858 5.09 -34.89 21.32
N ALA F 859 5.36 -34.47 20.08
CA ALA F 859 6.51 -34.96 19.34
C ALA F 859 7.82 -34.65 20.06
N GLU F 860 7.98 -33.41 20.51
CA GLU F 860 9.21 -32.97 21.14
C GLU F 860 9.22 -33.20 22.66
N LEU F 861 8.08 -33.58 23.25
CA LEU F 861 7.93 -33.62 24.70
C LEU F 861 9.04 -34.43 25.35
N ASP F 862 9.36 -35.59 24.79
CA ASP F 862 10.52 -36.35 25.26
C ASP F 862 10.96 -37.25 24.11
N GLY F 863 12.06 -36.87 23.47
CA GLY F 863 12.67 -37.65 22.40
C GLY F 863 13.78 -38.53 22.88
N MET F 864 13.85 -38.76 24.20
CA MET F 864 14.94 -39.53 24.81
C MET F 864 16.28 -38.90 24.47
N SER F 865 16.31 -37.56 24.44
CA SER F 865 17.46 -36.79 24.01
C SER F 865 18.72 -37.15 24.79
N THR F 866 18.78 -36.77 26.07
CA THR F 866 19.96 -36.99 26.90
C THR F 866 19.60 -36.75 28.35
N ASP F 867 20.17 -37.55 29.23
CA ASP F 867 20.05 -37.33 30.67
C ASP F 867 20.60 -35.96 31.08
N ALA F 868 21.79 -35.61 30.58
CA ALA F 868 22.39 -34.30 30.85
C ALA F 868 21.53 -33.13 30.36
N ASP F 869 20.59 -33.37 29.44
CA ASP F 869 19.68 -32.31 29.02
C ASP F 869 18.97 -31.69 30.22
N GLY F 870 18.44 -32.52 31.11
CA GLY F 870 17.85 -32.04 32.34
C GLY F 870 16.45 -31.48 32.22
N VAL F 871 15.90 -31.39 31.02
CA VAL F 871 14.56 -30.84 30.83
C VAL F 871 13.51 -31.78 31.45
N PHE F 872 12.94 -31.37 32.57
CA PHE F 872 11.81 -32.07 33.16
C PHE F 872 10.51 -31.33 32.83
N VAL F 873 9.45 -32.09 32.68
CA VAL F 873 8.12 -31.56 32.35
C VAL F 873 7.15 -31.94 33.46
N ILE F 874 6.54 -30.94 34.07
CA ILE F 874 5.54 -31.11 35.12
C ILE F 874 4.29 -30.35 34.70
N GLY F 875 3.12 -30.90 35.05
CA GLY F 875 1.86 -30.26 34.72
C GLY F 875 0.79 -30.60 35.73
N ALA F 876 -0.31 -29.86 35.66
CA ALA F 876 -1.42 -30.01 36.59
C ALA F 876 -2.72 -29.85 35.82
N THR F 877 -3.55 -30.91 35.82
CA THR F 877 -4.80 -30.93 35.09
C THR F 877 -5.94 -31.28 36.04
N ASN F 878 -7.15 -30.88 35.65
CA ASN F 878 -8.34 -31.43 36.31
C ASN F 878 -8.53 -32.90 35.99
N ARG F 879 -8.51 -33.25 34.71
CA ARG F 879 -8.73 -34.61 34.26
C ARG F 879 -7.64 -35.05 33.31
N PRO F 880 -7.14 -36.28 33.45
CA PRO F 880 -6.34 -36.87 32.36
C PRO F 880 -7.20 -37.30 31.18
N ASP F 881 -8.47 -37.63 31.42
CA ASP F 881 -9.41 -37.91 30.35
C ASP F 881 -9.80 -36.65 29.56
N LEU F 882 -9.43 -35.46 30.06
CA LEU F 882 -9.64 -34.24 29.30
C LEU F 882 -8.92 -34.26 27.96
N LEU F 883 -7.93 -35.13 27.80
CA LEU F 883 -7.13 -35.21 26.58
C LEU F 883 -7.30 -36.59 25.96
N ASP F 884 -7.02 -36.67 24.65
CA ASP F 884 -7.18 -37.87 23.85
C ASP F 884 -5.97 -38.81 23.88
N GLU F 885 -5.12 -38.71 24.91
CA GLU F 885 -3.93 -39.54 25.10
C GLU F 885 -2.87 -39.33 24.02
N ALA F 886 -2.99 -38.26 23.23
CA ALA F 886 -1.95 -37.92 22.25
C ALA F 886 -0.62 -37.66 22.94
N LEU F 887 -0.66 -36.90 24.04
CA LEU F 887 0.52 -36.55 24.81
C LEU F 887 0.49 -37.16 26.21
N LEU F 888 -0.58 -37.87 26.56
CA LEU F 888 -0.66 -38.58 27.83
C LEU F 888 -0.29 -40.06 27.70
N ARG F 889 0.08 -40.50 26.49
CA ARG F 889 0.42 -41.90 26.27
C ARG F 889 1.62 -42.27 27.14
N PRO F 890 1.75 -43.53 27.54
CA PRO F 890 2.89 -43.93 28.38
C PRO F 890 4.22 -43.63 27.70
N GLY F 891 5.20 -43.27 28.52
CA GLY F 891 6.47 -42.78 28.06
C GLY F 891 6.59 -41.26 28.08
N ARG F 892 5.46 -40.56 28.07
CA ARG F 892 5.43 -39.10 28.17
C ARG F 892 4.31 -38.73 29.13
N PHE F 893 4.63 -37.90 30.14
CA PHE F 893 3.74 -37.57 31.24
C PHE F 893 3.29 -38.80 32.02
N ASP F 894 4.01 -39.92 31.85
CA ASP F 894 3.65 -41.16 32.50
C ASP F 894 3.95 -41.07 34.00
N LYS F 895 3.59 -42.12 34.74
CA LYS F 895 3.65 -42.12 36.20
C LYS F 895 2.71 -41.08 36.77
N LEU F 896 1.46 -41.11 36.29
CA LEU F 896 0.46 -40.14 36.73
C LEU F 896 0.32 -40.17 38.24
N LEU F 897 0.28 -38.98 38.84
CA LEU F 897 0.41 -38.81 40.28
C LEU F 897 -0.79 -38.05 40.80
N TYR F 898 -1.32 -38.50 41.94
CA TYR F 898 -2.54 -37.93 42.50
C TYR F 898 -2.21 -36.80 43.47
N LEU F 899 -3.06 -35.76 43.46
CA LEU F 899 -2.88 -34.61 44.33
C LEU F 899 -3.15 -34.96 45.80
N GLY F 900 -4.04 -35.92 46.04
CA GLY F 900 -4.41 -36.31 47.39
C GLY F 900 -5.62 -35.59 47.94
N ILE F 901 -5.98 -35.99 49.16
CA ILE F 901 -7.17 -35.50 49.85
C ILE F 901 -6.84 -34.96 51.24
N PRO F 902 -7.23 -33.72 51.55
CA PRO F 902 -6.91 -33.12 52.85
C PRO F 902 -7.94 -33.39 53.93
N ASP F 903 -9.13 -33.87 53.54
CA ASP F 903 -10.29 -33.93 54.44
C ASP F 903 -10.00 -34.73 55.71
N THR F 904 -9.12 -35.73 55.62
CA THR F 904 -8.75 -36.51 56.81
C THR F 904 -8.23 -35.61 57.92
N ASP F 905 -7.30 -34.71 57.60
CA ASP F 905 -6.83 -33.74 58.59
C ASP F 905 -6.32 -32.52 57.82
N THR F 906 -7.14 -31.47 57.77
CA THR F 906 -6.96 -30.42 56.76
C THR F 906 -5.80 -29.50 57.09
N LYS F 907 -5.34 -29.48 58.34
CA LYS F 907 -4.09 -28.84 58.74
C LYS F 907 -3.97 -27.42 58.18
N GLN F 908 -5.05 -26.64 58.33
CA GLN F 908 -5.11 -25.32 57.73
C GLN F 908 -5.62 -24.22 58.66
N LEU F 909 -6.31 -24.57 59.76
CA LEU F 909 -6.65 -23.56 60.76
C LEU F 909 -5.39 -22.89 61.31
N ASN F 910 -4.33 -23.67 61.54
CA ASN F 910 -3.03 -23.13 61.90
C ASN F 910 -2.54 -22.12 60.86
N ILE F 911 -2.64 -22.47 59.58
CA ILE F 911 -2.19 -21.57 58.52
C ILE F 911 -3.03 -20.30 58.50
N LEU F 912 -4.34 -20.45 58.68
CA LEU F 912 -5.22 -19.27 58.79
C LEU F 912 -4.76 -18.35 59.90
N GLU F 913 -4.56 -18.90 61.10
CA GLU F 913 -4.12 -18.12 62.25
C GLU F 913 -2.78 -17.43 61.98
N ALA F 914 -1.80 -18.18 61.48
CA ALA F 914 -0.49 -17.62 61.16
C ALA F 914 -0.60 -16.46 60.17
N LEU F 915 -1.33 -16.65 59.07
CA LEU F 915 -1.52 -15.57 58.10
C LEU F 915 -2.19 -14.35 58.73
N THR F 916 -3.30 -14.56 59.43
CA THR F 916 -4.02 -13.47 60.07
C THR F 916 -3.19 -12.77 61.13
N ARG F 917 -2.19 -13.46 61.71
CA ARG F 917 -1.32 -12.84 62.72
C ARG F 917 -0.76 -11.49 62.27
N LYS F 918 -0.45 -11.34 60.98
CA LYS F 918 -0.09 -10.02 60.46
C LYS F 918 -1.15 -8.97 60.77
N PHE F 919 -2.42 -9.39 60.81
CA PHE F 919 -3.53 -8.53 61.19
C PHE F 919 -3.83 -8.73 62.67
N VAL F 920 -4.62 -7.83 63.24
CA VAL F 920 -5.02 -7.98 64.63
C VAL F 920 -5.74 -9.31 64.80
N LEU F 921 -5.32 -10.07 65.82
CA LEU F 921 -5.80 -11.43 66.04
C LEU F 921 -6.31 -11.69 67.46
N ASP F 922 -5.81 -10.94 68.44
CA ASP F 922 -6.11 -11.24 69.85
C ASP F 922 -7.45 -10.62 70.28
N ASN F 923 -8.50 -11.08 69.60
CA ASN F 923 -9.88 -10.67 69.89
C ASN F 923 -10.81 -11.87 69.83
N ASP F 924 -10.37 -13.00 70.42
CA ASP F 924 -11.10 -14.26 70.50
C ASP F 924 -11.18 -14.96 69.14
N VAL F 925 -10.55 -14.42 68.10
CA VAL F 925 -10.54 -15.05 66.79
C VAL F 925 -9.77 -16.37 66.83
N LYS F 926 -8.81 -16.50 67.77
CA LYS F 926 -7.92 -17.65 67.82
C LYS F 926 -8.66 -18.96 68.00
N LEU F 927 -9.86 -18.94 68.59
CA LEU F 927 -10.51 -20.19 68.96
C LEU F 927 -10.98 -20.96 67.72
N ILE F 928 -11.21 -22.26 67.92
CA ILE F 928 -11.39 -23.19 66.81
C ILE F 928 -12.73 -22.98 66.09
N GLU F 929 -13.77 -22.53 66.81
CA GLU F 929 -15.12 -22.57 66.25
C GLU F 929 -15.21 -21.86 64.91
N LEU F 930 -14.41 -20.80 64.71
CA LEU F 930 -14.48 -20.04 63.47
C LEU F 930 -14.30 -20.94 62.26
N ALA F 931 -13.45 -21.96 62.39
CA ALA F 931 -13.27 -23.00 61.38
C ALA F 931 -14.25 -24.14 61.57
N LYS F 932 -14.50 -24.52 62.82
CA LYS F 932 -15.35 -25.67 63.11
C LYS F 932 -16.83 -25.41 62.82
N LEU F 933 -17.24 -24.15 62.68
CA LEU F 933 -18.64 -23.88 62.32
C LEU F 933 -19.00 -24.42 60.94
N CYS F 934 -17.99 -24.74 60.12
CA CYS F 934 -18.13 -25.33 58.80
C CYS F 934 -17.70 -26.80 58.86
N PRO F 935 -18.33 -27.69 58.09
CA PRO F 935 -17.91 -29.09 58.07
C PRO F 935 -16.42 -29.23 57.78
N PHE F 936 -15.80 -30.22 58.44
CA PHE F 936 -14.36 -30.42 58.38
C PHE F 936 -13.83 -30.61 56.96
N ASN F 937 -14.68 -31.04 56.02
CA ASN F 937 -14.30 -31.12 54.62
C ASN F 937 -14.24 -29.76 53.93
N TYR F 938 -14.34 -28.66 54.69
CA TYR F 938 -14.28 -27.31 54.16
C TYR F 938 -13.15 -27.14 53.14
N THR F 939 -13.43 -26.36 52.10
CA THR F 939 -12.45 -26.08 51.07
C THR F 939 -11.30 -25.23 51.62
N GLY F 940 -10.08 -25.54 51.18
CA GLY F 940 -8.93 -24.79 51.66
C GLY F 940 -8.86 -23.39 51.09
N ALA F 941 -9.18 -23.24 49.80
CA ALA F 941 -9.09 -21.95 49.13
C ALA F 941 -10.06 -20.91 49.68
N ASP F 942 -11.14 -21.32 50.36
CA ASP F 942 -12.10 -20.32 50.83
C ASP F 942 -11.53 -19.44 51.94
N PHE F 943 -10.65 -20.00 52.79
CA PHE F 943 -10.05 -19.23 53.88
C PHE F 943 -9.51 -17.89 53.40
N TYR F 944 -8.86 -17.88 52.22
CA TYR F 944 -8.20 -16.69 51.71
C TYR F 944 -9.20 -15.61 51.32
N ALA F 945 -10.49 -15.92 51.29
CA ALA F 945 -11.57 -14.96 51.32
C ALA F 945 -12.14 -14.75 52.72
N LEU F 946 -12.32 -15.84 53.48
CA LEU F 946 -12.84 -15.76 54.85
C LEU F 946 -12.13 -14.67 55.65
N CYS F 947 -10.80 -14.71 55.68
CA CYS F 947 -10.03 -13.64 56.30
C CYS F 947 -10.31 -12.28 55.66
N SER F 948 -10.13 -12.16 54.34
CA SER F 948 -10.30 -10.88 53.68
C SER F 948 -11.65 -10.23 54.00
N ASP F 949 -12.75 -10.93 53.68
CA ASP F 949 -14.10 -10.44 53.98
C ASP F 949 -14.28 -10.08 55.45
N ALA F 950 -13.70 -10.87 56.37
CA ALA F 950 -13.73 -10.50 57.79
C ALA F 950 -13.10 -9.13 58.02
N MET F 951 -11.86 -8.96 57.55
CA MET F 951 -11.19 -7.66 57.61
C MET F 951 -12.06 -6.53 57.05
N LEU F 952 -12.57 -6.74 55.83
CA LEU F 952 -13.50 -5.77 55.22
C LEU F 952 -14.70 -5.47 56.11
N ASN F 953 -15.28 -6.49 56.74
CA ASN F 953 -16.36 -6.28 57.71
C ASN F 953 -15.93 -5.35 58.84
N ALA F 954 -14.78 -5.62 59.43
CA ALA F 954 -14.19 -4.72 60.42
C ALA F 954 -14.11 -3.29 59.90
N MET F 955 -13.47 -3.12 58.74
CA MET F 955 -13.37 -1.80 58.14
C MET F 955 -14.74 -1.16 57.93
N SER F 956 -15.76 -1.97 57.61
CA SER F 956 -17.11 -1.45 57.49
C SER F 956 -17.64 -0.94 58.83
N ARG F 957 -17.38 -1.69 59.90
CA ARG F 957 -17.94 -1.30 61.20
C ARG F 957 -17.31 0.02 61.64
N ILE F 958 -15.98 0.05 61.73
CA ILE F 958 -15.27 1.30 62.05
C ILE F 958 -15.73 2.44 61.15
N ALA F 959 -15.88 2.18 59.84
CA ALA F 959 -16.34 3.20 58.91
C ALA F 959 -17.71 3.75 59.26
N ARG F 960 -18.66 2.88 59.61
CA ARG F 960 -19.95 3.38 60.09
C ARG F 960 -19.83 4.13 61.42
N MET F 961 -18.89 3.72 62.28
CA MET F 961 -18.62 4.48 63.50
C MET F 961 -18.22 5.91 63.17
N VAL F 962 -17.18 6.07 62.34
CA VAL F 962 -16.76 7.42 61.98
C VAL F 962 -17.88 8.15 61.24
N GLU F 963 -18.68 7.42 60.44
CA GLU F 963 -19.82 8.05 59.78
C GLU F 963 -20.79 8.64 60.80
N LYS F 964 -20.90 8.00 61.97
CA LYS F 964 -21.60 8.63 63.10
C LYS F 964 -20.87 9.88 63.55
N LYS F 965 -19.58 9.72 63.87
CA LYS F 965 -18.74 10.77 64.44
C LYS F 965 -18.85 12.07 63.65
N VAL F 966 -18.55 12.00 62.35
CA VAL F 966 -18.63 13.15 61.45
C VAL F 966 -19.97 13.85 61.60
N SER F 967 -21.08 13.12 61.43
CA SER F 967 -22.41 13.70 61.61
C SER F 967 -22.54 14.43 62.94
N GLN F 968 -22.17 13.77 64.03
CA GLN F 968 -22.17 14.38 65.35
C GLN F 968 -21.47 15.74 65.37
N HIS F 969 -20.21 15.77 64.92
CA HIS F 969 -19.45 17.02 64.87
C HIS F 969 -20.09 18.07 63.95
N ASN F 970 -20.61 17.63 62.80
CA ASN F 970 -21.37 18.52 61.93
C ASN F 970 -22.53 19.17 62.67
N GLU F 971 -23.20 18.42 63.53
CA GLU F 971 -24.22 19.00 64.39
C GLU F 971 -23.63 19.91 65.45
N LEU F 972 -22.42 19.59 65.92
CA LEU F 972 -21.81 20.33 67.02
C LEU F 972 -21.11 21.60 66.53
N THR F 973 -20.11 21.44 65.66
CA THR F 973 -19.32 22.60 65.25
C THR F 973 -19.85 23.28 64.00
N GLY F 974 -20.40 22.53 63.05
CA GLY F 974 -20.92 23.12 61.83
C GLY F 974 -21.20 22.12 60.73
N GLU F 975 -22.33 22.31 60.03
CA GLU F 975 -22.74 21.35 59.02
C GLU F 975 -21.92 21.43 57.74
N ASN F 976 -21.20 22.55 57.54
CA ASN F 976 -20.47 22.76 56.30
C ASN F 976 -19.11 22.08 56.28
N ILE F 977 -18.65 21.57 57.43
CA ILE F 977 -17.35 20.91 57.49
C ILE F 977 -17.35 19.68 56.60
N SER F 978 -16.34 19.61 55.72
CA SER F 978 -16.21 18.48 54.82
C SER F 978 -15.76 17.24 55.58
N THR F 979 -16.20 16.07 55.12
CA THR F 979 -15.78 14.82 55.73
C THR F 979 -14.25 14.66 55.68
N ARG F 980 -13.64 14.95 54.53
CA ARG F 980 -12.20 14.78 54.40
C ARG F 980 -11.46 15.77 55.30
N ARG F 981 -11.94 17.01 55.36
CA ARG F 981 -11.35 18.02 56.23
C ARG F 981 -11.42 17.58 57.69
N TRP F 982 -12.60 17.18 58.15
CA TRP F 982 -12.77 16.71 59.52
C TRP F 982 -11.83 15.55 59.81
N PHE F 983 -11.93 14.47 59.04
CA PHE F 983 -11.11 13.29 59.28
C PHE F 983 -9.62 13.59 59.18
N ASP F 984 -9.23 14.65 58.48
CA ASP F 984 -7.84 15.09 58.48
C ASP F 984 -7.47 15.82 59.77
N LYS F 985 -8.26 16.81 60.18
CA LYS F 985 -7.91 17.64 61.33
C LYS F 985 -7.94 16.83 62.63
N ILE F 986 -9.03 16.10 62.88
CA ILE F 986 -9.17 15.33 64.13
C ILE F 986 -8.41 14.01 64.07
N ALA F 987 -7.69 13.74 62.97
CA ALA F 987 -6.92 12.51 62.82
C ALA F 987 -6.13 12.19 64.09
N THR F 988 -6.04 10.91 64.42
CA THR F 988 -5.33 10.44 65.60
C THR F 988 -4.59 9.14 65.28
N LYS F 989 -3.56 8.87 66.08
CA LYS F 989 -2.85 7.60 65.97
C LYS F 989 -3.75 6.41 66.22
N GLU F 990 -4.90 6.61 66.87
CA GLU F 990 -5.85 5.51 67.08
C GLU F 990 -6.73 5.23 65.88
N ASP F 991 -6.62 6.00 64.79
CA ASP F 991 -7.39 5.69 63.58
C ASP F 991 -7.18 4.25 63.13
N THR F 992 -5.97 3.72 63.33
CA THR F 992 -5.68 2.33 63.01
C THR F 992 -6.47 1.34 63.86
N LYS F 993 -7.22 1.80 64.86
CA LYS F 993 -8.02 0.90 65.69
C LYS F 993 -9.15 0.31 64.88
N VAL F 994 -8.81 -0.52 63.89
CA VAL F 994 -9.79 -1.25 63.09
C VAL F 994 -10.32 -2.42 63.91
N VAL F 995 -11.37 -2.14 64.70
CA VAL F 995 -11.90 -3.12 65.64
C VAL F 995 -12.28 -4.39 64.89
N VAL F 996 -11.89 -5.53 65.45
CA VAL F 996 -12.16 -6.84 64.88
C VAL F 996 -12.47 -7.80 66.03
N LYS F 997 -13.39 -8.73 65.79
CA LYS F 997 -13.79 -9.67 66.82
C LYS F 997 -14.40 -10.90 66.14
N MET F 998 -14.64 -11.93 66.96
CA MET F 998 -15.26 -13.16 66.48
C MET F 998 -16.56 -12.89 65.72
N GLU F 999 -17.41 -12.02 66.27
CA GLU F 999 -18.70 -11.75 65.63
C GLU F 999 -18.51 -11.19 64.22
N ASP F 1000 -17.49 -10.35 64.01
CA ASP F 1000 -17.17 -9.88 62.66
C ASP F 1000 -16.92 -11.04 61.71
N PHE F 1001 -16.04 -11.96 62.12
CA PHE F 1001 -15.73 -13.14 61.30
C PHE F 1001 -16.97 -13.96 61.01
N LEU F 1002 -17.77 -14.26 62.04
CA LEU F 1002 -18.96 -15.08 61.82
C LEU F 1002 -19.95 -14.38 60.89
N LYS F 1003 -20.18 -13.08 61.08
CA LYS F 1003 -21.04 -12.31 60.18
C LYS F 1003 -20.54 -12.40 58.75
N ALA F 1004 -19.25 -12.15 58.54
CA ALA F 1004 -18.65 -12.23 57.21
C ALA F 1004 -18.85 -13.61 56.59
N GLN F 1005 -18.57 -14.67 57.36
CA GLN F 1005 -18.71 -16.03 56.83
C GLN F 1005 -20.16 -16.33 56.45
N GLU F 1006 -21.11 -15.96 57.31
CA GLU F 1006 -22.50 -16.30 57.02
C GLU F 1006 -23.15 -15.34 56.03
N GLN F 1007 -22.47 -14.24 55.69
CA GLN F 1007 -23.08 -13.22 54.83
C GLN F 1007 -22.92 -13.56 53.35
N LEU F 1008 -21.70 -13.86 52.93
CA LEU F 1008 -21.37 -13.94 51.50
C LEU F 1008 -20.25 -14.94 51.28
N THR F 1009 -20.12 -15.37 50.02
CA THR F 1009 -19.00 -16.19 49.55
C THR F 1009 -18.86 -17.45 50.38
N PRO F 1010 -19.78 -18.42 50.24
CA PRO F 1010 -19.65 -19.67 51.02
C PRO F 1010 -18.33 -20.38 50.75
N SER F 1011 -17.89 -20.45 49.50
CA SER F 1011 -16.67 -21.14 49.11
C SER F 1011 -16.47 -20.95 47.61
N VAL F 1012 -15.33 -21.41 47.13
CA VAL F 1012 -15.10 -21.51 45.69
C VAL F 1012 -15.67 -22.82 45.12
N SER F 1013 -15.47 -23.94 45.81
CA SER F 1013 -16.01 -25.22 45.36
C SER F 1013 -16.16 -26.16 46.56
N ARG F 1014 -17.38 -26.29 47.07
CA ARG F 1014 -17.56 -27.04 48.30
C ARG F 1014 -18.64 -28.11 48.21
N ALA F 1015 -19.73 -27.87 47.49
CA ALA F 1015 -20.97 -28.61 47.71
C ALA F 1015 -20.79 -30.10 47.44
N GLU F 1016 -20.64 -30.47 46.17
CA GLU F 1016 -20.49 -31.86 45.77
C GLU F 1016 -19.42 -32.07 44.70
N LEU F 1017 -19.10 -31.04 43.92
CA LEU F 1017 -18.13 -31.11 42.83
C LEU F 1017 -16.82 -31.73 43.29
N ASN F 1018 -16.20 -31.09 44.29
CA ASN F 1018 -14.93 -31.53 44.84
C ASN F 1018 -14.97 -32.99 45.25
N HIS F 1019 -15.99 -33.36 46.03
CA HIS F 1019 -16.08 -34.71 46.58
C HIS F 1019 -16.03 -35.78 45.49
N TYR F 1020 -16.96 -35.72 44.53
CA TYR F 1020 -17.02 -36.83 43.58
C TYR F 1020 -15.86 -36.81 42.58
N GLU F 1021 -15.37 -35.64 42.15
CA GLU F 1021 -14.11 -35.68 41.38
C GLU F 1021 -12.96 -36.29 42.18
N ALA F 1022 -12.82 -35.90 43.44
CA ALA F 1022 -11.78 -36.47 44.30
C ALA F 1022 -11.85 -37.99 44.32
N VAL F 1023 -13.02 -38.53 44.68
CA VAL F 1023 -13.14 -39.99 44.80
C VAL F 1023 -12.92 -40.67 43.44
N ARG F 1024 -13.53 -40.14 42.37
CA ARG F 1024 -13.37 -40.77 41.06
C ARG F 1024 -11.91 -40.74 40.61
N ALA F 1025 -11.23 -39.61 40.81
CA ALA F 1025 -9.84 -39.45 40.41
C ALA F 1025 -8.96 -40.42 41.18
N ASN F 1026 -9.18 -40.56 42.49
CA ASN F 1026 -8.41 -41.52 43.27
C ASN F 1026 -8.67 -42.94 42.78
N PHE F 1027 -9.92 -43.26 42.44
CA PHE F 1027 -10.25 -44.61 42.01
C PHE F 1027 -9.57 -44.95 40.68
N GLU F 1028 -9.71 -44.07 39.69
CA GLU F 1028 -9.16 -44.33 38.36
C GLU F 1028 -7.64 -44.23 38.30
N GLY F 1029 -6.99 -43.75 39.36
CA GLY F 1029 -5.55 -43.69 39.39
C GLY F 1029 -4.84 -44.98 39.75
N ALA F 1030 -5.58 -46.03 40.07
CA ALA F 1030 -4.97 -47.31 40.43
C ALA F 1030 -4.33 -47.97 39.21
N UNK G 1 -7.12 -6.19 7.41
CA UNK G 1 -8.55 -6.20 7.65
C UNK G 1 -9.05 -7.62 7.88
N UNK G 2 -8.87 -8.11 9.10
CA UNK G 2 -9.24 -9.48 9.48
C UNK G 2 -10.68 -9.79 9.12
N UNK G 3 -10.87 -10.61 8.09
CA UNK G 3 -12.20 -11.03 7.69
C UNK G 3 -12.84 -11.91 8.77
N UNK G 4 -14.10 -12.29 8.53
CA UNK G 4 -14.82 -13.23 9.38
C UNK G 4 -15.58 -14.19 8.48
N UNK G 5 -15.15 -15.46 8.47
CA UNK G 5 -15.74 -16.46 7.59
C UNK G 5 -16.92 -17.13 8.31
N UNK G 6 -18.12 -16.94 7.76
CA UNK G 6 -19.34 -17.49 8.33
C UNK G 6 -19.35 -19.00 8.14
N UNK G 7 -18.68 -19.70 9.07
CA UNK G 7 -18.65 -21.15 9.03
C UNK G 7 -19.99 -21.71 9.48
N UNK G 8 -20.61 -22.53 8.62
CA UNK G 8 -21.93 -23.10 8.88
C UNK G 8 -21.91 -24.62 8.88
N UNK G 9 -20.75 -25.23 9.08
CA UNK G 9 -20.63 -26.68 9.02
C UNK G 9 -21.50 -27.35 10.09
#